data_5YKG
#
_entry.id   5YKG
#
_cell.length_a   1.00
_cell.length_b   1.00
_cell.length_c   1.00
_cell.angle_alpha   90.00
_cell.angle_beta   90.00
_cell.angle_gamma   90.00
#
_symmetry.space_group_name_H-M   'P 1'
#
loop_
_entity.id
_entity.type
_entity.pdbx_description
1 polymer 'ATP-sensitive inward rectifier potassium channel 11'
2 polymer 'ATP-binding cassette sub-family C member 8 isoform X2'
3 non-polymer 'PHOSPHOTHIOPHOSPHORIC ACID-ADENYLATE ESTER'
4 non-polymer 5-chloro-N-(2-{4-[(cyclohexylcarbamoyl)sulfamoyl]phenyl}ethyl)-2-methoxybenzamide
#
loop_
_entity_poly.entity_id
_entity_poly.type
_entity_poly.pdbx_seq_one_letter_code
_entity_poly.pdbx_strand_id
1 'polypeptide(L)'
;MLSRKGIIPEEYVLTRLAEDPAEPRYRTRERRARFVSKKGNCNVAHKNIREQGRFLQDVFTTLVDLKWPHTLLIFTMSFL
CSWLLFAMVWWLIAFAHGDLAPGEGTNVPCVTSIHSFSSAFLFSIEVQVTIGFGGRMVTEECPLAILILIVQNIVGLMIN
AIMLGCIFMKTAQAHRRAETLIFSKHAVITLRHGRLCFMLRVGDLRKSMIISATIHMQVVRKTTSPEGEVVPLHQVDIPM
ENGVGGNGIFLVAPLIIYHVIDSNSPLYDLAPSDLHHHQDLEIIVILEGVVETTGITTQARTSYLADEILWGQRFVPIVA
EEDGRYSVDYSKFGNTIKVPTPLCTARQLDEDRSLLDALTLASSRGPLRKRSVAVAKAKPKFSISPDSLS
;
A,C,E,G
2 'polypeptide(L)'
;MPLAFCGTENHSAAYRVDQGVLNNGCFVDALNVVPHVFLLFITFPILFIGWGSQSSKVHIHHSTWLHFPGHNLRWILTFI
LLFVLVCEIAEGILSDGVTESRHLHLYMPAGMAFMAAITSVVYYHNIETSNFPKLLIALLIYWTLAFITKTIKFVKFYDH
AIGFSQLRFCLTGLLVILYGMLLLVEVNVIRVRRYIFFKTPREVKPPEDLQDLGVRFLQPFVNLLSKGTYWWMNAFIKTA
HKKPIDLRAIGKLPIAMRALTNYQRLCVAFDAQARKDTQSPQGARAIWRALCHAFGRRLILSSTFRILADLLGFAGPLCI
FGIVDHLGKENHVFQPKTQFLGVYFVSSQEFLGNAYVLAVLLFLALLLQRTFLQASYYVAIETGINLRGAIQTKIYNKIM
HLSTSNLSMGEMTAGQICNLVAIDTNQLMWFFFLCPNLWAMPVQIIVGVILLYYILGVSALIGAAVIILLAPVQYFVATK
LSQAQRSTLEHSNERLKQTNEMLRGMKLLKLYAWESIFCSRVEVTRRKEMTSLRAFAVYTSISIFMNTAIPIAAVLITFV
GHVSFFKESDLSPSVAFASLSLFHILVTPLFLLSSVVRSTVKALVSVQKLSEFLSSAEIREEQCAPREPAPQGQAGKYQA
VPLKVVNRKRPAREEVRDLLGPLQRLAPSMDGDADNFCVQIIGGFFTWTPDGIPTLSNITIRIPRGQLTMIVGQVGCGKS
SLLLATLGEMQKVSGAVFWNSNLPDSEGEDPSSPERETAAGSDIRSRGPVAYASQKPWLLNATVEENITFESPFNKQRYK
MVIEACSLQPDIDILPHGDQTQIGERGINLSGGQRQRISVARALYQQTNVVFLDDPFSALDVHLSDHLMQAGILELLRDD
KRTVVLVTHKLQYLPHADWIIAMKDGTIQREGTLKDFQRSECQLFEHWKTLMNRQDQELEKETVMERKASEPSQGLPRAM
SSRDGLLLDEEEEEEEAAESEEDDNLSSVLHQRAKIPWRACTKYLSSAGILLLSLLVFSQLLKHMVLVAIDYWLAKWTDS
ALVLSPAARNCSLSQECDLDQSVYAMVFTLLCSLGIVLCLVTSVTVEWTGLKVAKRLHRSLLNRIILAPMRFFETTPLGS
ILNRFSSDCNTIDQHIPSTLECLSRSTLLCVSALTVISYVTPVFLVALLPLAVVCYFIQKYFRVASRDLQQLDDTTQLPL
LSHFAETVEGLTTIRAFRYEARFQQKLLEYTDSNNIASLFLTAANRWLEVRMEYIGACVVLIAAATSISNSLHRELSAGL
VGLGLTYALMVSNYLNWMVRNLADMEIQLGAVKRIHALLKTEAESYEGLLAPSLIPKNWPDQGKIQIQNLSVRYDSSLKP
VLKHVNALISPGQKIGICGRTGSGKSSFSLAFFRMVDMFEGRIIIDGIDIAKLPLHTLRSRLSIILQDPVLFSGTIRFNL
DPEKKCSDSTLWEALEIAQLKLVVKALPGGLDAIITEGGENFSQGQRQLFCLARAFVRKTSIFIMDEATASIDMATENIL
QKVVMTAFADRTVVTIAHRVHTILSADLVMVLKRGAILEFDKPETLLSQKDSVFASFVRADK
;
B,D,F,H
#
loop_
_chem_comp.id
_chem_comp.type
_chem_comp.name
_chem_comp.formula
AGS non-polymer 'PHOSPHOTHIOPHOSPHORIC ACID-ADENYLATE ESTER' 'C10 H16 N5 O12 P3 S'
GBM non-polymer 5-chloro-N-(2-{4-[(cyclohexylcarbamoyl)sulfamoyl]phenyl}ethyl)-2-methoxybenzamide 'C23 H28 Cl N3 O5 S'
#
# COMPACT_ATOMS: atom_id res chain seq x y z
N ARG A 32 -34.53 18.68 -3.95
CA ARG A 32 -34.31 18.17 -2.60
C ARG A 32 -32.82 17.97 -2.32
N ALA A 33 -32.50 17.50 -1.11
CA ALA A 33 -31.12 17.36 -0.68
C ALA A 33 -30.52 16.05 -1.17
N ARG A 34 -29.26 16.12 -1.60
CA ARG A 34 -28.52 14.95 -2.08
C ARG A 34 -27.52 14.48 -1.03
N PHE A 35 -27.11 13.22 -1.13
CA PHE A 35 -26.24 12.65 -0.12
C PHE A 35 -24.77 12.94 -0.42
N VAL A 36 -24.29 12.53 -1.60
CA VAL A 36 -22.97 12.89 -2.08
C VAL A 36 -23.11 13.33 -3.54
N SER A 37 -22.43 14.42 -3.89
CA SER A 37 -22.62 15.05 -5.18
C SER A 37 -22.07 14.18 -6.31
N LYS A 38 -22.42 14.57 -7.54
CA LYS A 38 -22.02 13.80 -8.72
C LYS A 38 -20.50 13.80 -8.89
N LYS A 39 -19.85 14.94 -8.64
CA LYS A 39 -18.40 15.05 -8.82
C LYS A 39 -17.63 14.14 -7.88
N GLY A 40 -18.29 13.55 -6.87
CA GLY A 40 -17.64 12.67 -5.93
C GLY A 40 -17.46 13.27 -4.54
N ASN A 41 -17.48 14.59 -4.43
CA ASN A 41 -17.36 15.24 -3.14
C ASN A 41 -18.57 14.92 -2.26
N CYS A 42 -18.37 15.05 -0.95
CA CYS A 42 -19.43 14.79 0.02
C CYS A 42 -20.28 16.03 0.20
N ASN A 43 -21.58 15.82 0.44
CA ASN A 43 -22.54 16.90 0.61
C ASN A 43 -22.90 17.15 2.07
N VAL A 44 -22.87 16.12 2.91
CA VAL A 44 -23.29 16.26 4.31
C VAL A 44 -22.34 17.21 5.02
N ALA A 45 -22.89 18.32 5.51
CA ALA A 45 -22.12 19.28 6.30
C ALA A 45 -22.19 18.92 7.78
N HIS A 46 -21.03 18.83 8.42
CA HIS A 46 -20.91 18.44 9.81
C HIS A 46 -21.12 19.64 10.72
N LYS A 47 -21.89 19.44 11.79
CA LYS A 47 -22.19 20.49 12.75
C LYS A 47 -21.85 19.99 14.14
N ASN A 48 -21.40 20.94 14.99
CA ASN A 48 -21.10 20.68 16.39
C ASN A 48 -19.99 19.63 16.55
N ILE A 49 -18.84 19.93 15.93
CA ILE A 49 -17.63 19.14 16.15
C ILE A 49 -16.94 19.68 17.39
N ARG A 50 -16.41 18.76 18.22
CA ARG A 50 -15.73 19.17 19.45
C ARG A 50 -14.63 20.19 19.17
N GLU A 51 -13.82 19.93 18.15
CA GLU A 51 -12.80 20.85 17.64
C GLU A 51 -11.75 21.22 18.69
N GLN A 52 -11.72 20.52 19.81
CA GLN A 52 -10.74 20.84 20.86
C GLN A 52 -9.35 20.36 20.51
N GLY A 53 -9.25 19.22 19.82
CA GLY A 53 -7.94 18.67 19.50
C GLY A 53 -7.22 19.38 18.38
N ARG A 54 -7.96 19.99 17.44
CA ARG A 54 -7.37 20.64 16.27
C ARG A 54 -6.83 22.02 16.65
N PHE A 55 -5.83 22.02 17.52
CA PHE A 55 -5.15 23.23 17.98
C PHE A 55 -3.64 23.03 17.99
N LEU A 56 -3.12 22.39 16.94
CA LEU A 56 -1.71 22.08 16.83
C LEU A 56 -1.13 22.75 15.59
N GLN A 57 0.19 22.70 15.47
CA GLN A 57 0.90 23.33 14.36
C GLN A 57 1.21 22.28 13.30
N ASP A 58 0.30 22.15 12.35
CA ASP A 58 0.53 21.36 11.13
C ASP A 58 0.85 22.26 9.95
N VAL A 59 1.61 23.32 10.20
CA VAL A 59 1.65 24.46 9.28
C VAL A 59 2.22 24.05 7.92
N PHE A 60 3.38 23.39 7.91
CA PHE A 60 4.15 23.25 6.67
C PHE A 60 3.40 22.42 5.62
N THR A 61 3.06 21.18 5.96
CA THR A 61 2.49 20.26 4.98
C THR A 61 1.33 20.88 4.20
N THR A 62 0.46 21.61 4.91
CA THR A 62 -0.67 22.25 4.25
C THR A 62 -0.22 23.33 3.29
N LEU A 63 0.89 24.03 3.59
CA LEU A 63 1.40 25.02 2.64
C LEU A 63 2.01 24.34 1.42
N VAL A 64 2.67 23.20 1.63
CA VAL A 64 3.33 22.52 0.52
C VAL A 64 2.34 21.79 -0.37
N ASP A 65 1.13 21.54 0.11
CA ASP A 65 0.11 20.94 -0.76
C ASP A 65 -0.42 21.91 -1.81
N LEU A 66 -0.19 23.22 -1.64
CA LEU A 66 -0.82 24.23 -2.49
C LEU A 66 -0.39 24.09 -3.95
N LYS A 67 -1.02 24.91 -4.79
CA LYS A 67 -0.71 24.93 -6.22
C LYS A 67 0.75 25.28 -6.44
N TRP A 68 1.29 24.79 -7.55
CA TRP A 68 2.69 25.08 -7.88
C TRP A 68 3.01 26.57 -7.93
N PRO A 69 2.21 27.45 -8.53
CA PRO A 69 2.52 28.88 -8.45
C PRO A 69 2.48 29.43 -7.03
N HIS A 70 1.43 29.10 -6.27
CA HIS A 70 1.36 29.58 -4.88
C HIS A 70 2.49 29.01 -4.04
N THR A 71 2.85 27.75 -4.28
CA THR A 71 3.91 27.14 -3.50
C THR A 71 5.26 27.77 -3.83
N LEU A 72 5.51 28.07 -5.11
CA LEU A 72 6.74 28.76 -5.46
C LEU A 72 6.78 30.15 -4.85
N LEU A 73 5.63 30.83 -4.83
CA LEU A 73 5.54 32.16 -4.21
C LEU A 73 5.90 32.09 -2.72
N ILE A 74 5.33 31.13 -1.99
CA ILE A 74 5.60 31.09 -0.56
C ILE A 74 7.04 30.63 -0.30
N PHE A 75 7.62 29.83 -1.18
CA PHE A 75 9.01 29.41 -1.00
C PHE A 75 9.97 30.58 -1.17
N THR A 76 9.84 31.31 -2.27
CA THR A 76 10.68 32.49 -2.43
C THR A 76 10.42 33.51 -1.32
N MET A 77 9.18 33.57 -0.82
CA MET A 77 8.87 34.48 0.27
C MET A 77 9.63 34.12 1.54
N SER A 78 9.62 32.83 1.91
CA SER A 78 10.37 32.40 3.09
C SER A 78 11.86 32.69 2.93
N PHE A 79 12.41 32.37 1.76
CA PHE A 79 13.85 32.59 1.56
C PHE A 79 14.21 34.07 1.68
N LEU A 80 13.46 34.93 1.00
CA LEU A 80 13.76 36.35 1.05
C LEU A 80 13.57 36.90 2.46
N CYS A 81 12.56 36.42 3.18
CA CYS A 81 12.34 36.86 4.55
C CYS A 81 13.56 36.57 5.42
N SER A 82 14.05 35.33 5.40
CA SER A 82 15.22 34.99 6.20
C SER A 82 16.44 35.80 5.78
N TRP A 83 16.65 35.95 4.46
CA TRP A 83 17.81 36.69 3.97
C TRP A 83 17.79 38.13 4.46
N LEU A 84 16.64 38.80 4.34
CA LEU A 84 16.55 40.20 4.76
C LEU A 84 16.69 40.34 6.27
N LEU A 85 16.12 39.41 7.03
CA LEU A 85 16.26 39.45 8.49
C LEU A 85 17.73 39.43 8.89
N PHE A 86 18.49 38.47 8.36
CA PHE A 86 19.89 38.37 8.78
C PHE A 86 20.75 39.48 8.18
N ALA A 87 20.38 39.99 7.01
CA ALA A 87 21.10 41.16 6.47
C ALA A 87 20.91 42.36 7.38
N MET A 88 19.69 42.58 7.86
CA MET A 88 19.42 43.68 8.79
C MET A 88 20.24 43.52 10.07
N VAL A 89 20.26 42.29 10.63
CA VAL A 89 20.99 42.13 11.89
C VAL A 89 22.49 42.30 11.67
N TRP A 90 23.01 41.93 10.49
CA TRP A 90 24.44 42.10 10.25
C TRP A 90 24.80 43.57 10.04
N TRP A 91 23.97 44.30 9.29
CA TRP A 91 24.19 45.75 9.19
C TRP A 91 24.15 46.39 10.57
N LEU A 92 23.23 45.94 11.43
CA LEU A 92 23.13 46.51 12.77
C LEU A 92 24.38 46.24 13.58
N ILE A 93 24.90 45.00 13.53
CA ILE A 93 26.06 44.67 14.35
C ILE A 93 27.31 45.40 13.84
N ALA A 94 27.44 45.53 12.52
CA ALA A 94 28.57 46.28 11.98
C ALA A 94 28.47 47.75 12.33
N PHE A 95 27.24 48.30 12.38
CA PHE A 95 27.06 49.67 12.83
C PHE A 95 27.40 49.82 14.31
N ALA A 96 27.03 48.82 15.11
CA ALA A 96 27.17 48.92 16.56
C ALA A 96 28.63 48.82 16.99
N HIS A 97 29.38 47.88 16.41
CA HIS A 97 30.79 47.75 16.77
C HIS A 97 31.58 49.03 16.45
N GLY A 98 31.05 49.90 15.60
CA GLY A 98 31.78 51.03 15.11
C GLY A 98 32.60 50.76 13.87
N ASP A 99 32.69 49.49 13.45
CA ASP A 99 33.39 49.14 12.22
C ASP A 99 32.71 49.74 10.99
N LEU A 100 31.42 50.06 11.08
CA LEU A 100 30.74 50.68 9.95
C LEU A 100 31.18 52.14 9.77
N ALA A 101 31.52 52.80 10.87
CA ALA A 101 32.09 54.14 10.77
C ALA A 101 33.41 54.07 9.99
N PRO A 102 33.50 54.67 8.79
CA PRO A 102 34.74 54.54 8.01
C PRO A 102 35.95 55.14 8.71
N GLY A 103 36.89 54.27 9.12
CA GLY A 103 38.09 54.72 9.79
C GLY A 103 39.28 53.83 9.52
N GLU A 104 40.46 54.43 9.39
CA GLU A 104 41.68 53.69 9.11
C GLU A 104 42.49 53.55 10.39
N GLY A 105 42.79 52.32 10.78
CA GLY A 105 43.60 52.06 11.95
C GLY A 105 42.78 52.04 13.23
N THR A 106 43.46 51.65 14.31
CA THR A 106 42.91 51.54 15.66
C THR A 106 41.78 50.53 15.76
N ASN A 107 41.51 49.78 14.69
CA ASN A 107 40.46 48.76 14.71
C ASN A 107 40.65 47.84 13.53
N VAL A 108 39.97 46.70 13.60
CA VAL A 108 39.77 45.83 12.45
C VAL A 108 38.28 45.53 12.40
N PRO A 109 37.61 45.76 11.28
CA PRO A 109 36.17 45.49 11.23
C PRO A 109 35.89 44.02 11.46
N CYS A 110 34.84 43.74 12.24
CA CYS A 110 34.43 42.36 12.46
C CYS A 110 34.22 41.64 11.15
N VAL A 111 33.70 42.36 10.15
CA VAL A 111 33.62 41.89 8.77
C VAL A 111 34.41 42.87 7.92
N THR A 112 35.55 42.43 7.40
CA THR A 112 36.42 43.33 6.64
C THR A 112 35.69 43.84 5.40
N SER A 113 36.01 45.07 5.01
CA SER A 113 35.48 45.70 3.81
C SER A 113 33.95 45.67 3.79
N ILE A 114 33.36 46.31 4.80
CA ILE A 114 31.92 46.53 4.86
C ILE A 114 31.70 48.03 4.93
N HIS A 115 30.82 48.55 4.07
CA HIS A 115 30.67 49.99 3.93
C HIS A 115 29.24 50.46 4.17
N SER A 116 28.25 49.84 3.55
CA SER A 116 26.89 50.33 3.63
C SER A 116 25.94 49.14 3.76
N PHE A 117 24.65 49.42 3.73
CA PHE A 117 23.65 48.37 3.83
C PHE A 117 23.68 47.45 2.61
N SER A 118 24.08 47.98 1.45
CA SER A 118 24.15 47.14 0.25
C SER A 118 25.20 46.07 0.38
N SER A 119 26.41 46.44 0.81
CA SER A 119 27.45 45.44 1.02
C SER A 119 27.09 44.51 2.16
N ALA A 120 26.32 44.99 3.14
CA ALA A 120 25.88 44.12 4.22
C ALA A 120 24.92 43.04 3.70
N PHE A 121 23.96 43.44 2.86
CA PHE A 121 23.06 42.46 2.27
C PHE A 121 23.82 41.50 1.36
N LEU A 122 24.83 42.01 0.66
CA LEU A 122 25.65 41.13 -0.18
C LEU A 122 26.40 40.11 0.68
N PHE A 123 26.93 40.53 1.83
CA PHE A 123 27.58 39.59 2.74
C PHE A 123 26.58 38.58 3.27
N SER A 124 25.36 39.03 3.57
CA SER A 124 24.33 38.12 4.08
C SER A 124 24.00 37.04 3.06
N ILE A 125 23.81 37.44 1.80
CA ILE A 125 23.50 36.44 0.77
C ILE A 125 24.73 35.62 0.40
N GLU A 126 25.93 36.14 0.68
CA GLU A 126 27.15 35.38 0.41
C GLU A 126 27.37 34.29 1.44
N VAL A 127 27.02 34.55 2.70
CA VAL A 127 27.24 33.55 3.74
C VAL A 127 26.03 32.63 3.90
N GLN A 128 24.83 33.10 3.57
CA GLN A 128 23.63 32.30 3.83
C GLN A 128 23.51 31.15 2.83
N VAL A 129 23.50 31.46 1.53
CA VAL A 129 23.22 30.45 0.52
C VAL A 129 24.51 29.72 0.18
N THR A 130 25.57 29.99 0.94
CA THR A 130 26.83 29.24 0.89
C THR A 130 27.51 29.35 -0.48
N ILE A 131 27.71 30.58 -0.93
CA ILE A 131 28.58 30.85 -2.06
C ILE A 131 29.96 31.31 -1.61
N GLY A 132 30.02 32.13 -0.57
CA GLY A 132 31.29 32.52 0.05
C GLY A 132 32.26 33.23 -0.87
N PHE A 133 31.94 34.47 -1.25
CA PHE A 133 32.82 35.22 -2.14
C PHE A 133 34.15 35.54 -1.49
N GLY A 134 34.13 35.88 -0.20
CA GLY A 134 35.36 36.14 0.51
C GLY A 134 36.02 37.47 0.23
N GLY A 135 35.34 38.38 -0.45
CA GLY A 135 35.85 39.74 -0.56
C GLY A 135 35.72 40.49 0.75
N ARG A 136 34.64 40.25 1.48
CA ARG A 136 34.44 40.77 2.81
C ARG A 136 34.58 39.62 3.79
N MET A 137 35.56 39.73 4.69
CA MET A 137 35.99 38.63 5.53
C MET A 137 35.59 38.89 6.98
N VAL A 138 34.89 37.94 7.58
CA VAL A 138 34.64 37.97 9.01
C VAL A 138 35.92 37.58 9.73
N THR A 139 36.26 38.32 10.78
CA THR A 139 37.55 38.19 11.45
C THR A 139 37.38 37.54 12.82
N GLU A 140 38.51 37.14 13.40
CA GLU A 140 38.58 36.49 14.69
C GLU A 140 38.70 37.47 15.85
N GLU A 141 38.25 38.71 15.66
CA GLU A 141 38.30 39.71 16.71
C GLU A 141 37.01 39.79 17.52
N CYS A 142 35.87 39.54 16.88
CA CYS A 142 34.55 39.70 17.52
C CYS A 142 33.85 38.36 17.61
N PRO A 143 33.69 37.79 18.81
CA PRO A 143 32.95 36.53 18.93
C PRO A 143 31.45 36.66 18.65
N LEU A 144 30.90 37.88 18.72
CA LEU A 144 29.49 38.06 18.44
C LEU A 144 29.16 37.76 16.98
N ALA A 145 30.05 38.18 16.06
CA ALA A 145 29.89 37.81 14.66
C ALA A 145 29.99 36.30 14.48
N ILE A 146 30.85 35.65 15.26
CA ILE A 146 30.95 34.19 15.20
C ILE A 146 29.61 33.56 15.59
N LEU A 147 28.97 34.08 16.65
CA LEU A 147 27.69 33.53 17.07
C LEU A 147 26.61 33.77 16.02
N ILE A 148 26.56 34.97 15.45
CA ILE A 148 25.51 35.26 14.46
C ILE A 148 25.71 34.39 13.22
N LEU A 149 26.96 34.11 12.86
CA LEU A 149 27.21 33.21 11.74
C LEU A 149 26.81 31.77 12.09
N ILE A 150 27.11 31.34 13.31
CA ILE A 150 26.83 29.96 13.70
C ILE A 150 25.34 29.70 13.86
N VAL A 151 24.54 30.74 14.06
CA VAL A 151 23.08 30.54 14.04
C VAL A 151 22.51 30.73 12.64
N GLN A 152 23.09 31.65 11.87
CA GLN A 152 22.67 31.86 10.49
C GLN A 152 22.80 30.58 9.68
N ASN A 153 23.93 29.89 9.81
CA ASN A 153 24.16 28.72 8.96
C ASN A 153 23.20 27.58 9.32
N ILE A 154 22.97 27.34 10.61
CA ILE A 154 22.09 26.23 10.99
C ILE A 154 20.64 26.53 10.61
N VAL A 155 20.18 27.78 10.80
CA VAL A 155 18.81 28.07 10.41
C VAL A 155 18.65 27.99 8.90
N GLY A 156 19.68 28.42 8.16
CA GLY A 156 19.62 28.29 6.70
C GLY A 156 19.58 26.85 6.26
N LEU A 157 20.38 25.99 6.90
CA LEU A 157 20.38 24.58 6.54
C LEU A 157 19.03 23.93 6.85
N MET A 158 18.42 24.28 7.98
CA MET A 158 17.14 23.68 8.32
C MET A 158 16.05 24.12 7.36
N ILE A 159 16.02 25.42 7.02
CA ILE A 159 14.97 25.88 6.09
C ILE A 159 15.21 25.32 4.70
N ASN A 160 16.47 25.16 4.29
CA ASN A 160 16.76 24.52 3.01
C ASN A 160 16.30 23.07 2.99
N ALA A 161 16.54 22.35 4.09
CA ALA A 161 16.14 20.94 4.15
C ALA A 161 14.63 20.79 4.07
N ILE A 162 13.88 21.62 4.82
CA ILE A 162 12.43 21.50 4.76
C ILE A 162 11.91 21.91 3.38
N MET A 163 12.49 22.97 2.78
CA MET A 163 12.01 23.41 1.47
C MET A 163 12.45 22.49 0.34
N LEU A 164 13.38 21.57 0.59
CA LEU A 164 13.67 20.53 -0.41
C LEU A 164 12.78 19.32 -0.22
N GLY A 165 12.67 18.83 1.02
CA GLY A 165 11.79 17.70 1.29
C GLY A 165 10.36 17.97 0.87
N CYS A 166 9.88 19.19 1.10
CA CYS A 166 8.49 19.50 0.79
C CYS A 166 8.26 19.54 -0.72
N ILE A 167 9.18 20.13 -1.48
CA ILE A 167 8.97 20.16 -2.93
C ILE A 167 9.09 18.76 -3.52
N PHE A 168 9.95 17.90 -2.96
CA PHE A 168 9.98 16.54 -3.48
C PHE A 168 8.69 15.80 -3.14
N MET A 169 8.20 15.95 -1.91
CA MET A 169 6.91 15.37 -1.54
C MET A 169 5.80 15.90 -2.44
N LYS A 170 5.93 17.13 -2.93
CA LYS A 170 4.97 17.67 -3.88
C LYS A 170 5.09 17.00 -5.24
N THR A 171 6.32 16.85 -5.76
CA THR A 171 6.47 16.24 -7.08
C THR A 171 5.97 14.81 -7.14
N ALA A 172 5.56 14.22 -6.01
CA ALA A 172 4.83 12.95 -6.00
C ALA A 172 3.34 13.13 -6.24
N GLN A 173 2.92 14.29 -6.75
CA GLN A 173 1.52 14.55 -7.04
C GLN A 173 1.15 13.87 -8.36
N ALA A 174 0.39 12.78 -8.28
CA ALA A 174 -0.26 12.19 -9.43
C ALA A 174 -1.78 12.36 -9.37
N HIS A 175 -2.25 13.36 -8.61
CA HIS A 175 -3.68 13.59 -8.48
C HIS A 175 -4.29 14.15 -9.75
N ARG A 176 -3.49 14.74 -10.64
CA ARG A 176 -4.01 15.23 -11.91
C ARG A 176 -4.51 14.09 -12.78
N ARG A 177 -3.84 12.94 -12.73
CA ARG A 177 -4.23 11.78 -13.51
C ARG A 177 -5.35 10.98 -12.86
N ALA A 178 -5.54 11.10 -11.55
CA ALA A 178 -6.58 10.36 -10.84
C ALA A 178 -7.92 11.09 -10.93
N GLU A 179 -8.98 10.37 -10.54
CA GLU A 179 -10.34 10.87 -10.51
C GLU A 179 -10.90 11.17 -11.90
N THR A 180 -10.29 10.64 -12.95
CA THR A 180 -10.81 10.77 -14.30
C THR A 180 -11.89 9.73 -14.62
N LEU A 181 -12.17 8.81 -13.70
CA LEU A 181 -13.18 7.79 -13.95
C LEU A 181 -14.55 8.42 -14.15
N ILE A 182 -15.32 7.84 -15.07
CA ILE A 182 -16.61 8.40 -15.47
C ILE A 182 -17.67 7.32 -15.38
N PHE A 183 -18.86 7.72 -14.91
CA PHE A 183 -20.06 6.92 -14.92
C PHE A 183 -21.10 7.63 -15.79
N SER A 184 -22.03 6.86 -16.34
CA SER A 184 -23.11 7.47 -17.10
C SER A 184 -23.98 8.33 -16.19
N LYS A 185 -24.56 9.39 -16.76
CA LYS A 185 -25.26 10.37 -15.95
C LYS A 185 -26.49 9.76 -15.27
N HIS A 186 -27.26 8.97 -16.01
CA HIS A 186 -28.41 8.26 -15.47
C HIS A 186 -28.27 6.77 -15.75
N ALA A 187 -28.73 5.96 -14.81
CA ALA A 187 -28.68 4.51 -14.91
C ALA A 187 -30.06 3.98 -15.30
N VAL A 188 -30.07 2.82 -15.95
CA VAL A 188 -31.31 2.27 -16.48
C VAL A 188 -31.59 0.92 -15.81
N ILE A 189 -32.81 0.45 -15.98
CA ILE A 189 -33.19 -0.90 -15.59
C ILE A 189 -33.80 -1.60 -16.80
N THR A 190 -33.58 -2.91 -16.87
CA THR A 190 -34.05 -3.70 -18.01
C THR A 190 -34.51 -5.06 -17.50
N LEU A 191 -34.85 -5.94 -18.43
CA LEU A 191 -35.30 -7.30 -18.11
C LEU A 191 -34.33 -8.27 -18.78
N ARG A 192 -33.46 -8.89 -17.98
CA ARG A 192 -32.47 -9.84 -18.47
C ARG A 192 -32.72 -11.19 -17.83
N HIS A 193 -32.70 -12.24 -18.64
CA HIS A 193 -32.87 -13.62 -18.18
C HIS A 193 -34.17 -13.79 -17.39
N GLY A 194 -35.21 -13.07 -17.80
CA GLY A 194 -36.49 -13.15 -17.15
C GLY A 194 -36.59 -12.44 -15.81
N ARG A 195 -35.55 -11.73 -15.39
CA ARG A 195 -35.55 -11.03 -14.12
C ARG A 195 -35.16 -9.57 -14.35
N LEU A 196 -35.71 -8.69 -13.51
CA LEU A 196 -35.37 -7.28 -13.61
C LEU A 196 -33.92 -7.05 -13.19
N CYS A 197 -33.23 -6.13 -13.88
CA CYS A 197 -31.81 -5.92 -13.68
C CYS A 197 -31.47 -4.44 -13.78
N PHE A 198 -30.36 -4.09 -13.14
CA PHE A 198 -29.82 -2.74 -13.07
C PHE A 198 -28.62 -2.64 -13.99
N MET A 199 -28.62 -1.65 -14.89
CA MET A 199 -27.54 -1.46 -15.84
C MET A 199 -27.00 -0.04 -15.72
N LEU A 200 -25.68 0.07 -15.57
CA LEU A 200 -25.01 1.34 -15.34
C LEU A 200 -23.59 1.21 -15.86
N ARG A 201 -23.14 2.22 -16.60
CA ARG A 201 -21.85 2.16 -17.27
C ARG A 201 -20.74 2.77 -16.42
N VAL A 202 -19.59 2.12 -16.42
CA VAL A 202 -18.36 2.65 -15.84
C VAL A 202 -17.32 2.69 -16.95
N GLY A 203 -16.11 3.13 -16.64
CA GLY A 203 -15.07 3.16 -17.66
C GLY A 203 -13.80 3.88 -17.27
N ASP A 204 -12.74 3.61 -18.02
CA ASP A 204 -11.44 4.25 -17.87
C ASP A 204 -11.30 5.37 -18.89
N LEU A 205 -10.38 6.29 -18.59
CA LEU A 205 -10.13 7.43 -19.46
C LEU A 205 -8.66 7.59 -19.83
N ARG A 206 -7.78 6.69 -19.37
CA ARG A 206 -6.37 6.75 -19.70
C ARG A 206 -5.84 5.35 -19.96
N LYS A 207 -4.61 5.29 -20.43
CA LYS A 207 -3.95 4.01 -20.66
C LYS A 207 -3.67 3.28 -19.35
N SER A 208 -3.41 4.02 -18.28
CA SER A 208 -3.06 3.42 -17.01
C SER A 208 -4.27 2.68 -16.41
N MET A 209 -4.04 1.43 -16.01
CA MET A 209 -5.08 0.59 -15.43
C MET A 209 -5.27 0.90 -13.95
N ILE A 210 -6.25 0.23 -13.35
CA ILE A 210 -6.52 0.33 -11.92
C ILE A 210 -6.63 -1.09 -11.37
N ILE A 211 -5.80 -1.41 -10.38
CA ILE A 211 -5.62 -2.79 -9.94
C ILE A 211 -6.66 -3.14 -8.89
N SER A 212 -7.32 -4.28 -9.07
CA SER A 212 -8.23 -4.86 -8.09
C SER A 212 -9.34 -3.89 -7.70
N ALA A 213 -9.94 -3.26 -8.71
CA ALA A 213 -11.04 -2.34 -8.46
C ALA A 213 -12.27 -3.11 -7.97
N THR A 214 -12.78 -2.72 -6.81
CA THR A 214 -13.95 -3.35 -6.22
C THR A 214 -15.11 -2.35 -6.19
N ILE A 215 -16.32 -2.87 -6.22
CA ILE A 215 -17.53 -2.05 -6.24
C ILE A 215 -18.26 -2.26 -4.93
N HIS A 216 -18.52 -1.18 -4.22
CA HIS A 216 -19.39 -1.16 -3.05
C HIS A 216 -20.62 -0.35 -3.46
N MET A 217 -21.70 -1.06 -3.77
CA MET A 217 -22.93 -0.45 -4.24
C MET A 217 -23.90 -0.36 -3.07
N GLN A 218 -24.34 0.84 -2.74
CA GLN A 218 -25.15 1.06 -1.55
C GLN A 218 -26.36 1.93 -1.91
N VAL A 219 -27.36 1.88 -1.03
CA VAL A 219 -28.60 2.61 -1.21
C VAL A 219 -28.98 3.24 0.12
N VAL A 220 -29.43 4.50 0.09
CA VAL A 220 -29.84 5.18 1.32
C VAL A 220 -31.33 5.53 1.22
N ARG A 221 -31.96 5.60 2.40
CA ARG A 221 -33.39 5.88 2.50
C ARG A 221 -33.73 6.16 3.96
N LYS A 222 -34.69 7.05 4.16
CA LYS A 222 -35.24 7.29 5.50
C LYS A 222 -36.17 6.13 5.85
N THR A 223 -35.77 5.32 6.83
CA THR A 223 -36.46 4.08 7.15
C THR A 223 -37.04 4.13 8.55
N THR A 224 -38.20 3.50 8.72
CA THR A 224 -38.86 3.36 10.02
C THR A 224 -38.97 1.87 10.35
N SER A 225 -38.34 1.46 11.44
CA SER A 225 -38.34 0.06 11.84
C SER A 225 -39.72 -0.31 12.40
N PRO A 226 -40.03 -1.61 12.44
CA PRO A 226 -41.30 -2.04 13.08
C PRO A 226 -41.36 -1.76 14.57
N GLU A 227 -40.24 -1.46 15.21
CA GLU A 227 -40.20 -1.14 16.63
C GLU A 227 -40.42 0.35 16.90
N GLY A 228 -40.89 1.10 15.91
CA GLY A 228 -41.16 2.52 16.06
C GLY A 228 -39.96 3.41 15.90
N GLU A 229 -38.79 2.84 15.58
CA GLU A 229 -37.56 3.61 15.37
C GLU A 229 -37.50 4.13 13.95
N VAL A 230 -37.28 5.43 13.81
CA VAL A 230 -37.16 6.09 12.52
C VAL A 230 -35.71 6.53 12.34
N VAL A 231 -35.06 6.05 11.28
CA VAL A 231 -33.71 6.49 10.97
C VAL A 231 -33.79 7.51 9.84
N PRO A 232 -33.02 8.60 9.92
CA PRO A 232 -33.08 9.62 8.86
C PRO A 232 -32.43 9.18 7.56
N LEU A 233 -31.52 8.21 7.61
CA LEU A 233 -30.83 7.72 6.42
C LEU A 233 -30.26 6.35 6.76
N HIS A 234 -30.42 5.40 5.83
CA HIS A 234 -30.10 4.00 6.09
C HIS A 234 -29.31 3.44 4.91
N GLN A 235 -28.00 3.25 5.10
CA GLN A 235 -27.17 2.63 4.08
C GLN A 235 -27.30 1.12 4.16
N VAL A 236 -27.48 0.49 3.00
CA VAL A 236 -27.56 -0.97 2.90
C VAL A 236 -26.82 -1.42 1.64
N ASP A 237 -26.10 -2.52 1.76
CA ASP A 237 -25.30 -3.02 0.64
C ASP A 237 -26.19 -3.76 -0.34
N ILE A 238 -26.19 -3.29 -1.58
CA ILE A 238 -26.80 -4.01 -2.71
C ILE A 238 -25.67 -4.67 -3.49
N PRO A 239 -25.74 -5.98 -3.73
CA PRO A 239 -24.56 -6.69 -4.23
C PRO A 239 -24.22 -6.33 -5.67
N MET A 240 -22.94 -6.45 -5.99
CA MET A 240 -22.49 -6.42 -7.38
C MET A 240 -22.40 -7.84 -7.89
N GLU A 241 -23.26 -8.18 -8.85
CA GLU A 241 -23.39 -9.56 -9.31
C GLU A 241 -22.34 -9.84 -10.38
N ASN A 242 -21.34 -10.61 -9.98
CA ASN A 242 -20.20 -11.10 -10.73
C ASN A 242 -20.29 -12.64 -10.73
N GLY A 243 -19.16 -13.28 -11.04
CA GLY A 243 -19.06 -14.72 -11.02
C GLY A 243 -19.21 -15.30 -9.65
N VAL A 244 -18.81 -16.56 -9.48
CA VAL A 244 -19.11 -17.34 -8.26
C VAL A 244 -19.11 -16.46 -7.01
N GLY A 245 -18.24 -15.45 -6.97
CA GLY A 245 -18.11 -14.57 -5.82
C GLY A 245 -17.57 -13.23 -6.21
N GLY A 246 -16.71 -12.66 -5.36
CA GLY A 246 -15.99 -11.47 -5.73
C GLY A 246 -16.74 -10.17 -5.54
N ASN A 247 -16.11 -9.21 -4.87
CA ASN A 247 -16.62 -7.86 -4.74
C ASN A 247 -15.96 -6.91 -5.74
N GLY A 248 -14.98 -7.40 -6.50
CA GLY A 248 -14.23 -6.60 -7.43
C GLY A 248 -14.54 -6.94 -8.89
N ILE A 249 -14.06 -6.07 -9.77
CA ILE A 249 -14.26 -6.18 -11.20
C ILE A 249 -12.92 -5.91 -11.90
N PHE A 250 -12.97 -5.98 -13.23
CA PHE A 250 -11.79 -5.73 -14.07
C PHE A 250 -12.18 -4.72 -15.13
N LEU A 251 -11.47 -3.59 -15.16
CA LEU A 251 -11.81 -2.45 -16.01
C LEU A 251 -10.80 -2.33 -17.13
N VAL A 252 -11.22 -2.63 -18.35
CA VAL A 252 -10.45 -2.32 -19.55
C VAL A 252 -11.31 -1.47 -20.48
N ALA A 253 -12.46 -2.01 -20.86
CA ALA A 253 -13.47 -1.31 -21.63
C ALA A 253 -14.63 -0.91 -20.73
N PRO A 254 -15.48 0.03 -21.16
CA PRO A 254 -16.70 0.32 -20.39
C PRO A 254 -17.54 -0.92 -20.18
N LEU A 255 -17.63 -1.36 -18.92
CA LEU A 255 -18.34 -2.57 -18.55
C LEU A 255 -19.57 -2.18 -17.73
N ILE A 256 -20.75 -2.47 -18.26
CA ILE A 256 -21.99 -2.22 -17.53
C ILE A 256 -22.03 -3.13 -16.31
N ILE A 257 -22.09 -2.52 -15.13
CA ILE A 257 -22.22 -3.32 -13.91
C ILE A 257 -23.59 -3.97 -13.90
N TYR A 258 -23.62 -5.26 -13.62
CA TYR A 258 -24.83 -6.07 -13.79
C TYR A 258 -25.27 -6.61 -12.45
N HIS A 259 -26.37 -6.07 -11.92
CA HIS A 259 -27.00 -6.58 -10.72
C HIS A 259 -28.45 -6.95 -11.03
N VAL A 260 -28.94 -7.98 -10.35
CA VAL A 260 -30.32 -8.43 -10.50
C VAL A 260 -30.99 -8.35 -9.14
N ILE A 261 -32.02 -7.51 -9.04
CA ILE A 261 -32.77 -7.37 -7.79
C ILE A 261 -33.71 -8.56 -7.65
N ASP A 262 -33.64 -9.21 -6.49
CA ASP A 262 -34.49 -10.34 -6.16
C ASP A 262 -35.31 -10.00 -4.92
N SER A 263 -36.16 -10.95 -4.50
CA SER A 263 -37.03 -10.73 -3.35
C SER A 263 -36.23 -10.42 -2.08
N ASN A 264 -34.97 -10.86 -2.02
CA ASN A 264 -34.13 -10.57 -0.87
C ASN A 264 -33.50 -9.18 -0.92
N SER A 265 -33.40 -8.58 -2.11
CA SER A 265 -32.75 -7.29 -2.24
C SER A 265 -33.59 -6.19 -1.59
N PRO A 266 -32.93 -5.16 -1.03
CA PRO A 266 -33.70 -4.09 -0.37
C PRO A 266 -34.47 -3.22 -1.34
N LEU A 267 -33.99 -3.07 -2.57
CA LEU A 267 -34.62 -2.23 -3.58
C LEU A 267 -35.82 -2.90 -4.24
N TYR A 268 -36.13 -4.14 -3.85
CA TYR A 268 -37.11 -4.97 -4.54
C TYR A 268 -38.56 -4.49 -4.34
N ASP A 269 -38.82 -3.55 -3.45
CA ASP A 269 -40.19 -3.22 -3.07
C ASP A 269 -40.77 -2.00 -3.79
N LEU A 270 -39.95 -1.21 -4.49
CA LEU A 270 -40.42 0.06 -5.02
C LEU A 270 -41.33 -0.14 -6.24
N ALA A 271 -41.85 0.98 -6.76
CA ALA A 271 -42.78 1.04 -7.88
C ALA A 271 -42.22 1.90 -9.00
N PRO A 272 -42.58 1.62 -10.26
CA PRO A 272 -41.99 2.37 -11.37
C PRO A 272 -42.58 3.75 -11.58
N SER A 273 -43.81 4.02 -11.14
CA SER A 273 -44.42 5.33 -11.37
C SER A 273 -44.19 6.31 -10.24
N ASP A 274 -43.78 5.84 -9.07
CA ASP A 274 -43.58 6.71 -7.92
C ASP A 274 -42.14 7.17 -7.77
N LEU A 275 -41.22 6.64 -8.56
CA LEU A 275 -39.82 7.00 -8.42
C LEU A 275 -39.50 8.33 -9.10
N HIS A 276 -40.24 8.68 -10.15
CA HIS A 276 -39.84 9.79 -11.01
C HIS A 276 -39.91 11.13 -10.27
N HIS A 277 -40.92 11.32 -9.42
CA HIS A 277 -41.18 12.63 -8.84
C HIS A 277 -41.07 12.67 -7.32
N HIS A 278 -41.76 11.79 -6.61
CA HIS A 278 -41.98 11.98 -5.18
C HIS A 278 -40.89 11.36 -4.31
N GLN A 279 -40.56 10.09 -4.55
CA GLN A 279 -39.70 9.34 -3.66
C GLN A 279 -38.31 9.95 -3.58
N ASP A 280 -37.62 9.64 -2.48
CA ASP A 280 -36.27 10.13 -2.20
C ASP A 280 -35.37 8.92 -1.97
N LEU A 281 -34.78 8.41 -3.05
CA LEU A 281 -33.89 7.25 -3.00
C LEU A 281 -32.58 7.63 -3.69
N GLU A 282 -31.49 7.53 -2.96
CA GLU A 282 -30.15 7.77 -3.51
C GLU A 282 -29.40 6.45 -3.58
N ILE A 283 -29.03 6.04 -4.79
CA ILE A 283 -28.24 4.84 -5.03
C ILE A 283 -26.82 5.30 -5.34
N ILE A 284 -25.88 5.03 -4.44
CA ILE A 284 -24.50 5.44 -4.63
C ILE A 284 -23.67 4.22 -4.98
N VAL A 285 -22.65 4.43 -5.79
CA VAL A 285 -21.65 3.42 -6.07
C VAL A 285 -20.29 3.97 -5.65
N ILE A 286 -19.48 3.10 -5.04
CA ILE A 286 -18.15 3.42 -4.58
C ILE A 286 -17.21 2.45 -5.27
N LEU A 287 -16.49 2.93 -6.27
CA LEU A 287 -15.53 2.11 -7.00
C LEU A 287 -14.15 2.40 -6.45
N GLU A 288 -13.54 1.40 -5.81
CA GLU A 288 -12.23 1.52 -5.20
C GLU A 288 -11.20 0.80 -6.06
N GLY A 289 -9.96 1.25 -5.98
CA GLY A 289 -8.89 0.58 -6.70
C GLY A 289 -7.57 1.30 -6.60
N VAL A 290 -6.48 0.57 -6.75
CA VAL A 290 -5.14 1.12 -6.61
C VAL A 290 -4.57 1.36 -8.00
N VAL A 291 -4.12 2.59 -8.25
CA VAL A 291 -3.51 2.91 -9.53
C VAL A 291 -2.14 2.24 -9.63
N GLU A 292 -1.68 2.06 -10.88
CA GLU A 292 -0.46 1.30 -11.13
C GLU A 292 0.78 2.08 -10.70
N THR A 293 1.01 3.23 -11.34
CA THR A 293 2.31 3.90 -11.24
C THR A 293 2.60 4.38 -9.82
N THR A 294 1.59 4.91 -9.12
CA THR A 294 1.81 5.44 -7.79
C THR A 294 1.57 4.41 -6.70
N GLY A 295 0.66 3.47 -6.92
CA GLY A 295 0.35 2.46 -5.91
C GLY A 295 -0.62 2.89 -4.85
N ILE A 296 -1.18 4.10 -4.93
CA ILE A 296 -2.13 4.58 -3.94
C ILE A 296 -3.52 4.08 -4.29
N THR A 297 -4.37 3.93 -3.26
CA THR A 297 -5.72 3.39 -3.42
C THR A 297 -6.70 4.55 -3.51
N THR A 298 -7.18 4.83 -4.72
CA THR A 298 -8.16 5.88 -4.94
C THR A 298 -9.54 5.26 -5.09
N GLN A 299 -10.55 6.11 -5.14
CA GLN A 299 -11.92 5.64 -5.32
C GLN A 299 -12.75 6.74 -5.93
N ALA A 300 -13.90 6.35 -6.46
CA ALA A 300 -14.86 7.26 -7.07
C ALA A 300 -16.24 6.94 -6.54
N ARG A 301 -16.91 7.94 -5.99
CA ARG A 301 -18.24 7.79 -5.43
C ARG A 301 -19.21 8.62 -6.24
N THR A 302 -20.34 8.03 -6.62
CA THR A 302 -21.35 8.81 -7.34
C THR A 302 -22.74 8.38 -6.90
N SER A 303 -23.68 9.32 -7.00
CA SER A 303 -25.06 9.13 -6.57
C SER A 303 -26.01 9.16 -7.77
N TYR A 304 -27.13 8.47 -7.61
CA TYR A 304 -28.22 8.51 -8.55
C TYR A 304 -29.52 8.69 -7.78
N LEU A 305 -30.22 9.78 -8.06
CA LEU A 305 -31.43 10.13 -7.31
C LEU A 305 -32.63 9.39 -7.87
N ALA A 306 -33.80 9.64 -7.27
CA ALA A 306 -35.03 9.07 -7.78
C ALA A 306 -35.46 9.74 -9.08
N ASP A 307 -35.19 11.03 -9.23
CA ASP A 307 -35.55 11.73 -10.46
C ASP A 307 -34.54 11.50 -11.57
N GLU A 308 -33.35 10.99 -11.24
CA GLU A 308 -32.32 10.76 -12.26
C GLU A 308 -32.53 9.45 -12.99
N ILE A 309 -32.87 8.40 -12.27
CA ILE A 309 -33.01 7.06 -12.84
C ILE A 309 -34.32 6.95 -13.61
N LEU A 310 -34.31 6.18 -14.69
CA LEU A 310 -35.46 6.01 -15.56
C LEU A 310 -35.72 4.51 -15.74
N TRP A 311 -36.75 4.19 -16.54
CA TRP A 311 -37.29 2.84 -16.61
C TRP A 311 -37.38 2.35 -18.04
N GLY A 312 -37.11 1.06 -18.22
CA GLY A 312 -37.37 0.35 -19.45
C GLY A 312 -36.66 0.85 -20.69
N GLN A 313 -35.34 0.73 -20.73
CA GLN A 313 -34.54 1.23 -21.84
C GLN A 313 -33.35 0.29 -22.06
N ARG A 314 -32.53 0.61 -23.06
CA ARG A 314 -31.32 -0.18 -23.28
C ARG A 314 -30.21 0.69 -23.86
N PHE A 315 -29.00 0.51 -23.33
CA PHE A 315 -27.85 1.23 -23.87
C PHE A 315 -27.50 0.73 -25.26
N VAL A 316 -26.81 1.58 -26.02
CA VAL A 316 -26.37 1.25 -27.37
C VAL A 316 -25.01 0.57 -27.29
N PRO A 317 -24.79 -0.53 -28.01
CA PRO A 317 -23.48 -1.20 -27.94
C PRO A 317 -22.33 -0.28 -28.34
N ILE A 318 -21.37 -0.15 -27.44
CA ILE A 318 -20.23 0.74 -27.67
C ILE A 318 -19.17 0.04 -28.51
N VAL A 319 -18.68 -1.11 -28.03
CA VAL A 319 -17.60 -1.81 -28.71
C VAL A 319 -18.04 -2.22 -30.10
N ALA A 320 -17.11 -2.16 -31.05
CA ALA A 320 -17.37 -2.55 -32.42
C ALA A 320 -16.14 -3.21 -33.00
N GLU A 321 -16.34 -4.23 -33.83
CA GLU A 321 -15.23 -4.94 -34.46
C GLU A 321 -14.63 -4.04 -35.54
N GLU A 322 -13.55 -3.34 -35.20
CA GLU A 322 -12.89 -2.44 -36.12
C GLU A 322 -12.04 -3.26 -37.11
N ASP A 323 -11.15 -2.56 -37.82
CA ASP A 323 -10.30 -3.17 -38.84
C ASP A 323 -9.62 -4.44 -38.32
N GLY A 324 -8.90 -4.31 -37.21
CA GLY A 324 -8.24 -5.45 -36.59
C GLY A 324 -8.27 -5.40 -35.09
N ARG A 325 -9.07 -4.50 -34.53
CA ARG A 325 -9.14 -4.30 -33.08
C ARG A 325 -10.61 -4.11 -32.69
N TYR A 326 -10.81 -3.62 -31.47
CA TYR A 326 -12.12 -3.26 -30.95
C TYR A 326 -12.18 -1.76 -30.77
N SER A 327 -13.10 -1.11 -31.47
CA SER A 327 -13.27 0.34 -31.39
C SER A 327 -14.39 0.67 -30.40
N VAL A 328 -14.09 1.55 -29.45
CA VAL A 328 -15.07 2.00 -28.46
C VAL A 328 -15.43 3.44 -28.80
N ASP A 329 -16.72 3.70 -29.00
CA ASP A 329 -17.23 5.02 -29.31
C ASP A 329 -17.89 5.61 -28.07
N TYR A 330 -17.31 6.69 -27.55
CA TYR A 330 -17.83 7.32 -26.35
C TYR A 330 -18.94 8.34 -26.63
N SER A 331 -19.29 8.56 -27.90
CA SER A 331 -20.43 9.40 -28.21
C SER A 331 -21.74 8.70 -27.85
N LYS A 332 -21.82 7.40 -28.09
CA LYS A 332 -22.96 6.59 -27.71
C LYS A 332 -22.89 6.12 -26.26
N PHE A 333 -21.96 6.65 -25.47
CA PHE A 333 -21.80 6.21 -24.09
C PHE A 333 -23.08 6.43 -23.29
N GLY A 334 -23.64 7.62 -23.33
CA GLY A 334 -24.88 7.93 -22.66
C GLY A 334 -26.11 7.83 -23.54
N ASN A 335 -26.01 7.25 -24.72
CA ASN A 335 -27.17 7.12 -25.59
C ASN A 335 -27.99 5.90 -25.20
N THR A 336 -29.27 5.95 -25.55
CA THR A 336 -30.25 5.00 -25.03
C THR A 336 -31.36 4.80 -26.05
N ILE A 337 -31.81 3.56 -26.19
CA ILE A 337 -32.87 3.20 -27.13
C ILE A 337 -34.05 2.62 -26.37
N LYS A 338 -35.24 2.82 -26.94
CA LYS A 338 -36.46 2.30 -26.36
C LYS A 338 -36.54 0.79 -26.54
N VAL A 339 -37.09 0.11 -25.53
CA VAL A 339 -37.26 -1.34 -25.58
C VAL A 339 -38.68 -1.68 -25.13
N PRO A 340 -39.43 -2.46 -25.90
CA PRO A 340 -40.78 -2.84 -25.48
C PRO A 340 -40.75 -3.85 -24.34
N THR A 341 -40.51 -3.37 -23.11
CA THR A 341 -40.47 -4.21 -21.93
C THR A 341 -41.63 -3.86 -20.99
N PRO A 342 -42.20 -4.84 -20.30
CA PRO A 342 -43.34 -4.56 -19.42
C PRO A 342 -42.93 -3.66 -18.25
N LEU A 343 -43.85 -2.77 -17.87
CA LEU A 343 -43.64 -1.80 -16.80
C LEU A 343 -44.50 -2.20 -15.61
N CYS A 344 -43.85 -2.62 -14.51
CA CYS A 344 -44.56 -3.04 -13.31
C CYS A 344 -43.57 -3.04 -12.15
N THR A 345 -44.11 -3.13 -10.94
CA THR A 345 -43.29 -3.12 -9.73
C THR A 345 -42.59 -4.46 -9.54
N ALA A 346 -41.43 -4.42 -8.89
CA ALA A 346 -40.62 -5.62 -8.74
C ALA A 346 -41.32 -6.65 -7.85
N ARG A 347 -42.04 -6.20 -6.81
CA ARG A 347 -42.83 -7.12 -5.99
C ARG A 347 -43.94 -7.75 -6.82
N GLN A 348 -44.70 -6.91 -7.55
CA GLN A 348 -45.73 -7.44 -8.43
C GLN A 348 -45.14 -8.25 -9.57
N LEU A 349 -43.93 -7.90 -10.02
CA LEU A 349 -43.28 -8.70 -11.06
C LEU A 349 -42.91 -10.08 -10.54
N ASP A 350 -42.46 -10.16 -9.29
CA ASP A 350 -42.15 -11.46 -8.71
C ASP A 350 -43.42 -12.27 -8.48
N GLU A 351 -44.51 -11.60 -8.09
CA GLU A 351 -45.79 -12.30 -7.95
C GLU A 351 -46.27 -12.83 -9.30
N ASP A 352 -46.09 -12.04 -10.36
CA ASP A 352 -46.46 -12.51 -11.70
C ASP A 352 -45.55 -13.63 -12.18
N ARG A 353 -44.28 -13.62 -11.78
CA ARG A 353 -43.39 -14.73 -12.08
C ARG A 353 -43.81 -15.99 -11.34
N SER A 354 -44.28 -15.84 -10.11
CA SER A 354 -44.90 -16.96 -9.40
C SER A 354 -46.16 -17.41 -10.12
N LEU A 355 -46.86 -16.50 -10.79
CA LEU A 355 -48.01 -16.84 -11.63
C LEU A 355 -47.61 -17.14 -13.06
N LEU A 356 -46.39 -16.81 -13.48
CA LEU A 356 -45.93 -17.06 -14.85
C LEU A 356 -44.42 -17.14 -14.91
N ASN B 24 23.87 58.55 19.72
CA ASN B 24 23.67 57.45 18.77
C ASN B 24 22.21 57.38 18.32
N GLY B 25 21.72 58.47 17.72
CA GLY B 25 20.32 58.52 17.33
C GLY B 25 19.95 57.52 16.26
N CYS B 26 20.76 57.46 15.19
CA CYS B 26 20.50 56.50 14.12
C CYS B 26 20.60 55.07 14.61
N PHE B 27 21.46 54.82 15.60
CA PHE B 27 21.54 53.49 16.20
C PHE B 27 20.22 53.08 16.81
N VAL B 28 19.62 53.97 17.60
CA VAL B 28 18.33 53.68 18.22
C VAL B 28 17.23 53.59 17.18
N ASP B 29 17.34 54.38 16.10
CA ASP B 29 16.36 54.29 15.03
C ASP B 29 16.37 52.92 14.37
N ALA B 30 17.57 52.39 14.09
CA ALA B 30 17.68 51.05 13.52
C ALA B 30 17.19 50.00 14.50
N LEU B 31 17.51 50.17 15.78
CA LEU B 31 17.05 49.25 16.80
C LEU B 31 15.53 49.21 16.87
N ASN B 32 14.87 50.35 16.61
CA ASN B 32 13.41 50.38 16.50
C ASN B 32 12.89 49.77 15.21
N VAL B 33 13.66 49.90 14.12
CA VAL B 33 13.24 49.33 12.84
C VAL B 33 13.23 47.79 12.89
N VAL B 34 14.13 47.20 13.68
CA VAL B 34 14.30 45.74 13.65
C VAL B 34 13.01 44.96 13.94
N PRO B 35 12.29 45.21 15.06
CA PRO B 35 11.16 44.31 15.40
C PRO B 35 10.02 44.32 14.39
N HIS B 36 9.73 45.49 13.79
CA HIS B 36 8.72 45.53 12.74
C HIS B 36 9.09 44.60 11.60
N VAL B 37 10.39 44.56 11.24
CA VAL B 37 10.86 43.65 10.21
C VAL B 37 10.67 42.21 10.65
N PHE B 38 10.96 41.91 11.92
CA PHE B 38 10.77 40.55 12.44
C PHE B 38 9.32 40.10 12.25
N LEU B 39 8.37 40.93 12.67
CA LEU B 39 6.96 40.55 12.57
C LEU B 39 6.49 40.47 11.12
N LEU B 40 6.88 41.46 10.31
CA LEU B 40 6.50 41.45 8.90
C LEU B 40 7.08 40.26 8.15
N PHE B 41 8.17 39.67 8.64
CA PHE B 41 8.71 38.50 7.99
C PHE B 41 8.10 37.20 8.50
N ILE B 42 7.74 37.15 9.79
CA ILE B 42 7.07 35.93 10.26
C ILE B 42 5.64 35.86 9.72
N THR B 43 5.00 37.00 9.48
CA THR B 43 3.60 36.98 9.09
C THR B 43 3.38 36.47 7.66
N PHE B 44 4.36 36.65 6.77
CA PHE B 44 4.12 36.42 5.35
C PHE B 44 3.93 34.94 4.99
N PRO B 45 4.70 34.01 5.57
CA PRO B 45 4.37 32.59 5.34
C PRO B 45 2.95 32.24 5.75
N ILE B 46 2.54 32.62 6.97
CA ILE B 46 1.21 32.27 7.45
C ILE B 46 0.13 33.02 6.68
N LEU B 47 0.39 34.29 6.34
CA LEU B 47 -0.57 35.06 5.55
C LEU B 47 -0.74 34.47 4.15
N PHE B 48 0.33 33.93 3.57
CA PHE B 48 0.24 33.33 2.24
C PHE B 48 -0.35 31.93 2.28
N ILE B 49 -0.21 31.23 3.41
CA ILE B 49 -0.94 29.98 3.61
C ILE B 49 -2.43 30.25 3.72
N GLY B 50 -2.80 31.28 4.49
CA GLY B 50 -4.20 31.61 4.65
C GLY B 50 -4.82 32.22 3.41
N TRP B 51 -4.02 32.90 2.58
CA TRP B 51 -4.51 33.49 1.34
C TRP B 51 -4.48 32.53 0.16
N GLY B 52 -3.51 31.61 0.13
CA GLY B 52 -3.40 30.66 -0.96
C GLY B 52 -4.53 29.64 -0.99
N SER B 63 -17.06 28.01 9.10
CA SER B 63 -17.62 29.35 9.22
C SER B 63 -18.03 29.65 10.66
N THR B 64 -17.05 29.65 11.57
CA THR B 64 -17.27 29.94 12.98
C THR B 64 -16.35 31.06 13.41
N TRP B 65 -16.92 32.10 14.00
CA TRP B 65 -16.17 33.27 14.44
C TRP B 65 -15.95 33.19 15.95
N LEU B 66 -14.69 33.08 16.35
CA LEU B 66 -14.31 33.06 17.76
C LEU B 66 -13.77 34.43 18.14
N HIS B 67 -14.37 35.04 19.16
CA HIS B 67 -13.94 36.34 19.64
C HIS B 67 -13.27 36.20 21.00
N PHE B 68 -12.23 37.00 21.21
CA PHE B 68 -11.46 36.97 22.44
C PHE B 68 -11.71 38.23 23.25
N PRO B 69 -11.55 38.18 24.57
CA PRO B 69 -11.72 39.39 25.39
C PRO B 69 -10.75 40.47 24.96
N GLY B 70 -11.27 41.69 24.82
CA GLY B 70 -10.45 42.80 24.36
C GLY B 70 -10.32 42.92 22.86
N HIS B 71 -11.19 42.27 22.10
CA HIS B 71 -11.15 42.37 20.65
C HIS B 71 -11.48 43.80 20.20
N ASN B 72 -12.62 44.32 20.67
CA ASN B 72 -12.99 45.69 20.34
C ASN B 72 -11.95 46.68 20.85
N LEU B 73 -11.48 46.47 22.07
CA LEU B 73 -10.41 47.31 22.61
C LEU B 73 -9.17 47.23 21.74
N ARG B 74 -8.83 46.02 21.27
CA ARG B 74 -7.65 45.87 20.43
C ARG B 74 -7.79 46.63 19.12
N TRP B 75 -8.96 46.55 18.48
CA TRP B 75 -9.15 47.27 17.22
C TRP B 75 -9.15 48.78 17.43
N ILE B 76 -9.76 49.25 18.53
CA ILE B 76 -9.70 50.67 18.84
C ILE B 76 -8.26 51.13 19.01
N LEU B 77 -7.48 50.38 19.78
CA LEU B 77 -6.08 50.73 19.99
C LEU B 77 -5.28 50.67 18.69
N THR B 78 -5.63 49.75 17.79
CA THR B 78 -4.92 49.67 16.52
C THR B 78 -5.22 50.89 15.66
N PHE B 79 -6.46 51.37 15.66
CA PHE B 79 -6.76 52.59 14.91
C PHE B 79 -6.05 53.80 15.52
N ILE B 80 -5.97 53.85 16.84
CA ILE B 80 -5.21 54.94 17.48
C ILE B 80 -3.74 54.85 17.09
N LEU B 81 -3.21 53.63 16.98
CA LEU B 81 -1.84 53.44 16.49
C LEU B 81 -1.69 53.95 15.06
N LEU B 82 -2.67 53.67 14.20
CA LEU B 82 -2.66 54.19 12.84
C LEU B 82 -2.53 55.71 12.85
N PHE B 83 -3.34 56.37 13.68
CA PHE B 83 -3.29 57.84 13.76
C PHE B 83 -1.91 58.32 14.22
N VAL B 84 -1.38 57.72 15.28
CA VAL B 84 -0.10 58.16 15.81
C VAL B 84 1.03 57.91 14.81
N LEU B 85 0.92 56.85 14.01
CA LEU B 85 1.93 56.61 12.99
C LEU B 85 1.85 57.62 11.85
N VAL B 86 0.63 58.05 11.51
CA VAL B 86 0.49 59.15 10.56
C VAL B 86 1.18 60.40 11.10
N CYS B 87 1.00 60.68 12.40
CA CYS B 87 1.66 61.83 13.00
C CYS B 87 3.19 61.69 12.95
N GLU B 88 3.70 60.48 13.20
CA GLU B 88 5.14 60.25 13.13
C GLU B 88 5.66 60.45 11.72
N ILE B 89 4.89 60.04 10.71
CA ILE B 89 5.31 60.28 9.33
C ILE B 89 5.35 61.77 9.03
N ALA B 90 4.38 62.52 9.56
CA ALA B 90 4.41 63.97 9.41
C ALA B 90 5.67 64.56 10.05
N GLU B 91 6.03 64.08 11.24
CA GLU B 91 7.26 64.53 11.89
C GLU B 91 8.48 64.24 11.03
N GLY B 92 8.56 63.02 10.51
CA GLY B 92 9.69 62.65 9.68
C GLY B 92 9.79 63.47 8.41
N ILE B 93 8.65 63.86 7.84
CA ILE B 93 8.67 64.75 6.69
C ILE B 93 9.16 66.13 7.08
N LEU B 94 8.73 66.62 8.26
CA LEU B 94 9.17 67.94 8.72
C LEU B 94 10.67 67.96 8.98
N SER B 95 11.22 66.85 9.48
CA SER B 95 12.64 66.81 9.82
C SER B 95 13.51 66.83 8.58
N ASP B 96 13.27 65.90 7.65
CA ASP B 96 14.08 65.79 6.44
C ASP B 96 13.89 66.99 5.52
N HIS B 103 17.76 62.03 5.11
CA HIS B 103 17.81 61.19 6.30
C HIS B 103 16.67 60.17 6.32
N LEU B 104 16.85 59.06 5.60
CA LEU B 104 15.83 58.03 5.57
C LEU B 104 15.73 57.30 6.90
N HIS B 105 16.88 56.91 7.45
CA HIS B 105 16.91 56.14 8.70
C HIS B 105 16.33 56.89 9.89
N LEU B 106 16.03 58.18 9.74
CA LEU B 106 15.44 58.94 10.83
C LEU B 106 13.92 58.94 10.82
N TYR B 107 13.29 58.56 9.71
CA TYR B 107 11.84 58.43 9.66
C TYR B 107 11.36 57.07 9.16
N MET B 108 12.26 56.12 8.90
CA MET B 108 11.83 54.77 8.56
C MET B 108 11.03 54.07 9.66
N PRO B 109 11.30 54.26 10.96
CA PRO B 109 10.51 53.54 11.98
C PRO B 109 9.00 53.70 11.85
N ALA B 110 8.52 54.89 11.49
CA ALA B 110 7.08 55.08 11.35
C ALA B 110 6.53 54.25 10.20
N GLY B 111 7.18 54.32 9.03
CA GLY B 111 6.73 53.53 7.90
C GLY B 111 6.81 52.04 8.14
N MET B 112 7.71 51.59 9.03
CA MET B 112 7.77 50.18 9.35
C MET B 112 6.67 49.79 10.33
N ALA B 113 6.44 50.61 11.36
CA ALA B 113 5.39 50.30 12.32
C ALA B 113 4.02 50.35 11.67
N PHE B 114 3.86 51.13 10.60
CA PHE B 114 2.60 51.15 9.86
C PHE B 114 2.27 49.75 9.32
N MET B 115 3.18 49.18 8.53
CA MET B 115 2.97 47.83 8.02
C MET B 115 2.93 46.81 9.14
N ALA B 116 3.64 47.07 10.25
CA ALA B 116 3.58 46.15 11.38
C ALA B 116 2.19 46.10 12.00
N ALA B 117 1.55 47.26 12.16
CA ALA B 117 0.19 47.29 12.70
C ALA B 117 -0.81 46.69 11.72
N ILE B 118 -0.62 46.95 10.42
CA ILE B 118 -1.51 46.34 9.43
C ILE B 118 -1.38 44.82 9.47
N THR B 119 -0.14 44.32 9.63
CA THR B 119 0.06 42.89 9.67
C THR B 119 -0.42 42.29 10.98
N SER B 120 -0.39 43.05 12.07
CA SER B 120 -1.02 42.59 13.31
C SER B 120 -2.53 42.49 13.13
N VAL B 121 -3.12 43.42 12.38
CA VAL B 121 -4.55 43.31 12.06
C VAL B 121 -4.81 42.05 11.25
N VAL B 122 -3.98 41.78 10.25
CA VAL B 122 -4.15 40.57 9.45
C VAL B 122 -3.98 39.32 10.31
N TYR B 123 -3.04 39.37 11.25
CA TYR B 123 -2.82 38.25 12.16
C TYR B 123 -4.04 38.01 13.03
N TYR B 124 -4.60 39.08 13.60
CA TYR B 124 -5.76 38.90 14.45
C TYR B 124 -6.99 38.48 13.65
N HIS B 125 -7.06 38.88 12.38
CA HIS B 125 -8.11 38.37 11.50
C HIS B 125 -7.93 36.86 11.29
N ASN B 126 -6.70 36.43 11.03
CA ASN B 126 -6.41 35.00 10.84
C ASN B 126 -6.59 34.20 12.13
N ILE B 127 -6.49 34.83 13.29
CA ILE B 127 -6.72 34.14 14.55
C ILE B 127 -8.20 34.10 14.90
N GLU B 128 -8.94 35.17 14.60
CA GLU B 128 -10.39 35.14 14.81
C GLU B 128 -11.07 34.17 13.86
N THR B 129 -10.54 34.02 12.64
CA THR B 129 -11.13 33.05 11.73
C THR B 129 -10.73 31.62 12.08
N SER B 130 -9.58 31.42 12.72
CA SER B 130 -9.14 30.10 13.16
C SER B 130 -8.22 30.29 14.36
N ASN B 131 -8.64 29.79 15.52
CA ASN B 131 -7.94 30.06 16.77
C ASN B 131 -6.67 29.21 16.88
N PHE B 132 -5.66 29.79 17.54
CA PHE B 132 -4.40 29.11 17.79
C PHE B 132 -3.82 29.65 19.08
N PRO B 133 -3.15 28.81 19.87
CA PRO B 133 -2.45 29.29 21.06
C PRO B 133 -1.04 29.80 20.78
N LYS B 134 -0.56 29.64 19.55
CA LYS B 134 0.82 29.98 19.19
C LYS B 134 0.95 31.30 18.45
N LEU B 135 0.00 31.64 17.58
CA LEU B 135 0.03 32.94 16.92
C LEU B 135 -0.13 34.07 17.93
N LEU B 136 -0.88 33.84 19.01
CA LEU B 136 -0.98 34.83 20.06
C LEU B 136 0.36 35.08 20.72
N ILE B 137 1.13 34.01 20.95
CA ILE B 137 2.47 34.17 21.51
C ILE B 137 3.38 34.88 20.51
N ALA B 138 3.21 34.59 19.21
CA ALA B 138 4.00 35.26 18.19
C ALA B 138 3.71 36.76 18.15
N LEU B 139 2.48 37.16 18.45
CA LEU B 139 2.18 38.59 18.56
C LEU B 139 2.73 39.16 19.86
N LEU B 140 2.64 38.40 20.95
CA LEU B 140 3.08 38.89 22.26
C LEU B 140 4.58 39.20 22.27
N ILE B 141 5.37 38.35 21.62
CA ILE B 141 6.82 38.58 21.56
C ILE B 141 7.12 39.91 20.88
N TYR B 142 6.46 40.17 19.75
CA TYR B 142 6.67 41.43 19.04
C TYR B 142 6.24 42.62 19.88
N TRP B 143 5.10 42.51 20.57
CA TRP B 143 4.66 43.60 21.44
C TRP B 143 5.72 43.92 22.49
N THR B 144 6.25 42.87 23.13
CA THR B 144 7.27 43.08 24.17
C THR B 144 8.51 43.77 23.60
N LEU B 145 8.99 43.31 22.44
CA LEU B 145 10.21 43.88 21.87
C LEU B 145 10.01 45.35 21.50
N ALA B 146 8.85 45.68 20.91
CA ALA B 146 8.58 47.07 20.55
C ALA B 146 8.51 47.94 21.80
N PHE B 147 7.90 47.43 22.88
CA PHE B 147 7.88 48.17 24.13
C PHE B 147 9.29 48.48 24.63
N ILE B 148 10.18 47.48 24.56
CA ILE B 148 11.56 47.68 25.01
C ILE B 148 12.24 48.78 24.21
N THR B 149 12.12 48.72 22.88
CA THR B 149 12.76 49.72 22.04
C THR B 149 12.23 51.12 22.32
N LYS B 150 10.91 51.25 22.48
CA LYS B 150 10.34 52.56 22.79
C LYS B 150 10.83 53.08 24.14
N THR B 151 11.01 52.18 25.12
CA THR B 151 11.54 52.59 26.41
C THR B 151 12.95 53.15 26.28
N ILE B 152 13.79 52.48 25.48
CA ILE B 152 15.15 52.98 25.27
C ILE B 152 15.12 54.36 24.63
N LYS B 153 14.25 54.54 23.62
CA LYS B 153 14.11 55.85 22.99
C LYS B 153 13.73 56.91 24.02
N PHE B 154 12.76 56.61 24.88
CA PHE B 154 12.30 57.58 25.87
C PHE B 154 13.41 57.96 26.84
N VAL B 155 14.19 56.97 27.30
CA VAL B 155 15.27 57.26 28.24
C VAL B 155 16.31 58.17 27.59
N LYS B 156 16.76 57.80 26.38
CA LYS B 156 17.77 58.60 25.72
C LYS B 156 17.26 60.00 25.35
N PHE B 157 15.94 60.16 25.20
CA PHE B 157 15.41 61.51 24.99
C PHE B 157 15.36 62.30 26.30
N TYR B 158 15.00 61.65 27.40
CA TYR B 158 14.94 62.34 28.69
C TYR B 158 16.31 62.80 29.14
N ASP B 159 17.36 62.04 28.82
CA ASP B 159 18.70 62.50 29.20
C ASP B 159 19.09 63.81 28.53
N HIS B 160 18.44 64.16 27.42
CA HIS B 160 18.70 65.44 26.75
C HIS B 160 17.62 66.46 27.06
N LEU B 167 8.41 67.94 20.16
CA LEU B 167 7.29 67.29 19.49
C LEU B 167 7.43 65.77 19.56
N ARG B 168 8.68 65.29 19.44
CA ARG B 168 8.92 63.85 19.45
C ARG B 168 8.46 63.22 20.76
N PHE B 169 8.59 63.96 21.87
CA PHE B 169 8.30 63.43 23.19
C PHE B 169 6.87 62.89 23.29
N CYS B 170 5.90 63.69 22.83
CA CYS B 170 4.50 63.32 22.98
C CYS B 170 4.14 62.09 22.15
N LEU B 171 4.60 62.06 20.89
CA LEU B 171 4.30 60.91 20.03
C LEU B 171 4.92 59.64 20.59
N THR B 172 6.18 59.72 21.05
CA THR B 172 6.82 58.55 21.64
C THR B 172 6.04 58.06 22.86
N GLY B 173 5.62 58.98 23.74
CA GLY B 173 4.86 58.57 24.90
C GLY B 173 3.55 57.91 24.55
N LEU B 174 2.83 58.48 23.57
CA LEU B 174 1.56 57.89 23.15
C LEU B 174 1.76 56.48 22.60
N LEU B 175 2.80 56.29 21.78
CA LEU B 175 3.09 54.95 21.28
C LEU B 175 3.39 53.98 22.41
N VAL B 176 4.18 54.42 23.40
CA VAL B 176 4.49 53.57 24.54
C VAL B 176 3.20 53.13 25.24
N ILE B 177 2.30 54.08 25.49
CA ILE B 177 1.07 53.76 26.23
C ILE B 177 0.21 52.79 25.44
N LEU B 178 0.08 53.00 24.13
CA LEU B 178 -0.75 52.12 23.32
C LEU B 178 -0.18 50.70 23.27
N TYR B 179 1.14 50.58 23.09
CA TYR B 179 1.74 49.25 23.08
C TYR B 179 1.60 48.56 24.43
N GLY B 180 1.69 49.32 25.53
CA GLY B 180 1.49 48.73 26.84
C GLY B 180 0.08 48.22 27.06
N MET B 181 -0.92 48.99 26.60
CA MET B 181 -2.30 48.53 26.73
C MET B 181 -2.56 47.29 25.87
N LEU B 182 -1.97 47.23 24.68
CA LEU B 182 -2.11 46.03 23.87
C LEU B 182 -1.42 44.83 24.52
N LEU B 183 -0.29 45.06 25.18
CA LEU B 183 0.36 44.01 25.95
C LEU B 183 -0.55 43.51 27.07
N LEU B 184 -1.21 44.43 27.77
CA LEU B 184 -2.13 44.02 28.83
C LEU B 184 -3.31 43.22 28.26
N VAL B 185 -3.78 43.60 27.07
CA VAL B 185 -4.83 42.83 26.42
C VAL B 185 -4.36 41.42 26.11
N GLU B 186 -3.13 41.29 25.59
CA GLU B 186 -2.58 39.96 25.32
C GLU B 186 -2.43 39.14 26.60
N VAL B 187 -2.01 39.79 27.69
CA VAL B 187 -1.88 39.09 28.96
C VAL B 187 -3.24 38.64 29.47
N ASN B 188 -4.27 39.48 29.29
CA ASN B 188 -5.63 39.06 29.62
C ASN B 188 -6.04 37.85 28.78
N VAL B 189 -5.68 37.85 27.50
CA VAL B 189 -6.06 36.76 26.60
C VAL B 189 -5.42 35.45 27.05
N ILE B 190 -4.12 35.48 27.38
CA ILE B 190 -3.48 34.25 27.83
C ILE B 190 -4.00 33.84 29.22
N ARG B 191 -4.30 34.83 30.07
CA ARG B 191 -4.90 34.52 31.38
C ARG B 191 -6.26 33.85 31.22
N VAL B 192 -6.95 34.15 30.12
CA VAL B 192 -8.26 33.58 29.86
C VAL B 192 -8.16 32.35 28.96
N ARG B 193 -7.16 32.36 28.08
CA ARG B 193 -6.96 31.24 27.16
C ARG B 193 -6.05 30.18 27.77
N ARG B 194 -5.63 29.22 26.96
CA ARG B 194 -4.76 28.15 27.42
C ARG B 194 -3.40 28.21 26.73
N TYR B 195 -2.97 29.41 26.39
CA TYR B 195 -1.68 29.61 25.72
C TYR B 195 -0.55 28.96 26.51
N ILE B 196 -0.34 29.44 27.73
CA ILE B 196 0.72 28.92 28.59
C ILE B 196 0.13 28.37 29.90
N PHE B 197 -1.18 28.48 30.05
CA PHE B 197 -1.86 28.00 31.25
C PHE B 197 -1.93 26.48 31.23
N PHE B 198 -2.52 25.87 32.26
CA PHE B 198 -2.42 24.43 32.39
C PHE B 198 -3.08 23.73 31.19
N LYS B 199 -3.08 22.40 31.25
CA LYS B 199 -3.21 21.54 30.07
C LYS B 199 -4.25 21.99 29.04
N THR B 200 -5.48 22.24 29.49
CA THR B 200 -6.55 22.51 28.56
C THR B 200 -7.08 23.92 28.76
N PRO B 201 -7.59 24.54 27.68
CA PRO B 201 -8.03 25.94 27.77
C PRO B 201 -9.45 26.11 28.26
N ARG B 202 -10.28 25.07 28.20
CA ARG B 202 -11.71 25.16 28.47
C ARG B 202 -12.32 26.22 27.56
N GLU B 203 -12.20 25.96 26.25
CA GLU B 203 -12.56 26.92 25.22
C GLU B 203 -14.05 27.25 25.28
N VAL B 204 -14.43 28.28 24.53
CA VAL B 204 -15.76 28.86 24.65
C VAL B 204 -16.84 28.14 23.85
N LYS B 205 -16.45 27.18 22.99
CA LYS B 205 -17.43 26.51 22.13
C LYS B 205 -18.15 27.55 21.28
N PRO B 206 -17.50 28.04 20.21
CA PRO B 206 -17.89 29.30 19.55
C PRO B 206 -19.38 29.49 19.46
N PRO B 207 -19.86 30.72 19.64
CA PRO B 207 -21.29 30.95 19.91
C PRO B 207 -22.18 30.48 18.77
N GLU B 208 -23.13 29.61 19.10
CA GLU B 208 -24.16 29.17 18.17
C GLU B 208 -25.32 30.15 18.06
N ASP B 209 -25.25 31.29 18.77
CA ASP B 209 -26.30 32.29 18.64
C ASP B 209 -26.34 32.87 17.23
N LEU B 210 -25.17 33.22 16.69
CA LEU B 210 -25.08 33.83 15.36
C LEU B 210 -24.32 32.97 14.37
N GLN B 211 -23.99 31.73 14.73
CA GLN B 211 -23.23 30.85 13.86
C GLN B 211 -23.88 29.48 13.69
N ASP B 212 -25.03 29.24 14.30
CA ASP B 212 -25.69 27.95 14.13
C ASP B 212 -26.41 27.90 12.78
N LEU B 213 -27.45 27.08 12.68
CA LEU B 213 -28.17 26.76 11.44
C LEU B 213 -28.61 28.00 10.67
N GLY B 214 -28.69 27.95 9.33
CA GLY B 214 -28.63 29.13 8.47
C GLY B 214 -29.15 30.46 9.00
N VAL B 215 -28.24 31.44 9.17
CA VAL B 215 -28.56 32.84 9.45
C VAL B 215 -27.74 33.73 8.51
N ARG B 216 -28.36 34.78 7.98
CA ARG B 216 -27.72 35.62 6.95
C ARG B 216 -27.35 37.02 7.43
N PHE B 217 -28.12 37.66 8.29
CA PHE B 217 -27.86 38.97 8.90
C PHE B 217 -26.99 38.77 10.13
N LEU B 218 -25.67 38.77 9.92
CA LEU B 218 -24.70 38.66 10.99
C LEU B 218 -24.10 40.05 11.25
N GLN B 219 -24.83 40.86 11.99
CA GLN B 219 -24.24 42.12 12.41
C GLN B 219 -23.42 41.98 13.69
N PRO B 220 -23.95 41.36 14.75
CA PRO B 220 -23.18 41.31 16.01
C PRO B 220 -21.97 40.38 15.97
N PHE B 221 -21.76 39.62 14.89
CA PHE B 221 -20.74 38.59 14.89
C PHE B 221 -19.69 38.79 13.81
N VAL B 222 -19.14 40.00 13.68
CA VAL B 222 -18.11 40.30 12.67
C VAL B 222 -17.03 41.17 13.30
N ASN B 223 -15.98 41.42 12.51
CA ASN B 223 -14.83 42.20 12.95
C ASN B 223 -15.21 43.66 13.18
N LEU B 224 -14.75 44.21 14.30
CA LEU B 224 -15.22 45.53 14.71
C LEU B 224 -14.92 46.61 13.68
N LEU B 225 -14.07 46.33 12.70
CA LEU B 225 -13.94 47.24 11.56
C LEU B 225 -15.14 47.12 10.63
N SER B 226 -15.57 45.88 10.34
CA SER B 226 -16.73 45.70 9.48
C SER B 226 -18.02 46.10 10.19
N LYS B 227 -18.07 45.96 11.52
CA LYS B 227 -19.20 46.51 12.27
C LYS B 227 -19.39 48.01 11.98
N GLY B 228 -18.34 48.68 11.53
CA GLY B 228 -18.42 50.07 11.15
C GLY B 228 -18.61 50.30 9.66
N THR B 229 -17.86 49.58 8.83
CA THR B 229 -17.87 49.81 7.39
C THR B 229 -18.76 48.82 6.63
N TYR B 230 -19.46 47.94 7.33
CA TYR B 230 -20.47 47.07 6.72
C TYR B 230 -19.91 46.24 5.58
N TRP B 231 -18.69 45.73 5.79
CA TRP B 231 -18.03 44.98 4.72
C TRP B 231 -18.71 43.64 4.46
N TRP B 232 -19.38 43.08 5.46
CA TRP B 232 -20.06 41.81 5.30
C TRP B 232 -21.20 41.87 4.29
N MET B 233 -21.64 43.07 3.90
CA MET B 233 -22.71 43.21 2.93
C MET B 233 -22.24 43.06 1.48
N ASN B 234 -20.92 43.01 1.24
CA ASN B 234 -20.43 42.85 -0.12
C ASN B 234 -20.94 41.54 -0.72
N ALA B 235 -20.82 40.45 0.03
CA ALA B 235 -21.26 39.16 -0.48
C ALA B 235 -22.76 39.16 -0.74
N PHE B 236 -23.54 39.64 0.23
CA PHE B 236 -24.99 39.67 0.06
C PHE B 236 -25.38 40.47 -1.19
N ILE B 237 -24.83 41.67 -1.34
CA ILE B 237 -25.26 42.53 -2.45
C ILE B 237 -24.78 41.95 -3.79
N LYS B 238 -23.61 41.32 -3.82
CA LYS B 238 -23.16 40.73 -5.08
C LYS B 238 -24.04 39.55 -5.46
N THR B 239 -24.37 38.68 -4.50
CA THR B 239 -25.29 37.59 -4.81
C THR B 239 -26.65 38.11 -5.19
N ALA B 240 -27.09 39.21 -4.57
CA ALA B 240 -28.40 39.79 -4.84
C ALA B 240 -28.48 40.33 -6.26
N HIS B 241 -27.36 40.82 -6.80
CA HIS B 241 -27.38 41.32 -8.18
C HIS B 241 -27.88 40.26 -9.15
N LYS B 242 -27.47 39.01 -8.95
CA LYS B 242 -27.79 37.94 -9.89
C LYS B 242 -29.15 37.29 -9.58
N LYS B 243 -29.29 36.74 -8.37
CA LYS B 243 -30.46 35.96 -8.00
C LYS B 243 -31.44 36.82 -7.22
N PRO B 244 -32.74 36.79 -7.54
CA PRO B 244 -33.70 37.65 -6.84
C PRO B 244 -33.86 37.24 -5.38
N ILE B 245 -33.78 38.23 -4.49
CA ILE B 245 -33.86 37.96 -3.06
C ILE B 245 -35.27 37.55 -2.68
N ASP B 246 -35.36 36.70 -1.66
CA ASP B 246 -36.64 36.32 -1.09
C ASP B 246 -36.41 35.88 0.35
N LEU B 247 -37.51 35.52 1.03
CA LEU B 247 -37.41 35.10 2.42
C LEU B 247 -36.64 33.80 2.57
N ARG B 248 -36.62 32.96 1.54
CA ARG B 248 -35.77 31.79 1.56
C ARG B 248 -34.31 32.15 1.33
N ALA B 249 -34.06 33.19 0.53
CA ALA B 249 -32.71 33.70 0.33
C ALA B 249 -32.26 34.66 1.41
N ILE B 250 -33.17 35.06 2.30
CA ILE B 250 -32.86 35.97 3.39
C ILE B 250 -32.54 35.14 4.63
N GLY B 251 -31.90 35.78 5.60
CA GLY B 251 -31.53 35.11 6.83
C GLY B 251 -32.67 35.01 7.82
N LYS B 252 -32.32 34.74 9.07
CA LYS B 252 -33.24 34.75 10.18
C LYS B 252 -32.62 35.56 11.31
N LEU B 253 -33.44 36.28 12.06
CA LEU B 253 -32.91 37.26 13.00
C LEU B 253 -32.14 36.56 14.12
N PRO B 254 -31.03 37.14 14.57
CA PRO B 254 -30.27 36.53 15.67
C PRO B 254 -31.07 36.52 16.96
N ILE B 255 -30.58 35.71 17.91
CA ILE B 255 -31.19 35.66 19.24
C ILE B 255 -31.08 37.00 19.95
N ALA B 256 -30.17 37.87 19.50
CA ALA B 256 -30.00 39.18 20.13
C ALA B 256 -31.17 40.12 19.85
N MET B 257 -32.01 39.82 18.87
CA MET B 257 -33.10 40.72 18.49
C MET B 257 -34.22 39.88 17.88
N ARG B 258 -35.24 39.61 18.68
CA ARG B 258 -36.42 38.90 18.24
C ARG B 258 -37.63 39.58 18.85
N ALA B 259 -38.79 38.97 18.67
CA ALA B 259 -39.95 39.37 19.46
C ALA B 259 -39.77 38.95 20.92
N LEU B 260 -39.27 37.73 21.14
CA LEU B 260 -39.15 37.20 22.49
C LEU B 260 -38.11 37.97 23.31
N THR B 261 -36.95 38.28 22.72
CA THR B 261 -35.90 38.94 23.49
C THR B 261 -36.32 40.34 23.93
N ASN B 262 -36.77 41.16 22.98
CA ASN B 262 -37.19 42.51 23.31
C ASN B 262 -38.41 42.51 24.21
N TYR B 263 -39.36 41.59 23.96
CA TYR B 263 -40.50 41.48 24.86
C TYR B 263 -40.06 41.11 26.27
N GLN B 264 -39.05 40.25 26.38
CA GLN B 264 -38.56 39.82 27.70
C GLN B 264 -37.95 40.99 28.44
N ARG B 265 -37.06 41.73 27.78
CA ARG B 265 -36.44 42.88 28.44
C ARG B 265 -37.48 43.93 28.81
N LEU B 266 -38.43 44.22 27.91
CA LEU B 266 -39.43 45.23 28.21
C LEU B 266 -40.35 44.79 29.35
N CYS B 267 -40.75 43.52 29.37
CA CYS B 267 -41.62 43.07 30.46
C CYS B 267 -40.88 43.00 31.77
N VAL B 268 -39.58 42.70 31.75
CA VAL B 268 -38.79 42.73 32.98
C VAL B 268 -38.73 44.15 33.53
N ALA B 269 -38.49 45.14 32.66
CA ALA B 269 -38.46 46.53 33.13
C ALA B 269 -39.84 46.98 33.62
N PHE B 270 -40.89 46.62 32.88
CA PHE B 270 -42.25 46.97 33.30
C PHE B 270 -42.59 46.33 34.64
N ASP B 271 -42.13 45.10 34.86
CA ASP B 271 -42.38 44.40 36.11
C ASP B 271 -41.64 45.09 37.26
N ALA B 272 -40.35 45.38 37.07
CA ALA B 272 -39.57 46.03 38.12
C ALA B 272 -40.10 47.42 38.43
N GLN B 273 -40.75 48.08 37.46
CA GLN B 273 -41.32 49.40 37.71
C GLN B 273 -42.72 49.35 38.31
N ALA B 274 -43.53 48.33 37.95
CA ALA B 274 -44.88 48.23 38.46
C ALA B 274 -44.95 47.57 39.83
N ARG B 275 -43.93 46.78 40.19
CA ARG B 275 -43.88 46.23 41.54
C ARG B 275 -43.62 47.31 42.58
N LYS B 276 -43.14 48.48 42.16
CA LYS B 276 -42.88 49.60 43.06
C LYS B 276 -44.03 50.61 43.07
N ASP B 277 -45.16 50.29 42.45
CA ASP B 277 -46.32 51.18 42.46
C ASP B 277 -46.91 51.29 43.85
N GLY B 283 -49.65 53.59 33.96
CA GLY B 283 -49.29 54.99 33.93
C GLY B 283 -48.41 55.36 32.76
N ALA B 284 -48.49 56.63 32.34
CA ALA B 284 -47.72 57.08 31.18
C ALA B 284 -46.23 57.21 31.53
N ARG B 285 -45.93 57.97 32.58
CA ARG B 285 -44.54 58.14 33.00
C ARG B 285 -43.92 56.79 33.37
N ALA B 286 -44.70 55.87 33.94
CA ALA B 286 -44.18 54.56 34.29
C ALA B 286 -43.73 53.78 33.06
N ILE B 287 -44.61 53.69 32.06
CA ILE B 287 -44.26 52.99 30.82
C ILE B 287 -43.08 53.67 30.14
N TRP B 288 -43.04 55.00 30.20
CA TRP B 288 -41.91 55.72 29.60
C TRP B 288 -40.60 55.32 30.25
N ARG B 289 -40.50 55.49 31.57
CA ARG B 289 -39.28 55.11 32.28
C ARG B 289 -38.96 53.63 32.10
N ALA B 290 -39.98 52.79 31.97
CA ALA B 290 -39.74 51.37 31.72
C ALA B 290 -39.03 51.16 30.40
N LEU B 291 -39.54 51.78 29.32
CA LEU B 291 -38.86 51.71 28.02
C LEU B 291 -37.45 52.25 28.12
N CYS B 292 -37.28 53.37 28.84
CA CYS B 292 -35.97 53.99 28.97
C CYS B 292 -34.97 53.04 29.61
N HIS B 293 -35.30 52.52 30.78
CA HIS B 293 -34.41 51.59 31.49
C HIS B 293 -34.26 50.27 30.75
N ALA B 294 -35.23 49.92 29.90
CA ALA B 294 -35.14 48.66 29.17
C ALA B 294 -34.21 48.75 27.98
N PHE B 295 -34.18 49.90 27.29
CA PHE B 295 -33.36 50.02 26.10
C PHE B 295 -32.03 50.73 26.35
N GLY B 296 -31.87 51.38 27.49
CA GLY B 296 -30.58 51.62 28.09
C GLY B 296 -29.39 51.96 27.22
N ARG B 297 -28.38 51.09 27.27
CA ARG B 297 -27.02 51.47 26.88
C ARG B 297 -26.90 51.76 25.39
N ARG B 298 -27.66 51.05 24.56
CA ARG B 298 -27.52 51.19 23.12
C ARG B 298 -27.83 52.61 22.66
N LEU B 299 -28.89 53.20 23.21
CA LEU B 299 -29.31 54.52 22.78
C LEU B 299 -28.28 55.58 23.14
N ILE B 300 -27.75 55.53 24.37
CA ILE B 300 -26.76 56.52 24.78
C ILE B 300 -25.45 56.30 24.04
N LEU B 301 -25.12 55.05 23.72
CA LEU B 301 -23.94 54.77 22.90
C LEU B 301 -24.06 55.42 21.53
N SER B 302 -25.22 55.25 20.89
CA SER B 302 -25.46 55.92 19.62
C SER B 302 -25.34 57.44 19.77
N SER B 303 -25.92 57.99 20.84
CA SER B 303 -25.90 59.43 21.04
C SER B 303 -24.49 59.96 21.19
N THR B 304 -23.62 59.22 21.88
CA THR B 304 -22.26 59.73 22.09
C THR B 304 -21.40 59.56 20.83
N PHE B 305 -21.57 58.46 20.11
CA PHE B 305 -21.03 58.39 18.75
C PHE B 305 -21.39 59.65 17.97
N ARG B 306 -22.68 60.01 18.05
CA ARG B 306 -23.20 61.13 17.27
C ARG B 306 -22.55 62.45 17.68
N ILE B 307 -22.41 62.69 18.99
CA ILE B 307 -21.85 63.98 19.41
C ILE B 307 -20.37 64.06 19.05
N LEU B 308 -19.63 62.96 19.15
CA LEU B 308 -18.22 63.00 18.74
C LEU B 308 -18.09 63.29 17.26
N ALA B 309 -18.95 62.66 16.44
CA ALA B 309 -18.95 62.95 15.01
C ALA B 309 -19.26 64.42 14.75
N ASP B 310 -20.23 64.99 15.49
CA ASP B 310 -20.58 66.40 15.32
C ASP B 310 -19.38 67.30 15.63
N LEU B 311 -18.65 66.96 16.70
CA LEU B 311 -17.45 67.74 17.04
C LEU B 311 -16.44 67.72 15.90
N LEU B 312 -16.11 66.53 15.39
CA LEU B 312 -15.12 66.46 14.32
C LEU B 312 -15.60 67.18 13.05
N GLY B 313 -16.90 67.15 12.80
CA GLY B 313 -17.44 67.86 11.65
C GLY B 313 -17.32 69.36 11.79
N PHE B 314 -17.57 69.88 12.99
CA PHE B 314 -17.28 71.29 13.25
C PHE B 314 -15.79 71.57 13.18
N ALA B 315 -14.95 70.55 13.37
CA ALA B 315 -13.50 70.76 13.35
C ALA B 315 -12.93 70.88 11.95
N GLY B 316 -13.48 70.16 10.97
CA GLY B 316 -12.94 70.17 9.61
C GLY B 316 -12.62 71.53 9.00
N PRO B 317 -13.64 72.41 8.94
CA PRO B 317 -13.42 73.73 8.33
C PRO B 317 -12.30 74.54 8.98
N LEU B 318 -11.99 74.32 10.25
CA LEU B 318 -10.93 75.10 10.88
C LEU B 318 -9.57 74.73 10.32
N CYS B 319 -9.34 73.44 10.06
CA CYS B 319 -8.08 73.05 9.42
C CYS B 319 -8.06 73.49 7.97
N ILE B 320 -9.22 73.54 7.31
CA ILE B 320 -9.27 74.22 6.01
C ILE B 320 -8.76 75.64 6.13
N PHE B 321 -9.27 76.38 7.12
CA PHE B 321 -8.86 77.77 7.36
C PHE B 321 -7.36 77.86 7.59
N GLY B 322 -6.82 76.96 8.40
CA GLY B 322 -5.39 76.97 8.67
C GLY B 322 -4.57 76.76 7.41
N ILE B 323 -4.97 75.80 6.57
CA ILE B 323 -4.27 75.59 5.30
C ILE B 323 -4.30 76.86 4.47
N VAL B 324 -5.49 77.46 4.34
CA VAL B 324 -5.62 78.67 3.50
C VAL B 324 -4.72 79.77 4.02
N ASP B 325 -4.61 79.89 5.35
CA ASP B 325 -3.72 80.89 5.93
C ASP B 325 -2.26 80.60 5.59
N HIS B 326 -1.84 79.35 5.77
CA HIS B 326 -0.42 79.02 5.63
C HIS B 326 0.10 79.32 4.23
N LEU B 327 -0.68 79.00 3.20
CA LEU B 327 -0.20 79.18 1.83
C LEU B 327 -0.15 80.66 1.44
N GLY B 328 -1.08 81.46 1.95
CA GLY B 328 -1.06 82.89 1.64
C GLY B 328 0.13 83.62 2.21
N LYS B 329 0.73 83.10 3.27
CA LYS B 329 1.83 83.77 3.93
C LYS B 329 3.10 82.92 3.86
N ASN B 354 3.73 73.07 6.69
CA ASN B 354 2.80 72.84 7.78
C ASN B 354 1.39 72.65 7.23
N ALA B 355 1.30 72.39 5.93
CA ALA B 355 0.01 72.28 5.26
C ALA B 355 -0.31 70.87 4.78
N TYR B 356 0.69 70.11 4.33
CA TYR B 356 0.44 68.71 3.96
C TYR B 356 -0.07 67.94 5.18
N VAL B 357 0.48 68.23 6.35
CA VAL B 357 0.03 67.59 7.59
C VAL B 357 -1.45 67.90 7.82
N LEU B 358 -1.83 69.16 7.63
CA LEU B 358 -3.23 69.54 7.79
C LEU B 358 -4.12 68.87 6.77
N ALA B 359 -3.61 68.65 5.56
CA ALA B 359 -4.41 67.99 4.53
C ALA B 359 -4.68 66.53 4.90
N VAL B 360 -3.64 65.80 5.29
CA VAL B 360 -3.86 64.41 5.66
C VAL B 360 -4.70 64.31 6.93
N LEU B 361 -4.53 65.26 7.86
CA LEU B 361 -5.39 65.27 9.04
C LEU B 361 -6.84 65.52 8.66
N LEU B 362 -7.07 66.39 7.68
CA LEU B 362 -8.43 66.63 7.19
C LEU B 362 -9.02 65.35 6.60
N PHE B 363 -8.23 64.63 5.81
CA PHE B 363 -8.68 63.35 5.27
C PHE B 363 -9.09 62.39 6.37
N LEU B 364 -8.21 62.20 7.35
CA LEU B 364 -8.49 61.29 8.46
C LEU B 364 -9.73 61.71 9.24
N ALA B 365 -9.84 63.01 9.54
CA ALA B 365 -10.96 63.50 10.33
C ALA B 365 -12.27 63.35 9.58
N LEU B 366 -12.27 63.62 8.28
CA LEU B 366 -13.47 63.39 7.48
C LEU B 366 -13.92 61.95 7.55
N LEU B 367 -13.00 61.02 7.24
CA LEU B 367 -13.41 59.61 7.21
C LEU B 367 -13.90 59.15 8.58
N LEU B 368 -13.21 59.56 9.66
CA LEU B 368 -13.59 59.11 11.00
C LEU B 368 -14.93 59.70 11.42
N GLN B 369 -15.12 61.01 11.19
CA GLN B 369 -16.37 61.66 11.54
C GLN B 369 -17.54 60.99 10.85
N ARG B 370 -17.42 60.77 9.53
CA ARG B 370 -18.55 60.19 8.81
C ARG B 370 -18.79 58.74 9.22
N THR B 371 -17.72 57.98 9.49
CA THR B 371 -17.90 56.61 9.96
C THR B 371 -18.65 56.58 11.28
N PHE B 372 -18.28 57.46 12.22
CA PHE B 372 -18.96 57.51 13.50
C PHE B 372 -20.42 57.94 13.36
N LEU B 373 -20.68 58.91 12.47
CA LEU B 373 -22.04 59.33 12.19
C LEU B 373 -22.89 58.14 11.72
N GLN B 374 -22.34 57.34 10.80
CA GLN B 374 -23.10 56.22 10.24
C GLN B 374 -23.33 55.14 11.27
N ALA B 375 -22.31 54.79 12.05
CA ALA B 375 -22.51 53.84 13.13
C ALA B 375 -23.58 54.32 14.09
N SER B 376 -23.61 55.63 14.37
CA SER B 376 -24.64 56.18 15.24
C SER B 376 -26.03 55.96 14.65
N TYR B 377 -26.21 56.33 13.38
CA TYR B 377 -27.49 56.10 12.71
C TYR B 377 -27.92 54.65 12.86
N TYR B 378 -27.02 53.72 12.56
CA TYR B 378 -27.42 52.32 12.55
C TYR B 378 -27.80 51.82 13.94
N VAL B 379 -27.02 52.18 14.95
CA VAL B 379 -27.32 51.71 16.30
C VAL B 379 -28.68 52.26 16.75
N ALA B 380 -28.96 53.53 16.43
CA ALA B 380 -30.26 54.09 16.77
C ALA B 380 -31.38 53.36 16.04
N ILE B 381 -31.21 53.08 14.74
CA ILE B 381 -32.25 52.41 13.98
C ILE B 381 -32.52 51.03 14.56
N GLU B 382 -31.48 50.33 14.97
CA GLU B 382 -31.67 48.98 15.49
C GLU B 382 -32.38 49.01 16.84
N THR B 383 -32.01 49.96 17.70
CA THR B 383 -32.75 50.12 18.95
C THR B 383 -34.22 50.41 18.68
N GLY B 384 -34.50 51.24 17.68
CA GLY B 384 -35.89 51.52 17.34
C GLY B 384 -36.65 50.31 16.84
N ILE B 385 -35.99 49.49 16.02
CA ILE B 385 -36.65 48.28 15.50
C ILE B 385 -36.94 47.31 16.64
N ASN B 386 -35.97 47.15 17.55
CA ASN B 386 -36.21 46.38 18.75
C ASN B 386 -37.45 46.88 19.48
N LEU B 387 -37.52 48.19 19.71
CA LEU B 387 -38.64 48.76 20.47
C LEU B 387 -39.96 48.51 19.77
N ARG B 388 -39.99 48.63 18.43
CA ARG B 388 -41.22 48.39 17.70
C ARG B 388 -41.68 46.95 17.88
N GLY B 389 -40.78 46.00 17.64
CA GLY B 389 -41.14 44.60 17.86
C GLY B 389 -41.64 44.34 19.26
N ALA B 390 -40.96 44.92 20.26
CA ALA B 390 -41.31 44.68 21.66
C ALA B 390 -42.70 45.20 21.96
N ILE B 391 -42.96 46.48 21.70
CA ILE B 391 -44.26 47.04 22.09
C ILE B 391 -45.36 46.45 21.23
N GLN B 392 -45.05 46.00 20.01
CA GLN B 392 -46.07 45.36 19.19
C GLN B 392 -46.50 44.03 19.79
N THR B 393 -45.54 43.16 20.11
CA THR B 393 -45.93 41.90 20.72
C THR B 393 -46.55 42.12 22.10
N LYS B 394 -46.18 43.20 22.79
CA LYS B 394 -46.77 43.48 24.10
C LYS B 394 -48.24 43.86 23.96
N ILE B 395 -48.56 44.79 23.05
CA ILE B 395 -49.95 45.16 22.87
C ILE B 395 -50.75 44.04 22.23
N TYR B 396 -50.09 43.08 21.58
CA TYR B 396 -50.82 41.89 21.15
C TYR B 396 -51.08 40.95 22.33
N ASN B 397 -50.14 40.85 23.26
CA ASN B 397 -50.38 40.08 24.47
C ASN B 397 -51.53 40.66 25.27
N LYS B 398 -51.65 42.00 25.28
CA LYS B 398 -52.77 42.66 25.94
C LYS B 398 -54.08 42.42 25.21
N ILE B 399 -54.03 42.20 23.90
CA ILE B 399 -55.25 41.96 23.12
C ILE B 399 -55.93 40.66 23.53
N MET B 400 -55.22 39.78 24.23
CA MET B 400 -55.79 38.49 24.62
C MET B 400 -56.64 38.60 25.87
N HIS B 401 -56.29 39.50 26.79
CA HIS B 401 -56.94 39.57 28.09
C HIS B 401 -58.03 40.63 28.17
N LEU B 402 -58.26 41.37 27.09
CA LEU B 402 -59.23 42.45 27.14
C LEU B 402 -60.66 41.92 27.13
N SER B 403 -61.59 42.76 27.55
CA SER B 403 -62.99 42.38 27.68
C SER B 403 -63.76 42.74 26.42
N THR B 404 -64.89 42.08 26.23
CA THR B 404 -65.67 42.22 25.00
C THR B 404 -66.45 43.52 24.94
N SER B 405 -66.76 44.13 26.09
CA SER B 405 -67.53 45.38 26.08
C SER B 405 -66.75 46.55 25.50
N ASN B 406 -65.43 46.49 25.50
CA ASN B 406 -64.61 47.59 25.00
C ASN B 406 -64.29 47.41 23.52
N GLU B 411 -65.93 47.69 17.04
CA GLU B 411 -65.93 48.38 15.75
C GLU B 411 -64.99 49.58 15.78
N MET B 412 -65.34 50.59 16.59
CA MET B 412 -64.47 51.75 16.72
C MET B 412 -63.19 51.41 17.47
N THR B 413 -63.30 50.56 18.50
CA THR B 413 -62.11 50.14 19.24
C THR B 413 -61.19 49.30 18.36
N ALA B 414 -61.75 48.52 17.42
CA ALA B 414 -60.91 47.73 16.52
C ALA B 414 -60.13 48.63 15.57
N GLY B 415 -60.80 49.62 14.99
CA GLY B 415 -60.10 50.58 14.14
C GLY B 415 -59.06 51.37 14.91
N GLN B 416 -59.38 51.74 16.16
CA GLN B 416 -58.40 52.43 17.00
C GLN B 416 -57.22 51.53 17.33
N ILE B 417 -57.46 50.23 17.50
CA ILE B 417 -56.37 49.29 17.78
C ILE B 417 -55.46 49.18 16.57
N CYS B 418 -56.04 49.01 15.37
CA CYS B 418 -55.22 48.84 14.19
C CYS B 418 -54.55 50.13 13.74
N ASN B 419 -55.10 51.29 14.10
CA ASN B 419 -54.34 52.52 13.96
C ASN B 419 -53.25 52.62 15.03
N LEU B 420 -53.51 52.05 16.20
CA LEU B 420 -52.51 52.03 17.26
C LEU B 420 -51.30 51.18 16.86
N VAL B 421 -51.42 50.37 15.82
CA VAL B 421 -50.30 49.58 15.32
C VAL B 421 -49.76 50.13 14.01
N ALA B 422 -50.59 50.81 13.22
CA ALA B 422 -50.18 51.26 11.89
C ALA B 422 -49.58 52.66 11.88
N ILE B 423 -50.03 53.56 12.76
CA ILE B 423 -49.50 54.91 12.81
C ILE B 423 -48.87 55.24 14.16
N ASP B 424 -49.47 54.80 15.27
CA ASP B 424 -48.92 55.14 16.58
C ASP B 424 -47.57 54.46 16.81
N THR B 425 -47.47 53.16 16.48
CA THR B 425 -46.21 52.44 16.67
C THR B 425 -45.13 52.96 15.73
N ASN B 426 -45.50 53.29 14.48
CA ASN B 426 -44.52 53.87 13.57
C ASN B 426 -44.04 55.23 14.07
N GLN B 427 -44.95 56.03 14.65
CA GLN B 427 -44.54 57.28 15.25
C GLN B 427 -43.55 57.06 16.38
N LEU B 428 -43.88 56.13 17.27
CA LEU B 428 -42.97 55.80 18.37
C LEU B 428 -41.59 55.41 17.85
N MET B 429 -41.55 54.52 16.85
CA MET B 429 -40.28 54.00 16.36
C MET B 429 -39.47 55.07 15.64
N TRP B 430 -40.13 55.92 14.85
CA TRP B 430 -39.41 56.98 14.17
C TRP B 430 -38.93 58.05 15.14
N PHE B 431 -39.70 58.30 16.20
CA PHE B 431 -39.20 59.16 17.26
C PHE B 431 -37.98 58.56 17.94
N PHE B 432 -37.96 57.24 18.09
CA PHE B 432 -36.76 56.62 18.66
C PHE B 432 -35.59 56.66 17.68
N PHE B 433 -35.87 56.65 16.38
CA PHE B 433 -34.83 56.98 15.40
C PHE B 433 -34.23 58.35 15.70
N LEU B 434 -35.09 59.36 15.83
CA LEU B 434 -34.64 60.74 15.94
C LEU B 434 -34.23 61.15 17.36
N CYS B 435 -34.36 60.27 18.34
CA CYS B 435 -33.97 60.61 19.72
C CYS B 435 -32.54 61.14 19.85
N PRO B 436 -31.50 60.45 19.35
CA PRO B 436 -30.14 60.99 19.55
C PRO B 436 -29.90 62.30 18.81
N ASN B 437 -30.59 62.53 17.70
CA ASN B 437 -30.48 63.81 17.02
C ASN B 437 -30.95 64.95 17.91
N LEU B 438 -31.95 64.72 18.75
CA LEU B 438 -32.45 65.77 19.64
C LEU B 438 -31.42 66.13 20.71
N TRP B 439 -30.56 65.18 21.11
CA TRP B 439 -29.49 65.50 22.03
C TRP B 439 -28.30 66.13 21.34
N ALA B 440 -28.02 65.73 20.09
CA ALA B 440 -26.84 66.22 19.39
C ALA B 440 -27.03 67.53 18.64
N MET B 441 -28.28 67.97 18.44
CA MET B 441 -28.50 69.24 17.73
C MET B 441 -28.03 70.45 18.52
N PRO B 442 -28.39 70.62 19.81
CA PRO B 442 -27.98 71.84 20.52
C PRO B 442 -26.48 72.04 20.59
N VAL B 443 -25.72 70.98 20.88
CA VAL B 443 -24.27 71.12 20.93
C VAL B 443 -23.73 71.51 19.56
N GLN B 444 -24.36 71.02 18.49
CA GLN B 444 -23.91 71.36 17.15
C GLN B 444 -24.11 72.85 16.87
N ILE B 445 -25.30 73.38 17.15
CA ILE B 445 -25.51 74.80 16.87
C ILE B 445 -24.67 75.69 17.78
N ILE B 446 -24.44 75.25 19.03
CA ILE B 446 -23.63 76.04 19.97
C ILE B 446 -22.18 76.10 19.49
N VAL B 447 -21.59 74.95 19.17
CA VAL B 447 -20.22 74.93 18.66
C VAL B 447 -20.13 75.74 17.36
N GLY B 448 -21.14 75.63 16.50
CA GLY B 448 -21.12 76.40 15.26
C GLY B 448 -21.07 77.90 15.52
N VAL B 449 -21.96 78.40 16.39
CA VAL B 449 -22.01 79.83 16.61
C VAL B 449 -20.74 80.33 17.29
N ILE B 450 -20.22 79.59 18.28
CA ILE B 450 -19.02 80.05 18.97
C ILE B 450 -17.82 80.01 18.03
N LEU B 451 -17.76 79.03 17.13
CA LEU B 451 -16.65 78.96 16.20
C LEU B 451 -16.70 80.09 15.19
N LEU B 452 -17.88 80.35 14.61
CA LEU B 452 -17.98 81.41 13.63
C LEU B 452 -17.75 82.78 14.25
N TYR B 453 -18.10 82.96 15.54
CA TYR B 453 -17.81 84.24 16.19
C TYR B 453 -16.32 84.52 16.24
N TYR B 454 -15.51 83.52 16.55
CA TYR B 454 -14.07 83.76 16.69
C TYR B 454 -13.36 83.89 15.35
N ILE B 455 -14.06 83.64 14.23
CA ILE B 455 -13.48 83.78 12.92
C ILE B 455 -13.87 85.09 12.25
N LEU B 456 -15.10 85.56 12.48
CA LEU B 456 -15.59 86.78 11.87
C LEU B 456 -15.87 87.90 12.86
N GLY B 457 -15.75 87.65 14.15
CA GLY B 457 -15.99 88.70 15.13
C GLY B 457 -17.47 89.01 15.33
N VAL B 458 -17.73 90.24 15.76
CA VAL B 458 -19.09 90.66 16.11
C VAL B 458 -20.04 90.45 14.94
N SER B 459 -19.60 90.79 13.72
CA SER B 459 -20.45 90.59 12.54
C SER B 459 -20.96 89.17 12.45
N ALA B 460 -20.10 88.19 12.78
CA ALA B 460 -20.52 86.79 12.76
C ALA B 460 -21.82 86.59 13.52
N LEU B 461 -21.92 87.16 14.72
CA LEU B 461 -23.13 87.06 15.53
C LEU B 461 -24.37 87.39 14.71
N ILE B 462 -24.33 88.52 13.99
CA ILE B 462 -25.48 88.92 13.18
C ILE B 462 -25.85 87.80 12.22
N GLY B 463 -24.87 87.32 11.45
CA GLY B 463 -25.13 86.20 10.56
C GLY B 463 -25.65 84.99 11.32
N ALA B 464 -25.04 84.68 12.46
CA ALA B 464 -25.47 83.54 13.26
C ALA B 464 -26.93 83.65 13.67
N ALA B 465 -27.49 84.85 13.70
CA ALA B 465 -28.92 84.99 13.99
C ALA B 465 -29.74 84.54 12.80
N VAL B 466 -29.41 85.04 11.59
CA VAL B 466 -30.28 84.86 10.43
C VAL B 466 -30.54 83.38 10.17
N ILE B 467 -29.46 82.60 10.05
CA ILE B 467 -29.61 81.16 9.82
C ILE B 467 -30.48 80.53 10.91
N ILE B 468 -30.21 80.86 12.17
CA ILE B 468 -30.99 80.28 13.25
C ILE B 468 -32.46 80.65 13.10
N LEU B 469 -32.74 81.86 12.62
CA LEU B 469 -34.12 82.31 12.46
C LEU B 469 -34.88 81.46 11.45
N LEU B 470 -34.19 80.72 10.59
CA LEU B 470 -34.88 79.86 9.64
C LEU B 470 -35.48 78.64 10.33
N ALA B 471 -34.91 78.22 11.47
CA ALA B 471 -35.36 76.96 12.08
C ALA B 471 -36.78 77.07 12.64
N PRO B 472 -37.15 78.09 13.43
CA PRO B 472 -38.56 78.16 13.85
C PRO B 472 -39.51 78.39 12.69
N VAL B 473 -39.17 79.31 11.77
CA VAL B 473 -40.02 79.58 10.61
C VAL B 473 -40.35 78.29 9.89
N GLN B 474 -39.32 77.49 9.57
CA GLN B 474 -39.54 76.19 8.96
C GLN B 474 -40.65 75.43 9.66
N TYR B 475 -40.54 75.28 10.98
CA TYR B 475 -41.57 74.57 11.75
C TYR B 475 -42.95 75.11 11.42
N PHE B 476 -43.12 76.43 11.51
CA PHE B 476 -44.40 77.05 11.18
C PHE B 476 -44.87 76.58 9.80
N VAL B 477 -44.00 76.71 8.80
CA VAL B 477 -44.35 76.27 7.45
C VAL B 477 -44.85 74.84 7.48
N ALA B 478 -44.09 73.96 8.12
CA ALA B 478 -44.48 72.55 8.20
C ALA B 478 -45.91 72.41 8.71
N THR B 479 -46.22 73.10 9.82
CA THR B 479 -47.56 72.99 10.40
C THR B 479 -48.62 73.34 9.36
N LYS B 480 -48.43 74.43 8.62
CA LYS B 480 -49.39 74.81 7.60
C LYS B 480 -49.62 73.66 6.64
N LEU B 481 -48.53 73.07 6.13
CA LEU B 481 -48.60 71.89 5.28
C LEU B 481 -49.58 70.88 5.86
N SER B 482 -49.33 70.46 7.11
CA SER B 482 -50.18 69.46 7.76
C SER B 482 -51.64 69.84 7.64
N GLN B 483 -51.98 71.08 8.04
CA GLN B 483 -53.36 71.53 7.95
C GLN B 483 -53.90 71.30 6.56
N ALA B 484 -53.19 71.85 5.55
CA ALA B 484 -53.61 71.67 4.17
C ALA B 484 -53.85 70.21 3.87
N GLN B 485 -52.87 69.36 4.22
CA GLN B 485 -52.97 67.94 3.98
C GLN B 485 -54.32 67.41 4.44
N ARG B 486 -54.66 67.67 5.70
CA ARG B 486 -55.93 67.21 6.26
C ARG B 486 -57.07 67.53 5.31
N SER B 487 -57.25 68.81 5.01
CA SER B 487 -58.34 69.23 4.12
C SER B 487 -58.33 68.41 2.85
N THR B 488 -57.19 68.37 2.16
CA THR B 488 -57.10 67.67 0.90
C THR B 488 -57.58 66.23 1.07
N LEU B 489 -57.06 65.54 2.10
CA LEU B 489 -57.40 64.14 2.30
C LEU B 489 -58.91 63.97 2.29
N GLU B 490 -59.63 64.83 3.03
CA GLU B 490 -61.08 64.76 3.08
C GLU B 490 -61.66 64.66 1.68
N HIS B 491 -61.38 65.69 0.86
CA HIS B 491 -61.90 65.70 -0.50
C HIS B 491 -61.57 64.40 -1.23
N SER B 492 -60.30 63.98 -1.15
CA SER B 492 -59.87 62.77 -1.84
C SER B 492 -60.77 61.61 -1.48
N ASN B 493 -61.01 61.42 -0.19
CA ASN B 493 -61.83 60.28 0.24
C ASN B 493 -63.17 60.30 -0.46
N GLU B 494 -63.84 61.46 -0.44
CA GLU B 494 -65.16 61.56 -1.07
C GLU B 494 -65.09 61.14 -2.53
N ARG B 495 -64.07 61.61 -3.25
CA ARG B 495 -63.93 61.25 -4.65
C ARG B 495 -63.95 59.74 -4.82
N LEU B 496 -63.17 59.04 -3.99
CA LEU B 496 -63.10 57.58 -4.10
C LEU B 496 -64.49 56.97 -4.00
N LYS B 497 -65.31 57.47 -3.08
CA LYS B 497 -66.68 56.96 -2.97
C LYS B 497 -67.41 57.09 -4.30
N GLN B 498 -67.40 58.30 -4.86
CA GLN B 498 -68.10 58.54 -6.12
C GLN B 498 -67.52 57.73 -7.28
N THR B 499 -66.36 57.11 -7.09
CA THR B 499 -65.82 56.21 -8.09
C THR B 499 -66.29 54.78 -7.88
N ASN B 500 -66.35 54.34 -6.62
CA ASN B 500 -66.63 52.94 -6.32
C ASN B 500 -67.96 52.50 -6.89
N GLU B 501 -68.92 53.42 -7.02
CA GLU B 501 -70.19 53.09 -7.64
C GLU B 501 -70.01 52.84 -9.13
N MET B 502 -69.35 53.75 -9.83
CA MET B 502 -69.25 53.65 -11.28
C MET B 502 -68.54 52.37 -11.70
N LEU B 503 -67.48 51.99 -10.99
CA LEU B 503 -66.74 50.78 -11.30
C LEU B 503 -67.41 49.52 -10.76
N ARG B 504 -68.65 49.59 -10.32
CA ARG B 504 -69.43 48.41 -9.97
C ARG B 504 -70.69 48.26 -10.79
N GLY B 505 -71.43 49.35 -11.01
CA GLY B 505 -72.59 49.30 -11.88
C GLY B 505 -72.19 49.49 -13.33
N MET B 506 -71.11 48.82 -13.74
CA MET B 506 -70.54 49.03 -15.06
C MET B 506 -71.56 48.72 -16.16
N LYS B 507 -72.11 47.50 -16.16
CA LYS B 507 -73.10 47.15 -17.17
C LYS B 507 -74.34 48.01 -17.05
N LEU B 508 -74.81 48.22 -15.82
CA LEU B 508 -75.94 49.13 -15.61
C LEU B 508 -75.62 50.51 -16.17
N LEU B 509 -74.43 51.03 -15.87
CA LEU B 509 -74.06 52.37 -16.32
C LEU B 509 -74.08 52.46 -17.83
N LYS B 510 -73.39 51.55 -18.51
CA LYS B 510 -73.27 51.62 -19.96
C LYS B 510 -74.50 51.12 -20.70
N LEU B 511 -75.46 50.50 -20.00
CA LEU B 511 -76.65 50.01 -20.69
C LEU B 511 -77.55 51.14 -21.17
N TYR B 512 -77.43 52.32 -20.59
CA TYR B 512 -78.19 53.48 -21.05
C TYR B 512 -77.30 54.71 -21.25
N ALA B 513 -75.98 54.56 -21.13
CA ALA B 513 -75.01 55.63 -21.39
C ALA B 513 -75.27 56.87 -20.53
N TRP B 514 -75.57 56.64 -19.25
CA TRP B 514 -75.58 57.73 -18.29
C TRP B 514 -74.18 57.99 -17.72
N GLU B 515 -73.14 57.43 -18.35
CA GLU B 515 -71.80 57.48 -17.79
C GLU B 515 -71.23 58.89 -17.81
N SER B 516 -71.44 59.63 -18.90
CA SER B 516 -70.94 61.00 -18.96
C SER B 516 -71.57 61.87 -17.89
N ILE B 517 -72.83 61.58 -17.53
CA ILE B 517 -73.52 62.37 -16.50
C ILE B 517 -72.82 62.20 -15.16
N PHE B 518 -72.36 60.99 -14.85
CA PHE B 518 -71.61 60.78 -13.61
C PHE B 518 -70.18 61.27 -13.71
N CYS B 519 -69.58 61.21 -14.90
CA CYS B 519 -68.22 61.73 -15.08
C CYS B 519 -68.18 63.23 -14.85
N SER B 520 -69.25 63.93 -15.21
CA SER B 520 -69.32 65.36 -14.90
C SER B 520 -69.22 65.61 -13.39
N ARG B 521 -69.95 64.81 -12.60
CA ARG B 521 -69.90 64.94 -11.15
C ARG B 521 -68.51 64.59 -10.62
N VAL B 522 -67.90 63.54 -11.17
CA VAL B 522 -66.55 63.15 -10.74
C VAL B 522 -65.57 64.28 -11.01
N GLU B 523 -65.69 64.93 -12.17
CA GLU B 523 -64.81 66.06 -12.47
C GLU B 523 -65.09 67.25 -11.57
N VAL B 524 -66.36 67.47 -11.21
CA VAL B 524 -66.70 68.50 -10.23
C VAL B 524 -65.94 68.25 -8.93
N THR B 525 -65.85 67.03 -8.44
CA THR B 525 -65.07 66.82 -7.20
C THR B 525 -63.56 67.14 -7.36
N ARG B 526 -63.06 66.76 -8.52
CA ARG B 526 -61.65 66.89 -8.85
C ARG B 526 -61.17 68.34 -8.79
N ARG B 527 -62.00 69.27 -9.23
CA ARG B 527 -61.60 70.68 -9.20
C ARG B 527 -61.38 71.17 -7.76
N LYS B 528 -62.23 70.74 -6.84
CA LYS B 528 -62.08 71.10 -5.42
C LYS B 528 -60.77 70.52 -4.89
N GLU B 529 -60.50 69.27 -5.29
CA GLU B 529 -59.26 68.64 -4.87
C GLU B 529 -58.05 69.43 -5.41
N MET B 530 -58.13 69.88 -6.66
CA MET B 530 -57.07 70.67 -7.28
C MET B 530 -56.86 71.98 -6.55
N THR B 531 -57.96 72.59 -6.14
CA THR B 531 -57.91 73.85 -5.43
C THR B 531 -57.14 73.70 -4.12
N SER B 532 -57.33 72.60 -3.40
CA SER B 532 -56.57 72.47 -2.14
C SER B 532 -55.03 72.39 -2.32
N LEU B 533 -54.65 71.65 -3.34
CA LEU B 533 -53.31 71.29 -3.80
C LEU B 533 -52.49 72.51 -4.17
N ARG B 534 -53.16 73.57 -4.65
CA ARG B 534 -52.45 74.81 -4.95
C ARG B 534 -51.79 75.40 -3.71
N ALA B 535 -52.55 75.53 -2.62
CA ALA B 535 -51.99 76.06 -1.39
C ALA B 535 -50.90 75.14 -0.83
N PHE B 536 -51.14 73.84 -0.86
CA PHE B 536 -50.14 72.88 -0.39
C PHE B 536 -48.82 73.05 -1.14
N ALA B 537 -48.89 73.13 -2.47
CA ALA B 537 -47.70 73.28 -3.28
C ALA B 537 -47.07 74.66 -3.12
N VAL B 538 -47.88 75.68 -2.81
CA VAL B 538 -47.31 76.98 -2.48
C VAL B 538 -46.47 76.89 -1.23
N TYR B 539 -46.95 76.19 -0.20
CA TYR B 539 -46.15 76.02 1.00
C TYR B 539 -44.89 75.20 0.73
N THR B 540 -45.02 74.15 -0.09
CA THR B 540 -43.84 73.38 -0.49
C THR B 540 -42.81 74.26 -1.19
N SER B 541 -43.28 75.15 -2.07
CA SER B 541 -42.41 76.07 -2.77
C SER B 541 -41.73 77.02 -1.81
N ILE B 542 -42.47 77.53 -0.82
CA ILE B 542 -41.87 78.42 0.17
C ILE B 542 -40.78 77.70 0.96
N SER B 543 -41.02 76.43 1.30
CA SER B 543 -40.01 75.64 2.00
C SER B 543 -38.74 75.49 1.16
N ILE B 544 -38.90 75.01 -0.07
CA ILE B 544 -37.74 74.83 -0.95
C ILE B 544 -37.02 76.15 -1.19
N PHE B 545 -37.78 77.24 -1.26
CA PHE B 545 -37.20 78.56 -1.49
C PHE B 545 -36.32 78.99 -0.31
N MET B 546 -36.87 78.91 0.91
CA MET B 546 -36.08 79.26 2.08
C MET B 546 -34.85 78.39 2.20
N ASN B 547 -34.97 77.10 1.83
CA ASN B 547 -33.88 76.14 1.96
C ASN B 547 -32.58 76.68 1.36
N THR B 548 -32.63 77.21 0.15
CA THR B 548 -31.45 77.75 -0.50
C THR B 548 -31.36 79.27 -0.44
N ALA B 549 -32.39 79.95 0.08
CA ALA B 549 -32.32 81.39 0.23
C ALA B 549 -31.54 81.80 1.47
N ILE B 550 -31.75 81.09 2.58
CA ILE B 550 -31.05 81.45 3.82
C ILE B 550 -29.55 81.28 3.70
N PRO B 551 -29.01 80.25 3.05
CA PRO B 551 -27.55 80.22 2.83
C PRO B 551 -27.02 81.43 2.09
N ILE B 552 -27.75 81.91 1.07
CA ILE B 552 -27.31 83.09 0.35
C ILE B 552 -27.43 84.34 1.22
N ALA B 553 -28.55 84.47 1.93
CA ALA B 553 -28.82 85.66 2.73
C ALA B 553 -27.82 85.79 3.88
N ALA B 554 -27.43 84.67 4.48
CA ALA B 554 -26.44 84.71 5.56
C ALA B 554 -25.14 85.35 5.07
N VAL B 555 -24.60 84.84 3.96
CA VAL B 555 -23.34 85.37 3.44
C VAL B 555 -23.51 86.82 3.00
N LEU B 556 -24.64 87.13 2.36
CA LEU B 556 -24.89 88.51 1.94
C LEU B 556 -24.84 89.48 3.12
N ILE B 557 -25.78 89.35 4.06
CA ILE B 557 -25.88 90.27 5.19
C ILE B 557 -24.73 90.13 6.17
N THR B 558 -23.90 89.08 6.04
CA THR B 558 -22.74 88.98 6.90
C THR B 558 -21.52 89.67 6.30
N PHE B 559 -21.17 89.32 5.06
CA PHE B 559 -19.98 89.92 4.44
C PHE B 559 -20.20 91.39 4.14
N VAL B 560 -21.38 91.77 3.65
CA VAL B 560 -21.62 93.19 3.43
C VAL B 560 -21.65 93.93 4.75
N GLY B 561 -22.18 93.30 5.79
CA GLY B 561 -22.24 93.89 7.12
C GLY B 561 -20.99 93.75 7.96
N HIS B 562 -19.95 93.11 7.44
CA HIS B 562 -18.69 92.96 8.17
C HIS B 562 -17.65 93.98 7.70
N VAL B 563 -17.32 93.96 6.42
CA VAL B 563 -16.25 94.80 5.90
C VAL B 563 -16.75 96.24 5.70
N SER B 564 -17.75 96.42 4.85
CA SER B 564 -18.23 97.75 4.49
C SER B 564 -19.14 98.37 5.55
N PHE B 565 -19.30 97.73 6.71
CA PHE B 565 -20.13 98.29 7.77
C PHE B 565 -19.36 98.60 9.04
N PHE B 566 -18.64 97.62 9.60
CA PHE B 566 -18.24 97.70 11.00
C PHE B 566 -16.82 98.20 11.19
N LYS B 567 -15.83 97.49 10.63
CA LYS B 567 -14.44 97.79 10.99
C LYS B 567 -13.47 97.78 9.81
N GLU B 568 -13.95 97.60 8.58
CA GLU B 568 -13.11 97.62 7.38
C GLU B 568 -11.95 96.64 7.46
N SER B 569 -12.12 95.58 8.27
CA SER B 569 -11.05 94.61 8.47
C SER B 569 -10.79 93.83 7.18
N ASP B 570 -9.51 93.67 6.85
CA ASP B 570 -9.13 92.91 5.67
C ASP B 570 -9.54 91.45 5.81
N LEU B 571 -10.44 91.01 4.95
CA LEU B 571 -11.04 89.68 5.04
C LEU B 571 -10.20 88.73 4.19
N SER B 572 -9.29 88.01 4.83
CA SER B 572 -8.48 87.02 4.13
C SER B 572 -9.39 85.94 3.54
N PRO B 573 -8.97 85.29 2.45
CA PRO B 573 -9.80 84.22 1.86
C PRO B 573 -10.19 83.14 2.87
N SER B 574 -9.30 82.86 3.82
CA SER B 574 -9.56 81.84 4.83
C SER B 574 -10.83 82.14 5.62
N VAL B 575 -10.97 83.39 6.08
CA VAL B 575 -12.13 83.75 6.88
C VAL B 575 -13.42 83.51 6.12
N ALA B 576 -13.50 84.05 4.89
CA ALA B 576 -14.73 83.95 4.10
C ALA B 576 -15.06 82.50 3.79
N PHE B 577 -14.06 81.71 3.38
CA PHE B 577 -14.34 80.34 2.98
C PHE B 577 -14.66 79.46 4.19
N ALA B 578 -14.02 79.70 5.33
CA ALA B 578 -14.39 78.97 6.54
C ALA B 578 -15.83 79.30 6.95
N SER B 579 -16.22 80.58 6.82
CA SER B 579 -17.60 80.96 7.11
C SER B 579 -18.56 80.25 6.18
N LEU B 580 -18.19 80.14 4.89
CA LEU B 580 -19.03 79.43 3.93
C LEU B 580 -19.22 77.97 4.33
N SER B 581 -18.11 77.29 4.62
CA SER B 581 -18.18 75.89 5.05
C SER B 581 -19.05 75.74 6.28
N LEU B 582 -18.82 76.57 7.30
CA LEU B 582 -19.63 76.48 8.52
C LEU B 582 -21.09 76.78 8.24
N PHE B 583 -21.38 77.69 7.31
CA PHE B 583 -22.77 77.96 6.96
C PHE B 583 -23.46 76.72 6.42
N HIS B 584 -22.78 75.97 5.55
CA HIS B 584 -23.42 74.75 5.04
C HIS B 584 -23.52 73.68 6.13
N ILE B 585 -22.45 73.53 6.92
CA ILE B 585 -22.43 72.51 7.97
C ILE B 585 -23.44 72.82 9.06
N LEU B 586 -23.91 74.06 9.16
CA LEU B 586 -24.96 74.43 10.08
C LEU B 586 -26.35 74.42 9.45
N VAL B 587 -26.44 74.67 8.14
CA VAL B 587 -27.73 74.60 7.46
C VAL B 587 -28.24 73.17 7.42
N THR B 588 -27.35 72.21 7.20
CA THR B 588 -27.78 70.81 7.15
C THR B 588 -28.52 70.36 8.41
N PRO B 589 -28.01 70.59 9.63
CA PRO B 589 -28.75 70.11 10.81
C PRO B 589 -30.00 70.92 11.11
N LEU B 590 -30.07 72.20 10.69
CA LEU B 590 -31.17 73.06 11.13
C LEU B 590 -32.53 72.53 10.71
N PHE B 591 -32.65 72.04 9.48
CA PHE B 591 -33.92 71.51 9.00
C PHE B 591 -34.42 70.37 9.88
N LEU B 592 -33.51 69.56 10.40
CA LEU B 592 -33.91 68.36 11.11
C LEU B 592 -34.54 68.66 12.47
N LEU B 593 -34.22 69.81 13.07
CA LEU B 593 -34.78 70.15 14.38
C LEU B 593 -36.29 70.30 14.32
N SER B 594 -36.81 70.89 13.24
CA SER B 594 -38.25 71.07 13.11
C SER B 594 -38.98 69.73 13.08
N SER B 595 -38.56 68.85 12.16
CA SER B 595 -39.12 67.51 12.09
C SER B 595 -38.94 66.76 13.40
N VAL B 596 -37.83 66.98 14.09
CA VAL B 596 -37.60 66.32 15.38
C VAL B 596 -38.63 66.78 16.40
N VAL B 597 -38.90 68.08 16.46
CA VAL B 597 -39.88 68.59 17.42
C VAL B 597 -41.26 68.03 17.10
N ARG B 598 -41.64 68.04 15.82
CA ARG B 598 -42.95 67.50 15.45
C ARG B 598 -43.03 66.02 15.82
N SER B 599 -41.99 65.25 15.48
CA SER B 599 -41.98 63.83 15.78
C SER B 599 -42.06 63.58 17.28
N THR B 600 -41.39 64.41 18.08
CA THR B 600 -41.37 64.20 19.52
C THR B 600 -42.74 64.44 20.14
N VAL B 601 -43.40 65.55 19.75
CA VAL B 601 -44.73 65.81 20.32
C VAL B 601 -45.72 64.75 19.87
N LYS B 602 -45.64 64.33 18.60
CA LYS B 602 -46.54 63.30 18.12
C LYS B 602 -46.29 61.97 18.84
N ALA B 603 -45.03 61.65 19.12
CA ALA B 603 -44.73 60.43 19.84
C ALA B 603 -45.21 60.48 21.27
N LEU B 604 -45.10 61.64 21.92
CA LEU B 604 -45.64 61.80 23.26
C LEU B 604 -47.14 61.53 23.27
N VAL B 605 -47.87 62.10 22.31
CA VAL B 605 -49.31 61.86 22.24
C VAL B 605 -49.59 60.38 21.98
N SER B 606 -48.81 59.74 21.10
CA SER B 606 -49.05 58.34 20.79
C SER B 606 -48.75 57.42 21.95
N VAL B 607 -47.76 57.76 22.78
CA VAL B 607 -47.49 56.93 23.95
C VAL B 607 -48.55 57.16 25.03
N GLN B 608 -49.07 58.39 25.16
CA GLN B 608 -50.24 58.57 26.03
C GLN B 608 -51.40 57.68 25.57
N LYS B 609 -51.63 57.62 24.26
CA LYS B 609 -52.68 56.77 23.71
C LYS B 609 -52.41 55.31 24.00
N LEU B 610 -51.17 54.85 23.79
CA LEU B 610 -50.80 53.47 24.05
C LEU B 610 -50.99 53.11 25.52
N SER B 611 -50.69 54.05 26.42
CA SER B 611 -50.89 53.79 27.84
C SER B 611 -52.36 53.72 28.18
N GLU B 612 -53.17 54.62 27.62
CA GLU B 612 -54.61 54.56 27.84
C GLU B 612 -55.19 53.24 27.37
N PHE B 613 -54.72 52.74 26.23
CA PHE B 613 -55.21 51.46 25.72
C PHE B 613 -54.70 50.29 26.55
N LEU B 614 -53.37 50.16 26.65
CA LEU B 614 -52.74 49.03 27.33
C LEU B 614 -53.21 48.84 28.76
N SER B 615 -53.86 49.85 29.35
CA SER B 615 -54.25 49.78 30.75
C SER B 615 -55.77 49.93 30.91
N SER B 616 -56.53 49.20 30.10
CA SER B 616 -57.99 49.23 30.23
C SER B 616 -58.52 47.92 30.80
N CYS B 678 -69.46 16.73 33.32
CA CYS B 678 -70.59 17.61 33.05
C CYS B 678 -70.19 19.08 33.27
N VAL B 679 -71.03 19.99 32.78
CA VAL B 679 -70.85 21.42 32.97
C VAL B 679 -71.83 21.87 34.05
N GLN B 680 -71.30 22.23 35.21
CA GLN B 680 -72.12 22.58 36.37
C GLN B 680 -72.11 24.09 36.57
N ILE B 681 -73.30 24.65 36.81
CA ILE B 681 -73.45 26.07 37.14
C ILE B 681 -74.41 26.18 38.31
N ILE B 682 -74.01 26.91 39.34
CA ILE B 682 -74.85 27.15 40.51
C ILE B 682 -74.76 28.62 40.89
N GLY B 683 -75.91 29.31 40.92
CA GLY B 683 -75.97 30.70 41.31
C GLY B 683 -75.42 31.67 40.30
N GLY B 684 -75.98 31.69 39.09
CA GLY B 684 -75.46 32.56 38.05
C GLY B 684 -75.72 34.03 38.36
N PHE B 685 -74.69 34.86 38.24
CA PHE B 685 -74.81 36.27 38.55
C PHE B 685 -73.66 37.02 37.89
N PHE B 686 -73.97 37.79 36.84
CA PHE B 686 -72.98 38.66 36.20
C PHE B 686 -73.69 39.64 35.28
N THR B 687 -72.93 40.63 34.81
CA THR B 687 -73.44 41.63 33.89
C THR B 687 -72.29 42.15 33.04
N TRP B 688 -72.62 43.01 32.07
CA TRP B 688 -71.63 43.54 31.13
C TRP B 688 -71.06 44.88 31.58
N THR B 689 -70.59 44.95 32.82
CA THR B 689 -69.97 46.16 33.36
C THR B 689 -69.25 45.85 34.67
N PRO B 690 -68.23 46.62 35.04
CA PRO B 690 -67.69 46.49 36.41
C PRO B 690 -68.70 46.86 37.48
N ASP B 691 -69.74 47.62 37.13
CA ASP B 691 -70.79 47.98 38.08
C ASP B 691 -72.04 48.32 37.29
N GLY B 692 -73.17 47.78 37.71
CA GLY B 692 -74.43 48.03 37.02
C GLY B 692 -75.44 46.96 37.34
N ILE B 693 -76.65 47.19 36.85
CA ILE B 693 -77.74 46.22 37.08
C ILE B 693 -77.41 44.92 36.37
N PRO B 694 -77.64 43.76 36.99
CA PRO B 694 -77.22 42.50 36.38
C PRO B 694 -78.27 41.91 35.44
N THR B 695 -77.76 41.27 34.39
CA THR B 695 -78.60 40.53 33.45
C THR B 695 -78.57 39.03 33.70
N LEU B 696 -77.54 38.52 34.35
CA LEU B 696 -77.44 37.12 34.74
C LEU B 696 -77.89 37.02 36.19
N SER B 697 -78.92 36.22 36.44
CA SER B 697 -79.53 36.16 37.78
C SER B 697 -80.02 34.74 38.06
N ASN B 698 -79.38 34.08 39.04
CA ASN B 698 -79.87 32.83 39.61
C ASN B 698 -80.04 31.74 38.54
N ILE B 699 -78.91 31.35 37.97
CA ILE B 699 -78.86 30.30 36.95
C ILE B 699 -78.12 29.10 37.52
N THR B 700 -78.77 27.93 37.46
CA THR B 700 -78.18 26.67 37.91
C THR B 700 -78.53 25.62 36.87
N ILE B 701 -77.51 25.06 36.23
CA ILE B 701 -77.73 24.18 35.09
C ILE B 701 -76.63 23.11 35.07
N ARG B 702 -77.03 21.88 34.78
CA ARG B 702 -76.11 20.76 34.63
C ARG B 702 -76.16 20.26 33.19
N ILE B 703 -74.98 20.17 32.57
CA ILE B 703 -74.85 19.72 31.19
C ILE B 703 -74.04 18.43 31.18
N PRO B 704 -74.67 17.27 31.32
CA PRO B 704 -73.93 16.01 31.33
C PRO B 704 -73.36 15.67 29.96
N ARG B 705 -72.46 14.68 29.97
CA ARG B 705 -71.79 14.24 28.75
C ARG B 705 -72.76 13.50 27.84
N GLY B 706 -72.53 13.62 26.53
CA GLY B 706 -73.30 12.90 25.54
C GLY B 706 -74.78 13.20 25.59
N GLN B 707 -75.15 14.43 25.28
CA GLN B 707 -76.53 14.86 25.48
C GLN B 707 -76.78 16.13 24.67
N LEU B 708 -77.83 16.11 23.85
CA LEU B 708 -78.22 17.30 23.10
C LEU B 708 -79.04 18.21 24.00
N THR B 709 -78.61 19.47 24.11
CA THR B 709 -79.24 20.44 25.00
C THR B 709 -79.64 21.67 24.19
N MET B 710 -80.93 21.84 23.95
CA MET B 710 -81.43 23.04 23.30
C MET B 710 -81.69 24.12 24.34
N ILE B 711 -81.59 25.36 23.91
CA ILE B 711 -81.97 26.52 24.71
C ILE B 711 -82.98 27.32 23.88
N VAL B 712 -84.17 27.52 24.43
CA VAL B 712 -85.24 28.19 23.71
C VAL B 712 -85.80 29.30 24.59
N GLY B 713 -86.39 30.29 23.94
CA GLY B 713 -86.95 31.43 24.64
C GLY B 713 -87.26 32.55 23.67
N GLN B 714 -87.51 33.73 24.23
CA GLN B 714 -87.83 34.91 23.44
C GLN B 714 -86.56 35.63 23.04
N VAL B 715 -86.71 36.76 22.36
CA VAL B 715 -85.56 37.56 21.93
C VAL B 715 -85.12 38.42 23.10
N GLY B 716 -83.91 38.17 23.60
CA GLY B 716 -83.39 38.91 24.72
C GLY B 716 -83.60 38.23 26.06
N CYS B 717 -83.27 36.94 26.14
CA CYS B 717 -83.45 36.16 27.36
C CYS B 717 -82.13 35.56 27.86
N GLY B 718 -81.00 36.10 27.42
CA GLY B 718 -79.71 35.61 27.89
C GLY B 718 -79.37 34.22 27.39
N LYS B 719 -79.65 33.92 26.12
CA LYS B 719 -79.25 32.64 25.56
C LYS B 719 -77.76 32.64 25.21
N SER B 720 -77.35 33.53 24.31
CA SER B 720 -75.94 33.62 23.98
C SER B 720 -75.12 34.17 25.14
N SER B 721 -75.74 34.97 26.00
CA SER B 721 -75.07 35.42 27.21
C SER B 721 -74.74 34.23 28.12
N LEU B 722 -75.72 33.35 28.32
CA LEU B 722 -75.46 32.11 29.06
C LEU B 722 -74.43 31.25 28.34
N LEU B 723 -74.44 31.28 27.00
CA LEU B 723 -73.44 30.53 26.24
C LEU B 723 -72.03 31.02 26.56
N LEU B 724 -71.83 32.33 26.51
CA LEU B 724 -70.50 32.89 26.78
C LEU B 724 -70.13 32.77 28.25
N ALA B 725 -71.12 32.74 29.15
CA ALA B 725 -70.82 32.56 30.57
C ALA B 725 -70.41 31.13 30.88
N THR B 726 -71.07 30.15 30.24
CA THR B 726 -70.63 28.76 30.35
C THR B 726 -69.22 28.58 29.81
N LEU B 727 -68.81 29.47 28.90
CA LEU B 727 -67.49 29.40 28.29
C LEU B 727 -66.40 29.87 29.24
N GLY B 728 -66.76 30.59 30.30
CA GLY B 728 -65.80 31.32 31.09
C GLY B 728 -65.47 32.69 30.55
N GLU B 729 -66.09 33.09 29.43
CA GLU B 729 -65.79 34.38 28.82
C GLU B 729 -66.16 35.53 29.75
N MET B 730 -67.21 35.37 30.55
CA MET B 730 -67.66 36.41 31.47
C MET B 730 -67.58 35.87 32.89
N GLN B 731 -66.56 36.33 33.63
CA GLN B 731 -66.34 35.89 35.01
C GLN B 731 -67.47 36.41 35.89
N LYS B 732 -68.34 35.50 36.35
CA LYS B 732 -69.53 35.89 37.09
C LYS B 732 -69.17 36.50 38.44
N VAL B 733 -70.06 37.37 38.93
CA VAL B 733 -69.81 38.08 40.19
C VAL B 733 -69.85 37.12 41.36
N SER B 734 -71.01 36.48 41.57
CA SER B 734 -71.22 35.57 42.71
C SER B 734 -71.87 34.30 42.19
N GLY B 735 -71.06 33.28 41.94
CA GLY B 735 -71.57 32.01 41.46
C GLY B 735 -70.44 31.06 41.17
N ALA B 736 -70.80 29.79 41.00
CA ALA B 736 -69.83 28.73 40.75
C ALA B 736 -70.10 28.07 39.40
N VAL B 737 -69.03 27.81 38.65
CA VAL B 737 -69.13 27.19 37.34
C VAL B 737 -67.92 26.29 37.11
N PHE B 738 -68.18 25.02 36.83
CA PHE B 738 -67.13 24.05 36.58
C PHE B 738 -67.43 23.27 35.31
N TRP B 739 -66.40 22.69 34.72
CA TRP B 739 -66.57 21.76 33.61
C TRP B 739 -65.34 20.85 33.47
N GLY B 768 -61.06 24.49 29.72
CA GLY B 768 -60.80 23.51 28.69
C GLY B 768 -61.01 24.03 27.29
N PRO B 769 -60.44 23.34 26.29
CA PRO B 769 -60.57 23.75 24.90
C PRO B 769 -61.91 23.30 24.31
N VAL B 770 -62.78 24.27 24.05
CA VAL B 770 -64.17 24.01 23.67
C VAL B 770 -64.42 24.65 22.31
N ALA B 771 -64.99 23.86 21.39
CA ALA B 771 -65.31 24.38 20.06
C ALA B 771 -66.56 25.26 20.13
N TYR B 772 -66.55 26.34 19.36
CA TYR B 772 -67.62 27.33 19.50
C TYR B 772 -67.75 28.10 18.20
N ALA B 773 -68.96 28.12 17.64
CA ALA B 773 -69.30 28.98 16.51
C ALA B 773 -70.25 30.05 17.02
N SER B 774 -69.86 31.31 16.84
CA SER B 774 -70.63 32.43 17.37
C SER B 774 -71.85 32.72 16.50
N GLN B 775 -72.68 33.65 16.98
CA GLN B 775 -73.87 34.02 16.23
C GLN B 775 -73.48 34.75 14.94
N LYS B 776 -72.61 35.75 15.05
CA LYS B 776 -72.12 36.44 13.87
C LYS B 776 -70.92 35.67 13.32
N PRO B 777 -70.97 35.19 12.08
CA PRO B 777 -69.88 34.35 11.59
C PRO B 777 -68.65 35.16 11.26
N TRP B 778 -67.47 34.57 11.51
CA TRP B 778 -66.21 35.22 11.21
C TRP B 778 -65.32 34.27 10.44
N LEU B 779 -64.43 34.85 9.63
CA LEU B 779 -63.53 34.09 8.77
C LEU B 779 -62.12 34.66 8.92
N LEU B 780 -61.16 33.97 8.31
CA LEU B 780 -59.78 34.41 8.27
C LEU B 780 -59.43 34.92 6.87
N ASN B 781 -58.19 35.37 6.72
CA ASN B 781 -57.67 35.80 5.43
C ASN B 781 -56.89 34.63 4.81
N ALA B 782 -57.63 33.58 4.46
CA ALA B 782 -57.02 32.34 4.01
C ALA B 782 -58.04 31.59 3.16
N THR B 783 -57.79 30.30 2.93
CA THR B 783 -58.62 29.48 2.06
C THR B 783 -59.74 28.82 2.84
N VAL B 784 -60.61 28.11 2.12
CA VAL B 784 -61.74 27.43 2.75
C VAL B 784 -61.25 26.22 3.56
N GLU B 785 -60.40 25.40 2.95
CA GLU B 785 -59.81 24.26 3.64
C GLU B 785 -59.10 24.70 4.91
N GLU B 786 -58.45 25.87 4.85
CA GLU B 786 -57.72 26.37 6.01
C GLU B 786 -58.66 26.79 7.13
N ASN B 787 -59.70 27.56 6.79
CA ASN B 787 -60.66 27.98 7.81
C ASN B 787 -61.37 26.78 8.43
N ILE B 788 -61.61 25.73 7.64
CA ILE B 788 -62.31 24.58 8.21
C ILE B 788 -61.36 23.69 9.01
N THR B 789 -60.09 23.64 8.63
CA THR B 789 -59.13 22.87 9.41
C THR B 789 -58.69 23.62 10.67
N PHE B 790 -58.39 24.91 10.53
CA PHE B 790 -58.08 25.79 11.65
C PHE B 790 -56.89 25.27 12.47
N GLU B 791 -55.74 25.25 11.79
CA GLU B 791 -54.47 24.81 12.38
C GLU B 791 -54.57 23.40 12.94
N SER B 792 -55.21 22.52 12.17
CA SER B 792 -55.31 21.11 12.51
C SER B 792 -54.74 20.25 11.40
N PRO B 793 -54.06 19.14 11.72
CA PRO B 793 -53.56 18.26 10.67
C PRO B 793 -54.69 17.75 9.80
N PHE B 794 -54.49 17.81 8.48
CA PHE B 794 -55.54 17.49 7.55
C PHE B 794 -55.89 16.02 7.60
N ASN B 795 -57.15 15.71 7.27
CA ASN B 795 -57.63 14.34 7.18
C ASN B 795 -58.36 14.16 5.86
N LYS B 796 -58.33 12.93 5.35
CA LYS B 796 -59.08 12.60 4.14
C LYS B 796 -60.54 12.31 4.46
N GLN B 797 -60.78 11.22 5.20
CA GLN B 797 -62.15 10.81 5.49
C GLN B 797 -62.84 11.81 6.41
N ARG B 798 -62.15 12.29 7.44
CA ARG B 798 -62.76 13.21 8.39
C ARG B 798 -63.18 14.51 7.70
N TYR B 799 -62.26 15.12 6.97
CA TYR B 799 -62.56 16.39 6.31
C TYR B 799 -63.60 16.22 5.22
N LYS B 800 -63.53 15.14 4.44
CA LYS B 800 -64.55 14.92 3.42
C LYS B 800 -65.92 14.69 4.07
N MET B 801 -65.96 13.99 5.19
CA MET B 801 -67.21 13.79 5.93
C MET B 801 -67.79 15.12 6.38
N VAL B 802 -66.95 15.98 6.94
CA VAL B 802 -67.45 17.28 7.41
C VAL B 802 -67.92 18.13 6.24
N ILE B 803 -67.21 18.07 5.11
CA ILE B 803 -67.61 18.85 3.93
C ILE B 803 -68.96 18.39 3.42
N GLU B 804 -69.14 17.07 3.30
CA GLU B 804 -70.40 16.55 2.75
C GLU B 804 -71.55 16.72 3.73
N ALA B 805 -71.28 16.60 5.03
CA ALA B 805 -72.34 16.69 6.03
C ALA B 805 -72.82 18.11 6.26
N CYS B 806 -72.11 19.12 5.75
CA CYS B 806 -72.50 20.51 5.91
C CYS B 806 -73.21 21.06 4.67
N SER B 807 -73.50 20.21 3.69
CA SER B 807 -74.14 20.63 2.45
C SER B 807 -73.34 21.76 1.79
N LEU B 808 -72.02 21.61 1.79
CA LEU B 808 -71.14 22.68 1.37
C LEU B 808 -70.30 22.37 0.14
N GLN B 809 -70.13 21.11 -0.22
CA GLN B 809 -69.27 20.78 -1.37
C GLN B 809 -69.77 21.36 -2.69
N PRO B 810 -71.07 21.27 -3.05
CA PRO B 810 -71.49 21.84 -4.33
C PRO B 810 -71.24 23.34 -4.44
N ASP B 811 -71.66 24.11 -3.44
CA ASP B 811 -71.43 25.55 -3.48
C ASP B 811 -69.94 25.88 -3.40
N ILE B 812 -69.15 25.02 -2.75
CA ILE B 812 -67.70 25.21 -2.75
C ILE B 812 -67.15 25.05 -4.15
N ASP B 813 -67.69 24.09 -4.92
CA ASP B 813 -67.30 23.92 -6.31
C ASP B 813 -67.88 24.98 -7.24
N ILE B 814 -68.89 25.74 -6.78
CA ILE B 814 -69.44 26.82 -7.60
C ILE B 814 -68.47 27.99 -7.69
N LEU B 815 -67.62 28.18 -6.68
CA LEU B 815 -66.70 29.30 -6.63
C LEU B 815 -65.77 29.32 -7.85
N PRO B 816 -65.19 30.48 -8.17
CA PRO B 816 -64.26 30.53 -9.31
C PRO B 816 -63.07 29.61 -9.17
N HIS B 817 -62.57 29.42 -7.97
CA HIS B 817 -61.56 28.41 -7.67
C HIS B 817 -62.25 27.26 -6.93
N GLY B 818 -62.17 26.06 -7.50
CA GLY B 818 -62.89 24.92 -6.93
C GLY B 818 -62.59 24.72 -5.47
N ASP B 819 -61.32 24.79 -5.09
CA ASP B 819 -60.94 24.76 -3.69
C ASP B 819 -59.71 25.64 -3.51
N GLN B 820 -59.30 25.80 -2.26
CA GLN B 820 -58.20 26.69 -1.89
C GLN B 820 -58.45 28.11 -2.40
N THR B 821 -59.72 28.48 -2.53
CA THR B 821 -60.07 29.83 -2.95
C THR B 821 -59.78 30.82 -1.82
N GLN B 822 -59.13 31.92 -2.17
CA GLN B 822 -58.75 32.93 -1.18
C GLN B 822 -60.00 33.66 -0.70
N ILE B 823 -60.53 33.23 0.44
CA ILE B 823 -61.71 33.89 1.00
C ILE B 823 -61.37 35.34 1.29
N GLY B 824 -62.17 36.26 0.74
CA GLY B 824 -61.91 37.67 0.90
C GLY B 824 -61.97 38.16 2.32
N GLU B 825 -61.67 39.44 2.53
CA GLU B 825 -61.75 40.03 3.86
C GLU B 825 -63.20 40.02 4.35
N ARG B 826 -63.46 39.25 5.40
CA ARG B 826 -64.75 39.08 6.05
C ARG B 826 -65.72 38.25 5.21
N GLY B 827 -65.33 37.88 3.99
CA GLY B 827 -66.19 37.11 3.11
C GLY B 827 -67.10 37.95 2.22
N ILE B 828 -66.49 38.88 1.47
CA ILE B 828 -67.28 39.72 0.57
C ILE B 828 -67.73 38.92 -0.65
N ASN B 829 -66.85 38.05 -1.17
CA ASN B 829 -67.19 37.18 -2.28
C ASN B 829 -67.90 35.89 -1.83
N LEU B 830 -68.49 35.90 -0.64
CA LEU B 830 -69.33 34.82 -0.15
C LEU B 830 -70.62 35.40 0.43
N SER B 831 -71.62 34.55 0.56
CA SER B 831 -72.90 34.94 1.15
C SER B 831 -72.94 34.58 2.63
N GLY B 832 -74.01 35.04 3.29
CA GLY B 832 -74.13 34.78 4.71
C GLY B 832 -74.29 33.30 5.03
N GLY B 833 -75.11 32.60 4.23
CA GLY B 833 -75.30 31.18 4.48
C GLY B 833 -74.03 30.38 4.30
N GLN B 834 -73.21 30.76 3.32
CA GLN B 834 -71.93 30.08 3.13
C GLN B 834 -71.00 30.31 4.31
N ARG B 835 -70.93 31.55 4.80
CA ARG B 835 -70.12 31.83 5.98
C ARG B 835 -70.60 31.04 7.18
N GLN B 836 -71.92 30.95 7.36
CA GLN B 836 -72.46 30.18 8.48
C GLN B 836 -72.12 28.70 8.35
N ARG B 837 -72.26 28.14 7.15
CA ARG B 837 -71.92 26.73 6.96
C ARG B 837 -70.45 26.47 7.18
N ILE B 838 -69.59 27.41 6.75
CA ILE B 838 -68.15 27.26 6.99
C ILE B 838 -67.85 27.32 8.48
N SER B 839 -68.52 28.21 9.21
CA SER B 839 -68.32 28.27 10.65
C SER B 839 -68.77 26.99 11.34
N VAL B 840 -69.93 26.46 10.94
CA VAL B 840 -70.41 25.23 11.54
C VAL B 840 -69.49 24.07 11.21
N ALA B 841 -68.94 24.06 9.99
CA ALA B 841 -67.98 23.03 9.61
C ALA B 841 -66.71 23.15 10.44
N ARG B 842 -66.24 24.37 10.69
CA ARG B 842 -65.09 24.56 11.56
C ARG B 842 -65.37 24.04 12.96
N ALA B 843 -66.56 24.32 13.48
CA ALA B 843 -66.92 23.86 14.82
C ALA B 843 -67.00 22.35 14.88
N LEU B 844 -67.56 21.72 13.84
CA LEU B 844 -67.77 20.29 13.83
C LEU B 844 -66.48 19.52 13.55
N TYR B 845 -65.56 20.11 12.79
CA TYR B 845 -64.37 19.41 12.34
C TYR B 845 -63.34 19.26 13.46
N GLN B 846 -63.37 20.15 14.45
CA GLN B 846 -62.37 20.12 15.51
C GLN B 846 -62.64 18.98 16.49
N GLN B 847 -61.56 18.35 16.95
CA GLN B 847 -61.64 17.22 17.87
C GLN B 847 -61.64 17.76 19.29
N THR B 848 -62.78 17.66 19.97
CA THR B 848 -62.92 18.18 21.33
C THR B 848 -64.15 17.55 21.97
N ASN B 849 -64.39 17.89 23.24
CA ASN B 849 -65.54 17.34 23.94
C ASN B 849 -66.80 18.17 23.70
N VAL B 850 -66.70 19.48 23.88
CA VAL B 850 -67.86 20.36 23.93
C VAL B 850 -67.89 21.23 22.67
N VAL B 851 -69.10 21.40 22.13
CA VAL B 851 -69.32 22.26 20.97
C VAL B 851 -70.52 23.15 21.26
N PHE B 852 -70.38 24.45 20.99
CA PHE B 852 -71.46 25.40 21.04
C PHE B 852 -71.70 25.96 19.65
N LEU B 853 -72.98 26.12 19.29
CA LEU B 853 -73.36 26.68 18.00
C LEU B 853 -74.44 27.72 18.24
N ASP B 854 -74.11 29.00 18.06
CA ASP B 854 -75.01 30.09 18.39
C ASP B 854 -75.95 30.33 17.20
N ASP B 855 -77.06 29.60 17.18
CA ASP B 855 -78.08 29.64 16.14
C ASP B 855 -77.46 29.46 14.75
N PRO B 856 -77.01 28.24 14.42
CA PRO B 856 -76.47 27.99 13.09
C PRO B 856 -77.51 27.77 12.00
N PHE B 857 -78.78 28.02 12.26
CA PHE B 857 -79.85 27.79 11.29
C PHE B 857 -80.62 29.06 10.99
N SER B 858 -79.96 30.22 11.07
CA SER B 858 -80.64 31.48 10.83
C SER B 858 -80.60 31.89 9.36
N ALA B 859 -79.52 31.58 8.66
CA ALA B 859 -79.38 31.89 7.24
C ALA B 859 -79.35 30.62 6.38
N LEU B 860 -80.14 29.63 6.76
CA LEU B 860 -80.25 28.39 6.02
C LEU B 860 -81.72 28.12 5.71
N ASP B 861 -81.95 27.34 4.65
CA ASP B 861 -83.30 26.98 4.24
C ASP B 861 -83.82 25.88 5.16
N VAL B 862 -84.98 25.32 4.82
CA VAL B 862 -85.52 24.19 5.57
C VAL B 862 -84.76 22.92 5.21
N HIS B 863 -84.48 22.71 3.92
CA HIS B 863 -83.85 21.48 3.47
C HIS B 863 -82.42 21.36 4.01
N LEU B 864 -81.64 22.44 3.86
CA LEU B 864 -80.27 22.41 4.34
C LEU B 864 -80.20 22.28 5.85
N SER B 865 -81.10 22.95 6.57
CA SER B 865 -81.11 22.83 8.03
C SER B 865 -81.47 21.42 8.46
N ASP B 866 -82.46 20.80 7.80
CA ASP B 866 -82.82 19.42 8.12
C ASP B 866 -81.65 18.48 7.86
N HIS B 867 -81.03 18.60 6.68
CA HIS B 867 -79.90 17.74 6.36
C HIS B 867 -78.73 17.96 7.30
N LEU B 868 -78.53 19.20 7.76
CA LEU B 868 -77.44 19.48 8.69
C LEU B 868 -77.70 18.88 10.06
N MET B 869 -78.91 19.10 10.60
CA MET B 869 -79.25 18.54 11.90
C MET B 869 -79.31 17.02 11.86
N GLN B 870 -79.56 16.43 10.69
CA GLN B 870 -79.62 14.98 10.59
C GLN B 870 -78.24 14.37 10.43
N ALA B 871 -77.47 14.82 9.44
CA ALA B 871 -76.20 14.19 9.12
C ALA B 871 -75.07 14.68 10.03
N GLY B 872 -74.97 16.00 10.22
CA GLY B 872 -73.87 16.54 11.00
C GLY B 872 -74.09 16.54 12.49
N ILE B 873 -75.34 16.65 12.93
CA ILE B 873 -75.63 16.82 14.35
C ILE B 873 -76.05 15.49 14.98
N LEU B 874 -77.14 14.91 14.48
CA LEU B 874 -77.65 13.68 15.06
C LEU B 874 -76.88 12.43 14.62
N GLU B 875 -76.10 12.52 13.55
CA GLU B 875 -75.35 11.38 13.05
C GLU B 875 -73.86 11.49 13.23
N LEU B 876 -73.29 12.70 13.18
CA LEU B 876 -71.86 12.89 13.31
C LEU B 876 -71.44 13.36 14.69
N LEU B 877 -72.11 14.38 15.23
CA LEU B 877 -71.85 14.80 16.60
C LEU B 877 -72.28 13.73 17.59
N ARG B 878 -73.50 13.22 17.43
CA ARG B 878 -74.00 12.12 18.26
C ARG B 878 -73.19 10.84 18.07
N ASP B 879 -72.38 10.76 17.02
CA ASP B 879 -71.57 9.57 16.79
C ASP B 879 -70.48 9.43 17.85
N ASP B 880 -69.60 10.43 17.96
CA ASP B 880 -68.47 10.37 18.87
C ASP B 880 -68.84 10.68 20.31
N LYS B 881 -70.13 10.84 20.60
CA LYS B 881 -70.62 11.15 21.95
C LYS B 881 -69.97 12.42 22.49
N ARG B 882 -70.19 13.51 21.76
CA ARG B 882 -69.79 14.84 22.20
C ARG B 882 -70.90 15.46 23.05
N THR B 883 -70.55 16.54 23.75
CA THR B 883 -71.51 17.31 24.53
C THR B 883 -71.94 18.50 23.68
N VAL B 884 -72.97 18.28 22.86
CA VAL B 884 -73.47 19.31 21.94
C VAL B 884 -74.46 20.18 22.70
N VAL B 885 -74.21 21.49 22.70
CA VAL B 885 -75.13 22.46 23.25
C VAL B 885 -75.46 23.43 22.12
N LEU B 886 -76.64 23.29 21.55
CA LEU B 886 -77.07 24.13 20.44
C LEU B 886 -78.26 24.96 20.88
N VAL B 887 -78.25 26.23 20.51
CA VAL B 887 -79.30 27.18 20.86
C VAL B 887 -79.96 27.64 19.56
N THR B 888 -81.26 27.47 19.47
CA THR B 888 -82.03 27.85 18.29
C THR B 888 -83.51 27.84 18.67
N HIS B 889 -84.37 27.97 17.66
CA HIS B 889 -85.82 27.94 17.89
C HIS B 889 -86.49 27.34 16.66
N LYS B 890 -86.78 26.05 16.72
CA LYS B 890 -87.46 25.34 15.64
C LYS B 890 -88.36 24.28 16.26
N LEU B 891 -88.98 23.47 15.41
CA LEU B 891 -89.88 22.40 15.83
C LEU B 891 -89.20 21.03 15.81
N GLN B 892 -88.47 20.74 14.73
CA GLN B 892 -87.88 19.41 14.55
C GLN B 892 -86.83 19.09 15.61
N TYR B 893 -86.26 20.10 16.25
CA TYR B 893 -85.15 19.88 17.17
C TYR B 893 -85.60 19.67 18.61
N LEU B 894 -86.82 20.07 18.94
CA LEU B 894 -87.31 19.92 20.32
C LEU B 894 -87.37 18.46 20.75
N PRO B 895 -87.96 17.52 20.00
CA PRO B 895 -87.97 16.12 20.45
C PRO B 895 -86.66 15.39 20.24
N HIS B 896 -85.64 16.02 19.66
CA HIS B 896 -84.36 15.38 19.41
C HIS B 896 -83.33 15.61 20.49
N ALA B 897 -83.60 16.52 21.43
CA ALA B 897 -82.67 16.83 22.50
C ALA B 897 -83.07 16.11 23.78
N ASP B 898 -82.25 16.28 24.82
CA ASP B 898 -82.48 15.67 26.12
C ASP B 898 -82.93 16.68 27.17
N TRP B 899 -82.28 17.83 27.26
CA TRP B 899 -82.61 18.85 28.25
C TRP B 899 -83.13 20.09 27.55
N ILE B 900 -84.27 20.58 28.00
CA ILE B 900 -84.86 21.81 27.49
C ILE B 900 -84.60 22.91 28.51
N ILE B 901 -84.18 24.07 28.03
CA ILE B 901 -83.85 25.21 28.88
C ILE B 901 -84.65 26.40 28.39
N ALA B 902 -85.57 26.89 29.22
CA ALA B 902 -86.41 28.03 28.90
C ALA B 902 -85.93 29.26 29.66
N MET B 903 -85.69 30.34 28.94
CA MET B 903 -85.17 31.58 29.51
C MET B 903 -86.18 32.69 29.33
N LYS B 904 -86.31 33.54 30.36
CA LYS B 904 -87.20 34.69 30.30
C LYS B 904 -86.60 35.80 31.17
N ASP B 905 -86.31 36.94 30.54
CA ASP B 905 -85.76 38.10 31.23
C ASP B 905 -84.49 37.76 31.99
N GLY B 906 -83.63 36.95 31.36
CA GLY B 906 -82.38 36.56 31.98
C GLY B 906 -82.52 35.59 33.14
N THR B 907 -83.62 34.87 33.21
CA THR B 907 -83.86 33.91 34.28
C THR B 907 -84.39 32.61 33.69
N ILE B 908 -83.98 31.49 34.29
CA ILE B 908 -84.44 30.17 33.86
C ILE B 908 -85.85 29.97 34.39
N GLN B 909 -86.84 30.02 33.50
CA GLN B 909 -88.23 29.87 33.94
C GLN B 909 -88.49 28.45 34.46
N ARG B 910 -88.27 27.46 33.61
CA ARG B 910 -88.35 26.05 33.99
C ARG B 910 -87.10 25.34 33.50
N GLU B 911 -86.92 24.11 33.97
CA GLU B 911 -85.74 23.34 33.62
C GLU B 911 -86.06 21.86 33.75
N GLY B 912 -85.36 21.06 32.94
CA GLY B 912 -85.47 19.63 32.99
C GLY B 912 -85.39 19.05 31.59
N THR B 913 -85.97 17.87 31.45
CA THR B 913 -86.05 17.16 30.19
C THR B 913 -87.36 17.50 29.47
N LEU B 914 -87.68 16.75 28.41
CA LEU B 914 -88.92 16.98 27.68
C LEU B 914 -90.14 16.60 28.51
N LYS B 915 -90.09 15.42 29.14
CA LYS B 915 -91.23 14.95 29.93
C LYS B 915 -91.41 15.78 31.20
N ASP B 916 -90.31 16.13 31.87
CA ASP B 916 -90.39 16.99 33.03
C ASP B 916 -90.83 18.41 32.68
N PHE B 917 -90.69 18.81 31.41
CA PHE B 917 -91.20 20.11 30.98
C PHE B 917 -92.67 20.04 30.61
N GLN B 918 -93.12 18.91 30.05
CA GLN B 918 -94.52 18.78 29.68
C GLN B 918 -95.40 18.38 30.86
N ARG B 919 -94.81 17.88 31.95
CA ARG B 919 -95.53 17.54 33.16
C ARG B 919 -95.52 18.68 34.19
N SER B 920 -94.98 19.84 33.83
CA SER B 920 -94.92 20.98 34.72
C SER B 920 -95.70 22.15 34.12
N GLU B 921 -95.79 23.23 34.89
CA GLU B 921 -96.52 24.41 34.48
C GLU B 921 -95.82 25.13 33.34
N ILE B 996 -36.52 51.36 -14.74
CA ILE B 996 -37.58 52.04 -15.46
C ILE B 996 -36.95 52.89 -16.56
N PRO B 997 -37.47 52.76 -17.78
CA PRO B 997 -36.85 53.48 -18.91
C PRO B 997 -37.14 54.96 -18.89
N TRP B 998 -36.53 55.68 -19.83
CA TRP B 998 -36.79 57.11 -19.98
C TRP B 998 -38.16 57.39 -20.62
N ARG B 999 -38.89 56.35 -21.03
CA ARG B 999 -40.15 56.58 -21.74
C ARG B 999 -41.26 57.02 -20.78
N ALA B 1000 -41.30 56.45 -19.57
CA ALA B 1000 -42.31 56.87 -18.60
C ALA B 1000 -42.12 58.33 -18.23
N CYS B 1001 -40.89 58.73 -17.90
CA CYS B 1001 -40.61 60.13 -17.60
C CYS B 1001 -40.83 61.02 -18.82
N THR B 1002 -40.52 60.52 -20.02
CA THR B 1002 -40.74 61.29 -21.23
C THR B 1002 -42.21 61.61 -21.41
N LYS B 1003 -43.07 60.61 -21.24
CA LYS B 1003 -44.51 60.85 -21.32
C LYS B 1003 -44.99 61.76 -20.20
N TYR B 1004 -44.45 61.58 -18.99
CA TYR B 1004 -44.85 62.41 -17.87
C TYR B 1004 -44.54 63.89 -18.14
N LEU B 1005 -43.36 64.17 -18.70
CA LEU B 1005 -42.98 65.56 -18.93
C LEU B 1005 -43.60 66.11 -20.21
N SER B 1006 -43.90 65.24 -21.19
CA SER B 1006 -44.58 65.69 -22.40
C SER B 1006 -46.06 65.96 -22.16
N SER B 1007 -46.64 65.37 -21.12
CA SER B 1007 -47.98 65.79 -20.71
C SER B 1007 -47.99 67.23 -20.22
N ALA B 1008 -46.85 67.71 -19.71
CA ALA B 1008 -46.75 69.12 -19.32
C ALA B 1008 -46.70 70.02 -20.54
N GLY B 1009 -46.00 69.60 -21.58
CA GLY B 1009 -45.86 70.36 -22.80
C GLY B 1009 -44.51 71.04 -22.91
N ILE B 1010 -44.24 71.56 -24.11
CA ILE B 1010 -43.00 72.27 -24.37
C ILE B 1010 -42.97 73.63 -23.67
N LEU B 1011 -44.12 74.11 -23.20
CA LEU B 1011 -44.20 75.44 -22.61
C LEU B 1011 -43.39 75.52 -21.31
N LEU B 1012 -43.48 74.50 -20.47
CA LEU B 1012 -42.89 74.56 -19.14
C LEU B 1012 -41.63 73.72 -18.99
N LEU B 1013 -41.38 72.78 -19.90
CA LEU B 1013 -40.19 71.94 -19.81
C LEU B 1013 -38.92 72.79 -19.82
N SER B 1014 -38.74 73.59 -20.86
CA SER B 1014 -37.56 74.44 -20.95
C SER B 1014 -37.56 75.51 -19.87
N LEU B 1015 -38.74 76.07 -19.57
CA LEU B 1015 -38.84 77.07 -18.51
C LEU B 1015 -38.34 76.54 -17.18
N LEU B 1016 -38.49 75.23 -16.95
CA LEU B 1016 -37.94 74.60 -15.75
C LEU B 1016 -36.44 74.35 -15.90
N VAL B 1017 -36.05 73.70 -16.99
CA VAL B 1017 -34.68 73.20 -17.10
C VAL B 1017 -33.68 74.35 -17.17
N PHE B 1018 -33.92 75.33 -18.05
CA PHE B 1018 -32.99 76.44 -18.17
C PHE B 1018 -32.95 77.29 -16.91
N SER B 1019 -34.09 77.45 -16.23
CA SER B 1019 -34.11 78.19 -14.98
C SER B 1019 -33.26 77.49 -13.91
N GLN B 1020 -33.35 76.16 -13.85
CA GLN B 1020 -32.51 75.42 -12.90
C GLN B 1020 -31.03 75.58 -13.24
N LEU B 1021 -30.68 75.43 -14.52
CA LEU B 1021 -29.30 75.62 -14.93
C LEU B 1021 -28.79 77.01 -14.56
N LEU B 1022 -29.63 78.03 -14.76
CA LEU B 1022 -29.20 79.39 -14.48
C LEU B 1022 -29.08 79.64 -12.98
N LYS B 1023 -29.97 79.04 -12.17
CA LYS B 1023 -29.85 79.18 -10.73
C LYS B 1023 -28.56 78.57 -10.22
N HIS B 1024 -28.20 77.38 -10.72
CA HIS B 1024 -26.95 76.77 -10.28
C HIS B 1024 -25.74 77.55 -10.78
N MET B 1025 -25.83 78.09 -11.99
CA MET B 1025 -24.73 78.92 -12.50
C MET B 1025 -24.54 80.16 -11.63
N VAL B 1026 -25.63 80.77 -11.18
CA VAL B 1026 -25.52 81.92 -10.28
C VAL B 1026 -24.93 81.49 -8.94
N LEU B 1027 -25.36 80.34 -8.42
CA LEU B 1027 -24.88 79.87 -7.13
C LEU B 1027 -23.39 79.55 -7.16
N VAL B 1028 -22.85 79.16 -8.32
CA VAL B 1028 -21.40 78.98 -8.38
C VAL B 1028 -20.69 80.30 -8.67
N ALA B 1029 -21.29 81.15 -9.52
CA ALA B 1029 -20.63 82.40 -9.90
C ALA B 1029 -20.48 83.35 -8.73
N ILE B 1030 -21.42 83.33 -7.77
CA ILE B 1030 -21.28 84.21 -6.61
C ILE B 1030 -20.01 83.88 -5.85
N ASP B 1031 -19.74 82.59 -5.64
CA ASP B 1031 -18.50 82.19 -4.96
C ASP B 1031 -17.28 82.43 -5.83
N TYR B 1032 -17.41 82.25 -7.15
CA TYR B 1032 -16.30 82.53 -8.05
C TYR B 1032 -15.88 83.99 -7.95
N TRP B 1033 -16.86 84.90 -7.87
CA TRP B 1033 -16.54 86.32 -7.72
C TRP B 1033 -16.05 86.63 -6.32
N LEU B 1034 -16.56 85.93 -5.30
CA LEU B 1034 -16.05 86.10 -3.94
C LEU B 1034 -14.57 85.74 -3.87
N ALA B 1035 -14.15 84.73 -4.64
CA ALA B 1035 -12.74 84.35 -4.68
C ALA B 1035 -11.86 85.53 -5.08
N LYS B 1036 -12.27 86.30 -6.09
CA LYS B 1036 -11.52 87.49 -6.46
C LYS B 1036 -11.74 88.61 -5.46
N TRP B 1037 -12.90 88.64 -4.81
CA TRP B 1037 -13.16 89.62 -3.76
C TRP B 1037 -12.11 89.52 -2.67
N THR B 1038 -11.71 88.30 -2.32
CA THR B 1038 -10.91 88.08 -1.12
C THR B 1038 -9.62 88.91 -1.14
N ASP B 1039 -8.73 88.62 -2.09
CA ASP B 1039 -7.41 89.23 -2.09
C ASP B 1039 -7.50 90.74 -2.30
N SER B 1040 -6.80 91.49 -1.47
CA SER B 1040 -6.79 92.95 -1.55
C SER B 1040 -5.55 93.54 -0.88
N ASP B 1060 -10.53 98.28 -4.71
CA ASP B 1060 -11.93 98.50 -5.04
C ASP B 1060 -12.83 97.54 -4.26
N GLN B 1061 -12.72 97.61 -2.93
CA GLN B 1061 -13.49 96.69 -2.09
C GLN B 1061 -14.99 97.00 -2.14
N SER B 1062 -15.35 98.29 -2.26
CA SER B 1062 -16.75 98.67 -2.26
C SER B 1062 -17.47 98.15 -3.50
N VAL B 1063 -16.86 98.35 -4.68
CA VAL B 1063 -17.43 97.82 -5.92
C VAL B 1063 -17.55 96.30 -5.84
N TYR B 1064 -16.54 95.65 -5.27
CA TYR B 1064 -16.58 94.20 -5.06
C TYR B 1064 -17.81 93.80 -4.26
N ALA B 1065 -18.03 94.46 -3.12
CA ALA B 1065 -19.17 94.11 -2.27
C ALA B 1065 -20.49 94.39 -2.98
N MET B 1066 -20.55 95.46 -3.77
CA MET B 1066 -21.79 95.74 -4.51
C MET B 1066 -22.08 94.65 -5.53
N VAL B 1067 -21.05 94.16 -6.23
CA VAL B 1067 -21.25 93.06 -7.17
C VAL B 1067 -21.71 91.82 -6.43
N PHE B 1068 -21.14 91.57 -5.25
CA PHE B 1068 -21.59 90.45 -4.43
C PHE B 1068 -23.08 90.57 -4.10
N THR B 1069 -23.53 91.78 -3.76
CA THR B 1069 -24.94 91.99 -3.45
C THR B 1069 -25.83 91.71 -4.66
N LEU B 1070 -25.39 92.17 -5.84
CA LEU B 1070 -26.15 91.92 -7.06
C LEU B 1070 -26.32 90.41 -7.29
N LEU B 1071 -25.22 89.66 -7.16
CA LEU B 1071 -25.31 88.23 -7.35
C LEU B 1071 -26.25 87.58 -6.33
N CYS B 1072 -26.16 88.01 -5.06
CA CYS B 1072 -27.03 87.48 -4.02
C CYS B 1072 -28.50 87.71 -4.33
N SER B 1073 -28.84 88.87 -4.89
CA SER B 1073 -30.23 89.12 -5.25
C SER B 1073 -30.69 88.25 -6.42
N LEU B 1074 -29.85 88.15 -7.46
CA LEU B 1074 -30.19 87.29 -8.60
C LEU B 1074 -30.49 85.87 -8.15
N GLY B 1075 -29.68 85.35 -7.21
CA GLY B 1075 -29.86 83.98 -6.77
C GLY B 1075 -31.26 83.73 -6.21
N ILE B 1076 -31.70 84.58 -5.29
CA ILE B 1076 -32.97 84.34 -4.61
C ILE B 1076 -34.14 84.53 -5.58
N VAL B 1077 -34.06 85.54 -6.46
CA VAL B 1077 -35.14 85.73 -7.42
C VAL B 1077 -35.29 84.49 -8.30
N LEU B 1078 -34.16 83.99 -8.81
CA LEU B 1078 -34.21 82.83 -9.69
C LEU B 1078 -34.71 81.59 -8.96
N CYS B 1079 -34.35 81.44 -7.68
CA CYS B 1079 -34.82 80.29 -6.92
C CYS B 1079 -36.34 80.31 -6.75
N LEU B 1080 -36.90 81.47 -6.42
CA LEU B 1080 -38.36 81.59 -6.33
C LEU B 1080 -39.01 81.23 -7.66
N VAL B 1081 -38.46 81.73 -8.77
CA VAL B 1081 -39.03 81.44 -10.08
C VAL B 1081 -39.05 79.93 -10.33
N THR B 1082 -37.92 79.26 -10.06
CA THR B 1082 -37.85 77.82 -10.31
C THR B 1082 -38.86 77.05 -9.48
N SER B 1083 -39.00 77.42 -8.20
CA SER B 1083 -39.93 76.70 -7.34
C SER B 1083 -41.37 76.85 -7.84
N VAL B 1084 -41.77 78.08 -8.19
CA VAL B 1084 -43.12 78.29 -8.71
C VAL B 1084 -43.32 77.50 -10.00
N THR B 1085 -42.29 77.42 -10.84
CA THR B 1085 -42.40 76.64 -12.07
C THR B 1085 -42.69 75.18 -11.78
N VAL B 1086 -41.90 74.58 -10.88
CA VAL B 1086 -42.12 73.17 -10.55
C VAL B 1086 -43.53 72.94 -10.04
N GLU B 1087 -44.00 73.82 -9.14
CA GLU B 1087 -45.36 73.69 -8.61
C GLU B 1087 -46.40 73.69 -9.72
N TRP B 1088 -46.40 74.75 -10.53
CA TRP B 1088 -47.42 74.89 -11.57
C TRP B 1088 -47.40 73.71 -12.52
N THR B 1089 -46.19 73.27 -12.93
CA THR B 1089 -46.08 72.17 -13.87
C THR B 1089 -46.63 70.87 -13.28
N GLY B 1090 -46.24 70.57 -12.03
CA GLY B 1090 -46.75 69.36 -11.41
C GLY B 1090 -48.26 69.33 -11.33
N LEU B 1091 -48.86 70.46 -10.94
CA LEU B 1091 -50.32 70.50 -10.84
C LEU B 1091 -51.00 70.29 -12.18
N LYS B 1092 -50.49 70.97 -13.22
CA LYS B 1092 -51.07 70.79 -14.55
C LYS B 1092 -50.95 69.34 -15.03
N VAL B 1093 -49.80 68.71 -14.78
CA VAL B 1093 -49.61 67.33 -15.20
C VAL B 1093 -50.58 66.40 -14.49
N ALA B 1094 -50.74 66.58 -13.18
CA ALA B 1094 -51.70 65.76 -12.44
C ALA B 1094 -53.11 65.91 -13.01
N LYS B 1095 -53.53 67.15 -13.26
CA LYS B 1095 -54.85 67.40 -13.86
C LYS B 1095 -55.03 66.61 -15.15
N ARG B 1096 -54.12 66.83 -16.11
CA ARG B 1096 -54.28 66.23 -17.43
C ARG B 1096 -54.23 64.71 -17.36
N LEU B 1097 -53.34 64.17 -16.51
CA LEU B 1097 -53.23 62.73 -16.40
C LEU B 1097 -54.50 62.11 -15.84
N HIS B 1098 -55.08 62.73 -14.80
CA HIS B 1098 -56.32 62.20 -14.24
C HIS B 1098 -57.45 62.24 -15.26
N ARG B 1099 -57.59 63.38 -15.96
CA ARG B 1099 -58.67 63.49 -16.92
C ARG B 1099 -58.52 62.46 -18.04
N SER B 1100 -57.30 62.29 -18.56
CA SER B 1100 -57.09 61.32 -19.63
C SER B 1100 -57.35 59.90 -19.15
N LEU B 1101 -56.94 59.58 -17.92
CA LEU B 1101 -57.20 58.25 -17.38
C LEU B 1101 -58.69 57.97 -17.29
N LEU B 1102 -59.45 58.95 -16.76
CA LEU B 1102 -60.90 58.78 -16.66
C LEU B 1102 -61.52 58.57 -18.03
N ASN B 1103 -61.15 59.43 -19.00
CA ASN B 1103 -61.74 59.33 -20.33
C ASN B 1103 -61.42 57.98 -20.99
N ARG B 1104 -60.18 57.51 -20.85
CA ARG B 1104 -59.81 56.24 -21.47
C ARG B 1104 -60.46 55.06 -20.79
N ILE B 1105 -60.74 55.16 -19.48
CA ILE B 1105 -61.43 54.07 -18.81
C ILE B 1105 -62.91 54.08 -19.17
N ILE B 1106 -63.47 55.24 -19.53
CA ILE B 1106 -64.89 55.30 -19.84
C ILE B 1106 -65.23 54.49 -21.09
N LEU B 1107 -64.41 54.58 -22.13
CA LEU B 1107 -64.73 54.02 -23.44
C LEU B 1107 -64.30 52.56 -23.60
N ALA B 1108 -64.20 51.81 -22.49
CA ALA B 1108 -63.76 50.42 -22.59
C ALA B 1108 -64.94 49.47 -22.80
N PRO B 1109 -64.71 48.33 -23.45
CA PRO B 1109 -65.79 47.36 -23.61
C PRO B 1109 -66.14 46.69 -22.31
N MET B 1110 -67.35 46.11 -22.28
CA MET B 1110 -67.85 45.48 -21.06
C MET B 1110 -67.02 44.26 -20.67
N ARG B 1111 -66.65 43.44 -21.65
CA ARG B 1111 -65.89 42.24 -21.35
C ARG B 1111 -64.54 42.57 -20.74
N PHE B 1112 -63.96 43.71 -21.09
CA PHE B 1112 -62.73 44.15 -20.44
C PHE B 1112 -62.97 44.40 -18.95
N PHE B 1113 -64.04 45.11 -18.61
CA PHE B 1113 -64.33 45.39 -17.21
C PHE B 1113 -64.62 44.10 -16.45
N GLU B 1114 -65.30 43.14 -17.09
CA GLU B 1114 -65.58 41.88 -16.43
C GLU B 1114 -64.32 41.03 -16.26
N THR B 1115 -63.36 41.15 -17.17
CA THR B 1115 -62.16 40.32 -17.11
C THR B 1115 -61.22 40.78 -16.01
N THR B 1116 -60.96 42.09 -15.94
CA THR B 1116 -60.00 42.62 -14.98
C THR B 1116 -60.62 42.72 -13.60
N PRO B 1117 -59.94 42.26 -12.54
CA PRO B 1117 -60.47 42.43 -11.19
C PRO B 1117 -60.66 43.89 -10.85
N LEU B 1118 -61.52 44.14 -9.85
CA LEU B 1118 -61.81 45.51 -9.46
C LEU B 1118 -60.66 46.15 -8.70
N GLY B 1119 -59.87 45.35 -7.99
CA GLY B 1119 -58.80 45.91 -7.17
C GLY B 1119 -57.79 46.70 -7.98
N SER B 1120 -57.36 46.16 -9.12
CA SER B 1120 -56.35 46.83 -9.93
C SER B 1120 -56.89 48.11 -10.56
N ILE B 1121 -58.09 48.05 -11.14
CA ILE B 1121 -58.67 49.23 -11.76
C ILE B 1121 -58.92 50.32 -10.73
N LEU B 1122 -59.48 49.97 -9.59
CA LEU B 1122 -59.72 50.96 -8.53
C LEU B 1122 -58.46 51.48 -7.86
N ASN B 1123 -57.52 50.56 -7.67
CA ASN B 1123 -56.30 50.86 -6.97
C ASN B 1123 -55.46 51.92 -7.64
N ARG B 1124 -55.39 51.93 -8.97
CA ARG B 1124 -54.56 52.94 -9.62
C ARG B 1124 -55.06 54.34 -9.24
N PHE B 1125 -56.36 54.57 -9.37
CA PHE B 1125 -56.94 55.86 -9.00
C PHE B 1125 -56.78 56.17 -7.53
N SER B 1126 -56.96 55.15 -6.70
CA SER B 1126 -56.83 55.33 -5.26
C SER B 1126 -55.45 55.75 -4.81
N SER B 1127 -54.41 55.16 -5.39
CA SER B 1127 -53.06 55.45 -4.92
C SER B 1127 -52.21 56.15 -5.96
N ASP B 1128 -51.94 55.47 -7.05
CA ASP B 1128 -51.13 56.08 -8.11
C ASP B 1128 -51.40 57.57 -8.22
N CYS B 1129 -52.66 57.97 -8.25
CA CYS B 1129 -52.96 59.38 -8.40
C CYS B 1129 -52.51 60.16 -7.18
N ASN B 1130 -52.89 59.61 -6.02
CA ASN B 1130 -52.56 60.22 -4.75
C ASN B 1130 -51.07 60.25 -4.54
N THR B 1131 -50.41 59.14 -4.84
CA THR B 1131 -48.99 59.05 -4.61
C THR B 1131 -48.28 60.08 -5.46
N ILE B 1132 -48.66 60.17 -6.72
CA ILE B 1132 -48.00 61.10 -7.61
C ILE B 1132 -48.18 62.52 -7.12
N ASP B 1133 -49.43 62.88 -6.79
CA ASP B 1133 -49.65 64.25 -6.38
C ASP B 1133 -48.90 64.61 -5.11
N GLN B 1134 -48.86 63.69 -4.16
CA GLN B 1134 -48.15 63.94 -2.92
C GLN B 1134 -46.64 63.99 -3.02
N HIS B 1135 -46.05 63.08 -3.80
CA HIS B 1135 -44.60 62.99 -3.80
C HIS B 1135 -43.79 63.21 -5.07
N ILE B 1136 -44.40 63.16 -6.24
CA ILE B 1136 -43.57 63.31 -7.43
C ILE B 1136 -42.97 64.70 -7.55
N PRO B 1137 -43.71 65.81 -7.36
CA PRO B 1137 -43.08 67.13 -7.57
C PRO B 1137 -41.93 67.42 -6.61
N SER B 1138 -42.11 67.16 -5.32
CA SER B 1138 -41.05 67.44 -4.35
C SER B 1138 -39.81 66.60 -4.62
N THR B 1139 -40.00 65.30 -4.86
CA THR B 1139 -38.87 64.41 -5.10
C THR B 1139 -38.17 64.77 -6.42
N LEU B 1140 -38.93 65.14 -7.45
CA LEU B 1140 -38.32 65.57 -8.70
C LEU B 1140 -37.48 66.83 -8.51
N GLU B 1141 -38.02 67.81 -7.78
CA GLU B 1141 -37.26 69.02 -7.48
C GLU B 1141 -35.98 68.70 -6.73
N CYS B 1142 -36.07 67.82 -5.72
CA CYS B 1142 -34.89 67.48 -4.94
C CYS B 1142 -33.84 66.76 -5.78
N LEU B 1143 -34.28 65.82 -6.63
CA LEU B 1143 -33.34 65.13 -7.52
C LEU B 1143 -32.64 66.11 -8.46
N SER B 1144 -33.40 67.04 -9.05
CA SER B 1144 -32.79 68.00 -9.96
C SER B 1144 -31.78 68.88 -9.23
N ARG B 1145 -32.17 69.42 -8.07
CA ARG B 1145 -31.24 70.25 -7.31
C ARG B 1145 -29.98 69.48 -6.95
N SER B 1146 -30.14 68.23 -6.52
CA SER B 1146 -28.98 67.44 -6.10
C SER B 1146 -28.04 67.18 -7.27
N THR B 1147 -28.58 66.73 -8.40
CA THR B 1147 -27.71 66.39 -9.53
C THR B 1147 -27.01 67.64 -10.07
N LEU B 1148 -27.71 68.78 -10.12
CA LEU B 1148 -27.07 69.98 -10.64
C LEU B 1148 -26.04 70.53 -9.66
N LEU B 1149 -26.31 70.44 -8.35
CA LEU B 1149 -25.32 70.87 -7.37
C LEU B 1149 -24.07 70.00 -7.45
N CYS B 1150 -24.24 68.69 -7.65
CA CYS B 1150 -23.08 67.80 -7.77
C CYS B 1150 -22.26 68.13 -9.01
N VAL B 1151 -22.92 68.31 -10.15
CA VAL B 1151 -22.20 68.65 -11.38
C VAL B 1151 -21.48 69.98 -11.21
N SER B 1152 -22.14 70.96 -10.59
CA SER B 1152 -21.51 72.25 -10.35
C SER B 1152 -20.29 72.14 -9.46
N ALA B 1153 -20.38 71.33 -8.40
CA ALA B 1153 -19.24 71.16 -7.50
C ALA B 1153 -18.07 70.49 -8.22
N LEU B 1154 -18.36 69.48 -9.04
CA LEU B 1154 -17.28 68.85 -9.81
C LEU B 1154 -16.62 69.84 -10.75
N THR B 1155 -17.43 70.66 -11.44
CA THR B 1155 -16.87 71.67 -12.34
C THR B 1155 -16.03 72.69 -11.57
N VAL B 1156 -16.46 73.06 -10.36
CA VAL B 1156 -15.69 74.01 -9.56
C VAL B 1156 -14.33 73.44 -9.19
N ILE B 1157 -14.32 72.23 -8.62
CA ILE B 1157 -13.05 71.64 -8.20
C ILE B 1157 -12.19 71.28 -9.40
N SER B 1158 -12.77 71.20 -10.60
CA SER B 1158 -11.96 71.02 -11.80
C SER B 1158 -11.33 72.34 -12.24
N TYR B 1159 -12.13 73.41 -12.29
CA TYR B 1159 -11.61 74.71 -12.72
C TYR B 1159 -10.55 75.23 -11.77
N VAL B 1160 -10.71 74.96 -10.47
CA VAL B 1160 -9.71 75.39 -9.49
C VAL B 1160 -8.37 74.74 -9.80
N THR B 1161 -8.33 73.42 -9.82
CA THR B 1161 -7.11 72.67 -10.13
C THR B 1161 -7.35 71.83 -11.37
N PRO B 1162 -6.73 72.17 -12.51
CA PRO B 1162 -6.98 71.38 -13.73
C PRO B 1162 -6.62 69.90 -13.58
N VAL B 1163 -5.41 69.60 -13.10
CA VAL B 1163 -4.97 68.21 -13.00
C VAL B 1163 -5.91 67.40 -12.11
N PHE B 1164 -6.46 68.03 -11.06
CA PHE B 1164 -7.39 67.32 -10.19
C PHE B 1164 -8.56 66.73 -10.97
N LEU B 1165 -9.02 67.45 -12.01
CA LEU B 1165 -10.05 66.93 -12.89
C LEU B 1165 -9.70 65.52 -13.37
N VAL B 1166 -8.50 65.37 -13.93
CA VAL B 1166 -8.12 64.09 -14.52
C VAL B 1166 -8.04 63.00 -13.46
N ALA B 1167 -7.90 63.37 -12.19
CA ALA B 1167 -7.87 62.37 -11.14
C ALA B 1167 -9.26 61.98 -10.66
N LEU B 1168 -10.28 62.81 -10.89
CA LEU B 1168 -11.61 62.57 -10.35
C LEU B 1168 -12.48 61.70 -11.24
N LEU B 1169 -12.18 61.61 -12.53
CA LEU B 1169 -12.98 60.79 -13.44
C LEU B 1169 -12.84 59.30 -13.15
N PRO B 1170 -11.64 58.79 -12.78
CA PRO B 1170 -11.58 57.39 -12.30
C PRO B 1170 -12.55 57.09 -11.18
N LEU B 1171 -12.44 57.84 -10.07
CA LEU B 1171 -13.26 57.58 -8.89
C LEU B 1171 -14.75 57.60 -9.24
N ALA B 1172 -15.17 58.59 -10.02
CA ALA B 1172 -16.58 58.68 -10.40
C ALA B 1172 -17.04 57.43 -11.13
N VAL B 1173 -16.18 56.88 -12.00
CA VAL B 1173 -16.53 55.64 -12.69
C VAL B 1173 -16.75 54.52 -11.69
N VAL B 1174 -15.96 54.52 -10.60
CA VAL B 1174 -16.18 53.59 -9.50
C VAL B 1174 -17.63 53.66 -9.05
N CYS B 1175 -18.14 54.88 -8.84
CA CYS B 1175 -19.52 55.06 -8.38
C CYS B 1175 -20.50 54.37 -9.31
N TYR B 1176 -20.22 54.34 -10.61
CA TYR B 1176 -21.12 53.64 -11.53
C TYR B 1176 -21.32 52.20 -11.10
N PHE B 1177 -20.23 51.49 -10.81
CA PHE B 1177 -20.35 50.11 -10.34
C PHE B 1177 -21.08 50.04 -9.00
N ILE B 1178 -20.93 51.08 -8.16
CA ILE B 1178 -21.66 51.09 -6.89
C ILE B 1178 -23.13 51.37 -7.11
N GLN B 1179 -23.49 51.96 -8.26
CA GLN B 1179 -24.88 52.28 -8.51
C GLN B 1179 -25.69 51.02 -8.81
N LYS B 1180 -25.32 50.31 -9.88
CA LYS B 1180 -26.07 49.13 -10.32
C LYS B 1180 -26.34 48.18 -9.16
N TYR B 1181 -25.28 47.64 -8.57
CA TYR B 1181 -25.41 46.66 -7.49
C TYR B 1181 -26.33 47.15 -6.39
N PHE B 1182 -26.41 48.46 -6.19
CA PHE B 1182 -27.32 48.97 -5.17
C PHE B 1182 -28.77 48.81 -5.60
N ARG B 1183 -29.13 49.42 -6.74
CA ARG B 1183 -30.54 49.52 -7.10
C ARG B 1183 -31.20 48.15 -7.21
N VAL B 1184 -30.57 47.24 -7.95
CA VAL B 1184 -31.10 45.90 -8.16
C VAL B 1184 -31.34 45.15 -6.86
N ALA B 1185 -30.82 45.64 -5.74
CA ALA B 1185 -31.18 45.12 -4.43
C ALA B 1185 -32.06 46.07 -3.64
N SER B 1186 -31.78 47.37 -3.71
CA SER B 1186 -32.53 48.33 -2.90
C SER B 1186 -34.00 48.34 -3.28
N ARG B 1187 -34.29 48.25 -4.57
CA ARG B 1187 -35.67 48.03 -5.00
C ARG B 1187 -36.22 46.76 -4.38
N ASP B 1188 -35.50 45.64 -4.55
CA ASP B 1188 -36.02 44.34 -4.14
C ASP B 1188 -36.40 44.35 -2.67
N LEU B 1189 -35.41 44.54 -1.78
CA LEU B 1189 -35.70 44.62 -0.35
C LEU B 1189 -36.91 45.51 -0.08
N GLN B 1190 -36.98 46.66 -0.75
CA GLN B 1190 -38.08 47.59 -0.55
C GLN B 1190 -39.43 46.88 -0.64
N GLN B 1191 -39.68 46.25 -1.79
CA GLN B 1191 -40.97 45.58 -1.97
C GLN B 1191 -41.19 44.50 -0.92
N LEU B 1192 -40.13 43.76 -0.57
CA LEU B 1192 -40.27 42.75 0.47
C LEU B 1192 -40.83 43.35 1.74
N ASP B 1193 -40.30 44.51 2.15
CA ASP B 1193 -40.84 45.22 3.32
C ASP B 1193 -42.35 45.36 3.21
N ASP B 1194 -42.82 45.92 2.08
CA ASP B 1194 -44.25 46.11 1.89
C ASP B 1194 -44.99 44.81 2.14
N THR B 1195 -44.49 43.71 1.58
CA THR B 1195 -45.20 42.45 1.74
C THR B 1195 -45.27 42.04 3.21
N THR B 1196 -44.16 42.16 3.95
CA THR B 1196 -44.23 41.72 5.34
C THR B 1196 -45.07 42.66 6.19
N GLN B 1197 -45.43 43.83 5.66
CA GLN B 1197 -46.32 44.71 6.40
C GLN B 1197 -47.78 44.38 6.17
N LEU B 1198 -48.12 43.67 5.09
CA LEU B 1198 -49.52 43.53 4.74
C LEU B 1198 -50.22 42.43 5.55
N PRO B 1199 -49.75 41.17 5.56
CA PRO B 1199 -50.44 40.16 6.38
C PRO B 1199 -50.32 40.40 7.88
N LEU B 1200 -49.32 41.14 8.34
CA LEU B 1200 -49.23 41.40 9.77
C LEU B 1200 -50.44 42.16 10.28
N LEU B 1201 -50.63 43.40 9.78
CA LEU B 1201 -51.76 44.21 10.20
C LEU B 1201 -53.08 43.45 10.04
N SER B 1202 -53.31 42.88 8.86
CA SER B 1202 -54.54 42.12 8.63
C SER B 1202 -54.73 41.08 9.73
N HIS B 1203 -53.66 40.34 10.07
CA HIS B 1203 -53.74 39.34 11.12
C HIS B 1203 -54.31 39.96 12.40
N PHE B 1204 -53.74 41.10 12.82
CA PHE B 1204 -54.26 41.81 13.98
C PHE B 1204 -55.77 41.92 13.94
N ALA B 1205 -56.31 42.43 12.82
CA ALA B 1205 -57.74 42.63 12.71
C ALA B 1205 -58.50 41.33 12.90
N GLU B 1206 -58.01 40.24 12.30
CA GLU B 1206 -58.69 38.96 12.43
C GLU B 1206 -58.81 38.53 13.89
N THR B 1207 -57.80 38.84 14.70
CA THR B 1207 -57.87 38.48 16.10
C THR B 1207 -58.91 39.29 16.84
N VAL B 1208 -59.13 40.54 16.43
CA VAL B 1208 -59.99 41.44 17.20
C VAL B 1208 -61.44 41.03 17.04
N GLU B 1209 -61.88 40.76 15.81
CA GLU B 1209 -63.29 40.44 15.57
C GLU B 1209 -63.65 39.10 16.20
N GLY B 1210 -63.01 38.03 15.76
CA GLY B 1210 -63.29 36.71 16.30
C GLY B 1210 -62.58 36.44 17.59
N LEU B 1211 -62.58 37.43 18.50
CA LEU B 1211 -61.84 37.28 19.75
C LEU B 1211 -62.46 36.23 20.65
N THR B 1212 -63.79 36.19 20.72
CA THR B 1212 -64.46 35.22 21.58
C THR B 1212 -64.18 33.80 21.12
N THR B 1213 -64.22 33.56 19.81
CA THR B 1213 -63.94 32.21 19.29
C THR B 1213 -62.51 31.78 19.63
N ILE B 1214 -61.56 32.71 19.55
CA ILE B 1214 -60.16 32.37 19.77
C ILE B 1214 -59.88 32.16 21.26
N ARG B 1215 -60.49 32.96 22.12
CA ARG B 1215 -60.35 32.70 23.55
C ARG B 1215 -61.11 31.46 23.99
N ALA B 1216 -62.12 31.05 23.22
CA ALA B 1216 -62.88 29.85 23.54
C ALA B 1216 -62.10 28.60 23.16
N PHE B 1217 -61.58 28.55 21.93
CA PHE B 1217 -60.80 27.41 21.48
C PHE B 1217 -59.51 27.24 22.28
N ARG B 1218 -59.14 28.22 23.10
CA ARG B 1218 -57.86 28.22 23.83
C ARG B 1218 -56.67 28.17 22.86
N TYR B 1219 -56.86 28.71 21.65
CA TYR B 1219 -55.82 28.71 20.63
C TYR B 1219 -54.90 29.92 20.73
N GLU B 1220 -54.79 30.53 21.92
CA GLU B 1220 -54.04 31.76 22.07
C GLU B 1220 -52.55 31.53 21.81
N ALA B 1221 -52.03 30.37 22.23
CA ALA B 1221 -50.60 30.09 22.10
C ALA B 1221 -50.17 30.05 20.64
N ARG B 1222 -50.90 29.28 19.82
CA ARG B 1222 -50.52 29.16 18.41
C ARG B 1222 -50.61 30.51 17.70
N PHE B 1223 -51.62 31.31 18.04
CA PHE B 1223 -51.74 32.60 17.38
C PHE B 1223 -50.62 33.55 17.81
N GLN B 1224 -50.23 33.51 19.08
CA GLN B 1224 -49.10 34.31 19.52
C GLN B 1224 -47.82 33.86 18.81
N GLN B 1225 -47.67 32.56 18.60
CA GLN B 1225 -46.55 32.05 17.82
C GLN B 1225 -46.56 32.63 16.40
N LYS B 1226 -47.74 32.63 15.77
CA LYS B 1226 -47.86 33.18 14.43
C LYS B 1226 -47.49 34.65 14.39
N LEU B 1227 -47.89 35.41 15.42
CA LEU B 1227 -47.59 36.84 15.41
C LEU B 1227 -46.11 37.11 15.66
N LEU B 1228 -45.47 36.30 16.51
CA LEU B 1228 -44.03 36.42 16.65
C LEU B 1228 -43.33 36.12 15.32
N GLU B 1229 -43.80 35.08 14.61
CA GLU B 1229 -43.26 34.78 13.29
C GLU B 1229 -43.41 35.97 12.34
N TYR B 1230 -44.60 36.57 12.31
CA TYR B 1230 -44.85 37.67 11.38
C TYR B 1230 -44.00 38.89 11.73
N THR B 1231 -43.89 39.23 13.01
CA THR B 1231 -43.10 40.41 13.38
C THR B 1231 -41.62 40.15 13.13
N ASP B 1232 -41.16 38.91 13.25
CA ASP B 1232 -39.78 38.61 12.87
C ASP B 1232 -39.57 38.78 11.37
N SER B 1233 -40.53 38.30 10.57
CA SER B 1233 -40.41 38.45 9.12
C SER B 1233 -40.48 39.91 8.69
N ASN B 1234 -41.18 40.75 9.46
CA ASN B 1234 -41.17 42.18 9.19
C ASN B 1234 -39.83 42.81 9.58
N ASN B 1235 -39.31 42.44 10.74
CA ASN B 1235 -38.09 43.08 11.24
C ASN B 1235 -36.88 42.71 10.40
N ILE B 1236 -36.79 41.46 9.93
CA ILE B 1236 -35.64 41.08 9.13
C ILE B 1236 -35.58 41.93 7.86
N ALA B 1237 -36.73 42.21 7.25
CA ALA B 1237 -36.76 43.02 6.04
C ALA B 1237 -36.42 44.47 6.34
N SER B 1238 -37.13 45.06 7.31
CA SER B 1238 -36.87 46.45 7.67
C SER B 1238 -35.47 46.66 8.23
N LEU B 1239 -34.76 45.58 8.55
CA LEU B 1239 -33.40 45.64 9.06
C LEU B 1239 -32.37 45.51 7.94
N PHE B 1240 -32.57 44.55 7.03
CA PHE B 1240 -31.70 44.46 5.87
C PHE B 1240 -31.77 45.72 5.03
N LEU B 1241 -32.94 46.37 4.98
CA LEU B 1241 -33.05 47.60 4.20
C LEU B 1241 -32.17 48.70 4.77
N THR B 1242 -32.20 48.89 6.09
CA THR B 1242 -31.35 49.92 6.71
C THR B 1242 -29.88 49.53 6.63
N ALA B 1243 -29.58 48.23 6.69
CA ALA B 1243 -28.19 47.80 6.52
C ALA B 1243 -27.67 48.15 5.13
N ALA B 1244 -28.48 47.91 4.10
CA ALA B 1244 -28.05 48.23 2.73
C ALA B 1244 -27.91 49.74 2.53
N ASN B 1245 -28.84 50.51 3.09
CA ASN B 1245 -28.69 51.97 3.01
C ASN B 1245 -27.41 52.44 3.67
N ARG B 1246 -27.09 51.88 4.85
CA ARG B 1246 -25.83 52.20 5.50
C ARG B 1246 -24.63 51.82 4.63
N TRP B 1247 -24.70 50.67 3.97
CA TRP B 1247 -23.61 50.24 3.11
C TRP B 1247 -23.35 51.26 2.02
N LEU B 1248 -24.39 51.58 1.24
CA LEU B 1248 -24.22 52.55 0.17
C LEU B 1248 -23.72 53.90 0.70
N GLU B 1249 -24.29 54.34 1.84
CA GLU B 1249 -23.88 55.61 2.43
C GLU B 1249 -22.39 55.61 2.73
N VAL B 1250 -21.91 54.60 3.47
CA VAL B 1250 -20.52 54.61 3.91
C VAL B 1250 -19.57 54.55 2.73
N ARG B 1251 -19.88 53.74 1.73
CA ARG B 1251 -18.93 53.61 0.62
C ARG B 1251 -18.90 54.88 -0.22
N MET B 1252 -20.07 55.45 -0.53
CA MET B 1252 -20.09 56.71 -1.26
C MET B 1252 -19.37 57.80 -0.46
N GLU B 1253 -19.47 57.77 0.88
CA GLU B 1253 -18.79 58.77 1.68
C GLU B 1253 -17.28 58.58 1.67
N TYR B 1254 -16.82 57.32 1.74
CA TYR B 1254 -15.39 57.05 1.64
C TYR B 1254 -14.83 57.60 0.34
N ILE B 1255 -15.57 57.45 -0.76
CA ILE B 1255 -15.10 58.00 -2.03
C ILE B 1255 -15.16 59.53 -2.02
N GLY B 1256 -16.20 60.10 -1.42
CA GLY B 1256 -16.29 61.54 -1.29
C GLY B 1256 -15.20 62.15 -0.42
N ALA B 1257 -14.58 61.34 0.43
CA ALA B 1257 -13.42 61.81 1.20
C ALA B 1257 -12.12 61.59 0.44
N CYS B 1258 -12.03 60.50 -0.34
CA CYS B 1258 -10.88 60.32 -1.22
C CYS B 1258 -10.75 61.50 -2.19
N VAL B 1259 -11.89 61.99 -2.70
CA VAL B 1259 -11.80 63.06 -3.71
C VAL B 1259 -11.31 64.35 -3.08
N VAL B 1260 -11.73 64.67 -1.85
CA VAL B 1260 -11.25 65.89 -1.21
C VAL B 1260 -9.79 65.74 -0.80
N LEU B 1261 -9.38 64.55 -0.37
CA LEU B 1261 -7.96 64.30 -0.11
C LEU B 1261 -7.12 64.61 -1.35
N ILE B 1262 -7.48 64.01 -2.49
CA ILE B 1262 -6.70 64.20 -3.70
C ILE B 1262 -6.75 65.65 -4.15
N ALA B 1263 -7.92 66.29 -4.01
CA ALA B 1263 -8.05 67.69 -4.42
C ALA B 1263 -7.15 68.60 -3.60
N ALA B 1264 -7.12 68.41 -2.27
CA ALA B 1264 -6.27 69.24 -1.42
C ALA B 1264 -4.80 68.95 -1.69
N ALA B 1265 -4.45 67.68 -1.91
CA ALA B 1265 -3.05 67.34 -2.16
C ALA B 1265 -2.55 67.94 -3.47
N THR B 1266 -3.42 68.03 -4.48
CA THR B 1266 -3.04 68.69 -5.71
C THR B 1266 -3.04 70.21 -5.56
N SER B 1267 -3.95 70.75 -4.76
CA SER B 1267 -4.06 72.20 -4.63
C SER B 1267 -2.88 72.79 -3.87
N ILE B 1268 -2.41 72.09 -2.82
CA ILE B 1268 -1.33 72.64 -2.01
C ILE B 1268 -0.07 72.80 -2.83
N SER B 1269 0.16 71.91 -3.79
CA SER B 1269 1.39 71.96 -4.58
C SER B 1269 1.22 72.77 -5.86
N ASN B 1270 0.22 72.41 -6.68
CA ASN B 1270 0.07 73.02 -7.98
C ASN B 1270 -0.27 74.51 -7.86
N SER B 1271 -1.21 74.85 -6.98
CA SER B 1271 -1.69 76.22 -6.89
C SER B 1271 -0.83 77.10 -6.00
N LEU B 1272 0.18 76.55 -5.33
CA LEU B 1272 1.08 77.35 -4.51
C LEU B 1272 2.50 77.37 -5.04
N HIS B 1273 3.09 76.19 -5.28
CA HIS B 1273 4.47 76.13 -5.72
C HIS B 1273 4.64 76.76 -7.10
N ARG B 1274 3.79 76.40 -8.05
CA ARG B 1274 3.90 76.89 -9.42
C ARG B 1274 2.92 78.00 -9.73
N GLU B 1275 1.62 77.79 -9.50
CA GLU B 1275 0.63 78.76 -9.91
C GLU B 1275 0.62 79.99 -9.01
N LEU B 1276 0.91 79.82 -7.73
CA LEU B 1276 0.89 80.87 -6.71
C LEU B 1276 -0.35 81.77 -6.85
N SER B 1277 -1.52 81.12 -6.71
CA SER B 1277 -2.81 81.81 -6.72
C SER B 1277 -3.63 81.29 -5.55
N ALA B 1278 -4.00 82.19 -4.64
CA ALA B 1278 -4.61 81.80 -3.38
C ALA B 1278 -6.13 81.76 -3.43
N GLY B 1279 -6.76 82.54 -4.32
CA GLY B 1279 -8.21 82.52 -4.42
C GLY B 1279 -8.75 81.20 -4.93
N LEU B 1280 -7.89 80.35 -5.48
CA LEU B 1280 -8.33 79.07 -6.04
C LEU B 1280 -8.62 78.07 -4.93
N VAL B 1281 -7.63 77.81 -4.06
CA VAL B 1281 -7.71 76.73 -3.09
C VAL B 1281 -8.94 76.86 -2.21
N GLY B 1282 -9.39 78.09 -1.95
CA GLY B 1282 -10.59 78.30 -1.16
C GLY B 1282 -11.82 77.63 -1.73
N LEU B 1283 -12.14 77.94 -2.98
CA LEU B 1283 -13.30 77.35 -3.63
C LEU B 1283 -13.18 75.83 -3.68
N GLY B 1284 -12.02 75.33 -4.09
CA GLY B 1284 -11.84 73.89 -4.20
C GLY B 1284 -12.05 73.16 -2.89
N LEU B 1285 -11.40 73.66 -1.82
CA LEU B 1285 -11.55 73.03 -0.52
C LEU B 1285 -12.98 73.12 -0.03
N THR B 1286 -13.61 74.30 -0.17
CA THR B 1286 -14.97 74.46 0.35
C THR B 1286 -15.96 73.58 -0.37
N TYR B 1287 -15.77 73.35 -1.68
CA TYR B 1287 -16.71 72.50 -2.39
C TYR B 1287 -16.40 71.01 -2.21
N ALA B 1288 -15.13 70.65 -2.06
CA ALA B 1288 -14.76 69.26 -1.85
C ALA B 1288 -15.04 68.79 -0.43
N LEU B 1289 -15.12 69.71 0.53
CA LEU B 1289 -15.51 69.33 1.89
C LEU B 1289 -16.97 68.89 1.96
N MET B 1290 -17.78 69.25 0.96
CA MET B 1290 -19.22 69.00 1.02
C MET B 1290 -19.76 68.22 -0.17
N VAL B 1291 -18.97 67.97 -1.22
CA VAL B 1291 -19.46 67.25 -2.40
C VAL B 1291 -20.11 65.91 -2.04
N SER B 1292 -19.67 65.29 -0.94
CA SER B 1292 -20.15 63.96 -0.62
C SER B 1292 -21.62 63.96 -0.23
N ASN B 1293 -22.07 64.96 0.52
CA ASN B 1293 -23.46 65.02 0.93
C ASN B 1293 -24.38 65.25 -0.27
N TYR B 1294 -23.94 66.09 -1.21
CA TYR B 1294 -24.70 66.27 -2.45
C TYR B 1294 -24.76 64.97 -3.25
N LEU B 1295 -23.65 64.23 -3.29
CA LEU B 1295 -23.65 62.92 -3.94
C LEU B 1295 -24.69 61.99 -3.32
N ASN B 1296 -24.75 61.95 -1.99
CA ASN B 1296 -25.67 61.04 -1.33
C ASN B 1296 -27.12 61.44 -1.57
N TRP B 1297 -27.41 62.74 -1.44
CA TRP B 1297 -28.74 63.23 -1.83
C TRP B 1297 -29.09 62.76 -3.23
N MET B 1298 -28.16 62.93 -4.18
CA MET B 1298 -28.38 62.53 -5.55
C MET B 1298 -28.79 61.06 -5.63
N VAL B 1299 -27.99 60.17 -5.06
CA VAL B 1299 -28.23 58.74 -5.29
C VAL B 1299 -29.53 58.29 -4.62
N ARG B 1300 -29.80 58.78 -3.40
CA ARG B 1300 -31.01 58.35 -2.71
C ARG B 1300 -32.26 58.86 -3.42
N ASN B 1301 -32.26 60.15 -3.80
CA ASN B 1301 -33.40 60.69 -4.53
C ASN B 1301 -33.56 60.00 -5.87
N LEU B 1302 -32.47 59.55 -6.49
CA LEU B 1302 -32.59 58.80 -7.74
C LEU B 1302 -33.32 57.48 -7.53
N ALA B 1303 -32.96 56.76 -6.47
CA ALA B 1303 -33.67 55.51 -6.18
C ALA B 1303 -35.16 55.75 -5.96
N ASP B 1304 -35.49 56.77 -5.17
CA ASP B 1304 -36.90 57.07 -4.90
C ASP B 1304 -37.64 57.46 -6.19
N MET B 1305 -37.01 58.30 -7.01
CA MET B 1305 -37.64 58.71 -8.26
C MET B 1305 -37.86 57.51 -9.17
N GLU B 1306 -36.95 56.54 -9.15
CA GLU B 1306 -37.13 55.36 -10.00
C GLU B 1306 -38.31 54.52 -9.53
N ILE B 1307 -38.45 54.31 -8.21
CA ILE B 1307 -39.59 53.50 -7.75
C ILE B 1307 -40.91 54.24 -8.03
N GLN B 1308 -40.91 55.57 -7.91
CA GLN B 1308 -42.13 56.31 -8.17
C GLN B 1308 -42.48 56.32 -9.65
N LEU B 1309 -41.48 56.39 -10.53
CA LEU B 1309 -41.74 56.31 -11.96
C LEU B 1309 -42.23 54.93 -12.37
N GLY B 1310 -41.69 53.88 -11.73
CA GLY B 1310 -42.23 52.55 -11.95
C GLY B 1310 -43.67 52.43 -11.48
N ALA B 1311 -44.04 53.15 -10.42
CA ALA B 1311 -45.44 53.21 -10.03
C ALA B 1311 -46.28 53.94 -11.07
N VAL B 1312 -45.72 54.99 -11.67
CA VAL B 1312 -46.46 55.78 -12.66
C VAL B 1312 -46.72 54.96 -13.92
N LYS B 1313 -45.76 54.13 -14.33
CA LYS B 1313 -45.87 53.40 -15.60
C LYS B 1313 -47.17 52.61 -15.72
N ARG B 1314 -47.72 52.12 -14.61
CA ARG B 1314 -48.95 51.34 -14.70
C ARG B 1314 -50.14 52.22 -15.08
N ILE B 1315 -50.08 53.52 -14.81
CA ILE B 1315 -51.13 54.42 -15.27
C ILE B 1315 -51.17 54.44 -16.79
N HIS B 1316 -50.00 54.54 -17.43
CA HIS B 1316 -49.96 54.47 -18.89
C HIS B 1316 -50.35 53.09 -19.39
N ALA B 1317 -49.99 52.04 -18.65
CA ALA B 1317 -50.44 50.70 -18.99
C ALA B 1317 -51.97 50.63 -19.04
N LEU B 1318 -52.63 51.33 -18.11
CA LEU B 1318 -54.08 51.45 -18.13
C LEU B 1318 -54.58 52.41 -19.20
N LEU B 1319 -53.74 53.34 -19.65
CA LEU B 1319 -54.20 54.35 -20.61
C LEU B 1319 -54.48 53.75 -21.98
N LYS B 1320 -53.81 52.65 -22.34
CA LYS B 1320 -53.91 52.09 -23.69
C LYS B 1320 -54.96 50.99 -23.79
N THR B 1321 -56.03 51.07 -23.00
CA THR B 1321 -57.10 50.08 -23.06
C THR B 1321 -58.15 50.46 -24.09
N PRO B 1332 -75.96 60.06 -40.53
CA PRO B 1332 -77.17 60.33 -39.77
C PRO B 1332 -78.40 60.52 -40.66
N SER B 1333 -78.91 59.43 -41.22
CA SER B 1333 -80.14 59.43 -41.99
C SER B 1333 -81.34 58.94 -41.20
N LEU B 1334 -81.13 57.96 -40.32
CA LEU B 1334 -82.18 57.46 -39.45
C LEU B 1334 -82.22 58.20 -38.12
N ILE B 1335 -81.16 58.94 -37.79
CA ILE B 1335 -81.17 59.78 -36.59
C ILE B 1335 -82.23 60.88 -36.68
N PRO B 1336 -82.31 61.68 -37.75
CA PRO B 1336 -83.29 62.79 -37.75
C PRO B 1336 -84.74 62.32 -37.71
N LYS B 1337 -85.01 61.09 -38.12
CA LYS B 1337 -86.34 60.52 -37.98
C LYS B 1337 -86.48 59.91 -36.60
N ASN B 1338 -87.43 60.43 -35.81
CA ASN B 1338 -87.61 59.99 -34.43
C ASN B 1338 -87.75 58.47 -34.37
N TRP B 1339 -87.24 57.89 -33.30
CA TRP B 1339 -87.26 56.44 -33.18
C TRP B 1339 -88.70 55.95 -33.12
N PRO B 1340 -89.08 54.97 -33.93
CA PRO B 1340 -90.49 54.59 -34.02
C PRO B 1340 -90.97 53.81 -32.79
N ASP B 1341 -92.25 53.99 -32.48
CA ASP B 1341 -92.88 53.23 -31.41
C ASP B 1341 -93.21 51.81 -31.83
N GLN B 1342 -93.25 51.54 -33.13
CA GLN B 1342 -93.51 50.20 -33.65
C GLN B 1342 -92.35 49.28 -33.26
N GLY B 1343 -92.60 48.38 -32.31
CA GLY B 1343 -91.55 47.52 -31.79
C GLY B 1343 -91.29 46.28 -32.62
N LYS B 1344 -91.78 46.26 -33.85
CA LYS B 1344 -91.53 45.13 -34.75
C LYS B 1344 -90.05 45.03 -35.06
N ILE B 1345 -89.45 43.89 -34.72
CA ILE B 1345 -88.03 43.66 -34.95
C ILE B 1345 -87.85 42.29 -35.60
N GLN B 1346 -86.66 42.05 -36.11
CA GLN B 1346 -86.35 40.76 -36.72
C GLN B 1346 -84.85 40.55 -36.69
N ILE B 1347 -84.41 39.45 -36.09
CA ILE B 1347 -83.00 39.09 -36.02
C ILE B 1347 -82.83 37.83 -36.85
N GLN B 1348 -82.18 37.96 -38.01
CA GLN B 1348 -82.10 36.92 -39.01
C GLN B 1348 -80.72 36.28 -38.99
N ASN B 1349 -80.67 34.98 -38.70
CA ASN B 1349 -79.44 34.19 -38.69
C ASN B 1349 -78.38 34.85 -37.81
N LEU B 1350 -78.71 34.97 -36.53
CA LEU B 1350 -77.84 35.65 -35.58
C LEU B 1350 -76.93 34.66 -34.87
N SER B 1351 -75.69 35.08 -34.63
CA SER B 1351 -74.74 34.36 -33.81
C SER B 1351 -73.98 35.36 -32.97
N VAL B 1352 -73.32 34.88 -31.92
CA VAL B 1352 -72.59 35.76 -31.01
C VAL B 1352 -71.48 34.97 -30.34
N ARG B 1353 -70.34 35.63 -30.16
CA ARG B 1353 -69.20 35.06 -29.44
C ARG B 1353 -68.72 36.10 -28.43
N TYR B 1354 -68.14 35.62 -27.34
CA TYR B 1354 -67.67 36.53 -26.30
C TYR B 1354 -66.30 37.10 -26.64
N ASP B 1355 -65.29 36.25 -26.75
CA ASP B 1355 -63.94 36.65 -27.09
C ASP B 1355 -63.68 36.39 -28.57
N SER B 1356 -62.67 37.08 -29.10
CA SER B 1356 -62.30 36.93 -30.49
C SER B 1356 -61.84 35.50 -30.76
N SER B 1357 -62.57 34.82 -31.65
CA SER B 1357 -62.26 33.44 -32.06
C SER B 1357 -62.28 32.49 -30.85
N LEU B 1358 -63.45 32.38 -30.24
CA LEU B 1358 -63.69 31.39 -29.20
C LEU B 1358 -64.96 30.59 -29.52
N LYS B 1359 -65.42 29.79 -28.58
CA LYS B 1359 -66.61 28.99 -28.80
C LYS B 1359 -67.83 29.89 -28.97
N PRO B 1360 -68.66 29.66 -29.99
CA PRO B 1360 -69.83 30.53 -30.19
C PRO B 1360 -70.89 30.31 -29.12
N VAL B 1361 -71.61 31.38 -28.82
CA VAL B 1361 -72.66 31.33 -27.81
C VAL B 1361 -74.00 30.97 -28.42
N LEU B 1362 -74.35 31.60 -29.54
CA LEU B 1362 -75.57 31.29 -30.27
C LEU B 1362 -75.22 30.67 -31.62
N LYS B 1363 -76.22 30.05 -32.24
CA LYS B 1363 -76.00 29.34 -33.50
C LYS B 1363 -77.29 29.40 -34.31
N HIS B 1364 -77.28 30.17 -35.39
CA HIS B 1364 -78.42 30.29 -36.31
C HIS B 1364 -79.68 30.73 -35.57
N VAL B 1365 -79.62 31.95 -35.03
CA VAL B 1365 -80.74 32.54 -34.30
C VAL B 1365 -81.57 33.36 -35.29
N ASN B 1366 -82.80 32.92 -35.53
CA ASN B 1366 -83.73 33.61 -36.41
C ASN B 1366 -85.03 33.82 -35.66
N ALA B 1367 -85.50 35.07 -35.61
CA ALA B 1367 -86.71 35.38 -34.88
C ALA B 1367 -87.28 36.71 -35.36
N LEU B 1368 -88.56 36.92 -35.11
CA LEU B 1368 -89.22 38.18 -35.43
C LEU B 1368 -90.26 38.47 -34.36
N ILE B 1369 -90.49 39.75 -34.12
CA ILE B 1369 -91.37 40.23 -33.05
C ILE B 1369 -92.31 41.28 -33.62
N SER B 1370 -93.60 41.09 -33.40
CA SER B 1370 -94.65 41.96 -33.91
C SER B 1370 -94.77 43.22 -33.05
N PRO B 1371 -95.36 44.29 -33.61
CA PRO B 1371 -95.48 45.54 -32.85
C PRO B 1371 -96.44 45.40 -31.67
N GLY B 1372 -96.07 46.02 -30.56
CA GLY B 1372 -96.93 46.06 -29.39
C GLY B 1372 -97.28 44.70 -28.81
N GLN B 1373 -96.39 43.73 -28.93
CA GLN B 1373 -96.63 42.37 -28.46
C GLN B 1373 -95.58 41.99 -27.44
N LYS B 1374 -96.03 41.53 -26.28
CA LYS B 1374 -95.11 41.14 -25.21
C LYS B 1374 -94.42 39.83 -25.58
N ILE B 1375 -93.11 39.78 -25.38
CA ILE B 1375 -92.28 38.66 -25.79
C ILE B 1375 -91.56 38.12 -24.57
N GLY B 1376 -91.58 36.79 -24.40
CA GLY B 1376 -90.85 36.13 -23.34
C GLY B 1376 -89.77 35.24 -23.93
N ILE B 1377 -88.73 35.00 -23.15
CA ILE B 1377 -87.64 34.12 -23.55
C ILE B 1377 -87.27 33.25 -22.36
N CYS B 1378 -87.06 31.97 -22.61
CA CYS B 1378 -86.75 31.00 -21.57
C CYS B 1378 -85.42 30.33 -21.85
N GLY B 1379 -85.09 29.35 -21.03
CA GLY B 1379 -83.82 28.65 -21.11
C GLY B 1379 -83.19 28.47 -19.74
N ARG B 1380 -82.30 27.50 -19.60
CA ARG B 1380 -81.66 27.25 -18.31
C ARG B 1380 -80.49 28.22 -18.12
N THR B 1381 -79.68 27.98 -17.10
CA THR B 1381 -78.51 28.81 -16.85
C THR B 1381 -77.47 28.59 -17.94
N GLY B 1382 -76.86 29.69 -18.41
CA GLY B 1382 -75.92 29.61 -19.51
C GLY B 1382 -76.54 29.28 -20.85
N SER B 1383 -77.86 29.31 -20.96
CA SER B 1383 -78.51 29.02 -22.24
C SER B 1383 -78.24 30.12 -23.25
N GLY B 1384 -78.12 31.36 -22.80
CA GLY B 1384 -77.77 32.46 -23.68
C GLY B 1384 -78.76 33.59 -23.69
N LYS B 1385 -79.59 33.69 -22.64
CA LYS B 1385 -80.58 34.76 -22.59
C LYS B 1385 -79.95 36.09 -22.17
N SER B 1386 -79.07 36.07 -21.17
CA SER B 1386 -78.31 37.27 -20.84
C SER B 1386 -77.43 37.69 -22.01
N SER B 1387 -76.83 36.72 -22.69
CA SER B 1387 -76.05 37.03 -23.89
C SER B 1387 -76.94 37.62 -24.97
N PHE B 1388 -78.17 37.12 -25.11
CA PHE B 1388 -79.08 37.67 -26.11
C PHE B 1388 -79.45 39.11 -25.78
N SER B 1389 -79.68 39.41 -24.50
CA SER B 1389 -79.97 40.79 -24.12
C SER B 1389 -78.78 41.70 -24.39
N LEU B 1390 -77.58 41.26 -23.99
CA LEU B 1390 -76.38 42.07 -24.23
C LEU B 1390 -76.12 42.27 -25.71
N ALA B 1391 -76.44 41.27 -26.55
CA ALA B 1391 -76.28 41.44 -27.99
C ALA B 1391 -77.37 42.35 -28.55
N PHE B 1392 -78.57 42.32 -27.97
CA PHE B 1392 -79.61 43.27 -28.36
C PHE B 1392 -79.18 44.70 -28.04
N PHE B 1393 -78.34 44.86 -27.00
CA PHE B 1393 -77.65 46.13 -26.76
C PHE B 1393 -76.22 46.10 -27.29
N ARG B 1394 -75.91 45.18 -28.21
CA ARG B 1394 -74.59 44.99 -28.82
C ARG B 1394 -73.45 45.17 -27.82
N MET B 1395 -73.60 44.53 -26.66
CA MET B 1395 -72.55 44.58 -25.65
C MET B 1395 -71.46 43.55 -25.89
N VAL B 1396 -71.74 42.53 -26.70
CA VAL B 1396 -70.75 41.53 -27.06
C VAL B 1396 -70.14 41.92 -28.40
N ASP B 1397 -68.82 41.88 -28.48
CA ASP B 1397 -68.08 42.43 -29.62
C ASP B 1397 -67.67 41.37 -30.63
N MET B 1398 -68.28 40.19 -30.61
CA MET B 1398 -67.98 39.14 -31.58
C MET B 1398 -69.25 38.47 -32.06
N PHE B 1399 -70.28 39.25 -32.37
CA PHE B 1399 -71.52 38.73 -32.89
C PHE B 1399 -71.49 38.71 -34.41
N GLU B 1400 -72.22 37.77 -35.00
CA GLU B 1400 -72.30 37.63 -36.45
C GLU B 1400 -73.77 37.65 -36.88
N GLY B 1401 -73.99 37.82 -38.17
CA GLY B 1401 -75.35 38.00 -38.69
C GLY B 1401 -75.70 39.49 -38.66
N ARG B 1402 -76.95 39.84 -38.94
CA ARG B 1402 -77.40 41.24 -38.90
C ARG B 1402 -78.54 41.28 -37.88
N ILE B 1403 -78.55 42.22 -36.94
CA ILE B 1403 -79.66 42.32 -35.96
C ILE B 1403 -80.38 43.66 -36.15
N ILE B 1404 -81.70 43.68 -36.26
CA ILE B 1404 -82.39 44.96 -36.51
C ILE B 1404 -83.60 45.37 -35.67
N ILE B 1405 -83.82 46.68 -35.62
CA ILE B 1405 -84.97 47.30 -34.98
C ILE B 1405 -85.56 48.30 -35.97
N ASP B 1406 -86.70 47.94 -36.57
CA ASP B 1406 -87.38 48.77 -37.57
C ASP B 1406 -86.45 49.05 -38.75
N GLY B 1407 -85.88 48.00 -39.31
CA GLY B 1407 -84.98 48.13 -40.43
C GLY B 1407 -83.69 48.85 -40.12
N ILE B 1408 -83.34 48.99 -38.85
CA ILE B 1408 -82.18 49.75 -38.41
C ILE B 1408 -81.30 48.86 -37.56
N ASP B 1409 -79.99 49.00 -37.71
CA ASP B 1409 -79.03 48.14 -37.01
C ASP B 1409 -77.87 49.03 -36.54
N ILE B 1410 -76.77 48.39 -36.15
CA ILE B 1410 -75.68 49.07 -35.48
C ILE B 1410 -74.54 49.41 -36.43
N ALA B 1411 -74.84 49.58 -37.72
CA ALA B 1411 -73.79 49.80 -38.70
C ALA B 1411 -73.41 51.28 -38.88
N LYS B 1412 -74.31 52.20 -38.51
CA LYS B 1412 -74.05 53.63 -38.74
C LYS B 1412 -74.40 54.51 -37.54
N LEU B 1413 -74.63 53.93 -36.37
CA LEU B 1413 -75.05 54.71 -35.20
C LEU B 1413 -73.98 54.66 -34.11
N PRO B 1414 -73.67 55.80 -33.49
CA PRO B 1414 -72.77 55.78 -32.33
C PRO B 1414 -73.49 55.28 -31.08
N LEU B 1415 -72.71 55.06 -30.03
CA LEU B 1415 -73.23 54.43 -28.82
C LEU B 1415 -74.31 55.30 -28.16
N HIS B 1416 -74.15 56.63 -28.25
CA HIS B 1416 -75.09 57.52 -27.57
C HIS B 1416 -76.50 57.36 -28.10
N THR B 1417 -76.65 57.29 -29.42
CA THR B 1417 -77.97 57.04 -30.00
C THR B 1417 -78.43 55.61 -29.71
N LEU B 1418 -77.49 54.66 -29.62
CA LEU B 1418 -77.86 53.28 -29.33
C LEU B 1418 -78.34 53.09 -27.91
N ARG B 1419 -78.07 54.03 -27.01
CA ARG B 1419 -78.54 53.94 -25.64
C ARG B 1419 -79.73 54.84 -25.35
N SER B 1420 -80.06 55.75 -26.25
CA SER B 1420 -81.27 56.56 -26.15
C SER B 1420 -82.43 55.95 -26.94
N ARG B 1421 -82.39 54.63 -27.20
CA ARG B 1421 -83.39 53.97 -28.01
C ARG B 1421 -84.06 52.79 -27.33
N LEU B 1422 -83.43 52.16 -26.34
CA LEU B 1422 -83.99 51.01 -25.66
C LEU B 1422 -83.85 51.18 -24.15
N SER B 1423 -84.74 50.51 -23.41
CA SER B 1423 -84.70 50.48 -21.96
C SER B 1423 -84.38 49.07 -21.48
N ILE B 1424 -83.90 48.98 -20.25
CA ILE B 1424 -83.43 47.71 -19.71
C ILE B 1424 -83.42 47.81 -18.19
N ILE B 1425 -83.87 46.73 -17.55
CA ILE B 1425 -83.81 46.58 -16.10
C ILE B 1425 -83.03 45.30 -15.81
N LEU B 1426 -81.91 45.43 -15.12
CA LEU B 1426 -81.01 44.30 -14.90
C LEU B 1426 -81.40 43.51 -13.67
N GLN B 1427 -80.89 42.28 -13.60
CA GLN B 1427 -81.09 41.43 -12.43
C GLN B 1427 -80.36 41.97 -11.21
N ASP B 1428 -79.34 42.80 -11.41
CA ASP B 1428 -78.53 43.35 -10.32
C ASP B 1428 -78.88 44.82 -10.15
N PRO B 1429 -79.81 45.17 -9.26
CA PRO B 1429 -80.18 46.57 -9.07
C PRO B 1429 -79.26 47.28 -8.09
N VAL B 1430 -79.14 48.60 -8.29
CA VAL B 1430 -78.34 49.43 -7.40
C VAL B 1430 -78.98 50.80 -7.33
N LEU B 1431 -78.73 51.49 -6.21
CA LEU B 1431 -79.18 52.86 -5.99
C LEU B 1431 -77.96 53.66 -5.57
N PHE B 1432 -77.32 54.31 -6.55
CA PHE B 1432 -76.14 55.10 -6.27
C PHE B 1432 -76.50 56.32 -5.42
N SER B 1433 -75.50 56.86 -4.73
CA SER B 1433 -75.72 57.90 -3.75
C SER B 1433 -76.25 59.17 -4.40
N GLY B 1434 -76.86 60.02 -3.59
CA GLY B 1434 -77.45 61.26 -4.06
C GLY B 1434 -78.87 61.43 -3.58
N THR B 1435 -79.69 62.16 -4.35
CA THR B 1435 -81.08 62.36 -4.03
C THR B 1435 -81.95 61.44 -4.88
N ILE B 1436 -83.27 61.60 -4.75
CA ILE B 1436 -84.18 60.82 -5.58
C ILE B 1436 -84.17 61.35 -7.02
N ARG B 1437 -83.94 62.67 -7.19
CA ARG B 1437 -83.82 63.21 -8.53
C ARG B 1437 -82.57 62.70 -9.24
N PHE B 1438 -81.53 62.37 -8.47
CA PHE B 1438 -80.29 61.85 -9.05
C PHE B 1438 -80.38 60.37 -9.40
N ASN B 1439 -81.33 59.64 -8.81
CA ASN B 1439 -81.54 58.24 -9.14
C ASN B 1439 -82.60 58.05 -10.22
N LEU B 1440 -83.68 58.84 -10.17
CA LEU B 1440 -84.72 58.74 -11.20
C LEU B 1440 -84.23 59.26 -12.54
N ASP B 1441 -83.75 60.50 -12.56
CA ASP B 1441 -83.25 61.14 -13.78
C ASP B 1441 -81.90 61.76 -13.48
N PRO B 1442 -80.81 61.01 -13.60
CA PRO B 1442 -79.49 61.59 -13.32
C PRO B 1442 -79.10 62.67 -14.30
N GLU B 1443 -79.61 62.57 -15.52
CA GLU B 1443 -79.43 63.60 -16.54
C GLU B 1443 -80.11 64.89 -16.05
N LYS B 1444 -81.25 64.70 -15.38
CA LYS B 1444 -82.11 65.73 -14.76
C LYS B 1444 -82.96 66.56 -15.72
N LYS B 1445 -83.09 66.08 -16.96
CA LYS B 1445 -83.89 66.77 -17.96
C LYS B 1445 -85.37 66.79 -17.58
N CYS B 1446 -85.86 65.67 -17.04
CA CYS B 1446 -87.26 65.55 -16.65
C CYS B 1446 -87.72 66.48 -15.53
N SER B 1447 -88.91 67.02 -15.69
CA SER B 1447 -89.52 67.94 -14.72
C SER B 1447 -90.13 67.22 -13.50
N ASP B 1448 -90.25 67.96 -12.40
CA ASP B 1448 -90.85 67.44 -11.15
C ASP B 1448 -92.19 66.68 -11.20
N SER B 1449 -93.19 67.19 -11.91
CA SER B 1449 -94.44 66.47 -12.08
C SER B 1449 -94.23 65.15 -12.82
N THR B 1450 -93.27 65.13 -13.75
CA THR B 1450 -92.96 63.89 -14.45
C THR B 1450 -92.43 62.83 -13.48
N LEU B 1451 -91.49 63.22 -12.62
CA LEU B 1451 -90.96 62.27 -11.63
C LEU B 1451 -92.02 61.86 -10.62
N TRP B 1452 -92.90 62.79 -10.23
CA TRP B 1452 -93.96 62.45 -9.30
C TRP B 1452 -94.94 61.46 -9.93
N GLU B 1453 -95.27 61.65 -11.21
CA GLU B 1453 -96.15 60.71 -11.89
C GLU B 1453 -95.48 59.34 -12.06
N ALA B 1454 -94.17 59.34 -12.36
CA ALA B 1454 -93.46 58.08 -12.49
C ALA B 1454 -93.39 57.33 -11.17
N LEU B 1455 -93.32 58.06 -10.05
CA LEU B 1455 -93.33 57.42 -8.74
C LEU B 1455 -94.73 56.94 -8.38
N GLU B 1456 -95.76 57.70 -8.75
CA GLU B 1456 -97.13 57.29 -8.46
C GLU B 1456 -97.53 56.06 -9.25
N ILE B 1457 -97.12 55.99 -10.53
CA ILE B 1457 -97.41 54.81 -11.34
C ILE B 1457 -96.61 53.61 -10.85
N ALA B 1458 -95.37 53.84 -10.42
CA ALA B 1458 -94.52 52.76 -9.92
C ALA B 1458 -94.82 52.39 -8.48
N GLN B 1459 -95.93 52.85 -7.91
CA GLN B 1459 -96.34 52.50 -6.55
C GLN B 1459 -95.26 52.87 -5.55
N LEU B 1460 -94.74 54.10 -5.67
CA LEU B 1460 -93.65 54.55 -4.82
C LEU B 1460 -93.85 55.97 -4.29
N LYS B 1461 -94.96 56.63 -4.65
CA LYS B 1461 -95.13 58.03 -4.27
C LYS B 1461 -95.36 58.20 -2.78
N LEU B 1462 -96.04 57.24 -2.13
CA LEU B 1462 -96.38 57.39 -0.72
C LEU B 1462 -95.13 57.34 0.16
N VAL B 1463 -94.24 56.37 -0.10
CA VAL B 1463 -93.02 56.29 0.69
C VAL B 1463 -92.05 57.41 0.33
N VAL B 1464 -92.17 57.99 -0.86
CA VAL B 1464 -91.32 59.13 -1.23
C VAL B 1464 -91.78 60.38 -0.50
N LYS B 1465 -93.09 60.58 -0.36
CA LYS B 1465 -93.60 61.73 0.37
C LYS B 1465 -93.29 61.66 1.86
N ALA B 1466 -92.92 60.48 2.37
CA ALA B 1466 -92.60 60.30 3.78
C ALA B 1466 -91.12 60.47 4.08
N LEU B 1467 -90.40 61.26 3.30
CA LEU B 1467 -88.98 61.51 3.49
C LEU B 1467 -88.72 63.01 3.57
N PRO B 1468 -87.63 63.43 4.22
CA PRO B 1468 -87.40 64.87 4.39
C PRO B 1468 -87.22 65.57 3.06
N GLY B 1469 -88.01 66.62 2.86
CA GLY B 1469 -87.88 67.43 1.66
C GLY B 1469 -88.68 66.90 0.49
N GLY B 1470 -88.63 65.59 0.27
CA GLY B 1470 -89.30 64.99 -0.88
C GLY B 1470 -88.46 65.11 -2.13
N LEU B 1471 -88.25 63.99 -2.82
CA LEU B 1471 -87.41 63.88 -4.00
C LEU B 1471 -85.97 64.32 -3.74
N ASP B 1472 -85.57 64.45 -2.48
CA ASP B 1472 -84.24 64.95 -2.16
C ASP B 1472 -83.58 64.17 -1.01
N ALA B 1473 -84.09 62.98 -0.71
CA ALA B 1473 -83.50 62.18 0.36
C ALA B 1473 -82.08 61.76 -0.01
N ILE B 1474 -81.15 61.98 0.91
CA ILE B 1474 -79.75 61.65 0.69
C ILE B 1474 -79.57 60.14 0.77
N ILE B 1475 -79.41 59.49 -0.38
CA ILE B 1475 -79.26 58.05 -0.44
C ILE B 1475 -77.78 57.69 -0.42
N THR B 1476 -77.47 56.47 0.00
CA THR B 1476 -76.12 55.93 -0.02
C THR B 1476 -76.05 54.76 -0.98
N GLU B 1477 -74.83 54.47 -1.45
CA GLU B 1477 -74.62 53.37 -2.39
C GLU B 1477 -75.05 52.04 -1.80
N GLY B 1478 -76.09 51.43 -2.36
CA GLY B 1478 -76.67 50.25 -1.75
C GLY B 1478 -77.33 50.62 -0.44
N GLY B 1479 -76.72 50.19 0.67
CA GLY B 1479 -77.20 50.61 1.97
C GLY B 1479 -78.49 49.90 2.38
N GLU B 1480 -79.16 50.51 3.35
CA GLU B 1480 -80.39 49.98 3.93
C GLU B 1480 -81.45 51.07 4.03
N ASN B 1481 -81.51 51.94 3.02
CA ASN B 1481 -82.48 53.04 3.01
C ASN B 1481 -83.79 52.68 2.34
N PHE B 1482 -83.82 51.61 1.54
CA PHE B 1482 -85.02 51.19 0.85
C PHE B 1482 -85.04 49.67 0.75
N SER B 1483 -86.23 49.14 0.51
CA SER B 1483 -86.39 47.69 0.38
C SER B 1483 -86.07 47.23 -1.04
N GLN B 1484 -85.85 45.92 -1.16
CA GLN B 1484 -85.53 45.35 -2.47
C GLN B 1484 -86.64 45.63 -3.49
N GLY B 1485 -87.90 45.45 -3.06
CA GLY B 1485 -89.01 45.81 -3.92
C GLY B 1485 -89.00 47.28 -4.28
N GLN B 1486 -88.62 48.14 -3.33
CA GLN B 1486 -88.53 49.56 -3.64
C GLN B 1486 -87.36 49.88 -4.55
N ARG B 1487 -86.27 49.11 -4.47
CA ARG B 1487 -85.19 49.27 -5.43
C ARG B 1487 -85.64 48.89 -6.83
N GLN B 1488 -86.39 47.80 -6.95
CA GLN B 1488 -86.95 47.44 -8.26
C GLN B 1488 -87.97 48.47 -8.73
N LEU B 1489 -88.69 49.10 -7.80
CA LEU B 1489 -89.61 50.17 -8.16
C LEU B 1489 -88.86 51.39 -8.68
N PHE B 1490 -87.70 51.69 -8.09
CA PHE B 1490 -86.85 52.75 -8.63
C PHE B 1490 -86.31 52.38 -10.00
N CYS B 1491 -85.97 51.12 -10.22
CA CYS B 1491 -85.55 50.68 -11.55
C CYS B 1491 -86.67 50.85 -12.57
N LEU B 1492 -87.89 50.48 -12.18
CA LEU B 1492 -89.04 50.67 -13.06
C LEU B 1492 -89.35 52.16 -13.27
N ALA B 1493 -89.02 53.01 -12.31
CA ALA B 1493 -89.18 54.44 -12.51
C ALA B 1493 -88.14 54.98 -13.49
N ARG B 1494 -86.91 54.46 -13.41
CA ARG B 1494 -85.92 54.74 -14.45
C ARG B 1494 -86.46 54.33 -15.82
N ALA B 1495 -87.05 53.15 -15.89
CA ALA B 1495 -87.62 52.65 -17.14
C ALA B 1495 -88.75 53.55 -17.62
N PHE B 1496 -89.56 54.06 -16.68
CA PHE B 1496 -90.64 54.98 -17.04
C PHE B 1496 -90.10 56.27 -17.63
N VAL B 1497 -89.10 56.86 -16.96
CA VAL B 1497 -88.60 58.15 -17.41
C VAL B 1497 -87.69 58.04 -18.63
N ARG B 1498 -87.20 56.84 -18.92
CA ARG B 1498 -86.32 56.66 -20.08
C ARG B 1498 -87.05 56.97 -21.39
N LYS B 1499 -88.30 56.51 -21.47
CA LYS B 1499 -89.17 56.71 -22.63
C LYS B 1499 -88.60 56.14 -23.94
N THR B 1500 -87.91 55.01 -23.83
CA THR B 1500 -87.31 54.33 -24.98
C THR B 1500 -88.37 53.79 -25.93
N SER B 1501 -89.47 53.31 -25.32
CA SER B 1501 -90.68 52.68 -25.92
C SER B 1501 -90.49 51.19 -26.23
N ILE B 1502 -89.30 50.68 -25.90
CA ILE B 1502 -88.95 49.28 -26.05
C ILE B 1502 -88.41 48.92 -24.66
N PHE B 1503 -88.87 47.83 -24.08
CA PHE B 1503 -88.39 47.50 -22.74
C PHE B 1503 -87.76 46.12 -22.73
N ILE B 1504 -86.67 45.99 -21.98
CA ILE B 1504 -86.04 44.70 -21.74
C ILE B 1504 -86.04 44.47 -20.23
N MET B 1505 -86.57 43.31 -19.83
CA MET B 1505 -86.72 42.97 -18.42
C MET B 1505 -85.86 41.74 -18.14
N ASP B 1506 -84.63 41.99 -17.69
CA ASP B 1506 -83.64 40.93 -17.47
C ASP B 1506 -83.74 40.47 -16.01
N GLU B 1507 -84.63 39.51 -15.76
CA GLU B 1507 -84.81 38.88 -14.45
C GLU B 1507 -85.12 39.91 -13.37
N ALA B 1508 -86.30 40.55 -13.50
CA ALA B 1508 -86.83 41.41 -12.46
C ALA B 1508 -87.50 40.62 -11.35
N THR B 1509 -87.24 39.32 -11.29
CA THR B 1509 -87.87 38.41 -10.35
C THR B 1509 -86.91 37.87 -9.29
N ALA B 1510 -85.64 37.65 -9.62
CA ALA B 1510 -84.72 36.99 -8.70
C ALA B 1510 -84.55 37.80 -7.42
N SER B 1511 -84.50 37.09 -6.30
CA SER B 1511 -84.26 37.68 -4.98
C SER B 1511 -85.33 38.70 -4.60
N ILE B 1512 -86.59 38.38 -4.92
CA ILE B 1512 -87.74 39.20 -4.54
C ILE B 1512 -88.83 38.28 -4.04
N ASP B 1513 -89.47 38.66 -2.93
CA ASP B 1513 -90.56 37.87 -2.38
C ASP B 1513 -91.67 37.69 -3.39
N MET B 1514 -92.28 36.50 -3.39
CA MET B 1514 -93.33 36.21 -4.36
C MET B 1514 -94.55 37.10 -4.13
N ALA B 1515 -94.89 37.36 -2.87
CA ALA B 1515 -96.03 38.23 -2.58
C ALA B 1515 -95.83 39.63 -3.12
N THR B 1516 -94.58 40.08 -3.22
CA THR B 1516 -94.28 41.37 -3.82
C THR B 1516 -93.99 41.27 -5.30
N GLU B 1517 -93.36 40.19 -5.75
CA GLU B 1517 -93.05 40.04 -7.17
C GLU B 1517 -94.30 39.89 -8.01
N ASN B 1518 -95.33 39.23 -7.48
CA ASN B 1518 -96.56 39.06 -8.24
C ASN B 1518 -97.27 40.39 -8.46
N ILE B 1519 -97.38 41.21 -7.41
CA ILE B 1519 -98.00 42.52 -7.59
C ILE B 1519 -97.10 43.43 -8.41
N LEU B 1520 -95.77 43.23 -8.35
CA LEU B 1520 -94.87 43.98 -9.20
C LEU B 1520 -95.12 43.68 -10.68
N GLN B 1521 -95.24 42.39 -11.01
CA GLN B 1521 -95.54 42.01 -12.39
C GLN B 1521 -96.93 42.49 -12.80
N LYS B 1522 -97.88 42.48 -11.87
CA LYS B 1522 -99.22 42.98 -12.19
C LYS B 1522 -99.19 44.47 -12.51
N VAL B 1523 -98.42 45.24 -11.74
CA VAL B 1523 -98.29 46.67 -12.01
C VAL B 1523 -97.56 46.90 -13.32
N VAL B 1524 -96.52 46.12 -13.60
CA VAL B 1524 -95.76 46.30 -14.83
C VAL B 1524 -96.56 45.84 -16.05
N MET B 1525 -97.57 45.00 -15.86
CA MET B 1525 -98.45 44.63 -16.96
C MET B 1525 -99.54 45.68 -17.17
N THR B 1526 -100.18 46.12 -16.08
CA THR B 1526 -101.21 47.14 -16.19
C THR B 1526 -100.64 48.47 -16.66
N ALA B 1527 -99.35 48.71 -16.45
CA ALA B 1527 -98.72 49.94 -16.92
C ALA B 1527 -98.17 49.82 -18.33
N PHE B 1528 -97.70 48.62 -18.71
CA PHE B 1528 -97.16 48.39 -20.04
C PHE B 1528 -98.19 47.65 -20.88
N ALA B 1529 -99.11 48.43 -21.46
CA ALA B 1529 -100.00 47.90 -22.49
C ALA B 1529 -99.43 48.07 -23.89
N ASP B 1530 -98.48 48.98 -24.07
CA ASP B 1530 -97.80 49.18 -25.34
C ASP B 1530 -96.30 49.13 -25.06
N ARG B 1531 -95.50 49.50 -26.06
CA ARG B 1531 -94.05 49.66 -25.91
C ARG B 1531 -93.40 48.33 -25.55
N THR B 1532 -93.32 47.48 -26.58
CA THR B 1532 -93.08 46.04 -26.51
C THR B 1532 -92.01 45.69 -25.49
N VAL B 1533 -92.31 44.75 -24.61
CA VAL B 1533 -91.37 44.34 -23.58
C VAL B 1533 -90.92 42.91 -23.86
N VAL B 1534 -89.60 42.71 -23.82
CA VAL B 1534 -89.01 41.38 -23.92
C VAL B 1534 -88.40 41.03 -22.57
N THR B 1535 -88.86 39.92 -22.00
CA THR B 1535 -88.49 39.54 -20.65
C THR B 1535 -87.70 38.24 -20.65
N ILE B 1536 -86.98 38.03 -19.55
CA ILE B 1536 -86.22 36.80 -19.35
C ILE B 1536 -86.19 36.48 -17.86
N ALA B 1537 -86.57 35.26 -17.51
CA ALA B 1537 -86.61 34.81 -16.12
C ALA B 1537 -86.72 33.30 -16.09
N HIS B 1538 -86.74 32.73 -14.89
CA HIS B 1538 -86.94 31.30 -14.69
C HIS B 1538 -88.25 31.00 -13.95
N ARG B 1539 -89.16 31.96 -13.89
CA ARG B 1539 -90.46 31.76 -13.28
C ARG B 1539 -91.43 31.13 -14.28
N VAL B 1540 -92.41 30.41 -13.75
CA VAL B 1540 -93.38 29.73 -14.60
C VAL B 1540 -94.41 30.71 -15.15
N HIS B 1541 -95.06 31.47 -14.25
CA HIS B 1541 -96.16 32.33 -14.65
C HIS B 1541 -95.68 33.48 -15.54
N THR B 1542 -94.47 33.98 -15.32
CA THR B 1542 -93.94 35.06 -16.15
C THR B 1542 -93.79 34.61 -17.58
N ILE B 1543 -93.22 33.42 -17.80
CA ILE B 1543 -93.11 32.89 -19.15
C ILE B 1543 -94.49 32.52 -19.70
N LEU B 1544 -95.41 32.13 -18.83
CA LEU B 1544 -96.75 31.75 -19.27
C LEU B 1544 -97.54 32.95 -19.78
N SER B 1545 -97.33 34.13 -19.19
CA SER B 1545 -98.09 35.31 -19.58
C SER B 1545 -97.61 35.94 -20.88
N ALA B 1546 -96.45 35.56 -21.39
CA ALA B 1546 -95.91 36.14 -22.61
C ALA B 1546 -96.46 35.44 -23.85
N ASP B 1547 -96.51 36.17 -24.97
CA ASP B 1547 -97.09 35.63 -26.18
C ASP B 1547 -96.08 34.80 -26.99
N LEU B 1548 -95.02 35.44 -27.48
CA LEU B 1548 -94.01 34.77 -28.29
C LEU B 1548 -92.85 34.36 -27.40
N VAL B 1549 -92.52 33.07 -27.40
CA VAL B 1549 -91.46 32.55 -26.54
C VAL B 1549 -90.58 31.61 -27.34
N MET B 1550 -89.28 31.65 -27.06
CA MET B 1550 -88.31 30.83 -27.78
C MET B 1550 -87.49 30.04 -26.78
N VAL B 1551 -87.60 28.72 -26.84
CA VAL B 1551 -86.85 27.85 -25.95
C VAL B 1551 -85.40 27.81 -26.40
N LEU B 1552 -84.49 28.22 -25.51
CA LEU B 1552 -83.07 28.20 -25.81
C LEU B 1552 -82.57 26.77 -25.68
N LYS B 1553 -82.13 26.19 -26.79
CA LYS B 1553 -81.59 24.83 -26.80
C LYS B 1553 -80.14 24.87 -26.31
N ARG B 1554 -79.42 23.77 -26.51
CA ARG B 1554 -78.05 23.67 -26.01
C ARG B 1554 -77.16 24.75 -26.62
N GLY B 1555 -77.26 24.99 -27.93
CA GLY B 1555 -76.52 26.07 -28.56
C GLY B 1555 -77.36 27.03 -29.37
N ALA B 1556 -78.57 26.62 -29.74
CA ALA B 1556 -79.45 27.39 -30.60
C ALA B 1556 -80.77 27.66 -29.88
N ILE B 1557 -81.72 28.23 -30.61
CA ILE B 1557 -83.05 28.53 -30.08
C ILE B 1557 -84.09 27.92 -31.00
N LEU B 1558 -85.29 27.71 -30.43
CA LEU B 1558 -86.45 27.26 -31.19
C LEU B 1558 -87.62 28.14 -30.78
N GLU B 1559 -88.12 28.95 -31.71
CA GLU B 1559 -89.11 29.96 -31.39
C GLU B 1559 -90.53 29.42 -31.61
N PHE B 1560 -91.48 30.00 -30.88
CA PHE B 1560 -92.89 29.65 -30.99
C PHE B 1560 -93.73 30.89 -30.79
N ASP B 1561 -94.70 31.07 -31.68
CA ASP B 1561 -95.49 32.30 -31.72
C ASP B 1561 -96.64 32.28 -30.71
N LYS B 1562 -97.57 31.34 -30.86
CA LYS B 1562 -98.74 31.35 -30.00
C LYS B 1562 -98.44 30.64 -28.69
N PRO B 1563 -98.71 31.28 -27.54
CA PRO B 1563 -98.29 30.66 -26.26
C PRO B 1563 -99.12 29.45 -25.87
N GLU B 1564 -100.44 29.51 -26.05
CA GLU B 1564 -101.30 28.40 -25.67
C GLU B 1564 -101.14 27.19 -26.60
N THR B 1565 -100.51 27.37 -27.76
CA THR B 1565 -100.34 26.29 -28.72
C THR B 1565 -99.09 25.47 -28.46
N LEU B 1566 -97.97 26.11 -28.12
CA LEU B 1566 -96.72 25.40 -27.90
C LEU B 1566 -96.63 24.76 -26.51
N LEU B 1567 -97.51 25.12 -25.59
CA LEU B 1567 -97.51 24.53 -24.25
C LEU B 1567 -98.35 23.26 -24.16
N SER B 1568 -98.95 22.83 -25.27
CA SER B 1568 -99.64 21.54 -25.34
C SER B 1568 -99.32 20.77 -26.61
N GLN B 1569 -98.61 21.37 -27.57
CA GLN B 1569 -98.25 20.66 -28.79
C GLN B 1569 -97.14 19.64 -28.54
N LYS B 1570 -96.12 20.02 -27.78
CA LYS B 1570 -95.08 19.10 -27.34
C LYS B 1570 -95.59 18.12 -26.29
N ASP B 1571 -96.89 18.18 -25.98
CA ASP B 1571 -97.53 17.32 -24.99
C ASP B 1571 -96.96 17.55 -23.59
N SER B 1572 -96.61 18.80 -23.30
CA SER B 1572 -96.09 19.21 -21.99
C SER B 1572 -94.86 18.38 -21.61
N VAL B 1573 -93.83 18.48 -22.46
CA VAL B 1573 -92.57 17.77 -22.25
C VAL B 1573 -91.39 18.72 -22.18
N PHE B 1574 -91.32 19.70 -23.10
CA PHE B 1574 -90.16 20.57 -23.21
C PHE B 1574 -90.45 22.04 -22.97
N ALA B 1575 -91.71 22.46 -22.88
CA ALA B 1575 -92.04 23.86 -22.71
C ALA B 1575 -92.97 24.16 -21.54
N SER B 1576 -93.74 23.19 -21.05
CA SER B 1576 -94.64 23.42 -19.92
C SER B 1576 -94.03 22.94 -18.61
N PHE B 1577 -93.64 21.67 -18.54
CA PHE B 1577 -92.97 21.17 -17.34
C PHE B 1577 -91.62 21.83 -17.13
N VAL B 1578 -90.96 22.25 -18.21
CA VAL B 1578 -89.70 22.98 -18.08
C VAL B 1578 -89.95 24.38 -17.53
N ARG B 1579 -91.02 25.02 -17.98
CA ARG B 1579 -91.37 26.35 -17.48
C ARG B 1579 -91.87 26.27 -16.04
N ARG C 32 -11.59 -4.42 37.46
CA ARG C 32 -10.87 -5.59 36.94
C ARG C 32 -9.98 -5.21 35.76
N ALA C 33 -9.29 -6.20 35.20
CA ALA C 33 -8.33 -5.97 34.14
C ALA C 33 -9.01 -5.90 32.78
N ARG C 34 -8.55 -4.96 31.95
CA ARG C 34 -9.07 -4.78 30.60
C ARG C 34 -8.09 -5.34 29.57
N PHE C 35 -8.62 -5.63 28.38
CA PHE C 35 -7.79 -6.26 27.36
C PHE C 35 -7.02 -5.23 26.54
N VAL C 36 -7.73 -4.29 25.91
CA VAL C 36 -7.11 -3.15 25.25
C VAL C 36 -7.89 -1.90 25.66
N SER C 37 -7.15 -0.83 25.97
CA SER C 37 -7.74 0.35 26.55
C SER C 37 -8.63 1.09 25.54
N LYS C 38 -9.40 2.04 26.06
CA LYS C 38 -10.34 2.79 25.23
C LYS C 38 -9.62 3.62 24.17
N LYS C 39 -8.49 4.24 24.54
CA LYS C 39 -7.75 5.08 23.60
C LYS C 39 -7.20 4.30 22.41
N GLY C 40 -7.24 2.97 22.45
CA GLY C 40 -6.74 2.15 21.37
C GLY C 40 -5.44 1.43 21.67
N ASN C 41 -4.67 1.92 22.64
CA ASN C 41 -3.43 1.28 23.02
C ASN C 41 -3.71 -0.09 23.64
N CYS C 42 -2.69 -0.96 23.59
CA CYS C 42 -2.80 -2.30 24.15
C CYS C 42 -2.49 -2.28 25.63
N ASN C 43 -3.16 -3.15 26.38
CA ASN C 43 -3.01 -3.24 27.83
C ASN C 43 -2.14 -4.41 28.26
N VAL C 44 -2.14 -5.51 27.51
CA VAL C 44 -1.40 -6.71 27.90
C VAL C 44 0.09 -6.40 27.92
N ALA C 45 0.70 -6.53 29.10
CA ALA C 45 2.13 -6.36 29.25
C ALA C 45 2.85 -7.69 29.04
N HIS C 46 3.85 -7.68 28.17
CA HIS C 46 4.60 -8.88 27.82
C HIS C 46 5.70 -9.14 28.81
N LYS C 47 5.85 -10.40 29.21
CA LYS C 47 6.86 -10.81 30.18
C LYS C 47 7.68 -11.95 29.59
N ASN C 48 8.97 -11.97 29.95
CA ASN C 48 9.90 -13.03 29.56
C ASN C 48 10.05 -13.11 28.04
N ILE C 49 10.45 -11.98 27.45
CA ILE C 49 10.84 -11.94 26.04
C ILE C 49 12.30 -12.35 25.95
N ARG C 50 12.63 -13.15 24.92
CA ARG C 50 14.01 -13.60 24.74
C ARG C 50 14.98 -12.42 24.70
N GLU C 51 14.64 -11.39 23.95
CA GLU C 51 15.37 -10.12 23.90
C GLU C 51 16.82 -10.28 23.44
N GLN C 52 17.18 -11.44 22.91
CA GLN C 52 18.56 -11.65 22.47
C GLN C 52 18.85 -10.96 21.15
N GLY C 53 17.85 -10.89 20.26
CA GLY C 53 18.08 -10.30 18.95
C GLY C 53 18.14 -8.79 18.96
N ARG C 54 17.45 -8.14 19.90
CA ARG C 54 17.38 -6.67 19.96
C ARG C 54 18.66 -6.10 20.58
N PHE C 55 19.77 -6.31 19.88
CA PHE C 55 21.08 -5.82 20.27
C PHE C 55 21.82 -5.22 19.07
N LEU C 56 21.09 -4.47 18.26
CA LEU C 56 21.64 -3.87 17.05
C LEU C 56 21.52 -2.35 17.13
N GLN C 57 22.14 -1.68 16.17
CA GLN C 57 22.17 -0.22 16.13
C GLN C 57 21.10 0.27 15.15
N ASP C 58 19.91 0.53 15.69
CA ASP C 58 18.84 1.21 14.97
C ASP C 58 18.74 2.67 15.38
N VAL C 59 19.89 3.30 15.61
CA VAL C 59 19.94 4.54 16.40
C VAL C 59 19.16 5.66 15.71
N PHE C 60 19.44 5.90 14.42
CA PHE C 60 19.01 7.15 13.79
C PHE C 60 17.48 7.24 13.71
N THR C 61 16.84 6.27 13.07
CA THR C 61 15.40 6.35 12.80
C THR C 61 14.60 6.70 14.05
N THR C 62 14.96 6.08 15.18
CA THR C 62 14.26 6.35 16.43
C THR C 62 14.48 7.78 16.89
N LEU C 63 15.64 8.37 16.62
CA LEU C 63 15.85 9.78 16.97
C LEU C 63 15.05 10.69 16.06
N VAL C 64 14.94 10.32 14.78
CA VAL C 64 14.23 11.17 13.83
C VAL C 64 12.72 11.08 13.99
N ASP C 65 12.22 10.04 14.66
CA ASP C 65 10.79 9.98 14.94
C ASP C 65 10.34 10.98 16.00
N LEU C 66 11.28 11.54 16.78
CA LEU C 66 10.93 12.35 17.94
C LEU C 66 10.16 13.61 17.54
N LYS C 67 9.71 14.34 18.57
CA LYS C 67 8.98 15.58 18.36
C LYS C 67 9.84 16.58 17.60
N TRP C 68 9.16 17.47 16.87
CA TRP C 68 9.88 18.48 16.10
C TRP C 68 10.82 19.34 16.94
N PRO C 69 10.46 19.82 18.13
CA PRO C 69 11.46 20.54 18.94
C PRO C 69 12.63 19.68 19.36
N HIS C 70 12.37 18.46 19.86
CA HIS C 70 13.46 17.58 20.26
C HIS C 70 14.32 17.20 19.05
N THR C 71 13.69 16.98 17.90
CA THR C 71 14.45 16.59 16.73
C THR C 71 15.32 17.74 16.24
N LEU C 72 14.81 18.98 16.28
CA LEU C 72 15.63 20.12 15.92
C LEU C 72 16.79 20.29 16.89
N LEU C 73 16.54 20.04 18.18
CA LEU C 73 17.59 20.12 19.19
C LEU C 73 18.70 19.12 18.89
N ILE C 74 18.34 17.87 18.60
CA ILE C 74 19.38 16.87 18.39
C ILE C 74 20.10 17.12 17.06
N PHE C 75 19.42 17.71 16.07
CA PHE C 75 20.08 18.01 14.81
C PHE C 75 21.13 19.10 14.97
N THR C 76 20.75 20.22 15.59
CA THR C 76 21.74 21.26 15.85
C THR C 76 22.85 20.74 16.77
N MET C 77 22.52 19.81 17.67
CA MET C 77 23.53 19.24 18.55
C MET C 77 24.57 18.45 17.75
N SER C 78 24.11 17.58 16.84
CA SER C 78 25.04 16.83 16.00
C SER C 78 25.92 17.76 15.17
N PHE C 79 25.31 18.77 14.56
CA PHE C 79 26.09 19.68 13.72
C PHE C 79 27.16 20.41 14.53
N LEU C 80 26.77 20.98 15.67
CA LEU C 80 27.73 21.71 16.48
C LEU C 80 28.82 20.78 17.02
N CYS C 81 28.47 19.55 17.37
CA CYS C 81 29.46 18.60 17.83
C CYS C 81 30.53 18.36 16.78
N SER C 82 30.12 18.04 15.55
CA SER C 82 31.11 17.81 14.49
C SER C 82 31.94 19.05 14.22
N TRP C 83 31.29 20.23 14.18
CA TRP C 83 32.02 21.47 13.90
C TRP C 83 33.09 21.72 14.95
N LEU C 84 32.74 21.59 16.23
CA LEU C 84 33.70 21.85 17.30
C LEU C 84 34.82 20.82 17.30
N LEU C 85 34.49 19.55 17.03
CA LEU C 85 35.52 18.52 16.97
C LEU C 85 36.58 18.87 15.93
N PHE C 86 36.15 19.19 14.71
CA PHE C 86 37.14 19.47 13.66
C PHE C 86 37.82 20.82 13.86
N ALA C 87 37.14 21.78 14.48
CA ALA C 87 37.82 23.04 14.82
C ALA C 87 38.94 22.79 15.81
N MET C 88 38.69 21.96 16.82
CA MET C 88 39.73 21.62 17.79
C MET C 88 40.91 20.94 17.11
N VAL C 89 40.62 19.97 16.22
CA VAL C 89 41.74 19.26 15.59
C VAL C 89 42.52 20.19 14.67
N TRP C 90 41.86 21.17 14.04
CA TRP C 90 42.59 22.09 13.17
C TRP C 90 43.44 23.07 13.97
N TRP C 91 42.89 23.59 15.07
CA TRP C 91 43.72 24.41 15.96
C TRP C 91 44.93 23.62 16.45
N LEU C 92 44.73 22.34 16.77
CA LEU C 92 45.83 21.52 17.24
C LEU C 92 46.90 21.35 16.18
N ILE C 93 46.49 21.07 14.93
CA ILE C 93 47.48 20.82 13.89
C ILE C 93 48.23 22.11 13.54
N ALA C 94 47.53 23.25 13.53
CA ALA C 94 48.21 24.51 13.29
C ALA C 94 49.17 24.86 14.42
N PHE C 95 48.82 24.50 15.66
CA PHE C 95 49.73 24.68 16.77
C PHE C 95 50.95 23.77 16.65
N ALA C 96 50.72 22.53 16.19
CA ALA C 96 51.78 21.52 16.16
C ALA C 96 52.80 21.82 15.07
N HIS C 97 52.34 22.19 13.88
CA HIS C 97 53.29 22.50 12.81
C HIS C 97 54.20 23.67 13.17
N GLY C 98 53.83 24.48 14.16
CA GLY C 98 54.53 25.69 14.46
C GLY C 98 54.04 26.90 13.70
N ASP C 99 53.14 26.70 12.72
CA ASP C 99 52.56 27.81 11.98
C ASP C 99 51.72 28.71 12.88
N LEU C 100 51.23 28.20 14.01
CA LEU C 100 50.47 29.04 14.93
C LEU C 100 51.38 30.01 15.67
N ALA C 101 52.62 29.63 15.91
CA ALA C 101 53.59 30.56 16.47
C ALA C 101 53.78 31.73 15.50
N PRO C 102 53.39 32.96 15.86
CA PRO C 102 53.50 34.07 14.90
C PRO C 102 54.94 34.35 14.49
N GLY C 103 55.26 34.07 13.22
CA GLY C 103 56.59 34.32 12.70
C GLY C 103 56.59 34.67 11.23
N GLU C 104 57.48 35.57 10.84
CA GLU C 104 57.58 36.03 9.46
C GLU C 104 58.78 35.35 8.80
N GLY C 105 58.53 34.63 7.70
CA GLY C 105 59.58 33.98 6.96
C GLY C 105 59.94 32.62 7.51
N THR C 106 60.79 31.92 6.77
CA THR C 106 61.30 30.59 7.07
C THR C 106 60.20 29.54 7.13
N ASN C 107 58.96 29.90 6.78
CA ASN C 107 57.85 28.96 6.78
C ASN C 107 56.71 29.54 5.99
N VAL C 108 55.77 28.66 5.64
CA VAL C 108 54.46 29.08 5.16
C VAL C 108 53.43 28.30 5.99
N PRO C 109 52.48 28.95 6.62
CA PRO C 109 51.50 28.21 7.43
C PRO C 109 50.71 27.25 6.56
N CYS C 110 50.48 26.05 7.10
CA CYS C 110 49.66 25.07 6.39
C CYS C 110 48.31 25.66 6.02
N VAL C 111 47.77 26.52 6.90
CA VAL C 111 46.60 27.33 6.61
C VAL C 111 47.01 28.78 6.77
N THR C 112 47.08 29.51 5.66
CA THR C 112 47.55 30.89 5.70
C THR C 112 46.63 31.74 6.56
N SER C 113 47.22 32.74 7.23
CA SER C 113 46.50 33.70 8.05
C SER C 113 45.62 32.99 9.09
N ILE C 114 46.28 32.23 9.96
CA ILE C 114 45.65 31.63 11.12
C ILE C 114 46.37 32.14 12.36
N HIS C 115 45.61 32.64 13.33
CA HIS C 115 46.20 33.32 14.47
C HIS C 115 45.83 32.69 15.81
N SER C 116 44.55 32.43 16.05
CA SER C 116 44.11 31.97 17.35
C SER C 116 43.04 30.91 17.16
N PHE C 117 42.45 30.47 18.27
CA PHE C 117 41.40 29.46 18.21
C PHE C 117 40.15 30.01 17.52
N SER C 118 39.91 31.31 17.62
CA SER C 118 38.73 31.89 16.98
C SER C 118 38.83 31.79 15.47
N SER C 119 39.96 32.19 14.89
CA SER C 119 40.14 32.05 13.45
C SER C 119 40.17 30.59 13.03
N ALA C 120 40.62 29.70 13.92
CA ALA C 120 40.61 28.28 13.60
C ALA C 120 39.17 27.76 13.50
N PHE C 121 38.31 28.14 14.45
CA PHE C 121 36.91 27.75 14.38
C PHE C 121 36.24 28.37 13.16
N LEU C 122 36.62 29.60 12.82
CA LEU C 122 36.07 30.23 11.61
C LEU C 122 36.49 29.46 10.36
N PHE C 123 37.74 29.00 10.29
CA PHE C 123 38.18 28.18 9.17
C PHE C 123 37.42 26.86 9.14
N SER C 124 37.18 26.27 10.31
CA SER C 124 36.45 25.01 10.38
C SER C 124 35.03 25.16 9.83
N ILE C 125 34.34 26.21 10.25
CA ILE C 125 32.98 26.42 9.75
C ILE C 125 32.98 26.91 8.31
N GLU C 126 34.10 27.47 7.84
CA GLU C 126 34.20 27.90 6.45
C GLU C 126 34.39 26.72 5.51
N VAL C 127 35.15 25.71 5.94
CA VAL C 127 35.39 24.56 5.08
C VAL C 127 34.34 23.47 5.26
N GLN C 128 33.71 23.38 6.43
CA GLN C 128 32.79 22.28 6.70
C GLN C 128 31.47 22.48 5.96
N VAL C 129 30.80 23.61 6.18
CA VAL C 129 29.46 23.81 5.65
C VAL C 129 29.56 24.34 4.23
N THR C 130 30.77 24.36 3.68
CA THR C 130 31.04 24.64 2.27
C THR C 130 30.60 26.05 1.87
N ILE C 131 31.08 27.04 2.61
CA ILE C 131 30.98 28.43 2.20
C ILE C 131 32.27 28.92 1.56
N GLY C 132 33.42 28.52 2.11
CA GLY C 132 34.71 28.79 1.50
C GLY C 132 35.05 30.26 1.34
N PHE C 133 35.29 30.95 2.45
CA PHE C 133 35.61 32.37 2.38
C PHE C 133 36.94 32.63 1.68
N GLY C 134 37.93 31.78 1.93
CA GLY C 134 39.20 31.91 1.27
C GLY C 134 40.09 33.03 1.76
N GLY C 135 39.77 33.65 2.89
CA GLY C 135 40.71 34.57 3.50
C GLY C 135 41.88 33.84 4.14
N ARG C 136 41.62 32.67 4.72
CA ARG C 136 42.64 31.79 5.24
C ARG C 136 42.73 30.59 4.31
N MET C 137 43.91 30.39 3.71
CA MET C 137 44.09 29.45 2.62
C MET C 137 44.94 28.27 3.09
N VAL C 138 44.42 27.07 2.90
CA VAL C 138 45.22 25.86 3.10
C VAL C 138 46.18 25.72 1.92
N THR C 139 47.43 25.40 2.22
CA THR C 139 48.50 25.42 1.23
C THR C 139 48.93 24.00 0.88
N GLU C 140 49.71 23.89 -0.19
CA GLU C 140 50.22 22.63 -0.71
C GLU C 140 51.56 22.24 -0.08
N GLU C 141 51.85 22.73 1.12
CA GLU C 141 53.09 22.39 1.81
C GLU C 141 52.93 21.21 2.76
N CYS C 142 51.76 21.07 3.38
CA CYS C 142 51.53 20.06 4.41
C CYS C 142 50.49 19.06 3.94
N PRO C 143 50.86 17.81 3.64
CA PRO C 143 49.85 16.82 3.25
C PRO C 143 48.91 16.41 4.39
N LEU C 144 49.30 16.65 5.65
CA LEU C 144 48.44 16.30 6.77
C LEU C 144 47.17 17.14 6.78
N ALA C 145 47.30 18.43 6.46
CA ALA C 145 46.11 19.28 6.30
C ALA C 145 45.25 18.78 5.15
N ILE C 146 45.87 18.29 4.08
CA ILE C 146 45.11 17.73 2.97
C ILE C 146 44.28 16.54 3.45
N LEU C 147 44.89 15.66 4.27
CA LEU C 147 44.15 14.50 4.77
C LEU C 147 43.01 14.92 5.70
N ILE C 148 43.26 15.88 6.59
CA ILE C 148 42.20 16.29 7.52
C ILE C 148 41.06 16.94 6.76
N LEU C 149 41.36 17.67 5.68
CA LEU C 149 40.31 18.24 4.86
C LEU C 149 39.54 17.15 4.11
N ILE C 150 40.25 16.15 3.59
CA ILE C 150 39.61 15.10 2.80
C ILE C 150 38.75 14.19 3.66
N VAL C 151 38.99 14.13 4.96
CA VAL C 151 38.07 13.39 5.83
C VAL C 151 36.96 14.29 6.37
N GLN C 152 37.28 15.56 6.62
CA GLN C 152 36.28 16.52 7.06
C GLN C 152 35.14 16.63 6.05
N ASN C 153 35.48 16.75 4.77
CA ASN C 153 34.44 16.98 3.77
C ASN C 153 33.53 15.76 3.62
N ILE C 154 34.10 14.55 3.61
CA ILE C 154 33.26 13.36 3.43
C ILE C 154 32.38 13.12 4.66
N VAL C 155 32.92 13.32 5.87
CA VAL C 155 32.07 13.12 7.03
C VAL C 155 30.97 14.18 7.09
N GLY C 156 31.29 15.41 6.68
CA GLY C 156 30.26 16.45 6.62
C GLY C 156 29.18 16.12 5.62
N LEU C 157 29.58 15.62 4.44
CA LEU C 157 28.59 15.26 3.43
C LEU C 157 27.69 14.12 3.90
N MET C 158 28.27 13.13 4.59
CA MET C 158 27.46 12.00 5.05
C MET C 158 26.48 12.44 6.12
N ILE C 159 26.94 13.27 7.07
CA ILE C 159 26.02 13.71 8.13
C ILE C 159 24.95 14.64 7.56
N ASN C 160 25.30 15.47 6.56
CA ASN C 160 24.30 16.30 5.90
C ASN C 160 23.26 15.45 5.19
N ALA C 161 23.71 14.39 4.51
CA ALA C 161 22.77 13.54 3.77
C ALA C 161 21.81 12.84 4.72
N ILE C 162 22.32 12.29 5.83
CA ILE C 162 21.41 11.62 6.76
C ILE C 162 20.47 12.63 7.41
N MET C 163 20.97 13.82 7.77
CA MET C 163 20.11 14.81 8.41
C MET C 163 19.13 15.47 7.45
N LEU C 164 19.31 15.29 6.14
CA LEU C 164 18.28 15.73 5.20
C LEU C 164 17.26 14.63 4.95
N GLY C 165 17.73 13.42 4.67
CA GLY C 165 16.81 12.30 4.47
C GLY C 165 15.90 12.09 5.67
N CYS C 166 16.43 12.24 6.88
CA CYS C 166 15.63 11.98 8.07
C CYS C 166 14.56 13.05 8.26
N ILE C 167 14.90 14.32 8.03
CA ILE C 167 13.88 15.35 8.20
C ILE C 167 12.82 15.24 7.11
N PHE C 168 13.19 14.82 5.90
CA PHE C 168 12.14 14.62 4.90
C PHE C 168 11.25 13.45 5.27
N MET C 169 11.85 12.33 5.72
CA MET C 169 11.06 11.21 6.20
C MET C 169 10.15 11.63 7.35
N LYS C 170 10.58 12.61 8.15
CA LYS C 170 9.73 13.14 9.21
C LYS C 170 8.57 13.95 8.63
N THR C 171 8.83 14.84 7.67
CA THR C 171 7.75 15.66 7.12
C THR C 171 6.66 14.83 6.45
N ALA C 172 6.84 13.52 6.31
CA ALA C 172 5.77 12.61 5.91
C ALA C 172 4.89 12.19 7.08
N GLN C 173 4.95 12.91 8.20
CA GLN C 173 4.13 12.60 9.36
C GLN C 173 2.72 13.15 9.13
N ALA C 174 1.77 12.25 8.88
CA ALA C 174 0.35 12.58 8.91
C ALA C 174 -0.35 11.91 10.08
N HIS C 175 0.41 11.55 11.13
CA HIS C 175 -0.17 10.90 12.30
C HIS C 175 -1.02 11.86 13.12
N ARG C 176 -0.83 13.16 12.98
CA ARG C 176 -1.67 14.12 13.70
C ARG C 176 -3.12 14.05 13.22
N ARG C 177 -3.32 13.81 11.93
CA ARG C 177 -4.67 13.71 11.38
C ARG C 177 -5.30 12.34 11.58
N ALA C 178 -4.50 11.30 11.81
CA ALA C 178 -5.01 9.95 12.00
C ALA C 178 -5.42 9.73 13.45
N GLU C 179 -6.14 8.63 13.68
CA GLU C 179 -6.61 8.21 14.99
C GLU C 179 -7.64 9.15 15.59
N THR C 180 -8.26 10.00 14.78
CA THR C 180 -9.34 10.86 15.23
C THR C 180 -10.70 10.15 15.24
N LEU C 181 -10.76 8.90 14.78
CA LEU C 181 -12.02 8.18 14.75
C LEU C 181 -12.57 7.99 16.16
N ILE C 182 -13.90 8.08 16.28
CA ILE C 182 -14.56 8.05 17.58
C ILE C 182 -15.67 7.01 17.55
N PHE C 183 -15.81 6.29 18.66
CA PHE C 183 -16.91 5.39 18.92
C PHE C 183 -17.65 5.90 20.15
N SER C 184 -18.93 5.55 20.25
CA SER C 184 -19.69 5.92 21.44
C SER C 184 -19.13 5.20 22.67
N LYS C 185 -19.25 5.85 23.82
CA LYS C 185 -18.59 5.34 25.02
C LYS C 185 -19.17 3.98 25.44
N HIS C 186 -20.48 3.85 25.41
CA HIS C 186 -21.15 2.59 25.70
C HIS C 186 -22.06 2.21 24.53
N ALA C 187 -22.14 0.90 24.27
CA ALA C 187 -22.95 0.37 23.20
C ALA C 187 -24.24 -0.21 23.78
N VAL C 188 -25.29 -0.23 22.96
CA VAL C 188 -26.61 -0.64 23.42
C VAL C 188 -27.06 -1.88 22.65
N ILE C 189 -28.10 -2.52 23.17
CA ILE C 189 -28.77 -3.60 22.47
C ILE C 189 -30.26 -3.26 22.38
N THR C 190 -30.88 -3.69 21.29
CA THR C 190 -32.29 -3.37 21.06
C THR C 190 -32.95 -4.58 20.40
N LEU C 191 -34.20 -4.43 20.00
CA LEU C 191 -34.98 -5.47 19.34
C LEU C 191 -35.38 -4.95 17.97
N ARG C 192 -34.72 -5.45 16.92
CA ARG C 192 -35.00 -5.04 15.55
C ARG C 192 -35.45 -6.25 14.76
N HIS C 193 -36.53 -6.08 13.99
CA HIS C 193 -37.06 -7.13 13.12
C HIS C 193 -37.36 -8.41 13.90
N GLY C 194 -37.81 -8.25 15.14
CA GLY C 194 -38.15 -9.37 15.98
C GLY C 194 -36.97 -10.13 16.56
N ARG C 195 -35.74 -9.66 16.34
CA ARG C 195 -34.56 -10.32 16.85
C ARG C 195 -33.71 -9.32 17.63
N LEU C 196 -33.00 -9.82 18.64
CA LEU C 196 -32.12 -8.96 19.41
C LEU C 196 -30.93 -8.52 18.57
N CYS C 197 -30.51 -7.26 18.75
CA CYS C 197 -29.47 -6.68 17.91
C CYS C 197 -28.56 -5.78 18.73
N PHE C 198 -27.35 -5.61 18.21
CA PHE C 198 -26.28 -4.82 18.81
C PHE C 198 -26.16 -3.51 18.03
N MET C 199 -26.20 -2.38 18.75
CA MET C 199 -26.11 -1.07 18.13
C MET C 199 -24.98 -0.28 18.77
N LEU C 200 -24.09 0.26 17.93
CA LEU C 200 -22.89 0.95 18.37
C LEU C 200 -22.51 1.95 17.29
N ARG C 201 -22.20 3.18 17.69
CA ARG C 201 -21.95 4.25 16.75
C ARG C 201 -20.46 4.38 16.42
N VAL C 202 -20.18 4.61 15.14
CA VAL C 202 -18.84 4.97 14.68
C VAL C 202 -18.96 6.32 13.98
N GLY C 203 -17.85 6.82 13.45
CA GLY C 203 -17.92 8.10 12.75
C GLY C 203 -16.58 8.70 12.37
N ASP C 204 -16.62 9.64 11.44
CA ASP C 204 -15.47 10.40 10.99
C ASP C 204 -15.44 11.76 11.69
N LEU C 205 -14.25 12.36 11.72
CA LEU C 205 -14.05 13.65 12.36
C LEU C 205 -13.39 14.68 11.45
N ARG C 206 -13.10 14.32 10.19
CA ARG C 206 -12.49 15.25 9.25
C ARG C 206 -13.12 15.06 7.88
N LYS C 207 -12.77 15.97 6.97
CA LYS C 207 -13.24 15.87 5.60
C LYS C 207 -12.64 14.67 4.88
N SER C 208 -11.41 14.30 5.23
CA SER C 208 -10.73 13.20 4.56
C SER C 208 -11.41 11.86 4.87
N MET C 209 -11.69 11.10 3.82
CA MET C 209 -12.35 9.80 3.94
C MET C 209 -11.34 8.72 4.29
N ILE C 210 -11.86 7.51 4.50
CA ILE C 210 -11.04 6.33 4.77
C ILE C 210 -11.51 5.23 3.82
N ILE C 211 -10.59 4.70 3.02
CA ILE C 211 -10.95 3.83 1.90
C ILE C 211 -11.04 2.39 2.37
N SER C 212 -12.13 1.72 2.02
CA SER C 212 -12.32 0.28 2.24
C SER C 212 -12.16 -0.09 3.71
N ALA C 213 -12.80 0.70 4.58
CA ALA C 213 -12.76 0.41 6.01
C ALA C 213 -13.53 -0.87 6.31
N THR C 214 -12.86 -1.83 6.95
CA THR C 214 -13.47 -3.10 7.32
C THR C 214 -13.56 -3.19 8.84
N ILE C 215 -14.52 -3.96 9.31
CA ILE C 215 -14.76 -4.14 10.73
C ILE C 215 -14.45 -5.58 11.10
N HIS C 216 -13.55 -5.76 12.07
CA HIS C 216 -13.27 -7.04 12.68
C HIS C 216 -13.78 -6.93 14.11
N MET C 217 -14.95 -7.50 14.36
CA MET C 217 -15.61 -7.42 15.65
C MET C 217 -15.36 -8.73 16.39
N GLN C 218 -14.74 -8.66 17.56
CA GLN C 218 -14.31 -9.84 18.29
C GLN C 218 -14.74 -9.73 19.75
N VAL C 219 -14.76 -10.88 20.42
CA VAL C 219 -15.17 -10.99 21.81
C VAL C 219 -14.19 -11.90 22.53
N VAL C 220 -13.79 -11.53 23.74
CA VAL C 220 -12.86 -12.35 24.52
C VAL C 220 -13.55 -12.80 25.80
N ARG C 221 -13.12 -13.96 26.29
CA ARG C 221 -13.69 -14.57 27.49
C ARG C 221 -12.79 -15.73 27.93
N LYS C 222 -12.72 -15.93 29.25
CA LYS C 222 -12.04 -17.09 29.79
C LYS C 222 -12.95 -18.31 29.62
N THR C 223 -12.54 -19.24 28.76
CA THR C 223 -13.38 -20.36 28.35
C THR C 223 -12.78 -21.68 28.80
N THR C 224 -13.65 -22.63 29.15
CA THR C 224 -13.26 -23.98 29.51
C THR C 224 -13.90 -24.95 28.52
N SER C 225 -13.08 -25.69 27.79
CA SER C 225 -13.57 -26.62 26.79
C SER C 225 -14.18 -27.85 27.48
N PRO C 226 -15.02 -28.61 26.77
CA PRO C 226 -15.54 -29.86 27.34
C PRO C 226 -14.47 -30.92 27.59
N GLU C 227 -13.28 -30.76 27.02
CA GLU C 227 -12.18 -31.69 27.23
C GLU C 227 -11.33 -31.34 28.45
N GLY C 228 -11.82 -30.45 29.32
CA GLY C 228 -11.11 -30.06 30.52
C GLY C 228 -10.07 -28.99 30.32
N GLU C 229 -9.94 -28.46 29.10
CA GLU C 229 -8.99 -27.39 28.79
C GLU C 229 -9.58 -26.04 29.12
N VAL C 230 -8.85 -25.25 29.90
CA VAL C 230 -9.26 -23.91 30.29
C VAL C 230 -8.33 -22.91 29.59
N VAL C 231 -8.91 -22.02 28.80
CA VAL C 231 -8.13 -20.96 28.16
C VAL C 231 -8.35 -19.67 28.95
N PRO C 232 -7.29 -18.90 29.20
CA PRO C 232 -7.46 -17.65 29.97
C PRO C 232 -8.16 -16.55 29.20
N LEU C 233 -8.15 -16.60 27.87
CA LEU C 233 -8.79 -15.60 27.03
C LEU C 233 -8.99 -16.21 25.66
N HIS C 234 -10.18 -15.99 25.09
CA HIS C 234 -10.59 -16.66 23.86
C HIS C 234 -11.20 -15.65 22.91
N GLN C 235 -10.46 -15.28 21.86
CA GLN C 235 -10.99 -14.39 20.83
C GLN C 235 -11.82 -15.19 19.84
N VAL C 236 -13.00 -14.66 19.51
CA VAL C 236 -13.88 -15.27 18.51
C VAL C 236 -14.51 -14.17 17.69
N ASP C 237 -14.63 -14.42 16.39
CA ASP C 237 -15.18 -13.41 15.47
C ASP C 237 -16.70 -13.40 15.56
N ILE C 238 -17.24 -12.24 15.89
CA ILE C 238 -18.68 -11.97 15.80
C ILE C 238 -18.91 -11.14 14.54
N PRO C 239 -19.80 -11.57 13.65
CA PRO C 239 -19.84 -10.97 12.31
C PRO C 239 -20.39 -9.54 12.33
N MET C 240 -19.95 -8.76 11.35
CA MET C 240 -20.57 -7.48 11.06
C MET C 240 -21.61 -7.67 9.98
N GLU C 241 -22.88 -7.48 10.33
CA GLU C 241 -23.98 -7.80 9.43
C GLU C 241 -24.24 -6.63 8.50
N ASN C 242 -23.85 -6.82 7.25
CA ASN C 242 -23.96 -5.95 6.10
C ASN C 242 -24.83 -6.67 5.06
N GLY C 243 -24.75 -6.20 3.82
CA GLY C 243 -25.45 -6.81 2.71
C GLY C 243 -24.97 -8.20 2.41
N VAL C 244 -25.31 -8.71 1.22
CA VAL C 244 -25.12 -10.13 0.87
C VAL C 244 -23.84 -10.70 1.51
N GLY C 245 -22.79 -9.88 1.63
CA GLY C 245 -21.52 -10.31 2.17
C GLY C 245 -20.76 -9.16 2.75
N GLY C 246 -19.43 -9.18 2.56
CA GLY C 246 -18.63 -8.03 2.91
C GLY C 246 -18.23 -7.94 4.37
N ASN C 247 -16.94 -7.73 4.61
CA ASN C 247 -16.41 -7.46 5.94
C ASN C 247 -16.18 -5.97 6.16
N GLY C 248 -16.39 -5.15 5.12
CA GLY C 248 -16.14 -3.74 5.18
C GLY C 248 -17.42 -2.91 5.15
N ILE C 249 -17.26 -1.63 5.44
CA ILE C 249 -18.34 -0.67 5.49
C ILE C 249 -17.91 0.60 4.75
N PHE C 250 -18.81 1.58 4.73
CA PHE C 250 -18.57 2.87 4.09
C PHE C 250 -18.92 3.96 5.08
N LEU C 251 -17.95 4.81 5.40
CA LEU C 251 -18.07 5.81 6.45
C LEU C 251 -18.16 7.20 5.83
N VAL C 252 -19.34 7.81 5.91
CA VAL C 252 -19.51 9.22 5.59
C VAL C 252 -20.12 9.92 6.80
N ALA C 253 -21.29 9.44 7.21
CA ALA C 253 -21.96 9.89 8.42
C ALA C 253 -21.81 8.84 9.51
N PRO C 254 -22.06 9.20 10.78
CA PRO C 254 -22.08 8.19 11.83
C PRO C 254 -23.07 7.08 11.54
N LEU C 255 -22.56 5.88 11.29
CA LEU C 255 -23.36 4.73 10.91
C LEU C 255 -23.31 3.71 12.05
N ILE C 256 -24.46 3.45 12.66
CA ILE C 256 -24.53 2.43 13.71
C ILE C 256 -24.27 1.08 13.08
N ILE C 257 -23.22 0.41 13.56
CA ILE C 257 -22.93 -0.94 13.09
C ILE C 257 -24.04 -1.87 13.57
N TYR C 258 -24.57 -2.68 12.67
CA TYR C 258 -25.78 -3.46 12.93
C TYR C 258 -25.45 -4.94 12.85
N HIS C 259 -25.43 -5.60 14.01
CA HIS C 259 -25.28 -7.05 14.09
C HIS C 259 -26.48 -7.63 14.83
N VAL C 260 -26.86 -8.84 14.44
CA VAL C 260 -27.96 -9.56 15.07
C VAL C 260 -27.42 -10.87 15.60
N ILE C 261 -27.48 -11.05 16.92
CA ILE C 261 -27.02 -12.29 17.55
C ILE C 261 -28.09 -13.36 17.35
N ASP C 262 -27.66 -14.51 16.83
CA ASP C 262 -28.52 -15.66 16.61
C ASP C 262 -28.00 -16.83 17.43
N SER C 263 -28.71 -17.97 17.35
CA SER C 263 -28.33 -19.15 18.12
C SER C 263 -26.91 -19.62 17.78
N ASN C 264 -26.41 -19.29 16.59
CA ASN C 264 -25.06 -19.66 16.21
C ASN C 264 -24.00 -18.72 16.77
N SER C 265 -24.39 -17.49 17.12
CA SER C 265 -23.42 -16.51 17.60
C SER C 265 -22.88 -16.90 18.97
N PRO C 266 -21.60 -16.58 19.25
CA PRO C 266 -21.03 -16.96 20.55
C PRO C 266 -21.61 -16.18 21.71
N LEU C 267 -22.06 -14.94 21.49
CA LEU C 267 -22.59 -14.08 22.53
C LEU C 267 -24.04 -14.42 22.88
N TYR C 268 -24.63 -15.41 22.21
CA TYR C 268 -26.06 -15.70 22.30
C TYR C 268 -26.47 -16.30 23.65
N ASP C 269 -25.54 -16.69 24.51
CA ASP C 269 -25.87 -17.46 25.70
C ASP C 269 -26.00 -16.63 26.98
N LEU C 270 -25.58 -15.36 26.96
CA LEU C 270 -25.50 -14.60 28.21
C LEU C 270 -26.89 -14.17 28.69
N ALA C 271 -26.90 -13.51 29.86
CA ALA C 271 -28.10 -13.05 30.55
C ALA C 271 -28.05 -11.54 30.78
N PRO C 272 -29.20 -10.87 30.83
CA PRO C 272 -29.19 -9.41 30.95
C PRO C 272 -28.90 -8.90 32.35
N SER C 273 -29.16 -9.68 33.40
CA SER C 273 -28.94 -9.19 34.77
C SER C 273 -27.57 -9.52 35.31
N ASP C 274 -26.84 -10.44 34.69
CA ASP C 274 -25.53 -10.85 35.18
C ASP C 274 -24.39 -10.11 34.51
N LEU C 275 -24.68 -9.31 33.48
CA LEU C 275 -23.62 -8.62 32.76
C LEU C 275 -23.17 -7.35 33.49
N HIS C 276 -24.07 -6.73 34.25
CA HIS C 276 -23.79 -5.39 34.77
C HIS C 276 -22.64 -5.39 35.79
N HIS C 277 -22.56 -6.43 36.62
CA HIS C 277 -21.63 -6.41 37.75
C HIS C 277 -20.58 -7.50 37.70
N HIS C 278 -20.97 -8.76 37.55
CA HIS C 278 -20.08 -9.88 37.84
C HIS C 278 -19.26 -10.32 36.64
N GLN C 279 -19.91 -10.55 35.50
CA GLN C 279 -19.26 -11.18 34.37
C GLN C 279 -18.11 -10.33 33.83
N ASP C 280 -17.20 -11.01 33.13
CA ASP C 280 -16.01 -10.38 32.54
C ASP C 280 -16.01 -10.68 31.05
N LEU C 281 -16.65 -9.81 30.27
CA LEU C 281 -16.75 -9.96 28.82
C LEU C 281 -16.27 -8.66 28.17
N GLU C 282 -15.25 -8.77 27.34
CA GLU C 282 -14.73 -7.63 26.58
C GLU C 282 -15.07 -7.82 25.11
N ILE C 283 -15.86 -6.90 24.56
CA ILE C 283 -16.21 -6.89 23.14
C ILE C 283 -15.39 -5.79 22.49
N ILE C 284 -14.44 -6.18 21.64
CA ILE C 284 -13.58 -5.22 20.97
C ILE C 284 -14.00 -5.12 19.52
N VAL C 285 -13.83 -3.93 18.96
CA VAL C 285 -14.00 -3.71 17.53
C VAL C 285 -12.69 -3.16 16.98
N ILE C 286 -12.32 -3.65 15.80
CA ILE C 286 -11.11 -3.25 15.10
C ILE C 286 -11.56 -2.73 13.74
N LEU C 287 -11.54 -1.41 13.58
CA LEU C 287 -11.92 -0.78 12.33
C LEU C 287 -10.65 -0.44 11.57
N GLU C 288 -10.44 -1.10 10.43
CA GLU C 288 -9.26 -0.92 9.61
C GLU C 288 -9.63 -0.11 8.37
N GLY C 289 -8.65 0.61 7.83
CA GLY C 289 -8.88 1.34 6.60
C GLY C 289 -7.71 2.20 6.20
N VAL C 290 -7.58 2.48 4.91
CA VAL C 290 -6.46 3.24 4.38
C VAL C 290 -6.91 4.67 4.15
N VAL C 291 -6.16 5.62 4.72
CA VAL C 291 -6.47 7.03 4.51
C VAL C 291 -6.14 7.43 3.08
N GLU C 292 -6.78 8.52 2.63
CA GLU C 292 -6.67 8.93 1.24
C GLU C 292 -5.29 9.51 0.93
N THR C 293 -4.96 10.62 1.59
CA THR C 293 -3.82 11.45 1.17
C THR C 293 -2.50 10.70 1.31
N THR C 294 -2.32 9.94 2.40
CA THR C 294 -1.06 9.25 2.63
C THR C 294 -1.05 7.84 2.06
N GLY C 295 -2.20 7.17 2.02
CA GLY C 295 -2.27 5.81 1.51
C GLY C 295 -1.89 4.73 2.50
N ILE C 296 -1.61 5.09 3.76
CA ILE C 296 -1.24 4.10 4.76
C ILE C 296 -2.50 3.51 5.37
N THR C 297 -2.39 2.27 5.86
CA THR C 297 -3.53 1.53 6.41
C THR C 297 -3.51 1.67 7.92
N THR C 298 -4.39 2.50 8.46
CA THR C 298 -4.51 2.69 9.89
C THR C 298 -5.71 1.90 10.41
N GLN C 299 -5.84 1.85 11.73
CA GLN C 299 -6.96 1.16 12.34
C GLN C 299 -7.22 1.74 13.71
N ALA C 300 -8.40 1.44 14.23
CA ALA C 300 -8.83 1.88 15.55
C ALA C 300 -9.44 0.70 16.28
N ARG C 301 -8.92 0.42 17.47
CA ARG C 301 -9.37 -0.69 18.29
C ARG C 301 -9.98 -0.14 19.56
N THR C 302 -11.16 -0.63 19.93
CA THR C 302 -11.76 -0.19 21.18
C THR C 302 -12.48 -1.35 21.85
N SER C 303 -12.57 -1.29 23.18
CA SER C 303 -13.14 -2.33 24.00
C SER C 303 -14.42 -1.84 24.68
N TYR C 304 -15.31 -2.78 24.97
CA TYR C 304 -16.49 -2.53 25.77
C TYR C 304 -16.62 -3.64 26.79
N LEU C 305 -16.60 -3.26 28.07
CA LEU C 305 -16.60 -4.23 29.16
C LEU C 305 -18.02 -4.69 29.46
N ALA C 306 -18.15 -5.57 30.46
CA ALA C 306 -19.46 -6.00 30.91
C ALA C 306 -20.17 -4.90 31.68
N ASP C 307 -19.42 -4.08 32.43
CA ASP C 307 -20.03 -2.98 33.17
C ASP C 307 -20.31 -1.77 32.30
N GLU C 308 -19.72 -1.70 31.10
CA GLU C 308 -19.92 -0.56 30.22
C GLU C 308 -21.21 -0.67 29.43
N ILE C 309 -21.50 -1.86 28.92
CA ILE C 309 -22.66 -2.07 28.05
C ILE C 309 -23.93 -2.13 28.89
N LEU C 310 -25.02 -1.64 28.33
CA LEU C 310 -26.31 -1.58 29.01
C LEU C 310 -27.37 -2.23 28.11
N TRP C 311 -28.62 -2.22 28.60
CA TRP C 311 -29.68 -3.02 28.00
C TRP C 311 -30.91 -2.18 27.71
N GLY C 312 -31.57 -2.49 26.60
CA GLY C 312 -32.88 -1.98 26.27
C GLY C 312 -33.02 -0.48 26.13
N GLN C 313 -32.38 0.10 25.13
CA GLN C 313 -32.37 1.54 24.92
C GLN C 313 -32.36 1.84 23.42
N ARG C 314 -32.38 3.12 23.08
CA ARG C 314 -32.26 3.50 21.67
C ARG C 314 -31.56 4.83 21.52
N PHE C 315 -30.65 4.91 20.54
CA PHE C 315 -29.97 6.17 20.25
C PHE C 315 -30.94 7.17 19.65
N VAL C 316 -30.58 8.45 19.78
CA VAL C 316 -31.38 9.55 19.24
C VAL C 316 -30.94 9.80 17.80
N PRO C 317 -31.87 9.97 16.85
CA PRO C 317 -31.47 10.21 15.46
C PRO C 317 -30.60 11.45 15.32
N ILE C 318 -29.42 11.26 14.75
CA ILE C 318 -28.46 12.36 14.59
C ILE C 318 -28.78 13.18 13.35
N VAL C 319 -28.82 12.52 12.19
CA VAL C 319 -29.04 13.22 10.93
C VAL C 319 -30.39 13.91 10.94
N ALA C 320 -30.45 15.08 10.33
CA ALA C 320 -31.68 15.85 10.23
C ALA C 320 -31.72 16.57 8.89
N GLU C 321 -32.91 16.65 8.30
CA GLU C 321 -33.08 17.33 7.02
C GLU C 321 -32.95 18.84 7.25
N GLU C 322 -31.77 19.38 7.00
CA GLU C 322 -31.51 20.79 7.18
C GLU C 322 -32.11 21.57 6.00
N ASP C 323 -31.70 22.84 5.88
CA ASP C 323 -32.21 23.74 4.85
C ASP C 323 -32.18 23.09 3.47
N GLY C 324 -31.00 22.62 3.06
CA GLY C 324 -30.86 21.94 1.78
C GLY C 324 -29.88 20.79 1.84
N ARG C 325 -29.48 20.40 3.04
CA ARG C 325 -28.50 19.34 3.24
C ARG C 325 -28.95 18.46 4.40
N TYR C 326 -28.02 17.65 4.89
CA TYR C 326 -28.22 16.80 6.06
C TYR C 326 -27.34 17.31 7.18
N SER C 327 -27.94 17.71 8.29
CA SER C 327 -27.21 18.22 9.44
C SER C 327 -27.02 17.10 10.46
N VAL C 328 -25.78 16.89 10.89
CA VAL C 328 -25.44 15.89 11.89
C VAL C 328 -25.08 16.63 13.18
N ASP C 329 -25.78 16.31 14.26
CA ASP C 329 -25.56 16.90 15.57
C ASP C 329 -24.81 15.91 16.45
N TYR C 330 -23.59 16.26 16.82
CA TYR C 330 -22.76 15.38 17.64
C TYR C 330 -23.01 15.54 19.14
N SER C 331 -23.90 16.45 19.54
CA SER C 331 -24.28 16.55 20.94
C SER C 331 -25.14 15.36 21.35
N LYS C 332 -26.04 14.93 20.47
CA LYS C 332 -26.86 13.75 20.69
C LYS C 332 -26.15 12.45 20.30
N PHE C 333 -24.84 12.51 20.04
CA PHE C 333 -24.11 11.33 19.62
C PHE C 333 -24.19 10.22 20.66
N GLY C 334 -23.88 10.53 21.91
CA GLY C 334 -23.98 9.59 22.99
C GLY C 334 -25.27 9.66 23.78
N ASN C 335 -26.28 10.35 23.29
CA ASN C 335 -27.54 10.44 24.00
C ASN C 335 -28.41 9.21 23.70
N THR C 336 -29.31 8.92 24.63
CA THR C 336 -30.02 7.65 24.63
C THR C 336 -31.40 7.83 25.26
N ILE C 337 -32.40 7.18 24.68
CA ILE C 337 -33.78 7.26 25.17
C ILE C 337 -34.25 5.88 25.57
N LYS C 338 -35.16 5.85 26.54
CA LYS C 338 -35.75 4.62 27.03
C LYS C 338 -36.72 4.05 26.00
N VAL C 339 -36.73 2.72 25.89
CA VAL C 339 -37.63 2.03 24.97
C VAL C 339 -38.31 0.88 25.72
N PRO C 340 -39.64 0.79 25.68
CA PRO C 340 -40.33 -0.33 26.35
C PRO C 340 -40.12 -1.64 25.60
N THR C 341 -38.94 -2.26 25.78
CA THR C 341 -38.62 -3.53 25.16
C THR C 341 -38.47 -4.62 26.22
N PRO C 342 -38.87 -5.85 25.92
CA PRO C 342 -38.78 -6.92 26.91
C PRO C 342 -37.32 -7.24 27.27
N LEU C 343 -37.12 -7.55 28.54
CA LEU C 343 -35.80 -7.85 29.10
C LEU C 343 -35.73 -9.34 29.41
N CYS C 344 -34.89 -10.07 28.67
CA CYS C 344 -34.74 -11.50 28.85
C CYS C 344 -33.45 -11.94 28.17
N THR C 345 -33.02 -13.16 28.49
CA THR C 345 -31.79 -13.71 27.92
C THR C 345 -32.00 -14.13 26.48
N ALA C 346 -30.92 -14.09 25.69
CA ALA C 346 -31.02 -14.37 24.27
C ALA C 346 -31.39 -15.84 24.02
N ARG C 347 -30.88 -16.76 24.85
CA ARG C 347 -31.29 -18.16 24.74
C ARG C 347 -32.77 -18.31 25.06
N GLN C 348 -33.21 -17.73 26.19
CA GLN C 348 -34.62 -17.76 26.53
C GLN C 348 -35.46 -16.97 25.54
N LEU C 349 -34.89 -15.92 24.95
CA LEU C 349 -35.63 -15.17 23.92
C LEU C 349 -35.83 -16.02 22.67
N ASP C 350 -34.82 -16.81 22.30
CA ASP C 350 -34.98 -17.70 21.15
C ASP C 350 -35.96 -18.82 21.46
N GLU C 351 -35.96 -19.32 22.70
CA GLU C 351 -36.95 -20.32 23.09
C GLU C 351 -38.36 -19.74 23.04
N ASP C 352 -38.52 -18.49 23.47
CA ASP C 352 -39.83 -17.83 23.39
C ASP C 352 -40.23 -17.56 21.96
N ARG C 353 -39.27 -17.27 21.08
CA ARG C 353 -39.57 -17.13 19.66
C ARG C 353 -40.00 -18.45 19.06
N SER C 354 -39.39 -19.55 19.49
CA SER C 354 -39.88 -20.88 19.12
C SER C 354 -41.28 -21.11 19.67
N LEU C 355 -41.60 -20.50 20.82
CA LEU C 355 -42.96 -20.54 21.37
C LEU C 355 -43.82 -19.38 20.87
N LEU C 356 -43.24 -18.36 20.26
CA LEU C 356 -43.99 -17.21 19.76
C LEU C 356 -43.23 -16.50 18.65
N ASN D 24 57.13 21.89 25.37
CA ASN D 24 55.83 22.03 24.73
C ASN D 24 54.70 21.68 25.69
N GLY D 25 54.62 22.41 26.81
CA GLY D 25 53.63 22.08 27.83
C GLY D 25 52.20 22.29 27.36
N CYS D 26 51.93 23.46 26.75
CA CYS D 26 50.59 23.73 26.25
C CYS D 26 50.19 22.77 25.16
N PHE D 27 51.17 22.28 24.37
CA PHE D 27 50.88 21.27 23.36
C PHE D 27 50.33 20.00 24.00
N VAL D 28 50.98 19.52 25.05
CA VAL D 28 50.51 18.32 25.74
C VAL D 28 49.18 18.59 26.44
N ASP D 29 48.98 19.82 26.93
CA ASP D 29 47.70 20.15 27.55
C ASP D 29 46.56 20.06 26.55
N ALA D 30 46.75 20.59 25.34
CA ALA D 30 45.74 20.48 24.30
C ALA D 30 45.53 19.02 23.90
N LEU D 31 46.62 18.27 23.79
CA LEU D 31 46.53 16.85 23.46
C LEU D 31 45.71 16.09 24.49
N ASN D 32 45.78 16.50 25.76
CA ASN D 32 44.92 15.93 26.80
C ASN D 32 43.49 16.42 26.72
N VAL D 33 43.28 17.66 26.28
CA VAL D 33 41.92 18.20 26.16
C VAL D 33 41.13 17.47 25.07
N VAL D 34 41.81 17.01 24.02
CA VAL D 34 41.11 16.46 22.85
C VAL D 34 40.17 15.29 23.19
N PRO D 35 40.61 14.22 23.87
CA PRO D 35 39.73 13.04 24.01
C PRO D 35 38.46 13.30 24.82
N HIS D 36 38.54 14.15 25.86
CA HIS D 36 37.33 14.51 26.59
C HIS D 36 36.31 15.14 25.66
N VAL D 37 36.78 15.99 24.73
CA VAL D 37 35.89 16.59 23.75
C VAL D 37 35.30 15.52 22.85
N PHE D 38 36.11 14.55 22.43
CA PHE D 38 35.61 13.46 21.59
C PHE D 38 34.44 12.74 22.27
N LEU D 39 34.63 12.35 23.54
CA LEU D 39 33.59 11.61 24.24
C LEU D 39 32.36 12.48 24.52
N LEU D 40 32.58 13.72 24.95
CA LEU D 40 31.47 14.63 25.20
C LEU D 40 30.67 14.94 23.95
N PHE D 41 31.28 14.80 22.77
CA PHE D 41 30.52 15.02 21.54
C PHE D 41 29.82 13.77 21.04
N ILE D 42 30.42 12.59 21.25
CA ILE D 42 29.70 11.38 20.85
C ILE D 42 28.53 11.11 21.80
N THR D 43 28.63 11.52 23.06
CA THR D 43 27.60 11.17 24.02
C THR D 43 26.29 11.93 23.81
N PHE D 44 26.36 13.14 23.25
CA PHE D 44 25.19 14.02 23.25
C PHE D 44 24.07 13.55 22.33
N PRO D 45 24.37 13.04 21.12
CA PRO D 45 23.27 12.44 20.33
C PRO D 45 22.57 11.31 21.07
N ILE D 46 23.32 10.36 21.63
CA ILE D 46 22.71 9.23 22.31
C ILE D 46 22.02 9.66 23.60
N LEU D 47 22.63 10.60 24.33
CA LEU D 47 22.00 11.11 25.54
C LEU D 47 20.70 11.85 25.24
N PHE D 48 20.63 12.55 24.10
CA PHE D 48 19.41 13.27 23.74
C PHE D 48 18.36 12.33 23.15
N ILE D 49 18.79 11.22 22.54
CA ILE D 49 17.84 10.18 22.16
C ILE D 49 17.23 9.53 23.39
N GLY D 50 18.07 9.22 24.38
CA GLY D 50 17.58 8.62 25.60
C GLY D 50 16.76 9.55 26.47
N TRP D 51 17.04 10.86 26.40
CA TRP D 51 16.30 11.85 27.16
C TRP D 51 15.05 12.35 26.45
N GLY D 52 15.07 12.41 25.11
CA GLY D 52 13.92 12.86 24.35
C GLY D 52 12.74 11.92 24.41
N SER D 63 11.39 -2.30 31.99
CA SER D 63 11.88 -2.05 33.34
C SER D 63 12.74 -3.21 33.85
N THR D 64 13.85 -3.46 33.16
CA THR D 64 14.79 -4.53 33.53
C THR D 64 16.17 -3.93 33.69
N TRP D 65 16.79 -4.18 34.84
CA TRP D 65 18.11 -3.65 35.15
C TRP D 65 19.15 -4.75 34.95
N LEU D 66 20.05 -4.53 33.99
CA LEU D 66 21.15 -5.45 33.71
C LEU D 66 22.42 -4.88 34.31
N HIS D 67 23.07 -5.67 35.17
CA HIS D 67 24.31 -5.26 35.81
C HIS D 67 25.48 -6.06 35.24
N PHE D 68 26.62 -5.39 35.09
CA PHE D 68 27.80 -6.00 34.53
C PHE D 68 28.86 -6.17 35.61
N PRO D 69 29.77 -7.14 35.47
CA PRO D 69 30.85 -7.31 36.45
C PRO D 69 31.69 -6.05 36.55
N GLY D 70 31.96 -5.64 37.79
CA GLY D 70 32.72 -4.42 38.00
C GLY D 70 31.90 -3.15 38.00
N HIS D 71 30.57 -3.26 38.14
CA HIS D 71 29.73 -2.07 38.19
C HIS D 71 30.02 -1.24 39.44
N ASN D 72 29.97 -1.89 40.61
CA ASN D 72 30.29 -1.19 41.85
C ASN D 72 31.71 -0.67 41.83
N LEU D 73 32.65 -1.49 41.35
CA LEU D 73 34.03 -1.04 41.21
C LEU D 73 34.12 0.16 40.29
N ARG D 74 33.36 0.15 39.19
CA ARG D 74 33.39 1.26 38.25
C ARG D 74 32.88 2.54 38.90
N TRP D 75 31.78 2.46 39.65
CA TRP D 75 31.26 3.67 40.30
C TRP D 75 32.21 4.18 41.38
N ILE D 76 32.82 3.26 42.14
CA ILE D 76 33.81 3.69 43.13
C ILE D 76 34.96 4.42 42.45
N LEU D 77 35.49 3.84 41.37
CA LEU D 77 36.58 4.49 40.65
C LEU D 77 36.16 5.82 40.05
N THR D 78 34.90 5.94 39.62
CA THR D 78 34.43 7.21 39.07
C THR D 78 34.37 8.28 40.15
N PHE D 79 33.95 7.92 41.36
CA PHE D 79 33.95 8.91 42.44
C PHE D 79 35.38 9.31 42.82
N ILE D 80 36.30 8.35 42.80
CA ILE D 80 37.70 8.69 43.05
C ILE D 80 38.22 9.63 41.96
N LEU D 81 37.79 9.41 40.72
CA LEU D 81 38.13 10.33 39.63
C LEU D 81 37.58 11.72 39.89
N LEU D 82 36.34 11.81 40.37
CA LEU D 82 35.75 13.09 40.73
C LEU D 82 36.64 13.83 41.73
N PHE D 83 37.08 13.11 42.77
CA PHE D 83 37.95 13.72 43.78
C PHE D 83 39.26 14.22 43.17
N VAL D 84 39.91 13.37 42.37
CA VAL D 84 41.19 13.75 41.80
C VAL D 84 41.04 14.93 40.83
N LEU D 85 39.90 15.02 40.15
CA LEU D 85 39.68 16.16 39.26
C LEU D 85 39.45 17.45 40.05
N VAL D 86 38.78 17.34 41.20
CA VAL D 86 38.69 18.50 42.08
C VAL D 86 40.09 18.96 42.50
N CYS D 87 40.96 18.00 42.83
CA CYS D 87 42.33 18.36 43.20
C CYS D 87 43.07 19.03 42.03
N GLU D 88 42.86 18.53 40.81
CA GLU D 88 43.49 19.14 39.64
C GLU D 88 42.98 20.56 39.42
N ILE D 89 41.69 20.80 39.66
CA ILE D 89 41.16 22.16 39.53
C ILE D 89 41.80 23.07 40.58
N ALA D 90 42.00 22.55 41.80
CA ALA D 90 42.70 23.33 42.81
C ALA D 90 44.12 23.68 42.36
N GLU D 91 44.82 22.71 41.76
CA GLU D 91 46.16 22.97 41.23
C GLU D 91 46.13 24.06 40.16
N GLY D 92 45.18 23.96 39.23
CA GLY D 92 45.08 24.95 38.18
C GLY D 92 44.76 26.34 38.69
N ILE D 93 43.98 26.43 39.77
CA ILE D 93 43.73 27.72 40.39
C ILE D 93 44.99 28.26 41.05
N LEU D 94 45.76 27.38 41.70
CA LEU D 94 47.00 27.81 42.34
C LEU D 94 48.01 28.30 41.31
N SER D 95 48.04 27.68 40.12
CA SER D 95 49.03 28.05 39.11
C SER D 95 48.72 29.41 38.51
N ASP D 96 47.50 29.60 38.01
CA ASP D 96 47.11 30.85 37.37
C ASP D 96 47.06 32.00 38.37
N HIS D 103 46.28 31.88 32.11
CA HIS D 103 46.61 30.62 31.46
C HIS D 103 45.46 29.62 31.53
N LEU D 104 44.50 29.76 30.61
CA LEU D 104 43.36 28.86 30.58
C LEU D 104 43.77 27.46 30.14
N HIS D 105 44.55 27.39 29.05
CA HIS D 105 44.95 26.10 28.48
C HIS D 105 45.80 25.26 29.42
N LEU D 106 46.23 25.80 30.56
CA LEU D 106 47.00 25.04 31.52
C LEU D 106 46.16 24.35 32.57
N TYR D 107 44.90 24.75 32.74
CA TYR D 107 44.00 24.06 33.66
C TYR D 107 42.68 23.62 33.02
N MET D 108 42.51 23.81 31.71
CA MET D 108 41.33 23.27 31.04
C MET D 108 41.21 21.75 31.10
N PRO D 109 42.30 20.95 31.04
CA PRO D 109 42.12 19.49 31.08
C PRO D 109 41.29 18.97 32.25
N ALA D 110 41.44 19.56 33.44
CA ALA D 110 40.65 19.10 34.58
C ALA D 110 39.17 19.36 34.37
N GLY D 111 38.82 20.58 33.96
CA GLY D 111 37.43 20.90 33.70
C GLY D 111 36.82 20.08 32.58
N MET D 112 37.65 19.61 31.63
CA MET D 112 37.13 18.76 30.58
C MET D 112 36.95 17.33 31.06
N ALA D 113 37.92 16.80 31.82
CA ALA D 113 37.78 15.44 32.33
C ALA D 113 36.63 15.33 33.32
N PHE D 114 36.28 16.44 33.99
CA PHE D 114 35.12 16.43 34.88
C PHE D 114 33.84 16.07 34.11
N MET D 115 33.54 16.84 33.06
CA MET D 115 32.37 16.54 32.24
C MET D 115 32.52 15.20 31.54
N ALA D 116 33.76 14.79 31.23
CA ALA D 116 33.96 13.48 30.61
C ALA D 116 33.56 12.35 31.55
N ALA D 117 33.93 12.45 32.83
CA ALA D 117 33.54 11.43 33.79
C ALA D 117 32.04 11.46 34.06
N ILE D 118 31.45 12.66 34.12
CA ILE D 118 30.00 12.74 34.29
C ILE D 118 29.29 12.09 33.11
N THR D 119 29.80 12.31 31.90
CA THR D 119 29.17 11.73 30.72
C THR D 119 29.42 10.24 30.64
N SER D 120 30.54 9.75 31.16
CA SER D 120 30.74 8.31 31.27
C SER D 120 29.75 7.71 32.25
N VAL D 121 29.43 8.43 33.32
CA VAL D 121 28.39 7.98 34.24
C VAL D 121 27.05 7.91 33.52
N VAL D 122 26.72 8.95 32.75
CA VAL D 122 25.46 8.94 32.00
C VAL D 122 25.44 7.80 30.98
N TYR D 123 26.59 7.53 30.37
CA TYR D 123 26.70 6.43 29.41
C TYR D 123 26.45 5.10 30.09
N TYR D 124 27.07 4.88 31.25
CA TYR D 124 26.87 3.61 31.93
C TYR D 124 25.47 3.48 32.48
N HIS D 125 24.83 4.60 32.82
CA HIS D 125 23.42 4.57 33.18
C HIS D 125 22.57 4.14 31.98
N ASN D 126 22.85 4.71 30.80
CA ASN D 126 22.13 4.35 29.58
C ASN D 126 22.42 2.92 29.13
N ILE D 127 23.56 2.36 29.52
CA ILE D 127 23.87 0.97 29.19
C ILE D 127 23.25 0.01 30.19
N GLU D 128 23.22 0.37 31.47
CA GLU D 128 22.55 -0.46 32.47
C GLU D 128 21.04 -0.48 32.24
N THR D 129 20.47 0.64 31.76
CA THR D 129 19.04 0.63 31.47
C THR D 129 18.72 -0.08 30.17
N SER D 130 19.66 -0.14 29.23
CA SER D 130 19.48 -0.87 27.98
C SER D 130 20.85 -1.28 27.47
N ASN D 131 21.10 -2.59 27.40
CA ASN D 131 22.43 -3.11 27.11
C ASN D 131 22.74 -3.00 25.62
N PHE D 132 24.03 -2.78 25.33
CA PHE D 132 24.53 -2.70 23.97
C PHE D 132 25.96 -3.19 23.95
N PRO D 133 26.38 -3.87 22.88
CA PRO D 133 27.79 -4.24 22.73
C PRO D 133 28.66 -3.15 22.13
N LYS D 134 28.06 -2.06 21.67
CA LYS D 134 28.77 -1.00 20.96
C LYS D 134 29.08 0.21 21.81
N LEU D 135 28.17 0.60 22.72
CA LEU D 135 28.47 1.70 23.63
C LEU D 135 29.63 1.36 24.54
N LEU D 136 29.78 0.08 24.91
CA LEU D 136 30.93 -0.33 25.69
C LEU D 136 32.23 -0.11 24.93
N ILE D 137 32.23 -0.41 23.63
CA ILE D 137 33.40 -0.16 22.80
C ILE D 137 33.65 1.34 22.69
N ALA D 138 32.57 2.13 22.59
CA ALA D 138 32.71 3.58 22.53
C ALA D 138 33.33 4.14 23.80
N LEU D 139 33.05 3.53 24.95
CA LEU D 139 33.73 3.94 26.18
C LEU D 139 35.17 3.45 26.21
N LEU D 140 35.41 2.23 25.72
CA LEU D 140 36.74 1.65 25.77
C LEU D 140 37.75 2.46 24.95
N ILE D 141 37.31 2.95 23.79
CA ILE D 141 38.19 3.76 22.94
C ILE D 141 38.64 5.01 23.69
N TYR D 142 37.70 5.70 24.33
CA TYR D 142 38.03 6.90 25.09
C TYR D 142 38.98 6.59 26.24
N TRP D 143 38.72 5.49 26.96
CA TRP D 143 39.62 5.11 28.05
C TRP D 143 41.05 4.92 27.54
N THR D 144 41.19 4.21 26.42
CA THR D 144 42.52 3.97 25.86
C THR D 144 43.22 5.28 25.49
N LEU D 145 42.49 6.18 24.82
CA LEU D 145 43.11 7.43 24.38
C LEU D 145 43.55 8.29 25.57
N ALA D 146 42.71 8.35 26.61
CA ALA D 146 43.07 9.12 27.80
C ALA D 146 44.30 8.52 28.48
N PHE D 147 44.38 7.19 28.54
CA PHE D 147 45.57 6.55 29.09
C PHE D 147 46.82 6.94 28.32
N ILE D 148 46.74 6.96 26.99
CA ILE D 148 47.90 7.33 26.17
C ILE D 148 48.35 8.75 26.48
N THR D 149 47.39 9.69 26.52
CA THR D 149 47.74 11.08 26.78
C THR D 149 48.39 11.24 28.16
N LYS D 150 47.83 10.57 29.17
CA LYS D 150 48.42 10.66 30.51
C LYS D 150 49.83 10.07 30.55
N THR D 151 50.07 9.00 29.78
CA THR D 151 51.41 8.43 29.71
C THR D 151 52.40 9.44 29.12
N ILE D 152 51.99 10.13 28.06
CA ILE D 152 52.88 11.14 27.46
C ILE D 152 53.19 12.23 28.48
N LYS D 153 52.16 12.69 29.21
CA LYS D 153 52.39 13.69 30.25
C LYS D 153 53.40 13.21 31.28
N PHE D 154 53.25 11.97 31.73
CA PHE D 154 54.15 11.43 32.75
C PHE D 154 55.59 11.36 32.25
N VAL D 155 55.78 10.92 31.01
CA VAL D 155 57.14 10.82 30.46
C VAL D 155 57.79 12.20 30.38
N LYS D 156 57.06 13.17 29.81
CA LYS D 156 57.62 14.50 29.67
C LYS D 156 57.85 15.18 31.02
N PHE D 157 57.12 14.76 32.06
CA PHE D 157 57.41 15.28 33.40
C PHE D 157 58.64 14.60 34.01
N TYR D 158 58.80 13.30 33.79
CA TYR D 158 59.96 12.59 34.33
C TYR D 158 61.26 13.07 33.71
N ASP D 159 61.22 13.47 32.43
CA ASP D 159 62.45 13.99 31.82
C ASP D 159 62.93 15.27 32.49
N HIS D 160 62.06 15.98 33.20
CA HIS D 160 62.46 17.18 33.93
C HIS D 160 62.60 16.91 35.42
N LEU D 167 53.90 18.66 42.89
CA LEU D 167 52.50 18.38 43.20
C LEU D 167 51.81 17.71 42.01
N ARG D 168 52.17 18.16 40.80
CA ARG D 168 51.54 17.62 39.59
C ARG D 168 51.78 16.12 39.47
N PHE D 169 52.96 15.66 39.91
CA PHE D 169 53.37 14.27 39.73
C PHE D 169 52.35 13.31 40.34
N CYS D 170 51.95 13.56 41.59
CA CYS D 170 51.07 12.64 42.30
C CYS D 170 49.69 12.58 41.67
N LEU D 171 49.11 13.73 41.33
CA LEU D 171 47.79 13.75 40.71
C LEU D 171 47.80 13.04 39.36
N THR D 172 48.84 13.29 38.56
CA THR D 172 48.94 12.61 37.26
C THR D 172 49.03 11.09 37.45
N GLY D 173 49.85 10.64 38.41
CA GLY D 173 49.96 9.21 38.64
C GLY D 173 48.66 8.58 39.10
N LEU D 174 47.93 9.26 40.00
CA LEU D 174 46.65 8.74 40.45
C LEU D 174 45.65 8.63 39.30
N LEU D 175 45.61 9.65 38.44
CA LEU D 175 44.72 9.58 37.28
C LEU D 175 45.10 8.41 36.38
N VAL D 176 46.40 8.20 36.15
CA VAL D 176 46.85 7.09 35.32
C VAL D 176 46.34 5.76 35.91
N ILE D 177 46.52 5.58 37.21
CA ILE D 177 46.13 4.31 37.84
C ILE D 177 44.63 4.09 37.75
N LEU D 178 43.84 5.14 37.99
CA LEU D 178 42.39 4.98 37.93
C LEU D 178 41.92 4.64 36.52
N TYR D 179 42.47 5.34 35.51
CA TYR D 179 42.08 5.03 34.14
C TYR D 179 42.50 3.61 33.75
N GLY D 180 43.65 3.15 34.23
CA GLY D 180 44.07 1.79 33.94
C GLY D 180 43.15 0.75 34.56
N MET D 181 42.72 0.99 35.81
CA MET D 181 41.80 0.04 36.44
C MET D 181 40.45 0.04 35.73
N LEU D 182 39.98 1.20 35.28
CA LEU D 182 38.73 1.22 34.51
C LEU D 182 38.89 0.50 33.18
N LEU D 183 40.06 0.62 32.55
CA LEU D 183 40.35 -0.15 31.35
C LEU D 183 40.29 -1.65 31.62
N LEU D 184 40.87 -2.09 32.75
CA LEU D 184 40.81 -3.50 33.10
C LEU D 184 39.38 -3.96 33.34
N VAL D 185 38.55 -3.08 33.93
CA VAL D 185 37.15 -3.41 34.12
C VAL D 185 36.46 -3.58 32.78
N GLU D 186 36.73 -2.69 31.83
CA GLU D 186 36.15 -2.82 30.49
C GLU D 186 36.61 -4.10 29.80
N VAL D 187 37.89 -4.46 29.98
CA VAL D 187 38.40 -5.69 29.39
C VAL D 187 37.73 -6.90 30.01
N ASN D 188 37.50 -6.86 31.33
CA ASN D 188 36.73 -7.92 31.97
C ASN D 188 35.32 -8.00 31.40
N VAL D 189 34.71 -6.85 31.14
CA VAL D 189 33.33 -6.82 30.62
C VAL D 189 33.27 -7.46 29.24
N ILE D 190 34.22 -7.11 28.35
CA ILE D 190 34.20 -7.72 27.02
C ILE D 190 34.59 -9.20 27.10
N ARG D 191 35.49 -9.55 28.01
CA ARG D 191 35.83 -10.97 28.21
C ARG D 191 34.62 -11.76 28.68
N VAL D 192 33.70 -11.10 29.37
CA VAL D 192 32.50 -11.76 29.88
C VAL D 192 31.32 -11.57 28.93
N ARG D 193 31.31 -10.43 28.24
CA ARG D 193 30.24 -10.13 27.29
C ARG D 193 30.57 -10.66 25.91
N ARG D 194 29.77 -10.27 24.91
CA ARG D 194 29.97 -10.71 23.55
C ARG D 194 30.31 -9.53 22.64
N TYR D 195 30.97 -8.52 23.20
CA TYR D 195 31.36 -7.34 22.44
C TYR D 195 32.15 -7.71 21.19
N ILE D 196 33.30 -8.34 21.39
CA ILE D 196 34.16 -8.76 20.28
C ILE D 196 34.38 -10.28 20.30
N PHE D 197 33.80 -10.94 21.28
CA PHE D 197 33.94 -12.39 21.42
C PHE D 197 33.07 -13.08 20.38
N PHE D 198 33.08 -14.41 20.35
CA PHE D 198 32.44 -15.12 19.25
C PHE D 198 30.94 -14.81 19.21
N LYS D 199 30.26 -15.44 18.25
CA LYS D 199 28.97 -14.99 17.73
C LYS D 199 27.99 -14.47 18.78
N THR D 200 27.73 -15.26 19.81
CA THR D 200 26.69 -14.91 20.75
C THR D 200 27.28 -14.68 22.13
N PRO D 201 26.64 -13.80 22.93
CA PRO D 201 27.20 -13.45 24.24
C PRO D 201 26.82 -14.41 25.36
N ARG D 202 25.77 -15.21 25.18
CA ARG D 202 25.20 -16.03 26.24
C ARG D 202 24.85 -15.13 27.43
N GLU D 203 23.94 -14.19 27.16
CA GLU D 203 23.60 -13.13 28.09
C GLU D 203 22.99 -13.71 29.37
N VAL D 204 22.84 -12.85 30.37
CA VAL D 204 22.51 -13.29 31.73
C VAL D 204 21.01 -13.48 31.95
N LYS D 205 20.16 -13.07 30.99
CA LYS D 205 18.72 -13.16 31.19
C LYS D 205 18.32 -12.37 32.43
N PRO D 206 18.26 -11.03 32.32
CA PRO D 206 18.30 -10.14 33.51
C PRO D 206 17.52 -10.67 34.68
N PRO D 207 18.03 -10.48 35.90
CA PRO D 207 17.54 -11.24 37.06
C PRO D 207 16.07 -10.98 37.34
N GLU D 208 15.29 -12.06 37.38
CA GLU D 208 13.89 -12.01 37.79
C GLU D 208 13.71 -12.02 39.29
N ASP D 209 14.81 -12.02 40.07
CA ASP D 209 14.68 -11.96 41.51
C ASP D 209 14.07 -10.63 41.96
N LEU D 210 14.55 -9.53 41.39
CA LEU D 210 14.08 -8.18 41.77
C LEU D 210 13.41 -7.46 40.61
N GLN D 211 13.15 -8.14 39.49
CA GLN D 211 12.55 -7.52 38.33
C GLN D 211 11.35 -8.29 37.80
N ASP D 212 10.97 -9.40 38.44
CA ASP D 212 9.81 -10.15 37.97
C ASP D 212 8.52 -9.45 38.44
N LEU D 213 7.45 -10.23 38.57
CA LEU D 213 6.08 -9.74 38.84
C LEU D 213 6.01 -8.80 40.03
N GLY D 214 5.08 -7.82 40.05
CA GLY D 214 5.20 -6.61 40.86
C GLY D 214 5.97 -6.66 42.18
N VAL D 215 7.09 -5.94 42.24
CA VAL D 215 7.85 -5.67 43.47
C VAL D 215 8.18 -4.18 43.54
N ARG D 216 8.06 -3.59 44.72
CA ARG D 216 8.21 -2.13 44.88
C ARG D 216 9.46 -1.70 45.62
N PHE D 217 9.93 -2.43 46.62
CA PHE D 217 11.17 -2.20 47.37
C PHE D 217 12.33 -2.84 46.62
N LEU D 218 12.92 -2.07 45.71
CA LEU D 218 14.09 -2.50 44.95
C LEU D 218 15.32 -1.80 45.53
N GLN D 219 15.83 -2.34 46.62
CA GLN D 219 17.10 -1.83 47.12
C GLN D 219 18.29 -2.51 46.44
N PRO D 220 18.35 -3.84 46.37
CA PRO D 220 19.55 -4.48 45.80
C PRO D 220 19.69 -4.31 44.29
N PHE D 221 18.71 -3.72 43.60
CA PHE D 221 18.72 -3.71 42.16
C PHE D 221 18.72 -2.31 41.56
N VAL D 222 19.59 -1.42 42.05
CA VAL D 222 19.67 -0.05 41.54
C VAL D 222 21.14 0.35 41.41
N ASN D 223 21.35 1.55 40.85
CA ASN D 223 22.68 2.09 40.61
C ASN D 223 23.39 2.39 41.93
N LEU D 224 24.66 1.99 42.01
CA LEU D 224 25.38 2.04 43.28
C LEU D 224 25.46 3.45 43.84
N LEU D 225 25.15 4.47 43.04
CA LEU D 225 24.98 5.81 43.60
C LEU D 225 23.66 5.92 44.36
N SER D 226 22.58 5.40 43.77
CA SER D 226 21.29 5.45 44.44
C SER D 226 21.24 4.49 45.63
N LYS D 227 21.99 3.38 45.57
CA LYS D 227 22.14 2.54 46.75
C LYS D 227 22.65 3.35 47.95
N GLY D 228 23.31 4.47 47.71
CA GLY D 228 23.77 5.34 48.76
C GLY D 228 22.83 6.50 49.05
N THR D 229 22.33 7.17 48.01
CA THR D 229 21.53 8.37 48.18
C THR D 229 20.02 8.11 48.09
N TYR D 230 19.60 6.86 47.95
CA TYR D 230 18.19 6.47 48.03
C TYR D 230 17.33 7.24 47.04
N TRP D 231 17.86 7.41 45.82
CA TRP D 231 17.14 8.20 44.83
C TRP D 231 15.88 7.49 44.33
N TRP D 232 15.86 6.16 44.41
CA TRP D 232 14.69 5.41 43.96
C TRP D 232 13.45 5.69 44.81
N MET D 233 13.60 6.32 45.97
CA MET D 233 12.47 6.64 46.82
C MET D 233 11.72 7.90 46.38
N ASN D 234 12.27 8.67 45.43
CA ASN D 234 11.58 9.87 44.97
C ASN D 234 10.22 9.51 44.39
N ALA D 235 10.18 8.50 43.52
CA ALA D 235 8.92 8.12 42.90
C ALA D 235 7.92 7.64 43.94
N PHE D 236 8.37 6.75 44.83
CA PHE D 236 7.48 6.23 45.87
C PHE D 236 6.89 7.36 46.71
N ILE D 237 7.74 8.27 47.19
CA ILE D 237 7.26 9.31 48.09
C ILE D 237 6.36 10.30 47.35
N LYS D 238 6.64 10.58 46.08
CA LYS D 238 5.77 11.49 45.34
C LYS D 238 4.41 10.85 45.11
N THR D 239 4.38 9.58 44.72
CA THR D 239 3.09 8.91 44.57
C THR D 239 2.37 8.81 45.90
N ALA D 240 3.12 8.63 46.99
CA ALA D 240 2.53 8.49 48.31
C ALA D 240 1.87 9.79 48.76
N HIS D 241 2.40 10.94 48.33
CA HIS D 241 1.78 12.21 48.70
C HIS D 241 0.31 12.26 48.29
N LYS D 242 0.00 11.73 47.10
CA LYS D 242 -1.36 11.83 46.56
C LYS D 242 -2.25 10.68 47.04
N LYS D 243 -1.85 9.44 46.75
CA LYS D 243 -2.68 8.27 47.01
C LYS D 243 -2.26 7.60 48.31
N PRO D 244 -3.20 7.24 49.19
CA PRO D 244 -2.82 6.65 50.48
C PRO D 244 -2.20 5.27 50.30
N ILE D 245 -1.06 5.06 50.95
CA ILE D 245 -0.33 3.81 50.82
C ILE D 245 -1.08 2.68 51.50
N ASP D 246 -0.93 1.48 50.96
CA ASP D 246 -1.48 0.28 51.59
C ASP D 246 -0.67 -0.92 51.11
N LEU D 247 -1.04 -2.10 51.61
CA LEU D 247 -0.32 -3.31 51.25
C LEU D 247 -0.50 -3.66 49.78
N ARG D 248 -1.59 -3.23 49.17
CA ARG D 248 -1.73 -3.38 47.73
C ARG D 248 -0.89 -2.37 46.97
N ALA D 249 -0.69 -1.18 47.54
CA ALA D 249 0.19 -0.17 46.96
C ALA D 249 1.65 -0.38 47.35
N ILE D 250 1.92 -1.30 48.26
CA ILE D 250 3.28 -1.59 48.70
C ILE D 250 3.81 -2.76 47.89
N GLY D 251 5.12 -2.94 47.90
CA GLY D 251 5.75 -4.01 47.16
C GLY D 251 5.70 -5.33 47.89
N LYS D 252 6.55 -6.26 47.45
CA LYS D 252 6.76 -7.53 48.11
C LYS D 252 8.26 -7.75 48.25
N LEU D 253 8.67 -8.38 49.35
CA LEU D 253 10.09 -8.43 49.67
C LEU D 253 10.85 -9.25 48.64
N PRO D 254 12.06 -8.82 48.28
CA PRO D 254 12.86 -9.60 47.31
C PRO D 254 13.24 -10.96 47.87
N ILE D 255 13.68 -11.83 46.95
CA ILE D 255 14.17 -13.15 47.34
C ILE D 255 15.40 -13.05 48.22
N ALA D 256 16.07 -11.90 48.22
CA ALA D 256 17.27 -11.72 49.04
C ALA D 256 16.96 -11.62 50.52
N MET D 257 15.70 -11.38 50.89
CA MET D 257 15.35 -11.19 52.30
C MET D 257 13.89 -11.61 52.48
N ARG D 258 13.69 -12.81 52.99
CA ARG D 258 12.37 -13.33 53.31
C ARG D 258 12.46 -14.05 54.64
N ALA D 259 11.38 -14.72 55.01
CA ALA D 259 11.46 -15.67 56.10
C ALA D 259 12.27 -16.90 55.68
N LEU D 260 12.02 -17.39 54.46
CA LEU D 260 12.67 -18.60 54.00
C LEU D 260 14.18 -18.42 53.83
N THR D 261 14.61 -17.30 53.24
CA THR D 261 16.04 -17.10 52.97
C THR D 261 16.84 -17.02 54.28
N ASN D 262 16.42 -16.13 55.18
CA ASN D 262 17.13 -15.97 56.44
C ASN D 262 17.02 -17.22 57.29
N TYR D 263 15.85 -17.87 57.29
CA TYR D 263 15.73 -19.14 58.00
C TYR D 263 16.67 -20.18 57.44
N GLN D 264 16.85 -20.20 56.12
CA GLN D 264 17.73 -21.17 55.48
C GLN D 264 19.17 -20.94 55.89
N ARG D 265 19.63 -19.69 55.80
CA ARG D 265 21.01 -19.40 56.19
C ARG D 265 21.24 -19.70 57.67
N LEU D 266 20.29 -19.31 58.53
CA LEU D 266 20.47 -19.54 59.96
C LEU D 266 20.46 -21.04 60.29
N CYS D 267 19.57 -21.81 59.66
CA CYS D 267 19.54 -23.24 59.94
C CYS D 267 20.75 -23.95 59.37
N VAL D 268 21.30 -23.46 58.26
CA VAL D 268 22.54 -24.04 57.73
C VAL D 268 23.68 -23.80 58.71
N ALA D 269 23.79 -22.58 59.25
CA ALA D 269 24.85 -22.31 60.22
C ALA D 269 24.64 -23.12 61.50
N PHE D 270 23.40 -23.19 61.98
CA PHE D 270 23.10 -23.98 63.18
C PHE D 270 23.42 -25.45 62.96
N ASP D 271 23.16 -25.95 61.76
CA ASP D 271 23.46 -27.34 61.43
C ASP D 271 24.96 -27.58 61.41
N ALA D 272 25.71 -26.72 60.73
CA ALA D 272 27.15 -26.88 60.64
C ALA D 272 27.81 -26.73 62.01
N GLN D 273 27.18 -26.00 62.94
CA GLN D 273 27.73 -25.86 64.27
C GLN D 273 27.31 -26.98 65.22
N ALA D 274 26.10 -27.52 65.05
CA ALA D 274 25.62 -28.59 65.93
C ALA D 274 26.10 -29.96 65.50
N ARG D 275 26.47 -30.13 64.23
CA ARG D 275 27.07 -31.39 63.79
C ARG D 275 28.46 -31.59 64.39
N LYS D 276 29.08 -30.52 64.89
CA LYS D 276 30.40 -30.59 65.52
C LYS D 276 30.31 -30.68 67.05
N ASP D 277 29.12 -30.86 67.60
CA ASP D 277 28.96 -31.00 69.04
C ASP D 277 29.59 -32.30 69.55
N GLY D 283 22.98 -24.92 73.09
CA GLY D 283 23.91 -24.10 73.84
C GLY D 283 23.85 -22.63 73.49
N ALA D 284 24.21 -21.78 74.45
CA ALA D 284 24.14 -20.34 74.23
C ALA D 284 25.25 -19.86 73.30
N ARG D 285 26.50 -20.20 73.63
CA ARG D 285 27.62 -19.81 72.78
C ARG D 285 27.48 -20.40 71.38
N ALA D 286 26.92 -21.61 71.27
CA ALA D 286 26.74 -22.23 69.97
C ALA D 286 25.78 -21.43 69.10
N ILE D 287 24.60 -21.10 69.64
CA ILE D 287 23.63 -20.30 68.89
C ILE D 287 24.21 -18.94 68.56
N TRP D 288 24.98 -18.36 69.49
CA TRP D 288 25.61 -17.07 69.21
C TRP D 288 26.53 -17.15 68.01
N ARG D 289 27.53 -18.04 68.06
CA ARG D 289 28.45 -18.20 66.94
C ARG D 289 27.72 -18.58 65.66
N ALA D 290 26.61 -19.32 65.77
CA ALA D 290 25.83 -19.65 64.58
C ALA D 290 25.26 -18.40 63.94
N LEU D 291 24.63 -17.53 64.74
CA LEU D 291 24.14 -16.25 64.22
C LEU D 291 25.27 -15.44 63.61
N CYS D 292 26.42 -15.42 64.29
CA CYS D 292 27.55 -14.64 63.83
C CYS D 292 28.01 -15.10 62.45
N HIS D 293 28.30 -16.38 62.31
CA HIS D 293 28.74 -16.93 61.03
C HIS D 293 27.65 -16.89 59.98
N ALA D 294 26.38 -16.83 60.39
CA ALA D 294 25.29 -16.79 59.43
C ALA D 294 25.09 -15.41 58.84
N PHE D 295 25.28 -14.36 59.65
CA PHE D 295 25.04 -13.01 59.16
C PHE D 295 26.31 -12.28 58.74
N GLY D 296 27.48 -12.79 59.10
CA GLY D 296 28.70 -12.55 58.37
C GLY D 296 28.99 -11.19 57.78
N ARG D 297 29.11 -11.16 56.46
CA ARG D 297 29.82 -10.06 55.78
C ARG D 297 29.09 -8.74 55.90
N ARG D 298 27.75 -8.76 55.92
CA ARG D 298 26.99 -7.52 55.92
C ARG D 298 27.29 -6.68 57.16
N LEU D 299 27.36 -7.32 58.32
CA LEU D 299 27.57 -6.60 59.56
C LEU D 299 28.94 -5.93 59.60
N ILE D 300 29.98 -6.65 59.20
CA ILE D 300 31.32 -6.08 59.22
C ILE D 300 31.46 -5.00 58.15
N LEU D 301 30.77 -5.17 57.02
CA LEU D 301 30.74 -4.12 56.00
C LEU D 301 30.15 -2.84 56.55
N SER D 302 29.01 -2.94 57.23
CA SER D 302 28.42 -1.78 57.88
C SER D 302 29.39 -1.17 58.88
N SER D 303 30.05 -2.00 59.67
CA SER D 303 30.97 -1.51 60.70
C SER D 303 32.13 -0.74 60.10
N THR D 304 32.65 -1.21 58.96
CA THR D 304 33.80 -0.52 58.38
C THR D 304 33.39 0.77 57.66
N PHE D 305 32.24 0.76 56.98
CA PHE D 305 31.63 2.02 56.55
C PHE D 305 31.61 3.01 57.71
N ARG D 306 31.14 2.53 58.87
CA ARG D 306 30.95 3.39 60.03
C ARG D 306 32.28 3.96 60.53
N ILE D 307 33.32 3.12 60.60
CA ILE D 307 34.59 3.63 61.13
C ILE D 307 35.23 4.62 60.16
N LEU D 308 35.11 4.39 58.85
CA LEU D 308 35.65 5.37 57.91
C LEU D 308 34.92 6.70 58.01
N ALA D 309 33.59 6.65 58.16
CA ALA D 309 32.83 7.88 58.38
C ALA D 309 33.28 8.59 59.64
N ASP D 310 33.52 7.84 60.72
CA ASP D 310 33.97 8.44 61.98
C ASP D 310 35.32 9.15 61.79
N LEU D 311 36.23 8.51 61.04
CA LEU D 311 37.52 9.14 60.76
C LEU D 311 37.35 10.47 60.04
N LEU D 312 36.56 10.49 58.96
CA LEU D 312 36.39 11.73 58.21
C LEU D 312 35.70 12.81 59.07
N GLY D 313 34.79 12.39 59.95
CA GLY D 313 34.14 13.35 60.84
C GLY D 313 35.11 13.97 61.83
N PHE D 314 36.01 13.16 62.38
CA PHE D 314 37.10 13.72 63.18
C PHE D 314 38.03 14.58 62.34
N ALA D 315 38.06 14.36 61.03
CA ALA D 315 38.96 15.14 60.17
C ALA D 315 38.44 16.53 59.85
N GLY D 316 37.13 16.71 59.72
CA GLY D 316 36.57 18.01 59.34
C GLY D 316 37.08 19.23 60.11
N PRO D 317 36.95 19.20 61.44
CA PRO D 317 37.39 20.36 62.23
C PRO D 317 38.86 20.74 62.04
N LEU D 318 39.72 19.80 61.66
CA LEU D 318 41.13 20.15 61.49
C LEU D 318 41.32 21.04 60.26
N CYS D 319 40.59 20.77 59.18
CA CYS D 319 40.67 21.66 58.03
C CYS D 319 39.99 22.98 58.33
N ILE D 320 38.96 22.98 59.17
CA ILE D 320 38.46 24.26 59.69
C ILE D 320 39.58 25.04 60.36
N PHE D 321 40.32 24.37 61.24
CA PHE D 321 41.45 24.99 61.95
C PHE D 321 42.47 25.54 60.97
N GLY D 322 42.81 24.76 59.95
CA GLY D 322 43.77 25.22 58.96
C GLY D 322 43.31 26.47 58.23
N ILE D 323 42.04 26.50 57.82
CA ILE D 323 41.50 27.71 57.19
C ILE D 323 41.63 28.90 58.12
N VAL D 324 41.21 28.72 59.38
CA VAL D 324 41.25 29.84 60.33
C VAL D 324 42.67 30.35 60.50
N ASP D 325 43.65 29.43 60.50
CA ASP D 325 45.04 29.84 60.60
C ASP D 325 45.47 30.64 59.38
N HIS D 326 45.15 30.14 58.19
CA HIS D 326 45.67 30.74 56.96
C HIS D 326 45.22 32.19 56.81
N LEU D 327 43.96 32.49 57.13
CA LEU D 327 43.45 33.84 56.92
C LEU D 327 44.02 34.82 57.94
N GLY D 328 44.27 34.37 59.17
CA GLY D 328 44.84 35.25 60.18
C GLY D 328 46.26 35.68 59.87
N LYS D 329 46.98 34.91 59.08
CA LYS D 329 48.37 35.20 58.80
C LYS D 329 48.57 35.46 57.31
N ASN D 354 45.46 29.18 49.80
CA ASN D 354 45.52 27.81 50.29
C ASN D 354 44.29 27.50 51.14
N ALA D 355 43.27 28.34 51.01
CA ALA D 355 42.06 28.22 51.83
C ALA D 355 40.83 27.81 51.04
N TYR D 356 40.68 28.28 49.79
CA TYR D 356 39.57 27.82 48.96
C TYR D 356 39.64 26.30 48.77
N VAL D 357 40.85 25.78 48.60
CA VAL D 357 41.05 24.34 48.46
C VAL D 357 40.55 23.63 49.71
N LEU D 358 40.90 24.16 50.88
CA LEU D 358 40.43 23.57 52.13
C LEU D 358 38.93 23.65 52.27
N ALA D 359 38.32 24.72 51.75
CA ALA D 359 36.86 24.84 51.82
C ALA D 359 36.16 23.79 50.97
N VAL D 360 36.60 23.63 49.72
CA VAL D 360 35.97 22.62 48.88
C VAL D 360 36.27 21.22 49.40
N LEU D 361 37.46 21.00 49.96
CA LEU D 361 37.75 19.71 50.58
C LEU D 361 36.83 19.45 51.77
N LEU D 362 36.55 20.49 52.55
CA LEU D 362 35.61 20.35 53.66
C LEU D 362 34.23 19.96 53.16
N PHE D 363 33.78 20.61 52.09
CA PHE D 363 32.49 20.25 51.49
C PHE D 363 32.46 18.79 51.09
N LEU D 364 33.47 18.35 50.34
CA LEU D 364 33.53 16.96 49.88
C LEU D 364 33.57 15.99 51.05
N ALA D 365 34.40 16.28 52.05
CA ALA D 365 34.54 15.38 53.19
C ALA D 365 33.26 15.29 53.99
N LEU D 366 32.57 16.42 54.17
CA LEU D 366 31.28 16.38 54.86
C LEU D 366 30.31 15.47 54.13
N LEU D 367 30.11 15.72 52.83
CA LEU D 367 29.12 14.92 52.10
C LEU D 367 29.48 13.44 52.12
N LEU D 368 30.77 13.11 51.92
CA LEU D 368 31.17 11.70 51.87
C LEU D 368 31.02 11.03 53.23
N GLN D 369 31.47 11.71 54.30
CA GLN D 369 31.35 11.15 55.64
C GLN D 369 29.90 10.86 55.98
N ARG D 370 29.01 11.82 55.73
CA ARG D 370 27.61 11.61 56.10
C ARG D 370 26.96 10.53 55.23
N THR D 371 27.33 10.47 53.94
CA THR D 371 26.79 9.42 53.09
C THR D 371 27.20 8.04 53.59
N PHE D 372 28.48 7.89 53.96
CA PHE D 372 28.95 6.60 54.47
C PHE D 372 28.28 6.25 55.80
N LEU D 373 28.09 7.25 56.68
CA LEU D 373 27.38 7.02 57.93
C LEU D 373 25.98 6.47 57.66
N GLN D 374 25.27 7.07 56.70
CA GLN D 374 23.89 6.65 56.43
C GLN D 374 23.84 5.26 55.82
N ALA D 375 24.72 4.98 54.86
CA ALA D 375 24.79 3.63 54.32
C ALA D 375 25.07 2.62 55.41
N SER D 376 25.93 2.97 56.37
CA SER D 376 26.21 2.08 57.49
C SER D 376 24.95 1.80 58.29
N TYR D 377 24.24 2.87 58.68
CA TYR D 377 22.98 2.69 59.41
C TYR D 377 22.06 1.73 58.67
N TYR D 378 21.86 1.96 57.37
CA TYR D 378 20.89 1.15 56.64
C TYR D 378 21.30 -0.31 56.56
N VAL D 379 22.57 -0.57 56.27
CA VAL D 379 23.02 -1.96 56.15
C VAL D 379 22.85 -2.68 57.49
N ALA D 380 23.17 -1.99 58.59
CA ALA D 380 22.97 -2.60 59.90
C ALA D 380 21.49 -2.88 60.16
N ILE D 381 20.61 -1.93 59.84
CA ILE D 381 19.18 -2.12 60.08
C ILE D 381 18.67 -3.30 59.29
N GLU D 382 19.13 -3.45 58.05
CA GLU D 382 18.64 -4.54 57.22
C GLU D 382 19.13 -5.89 57.74
N THR D 383 20.38 -5.96 58.17
CA THR D 383 20.86 -7.19 58.80
C THR D 383 20.03 -7.52 60.03
N GLY D 384 19.69 -6.51 60.82
CA GLY D 384 18.85 -6.76 61.99
C GLY D 384 17.46 -7.26 61.64
N ILE D 385 16.86 -6.70 60.60
CA ILE D 385 15.52 -7.14 60.19
C ILE D 385 15.57 -8.58 59.69
N ASN D 386 16.60 -8.91 58.91
CA ASN D 386 16.82 -10.28 58.52
C ASN D 386 16.87 -11.19 59.75
N LEU D 387 17.68 -10.82 60.73
CA LEU D 387 17.85 -11.65 61.92
C LEU D 387 16.54 -11.83 62.67
N ARG D 388 15.74 -10.76 62.77
CA ARG D 388 14.46 -10.87 63.46
C ARG D 388 13.55 -11.86 62.75
N GLY D 389 13.38 -11.70 61.44
CA GLY D 389 12.57 -12.65 60.68
C GLY D 389 13.06 -14.07 60.85
N ALA D 390 14.38 -14.27 60.79
CA ALA D 390 14.95 -15.61 60.87
C ALA D 390 14.66 -16.26 62.22
N ILE D 391 15.04 -15.60 63.30
CA ILE D 391 14.87 -16.24 64.61
C ILE D 391 13.39 -16.35 64.96
N GLN D 392 12.54 -15.47 64.42
CA GLN D 392 11.11 -15.59 64.67
C GLN D 392 10.55 -16.85 64.01
N THR D 393 10.81 -17.04 62.72
CA THR D 393 10.31 -18.25 62.09
C THR D 393 10.97 -19.49 62.68
N LYS D 394 12.19 -19.37 63.20
CA LYS D 394 12.85 -20.53 63.81
C LYS D 394 12.16 -20.92 65.11
N ILE D 395 11.90 -19.95 66.00
CA ILE D 395 11.21 -20.28 67.24
C ILE D 395 9.77 -20.66 66.99
N TYR D 396 9.20 -20.29 65.83
CA TYR D 396 7.89 -20.82 65.49
C TYR D 396 7.99 -22.26 65.00
N ASN D 397 9.06 -22.60 64.28
CA ASN D 397 9.28 -23.98 63.90
C ASN D 397 9.47 -24.86 65.11
N LYS D 398 10.13 -24.32 66.16
CA LYS D 398 10.28 -25.05 67.41
C LYS D 398 8.96 -25.20 68.15
N ILE D 399 8.03 -24.27 67.96
CA ILE D 399 6.74 -24.33 68.63
C ILE D 399 5.93 -25.54 68.18
N MET D 400 6.29 -26.14 67.04
CA MET D 400 5.54 -27.28 66.52
C MET D 400 5.93 -28.59 67.20
N HIS D 401 7.19 -28.72 67.60
CA HIS D 401 7.70 -29.99 68.11
C HIS D 401 7.71 -30.07 69.63
N LEU D 402 7.29 -29.02 70.32
CA LEU D 402 7.37 -29.03 71.77
C LEU D 402 6.28 -29.91 72.38
N SER D 403 6.50 -30.28 73.64
CA SER D 403 5.60 -31.19 74.34
C SER D 403 4.56 -30.41 75.13
N THR D 404 3.46 -31.08 75.44
CA THR D 404 2.32 -30.42 76.09
C THR D 404 2.55 -30.15 77.56
N SER D 405 3.44 -30.91 78.22
CA SER D 405 3.68 -30.70 79.65
C SER D 405 4.36 -29.38 79.95
N ASN D 406 5.06 -28.79 78.98
CA ASN D 406 5.78 -27.54 79.20
C ASN D 406 4.92 -26.33 78.84
N GLU D 411 0.02 -21.98 80.18
CA GLU D 411 -0.43 -20.68 80.67
C GLU D 411 0.75 -19.74 80.87
N MET D 412 1.61 -20.07 81.84
CA MET D 412 2.80 -19.25 82.07
C MET D 412 3.80 -19.40 80.94
N THR D 413 3.94 -20.62 80.40
CA THR D 413 4.84 -20.82 79.27
C THR D 413 4.34 -20.11 78.03
N ALA D 414 3.02 -20.00 77.86
CA ALA D 414 2.48 -19.27 76.71
C ALA D 414 2.78 -17.78 76.81
N GLY D 415 2.57 -17.19 77.98
CA GLY D 415 2.93 -15.80 78.18
C GLY D 415 4.42 -15.56 78.02
N GLN D 416 5.24 -16.50 78.51
CA GLN D 416 6.69 -16.39 78.32
C GLN D 416 7.07 -16.51 76.86
N ILE D 417 6.35 -17.33 76.09
CA ILE D 417 6.63 -17.46 74.66
C ILE D 417 6.30 -16.16 73.95
N CYS D 418 5.12 -15.59 74.23
CA CYS D 418 4.72 -14.38 73.53
C CYS D 418 5.50 -13.15 74.00
N ASN D 419 6.05 -13.16 75.21
CA ASN D 419 7.04 -12.15 75.56
C ASN D 419 8.37 -12.43 74.88
N LEU D 420 8.67 -13.71 74.64
CA LEU D 420 9.89 -14.07 73.93
C LEU D 420 9.85 -13.59 72.48
N VAL D 421 8.68 -13.22 71.98
CA VAL D 421 8.56 -12.67 70.63
C VAL D 421 8.32 -11.17 70.65
N ALA D 422 7.72 -10.63 71.71
CA ALA D 422 7.33 -9.23 71.75
C ALA D 422 8.41 -8.31 72.34
N ILE D 423 9.20 -8.79 73.29
CA ILE D 423 10.26 -8.00 73.91
C ILE D 423 11.64 -8.59 73.69
N ASP D 424 11.78 -9.91 73.80
CA ASP D 424 13.11 -10.52 73.66
C ASP D 424 13.64 -10.39 72.23
N THR D 425 12.78 -10.67 71.23
CA THR D 425 13.21 -10.55 69.84
C THR D 425 13.48 -9.11 69.45
N ASN D 426 12.66 -8.17 69.94
CA ASN D 426 12.93 -6.76 69.68
C ASN D 426 14.24 -6.32 70.32
N GLN D 427 14.53 -6.82 71.52
CA GLN D 427 15.82 -6.53 72.14
C GLN D 427 16.97 -7.05 71.29
N LEU D 428 16.86 -8.31 70.86
CA LEU D 428 17.88 -8.88 69.99
C LEU D 428 18.10 -8.02 68.74
N MET D 429 17.01 -7.64 68.08
CA MET D 429 17.13 -6.91 66.82
C MET D 429 17.68 -5.51 67.03
N TRP D 430 17.27 -4.83 68.10
CA TRP D 430 17.80 -3.50 68.34
C TRP D 430 19.26 -3.54 68.78
N PHE D 431 19.64 -4.60 69.50
CA PHE D 431 21.06 -4.81 69.77
C PHE D 431 21.84 -5.04 68.49
N PHE D 432 21.25 -5.73 67.53
CA PHE D 432 21.94 -5.90 66.25
C PHE D 432 21.99 -4.59 65.46
N PHE D 433 21.00 -3.72 65.65
CA PHE D 433 21.12 -2.35 65.16
C PHE D 433 22.38 -1.69 65.72
N LEU D 434 22.52 -1.73 67.05
CA LEU D 434 23.58 -1.00 67.72
C LEU D 434 24.93 -1.72 67.74
N CYS D 435 25.02 -2.93 67.20
CA CYS D 435 26.29 -3.66 67.16
C CYS D 435 27.45 -2.87 66.55
N PRO D 436 27.34 -2.31 65.33
CA PRO D 436 28.50 -1.60 64.77
C PRO D 436 28.87 -0.34 65.54
N ASN D 437 27.90 0.29 66.19
CA ASN D 437 28.21 1.45 67.03
C ASN D 437 29.13 1.06 68.17
N LEU D 438 28.99 -0.16 68.71
CA LEU D 438 29.85 -0.60 69.80
C LEU D 438 31.29 -0.78 69.35
N TRP D 439 31.51 -1.13 68.07
CA TRP D 439 32.87 -1.20 67.55
C TRP D 439 33.41 0.16 67.18
N ALA D 440 32.56 1.07 66.70
CA ALA D 440 33.03 2.36 66.22
C ALA D 440 33.14 3.43 67.29
N MET D 441 32.56 3.22 68.47
CA MET D 441 32.67 4.23 69.54
C MET D 441 34.08 4.38 70.08
N PRO D 442 34.79 3.29 70.45
CA PRO D 442 36.12 3.48 71.05
C PRO D 442 37.11 4.20 70.14
N VAL D 443 37.15 3.86 68.86
CA VAL D 443 38.05 4.54 67.95
C VAL D 443 37.69 6.01 67.84
N GLN D 444 36.39 6.34 67.93
CA GLN D 444 35.96 7.72 67.86
C GLN D 444 36.48 8.51 69.06
N ILE D 445 36.28 7.99 70.28
CA ILE D 445 36.74 8.74 71.45
C ILE D 445 38.27 8.82 71.49
N ILE D 446 38.96 7.77 71.02
CA ILE D 446 40.42 7.77 71.02
C ILE D 446 40.95 8.83 70.06
N VAL D 447 40.46 8.83 68.82
CA VAL D 447 40.88 9.84 67.85
C VAL D 447 40.54 11.24 68.37
N GLY D 448 39.37 11.40 68.99
CA GLY D 448 38.99 12.70 69.53
C GLY D 448 39.99 13.19 70.57
N VAL D 449 40.32 12.34 71.55
CA VAL D 449 41.20 12.79 72.62
C VAL D 449 42.61 13.06 72.09
N ILE D 450 43.12 12.21 71.19
CA ILE D 450 44.48 12.44 70.69
C ILE D 450 44.52 13.69 69.82
N LEU D 451 43.45 13.97 69.07
CA LEU D 451 43.44 15.16 68.24
C LEU D 451 43.36 16.42 69.09
N LEU D 452 42.48 16.44 70.10
CA LEU D 452 42.37 17.63 70.92
C LEU D 452 43.63 17.87 71.75
N TYR D 453 44.35 16.80 72.12
CA TYR D 453 45.61 17.00 72.84
C TYR D 453 46.62 17.77 72.01
N TYR D 454 46.73 17.45 70.72
CA TYR D 454 47.74 18.11 69.89
C TYR D 454 47.35 19.53 69.50
N ILE D 455 46.12 19.95 69.79
CA ILE D 455 45.67 21.29 69.49
C ILE D 455 45.73 22.21 70.70
N LEU D 456 45.45 21.67 71.89
CA LEU D 456 45.44 22.47 73.11
C LEU D 456 46.52 22.08 74.11
N GLY D 457 47.27 21.03 73.85
CA GLY D 457 48.33 20.64 74.77
C GLY D 457 47.81 19.94 76.02
N VAL D 458 48.59 20.05 77.09
CA VAL D 458 48.29 19.34 78.34
C VAL D 458 46.91 19.71 78.85
N SER D 459 46.55 21.00 78.78
CA SER D 459 45.22 21.44 79.23
C SER D 459 44.12 20.64 78.56
N ALA D 460 44.28 20.33 77.27
CA ALA D 460 43.30 19.53 76.55
C ALA D 460 42.95 18.27 77.32
N LEU D 461 43.97 17.55 77.79
CA LEU D 461 43.76 16.33 78.56
C LEU D 461 42.73 16.54 79.67
N ILE D 462 42.90 17.61 80.46
CA ILE D 462 41.96 17.89 81.54
C ILE D 462 40.54 17.96 81.00
N GLY D 463 40.34 18.79 79.96
CA GLY D 463 39.02 18.85 79.34
C GLY D 463 38.57 17.49 78.83
N ALA D 464 39.48 16.75 78.20
CA ALA D 464 39.14 15.44 77.68
C ALA D 464 38.65 14.50 78.77
N ALA D 465 39.01 14.76 80.02
CA ALA D 465 38.48 13.95 81.12
C ALA D 465 37.02 14.28 81.37
N VAL D 466 36.70 15.58 81.50
CA VAL D 466 35.38 16.00 81.97
C VAL D 466 34.28 15.42 81.09
N ILE D 467 34.38 15.66 79.78
CA ILE D 467 33.38 15.13 78.85
C ILE D 467 33.26 13.61 79.01
N ILE D 468 34.39 12.91 79.06
CA ILE D 468 34.34 11.46 79.19
C ILE D 468 33.63 11.07 80.47
N LEU D 469 33.82 11.85 81.54
CA LEU D 469 33.19 11.54 82.82
C LEU D 469 31.67 11.59 82.74
N LEU D 470 31.11 12.24 81.73
CA LEU D 470 29.66 12.27 81.59
C LEU D 470 29.11 10.92 81.13
N ALA D 471 29.93 10.12 80.44
CA ALA D 471 29.40 8.88 79.85
C ALA D 471 29.03 7.85 80.92
N PRO D 472 29.88 7.52 81.90
CA PRO D 472 29.41 6.59 82.94
C PRO D 472 28.26 7.16 83.77
N VAL D 473 28.36 8.42 84.18
CA VAL D 473 27.30 9.05 84.97
C VAL D 473 25.96 8.88 84.28
N GLN D 474 25.89 9.24 82.99
CA GLN D 474 24.69 9.02 82.20
C GLN D 474 24.11 7.64 82.43
N TYR D 475 24.94 6.61 82.26
CA TYR D 475 24.48 5.23 82.46
C TYR D 475 23.80 5.09 83.81
N PHE D 476 24.47 5.53 84.88
CA PHE D 476 23.88 5.48 86.21
C PHE D 476 22.49 6.11 86.21
N VAL D 477 22.40 7.34 85.69
CA VAL D 477 21.11 8.02 85.62
C VAL D 477 20.08 7.13 84.94
N ALA D 478 20.44 6.59 83.77
CA ALA D 478 19.53 5.73 83.04
C ALA D 478 18.98 4.62 83.93
N THR D 479 19.89 3.93 84.65
CA THR D 479 19.46 2.83 85.51
C THR D 479 18.40 3.29 86.49
N LYS D 480 18.62 4.43 87.14
CA LYS D 480 17.64 4.95 88.08
C LYS D 480 16.28 5.07 87.40
N LEU D 481 16.25 5.70 86.23
CA LEU D 481 15.03 5.79 85.44
C LEU D 481 14.32 4.44 85.39
N SER D 482 15.03 3.41 84.92
CA SER D 482 14.44 2.08 84.80
C SER D 482 13.76 1.67 86.09
N GLN D 483 14.49 1.76 87.21
CA GLN D 483 13.92 1.40 88.50
C GLN D 483 12.60 2.12 88.71
N ALA D 484 12.65 3.46 88.61
CA ALA D 484 11.43 4.25 88.77
C ALA D 484 10.33 3.72 87.88
N GLN D 485 10.64 3.53 86.59
CA GLN D 485 9.66 3.03 85.64
C GLN D 485 8.93 1.82 86.20
N ARG D 486 9.69 0.81 86.64
CA ARG D 486 9.10 -0.40 87.19
C ARG D 486 8.03 -0.05 88.21
N SER D 487 8.43 0.67 89.25
CA SER D 487 7.49 1.04 90.31
C SER D 487 6.24 1.66 89.72
N THR D 488 6.41 2.69 88.89
CA THR D 488 5.27 3.39 88.32
C THR D 488 4.35 2.40 87.63
N LEU D 489 4.93 1.54 86.77
CA LEU D 489 4.12 0.60 86.01
C LEU D 489 3.18 -0.16 86.94
N GLU D 490 3.72 -0.67 88.05
CA GLU D 490 2.92 -1.41 89.01
C GLU D 490 1.65 -0.64 89.34
N HIS D 491 1.82 0.58 89.89
CA HIS D 491 0.67 1.39 90.26
C HIS D 491 -0.30 1.52 89.09
N SER D 492 0.22 1.85 87.91
CA SER D 492 -0.63 2.04 86.74
C SER D 492 -1.52 0.84 86.53
N ASN D 493 -0.93 -0.36 86.57
CA ASN D 493 -1.71 -1.57 86.32
C ASN D 493 -2.89 -1.64 87.27
N GLU D 494 -2.63 -1.43 88.57
CA GLU D 494 -3.70 -1.51 89.56
C GLU D 494 -4.82 -0.54 89.21
N ARG D 495 -4.47 0.69 88.83
CA ARG D 495 -5.48 1.67 88.47
C ARG D 495 -6.41 1.11 87.41
N LEU D 496 -5.82 0.52 86.36
CA LEU D 496 -6.64 -0.01 85.27
C LEU D 496 -7.67 -1.00 85.79
N LYS D 497 -7.26 -1.86 86.72
CA LYS D 497 -8.22 -2.80 87.31
C LYS D 497 -9.40 -2.05 87.92
N GLN D 498 -9.11 -1.08 88.78
CA GLN D 498 -10.18 -0.32 89.43
C GLN D 498 -11.03 0.48 88.45
N THR D 499 -10.59 0.58 87.19
CA THR D 499 -11.42 1.20 86.17
C THR D 499 -12.31 0.18 85.47
N ASN D 500 -11.77 -1.01 85.20
CA ASN D 500 -12.49 -2.00 84.40
C ASN D 500 -13.83 -2.36 85.01
N GLU D 501 -13.94 -2.29 86.34
CA GLU D 501 -15.21 -2.54 86.99
C GLU D 501 -16.20 -1.43 86.67
N MET D 502 -15.80 -0.18 86.87
CA MET D 502 -16.73 0.94 86.72
C MET D 502 -17.29 1.02 85.31
N LEU D 503 -16.45 0.79 84.30
CA LEU D 503 -16.89 0.82 82.91
C LEU D 503 -17.59 -0.46 82.48
N ARG D 504 -17.95 -1.34 83.40
CA ARG D 504 -18.79 -2.49 83.09
C ARG D 504 -20.09 -2.50 83.86
N GLY D 505 -20.06 -2.18 85.15
CA GLY D 505 -21.28 -2.06 85.93
C GLY D 505 -21.88 -0.68 85.79
N MET D 506 -21.91 -0.17 84.55
CA MET D 506 -22.33 1.19 84.30
C MET D 506 -23.76 1.43 84.79
N LYS D 507 -24.72 0.64 84.29
CA LYS D 507 -26.10 0.81 84.73
C LYS D 507 -26.24 0.53 86.22
N LEU D 508 -25.60 -0.54 86.69
CA LEU D 508 -25.60 -0.81 88.14
C LEU D 508 -25.05 0.39 88.90
N LEU D 509 -23.92 0.93 88.45
CA LEU D 509 -23.29 2.04 89.15
C LEU D 509 -24.21 3.24 89.23
N LYS D 510 -24.76 3.67 88.09
CA LYS D 510 -25.58 4.87 88.05
C LYS D 510 -27.00 4.65 88.55
N LEU D 511 -27.41 3.41 88.78
CA LEU D 511 -28.77 3.17 89.26
C LEU D 511 -28.98 3.63 90.69
N TYR D 512 -27.90 3.76 91.46
CA TYR D 512 -27.99 4.29 92.81
C TYR D 512 -26.97 5.40 93.08
N ALA D 513 -26.25 5.84 92.05
CA ALA D 513 -25.30 6.96 92.14
C ALA D 513 -24.24 6.74 93.21
N TRP D 514 -23.71 5.52 93.26
CA TRP D 514 -22.51 5.26 94.04
C TRP D 514 -21.24 5.57 93.26
N GLU D 515 -21.37 6.28 92.13
CA GLU D 515 -20.24 6.49 91.24
C GLU D 515 -19.18 7.40 91.85
N SER D 516 -19.60 8.47 92.52
CA SER D 516 -18.63 9.36 93.16
C SER D 516 -17.83 8.63 94.22
N ILE D 517 -18.45 7.65 94.89
CA ILE D 517 -17.75 6.90 95.94
C ILE D 517 -16.59 6.11 95.33
N PHE D 518 -16.79 5.54 94.14
CA PHE D 518 -15.70 4.83 93.48
C PHE D 518 -14.71 5.78 92.83
N CYS D 519 -15.17 6.95 92.37
CA CYS D 519 -14.26 7.94 91.79
C CYS D 519 -13.28 8.45 92.84
N SER D 520 -13.73 8.55 94.09
CA SER D 520 -12.80 8.92 95.16
C SER D 520 -11.65 7.92 95.27
N ARG D 521 -11.98 6.62 95.21
CA ARG D 521 -10.95 5.58 95.26
C ARG D 521 -10.03 5.66 94.05
N VAL D 522 -10.61 5.88 92.87
CA VAL D 522 -9.81 6.00 91.65
C VAL D 522 -8.83 7.16 91.77
N GLU D 523 -9.29 8.29 92.32
CA GLU D 523 -8.39 9.43 92.52
C GLU D 523 -7.33 9.13 93.58
N VAL D 524 -7.69 8.38 94.62
CA VAL D 524 -6.69 7.93 95.59
C VAL D 524 -5.58 7.17 94.89
N THR D 525 -5.86 6.28 93.95
CA THR D 525 -4.76 5.59 93.25
C THR D 525 -3.85 6.55 92.43
N ARG D 526 -4.53 7.50 91.80
CA ARG D 526 -3.89 8.45 90.93
C ARG D 526 -2.81 9.27 91.63
N ARG D 527 -3.05 9.66 92.87
CA ARG D 527 -2.06 10.44 93.60
C ARG D 527 -0.75 9.66 93.80
N LYS D 528 -0.86 8.36 94.09
CA LYS D 528 0.32 7.50 94.25
C LYS D 528 1.08 7.44 92.92
N GLU D 529 0.30 7.31 91.84
CA GLU D 529 0.91 7.27 90.51
C GLU D 529 1.66 8.59 90.25
N MET D 530 1.06 9.72 90.62
CA MET D 530 1.67 11.03 90.45
C MET D 530 2.95 11.15 91.23
N THR D 531 2.94 10.60 92.44
CA THR D 531 4.10 10.64 93.31
C THR D 531 5.27 9.93 92.66
N SER D 532 5.04 8.78 92.01
CA SER D 532 6.19 8.11 91.39
C SER D 532 6.89 8.92 90.26
N LEU D 533 6.05 9.55 89.46
CA LEU D 533 6.30 10.35 88.27
C LEU D 533 7.17 11.56 88.58
N ARG D 534 7.06 12.09 89.80
CA ARG D 534 7.93 13.20 90.20
C ARG D 534 9.40 12.81 90.16
N ALA D 535 9.74 11.69 90.78
CA ALA D 535 11.13 11.23 90.78
C ALA D 535 11.60 10.89 89.36
N PHE D 536 10.74 10.22 88.59
CA PHE D 536 11.08 9.89 87.20
C PHE D 536 11.42 11.15 86.41
N ALA D 537 10.57 12.17 86.51
CA ALA D 537 10.80 13.40 85.78
C ALA D 537 11.98 14.19 86.34
N VAL D 538 12.29 14.03 87.63
CA VAL D 538 13.51 14.62 88.18
C VAL D 538 14.73 14.01 87.52
N TYR D 539 14.74 12.68 87.36
CA TYR D 539 15.86 12.05 86.68
C TYR D 539 15.94 12.46 85.21
N THR D 540 14.78 12.57 84.55
CA THR D 540 14.77 13.07 83.17
C THR D 540 15.36 14.47 83.10
N SER D 541 15.01 15.33 84.05
CA SER D 541 15.53 16.68 84.10
C SER D 541 17.04 16.68 84.31
N ILE D 542 17.54 15.80 85.19
CA ILE D 542 18.97 15.71 85.42
C ILE D 542 19.70 15.28 84.13
N SER D 543 19.10 14.35 83.39
CA SER D 543 19.69 13.92 82.13
C SER D 543 19.77 15.07 81.14
N ILE D 544 18.63 15.74 80.90
CA ILE D 544 18.61 16.86 79.96
C ILE D 544 19.57 17.96 80.41
N PHE D 545 19.69 18.16 81.72
CA PHE D 545 20.56 19.19 82.25
C PHE D 545 22.03 18.88 81.96
N MET D 546 22.47 17.65 82.28
CA MET D 546 23.84 17.27 81.99
C MET D 546 24.13 17.35 80.50
N ASN D 547 23.14 17.00 79.66
CA ASN D 547 23.32 16.98 78.21
C ASN D 547 23.94 18.27 77.69
N THR D 548 23.42 19.42 78.11
CA THR D 548 23.94 20.70 77.67
C THR D 548 24.84 21.37 78.70
N ALA D 549 24.97 20.80 79.91
CA ALA D 549 25.87 21.37 80.89
C ALA D 549 27.32 20.95 80.64
N ILE D 550 27.53 19.68 80.28
CA ILE D 550 28.90 19.21 80.05
C ILE D 550 29.57 19.91 78.88
N PRO D 551 28.89 20.21 77.76
CA PRO D 551 29.54 21.03 76.73
C PRO D 551 30.01 22.37 77.23
N ILE D 552 29.22 23.04 78.08
CA ILE D 552 29.63 24.33 78.62
C ILE D 552 30.78 24.15 79.60
N ALA D 553 30.69 23.15 80.48
CA ALA D 553 31.70 22.95 81.51
C ALA D 553 33.05 22.58 80.91
N ALA D 554 33.05 21.79 79.84
CA ALA D 554 34.30 21.44 79.18
C ALA D 554 35.05 22.69 78.73
N VAL D 555 34.37 23.57 77.99
CA VAL D 555 35.02 24.78 77.49
C VAL D 555 35.41 25.68 78.65
N LEU D 556 34.55 25.80 79.65
CA LEU D 556 34.88 26.62 80.82
C LEU D 556 36.18 26.17 81.47
N ILE D 557 36.20 24.96 82.05
CA ILE D 557 37.35 24.46 82.78
C ILE D 557 38.55 24.17 81.87
N THR D 558 38.36 24.18 80.55
CA THR D 558 39.49 24.00 79.67
C THR D 558 40.15 25.33 79.30
N PHE D 559 39.37 26.29 78.81
CA PHE D 559 39.95 27.57 78.41
C PHE D 559 40.43 28.37 79.62
N VAL D 560 39.66 28.37 80.71
CA VAL D 560 40.15 29.07 81.90
C VAL D 560 41.37 28.36 82.45
N GLY D 561 41.40 27.03 82.37
CA GLY D 561 42.53 26.25 82.83
C GLY D 561 43.69 26.12 81.87
N HIS D 562 43.59 26.70 80.68
CA HIS D 562 44.67 26.66 79.70
C HIS D 562 45.49 27.94 79.70
N VAL D 563 44.84 29.08 79.45
CA VAL D 563 45.56 30.34 79.32
C VAL D 563 45.92 30.91 80.68
N SER D 564 44.92 31.19 81.51
CA SER D 564 45.13 31.83 82.80
C SER D 564 45.64 30.88 83.88
N PHE D 565 45.96 29.63 83.54
CA PHE D 565 46.48 28.69 84.52
C PHE D 565 47.88 28.19 84.21
N PHE D 566 48.10 27.66 83.00
CA PHE D 566 49.27 26.80 82.78
C PHE D 566 50.44 27.53 82.15
N LYS D 567 50.25 28.10 80.95
CA LYS D 567 51.40 28.59 80.21
C LYS D 567 51.18 29.93 79.52
N GLU D 568 50.03 30.58 79.72
CA GLU D 568 49.74 31.90 79.15
C GLU D 568 49.91 31.92 77.63
N SER D 569 49.77 30.76 77.00
CA SER D 569 49.97 30.66 75.56
C SER D 569 48.87 31.42 74.81
N ASP D 570 49.28 32.18 73.80
CA ASP D 570 48.33 32.93 73.00
C ASP D 570 47.41 31.98 72.24
N LEU D 571 46.12 32.04 72.55
CA LEU D 571 45.13 31.10 72.01
C LEU D 571 44.54 31.71 70.74
N SER D 572 45.08 31.32 69.59
CA SER D 572 44.54 31.78 68.32
C SER D 572 43.09 31.33 68.17
N PRO D 573 42.28 32.08 67.41
CA PRO D 573 40.87 31.67 67.23
C PRO D 573 40.72 30.24 66.72
N SER D 574 41.68 29.78 65.91
CA SER D 574 41.62 28.44 65.35
C SER D 574 41.59 27.38 66.45
N VAL D 575 42.47 27.53 67.45
CA VAL D 575 42.54 26.54 68.52
C VAL D 575 41.21 26.43 69.25
N ALA D 576 40.67 27.57 69.69
CA ALA D 576 39.44 27.57 70.47
C ALA D 576 38.27 27.02 69.65
N PHE D 577 38.14 27.44 68.39
CA PHE D 577 37.00 27.00 67.62
C PHE D 577 37.12 25.54 67.20
N ALA D 578 38.33 25.06 66.93
CA ALA D 578 38.52 23.63 66.68
C ALA D 578 38.16 22.81 67.91
N SER D 579 38.55 23.30 69.10
CA SER D 579 38.17 22.61 70.33
C SER D 579 36.66 22.58 70.48
N LEU D 580 35.99 23.68 70.15
CA LEU D 580 34.53 23.72 70.23
C LEU D 580 33.90 22.68 69.31
N SER D 581 34.34 22.66 68.05
CA SER D 581 33.82 21.67 67.10
C SER D 581 34.04 20.26 67.60
N LEU D 582 35.27 19.94 68.03
CA LEU D 582 35.56 18.60 68.54
C LEU D 582 34.73 18.28 69.77
N PHE D 583 34.46 19.27 70.62
CA PHE D 583 33.61 19.02 71.78
C PHE D 583 32.22 18.57 71.37
N HIS D 584 31.64 19.22 70.36
CA HIS D 584 30.31 18.77 69.93
C HIS D 584 30.38 17.41 69.24
N ILE D 585 31.39 17.22 68.38
CA ILE D 585 31.54 15.97 67.64
C ILE D 585 31.84 14.81 68.57
N LEU D 586 32.30 15.07 69.79
CA LEU D 586 32.51 14.04 70.79
C LEU D 586 31.34 13.89 71.75
N VAL D 587 30.58 14.97 71.99
CA VAL D 587 29.39 14.87 72.83
C VAL D 587 28.32 14.03 72.17
N THR D 588 28.16 14.18 70.85
CA THR D 588 27.14 13.40 70.15
C THR D 588 27.30 11.89 70.35
N PRO D 589 28.48 11.29 70.15
CA PRO D 589 28.57 9.83 70.33
C PRO D 589 28.50 9.38 71.78
N LEU D 590 28.88 10.24 72.75
CA LEU D 590 29.03 9.79 74.13
C LEU D 590 27.72 9.26 74.70
N PHE D 591 26.60 9.93 74.43
CA PHE D 591 25.31 9.48 74.93
C PHE D 591 24.98 8.06 74.46
N LEU D 592 25.38 7.71 73.25
CA LEU D 592 24.98 6.45 72.67
C LEU D 592 25.66 5.25 73.33
N LEU D 593 26.83 5.45 73.93
CA LEU D 593 27.54 4.34 74.56
C LEU D 593 26.75 3.76 75.73
N SER D 594 26.09 4.62 76.51
CA SER D 594 25.31 4.14 77.64
C SER D 594 24.17 3.23 77.19
N SER D 595 23.34 3.74 76.26
CA SER D 595 22.27 2.93 75.70
C SER D 595 22.80 1.68 75.03
N VAL D 596 23.98 1.75 74.42
CA VAL D 596 24.57 0.57 73.79
C VAL D 596 24.91 -0.48 74.84
N VAL D 597 25.50 -0.07 75.97
CA VAL D 597 25.83 -1.03 77.01
C VAL D 597 24.57 -1.67 77.57
N ARG D 598 23.55 -0.85 77.84
CA ARG D 598 22.30 -1.40 78.36
C ARG D 598 21.69 -2.39 77.36
N SER D 599 21.65 -1.99 76.08
CA SER D 599 21.07 -2.85 75.06
C SER D 599 21.86 -4.15 74.93
N THR D 600 23.18 -4.09 75.06
CA THR D 600 24.01 -5.29 74.90
C THR D 600 23.77 -6.28 76.03
N VAL D 601 23.75 -5.79 77.29
CA VAL D 601 23.52 -6.72 78.39
C VAL D 601 22.12 -7.30 78.33
N LYS D 602 21.13 -6.47 77.96
CA LYS D 602 19.77 -6.97 77.85
C LYS D 602 19.66 -8.01 76.73
N ALA D 603 20.36 -7.79 75.63
CA ALA D 603 20.33 -8.75 74.53
C ALA D 603 21.01 -10.05 74.91
N LEU D 604 22.11 -9.97 75.67
CA LEU D 604 22.75 -11.18 76.16
C LEU D 604 21.78 -12.00 77.01
N VAL D 605 21.07 -11.34 77.93
CA VAL D 605 20.10 -12.05 78.75
C VAL D 605 18.99 -12.64 77.89
N SER D 606 18.52 -11.89 76.89
CA SER D 606 17.44 -12.39 76.05
C SER D 606 17.85 -13.56 75.19
N VAL D 607 19.11 -13.59 74.74
CA VAL D 607 19.56 -14.74 73.96
C VAL D 607 19.80 -15.95 74.86
N GLN D 608 20.24 -15.74 76.11
CA GLN D 608 20.25 -16.86 77.05
C GLN D 608 18.85 -17.43 77.23
N LYS D 609 17.85 -16.56 77.34
CA LYS D 609 16.46 -17.00 77.47
C LYS D 609 16.01 -17.75 76.22
N LEU D 610 16.32 -17.22 75.03
CA LEU D 610 15.95 -17.87 73.79
C LEU D 610 16.59 -19.25 73.66
N SER D 611 17.83 -19.39 74.13
CA SER D 611 18.50 -20.68 74.08
C SER D 611 17.86 -21.65 75.06
N GLU D 612 17.53 -21.19 76.27
CA GLU D 612 16.85 -22.04 77.23
C GLU D 612 15.52 -22.54 76.69
N PHE D 613 14.78 -21.67 75.99
CA PHE D 613 13.50 -22.07 75.42
C PHE D 613 13.69 -23.00 74.23
N LEU D 614 14.42 -22.53 73.21
CA LEU D 614 14.60 -23.27 71.96
C LEU D 614 15.15 -24.66 72.15
N SER D 615 15.71 -24.96 73.33
CA SER D 615 16.35 -26.25 73.55
C SER D 615 15.69 -27.00 74.71
N SER D 616 14.37 -27.06 74.72
CA SER D 616 13.65 -27.81 75.77
C SER D 616 13.03 -29.07 75.20
N CYS D 678 -8.10 -49.94 60.46
CA CYS D 678 -8.42 -49.85 61.88
C CYS D 678 -7.28 -49.19 62.66
N VAL D 679 -7.57 -48.78 63.89
CA VAL D 679 -6.58 -48.21 64.79
C VAL D 679 -6.20 -49.28 65.79
N GLN D 680 -4.97 -49.77 65.70
CA GLN D 680 -4.49 -50.88 66.52
C GLN D 680 -3.55 -50.37 67.60
N ILE D 681 -3.75 -50.84 68.82
CA ILE D 681 -2.86 -50.53 69.94
C ILE D 681 -2.59 -51.83 70.70
N ILE D 682 -1.31 -52.11 70.95
CA ILE D 682 -0.90 -53.28 71.70
C ILE D 682 0.18 -52.87 72.69
N GLY D 683 -0.07 -53.12 73.98
CA GLY D 683 0.89 -52.83 75.02
C GLY D 683 1.07 -51.36 75.34
N GLY D 684 0.00 -50.68 75.74
CA GLY D 684 0.09 -49.25 76.00
C GLY D 684 0.92 -48.95 77.24
N PHE D 685 1.86 -48.02 77.11
CA PHE D 685 2.76 -47.69 78.22
C PHE D 685 3.36 -46.31 77.95
N PHE D 686 2.94 -45.30 78.71
CA PHE D 686 3.54 -43.97 78.64
C PHE D 686 3.08 -43.15 79.84
N THR D 687 3.72 -42.00 80.02
CA THR D 687 3.39 -41.08 81.09
C THR D 687 3.77 -39.66 80.66
N TRP D 688 3.42 -38.69 81.50
CA TRP D 688 3.66 -37.28 81.19
C TRP D 688 4.97 -36.76 81.76
N THR D 689 6.07 -37.47 81.49
CA THR D 689 7.40 -37.06 81.92
C THR D 689 8.47 -37.88 81.20
N PRO D 690 9.68 -37.36 81.05
CA PRO D 690 10.78 -38.22 80.58
C PRO D 690 11.11 -39.34 81.54
N ASP D 691 10.72 -39.21 82.81
CA ASP D 691 10.94 -40.26 83.80
C ASP D 691 9.93 -40.07 84.92
N GLY D 692 9.28 -41.15 85.32
CA GLY D 692 8.28 -41.09 86.38
C GLY D 692 7.35 -42.27 86.31
N ILE D 693 6.49 -42.35 87.32
CA ILE D 693 5.52 -43.45 87.39
C ILE D 693 4.55 -43.34 86.22
N PRO D 694 4.20 -44.44 85.55
CA PRO D 694 3.36 -44.34 84.35
C PRO D 694 1.87 -44.36 84.66
N THR D 695 1.14 -43.60 83.85
CA THR D 695 -0.32 -43.60 83.90
C THR D 695 -0.95 -44.44 82.80
N LEU D 696 -0.23 -44.70 81.72
CA LEU D 696 -0.68 -45.58 80.65
C LEU D 696 -0.06 -46.95 80.89
N SER D 697 -0.90 -47.97 81.04
CA SER D 697 -0.41 -49.30 81.41
C SER D 697 -1.26 -50.37 80.74
N ASN D 698 -0.63 -51.13 79.83
CA ASN D 698 -1.21 -52.35 79.27
C ASN D 698 -2.57 -52.09 78.61
N ILE D 699 -2.52 -51.31 77.54
CA ILE D 699 -3.71 -50.97 76.75
C ILE D 699 -3.57 -51.61 75.38
N THR D 700 -4.60 -52.38 74.99
CA THR D 700 -4.66 -53.02 73.68
C THR D 700 -6.08 -52.85 73.16
N ILE D 701 -6.23 -52.14 72.05
CA ILE D 701 -7.55 -51.75 71.57
C ILE D 701 -7.53 -51.71 70.04
N ARG D 702 -8.59 -52.23 69.43
CA ARG D 702 -8.78 -52.19 67.99
C ARG D 702 -9.99 -51.33 67.66
N ILE D 703 -9.79 -50.35 66.78
CA ILE D 703 -10.84 -49.43 66.36
C ILE D 703 -11.09 -49.63 64.87
N PRO D 704 -11.97 -50.54 64.48
CA PRO D 704 -12.22 -50.77 63.06
C PRO D 704 -12.97 -49.61 62.41
N ARG D 705 -13.00 -49.64 61.08
CA ARG D 705 -13.64 -48.60 60.30
C ARG D 705 -15.15 -48.67 60.43
N GLY D 706 -15.80 -47.51 60.36
CA GLY D 706 -17.24 -47.41 60.38
C GLY D 706 -17.87 -48.00 61.62
N GLN D 707 -17.61 -47.39 62.77
CA GLN D 707 -18.02 -47.97 64.04
C GLN D 707 -17.99 -46.90 65.12
N LEU D 708 -19.11 -46.76 65.83
CA LEU D 708 -19.17 -45.83 66.96
C LEU D 708 -18.55 -46.49 68.18
N THR D 709 -17.57 -45.81 68.79
CA THR D 709 -16.83 -46.35 69.93
C THR D 709 -16.91 -45.36 71.09
N MET D 710 -17.69 -45.70 72.10
CA MET D 710 -17.73 -44.89 73.31
C MET D 710 -16.64 -45.33 74.27
N ILE D 711 -16.19 -44.39 75.09
CA ILE D 711 -15.28 -44.67 76.19
C ILE D 711 -15.93 -44.14 77.46
N VAL D 712 -16.13 -45.01 78.44
CA VAL D 712 -16.82 -44.65 79.66
C VAL D 712 -15.98 -45.08 80.85
N GLY D 713 -16.19 -44.41 81.98
CA GLY D 713 -15.43 -44.70 83.18
C GLY D 713 -15.63 -43.60 84.20
N GLN D 714 -14.78 -43.62 85.22
CA GLN D 714 -14.83 -42.63 86.29
C GLN D 714 -13.99 -41.41 85.92
N VAL D 715 -13.91 -40.45 86.83
CA VAL D 715 -13.12 -39.24 86.61
C VAL D 715 -11.67 -39.55 86.91
N GLY D 716 -10.82 -39.50 85.89
CA GLY D 716 -9.41 -39.80 86.06
C GLY D 716 -9.03 -41.22 85.72
N CYS D 717 -9.50 -41.71 84.57
CA CYS D 717 -9.24 -43.08 84.13
C CYS D 717 -8.51 -43.13 82.79
N GLY D 718 -7.87 -42.03 82.39
CA GLY D 718 -7.13 -42.02 81.14
C GLY D 718 -8.00 -42.10 79.90
N LYS D 719 -9.12 -41.39 79.88
CA LYS D 719 -9.95 -41.35 78.69
C LYS D 719 -9.35 -40.40 77.64
N SER D 720 -9.22 -39.12 77.99
CA SER D 720 -8.60 -38.18 77.07
C SER D 720 -7.12 -38.45 76.89
N SER D 721 -6.48 -39.04 77.91
CA SER D 721 -5.10 -39.47 77.76
C SER D 721 -4.97 -40.54 76.68
N LEU D 722 -5.85 -41.54 76.74
CA LEU D 722 -5.90 -42.54 75.66
C LEU D 722 -6.25 -41.89 74.33
N LEU D 723 -7.10 -40.86 74.35
CA LEU D 723 -7.44 -40.15 73.12
C LEU D 723 -6.19 -39.54 72.49
N LEU D 724 -5.41 -38.82 73.29
CA LEU D 724 -4.21 -38.17 72.77
C LEU D 724 -3.12 -39.18 72.42
N ALA D 725 -3.11 -40.34 73.09
CA ALA D 725 -2.14 -41.37 72.76
C ALA D 725 -2.48 -42.07 71.45
N THR D 726 -3.77 -42.31 71.20
CA THR D 726 -4.20 -42.82 69.90
C THR D 726 -3.87 -41.84 68.79
N LEU D 727 -3.75 -40.55 69.13
CA LEU D 727 -3.45 -39.51 68.17
C LEU D 727 -1.98 -39.53 67.75
N GLY D 728 -1.12 -40.19 68.52
CA GLY D 728 0.31 -40.03 68.37
C GLY D 728 0.87 -38.85 69.12
N GLU D 729 0.03 -38.10 69.84
CA GLU D 729 0.50 -36.92 70.56
C GLU D 729 1.51 -37.29 71.64
N MET D 730 1.35 -38.46 72.26
CA MET D 730 2.25 -38.91 73.32
C MET D 730 2.91 -40.20 72.87
N GLN D 731 4.19 -40.10 72.49
CA GLN D 731 4.96 -41.26 72.03
C GLN D 731 5.17 -42.22 73.19
N LYS D 732 4.50 -43.38 73.15
CA LYS D 732 4.53 -44.31 74.26
C LYS D 732 5.92 -44.92 74.45
N VAL D 733 6.20 -45.31 75.69
CA VAL D 733 7.52 -45.85 76.03
C VAL D 733 7.74 -47.20 75.37
N SER D 734 6.89 -48.17 75.72
CA SER D 734 7.01 -49.55 75.22
C SER D 734 5.64 -50.01 74.75
N GLY D 735 5.38 -49.91 73.46
CA GLY D 735 4.12 -50.34 72.90
C GLY D 735 4.05 -50.02 71.43
N ALA D 736 3.06 -50.62 70.77
CA ALA D 736 2.87 -50.46 69.34
C ALA D 736 1.50 -49.84 69.05
N VAL D 737 1.48 -48.90 68.11
CA VAL D 737 0.25 -48.21 67.74
C VAL D 737 0.29 -47.88 66.25
N PHE D 738 -0.71 -48.35 65.52
CA PHE D 738 -0.81 -48.11 64.09
C PHE D 738 -2.21 -47.62 63.74
N TRP D 739 -2.32 -46.95 62.60
CA TRP D 739 -3.63 -46.60 62.05
C TRP D 739 -3.53 -46.33 60.55
N GLY D 768 -1.61 -39.86 60.17
CA GLY D 768 -2.65 -39.39 59.28
C GLY D 768 -3.39 -38.18 59.80
N PRO D 769 -4.07 -37.45 58.90
CA PRO D 769 -4.82 -36.26 59.29
C PRO D 769 -6.17 -36.62 59.89
N VAL D 770 -6.30 -36.38 61.20
CA VAL D 770 -7.44 -36.84 61.99
C VAL D 770 -8.12 -35.63 62.61
N ALA D 771 -9.44 -35.53 62.44
CA ALA D 771 -10.19 -34.43 63.04
C ALA D 771 -10.36 -34.66 64.54
N TYR D 772 -10.27 -33.58 65.31
CA TYR D 772 -10.25 -33.73 66.76
C TYR D 772 -10.73 -32.45 67.40
N ALA D 773 -11.75 -32.56 68.26
CA ALA D 773 -12.20 -31.47 69.11
C ALA D 773 -11.82 -31.82 70.54
N SER D 774 -11.05 -30.94 71.18
CA SER D 774 -10.53 -31.19 72.51
C SER D 774 -11.61 -30.95 73.57
N GLN D 775 -11.27 -31.29 74.81
CA GLN D 775 -12.20 -31.09 75.91
C GLN D 775 -12.42 -29.60 76.16
N LYS D 776 -11.34 -28.84 76.26
CA LYS D 776 -11.45 -27.40 76.42
C LYS D 776 -11.55 -26.77 75.03
N PRO D 777 -12.63 -26.05 74.72
CA PRO D 777 -12.79 -25.55 73.35
C PRO D 777 -11.89 -24.37 73.08
N TRP D 778 -11.39 -24.29 71.83
CA TRP D 778 -10.54 -23.20 71.42
C TRP D 778 -11.05 -22.61 70.11
N LEU D 779 -10.77 -21.33 69.92
CA LEU D 779 -11.22 -20.59 68.74
C LEU D 779 -10.04 -19.81 68.17
N LEU D 780 -10.28 -19.21 67.00
CA LEU D 780 -9.30 -18.35 66.36
C LEU D 780 -9.73 -16.88 66.48
N ASN D 781 -8.90 -16.00 65.94
CA ASN D 781 -9.21 -14.58 65.87
C ASN D 781 -9.80 -14.26 64.49
N ALA D 782 -10.99 -14.81 64.26
CA ALA D 782 -11.61 -14.74 62.94
C ALA D 782 -13.12 -14.89 63.11
N THR D 783 -13.81 -15.16 62.01
CA THR D 783 -15.26 -15.24 62.00
C THR D 783 -15.74 -16.65 62.31
N VAL D 784 -17.06 -16.81 62.41
CA VAL D 784 -17.65 -18.12 62.70
C VAL D 784 -17.50 -19.05 61.50
N GLU D 785 -17.87 -18.56 60.31
CA GLU D 785 -17.71 -19.34 59.09
C GLU D 785 -16.27 -19.79 58.91
N GLU D 786 -15.32 -18.92 59.30
CA GLU D 786 -13.91 -19.25 59.15
C GLU D 786 -13.49 -20.36 60.11
N ASN D 787 -13.87 -20.23 61.39
CA ASN D 787 -13.53 -21.27 62.35
C ASN D 787 -14.16 -22.61 62.00
N ILE D 788 -15.36 -22.58 61.41
CA ILE D 788 -16.00 -23.85 61.07
C ILE D 788 -15.44 -24.42 59.77
N THR D 789 -15.00 -23.57 58.85
CA THR D 789 -14.39 -24.07 57.63
C THR D 789 -12.95 -24.51 57.86
N PHE D 790 -12.17 -23.69 58.58
CA PHE D 790 -10.81 -24.02 59.00
C PHE D 790 -9.92 -24.33 57.78
N GLU D 791 -9.72 -23.30 56.97
CA GLU D 791 -8.88 -23.36 55.78
C GLU D 791 -9.34 -24.47 54.83
N SER D 792 -10.66 -24.57 54.64
CA SER D 792 -11.24 -25.50 53.71
C SER D 792 -12.10 -24.77 52.70
N PRO D 793 -12.11 -25.21 51.44
CA PRO D 793 -12.97 -24.56 50.44
C PRO D 793 -14.43 -24.63 50.86
N PHE D 794 -15.13 -23.50 50.76
CA PHE D 794 -16.48 -23.41 51.27
C PHE D 794 -17.43 -24.27 50.45
N ASN D 795 -18.50 -24.73 51.11
CA ASN D 795 -19.55 -25.48 50.46
C ASN D 795 -20.90 -24.88 50.84
N LYS D 796 -21.86 -25.03 49.94
CA LYS D 796 -23.23 -24.58 50.21
C LYS D 796 -23.98 -25.63 51.03
N GLN D 797 -24.23 -26.79 50.42
CA GLN D 797 -25.02 -27.83 51.08
C GLN D 797 -24.28 -28.40 52.28
N ARG D 798 -22.98 -28.67 52.14
CA ARG D 798 -22.22 -29.27 53.23
C ARG D 798 -22.19 -28.35 54.45
N TYR D 799 -21.83 -27.09 54.25
CA TYR D 799 -21.74 -26.15 55.36
C TYR D 799 -23.10 -25.87 55.97
N LYS D 800 -24.14 -25.72 55.14
CA LYS D 800 -25.47 -25.50 55.70
C LYS D 800 -25.94 -26.73 56.49
N MET D 801 -25.61 -27.93 56.01
CA MET D 801 -25.94 -29.15 56.74
C MET D 801 -25.26 -29.17 58.10
N VAL D 802 -23.97 -28.83 58.14
CA VAL D 802 -23.25 -28.84 59.42
C VAL D 802 -23.81 -27.78 60.35
N ILE D 803 -24.18 -26.61 59.81
CA ILE D 803 -24.73 -25.54 60.63
C ILE D 803 -26.05 -25.97 61.26
N GLU D 804 -26.93 -26.55 60.44
CA GLU D 804 -28.26 -26.93 60.94
C GLU D 804 -28.17 -28.14 61.86
N ALA D 805 -27.25 -29.07 61.60
CA ALA D 805 -27.15 -30.29 62.40
C ALA D 805 -26.51 -30.04 63.75
N CYS D 806 -25.90 -28.88 63.98
CA CYS D 806 -25.27 -28.56 65.25
C CYS D 806 -26.16 -27.68 66.13
N SER D 807 -27.41 -27.44 65.73
CA SER D 807 -28.32 -26.59 66.48
C SER D 807 -27.70 -25.22 66.72
N LEU D 808 -27.06 -24.68 65.70
CA LEU D 808 -26.26 -23.48 65.85
C LEU D 808 -26.75 -22.29 65.05
N GLN D 809 -27.57 -22.49 64.02
CA GLN D 809 -28.00 -21.36 63.18
C GLN D 809 -28.81 -20.32 63.94
N PRO D 810 -29.80 -20.68 64.78
CA PRO D 810 -30.55 -19.62 65.49
C PRO D 810 -29.68 -18.76 66.38
N ASP D 811 -28.86 -19.38 67.23
CA ASP D 811 -27.98 -18.60 68.11
C ASP D 811 -26.94 -17.83 67.31
N ILE D 812 -26.54 -18.35 66.14
CA ILE D 812 -25.64 -17.61 65.27
C ILE D 812 -26.32 -16.35 64.77
N ASP D 813 -27.61 -16.44 64.46
CA ASP D 813 -28.39 -15.26 64.05
C ASP D 813 -28.73 -14.34 65.22
N ILE D 814 -28.59 -14.82 66.47
CA ILE D 814 -28.84 -13.96 67.62
C ILE D 814 -27.74 -12.91 67.78
N LEU D 815 -26.52 -13.22 67.33
CA LEU D 815 -25.38 -12.34 67.49
C LEU D 815 -25.64 -10.97 66.85
N PRO D 816 -24.90 -9.93 67.28
CA PRO D 816 -25.09 -8.61 66.67
C PRO D 816 -24.84 -8.59 65.18
N HIS D 817 -23.89 -9.37 64.69
CA HIS D 817 -23.69 -9.59 63.27
C HIS D 817 -24.21 -10.98 62.93
N GLY D 818 -25.17 -11.05 62.01
CA GLY D 818 -25.81 -12.31 61.69
C GLY D 818 -24.82 -13.39 61.34
N ASP D 819 -23.84 -13.07 60.51
CA ASP D 819 -22.75 -13.99 60.22
C ASP D 819 -21.49 -13.17 59.99
N GLN D 820 -20.37 -13.88 59.83
CA GLN D 820 -19.06 -13.25 59.70
C GLN D 820 -18.76 -12.35 60.89
N THR D 821 -19.34 -12.67 62.05
CA THR D 821 -19.08 -11.89 63.25
C THR D 821 -17.67 -12.19 63.76
N GLN D 822 -16.95 -11.14 64.10
CA GLN D 822 -15.56 -11.28 64.56
C GLN D 822 -15.56 -11.88 65.95
N ILE D 823 -15.35 -13.20 66.02
CA ILE D 823 -15.29 -13.88 67.31
C ILE D 823 -14.14 -13.29 68.12
N GLY D 824 -14.44 -12.83 69.33
CA GLY D 824 -13.44 -12.20 70.16
C GLY D 824 -12.31 -13.11 70.56
N GLU D 825 -11.32 -12.56 71.27
CA GLU D 825 -10.20 -13.35 71.75
C GLU D 825 -10.69 -14.39 72.75
N ARG D 826 -10.57 -15.66 72.38
CA ARG D 826 -10.96 -16.83 73.17
C ARG D 826 -12.48 -17.00 73.24
N GLY D 827 -13.24 -16.05 72.71
CA GLY D 827 -14.68 -16.11 72.76
C GLY D 827 -15.31 -15.47 73.98
N ILE D 828 -14.96 -14.20 74.23
CA ILE D 828 -15.52 -13.49 75.38
C ILE D 828 -16.97 -13.11 75.11
N ASN D 829 -17.29 -12.70 73.88
CA ASN D 829 -18.65 -12.39 73.49
C ASN D 829 -19.44 -13.63 73.06
N LEU D 830 -19.00 -14.81 73.48
CA LEU D 830 -19.74 -16.06 73.29
C LEU D 830 -19.77 -16.83 74.60
N SER D 831 -20.69 -17.78 74.69
CA SER D 831 -20.81 -18.63 75.87
C SER D 831 -20.08 -19.95 75.64
N GLY D 832 -20.00 -20.75 76.71
CA GLY D 832 -19.30 -22.01 76.62
C GLY D 832 -19.97 -22.99 75.67
N GLY D 833 -21.31 -23.07 75.74
CA GLY D 833 -22.02 -23.98 74.85
C GLY D 833 -21.87 -23.61 73.39
N GLN D 834 -21.83 -22.32 73.09
CA GLN D 834 -21.62 -21.89 71.71
C GLN D 834 -20.22 -22.27 71.23
N ARG D 835 -19.21 -22.06 72.07
CA ARG D 835 -17.85 -22.47 71.71
C ARG D 835 -17.77 -23.97 71.47
N GLN D 836 -18.44 -24.74 72.33
CA GLN D 836 -18.43 -26.20 72.16
C GLN D 836 -19.12 -26.61 70.86
N ARG D 837 -20.26 -25.99 70.56
CA ARG D 837 -20.95 -26.33 69.31
C ARG D 837 -20.14 -25.93 68.09
N ILE D 838 -19.43 -24.79 68.17
CA ILE D 838 -18.57 -24.38 67.06
C ILE D 838 -17.42 -25.37 66.90
N SER D 839 -16.85 -25.84 68.00
CA SER D 839 -15.78 -26.82 67.91
C SER D 839 -16.27 -28.14 67.31
N VAL D 840 -17.45 -28.60 67.73
CA VAL D 840 -18.00 -29.83 67.19
C VAL D 840 -18.32 -29.67 65.71
N ALA D 841 -18.80 -28.48 65.32
CA ALA D 841 -19.06 -28.21 63.91
C ALA D 841 -17.77 -28.22 63.11
N ARG D 842 -16.70 -27.65 63.66
CA ARG D 842 -15.40 -27.71 63.00
C ARG D 842 -14.94 -29.14 62.83
N ALA D 843 -15.12 -29.97 63.86
CA ALA D 843 -14.71 -31.36 63.78
C ALA D 843 -15.53 -32.12 62.75
N LEU D 844 -16.83 -31.86 62.69
CA LEU D 844 -17.71 -32.59 61.80
C LEU D 844 -17.60 -32.12 60.36
N TYR D 845 -17.26 -30.85 60.14
CA TYR D 845 -17.26 -30.27 58.80
C TYR D 845 -16.06 -30.73 57.98
N GLN D 846 -14.97 -31.11 58.64
CA GLN D 846 -13.76 -31.48 57.93
C GLN D 846 -13.89 -32.87 57.30
N GLN D 847 -13.34 -33.01 56.09
CA GLN D 847 -13.39 -34.26 55.34
C GLN D 847 -12.20 -35.11 55.73
N THR D 848 -12.45 -36.20 56.46
CA THR D 848 -11.38 -37.08 56.92
C THR D 848 -11.98 -38.41 57.33
N ASN D 849 -11.12 -39.35 57.74
CA ASN D 849 -11.60 -40.66 58.15
C ASN D 849 -12.01 -40.68 59.62
N VAL D 850 -11.14 -40.19 60.50
CA VAL D 850 -11.27 -40.36 61.94
C VAL D 850 -11.63 -39.02 62.58
N VAL D 851 -12.55 -39.08 63.54
CA VAL D 851 -12.96 -37.91 64.31
C VAL D 851 -12.96 -38.28 65.78
N PHE D 852 -12.35 -37.43 66.61
CA PHE D 852 -12.41 -37.54 68.06
C PHE D 852 -13.14 -36.32 68.62
N LEU D 853 -13.98 -36.57 69.62
CA LEU D 853 -14.72 -35.50 70.29
C LEU D 853 -14.61 -35.71 71.79
N ASP D 854 -13.85 -34.85 72.47
CA ASP D 854 -13.56 -35.03 73.89
C ASP D 854 -14.70 -34.43 74.71
N ASP D 855 -15.72 -35.26 74.96
CA ASP D 855 -16.92 -34.90 75.70
C ASP D 855 -17.57 -33.63 75.14
N PRO D 856 -18.19 -33.72 73.95
CA PRO D 856 -18.87 -32.55 73.39
C PRO D 856 -20.26 -32.29 73.95
N PHE D 857 -20.66 -32.97 75.02
CA PHE D 857 -22.00 -32.81 75.60
C PHE D 857 -21.93 -32.37 77.05
N SER D 858 -20.90 -31.61 77.42
CA SER D 858 -20.75 -31.16 78.80
C SER D 858 -21.45 -29.84 79.06
N ALA D 859 -21.47 -28.94 78.08
CA ALA D 859 -22.13 -27.65 78.21
C ALA D 859 -23.34 -27.54 77.27
N LEU D 860 -24.07 -28.64 77.11
CA LEU D 860 -25.27 -28.67 76.30
C LEU D 860 -26.42 -29.23 77.13
N ASP D 861 -27.64 -28.87 76.73
CA ASP D 861 -28.84 -29.33 77.41
C ASP D 861 -29.13 -30.76 76.99
N VAL D 862 -30.29 -31.28 77.40
CA VAL D 862 -30.71 -32.61 76.96
C VAL D 862 -31.21 -32.56 75.52
N HIS D 863 -31.99 -31.53 75.17
CA HIS D 863 -32.58 -31.44 73.85
C HIS D 863 -31.51 -31.25 72.78
N LEU D 864 -30.60 -30.30 73.00
CA LEU D 864 -29.55 -30.05 72.02
C LEU D 864 -28.62 -31.25 71.89
N SER D 865 -28.30 -31.91 72.99
CA SER D 865 -27.43 -33.09 72.92
C SER D 865 -28.11 -34.22 72.16
N ASP D 866 -29.41 -34.44 72.40
CA ASP D 866 -30.14 -35.46 71.67
C ASP D 866 -30.17 -35.14 70.17
N HIS D 867 -30.51 -33.90 69.83
CA HIS D 867 -30.56 -33.53 68.42
C HIS D 867 -29.19 -33.62 67.77
N LEU D 868 -28.12 -33.33 68.51
CA LEU D 868 -26.78 -33.42 67.96
C LEU D 868 -26.36 -34.87 67.72
N MET D 869 -26.58 -35.72 68.72
CA MET D 869 -26.23 -37.13 68.55
C MET D 869 -27.11 -37.81 67.50
N GLN D 870 -28.30 -37.28 67.25
CA GLN D 870 -29.18 -37.88 66.25
C GLN D 870 -28.84 -37.40 64.85
N ALA D 871 -28.81 -36.08 64.64
CA ALA D 871 -28.65 -35.54 63.30
C ALA D 871 -27.19 -35.51 62.87
N GLY D 872 -26.30 -35.02 63.74
CA GLY D 872 -24.91 -34.87 63.37
C GLY D 872 -24.07 -36.12 63.52
N ILE D 873 -24.42 -36.98 64.47
CA ILE D 873 -23.59 -38.13 64.80
C ILE D 873 -24.12 -39.39 64.14
N LEU D 874 -25.36 -39.77 64.48
CA LEU D 874 -25.93 -41.00 63.95
C LEU D 874 -26.45 -40.87 62.53
N GLU D 875 -26.66 -39.65 62.04
CA GLU D 875 -27.17 -39.43 60.70
C GLU D 875 -26.17 -38.84 59.74
N LEU D 876 -25.25 -38.00 60.22
CA LEU D 876 -24.27 -37.35 59.35
C LEU D 876 -22.91 -38.01 59.40
N LEU D 877 -22.39 -38.28 60.59
CA LEU D 877 -21.14 -39.03 60.72
C LEU D 877 -21.32 -40.47 60.25
N ARG D 878 -22.36 -41.13 60.74
CA ARG D 878 -22.70 -42.48 60.30
C ARG D 878 -23.06 -42.55 58.81
N ASP D 879 -23.33 -41.40 58.20
CA ASP D 879 -23.66 -41.38 56.77
C ASP D 879 -22.47 -41.76 55.92
N ASP D 880 -21.37 -41.00 56.02
CA ASP D 880 -20.19 -41.20 55.19
C ASP D 880 -19.31 -42.35 55.67
N LYS D 881 -19.75 -43.09 56.69
CA LYS D 881 -19.00 -44.21 57.25
C LYS D 881 -17.61 -43.77 57.71
N ARG D 882 -17.62 -42.82 58.64
CA ARG D 882 -16.40 -42.38 59.32
C ARG D 882 -16.14 -43.26 60.54
N THR D 883 -14.92 -43.16 61.07
CA THR D 883 -14.54 -43.86 62.30
C THR D 883 -14.69 -42.86 63.44
N VAL D 884 -15.89 -42.81 64.00
CA VAL D 884 -16.21 -41.87 65.09
C VAL D 884 -15.80 -42.51 66.41
N VAL D 885 -14.96 -41.81 67.17
CA VAL D 885 -14.60 -42.23 68.52
C VAL D 885 -14.99 -41.07 69.43
N LEU D 886 -16.07 -41.24 70.16
CA LEU D 886 -16.58 -40.21 71.05
C LEU D 886 -16.50 -40.72 72.48
N VAL D 887 -16.06 -39.86 73.38
CA VAL D 887 -15.91 -40.19 74.79
C VAL D 887 -16.85 -39.29 75.58
N THR D 888 -17.72 -39.89 76.37
CA THR D 888 -18.70 -39.16 77.18
C THR D 888 -19.27 -40.13 78.20
N HIS D 889 -20.33 -39.70 78.89
CA HIS D 889 -20.99 -40.55 79.88
C HIS D 889 -22.47 -40.18 79.91
N LYS D 890 -23.29 -40.93 79.19
CA LYS D 890 -24.73 -40.73 79.16
C LYS D 890 -25.40 -42.09 79.03
N LEU D 891 -26.72 -42.08 78.88
CA LEU D 891 -27.52 -43.29 78.73
C LEU D 891 -27.89 -43.58 77.28
N GLN D 892 -28.34 -42.54 76.56
CA GLN D 892 -28.83 -42.73 75.19
C GLN D 892 -27.75 -43.21 74.23
N TYR D 893 -26.48 -42.99 74.56
CA TYR D 893 -25.40 -43.29 73.64
C TYR D 893 -24.84 -44.70 73.80
N LEU D 894 -25.08 -45.33 74.94
CA LEU D 894 -24.56 -46.67 75.17
C LEU D 894 -25.10 -47.69 74.16
N PRO D 895 -26.40 -47.80 73.90
CA PRO D 895 -26.87 -48.77 72.91
C PRO D 895 -26.67 -48.34 71.47
N HIS D 896 -26.15 -47.15 71.22
CA HIS D 896 -25.95 -46.65 69.86
C HIS D 896 -24.56 -46.92 69.31
N ALA D 897 -23.62 -47.35 70.15
CA ALA D 897 -22.26 -47.61 69.72
C ALA D 897 -22.05 -49.10 69.48
N ASP D 898 -20.84 -49.45 69.04
CA ASP D 898 -20.46 -50.83 68.77
C ASP D 898 -19.50 -51.39 69.81
N TRP D 899 -18.47 -50.65 70.17
CA TRP D 899 -17.47 -51.10 71.14
C TRP D 899 -17.54 -50.25 72.39
N ILE D 900 -17.62 -50.90 73.54
CA ILE D 900 -17.61 -50.23 74.83
C ILE D 900 -16.23 -50.41 75.44
N ILE D 901 -15.68 -49.33 75.98
CA ILE D 901 -14.34 -49.32 76.57
C ILE D 901 -14.46 -48.78 77.98
N ALA D 902 -14.18 -49.62 78.97
CA ALA D 902 -14.24 -49.25 80.37
C ALA D 902 -12.83 -49.06 80.92
N MET D 903 -12.58 -47.91 81.52
CA MET D 903 -11.26 -47.57 82.05
C MET D 903 -11.33 -47.40 83.55
N LYS D 904 -10.30 -47.87 84.25
CA LYS D 904 -10.21 -47.72 85.70
C LYS D 904 -8.74 -47.61 86.08
N ASP D 905 -8.37 -46.49 86.69
CA ASP D 905 -6.99 -46.25 87.15
C ASP D 905 -5.99 -46.40 86.01
N GLY D 906 -6.36 -45.88 84.84
CA GLY D 906 -5.48 -45.97 83.69
C GLY D 906 -5.33 -47.35 83.09
N THR D 907 -6.28 -48.24 83.34
CA THR D 907 -6.24 -49.60 82.82
C THR D 907 -7.61 -49.96 82.26
N ILE D 908 -7.60 -50.73 81.16
CA ILE D 908 -8.84 -51.20 80.54
C ILE D 908 -9.38 -52.35 81.38
N GLN D 909 -10.47 -52.10 82.10
CA GLN D 909 -11.04 -53.13 82.97
C GLN D 909 -11.61 -54.29 82.14
N ARG D 910 -12.56 -53.97 81.27
CA ARG D 910 -13.11 -54.93 80.32
C ARG D 910 -13.12 -54.30 78.94
N GLU D 911 -13.37 -55.13 77.92
CA GLU D 911 -13.36 -54.67 76.55
C GLU D 911 -14.25 -55.57 75.71
N GLY D 912 -14.80 -54.99 74.66
CA GLY D 912 -15.60 -55.71 73.70
C GLY D 912 -16.76 -54.86 73.23
N THR D 913 -17.80 -55.54 72.78
CA THR D 913 -19.03 -54.92 72.32
C THR D 913 -20.03 -54.82 73.49
N LEU D 914 -21.29 -54.49 73.17
CA LEU D 914 -22.32 -54.39 74.20
C LEU D 914 -22.66 -55.76 74.77
N LYS D 915 -22.87 -56.75 73.90
CA LYS D 915 -23.25 -58.08 74.36
C LYS D 915 -22.09 -58.77 75.07
N ASP D 916 -20.86 -58.62 74.56
CA ASP D 916 -19.70 -59.17 75.23
C ASP D 916 -19.41 -58.47 76.56
N PHE D 917 -19.93 -57.25 76.75
CA PHE D 917 -19.79 -56.58 78.03
C PHE D 917 -20.88 -56.98 79.00
N GLN D 918 -22.09 -57.27 78.52
CA GLN D 918 -23.16 -57.68 79.39
C GLN D 918 -23.11 -59.17 79.72
N ARG D 919 -22.36 -59.96 78.95
CA ARG D 919 -22.17 -61.37 79.22
C ARG D 919 -20.89 -61.65 80.02
N SER D 920 -20.20 -60.61 80.47
CA SER D 920 -18.99 -60.77 81.26
C SER D 920 -19.18 -60.13 82.64
N GLU D 921 -18.15 -60.29 83.48
CA GLU D 921 -18.19 -59.78 84.84
C GLU D 921 -18.15 -58.26 84.85
N ILE D 996 -2.09 17.55 62.26
CA ILE D 996 -2.77 17.92 63.48
C ILE D 996 -2.67 19.44 63.65
N PRO D 997 -3.80 20.08 63.92
CA PRO D 997 -3.81 21.56 64.00
C PRO D 997 -3.15 22.07 65.27
N TRP D 998 -3.03 23.39 65.36
CA TRP D 998 -2.51 24.02 66.56
C TRP D 998 -3.52 24.01 67.71
N ARG D 999 -4.75 23.54 67.49
CA ARG D 999 -5.77 23.60 68.52
C ARG D 999 -5.53 22.56 69.61
N ALA D 1000 -5.09 21.36 69.23
CA ALA D 1000 -4.80 20.33 70.24
C ALA D 1000 -3.68 20.78 71.16
N CYS D 1001 -2.58 21.28 70.59
CA CYS D 1001 -1.48 21.79 71.40
C CYS D 1001 -1.90 23.03 72.19
N THR D 1002 -2.77 23.87 71.61
CA THR D 1002 -3.25 25.05 72.31
C THR D 1002 -4.00 24.65 73.57
N LYS D 1003 -4.91 23.68 73.45
CA LYS D 1003 -5.63 23.20 74.62
C LYS D 1003 -4.68 22.52 75.61
N TYR D 1004 -3.72 21.76 75.11
CA TYR D 1004 -2.77 21.08 75.99
C TYR D 1004 -1.98 22.09 76.83
N LEU D 1005 -1.54 23.19 76.21
CA LEU D 1005 -0.73 24.16 76.94
C LEU D 1005 -1.60 25.11 77.76
N SER D 1006 -2.85 25.33 77.35
CA SER D 1006 -3.77 26.15 78.14
C SER D 1006 -4.28 25.42 79.37
N SER D 1007 -4.25 24.08 79.35
CA SER D 1007 -4.50 23.34 80.58
C SER D 1007 -3.43 23.60 81.62
N ALA D 1008 -2.21 23.94 81.17
CA ALA D 1008 -1.15 24.32 82.12
C ALA D 1008 -1.43 25.69 82.73
N GLY D 1009 -1.93 26.62 81.94
CA GLY D 1009 -2.22 27.96 82.39
C GLY D 1009 -1.18 28.96 81.93
N ILE D 1010 -1.53 30.24 82.11
CA ILE D 1010 -0.62 31.32 81.75
C ILE D 1010 0.57 31.40 82.71
N LEU D 1011 0.49 30.74 83.85
CA LEU D 1011 1.54 30.84 84.86
C LEU D 1011 2.85 30.25 84.36
N LEU D 1012 2.80 29.10 83.70
CA LEU D 1012 4.01 28.38 83.33
C LEU D 1012 4.35 28.46 81.85
N LEU D 1013 3.40 28.86 81.00
CA LEU D 1013 3.66 28.96 79.57
C LEU D 1013 4.81 29.92 79.29
N SER D 1014 4.68 31.17 79.74
CA SER D 1014 5.73 32.15 79.53
C SER D 1014 6.99 31.80 80.30
N LEU D 1015 6.83 31.28 81.52
CA LEU D 1015 7.99 30.87 82.31
C LEU D 1015 8.83 29.83 81.58
N LEU D 1016 8.19 29.00 80.74
CA LEU D 1016 8.92 28.05 79.91
C LEU D 1016 9.52 28.74 78.69
N VAL D 1017 8.69 29.47 77.94
CA VAL D 1017 9.11 29.96 76.63
C VAL D 1017 10.23 30.98 76.76
N PHE D 1018 10.06 31.98 77.63
CA PHE D 1018 11.09 33.00 77.78
C PHE D 1018 12.38 32.43 78.37
N SER D 1019 12.27 31.45 79.27
CA SER D 1019 13.46 30.82 79.82
C SER D 1019 14.22 30.07 78.73
N GLN D 1020 13.51 29.39 77.83
CA GLN D 1020 14.18 28.71 76.72
C GLN D 1020 14.87 29.72 75.81
N LEU D 1021 14.16 30.80 75.45
CA LEU D 1021 14.76 31.83 74.62
C LEU D 1021 16.03 32.39 75.27
N LEU D 1022 15.98 32.63 76.58
CA LEU D 1022 17.13 33.21 77.26
C LEU D 1022 18.29 32.22 77.36
N LYS D 1023 17.99 30.93 77.55
CA LYS D 1023 19.06 29.94 77.57
C LYS D 1023 19.77 29.86 76.23
N HIS D 1024 19.01 29.88 75.13
CA HIS D 1024 19.65 29.84 73.82
C HIS D 1024 20.42 31.12 73.53
N MET D 1025 19.89 32.26 73.98
CA MET D 1025 20.61 33.52 73.81
C MET D 1025 21.93 33.50 74.57
N VAL D 1026 21.95 32.92 75.77
CA VAL D 1026 23.20 32.80 76.51
C VAL D 1026 24.15 31.85 75.80
N LEU D 1027 23.63 30.73 75.27
CA LEU D 1027 24.46 29.75 74.60
C LEU D 1027 25.10 30.31 73.33
N VAL D 1028 24.45 31.28 72.68
CA VAL D 1028 25.11 31.91 71.54
C VAL D 1028 26.02 33.04 71.99
N ALA D 1029 25.61 33.80 73.01
CA ALA D 1029 26.40 34.96 73.45
C ALA D 1029 27.74 34.55 74.03
N ILE D 1030 27.82 33.37 74.67
CA ILE D 1030 29.10 32.93 75.20
C ILE D 1030 30.12 32.78 74.08
N ASP D 1031 29.71 32.17 72.97
CA ASP D 1031 30.61 32.03 71.82
C ASP D 1031 30.87 33.37 71.14
N TYR D 1032 29.85 34.24 71.10
CA TYR D 1032 30.04 35.57 70.53
C TYR D 1032 31.12 36.33 71.28
N TRP D 1033 31.12 36.23 72.62
CA TRP D 1033 32.15 36.90 73.42
C TRP D 1033 33.49 36.18 73.30
N LEU D 1034 33.48 34.85 73.15
CA LEU D 1034 34.72 34.12 72.92
C LEU D 1034 35.39 34.58 71.63
N ALA D 1035 34.58 34.91 70.61
CA ALA D 1035 35.14 35.42 69.35
C ALA D 1035 36.00 36.66 69.59
N LYS D 1036 35.53 37.58 70.42
CA LYS D 1036 36.35 38.75 70.75
C LYS D 1036 37.47 38.38 71.72
N TRP D 1037 37.26 37.36 72.55
CA TRP D 1037 38.31 36.87 73.42
C TRP D 1037 39.53 36.47 72.63
N THR D 1038 39.33 35.83 71.48
CA THR D 1038 40.42 35.18 70.76
C THR D 1038 41.56 36.15 70.46
N ASP D 1039 41.29 37.17 69.63
CA ASP D 1039 42.36 38.04 69.16
C ASP D 1039 42.97 38.84 70.29
N SER D 1040 44.29 38.85 70.34
CA SER D 1040 45.02 39.57 71.38
C SER D 1040 46.45 39.88 70.94
N ASP D 1060 43.80 42.67 77.80
CA ASP D 1060 42.93 42.38 78.94
C ASP D 1060 42.42 40.95 78.88
N GLN D 1061 43.36 40.00 78.85
CA GLN D 1061 42.98 38.59 78.73
C GLN D 1061 42.29 38.08 80.00
N SER D 1062 42.71 38.58 81.17
CA SER D 1062 42.13 38.11 82.43
C SER D 1062 40.67 38.51 82.55
N VAL D 1063 40.36 39.78 82.26
CA VAL D 1063 38.97 40.23 82.28
C VAL D 1063 38.14 39.44 81.28
N TYR D 1064 38.71 39.18 80.11
CA TYR D 1064 38.04 38.35 79.10
C TYR D 1064 37.67 36.99 79.67
N ALA D 1065 38.63 36.31 80.30
CA ALA D 1065 38.36 34.98 80.84
C ALA D 1065 37.32 35.04 81.96
N MET D 1066 37.35 36.10 82.77
CA MET D 1066 36.34 36.24 83.83
C MET D 1066 34.95 36.40 83.25
N VAL D 1067 34.81 37.19 82.18
CA VAL D 1067 33.51 37.33 81.53
C VAL D 1067 33.06 35.99 80.96
N PHE D 1068 33.99 35.24 80.39
CA PHE D 1068 33.67 33.90 79.90
C PHE D 1068 33.13 33.02 81.02
N THR D 1069 33.74 33.09 82.21
CA THR D 1069 33.28 32.30 83.34
C THR D 1069 31.86 32.70 83.76
N LEU D 1070 31.60 34.01 83.78
CA LEU D 1070 30.26 34.49 84.12
C LEU D 1070 29.21 33.92 83.16
N LEU D 1071 29.50 33.99 81.86
CA LEU D 1071 28.56 33.45 80.89
C LEU D 1071 28.35 31.95 81.09
N CYS D 1072 29.44 31.21 81.33
CA CYS D 1072 29.34 29.77 81.56
C CYS D 1072 28.45 29.44 82.75
N SER D 1073 28.53 30.23 83.82
CA SER D 1073 27.67 29.98 84.97
C SER D 1073 26.20 30.28 84.66
N LEU D 1074 25.95 31.42 84.00
CA LEU D 1074 24.57 31.76 83.62
C LEU D 1074 23.93 30.65 82.81
N GLY D 1075 24.70 30.06 81.88
CA GLY D 1075 24.15 29.03 81.02
C GLY D 1075 23.60 27.84 81.81
N ILE D 1076 24.40 27.31 82.73
CA ILE D 1076 24.00 26.11 83.45
C ILE D 1076 22.84 26.40 84.40
N VAL D 1077 22.86 27.56 85.06
CA VAL D 1077 21.75 27.89 85.95
C VAL D 1077 20.45 27.95 85.17
N LEU D 1078 20.47 28.63 84.02
CA LEU D 1078 19.26 28.77 83.22
C LEU D 1078 18.79 27.42 82.68
N CYS D 1079 19.72 26.54 82.33
CA CYS D 1079 19.33 25.22 81.83
C CYS D 1079 18.61 24.41 82.91
N LEU D 1080 19.14 24.42 84.13
CA LEU D 1080 18.46 23.73 85.23
C LEU D 1080 17.06 24.30 85.43
N VAL D 1081 16.92 25.63 85.40
CA VAL D 1081 15.61 26.25 85.59
C VAL D 1081 14.63 25.76 84.52
N THR D 1082 15.06 25.76 83.25
CA THR D 1082 14.18 25.35 82.17
C THR D 1082 13.73 23.91 82.32
N SER D 1083 14.67 23.02 82.69
CA SER D 1083 14.33 21.61 82.82
C SER D 1083 13.29 21.40 83.93
N VAL D 1084 13.50 22.04 85.09
CA VAL D 1084 12.54 21.91 86.18
C VAL D 1084 11.18 22.46 85.75
N THR D 1085 11.17 23.54 84.97
CA THR D 1085 9.91 24.10 84.49
C THR D 1085 9.15 23.08 83.64
N VAL D 1086 9.84 22.48 82.67
CA VAL D 1086 9.18 21.50 81.81
C VAL D 1086 8.61 20.36 82.63
N GLU D 1087 9.38 19.85 83.59
CA GLU D 1087 8.91 18.76 84.44
C GLU D 1087 7.62 19.14 85.16
N TRP D 1088 7.67 20.24 85.92
CA TRP D 1088 6.52 20.63 86.73
C TRP D 1088 5.29 20.84 85.87
N THR D 1089 5.46 21.51 84.72
CA THR D 1089 4.33 21.80 83.85
C THR D 1089 3.71 20.52 83.30
N GLY D 1090 4.56 19.59 82.82
CA GLY D 1090 4.03 18.34 82.30
C GLY D 1090 3.23 17.58 83.33
N LEU D 1091 3.75 17.51 84.57
CA LEU D 1091 3.03 16.78 85.61
C LEU D 1091 1.69 17.41 85.93
N LYS D 1092 1.67 18.75 86.06
CA LYS D 1092 0.40 19.42 86.33
C LYS D 1092 -0.61 19.20 85.21
N VAL D 1093 -0.16 19.25 83.96
CA VAL D 1093 -1.06 19.05 82.83
C VAL D 1093 -1.64 17.64 82.85
N ALA D 1094 -0.79 16.64 83.09
CA ALA D 1094 -1.29 15.27 83.17
C ALA D 1094 -2.35 15.13 84.26
N LYS D 1095 -2.08 15.68 85.45
CA LYS D 1095 -3.06 15.65 86.53
C LYS D 1095 -4.41 16.21 86.10
N ARG D 1096 -4.40 17.46 85.62
CA ARG D 1096 -5.65 18.13 85.30
C ARG D 1096 -6.39 17.42 84.18
N LEU D 1097 -5.65 16.94 83.17
CA LEU D 1097 -6.29 16.26 82.06
C LEU D 1097 -6.96 14.97 82.51
N HIS D 1098 -6.29 14.19 83.35
CA HIS D 1098 -6.90 12.95 83.83
C HIS D 1098 -8.15 13.23 84.65
N ARG D 1099 -8.07 14.21 85.56
CA ARG D 1099 -9.22 14.51 86.39
C ARG D 1099 -10.40 14.98 85.55
N SER D 1100 -10.15 15.86 84.58
CA SER D 1100 -11.24 16.35 83.73
C SER D 1100 -11.84 15.23 82.89
N LEU D 1101 -11.00 14.33 82.38
CA LEU D 1101 -11.51 13.20 81.61
C LEU D 1101 -12.42 12.32 82.45
N LEU D 1102 -11.98 12.00 83.68
CA LEU D 1102 -12.80 11.19 84.56
C LEU D 1102 -14.14 11.87 84.85
N ASN D 1103 -14.10 13.16 85.21
CA ASN D 1103 -15.32 13.87 85.55
C ASN D 1103 -16.28 13.93 84.35
N ARG D 1104 -15.76 14.18 83.15
CA ARG D 1104 -16.64 14.26 81.98
C ARG D 1104 -17.19 12.91 81.59
N ILE D 1105 -16.46 11.82 81.86
CA ILE D 1105 -16.99 10.50 81.57
C ILE D 1105 -18.04 10.10 82.60
N ILE D 1106 -17.95 10.64 83.82
CA ILE D 1106 -18.90 10.25 84.85
C ILE D 1106 -20.33 10.70 84.51
N LEU D 1107 -20.48 11.92 84.00
CA LEU D 1107 -21.80 12.52 83.82
C LEU D 1107 -22.45 12.19 82.47
N ALA D 1108 -22.08 11.05 81.86
CA ALA D 1108 -22.65 10.71 80.56
C ALA D 1108 -23.94 9.91 80.70
N PRO D 1109 -24.84 10.01 79.72
CA PRO D 1109 -26.07 9.20 79.78
C PRO D 1109 -25.78 7.73 79.55
N MET D 1110 -26.74 6.91 79.97
CA MET D 1110 -26.57 5.46 79.87
C MET D 1110 -26.52 4.99 78.42
N ARG D 1111 -27.38 5.55 77.57
CA ARG D 1111 -27.42 5.13 76.18
C ARG D 1111 -26.10 5.42 75.47
N PHE D 1112 -25.39 6.47 75.89
CA PHE D 1112 -24.06 6.73 75.35
C PHE D 1112 -23.11 5.59 75.69
N PHE D 1113 -23.10 5.16 76.96
CA PHE D 1113 -22.22 4.06 77.36
C PHE D 1113 -22.59 2.77 76.64
N GLU D 1114 -23.88 2.53 76.42
CA GLU D 1114 -24.29 1.33 75.71
C GLU D 1114 -23.94 1.40 74.23
N THR D 1115 -23.93 2.59 73.64
CA THR D 1115 -23.67 2.72 72.21
C THR D 1115 -22.20 2.51 71.89
N THR D 1116 -21.31 3.15 72.65
CA THR D 1116 -19.89 3.09 72.36
C THR D 1116 -19.30 1.79 72.87
N PRO D 1117 -18.49 1.08 72.06
CA PRO D 1117 -17.82 -0.12 72.56
C PRO D 1117 -16.93 0.19 73.74
N LEU D 1118 -16.63 -0.87 74.52
CA LEU D 1118 -15.81 -0.69 75.70
C LEU D 1118 -14.35 -0.45 75.35
N GLY D 1119 -13.88 -1.01 74.24
CA GLY D 1119 -12.47 -0.89 73.89
C GLY D 1119 -12.00 0.54 73.75
N SER D 1120 -12.79 1.38 73.07
CA SER D 1120 -12.39 2.76 72.84
C SER D 1120 -12.40 3.57 74.14
N ILE D 1121 -13.47 3.44 74.92
CA ILE D 1121 -13.56 4.18 76.18
C ILE D 1121 -12.46 3.76 77.14
N LEU D 1122 -12.22 2.47 77.27
CA LEU D 1122 -11.14 1.98 78.15
C LEU D 1122 -9.74 2.28 77.65
N ASN D 1123 -9.59 2.15 76.33
CA ASN D 1123 -8.31 2.31 75.70
C ASN D 1123 -7.70 3.68 75.87
N ARG D 1124 -8.51 4.74 75.83
CA ARG D 1124 -7.93 6.07 75.98
C ARG D 1124 -7.21 6.17 77.33
N PHE D 1125 -7.89 5.78 78.40
CA PHE D 1125 -7.29 5.81 79.73
C PHE D 1125 -6.09 4.89 79.84
N SER D 1126 -6.21 3.71 79.24
CA SER D 1126 -5.12 2.74 79.28
C SER D 1126 -3.84 3.21 78.62
N SER D 1127 -3.95 3.87 77.47
CA SER D 1127 -2.76 4.26 76.74
C SER D 1127 -2.57 5.76 76.65
N ASP D 1128 -3.49 6.42 75.96
CA ASP D 1128 -3.38 7.87 75.84
C ASP D 1128 -2.81 8.51 77.10
N CYS D 1129 -3.31 8.13 78.26
CA CYS D 1129 -2.81 8.74 79.48
C CYS D 1129 -1.37 8.35 79.73
N ASN D 1130 -1.14 7.04 79.60
CA ASN D 1130 0.18 6.49 79.81
C ASN D 1130 1.16 7.02 78.79
N THR D 1131 0.74 7.05 77.53
CA THR D 1131 1.62 7.49 76.48
C THR D 1131 2.02 8.93 76.73
N ILE D 1132 1.05 9.76 77.05
CA ILE D 1132 1.35 11.16 77.26
C ILE D 1132 2.32 11.34 78.40
N ASP D 1133 2.03 10.67 79.53
CA ASP D 1133 2.91 10.87 80.67
C ASP D 1133 4.33 10.40 80.40
N GLN D 1134 4.46 9.27 79.72
CA GLN D 1134 5.78 8.75 79.42
C GLN D 1134 6.58 9.54 78.39
N HIS D 1135 5.92 10.00 77.33
CA HIS D 1135 6.67 10.63 76.24
C HIS D 1135 6.43 12.08 75.84
N ILE D 1136 5.31 12.68 76.22
CA ILE D 1136 5.09 14.04 75.75
C ILE D 1136 6.09 15.03 76.34
N PRO D 1137 6.39 15.03 77.65
CA PRO D 1137 7.32 16.07 78.15
C PRO D 1137 8.72 15.99 77.56
N SER D 1138 9.31 14.80 77.50
CA SER D 1138 10.66 14.66 76.97
C SER D 1138 10.72 15.06 75.50
N THR D 1139 9.77 14.58 74.70
CA THR D 1139 9.76 14.89 73.27
C THR D 1139 9.50 16.38 73.03
N LEU D 1140 8.62 16.99 73.84
CA LEU D 1140 8.38 18.43 73.71
C LEU D 1140 9.65 19.23 74.03
N GLU D 1141 10.34 18.85 75.11
CA GLU D 1141 11.60 19.51 75.45
C GLU D 1141 12.61 19.37 74.33
N CYS D 1142 12.74 18.17 73.76
CA CYS D 1142 13.71 17.96 72.70
C CYS D 1142 13.36 18.76 71.45
N LEU D 1143 12.07 18.80 71.08
CA LEU D 1143 11.65 19.60 69.93
C LEU D 1143 11.96 21.08 70.15
N SER D 1144 11.66 21.60 71.34
CA SER D 1144 11.93 23.01 71.60
C SER D 1144 13.43 23.30 71.53
N ARG D 1145 14.25 22.47 72.19
CA ARG D 1145 15.68 22.68 72.14
C ARG D 1145 16.20 22.64 70.71
N SER D 1146 15.72 21.68 69.92
CA SER D 1146 16.21 21.54 68.55
C SER D 1146 15.84 22.74 67.71
N THR D 1147 14.57 23.17 67.76
CA THR D 1147 14.16 24.28 66.90
C THR D 1147 14.86 25.57 67.31
N LEU D 1148 15.05 25.80 68.62
CA LEU D 1148 15.72 27.03 69.04
C LEU D 1148 17.21 27.00 68.71
N LEU D 1149 17.85 25.83 68.84
CA LEU D 1149 19.26 25.71 68.45
C LEU D 1149 19.43 25.96 66.95
N CYS D 1150 18.50 25.45 66.14
CA CYS D 1150 18.59 25.68 64.70
C CYS D 1150 18.43 27.15 64.35
N VAL D 1151 17.43 27.81 64.94
CA VAL D 1151 17.22 29.23 64.69
C VAL D 1151 18.44 30.03 65.13
N SER D 1152 19.00 29.69 66.30
CA SER D 1152 20.19 30.37 66.79
C SER D 1152 21.38 30.19 65.85
N ALA D 1153 21.57 28.97 65.34
CA ALA D 1153 22.68 28.73 64.42
C ALA D 1153 22.51 29.52 63.12
N LEU D 1154 21.28 29.57 62.60
CA LEU D 1154 21.05 30.37 61.40
C LEU D 1154 21.34 31.84 61.65
N THR D 1155 20.90 32.36 62.80
CA THR D 1155 21.17 33.76 63.13
C THR D 1155 22.67 34.01 63.27
N VAL D 1156 23.40 33.04 63.84
CA VAL D 1156 24.85 33.21 63.99
C VAL D 1156 25.53 33.29 62.63
N ILE D 1157 25.26 32.31 61.76
CA ILE D 1157 25.91 32.31 60.46
C ILE D 1157 25.42 33.47 59.59
N SER D 1158 24.29 34.09 59.94
CA SER D 1158 23.88 35.30 59.25
C SER D 1158 24.66 36.52 59.75
N TYR D 1159 24.75 36.67 61.08
CA TYR D 1159 25.46 37.82 61.64
C TYR D 1159 26.93 37.80 61.28
N VAL D 1160 27.53 36.61 61.19
CA VAL D 1160 28.93 36.51 60.81
C VAL D 1160 29.14 37.07 59.41
N THR D 1161 28.43 36.51 58.44
CA THR D 1161 28.51 36.97 57.05
C THR D 1161 27.13 37.44 56.62
N PRO D 1162 26.93 38.75 56.42
CA PRO D 1162 25.58 39.22 56.03
C PRO D 1162 25.09 38.61 54.72
N VAL D 1163 25.90 38.67 53.66
CA VAL D 1163 25.46 38.17 52.35
C VAL D 1163 25.08 36.69 52.43
N PHE D 1164 25.78 35.92 53.26
CA PHE D 1164 25.45 34.50 53.41
C PHE D 1164 23.99 34.31 53.80
N LEU D 1165 23.46 35.22 54.63
CA LEU D 1165 22.05 35.19 54.98
C LEU D 1165 21.18 35.09 53.72
N VAL D 1166 21.40 36.01 52.77
CA VAL D 1166 20.55 36.06 51.59
C VAL D 1166 20.69 34.79 50.75
N ALA D 1167 21.77 34.04 50.93
CA ALA D 1167 21.93 32.81 50.19
C ALA D 1167 21.26 31.62 50.88
N LEU D 1168 20.99 31.71 52.19
CA LEU D 1168 20.48 30.57 52.94
C LEU D 1168 18.96 30.47 52.92
N LEU D 1169 18.25 31.56 52.64
CA LEU D 1169 16.79 31.53 52.62
C LEU D 1169 16.25 30.71 51.45
N PRO D 1170 16.88 30.74 50.25
CA PRO D 1170 16.47 29.78 49.20
C PRO D 1170 16.49 28.33 49.67
N LEU D 1171 17.66 27.87 50.13
CA LEU D 1171 17.82 26.47 50.52
C LEU D 1171 16.79 26.06 51.57
N ALA D 1172 16.59 26.91 52.58
CA ALA D 1172 15.61 26.61 53.62
C ALA D 1172 14.23 26.39 53.04
N VAL D 1173 13.85 27.21 52.05
CA VAL D 1173 12.55 27.03 51.40
C VAL D 1173 12.47 25.66 50.75
N VAL D 1174 13.60 25.19 50.20
CA VAL D 1174 13.69 23.82 49.69
C VAL D 1174 13.21 22.84 50.75
N CYS D 1175 13.72 23.00 51.98
CA CYS D 1175 13.35 22.09 53.07
C CYS D 1175 11.84 22.04 53.26
N TYR D 1176 11.15 23.16 53.05
CA TYR D 1176 9.68 23.15 53.17
C TYR D 1176 9.08 22.08 52.27
N PHE D 1177 9.49 22.04 51.00
CA PHE D 1177 8.98 21.01 50.10
C PHE D 1177 9.40 19.62 50.56
N ILE D 1178 10.57 19.50 51.20
CA ILE D 1178 10.99 18.20 51.72
C ILE D 1178 10.19 17.82 52.94
N GLN D 1179 9.57 18.80 53.62
CA GLN D 1179 8.81 18.50 54.82
C GLN D 1179 7.50 17.79 54.48
N LYS D 1180 6.64 18.47 53.71
CA LYS D 1180 5.31 17.93 53.39
C LYS D 1180 5.40 16.49 52.91
N TYR D 1181 6.07 16.29 51.77
CA TYR D 1181 6.16 14.96 51.16
C TYR D 1181 6.62 13.91 52.15
N PHE D 1182 7.41 14.30 53.15
CA PHE D 1182 7.83 13.33 54.15
C PHE D 1182 6.67 12.93 55.05
N ARG D 1183 6.06 13.91 55.73
CA ARG D 1183 5.11 13.59 56.79
C ARG D 1183 3.95 12.76 56.26
N VAL D 1184 3.34 13.22 55.17
CA VAL D 1184 2.18 12.53 54.58
C VAL D 1184 2.48 11.09 54.21
N ALA D 1185 3.75 10.68 54.20
CA ALA D 1185 4.11 9.28 54.08
C ALA D 1185 4.64 8.70 55.38
N SER D 1186 5.44 9.46 56.11
CA SER D 1186 6.06 8.92 57.32
C SER D 1186 5.01 8.55 58.35
N ARG D 1187 3.98 9.36 58.49
CA ARG D 1187 2.83 8.96 59.30
C ARG D 1187 2.23 7.66 58.77
N ASP D 1188 1.93 7.63 57.47
CA ASP D 1188 1.21 6.50 56.89
C ASP D 1188 1.94 5.19 57.17
N LEU D 1189 3.15 5.05 56.62
CA LEU D 1189 3.96 3.85 56.88
C LEU D 1189 3.93 3.49 58.36
N GLN D 1190 4.09 4.49 59.23
CA GLN D 1190 4.10 4.25 60.67
C GLN D 1190 2.92 3.38 61.10
N GLN D 1191 1.71 3.86 60.82
CA GLN D 1191 0.52 3.11 61.24
C GLN D 1191 0.50 1.72 60.62
N LEU D 1192 0.90 1.62 59.35
CA LEU D 1192 0.95 0.30 58.72
C LEU D 1192 1.78 -0.67 59.55
N ASP D 1193 2.95 -0.22 60.01
CA ASP D 1193 3.78 -1.06 60.89
C ASP D 1193 2.95 -1.60 62.05
N ASP D 1194 2.27 -0.70 62.78
CA ASP D 1194 1.46 -1.12 63.91
C ASP D 1194 0.52 -2.23 63.50
N THR D 1195 -0.16 -2.06 62.35
CA THR D 1195 -1.12 -3.08 61.95
C THR D 1195 -0.44 -4.41 61.70
N THR D 1196 0.71 -4.42 61.02
CA THR D 1196 1.33 -5.72 60.75
C THR D 1196 1.91 -6.34 62.01
N GLN D 1197 2.00 -5.58 63.11
CA GLN D 1197 2.45 -6.16 64.36
C GLN D 1197 1.32 -6.80 65.14
N LEU D 1198 0.06 -6.43 64.86
CA LEU D 1198 -1.01 -6.87 65.74
C LEU D 1198 -1.47 -8.31 65.44
N PRO D 1199 -1.87 -8.66 64.21
CA PRO D 1199 -2.27 -10.06 63.96
C PRO D 1199 -1.12 -11.05 64.06
N LEU D 1200 0.12 -10.62 63.89
CA LEU D 1200 1.23 -11.56 64.01
C LEU D 1200 1.29 -12.16 65.40
N LEU D 1201 1.53 -11.31 66.42
CA LEU D 1201 1.61 -11.79 67.80
C LEU D 1201 0.37 -12.61 68.17
N SER D 1202 -0.82 -12.06 67.92
CA SER D 1202 -2.05 -12.78 68.22
C SER D 1202 -2.01 -14.18 67.61
N HIS D 1203 -1.59 -14.28 66.34
CA HIS D 1203 -1.50 -15.58 65.69
C HIS D 1203 -0.67 -16.55 66.53
N PHE D 1204 0.52 -16.11 66.95
CA PHE D 1204 1.36 -16.92 67.82
C PHE D 1204 0.55 -17.52 68.95
N ALA D 1205 -0.18 -16.68 69.69
CA ALA D 1205 -0.93 -17.17 70.84
C ALA D 1205 -1.93 -18.23 70.44
N GLU D 1206 -2.63 -18.03 69.31
CA GLU D 1206 -3.61 -19.02 68.87
C GLU D 1206 -2.97 -20.39 68.64
N THR D 1207 -1.72 -20.41 68.16
CA THR D 1207 -1.06 -21.68 67.95
C THR D 1207 -0.73 -22.36 69.26
N VAL D 1208 -0.44 -21.59 70.31
CA VAL D 1208 0.05 -22.17 71.55
C VAL D 1208 -1.07 -22.90 72.27
N GLU D 1209 -2.25 -22.28 72.39
CA GLU D 1209 -3.34 -22.88 73.14
C GLU D 1209 -3.86 -24.13 72.43
N GLY D 1210 -4.36 -23.97 71.21
CA GLY D 1210 -4.88 -25.10 70.45
C GLY D 1210 -3.80 -25.89 69.77
N LEU D 1211 -2.70 -26.15 70.48
CA LEU D 1211 -1.56 -26.84 69.87
C LEU D 1211 -1.89 -28.28 69.55
N THR D 1212 -2.61 -28.96 70.45
CA THR D 1212 -2.94 -30.37 70.21
C THR D 1212 -3.84 -30.52 69.00
N THR D 1213 -4.83 -29.64 68.85
CA THR D 1213 -5.73 -29.71 67.69
C THR D 1213 -4.95 -29.51 66.39
N ILE D 1214 -3.98 -28.60 66.39
CA ILE D 1214 -3.25 -28.28 65.17
C ILE D 1214 -2.26 -29.39 64.83
N ARG D 1215 -1.62 -29.98 65.83
CA ARG D 1215 -0.76 -31.12 65.55
C ARG D 1215 -1.56 -32.36 65.19
N ALA D 1216 -2.84 -32.42 65.60
CA ALA D 1216 -3.69 -33.55 65.26
C ALA D 1216 -4.17 -33.46 63.83
N PHE D 1217 -4.70 -32.30 63.43
CA PHE D 1217 -5.17 -32.10 62.06
C PHE D 1217 -4.04 -32.20 61.04
N ARG D 1218 -2.78 -32.22 61.49
CA ARG D 1218 -1.62 -32.20 60.60
C ARG D 1218 -1.59 -30.94 59.74
N TYR D 1219 -2.19 -29.84 60.25
CA TYR D 1219 -2.26 -28.59 59.53
C TYR D 1219 -1.04 -27.71 59.75
N GLU D 1220 0.10 -28.30 60.12
CA GLU D 1220 1.27 -27.51 60.47
C GLU D 1220 1.81 -26.74 59.27
N ALA D 1221 1.74 -27.35 58.07
CA ALA D 1221 2.29 -26.72 56.88
C ALA D 1221 1.58 -25.42 56.55
N ARG D 1222 0.24 -25.46 56.50
CA ARG D 1222 -0.52 -24.26 56.15
C ARG D 1222 -0.30 -23.15 57.18
N PHE D 1223 -0.21 -23.52 58.46
CA PHE D 1223 0.00 -22.48 59.46
C PHE D 1223 1.40 -21.88 59.37
N GLN D 1224 2.40 -22.70 59.07
CA GLN D 1224 3.74 -22.16 58.85
C GLN D 1224 3.75 -21.23 57.64
N GLN D 1225 3.00 -21.58 56.60
CA GLN D 1225 2.84 -20.69 55.45
C GLN D 1225 2.24 -19.35 55.88
N LYS D 1226 1.19 -19.41 56.69
CA LYS D 1226 0.56 -18.18 57.17
C LYS D 1226 1.53 -17.33 57.97
N LEU D 1227 2.37 -17.96 58.79
CA LEU D 1227 3.30 -17.18 59.62
C LEU D 1227 4.42 -16.58 58.78
N LEU D 1228 4.88 -17.30 57.75
CA LEU D 1228 5.82 -16.68 56.82
C LEU D 1228 5.21 -15.49 56.12
N GLU D 1229 3.93 -15.62 55.71
CA GLU D 1229 3.23 -14.49 55.12
C GLU D 1229 3.17 -13.30 56.07
N TYR D 1230 2.82 -13.55 57.33
CA TYR D 1230 2.68 -12.46 58.29
C TYR D 1230 4.02 -11.79 58.58
N THR D 1231 5.09 -12.58 58.75
CA THR D 1231 6.39 -11.97 59.04
C THR D 1231 6.91 -11.22 57.82
N ASP D 1232 6.57 -11.66 56.61
CA ASP D 1232 6.93 -10.87 55.43
C ASP D 1232 6.18 -9.54 55.40
N SER D 1233 4.88 -9.58 55.73
CA SER D 1233 4.09 -8.34 55.75
C SER D 1233 4.58 -7.39 56.84
N ASN D 1234 5.13 -7.93 57.93
CA ASN D 1234 5.72 -7.07 58.95
C ASN D 1234 7.05 -6.48 58.48
N ASN D 1235 7.89 -7.30 57.85
CA ASN D 1235 9.22 -6.84 57.46
C ASN D 1235 9.14 -5.81 56.34
N ILE D 1236 8.23 -5.97 55.39
CA ILE D 1236 8.15 -4.99 54.31
C ILE D 1236 7.83 -3.61 54.88
N ALA D 1237 6.95 -3.54 55.88
CA ALA D 1237 6.59 -2.26 56.47
C ALA D 1237 7.75 -1.69 57.29
N SER D 1238 8.30 -2.50 58.20
CA SER D 1238 9.41 -2.03 59.02
C SER D 1238 10.66 -1.73 58.19
N LEU D 1239 10.68 -2.14 56.92
CA LEU D 1239 11.79 -1.88 56.02
C LEU D 1239 11.57 -0.61 55.21
N PHE D 1240 10.36 -0.42 54.66
CA PHE D 1240 10.05 0.82 53.98
C PHE D 1240 10.15 2.00 54.94
N LEU D 1241 9.82 1.80 56.22
CA LEU D 1241 9.92 2.90 57.17
C LEU D 1241 11.36 3.35 57.35
N THR D 1242 12.29 2.40 57.50
CA THR D 1242 13.70 2.78 57.66
C THR D 1242 14.26 3.34 56.36
N ALA D 1243 13.76 2.85 55.21
CA ALA D 1243 14.19 3.42 53.94
C ALA D 1243 13.78 4.89 53.82
N ALA D 1244 12.55 5.21 54.21
CA ALA D 1244 12.08 6.59 54.14
C ALA D 1244 12.83 7.48 55.13
N ASN D 1245 13.10 6.98 56.32
CA ASN D 1245 13.90 7.75 57.26
C ASN D 1245 15.29 8.04 56.71
N ARG D 1246 15.92 7.03 56.09
CA ARG D 1246 17.20 7.25 55.44
C ARG D 1246 17.11 8.30 54.34
N TRP D 1247 16.03 8.26 53.55
CA TRP D 1247 15.85 9.23 52.49
C TRP D 1247 15.84 10.65 53.04
N LEU D 1248 14.94 10.91 53.98
CA LEU D 1248 14.87 12.25 54.56
C LEU D 1248 16.21 12.66 55.18
N GLU D 1249 16.85 11.72 55.90
CA GLU D 1249 18.14 12.02 56.52
C GLU D 1249 19.15 12.48 55.48
N VAL D 1250 19.35 11.68 54.43
CA VAL D 1250 20.41 11.97 53.47
C VAL D 1250 20.15 13.29 52.76
N ARG D 1251 18.90 13.56 52.39
CA ARG D 1251 18.64 14.78 51.64
C ARG D 1251 18.81 16.02 52.52
N MET D 1252 18.26 15.98 53.75
CA MET D 1252 18.47 17.09 54.67
C MET D 1252 19.96 17.29 54.94
N GLU D 1253 20.74 16.20 55.00
CA GLU D 1253 22.16 16.33 55.24
C GLU D 1253 22.88 16.96 54.04
N TYR D 1254 22.51 16.55 52.83
CA TYR D 1254 23.10 17.17 51.64
C TYR D 1254 22.87 18.66 51.64
N ILE D 1255 21.67 19.11 52.04
CA ILE D 1255 21.42 20.54 52.11
C ILE D 1255 22.21 21.19 53.25
N GLY D 1256 22.32 20.51 54.38
CA GLY D 1256 23.13 21.00 55.48
C GLY D 1256 24.61 21.11 55.16
N ALA D 1257 25.07 20.38 54.15
CA ALA D 1257 26.44 20.52 53.68
C ALA D 1257 26.56 21.61 52.61
N CYS D 1258 25.53 21.75 51.77
CA CYS D 1258 25.51 22.88 50.84
C CYS D 1258 25.59 24.21 51.59
N VAL D 1259 24.90 24.31 52.73
CA VAL D 1259 24.87 25.59 53.44
C VAL D 1259 26.24 25.92 54.02
N VAL D 1260 26.96 24.92 54.54
CA VAL D 1260 28.29 25.19 55.08
C VAL D 1260 29.28 25.48 53.96
N LEU D 1261 29.14 24.80 52.82
CA LEU D 1261 29.96 25.15 51.65
C LEU D 1261 29.80 26.62 51.29
N ILE D 1262 28.55 27.06 51.10
CA ILE D 1262 28.31 28.44 50.70
C ILE D 1262 28.77 29.41 51.77
N ALA D 1263 28.56 29.05 53.05
CA ALA D 1263 28.97 29.92 54.14
C ALA D 1263 30.48 30.12 54.16
N ALA D 1264 31.25 29.02 54.03
CA ALA D 1264 32.70 29.12 54.02
C ALA D 1264 33.19 29.88 52.78
N ALA D 1265 32.56 29.64 51.63
CA ALA D 1265 32.99 30.32 50.41
C ALA D 1265 32.75 31.82 50.49
N THR D 1266 31.67 32.24 51.15
CA THR D 1266 31.45 33.66 51.36
C THR D 1266 32.36 34.23 52.45
N SER D 1267 32.66 33.43 53.48
CA SER D 1267 33.46 33.92 54.59
C SER D 1267 34.91 34.15 54.20
N ILE D 1268 35.46 33.24 53.37
CA ILE D 1268 36.87 33.36 53.02
C ILE D 1268 37.13 34.64 52.24
N SER D 1269 36.16 35.09 51.45
CA SER D 1269 36.37 36.28 50.62
C SER D 1269 35.89 37.54 51.33
N ASN D 1270 34.62 37.56 51.76
CA ASN D 1270 34.03 38.77 52.30
C ASN D 1270 34.71 39.18 53.60
N SER D 1271 34.95 38.22 54.50
CA SER D 1271 35.47 38.54 55.82
C SER D 1271 36.99 38.65 55.85
N LEU D 1272 37.67 38.35 54.76
CA LEU D 1272 39.12 38.48 54.71
C LEU D 1272 39.58 39.55 53.73
N HIS D 1273 39.12 39.48 52.47
CA HIS D 1273 39.57 40.43 51.46
C HIS D 1273 39.13 41.84 51.80
N ARG D 1274 37.85 42.02 52.12
CA ARG D 1274 37.30 43.34 52.40
C ARG D 1274 37.16 43.63 53.89
N GLU D 1275 36.46 42.77 54.63
CA GLU D 1275 36.18 43.06 56.03
C GLU D 1275 37.41 42.91 56.91
N LEU D 1276 38.30 41.98 56.59
CA LEU D 1276 39.50 41.66 57.36
C LEU D 1276 39.20 41.60 58.87
N SER D 1277 38.31 40.67 59.22
CA SER D 1277 37.95 40.40 60.60
C SER D 1277 37.97 38.89 60.81
N ALA D 1278 38.83 38.42 61.72
CA ALA D 1278 39.09 36.99 61.86
C ALA D 1278 38.20 36.32 62.90
N GLY D 1279 37.70 37.07 63.89
CA GLY D 1279 36.82 36.47 64.88
C GLY D 1279 35.49 36.03 64.31
N LEU D 1280 35.16 36.47 63.10
CA LEU D 1280 33.87 36.12 62.49
C LEU D 1280 33.88 34.69 61.97
N VAL D 1281 34.85 34.36 61.10
CA VAL D 1281 34.85 33.09 60.39
C VAL D 1281 34.80 31.91 61.34
N GLY D 1282 35.38 32.06 62.54
CA GLY D 1282 35.33 31.00 63.52
C GLY D 1282 33.93 30.57 63.90
N LEU D 1283 33.12 31.53 64.34
CA LEU D 1283 31.74 31.23 64.73
C LEU D 1283 30.97 30.64 63.56
N GLY D 1284 31.08 31.26 62.39
CA GLY D 1284 30.33 30.79 61.23
C GLY D 1284 30.67 29.36 60.85
N LEU D 1285 31.98 29.06 60.76
CA LEU D 1285 32.39 27.71 60.41
C LEU D 1285 31.97 26.72 61.48
N THR D 1286 32.16 27.06 62.76
CA THR D 1286 31.82 26.12 63.83
C THR D 1286 30.34 25.82 63.88
N TYR D 1287 29.49 26.81 63.59
CA TYR D 1287 28.06 26.55 63.63
C TYR D 1287 27.55 25.89 62.34
N ALA D 1288 28.16 26.20 61.20
CA ALA D 1288 27.74 25.58 59.95
C ALA D 1288 28.25 24.16 59.80
N LEU D 1289 29.31 23.79 60.52
CA LEU D 1289 29.76 22.40 60.53
C LEU D 1289 28.77 21.48 61.23
N MET D 1290 27.87 22.03 62.05
CA MET D 1290 26.98 21.23 62.86
C MET D 1290 25.50 21.54 62.69
N VAL D 1291 25.14 22.59 61.96
CA VAL D 1291 23.73 22.95 61.79
C VAL D 1291 22.88 21.79 61.28
N SER D 1292 23.49 20.87 60.52
CA SER D 1292 22.72 19.80 59.90
C SER D 1292 22.15 18.83 60.93
N ASN D 1293 22.93 18.50 61.96
CA ASN D 1293 22.45 17.57 62.98
C ASN D 1293 21.30 18.18 63.78
N TYR D 1294 21.39 19.48 64.08
CA TYR D 1294 20.27 20.16 64.73
C TYR D 1294 19.04 20.17 63.84
N LEU D 1295 19.23 20.38 62.53
CA LEU D 1295 18.12 20.29 61.60
C LEU D 1295 17.44 18.93 61.65
N ASN D 1296 18.23 17.86 61.67
CA ASN D 1296 17.66 16.52 61.66
C ASN D 1296 16.92 16.22 62.95
N TRP D 1297 17.53 16.57 64.09
CA TRP D 1297 16.82 16.48 65.37
C TRP D 1297 15.48 17.19 65.28
N MET D 1298 15.47 18.42 64.75
CA MET D 1298 14.26 19.19 64.61
C MET D 1298 13.19 18.42 63.84
N VAL D 1299 13.53 17.94 62.65
CA VAL D 1299 12.48 17.37 61.79
C VAL D 1299 11.95 16.06 62.38
N ARG D 1300 12.84 15.22 62.91
CA ARG D 1300 12.39 13.94 63.45
C ARG D 1300 11.52 14.15 64.68
N ASN D 1301 11.96 15.01 65.61
CA ASN D 1301 11.15 15.29 66.79
C ASN D 1301 9.83 15.94 66.41
N LEU D 1302 9.81 16.71 65.32
CA LEU D 1302 8.54 17.29 64.87
C LEU D 1302 7.57 16.21 64.43
N ALA D 1303 8.05 15.23 63.67
CA ALA D 1303 7.18 14.13 63.26
C ALA D 1303 6.63 13.38 64.47
N ASP D 1304 7.50 13.08 65.43
CA ASP D 1304 7.05 12.36 66.63
C ASP D 1304 6.02 13.19 67.42
N MET D 1305 6.30 14.48 67.59
CA MET D 1305 5.37 15.33 68.32
C MET D 1305 4.02 15.40 67.61
N GLU D 1306 4.02 15.37 66.28
CA GLU D 1306 2.75 15.41 65.56
C GLU D 1306 1.95 14.14 65.78
N ILE D 1307 2.60 12.96 65.73
CA ILE D 1307 1.83 11.73 65.95
C ILE D 1307 1.32 11.67 67.39
N GLN D 1308 2.11 12.18 68.34
CA GLN D 1308 1.66 12.14 69.73
C GLN D 1308 0.53 13.13 69.98
N LEU D 1309 0.56 14.29 69.33
CA LEU D 1309 -0.54 15.24 69.46
C LEU D 1309 -1.81 14.71 68.81
N GLY D 1310 -1.68 14.00 67.67
CA GLY D 1310 -2.82 13.32 67.10
C GLY D 1310 -3.38 12.25 68.02
N ALA D 1311 -2.52 11.59 68.79
CA ALA D 1311 -3.02 10.67 69.81
C ALA D 1311 -3.75 11.42 70.92
N VAL D 1312 -3.26 12.60 71.29
CA VAL D 1312 -3.88 13.37 72.36
C VAL D 1312 -5.27 13.86 71.95
N LYS D 1313 -5.45 14.25 70.68
CA LYS D 1313 -6.70 14.85 70.24
C LYS D 1313 -7.93 13.99 70.58
N ARG D 1314 -7.78 12.67 70.61
CA ARG D 1314 -8.93 11.83 70.91
C ARG D 1314 -9.36 11.97 72.37
N ILE D 1315 -8.46 12.37 73.26
CA ILE D 1315 -8.86 12.65 74.63
C ILE D 1315 -9.84 13.80 74.67
N HIS D 1316 -9.55 14.88 73.93
CA HIS D 1316 -10.50 15.98 73.85
C HIS D 1316 -11.77 15.58 73.14
N ALA D 1317 -11.66 14.70 72.13
CA ALA D 1317 -12.85 14.16 71.48
C ALA D 1317 -13.76 13.46 72.50
N LEU D 1318 -13.16 12.76 73.46
CA LEU D 1318 -13.90 12.16 74.56
C LEU D 1318 -14.36 13.19 75.59
N LEU D 1319 -13.67 14.34 75.68
CA LEU D 1319 -14.00 15.31 76.71
C LEU D 1319 -15.36 15.97 76.48
N LYS D 1320 -15.80 16.07 75.23
CA LYS D 1320 -17.02 16.80 74.89
C LYS D 1320 -18.25 15.91 74.84
N THR D 1321 -18.30 14.85 75.64
CA THR D 1321 -19.45 13.97 75.68
C THR D 1321 -20.49 14.45 76.68
N PRO D 1332 -35.69 23.23 95.95
CA PRO D 1332 -35.73 22.21 96.99
C PRO D 1332 -36.87 22.42 97.98
N SER D 1333 -38.10 22.13 97.55
CA SER D 1333 -39.27 22.16 98.42
C SER D 1333 -39.69 20.78 98.90
N LEU D 1334 -39.53 19.77 98.05
CA LEU D 1334 -39.82 18.39 98.43
C LEU D 1334 -38.60 17.68 98.98
N ILE D 1335 -37.41 18.24 98.77
CA ILE D 1335 -36.20 17.69 99.38
C ILE D 1335 -36.25 17.77 100.91
N PRO D 1336 -36.55 18.91 101.54
CA PRO D 1336 -36.50 18.96 103.02
C PRO D 1336 -37.53 18.06 103.69
N LYS D 1337 -38.59 17.69 103.00
CA LYS D 1337 -39.55 16.72 103.52
C LYS D 1337 -39.06 15.32 103.18
N ASN D 1338 -38.81 14.52 104.21
CA ASN D 1338 -38.26 13.18 104.02
C ASN D 1338 -39.11 12.39 103.04
N TRP D 1339 -38.46 11.54 102.26
CA TRP D 1339 -39.17 10.79 101.25
C TRP D 1339 -40.19 9.87 101.90
N PRO D 1340 -41.44 9.88 101.45
CA PRO D 1340 -42.48 9.13 102.17
C PRO D 1340 -42.38 7.62 101.94
N ASP D 1341 -42.79 6.88 102.96
CA ASP D 1341 -42.86 5.43 102.86
C ASP D 1341 -44.07 4.96 102.07
N GLN D 1342 -45.07 5.82 101.90
CA GLN D 1342 -46.26 5.50 101.12
C GLN D 1342 -45.86 5.33 99.66
N GLY D 1343 -45.88 4.08 99.18
CA GLY D 1343 -45.42 3.78 97.84
C GLY D 1343 -46.48 3.98 96.76
N LYS D 1344 -47.54 4.70 97.09
CA LYS D 1344 -48.59 5.00 96.11
C LYS D 1344 -48.02 5.87 95.00
N ILE D 1345 -48.08 5.37 93.77
CA ILE D 1345 -47.57 6.10 92.61
C ILE D 1345 -48.61 6.06 91.51
N GLN D 1346 -48.41 6.90 90.50
CA GLN D 1346 -49.32 6.93 89.36
C GLN D 1346 -48.59 7.50 88.16
N ILE D 1347 -48.56 6.75 87.07
CA ILE D 1347 -47.93 7.18 85.83
C ILE D 1347 -49.04 7.34 84.80
N GLN D 1348 -49.34 8.58 84.44
CA GLN D 1348 -50.50 8.93 83.64
C GLN D 1348 -50.06 9.26 82.22
N ASN D 1349 -50.55 8.47 81.25
CA ASN D 1349 -50.29 8.68 79.83
C ASN D 1349 -48.79 8.78 79.57
N LEU D 1350 -48.09 7.70 79.88
CA LEU D 1350 -46.64 7.67 79.76
C LEU D 1350 -46.21 7.09 78.42
N SER D 1351 -45.15 7.67 77.86
CA SER D 1351 -44.48 7.14 76.68
C SER D 1351 -42.98 7.30 76.87
N VAL D 1352 -42.21 6.57 76.07
CA VAL D 1352 -40.76 6.61 76.19
C VAL D 1352 -40.14 6.25 74.85
N ARG D 1353 -39.04 6.92 74.53
CA ARG D 1353 -38.26 6.64 73.33
C ARG D 1353 -36.79 6.54 73.74
N TYR D 1354 -36.03 5.75 72.99
CA TYR D 1354 -34.61 5.58 73.32
C TYR D 1354 -33.77 6.72 72.77
N ASP D 1355 -33.74 6.88 71.46
CA ASP D 1355 -33.00 7.94 70.81
C ASP D 1355 -33.93 9.08 70.43
N SER D 1356 -33.35 10.26 70.23
CA SER D 1356 -34.11 11.44 69.85
C SER D 1356 -34.80 11.21 68.51
N SER D 1357 -36.14 11.26 68.53
CA SER D 1357 -36.97 11.09 67.33
C SER D 1357 -36.71 9.74 66.66
N LEU D 1358 -37.03 8.68 67.40
CA LEU D 1358 -37.03 7.33 66.86
C LEU D 1358 -38.35 6.64 67.17
N LYS D 1359 -38.44 5.34 66.92
CA LYS D 1359 -39.67 4.61 67.18
C LYS D 1359 -39.97 4.59 68.67
N PRO D 1360 -41.20 4.89 69.08
CA PRO D 1360 -41.51 4.90 70.52
C PRO D 1360 -41.53 3.50 71.10
N VAL D 1361 -41.16 3.40 72.37
CA VAL D 1361 -41.12 2.13 73.07
C VAL D 1361 -42.44 1.83 73.75
N LEU D 1362 -43.02 2.81 74.44
CA LEU D 1362 -44.32 2.68 75.06
C LEU D 1362 -45.32 3.60 74.37
N LYS D 1363 -46.60 3.35 74.62
CA LYS D 1363 -47.66 4.10 73.96
C LYS D 1363 -48.86 4.16 74.90
N HIS D 1364 -49.14 5.33 75.45
CA HIS D 1364 -50.29 5.57 76.32
C HIS D 1364 -50.28 4.62 77.52
N VAL D 1365 -49.25 4.78 78.35
CA VAL D 1365 -49.08 3.97 79.56
C VAL D 1365 -49.73 4.71 80.72
N ASN D 1366 -50.81 4.14 81.26
CA ASN D 1366 -51.51 4.71 82.40
C ASN D 1366 -51.64 3.63 83.47
N ALA D 1367 -51.20 3.92 84.69
CA ALA D 1367 -51.23 2.95 85.76
C ALA D 1367 -51.14 3.65 87.10
N LEU D 1368 -51.57 2.97 88.15
CA LEU D 1368 -51.47 3.47 89.51
C LEU D 1368 -51.20 2.30 90.44
N ILE D 1369 -50.48 2.59 91.53
CA ILE D 1369 -50.03 1.57 92.48
C ILE D 1369 -50.35 2.05 93.89
N SER D 1370 -51.03 1.21 94.66
CA SER D 1370 -51.47 1.51 96.01
C SER D 1370 -50.32 1.36 97.00
N PRO D 1371 -50.42 1.99 98.18
CA PRO D 1371 -49.34 1.91 99.16
C PRO D 1371 -49.19 0.51 99.72
N GLY D 1372 -47.94 0.10 99.91
CA GLY D 1372 -47.65 -1.18 100.54
C GLY D 1372 -48.19 -2.40 99.82
N GLN D 1373 -48.30 -2.32 98.49
CA GLN D 1373 -48.87 -3.40 97.69
C GLN D 1373 -47.83 -3.88 96.68
N LYS D 1374 -47.59 -5.18 96.68
CA LYS D 1374 -46.61 -5.76 95.76
C LYS D 1374 -47.16 -5.75 94.33
N ILE D 1375 -46.33 -5.32 93.38
CA ILE D 1375 -46.74 -5.13 92.00
C ILE D 1375 -45.85 -5.98 91.11
N GLY D 1376 -46.47 -6.70 90.18
CA GLY D 1376 -45.74 -7.48 89.19
C GLY D 1376 -45.99 -6.94 87.81
N ILE D 1377 -45.05 -7.17 86.91
CA ILE D 1377 -45.18 -6.75 85.52
C ILE D 1377 -44.67 -7.88 84.64
N CYS D 1378 -45.41 -8.16 83.56
CA CYS D 1378 -45.09 -9.26 82.67
C CYS D 1378 -44.90 -8.73 81.25
N GLY D 1379 -44.71 -9.65 80.32
CA GLY D 1379 -44.44 -9.32 78.92
C GLY D 1379 -43.31 -10.16 78.37
N ARG D 1380 -43.25 -10.30 77.05
CA ARG D 1380 -42.20 -11.11 76.43
C ARG D 1380 -40.91 -10.29 76.31
N THR D 1381 -39.94 -10.81 75.57
CA THR D 1381 -38.69 -10.09 75.36
C THR D 1381 -38.93 -8.88 74.47
N GLY D 1382 -38.31 -7.75 74.84
CA GLY D 1382 -38.53 -6.51 74.12
C GLY D 1382 -39.91 -5.91 74.32
N SER D 1383 -40.70 -6.42 75.25
CA SER D 1383 -42.02 -5.86 75.50
C SER D 1383 -41.94 -4.46 76.09
N GLY D 1384 -40.92 -4.21 76.90
CA GLY D 1384 -40.70 -2.88 77.44
C GLY D 1384 -40.65 -2.82 78.95
N LYS D 1385 -40.38 -3.96 79.60
CA LYS D 1385 -40.32 -3.97 81.06
C LYS D 1385 -38.99 -3.41 81.56
N SER D 1386 -37.88 -3.79 80.94
CA SER D 1386 -36.61 -3.16 81.27
C SER D 1386 -36.64 -1.68 80.97
N SER D 1387 -37.26 -1.30 79.85
CA SER D 1387 -37.44 0.11 79.52
C SER D 1387 -38.31 0.80 80.56
N PHE D 1388 -39.34 0.12 81.06
CA PHE D 1388 -40.19 0.72 82.09
C PHE D 1388 -39.40 0.94 83.38
N SER D 1389 -38.55 -0.02 83.76
CA SER D 1389 -37.73 0.17 84.95
C SER D 1389 -36.76 1.33 84.78
N LEU D 1390 -36.08 1.38 83.62
CA LEU D 1390 -35.14 2.46 83.37
C LEU D 1390 -35.83 3.82 83.32
N ALA D 1391 -37.08 3.87 82.83
CA ALA D 1391 -37.82 5.12 82.84
C ALA D 1391 -38.29 5.47 84.25
N PHE D 1392 -38.60 4.46 85.07
CA PHE D 1392 -38.91 4.71 86.47
C PHE D 1392 -37.71 5.29 87.19
N PHE D 1393 -36.50 4.95 86.74
CA PHE D 1393 -35.28 5.65 87.16
C PHE D 1393 -34.84 6.70 86.14
N ARG D 1394 -35.76 7.13 85.26
CA ARG D 1394 -35.52 8.12 84.21
C ARG D 1394 -34.15 7.95 83.55
N MET D 1395 -33.83 6.71 83.20
CA MET D 1395 -32.59 6.43 82.50
C MET D 1395 -32.69 6.65 81.00
N VAL D 1396 -33.90 6.70 80.46
CA VAL D 1396 -34.12 6.98 79.05
C VAL D 1396 -34.44 8.46 78.90
N ASP D 1397 -33.78 9.11 77.95
CA ASP D 1397 -33.80 10.57 77.83
C ASP D 1397 -34.79 11.07 76.78
N MET D 1398 -35.74 10.25 76.37
CA MET D 1398 -36.76 10.66 75.40
C MET D 1398 -38.13 10.14 75.80
N PHE D 1399 -38.48 10.26 77.08
CA PHE D 1399 -39.78 9.86 77.57
C PHE D 1399 -40.74 11.04 77.54
N GLU D 1400 -42.03 10.74 77.37
CA GLU D 1400 -43.07 11.75 77.32
C GLU D 1400 -44.15 11.42 78.36
N GLY D 1401 -45.01 12.39 78.63
CA GLY D 1401 -45.98 12.25 79.71
C GLY D 1401 -45.36 12.73 81.03
N ARG D 1402 -46.05 12.53 82.15
CA ARG D 1402 -45.52 12.91 83.46
C ARG D 1402 -45.48 11.63 84.29
N ILE D 1403 -44.37 11.32 84.97
CA ILE D 1403 -44.31 10.11 85.81
C ILE D 1403 -44.11 10.52 87.27
N ILE D 1404 -44.91 10.00 88.21
CA ILE D 1404 -44.76 10.46 89.61
C ILE D 1404 -44.67 9.44 90.75
N ILE D 1405 -44.06 9.89 91.84
CA ILE D 1405 -43.96 9.14 93.09
C ILE D 1405 -44.37 10.08 94.22
N ASP D 1406 -45.58 9.86 94.75
CA ASP D 1406 -46.14 10.69 95.82
C ASP D 1406 -46.24 12.14 95.38
N GLY D 1407 -46.85 12.37 94.22
CA GLY D 1407 -47.00 13.70 93.68
C GLY D 1407 -45.70 14.38 93.30
N ILE D 1408 -44.62 13.62 93.16
CA ILE D 1408 -43.29 14.16 92.89
C ILE D 1408 -42.74 13.50 91.64
N ASP D 1409 -42.04 14.27 90.83
CA ASP D 1409 -41.52 13.80 89.55
C ASP D 1409 -40.10 14.36 89.38
N ILE D 1410 -39.59 14.29 88.15
CA ILE D 1410 -38.19 14.56 87.89
C ILE D 1410 -37.99 15.97 87.33
N ALA D 1411 -38.89 16.90 87.66
CA ALA D 1411 -38.81 18.24 87.08
C ALA D 1411 -37.93 19.20 87.88
N LYS D 1412 -37.69 18.92 89.17
CA LYS D 1412 -36.94 19.86 90.01
C LYS D 1412 -35.89 19.18 90.88
N LEU D 1413 -35.57 17.89 90.65
CA LEU D 1413 -34.65 17.17 91.48
C LEU D 1413 -33.39 16.79 90.71
N PRO D 1414 -32.21 16.96 91.31
CA PRO D 1414 -30.98 16.47 90.68
C PRO D 1414 -30.85 14.96 90.82
N LEU D 1415 -29.87 14.41 90.11
CA LEU D 1415 -29.71 12.96 90.03
C LEU D 1415 -29.43 12.35 91.41
N HIS D 1416 -28.68 13.08 92.25
CA HIS D 1416 -28.28 12.53 93.54
C HIS D 1416 -29.49 12.22 94.41
N THR D 1417 -30.46 13.13 94.46
CA THR D 1417 -31.69 12.86 95.20
C THR D 1417 -32.52 11.79 94.50
N LEU D 1418 -32.45 11.73 93.17
CA LEU D 1418 -33.21 10.72 92.43
C LEU D 1418 -32.67 9.32 92.63
N ARG D 1419 -31.44 9.18 93.12
CA ARG D 1419 -30.88 7.87 93.37
C ARG D 1419 -30.86 7.50 94.85
N SER D 1420 -31.13 8.44 95.74
CA SER D 1420 -31.31 8.17 97.16
C SER D 1420 -32.78 7.98 97.53
N ARG D 1421 -33.62 7.61 96.56
CA ARG D 1421 -35.05 7.48 96.78
C ARG D 1421 -35.62 6.13 96.40
N LEU D 1422 -34.98 5.37 95.51
CA LEU D 1422 -35.46 4.08 95.08
C LEU D 1422 -34.33 3.06 95.11
N SER D 1423 -34.71 1.78 95.25
CA SER D 1423 -33.78 0.67 95.20
C SER D 1423 -34.05 -0.17 93.96
N ILE D 1424 -33.04 -0.94 93.57
CA ILE D 1424 -33.12 -1.71 92.33
C ILE D 1424 -32.09 -2.84 92.40
N ILE D 1425 -32.51 -4.02 91.94
CA ILE D 1425 -31.63 -5.17 91.79
C ILE D 1425 -31.70 -5.61 90.33
N LEU D 1426 -30.57 -5.56 89.65
CA LEU D 1426 -30.54 -5.82 88.21
C LEU D 1426 -30.39 -7.31 87.92
N GLN D 1427 -30.72 -7.67 86.68
CA GLN D 1427 -30.53 -9.05 86.22
C GLN D 1427 -29.07 -9.41 86.09
N ASP D 1428 -28.19 -8.42 85.97
CA ASP D 1428 -26.75 -8.64 85.80
C ASP D 1428 -26.04 -8.27 87.10
N PRO D 1429 -25.81 -9.23 88.00
CA PRO D 1429 -25.13 -8.92 89.26
C PRO D 1429 -23.62 -8.93 89.13
N VAL D 1430 -22.98 -8.14 90.00
CA VAL D 1430 -21.52 -8.08 90.04
C VAL D 1430 -21.09 -7.82 91.47
N LEU D 1431 -19.87 -8.26 91.79
CA LEU D 1431 -19.25 -8.03 93.09
C LEU D 1431 -17.88 -7.42 92.81
N PHE D 1432 -17.80 -6.10 92.82
CA PHE D 1432 -16.55 -5.42 92.57
C PHE D 1432 -15.55 -5.69 93.70
N SER D 1433 -14.27 -5.52 93.38
CA SER D 1433 -13.21 -5.91 94.29
C SER D 1433 -13.24 -5.09 95.57
N GLY D 1434 -12.60 -5.61 96.60
CA GLY D 1434 -12.56 -4.97 97.90
C GLY D 1434 -12.95 -5.91 99.02
N THR D 1435 -13.50 -5.37 100.11
CA THR D 1435 -13.96 -6.16 101.22
C THR D 1435 -15.48 -6.31 101.16
N ILE D 1436 -16.04 -6.95 102.20
CA ILE D 1436 -17.49 -7.07 102.27
C ILE D 1436 -18.11 -5.72 102.65
N ARG D 1437 -17.39 -4.90 103.43
CA ARG D 1437 -17.89 -3.57 103.73
C ARG D 1437 -17.93 -2.69 102.50
N PHE D 1438 -17.04 -2.95 101.54
CA PHE D 1438 -17.01 -2.16 100.30
C PHE D 1438 -18.07 -2.60 99.30
N ASN D 1439 -18.61 -3.81 99.44
CA ASN D 1439 -19.69 -4.28 98.58
C ASN D 1439 -21.06 -4.02 99.18
N LEU D 1440 -21.20 -4.19 100.50
CA LEU D 1440 -22.48 -3.93 101.15
C LEU D 1440 -22.79 -2.44 101.18
N ASP D 1441 -21.88 -1.65 101.74
CA ASP D 1441 -22.04 -0.20 101.84
C ASP D 1441 -20.77 0.47 101.35
N PRO D 1442 -20.65 0.72 100.05
CA PRO D 1442 -19.44 1.38 99.53
C PRO D 1442 -19.26 2.78 100.05
N GLU D 1443 -20.38 3.45 100.33
CA GLU D 1443 -20.38 4.77 100.94
C GLU D 1443 -19.75 4.66 102.33
N LYS D 1444 -20.05 3.54 103.00
CA LYS D 1444 -19.58 3.12 104.34
C LYS D 1444 -20.23 3.85 105.53
N LYS D 1445 -21.34 4.53 105.27
CA LYS D 1445 -22.05 5.24 106.32
C LYS D 1445 -22.62 4.28 107.37
N CYS D 1446 -23.14 3.14 106.91
CA CYS D 1446 -23.73 2.14 107.80
C CYS D 1446 -22.77 1.49 108.79
N SER D 1447 -23.23 1.30 110.02
CA SER D 1447 -22.46 0.69 111.09
C SER D 1447 -22.41 -0.85 111.00
N ASP D 1448 -21.37 -1.42 111.62
CA ASP D 1448 -21.18 -2.89 111.66
C ASP D 1448 -22.36 -3.80 112.05
N SER D 1449 -23.09 -3.48 113.11
CA SER D 1449 -24.28 -4.25 113.47
C SER D 1449 -25.34 -4.17 112.38
N THR D 1450 -25.42 -3.03 111.69
CA THR D 1450 -26.36 -2.90 110.58
C THR D 1450 -26.02 -3.87 109.45
N LEU D 1451 -24.74 -3.94 109.09
CA LEU D 1451 -24.32 -4.87 108.03
C LEU D 1451 -24.48 -6.32 108.48
N TRP D 1452 -24.22 -6.60 109.76
CA TRP D 1452 -24.40 -7.96 110.26
C TRP D 1452 -25.86 -8.36 110.23
N GLU D 1453 -26.76 -7.45 110.60
CA GLU D 1453 -28.19 -7.75 110.53
C GLU D 1453 -28.65 -7.92 109.08
N ALA D 1454 -28.13 -7.09 108.17
CA ALA D 1454 -28.49 -7.23 106.77
C ALA D 1454 -28.01 -8.54 106.19
N LEU D 1455 -26.86 -9.05 106.67
CA LEU D 1455 -26.38 -10.35 106.22
C LEU D 1455 -27.18 -11.48 106.85
N GLU D 1456 -27.58 -11.32 108.10
CA GLU D 1456 -28.37 -12.36 108.77
C GLU D 1456 -29.75 -12.48 108.16
N ILE D 1457 -30.38 -11.34 107.82
CA ILE D 1457 -31.69 -11.37 107.18
C ILE D 1457 -31.58 -11.93 105.76
N ALA D 1458 -30.50 -11.58 105.06
CA ALA D 1458 -30.28 -12.06 103.70
C ALA D 1458 -29.73 -13.48 103.65
N GLN D 1459 -29.73 -14.21 104.75
CA GLN D 1459 -29.28 -15.60 104.79
C GLN D 1459 -27.84 -15.71 104.30
N LEU D 1460 -26.98 -14.84 104.82
CA LEU D 1460 -25.58 -14.80 104.39
C LEU D 1460 -24.60 -14.65 105.54
N LYS D 1461 -25.09 -14.59 106.79
CA LYS D 1461 -24.19 -14.34 107.91
C LYS D 1461 -23.27 -15.52 108.21
N LEU D 1462 -23.75 -16.75 107.98
CA LEU D 1462 -22.96 -17.92 108.32
C LEU D 1462 -21.73 -18.05 107.42
N VAL D 1463 -21.91 -17.88 106.11
CA VAL D 1463 -20.78 -17.96 105.20
C VAL D 1463 -19.88 -16.74 105.33
N VAL D 1464 -20.39 -15.62 105.82
CA VAL D 1464 -19.55 -14.44 106.05
C VAL D 1464 -18.67 -14.65 107.27
N LYS D 1465 -19.20 -15.27 108.32
CA LYS D 1465 -18.40 -15.56 109.50
C LYS D 1465 -17.31 -16.59 109.24
N ALA D 1466 -17.41 -17.34 108.14
CA ALA D 1466 -16.43 -18.36 107.78
C ALA D 1466 -15.33 -17.84 106.87
N LEU D 1467 -15.00 -16.55 106.94
CA LEU D 1467 -13.97 -15.94 106.14
C LEU D 1467 -12.97 -15.21 107.03
N PRO D 1468 -11.74 -15.02 106.57
CA PRO D 1468 -10.73 -14.41 107.44
C PRO D 1468 -11.10 -12.98 107.81
N GLY D 1469 -11.10 -12.72 109.12
CA GLY D 1469 -11.36 -11.39 109.61
C GLY D 1469 -12.83 -11.09 109.78
N GLY D 1470 -13.65 -11.48 108.80
CA GLY D 1470 -15.07 -11.17 108.84
C GLY D 1470 -15.34 -9.77 108.34
N LEU D 1471 -16.27 -9.65 107.39
CA LEU D 1471 -16.62 -8.40 106.73
C LEU D 1471 -15.43 -7.74 106.04
N ASP D 1472 -14.33 -8.47 105.85
CA ASP D 1472 -13.12 -7.89 105.28
C ASP D 1472 -12.45 -8.82 104.27
N ALA D 1473 -13.16 -9.81 103.77
CA ALA D 1473 -12.59 -10.72 102.78
C ALA D 1473 -12.27 -9.97 101.50
N ILE D 1474 -11.04 -10.16 101.01
CA ILE D 1474 -10.59 -9.50 99.80
C ILE D 1474 -11.24 -10.16 98.59
N ILE D 1475 -12.24 -9.48 98.01
CA ILE D 1475 -12.97 -10.02 96.87
C ILE D 1475 -12.33 -9.51 95.58
N THR D 1476 -12.54 -10.24 94.49
CA THR D 1476 -12.09 -9.84 93.17
C THR D 1476 -13.31 -9.59 92.27
N GLU D 1477 -13.08 -8.81 91.21
CA GLU D 1477 -14.16 -8.48 90.28
C GLU D 1477 -14.72 -9.73 89.63
N GLY D 1478 -15.99 -10.04 89.91
CA GLY D 1478 -16.55 -11.30 89.47
C GLY D 1478 -15.88 -12.45 90.20
N GLY D 1479 -15.06 -13.21 89.47
CA GLY D 1479 -14.27 -14.24 90.11
C GLY D 1479 -15.10 -15.47 90.49
N GLU D 1480 -14.53 -16.25 91.40
CA GLU D 1480 -15.12 -17.49 91.88
C GLU D 1480 -15.06 -17.56 93.40
N ASN D 1481 -15.27 -16.43 94.07
CA ASN D 1481 -15.22 -16.37 95.52
C ASN D 1481 -16.56 -16.62 96.18
N PHE D 1482 -17.66 -16.49 95.43
CA PHE D 1482 -18.99 -16.70 95.97
C PHE D 1482 -19.88 -17.31 94.89
N SER D 1483 -20.98 -17.91 95.34
CA SER D 1483 -21.92 -18.53 94.42
C SER D 1483 -22.90 -17.50 93.86
N GLN D 1484 -23.56 -17.88 92.76
CA GLN D 1484 -24.53 -16.98 92.13
C GLN D 1484 -25.64 -16.59 93.10
N GLY D 1485 -26.16 -17.57 93.85
CA GLY D 1485 -27.13 -17.25 94.88
C GLY D 1485 -26.56 -16.32 95.93
N GLN D 1486 -25.29 -16.49 96.28
CA GLN D 1486 -24.67 -15.58 97.24
C GLN D 1486 -24.44 -14.20 96.65
N ARG D 1487 -24.20 -14.11 95.34
CA ARG D 1487 -24.12 -12.81 94.70
C ARG D 1487 -25.49 -12.10 94.73
N GLN D 1488 -26.55 -12.84 94.49
CA GLN D 1488 -27.89 -12.25 94.61
C GLN D 1488 -28.20 -11.90 96.06
N LEU D 1489 -27.66 -12.66 97.01
CA LEU D 1489 -27.83 -12.32 98.42
C LEU D 1489 -27.10 -11.04 98.77
N PHE D 1490 -25.92 -10.83 98.18
CA PHE D 1490 -25.23 -9.55 98.34
C PHE D 1490 -26.01 -8.41 97.71
N CYS D 1491 -26.63 -8.65 96.56
CA CYS D 1491 -27.48 -7.63 95.95
C CYS D 1491 -28.66 -7.29 96.85
N LEU D 1492 -29.29 -8.31 97.44
CA LEU D 1492 -30.38 -8.07 98.37
C LEU D 1492 -29.90 -7.38 99.65
N ALA D 1493 -28.63 -7.60 100.04
CA ALA D 1493 -28.09 -6.88 101.18
C ALA D 1493 -27.86 -5.41 100.83
N ARG D 1494 -27.40 -5.13 99.61
CA ARG D 1494 -27.37 -3.76 99.12
C ARG D 1494 -28.76 -3.14 99.20
N ALA D 1495 -29.77 -3.88 98.76
CA ALA D 1495 -31.14 -3.40 98.80
C ALA D 1495 -31.60 -3.15 100.23
N PHE D 1496 -31.17 -4.01 101.16
CA PHE D 1496 -31.51 -3.82 102.57
C PHE D 1496 -30.89 -2.54 103.13
N VAL D 1497 -29.60 -2.34 102.86
CA VAL D 1497 -28.91 -1.19 103.42
C VAL D 1497 -29.25 0.12 102.72
N ARG D 1498 -29.81 0.03 101.51
CA ARG D 1498 -30.16 1.24 100.77
C ARG D 1498 -31.23 2.05 101.49
N LYS D 1499 -32.22 1.34 102.04
CA LYS D 1499 -33.34 1.93 102.79
C LYS D 1499 -34.17 2.94 101.97
N THR D 1500 -34.32 2.67 100.68
CA THR D 1500 -35.09 3.52 99.78
C THR D 1500 -36.57 3.52 100.13
N SER D 1501 -37.04 2.34 100.55
CA SER D 1501 -38.44 1.97 100.94
C SER D 1501 -39.32 1.62 99.75
N ILE D 1502 -38.73 1.69 98.55
CA ILE D 1502 -39.38 1.33 97.30
C ILE D 1502 -38.39 0.36 96.67
N PHE D 1503 -38.86 -0.79 96.20
CA PHE D 1503 -37.91 -1.75 95.64
C PHE D 1503 -38.29 -2.08 94.21
N ILE D 1504 -37.28 -2.22 93.36
CA ILE D 1504 -37.47 -2.69 91.99
C ILE D 1504 -36.63 -3.95 91.83
N MET D 1505 -37.29 -5.02 91.36
CA MET D 1505 -36.65 -6.33 91.23
C MET D 1505 -36.66 -6.70 89.75
N ASP D 1506 -35.56 -6.38 89.07
CA ASP D 1506 -35.44 -6.56 87.62
C ASP D 1506 -34.81 -7.93 87.36
N GLU D 1507 -35.65 -8.96 87.30
CA GLU D 1507 -35.25 -10.33 86.97
C GLU D 1507 -34.17 -10.85 87.94
N ALA D 1508 -34.57 -10.99 89.19
CA ALA D 1508 -33.74 -11.66 90.20
C ALA D 1508 -33.82 -13.17 90.10
N THR D 1509 -34.34 -13.68 88.98
CA THR D 1509 -34.57 -15.09 88.77
C THR D 1509 -33.65 -15.71 87.72
N ALA D 1510 -33.28 -14.97 86.68
CA ALA D 1510 -32.54 -15.55 85.57
C ALA D 1510 -31.19 -16.10 86.03
N SER D 1511 -30.82 -17.26 85.48
CA SER D 1511 -29.53 -17.90 85.74
C SER D 1511 -29.34 -18.22 87.22
N ILE D 1512 -30.41 -18.70 87.86
CA ILE D 1512 -30.36 -19.15 89.25
C ILE D 1512 -31.14 -20.44 89.36
N ASP D 1513 -30.58 -21.42 90.08
CA ASP D 1513 -31.25 -22.70 90.27
C ASP D 1513 -32.61 -22.51 90.92
N MET D 1514 -33.58 -23.32 90.49
CA MET D 1514 -34.94 -23.18 91.01
C MET D 1514 -34.99 -23.52 92.50
N ALA D 1515 -34.23 -24.53 92.94
CA ALA D 1515 -34.21 -24.89 94.34
C ALA D 1515 -33.69 -23.75 95.21
N THR D 1516 -32.82 -22.91 94.66
CA THR D 1516 -32.35 -21.73 95.38
C THR D 1516 -33.19 -20.50 95.10
N GLU D 1517 -33.71 -20.35 93.88
CA GLU D 1517 -34.52 -19.18 93.56
C GLU D 1517 -35.83 -19.17 94.32
N ASN D 1518 -36.42 -20.35 94.57
CA ASN D 1518 -37.68 -20.40 95.30
C ASN D 1518 -37.49 -19.96 96.75
N ILE D 1519 -36.44 -20.46 97.41
CA ILE D 1519 -36.20 -20.02 98.78
C ILE D 1519 -35.74 -18.57 98.80
N LEU D 1520 -35.07 -18.10 97.74
CA LEU D 1520 -34.71 -16.69 97.65
C LEU D 1520 -35.97 -15.81 97.60
N GLN D 1521 -36.93 -16.18 96.76
CA GLN D 1521 -38.18 -15.42 96.70
C GLN D 1521 -38.96 -15.53 98.01
N LYS D 1522 -38.89 -16.69 98.66
CA LYS D 1522 -39.57 -16.83 99.95
C LYS D 1522 -38.96 -15.91 101.00
N VAL D 1523 -37.63 -15.80 101.02
CA VAL D 1523 -36.96 -14.90 101.96
C VAL D 1523 -37.27 -13.45 101.61
N VAL D 1524 -37.29 -13.11 100.32
CA VAL D 1524 -37.57 -11.74 99.92
C VAL D 1524 -39.03 -11.37 100.15
N MET D 1525 -39.92 -12.35 100.25
CA MET D 1525 -41.30 -12.08 100.60
C MET D 1525 -41.48 -11.95 102.11
N THR D 1526 -40.90 -12.87 102.87
CA THR D 1526 -40.99 -12.80 104.33
C THR D 1526 -40.27 -11.59 104.88
N ALA D 1527 -39.29 -11.06 104.15
CA ALA D 1527 -38.58 -9.86 104.60
C ALA D 1527 -39.25 -8.58 104.12
N PHE D 1528 -39.88 -8.61 102.93
CA PHE D 1528 -40.55 -7.44 102.39
C PHE D 1528 -42.05 -7.60 102.58
N ALA D 1529 -42.52 -7.22 103.78
CA ALA D 1529 -43.95 -7.07 104.02
C ALA D 1529 -44.44 -5.66 103.74
N ASP D 1530 -43.54 -4.68 103.73
CA ASP D 1530 -43.86 -3.31 103.40
C ASP D 1530 -42.89 -2.85 102.32
N ARG D 1531 -42.88 -1.56 102.02
CA ARG D 1531 -41.90 -0.93 101.12
C ARG D 1531 -42.03 -1.51 99.72
N THR D 1532 -43.10 -1.06 99.05
CA THR D 1532 -43.69 -1.64 97.85
C THR D 1532 -42.63 -2.10 96.86
N VAL D 1533 -42.74 -3.33 96.39
CA VAL D 1533 -41.78 -3.87 95.45
C VAL D 1533 -42.48 -4.09 94.10
N VAL D 1534 -41.83 -3.61 93.04
CA VAL D 1534 -42.28 -3.85 91.68
C VAL D 1534 -41.27 -4.77 91.01
N THR D 1535 -41.75 -5.91 90.53
CA THR D 1535 -40.88 -6.96 90.01
C THR D 1535 -41.15 -7.18 88.52
N ILE D 1536 -40.17 -7.78 87.87
CA ILE D 1536 -40.27 -8.14 86.45
C ILE D 1536 -39.48 -9.41 86.20
N ALA D 1537 -40.11 -10.40 85.59
CA ALA D 1537 -39.48 -11.69 85.31
C ALA D 1537 -40.35 -12.43 84.30
N HIS D 1538 -39.89 -13.62 83.91
CA HIS D 1538 -40.64 -14.51 83.02
C HIS D 1538 -41.04 -15.81 83.71
N ARG D 1539 -41.00 -15.84 85.04
CA ARG D 1539 -41.43 -16.99 85.81
C ARG D 1539 -42.94 -16.95 86.03
N VAL D 1540 -43.54 -18.13 86.20
CA VAL D 1540 -44.98 -18.22 86.38
C VAL D 1540 -45.37 -17.84 87.80
N HIS D 1541 -44.75 -18.48 88.80
CA HIS D 1541 -45.15 -18.29 90.18
C HIS D 1541 -44.84 -16.88 90.67
N THR D 1542 -43.76 -16.27 90.19
CA THR D 1542 -43.42 -14.91 90.59
C THR D 1542 -44.49 -13.93 90.16
N ILE D 1543 -44.96 -14.04 88.92
CA ILE D 1543 -46.05 -13.19 88.46
C ILE D 1543 -47.35 -13.57 89.15
N LEU D 1544 -47.51 -14.83 89.51
CA LEU D 1544 -48.74 -15.27 90.18
C LEU D 1544 -48.87 -14.70 91.58
N SER D 1545 -47.73 -14.53 92.29
CA SER D 1545 -47.77 -14.05 93.66
C SER D 1545 -48.01 -12.55 93.77
N ALA D 1546 -47.89 -11.80 92.69
CA ALA D 1546 -48.06 -10.35 92.73
C ALA D 1546 -49.53 -9.97 92.60
N ASP D 1547 -49.87 -8.80 93.18
CA ASP D 1547 -51.27 -8.37 93.18
C ASP D 1547 -51.67 -7.66 91.88
N LEU D 1548 -51.06 -6.52 91.60
CA LEU D 1548 -51.38 -5.73 90.41
C LEU D 1548 -50.38 -6.07 89.32
N VAL D 1549 -50.89 -6.49 88.16
CA VAL D 1549 -50.04 -6.90 87.05
C VAL D 1549 -50.56 -6.30 85.76
N MET D 1550 -49.65 -5.90 84.89
CA MET D 1550 -50.01 -5.27 83.62
C MET D 1550 -49.34 -6.02 82.48
N VAL D 1551 -50.15 -6.61 81.61
CA VAL D 1551 -49.63 -7.35 80.47
C VAL D 1551 -49.14 -6.35 79.43
N LEU D 1552 -47.85 -6.44 79.09
CA LEU D 1552 -47.27 -5.56 78.08
C LEU D 1552 -47.67 -6.08 76.71
N LYS D 1553 -48.45 -5.28 75.98
CA LYS D 1553 -48.88 -5.63 74.63
C LYS D 1553 -47.75 -5.33 73.65
N ARG D 1554 -48.07 -5.33 72.36
CA ARG D 1554 -47.05 -5.14 71.33
C ARG D 1554 -46.36 -3.78 71.49
N GLY D 1555 -47.13 -2.71 71.73
CA GLY D 1555 -46.55 -1.40 71.98
C GLY D 1555 -47.01 -0.74 73.26
N ALA D 1556 -48.14 -1.19 73.80
CA ALA D 1556 -48.76 -0.58 74.97
C ALA D 1556 -48.89 -1.62 76.09
N ILE D 1557 -49.57 -1.24 77.16
CA ILE D 1557 -49.80 -2.13 78.29
C ILE D 1557 -51.30 -2.17 78.59
N LEU D 1558 -51.71 -3.25 79.27
CA LEU D 1558 -53.07 -3.39 79.75
C LEU D 1558 -52.99 -3.85 81.20
N GLU D 1559 -53.42 -3.00 82.13
CA GLU D 1559 -53.23 -3.25 83.55
C GLU D 1559 -54.44 -3.97 84.15
N PHE D 1560 -54.19 -4.71 85.23
CA PHE D 1560 -55.22 -5.43 85.96
C PHE D 1560 -54.90 -5.41 87.43
N ASP D 1561 -55.90 -5.10 88.25
CA ASP D 1561 -55.70 -4.87 89.68
C ASP D 1561 -55.71 -6.18 90.46
N LYS D 1562 -56.82 -6.91 90.43
CA LYS D 1562 -56.91 -8.11 91.26
C LYS D 1562 -56.29 -9.29 90.54
N PRO D 1563 -55.36 -10.01 91.19
CA PRO D 1563 -54.64 -11.08 90.46
C PRO D 1563 -55.50 -12.30 90.16
N GLU D 1564 -56.31 -12.74 91.13
CA GLU D 1564 -57.14 -13.92 90.93
C GLU D 1564 -58.29 -13.67 89.96
N THR D 1565 -58.59 -12.41 89.65
CA THR D 1565 -59.69 -12.08 88.74
C THR D 1565 -59.27 -12.08 87.28
N LEU D 1566 -58.09 -11.54 86.97
CA LEU D 1566 -57.63 -11.45 85.59
C LEU D 1566 -57.05 -12.76 85.07
N LEU D 1567 -56.75 -13.72 85.94
CA LEU D 1567 -56.20 -15.01 85.52
C LEU D 1567 -57.29 -16.03 85.20
N SER D 1568 -58.57 -15.64 85.31
CA SER D 1568 -59.68 -16.48 84.86
C SER D 1568 -60.73 -15.70 84.08
N GLN D 1569 -60.63 -14.37 84.02
CA GLN D 1569 -61.59 -13.58 83.25
C GLN D 1569 -61.36 -13.73 81.75
N LYS D 1570 -60.11 -13.67 81.31
CA LYS D 1570 -59.75 -13.95 79.93
C LYS D 1570 -59.88 -15.42 79.58
N ASP D 1571 -60.37 -16.23 80.53
CA ASP D 1571 -60.55 -17.67 80.36
C ASP D 1571 -59.22 -18.38 80.13
N SER D 1572 -58.17 -17.89 80.79
CA SER D 1572 -56.83 -18.47 80.72
C SER D 1572 -56.35 -18.58 79.27
N VAL D 1573 -56.27 -17.40 78.61
CA VAL D 1573 -55.82 -17.31 77.23
C VAL D 1573 -54.62 -16.39 77.08
N PHE D 1574 -54.64 -15.22 77.74
CA PHE D 1574 -53.61 -14.21 77.55
C PHE D 1574 -52.82 -13.87 78.82
N ALA D 1575 -53.24 -14.33 79.99
CA ALA D 1575 -52.56 -13.99 81.23
C ALA D 1575 -52.17 -15.18 82.09
N SER D 1576 -52.80 -16.34 81.94
CA SER D 1576 -52.45 -17.52 82.73
C SER D 1576 -51.53 -18.47 81.96
N PHE D 1577 -51.95 -18.90 80.77
CA PHE D 1577 -51.09 -19.75 79.96
C PHE D 1577 -49.85 -19.00 79.48
N VAL D 1578 -49.96 -17.67 79.33
CA VAL D 1578 -48.78 -16.88 78.97
C VAL D 1578 -47.82 -16.79 80.15
N ARG D 1579 -48.35 -16.65 81.36
CA ARG D 1579 -47.52 -16.59 82.56
C ARG D 1579 -46.92 -17.96 82.85
N ARG E 32 15.18 -36.08 4.96
CA ARG E 32 14.61 -35.88 3.63
C ARG E 32 14.55 -34.39 3.28
N ALA E 33 14.04 -34.09 2.08
CA ALA E 33 14.03 -32.72 1.58
C ALA E 33 12.82 -31.96 2.10
N ARG E 34 13.04 -30.70 2.45
CA ARG E 34 11.99 -29.81 2.94
C ARG E 34 11.57 -28.83 1.86
N PHE E 35 10.36 -28.28 2.01
CA PHE E 35 9.83 -27.40 0.98
C PHE E 35 10.29 -25.96 1.18
N VAL E 36 10.00 -25.38 2.35
CA VAL E 36 10.53 -24.08 2.74
C VAL E 36 11.03 -24.19 4.18
N SER E 37 12.20 -23.61 4.43
CA SER E 37 12.88 -23.80 5.69
C SER E 37 12.14 -23.10 6.83
N LYS E 38 12.56 -23.43 8.05
CA LYS E 38 11.91 -22.89 9.25
C LYS E 38 12.07 -21.38 9.33
N LYS E 39 13.27 -20.86 8.99
CA LYS E 39 13.53 -19.43 9.08
C LYS E 39 12.65 -18.61 8.14
N GLY E 40 11.94 -19.25 7.21
CA GLY E 40 11.08 -18.56 6.27
C GLY E 40 11.61 -18.52 4.85
N ASN E 41 12.92 -18.69 4.67
CA ASN E 41 13.50 -18.71 3.34
C ASN E 41 13.01 -19.92 2.56
N CYS E 42 13.08 -19.81 1.23
CA CYS E 42 12.65 -20.88 0.34
C CYS E 42 13.79 -21.87 0.14
N ASN E 43 13.43 -23.14 -0.02
CA ASN E 43 14.39 -24.22 -0.19
C ASN E 43 14.52 -24.69 -1.63
N VAL E 44 13.45 -24.59 -2.42
CA VAL E 44 13.46 -25.09 -3.79
C VAL E 44 14.46 -24.29 -4.61
N ALA E 45 15.49 -24.98 -5.13
CA ALA E 45 16.47 -24.36 -6.00
C ALA E 45 16.02 -24.46 -7.45
N HIS E 46 16.01 -23.33 -8.15
CA HIS E 46 15.56 -23.26 -9.53
C HIS E 46 16.67 -23.63 -10.49
N LYS E 47 16.33 -24.44 -11.50
CA LYS E 47 17.29 -24.90 -12.49
C LYS E 47 16.75 -24.58 -13.88
N ASN E 48 17.68 -24.28 -14.79
CA ASN E 48 17.38 -24.02 -16.20
C ASN E 48 16.45 -22.82 -16.37
N ILE E 49 16.90 -21.68 -15.83
CA ILE E 49 16.23 -20.40 -16.08
C ILE E 49 16.76 -19.84 -17.38
N ARG E 50 15.86 -19.26 -18.19
CA ARG E 50 16.26 -18.69 -19.48
C ARG E 50 17.40 -17.69 -19.32
N GLU E 51 17.30 -16.81 -18.33
CA GLU E 51 18.34 -15.87 -17.93
C GLU E 51 18.76 -14.92 -19.06
N GLN E 52 18.00 -14.87 -20.14
CA GLN E 52 18.37 -13.99 -21.26
C GLN E 52 18.05 -12.53 -20.96
N GLY E 53 16.97 -12.28 -20.22
CA GLY E 53 16.58 -10.90 -19.96
C GLY E 53 17.42 -10.20 -18.92
N ARG E 54 18.00 -10.96 -17.97
CA ARG E 54 18.78 -10.38 -16.87
C ARG E 54 20.19 -10.01 -17.35
N PHE E 55 20.24 -9.06 -18.28
CA PHE E 55 21.48 -8.54 -18.84
C PHE E 55 21.44 -7.02 -18.92
N LEU E 56 20.92 -6.38 -17.88
CA LEU E 56 20.77 -4.94 -17.83
C LEU E 56 21.57 -4.38 -16.66
N GLN E 57 21.66 -3.06 -16.61
CA GLN E 57 22.43 -2.36 -15.58
C GLN E 57 21.48 -1.88 -14.49
N ASP E 58 21.31 -2.72 -13.48
CA ASP E 58 20.62 -2.35 -12.24
C ASP E 58 21.61 -2.07 -11.13
N VAL E 59 22.73 -1.43 -11.47
CA VAL E 59 23.92 -1.47 -10.62
C VAL E 59 23.65 -0.79 -9.27
N PHE E 60 23.11 0.43 -9.30
CA PHE E 60 23.13 1.28 -8.10
C PHE E 60 22.29 0.68 -6.97
N THR E 61 21.00 0.45 -7.22
CA THR E 61 20.09 0.03 -6.16
C THR E 61 20.63 -1.14 -5.36
N THR E 62 21.22 -2.12 -6.05
CA THR E 62 21.77 -3.28 -5.36
C THR E 62 22.95 -2.89 -4.48
N LEU E 63 23.74 -1.89 -4.88
CA LEU E 63 24.83 -1.44 -4.01
C LEU E 63 24.29 -0.69 -2.80
N VAL E 64 23.22 0.07 -2.99
CA VAL E 64 22.67 0.86 -1.88
C VAL E 64 21.90 0.00 -0.90
N ASP E 65 21.49 -1.20 -1.30
CA ASP E 65 20.85 -2.10 -0.34
C ASP E 65 21.81 -2.67 0.69
N LEU E 66 23.13 -2.59 0.43
CA LEU E 66 24.11 -3.29 1.27
C LEU E 66 24.11 -2.77 2.70
N LYS E 67 24.90 -3.44 3.54
CA LYS E 67 25.04 -3.06 4.94
C LYS E 67 25.55 -1.63 5.06
N TRP E 68 25.19 -0.99 6.17
CA TRP E 68 25.64 0.38 6.39
C TRP E 68 27.15 0.55 6.35
N PRO E 69 27.98 -0.31 6.95
CA PRO E 69 29.43 -0.16 6.77
C PRO E 69 29.89 -0.33 5.33
N HIS E 70 29.41 -1.38 4.65
CA HIS E 70 29.79 -1.58 3.25
C HIS E 70 29.30 -0.43 2.38
N THR E 71 28.09 0.07 2.66
CA THR E 71 27.55 1.15 1.85
C THR E 71 28.34 2.44 2.07
N LEU E 72 28.74 2.72 3.31
CA LEU E 72 29.58 3.89 3.56
C LEU E 72 30.93 3.74 2.87
N LEU E 73 31.48 2.52 2.87
CA LEU E 73 32.75 2.27 2.20
C LEU E 73 32.63 2.56 0.70
N ILE E 74 31.58 2.05 0.06
CA ILE E 74 31.49 2.25 -1.39
C ILE E 74 31.17 3.72 -1.71
N PHE E 75 30.48 4.43 -0.81
CA PHE E 75 30.20 5.84 -1.06
C PHE E 75 31.46 6.67 -1.01
N THR E 76 32.25 6.53 0.06
CA THR E 76 33.51 7.25 0.11
C THR E 76 34.43 6.81 -1.03
N MET E 77 34.33 5.55 -1.46
CA MET E 77 35.15 5.09 -2.58
C MET E 77 34.79 5.82 -3.87
N SER E 78 33.49 5.93 -4.17
CA SER E 78 33.06 6.66 -5.36
C SER E 78 33.52 8.12 -5.31
N PHE E 79 33.33 8.76 -4.16
CA PHE E 79 33.71 10.17 -4.05
C PHE E 79 35.21 10.36 -4.27
N LEU E 80 36.03 9.56 -3.59
CA LEU E 80 37.47 9.70 -3.74
C LEU E 80 37.92 9.37 -5.16
N CYS E 81 37.29 8.39 -5.80
CA CYS E 81 37.62 8.06 -7.17
C CYS E 81 37.41 9.25 -8.10
N SER E 82 36.23 9.87 -8.03
CA SER E 82 35.97 11.03 -8.89
C SER E 82 36.93 12.18 -8.57
N TRP E 83 37.18 12.44 -7.28
CA TRP E 83 38.06 13.53 -6.90
C TRP E 83 39.46 13.33 -7.47
N LEU E 84 40.01 12.13 -7.31
CA LEU E 84 41.37 11.86 -7.80
C LEU E 84 41.43 11.92 -9.31
N LEU E 85 40.40 11.41 -10.00
CA LEU E 85 40.38 11.46 -11.46
C LEU E 85 40.48 12.90 -11.94
N PHE E 86 39.64 13.79 -11.41
CA PHE E 86 39.66 15.17 -11.91
C PHE E 86 40.88 15.93 -11.41
N ALA E 87 41.43 15.58 -10.25
CA ALA E 87 42.69 16.19 -9.82
C ALA E 87 43.81 15.83 -10.77
N MET E 88 43.87 14.57 -11.20
CA MET E 88 44.88 14.14 -12.16
C MET E 88 44.73 14.90 -13.47
N VAL E 89 43.49 15.02 -13.97
CA VAL E 89 43.33 15.70 -15.26
C VAL E 89 43.67 17.18 -15.14
N TRP E 90 43.42 17.80 -13.97
CA TRP E 90 43.76 19.21 -13.82
C TRP E 90 45.27 19.42 -13.71
N TRP E 91 45.95 18.56 -12.96
CA TRP E 91 47.41 18.62 -12.95
C TRP E 91 47.97 18.45 -14.36
N LEU E 92 47.38 17.53 -15.12
CA LEU E 92 47.85 17.31 -16.49
C LEU E 92 47.66 18.54 -17.36
N ILE E 93 46.49 19.18 -17.28
CA ILE E 93 46.24 20.33 -18.14
C ILE E 93 47.12 21.52 -17.74
N ALA E 94 47.34 21.71 -16.44
CA ALA E 94 48.23 22.77 -16.00
C ALA E 94 49.67 22.50 -16.43
N PHE E 95 50.08 21.22 -16.44
CA PHE E 95 51.39 20.86 -16.94
C PHE E 95 51.50 21.11 -18.44
N ALA E 96 50.41 20.81 -19.17
CA ALA E 96 50.45 20.86 -20.63
C ALA E 96 50.47 22.30 -21.14
N HIS E 97 49.65 23.17 -20.55
CA HIS E 97 49.65 24.57 -20.99
C HIS E 97 51.02 25.23 -20.79
N GLY E 98 51.88 24.66 -19.95
CA GLY E 98 53.11 25.29 -19.56
C GLY E 98 52.99 26.19 -18.36
N ASP E 99 51.77 26.44 -17.88
CA ASP E 99 51.57 27.24 -16.67
C ASP E 99 52.16 26.57 -15.44
N LEU E 100 52.34 25.25 -15.47
CA LEU E 100 52.95 24.56 -14.33
C LEU E 100 54.45 24.85 -14.27
N ALA E 101 55.09 25.06 -15.41
CA ALA E 101 56.48 25.49 -15.41
C ALA E 101 56.59 26.84 -14.71
N PRO E 102 57.27 26.94 -13.55
CA PRO E 102 57.31 28.22 -12.84
C PRO E 102 57.99 29.32 -13.64
N GLY E 103 57.21 30.31 -14.06
CA GLY E 103 57.74 31.43 -14.82
C GLY E 103 56.99 32.73 -14.57
N GLU E 104 57.71 33.84 -14.54
CA GLU E 104 57.13 35.15 -14.29
C GLU E 104 57.00 35.90 -15.61
N GLY E 105 55.78 36.31 -15.95
CA GLY E 105 55.54 37.07 -17.15
C GLY E 105 55.36 36.20 -18.38
N THR E 106 54.99 36.85 -19.47
CA THR E 106 54.74 36.26 -20.78
C THR E 106 53.61 35.24 -20.77
N ASN E 107 52.90 35.10 -19.65
CA ASN E 107 51.78 34.17 -19.55
C ASN E 107 50.95 34.52 -18.34
N VAL E 108 49.74 33.96 -18.31
CA VAL E 108 48.93 33.92 -17.10
C VAL E 108 48.48 32.47 -16.94
N PRO E 109 48.70 31.84 -15.81
CA PRO E 109 48.29 30.44 -15.65
C PRO E 109 46.78 30.31 -15.80
N CYS E 110 46.36 29.26 -16.50
CA CYS E 110 44.93 28.99 -16.63
C CYS E 110 44.27 28.92 -15.26
N VAL E 111 44.98 28.39 -14.28
CA VAL E 111 44.59 28.43 -12.88
C VAL E 111 45.69 29.15 -12.12
N THR E 112 45.41 30.36 -11.65
CA THR E 112 46.43 31.16 -10.99
C THR E 112 46.93 30.45 -9.74
N SER E 113 48.22 30.66 -9.43
CA SER E 113 48.86 30.12 -8.23
C SER E 113 48.67 28.60 -8.13
N ILE E 114 49.18 27.90 -9.13
CA ILE E 114 49.25 26.44 -9.12
C ILE E 114 50.71 26.06 -9.26
N HIS E 115 51.18 25.18 -8.37
CA HIS E 115 52.60 24.88 -8.29
C HIS E 115 52.91 23.40 -8.48
N SER E 116 52.22 22.51 -7.77
CA SER E 116 52.56 21.10 -7.80
C SER E 116 51.28 20.29 -7.81
N PHE E 117 51.43 18.97 -7.72
CA PHE E 117 50.27 18.09 -7.71
C PHE E 117 49.43 18.28 -6.44
N SER E 118 50.06 18.68 -5.34
CA SER E 118 49.31 18.90 -4.10
C SER E 118 48.35 20.06 -4.24
N SER E 119 48.82 21.20 -4.75
CA SER E 119 47.92 22.32 -4.98
C SER E 119 46.89 22.01 -6.04
N ALA E 120 47.23 21.14 -7.00
CA ALA E 120 46.26 20.74 -8.01
C ALA E 120 45.12 19.93 -7.38
N PHE E 121 45.46 18.97 -6.50
CA PHE E 121 44.43 18.22 -5.81
C PHE E 121 43.61 19.12 -4.90
N LEU E 122 44.26 20.11 -4.29
CA LEU E 122 43.53 21.06 -3.45
C LEU E 122 42.54 21.87 -4.30
N PHE E 123 42.94 22.29 -5.49
CA PHE E 123 42.03 22.99 -6.39
C PHE E 123 40.89 22.08 -6.81
N SER E 124 41.19 20.80 -7.06
CA SER E 124 40.15 19.85 -7.46
C SER E 124 39.10 19.69 -6.36
N ILE E 125 39.55 19.52 -5.12
CA ILE E 125 38.59 19.38 -4.03
C ILE E 125 37.93 20.71 -3.68
N GLU E 126 38.55 21.83 -4.06
CA GLU E 126 37.94 23.14 -3.82
C GLU E 126 36.82 23.42 -4.81
N VAL E 127 36.97 22.98 -6.06
CA VAL E 127 35.93 23.25 -7.05
C VAL E 127 34.89 22.13 -7.10
N GLN E 128 35.24 20.91 -6.72
CA GLN E 128 34.31 19.79 -6.86
C GLN E 128 33.22 19.85 -5.81
N VAL E 129 33.60 19.87 -4.53
CA VAL E 129 32.63 19.76 -3.45
C VAL E 129 32.05 21.13 -3.14
N THR E 130 32.39 22.12 -3.97
CA THR E 130 31.78 23.45 -3.96
C THR E 130 32.04 24.19 -2.65
N ILE E 131 33.31 24.28 -2.27
CA ILE E 131 33.73 25.17 -1.21
C ILE E 131 34.30 26.47 -1.76
N GLY E 132 35.07 26.39 -2.84
CA GLY E 132 35.54 27.57 -3.55
C GLY E 132 36.41 28.51 -2.73
N PHE E 133 37.62 28.08 -2.40
CA PHE E 133 38.52 28.91 -1.60
C PHE E 133 38.94 30.16 -2.35
N GLY E 134 39.19 30.05 -3.65
CA GLY E 134 39.54 31.20 -4.44
C GLY E 134 40.94 31.73 -4.26
N GLY E 135 41.82 30.99 -3.59
CA GLY E 135 43.23 31.36 -3.58
C GLY E 135 43.89 31.08 -4.92
N ARG E 136 43.49 29.99 -5.57
CA ARG E 136 43.91 29.66 -6.91
C ARG E 136 42.73 29.88 -7.85
N MET E 137 42.89 30.80 -8.81
CA MET E 137 41.79 31.30 -9.61
C MET E 137 41.93 30.80 -11.04
N VAL E 138 40.87 30.17 -11.55
CA VAL E 138 40.80 29.84 -12.97
C VAL E 138 40.50 31.12 -13.74
N THR E 139 41.21 31.33 -14.85
CA THR E 139 41.17 32.58 -15.57
C THR E 139 40.43 32.42 -16.90
N GLU E 140 40.12 33.55 -17.52
CA GLU E 140 39.40 33.62 -18.78
C GLU E 140 40.32 33.57 -19.99
N GLU E 141 41.51 33.00 -19.84
CA GLU E 141 42.46 32.89 -20.95
C GLU E 141 42.35 31.56 -21.68
N CYS E 142 42.02 30.48 -20.97
CA CYS E 142 42.01 29.14 -21.54
C CYS E 142 40.60 28.58 -21.52
N PRO E 143 39.94 28.42 -22.67
CA PRO E 143 38.61 27.81 -22.68
C PRO E 143 38.60 26.32 -22.32
N LEU E 144 39.75 25.64 -22.42
CA LEU E 144 39.80 24.23 -22.07
C LEU E 144 39.56 24.02 -20.58
N ALA E 145 40.11 24.90 -19.74
CA ALA E 145 39.81 24.85 -18.31
C ALA E 145 38.33 25.12 -18.06
N ILE E 146 37.73 26.01 -18.85
CA ILE E 146 36.30 26.27 -18.73
C ILE E 146 35.51 24.99 -19.00
N LEU E 147 35.89 24.24 -20.05
CA LEU E 147 35.19 23.00 -20.36
C LEU E 147 35.38 21.95 -19.27
N ILE E 148 36.60 21.81 -18.76
CA ILE E 148 36.83 20.79 -17.73
C ILE E 148 36.06 21.15 -16.46
N LEU E 149 35.93 22.44 -16.15
CA LEU E 149 35.13 22.84 -15.01
C LEU E 149 33.64 22.58 -15.26
N ILE E 150 33.17 22.86 -16.47
CA ILE E 150 31.75 22.71 -16.78
C ILE E 150 31.33 21.24 -16.83
N VAL E 151 32.26 20.33 -17.04
CA VAL E 151 31.92 18.91 -16.92
C VAL E 151 32.12 18.39 -15.51
N GLN E 152 33.15 18.91 -14.82
CA GLN E 152 33.39 18.54 -13.43
C GLN E 152 32.18 18.85 -12.56
N ASN E 153 31.61 20.04 -12.72
CA ASN E 153 30.52 20.43 -11.83
C ASN E 153 29.26 19.58 -12.07
N ILE E 154 28.93 19.32 -13.33
CA ILE E 154 27.71 18.54 -13.60
C ILE E 154 27.88 17.09 -13.16
N VAL E 155 29.06 16.49 -13.38
CA VAL E 155 29.23 15.12 -12.93
C VAL E 155 29.22 15.05 -11.41
N GLY E 156 29.80 16.06 -10.75
CA GLY E 156 29.75 16.09 -9.29
C GLY E 156 28.34 16.23 -8.77
N LEU E 157 27.53 17.08 -9.41
CA LEU E 157 26.15 17.25 -8.98
C LEU E 157 25.34 15.97 -9.17
N MET E 158 25.57 15.26 -10.29
CA MET E 158 24.82 14.04 -10.52
C MET E 158 25.19 12.96 -9.53
N ILE E 159 26.50 12.81 -9.25
CA ILE E 159 26.90 11.77 -8.29
C ILE E 159 26.45 12.13 -6.88
N ASN E 160 26.44 13.43 -6.53
CA ASN E 160 25.92 13.85 -5.24
C ASN E 160 24.44 13.55 -5.13
N ALA E 161 23.68 13.81 -6.20
CA ALA E 161 22.23 13.56 -6.16
C ALA E 161 21.93 12.08 -5.99
N ILE E 162 22.63 11.21 -6.74
CA ILE E 162 22.36 9.78 -6.58
C ILE E 162 22.80 9.30 -5.20
N MET E 163 23.95 9.79 -4.69
CA MET E 163 24.41 9.34 -3.38
C MET E 163 23.60 9.93 -2.23
N LEU E 164 22.78 10.94 -2.49
CA LEU E 164 21.83 11.39 -1.45
C LEU E 164 20.53 10.62 -1.53
N GLY E 165 19.96 10.51 -2.73
CA GLY E 165 18.73 9.74 -2.89
C GLY E 165 18.87 8.31 -2.41
N CYS E 166 20.02 7.69 -2.67
CA CYS E 166 20.20 6.30 -2.29
C CYS E 166 20.30 6.14 -0.77
N ILE E 167 21.03 7.03 -0.10
CA ILE E 167 21.12 6.89 1.35
C ILE E 167 19.78 7.20 2.00
N PHE E 168 18.98 8.11 1.44
CA PHE E 168 17.66 8.31 2.03
C PHE E 168 16.78 7.10 1.81
N MET E 169 16.80 6.53 0.59
CA MET E 169 16.07 5.29 0.34
C MET E 169 16.53 4.18 1.27
N LYS E 170 17.80 4.20 1.69
CA LYS E 170 18.29 3.23 2.66
C LYS E 170 17.72 3.50 4.04
N THR E 171 17.72 4.77 4.49
CA THR E 171 17.21 5.05 5.84
C THR E 171 15.74 4.71 6.00
N ALA E 172 15.05 4.31 4.93
CA ALA E 172 13.71 3.72 5.03
C ALA E 172 13.75 2.23 5.35
N GLN E 173 14.88 1.72 5.82
CA GLN E 173 15.01 0.31 6.17
C GLN E 173 14.38 0.09 7.55
N ALA E 174 13.21 -0.56 7.56
CA ALA E 174 12.62 -1.07 8.79
C ALA E 174 12.62 -2.60 8.80
N HIS E 175 13.53 -3.22 8.02
CA HIS E 175 13.60 -4.67 7.96
C HIS E 175 14.17 -5.27 9.24
N ARG E 176 14.88 -4.49 10.04
CA ARG E 176 15.40 -5.00 11.31
C ARG E 176 14.26 -5.32 12.27
N ARG E 177 13.18 -4.54 12.24
CA ARG E 177 12.03 -4.76 13.10
C ARG E 177 11.09 -5.82 12.56
N ALA E 178 11.12 -6.10 11.26
CA ALA E 178 10.23 -7.08 10.65
C ALA E 178 10.82 -8.48 10.78
N GLU E 179 9.97 -9.48 10.49
CA GLU E 179 10.32 -10.89 10.51
C GLU E 179 10.64 -11.40 11.91
N THR E 180 10.24 -10.68 12.95
CA THR E 180 10.40 -11.15 14.33
C THR E 180 9.27 -12.09 14.76
N LEU E 181 8.27 -12.32 13.91
CA LEU E 181 7.17 -13.19 14.27
C LEU E 181 7.67 -14.61 14.51
N ILE E 182 7.06 -15.27 15.51
CA ILE E 182 7.51 -16.58 15.95
C ILE E 182 6.32 -17.53 15.98
N PHE E 183 6.57 -18.78 15.56
CA PHE E 183 5.64 -19.88 15.68
C PHE E 183 6.29 -20.94 16.57
N SER E 184 5.46 -21.76 17.21
CA SER E 184 6.00 -22.85 18.00
C SER E 184 6.71 -23.86 17.10
N LYS E 185 7.73 -24.52 17.65
CA LYS E 185 8.59 -25.37 16.82
C LYS E 185 7.81 -26.56 16.25
N HIS E 186 6.99 -27.19 17.08
CA HIS E 186 6.13 -28.29 16.64
C HIS E 186 4.68 -27.97 16.99
N ALA E 187 3.77 -28.39 16.11
CA ALA E 187 2.35 -28.18 16.29
C ALA E 187 1.70 -29.47 16.78
N VAL E 188 0.59 -29.33 17.50
CA VAL E 188 -0.06 -30.47 18.12
C VAL E 188 -1.47 -30.64 17.55
N ILE E 189 -2.05 -31.80 17.81
CA ILE E 189 -3.46 -32.05 17.51
C ILE E 189 -4.15 -32.51 18.79
N THR E 190 -5.42 -32.15 18.91
CA THR E 190 -6.18 -32.48 20.12
C THR E 190 -7.61 -32.81 19.71
N LEU E 191 -8.47 -33.01 20.70
CA LEU E 191 -9.89 -33.32 20.48
C LEU E 191 -10.70 -32.22 21.14
N ARG E 192 -11.28 -31.33 20.32
CA ARG E 192 -12.08 -30.22 20.80
C ARG E 192 -13.49 -30.35 20.25
N HIS E 193 -14.49 -30.18 21.12
CA HIS E 193 -15.90 -30.22 20.74
C HIS E 193 -16.25 -31.54 20.03
N GLY E 194 -15.62 -32.62 20.46
CA GLY E 194 -15.87 -33.93 19.89
C GLY E 194 -15.25 -34.17 18.53
N ARG E 195 -14.47 -33.23 18.01
CA ARG E 195 -13.84 -33.38 16.71
C ARG E 195 -12.34 -33.14 16.84
N LEU E 196 -11.57 -33.81 15.99
CA LEU E 196 -10.13 -33.63 15.99
C LEU E 196 -9.77 -32.24 15.48
N CYS E 197 -8.75 -31.61 16.08
CA CYS E 197 -8.40 -30.24 15.78
C CYS E 197 -6.89 -30.05 15.80
N PHE E 198 -6.47 -29.02 15.07
CA PHE E 198 -5.07 -28.64 14.89
C PHE E 198 -4.80 -27.41 15.75
N MET E 199 -3.76 -27.47 16.59
CA MET E 199 -3.40 -26.36 17.46
C MET E 199 -1.95 -25.99 17.24
N LEU E 200 -1.71 -24.70 17.00
CA LEU E 200 -0.39 -24.18 16.67
C LEU E 200 -0.34 -22.73 17.11
N ARG E 201 0.75 -22.35 17.78
CA ARG E 201 0.86 -21.03 18.37
C ARG E 201 1.54 -20.04 17.43
N VAL E 202 1.01 -18.82 17.40
CA VAL E 202 1.64 -17.69 16.72
C VAL E 202 1.85 -16.61 17.77
N GLY E 203 2.39 -15.46 17.36
CA GLY E 203 2.59 -14.39 18.31
C GLY E 203 3.41 -13.22 17.82
N ASP E 204 3.30 -12.10 18.51
CA ASP E 204 4.06 -10.89 18.25
C ASP E 204 5.25 -10.81 19.21
N LEU E 205 6.24 -10.02 18.81
CA LEU E 205 7.45 -9.84 19.60
C LEU E 205 7.78 -8.38 19.88
N ARG E 206 6.95 -7.44 19.42
CA ARG E 206 7.18 -6.02 19.66
C ARG E 206 5.86 -5.34 19.96
N LYS E 207 5.96 -4.08 20.36
CA LYS E 207 4.77 -3.28 20.61
C LYS E 207 4.00 -2.99 19.33
N SER E 208 4.70 -2.86 18.21
CA SER E 208 4.06 -2.52 16.95
C SER E 208 3.17 -3.67 16.47
N MET E 209 1.93 -3.33 16.12
CA MET E 209 0.95 -4.31 15.65
C MET E 209 1.15 -4.60 14.17
N ILE E 210 0.35 -5.53 13.65
CA ILE E 210 0.34 -5.89 12.24
C ILE E 210 -1.11 -5.87 11.78
N ILE E 211 -1.41 -5.07 10.76
CA ILE E 211 -2.78 -4.76 10.38
C ILE E 211 -3.30 -5.81 9.41
N SER E 212 -4.49 -6.33 9.69
CA SER E 212 -5.22 -7.23 8.79
C SER E 212 -4.39 -8.46 8.42
N ALA E 213 -3.77 -9.06 9.43
CA ALA E 213 -2.99 -10.27 9.20
C ALA E 213 -3.91 -11.43 8.82
N THR E 214 -3.64 -12.05 7.67
CA THR E 214 -4.42 -13.17 7.18
C THR E 214 -3.55 -14.42 7.17
N ILE E 215 -4.19 -15.57 7.29
CA ILE E 215 -3.51 -16.86 7.34
C ILE E 215 -3.87 -17.63 6.09
N HIS E 216 -2.85 -18.05 5.33
CA HIS E 216 -3.00 -18.96 4.22
C HIS E 216 -2.30 -20.25 4.66
N MET E 217 -3.10 -21.23 5.07
CA MET E 217 -2.59 -22.49 5.58
C MET E 217 -2.68 -23.53 4.47
N GLN E 218 -1.55 -24.11 4.10
CA GLN E 218 -1.48 -25.00 2.95
C GLN E 218 -0.72 -26.27 3.33
N VAL E 219 -0.93 -27.31 2.51
CA VAL E 219 -0.32 -28.62 2.72
C VAL E 219 0.19 -29.13 1.39
N VAL E 220 1.39 -29.72 1.39
CA VAL E 220 1.96 -30.25 0.15
C VAL E 220 2.15 -31.76 0.31
N ARG E 221 2.09 -32.46 -0.83
CA ARG E 221 2.21 -33.91 -0.86
C ARG E 221 2.37 -34.35 -2.32
N LYS E 222 3.14 -35.42 -2.51
CA LYS E 222 3.24 -36.05 -3.82
C LYS E 222 1.97 -36.87 -4.07
N THR E 223 1.16 -36.44 -5.02
CA THR E 223 -0.17 -37.01 -5.23
C THR E 223 -0.26 -37.67 -6.60
N THR E 224 -1.02 -38.76 -6.67
CA THR E 224 -1.30 -39.46 -7.91
C THR E 224 -2.81 -39.43 -8.16
N SER E 225 -3.22 -38.82 -9.26
CA SER E 225 -4.62 -38.69 -9.58
C SER E 225 -5.17 -40.05 -10.04
N PRO E 226 -6.50 -40.22 -10.00
CA PRO E 226 -7.09 -41.47 -10.54
C PRO E 226 -6.91 -41.64 -12.04
N GLU E 227 -6.53 -40.59 -12.76
CA GLU E 227 -6.29 -40.65 -14.19
C GLU E 227 -4.85 -41.05 -14.53
N GLY E 228 -4.09 -41.55 -13.55
CA GLY E 228 -2.73 -41.97 -13.76
C GLY E 228 -1.70 -40.87 -13.72
N GLU E 229 -2.13 -39.63 -13.43
CA GLU E 229 -1.23 -38.48 -13.34
C GLU E 229 -0.62 -38.40 -11.95
N VAL E 230 0.70 -38.32 -11.89
CA VAL E 230 1.45 -38.20 -10.64
C VAL E 230 2.05 -36.80 -10.58
N VAL E 231 1.70 -36.05 -9.53
CA VAL E 231 2.29 -34.73 -9.32
C VAL E 231 3.36 -34.86 -8.24
N PRO E 232 4.52 -34.23 -8.42
CA PRO E 232 5.59 -34.34 -7.41
C PRO E 232 5.29 -33.58 -6.14
N LEU E 233 4.43 -32.57 -6.18
CA LEU E 233 4.08 -31.77 -5.02
C LEU E 233 2.75 -31.08 -5.32
N HIS E 234 1.85 -31.09 -4.33
CA HIS E 234 0.48 -30.63 -4.53
C HIS E 234 0.08 -29.73 -3.38
N GLN E 235 0.01 -28.42 -3.63
CA GLN E 235 -0.46 -27.47 -2.63
C GLN E 235 -1.98 -27.44 -2.62
N VAL E 236 -2.56 -27.49 -1.42
CA VAL E 236 -4.01 -27.41 -1.25
C VAL E 236 -4.30 -26.57 -0.02
N ASP E 237 -5.32 -25.73 -0.11
CA ASP E 237 -5.68 -24.82 0.99
C ASP E 237 -6.45 -25.58 2.06
N ILE E 238 -5.91 -25.57 3.26
CA ILE E 238 -6.62 -26.04 4.46
C ILE E 238 -7.12 -24.80 5.21
N PRO E 239 -8.40 -24.72 5.52
CA PRO E 239 -8.96 -23.44 5.99
C PRO E 239 -8.48 -23.07 7.39
N MET E 240 -8.45 -21.77 7.64
CA MET E 240 -8.29 -21.26 8.99
C MET E 240 -9.66 -20.98 9.57
N GLU E 241 -10.03 -21.75 10.60
CA GLU E 241 -11.39 -21.71 11.14
C GLU E 241 -11.50 -20.58 12.16
N ASN E 242 -12.19 -19.53 11.74
CA ASN E 242 -12.51 -18.31 12.44
C ASN E 242 -14.04 -18.23 12.53
N GLY E 243 -14.54 -17.03 12.81
CA GLY E 243 -15.97 -16.77 12.86
C GLY E 243 -16.64 -16.93 11.53
N VAL E 244 -17.86 -16.40 11.40
CA VAL E 244 -18.73 -16.68 10.25
C VAL E 244 -17.93 -16.84 8.95
N GLY E 245 -16.84 -16.09 8.81
CA GLY E 245 -16.02 -16.11 7.61
C GLY E 245 -14.61 -15.70 7.90
N GLY E 246 -14.01 -14.96 6.97
CA GLY E 246 -12.72 -14.35 7.23
C GLY E 246 -11.53 -15.24 7.02
N ASN E 247 -10.54 -14.75 6.27
CA ASN E 247 -9.26 -15.41 6.10
C ASN E 247 -8.20 -14.80 7.01
N GLY E 248 -8.53 -13.74 7.74
CA GLY E 248 -7.60 -13.03 8.57
C GLY E 248 -7.89 -13.23 10.06
N ILE E 249 -6.92 -12.80 10.87
CA ILE E 249 -6.98 -12.91 12.31
C ILE E 249 -6.53 -11.58 12.92
N PHE E 250 -6.52 -11.54 14.25
CA PHE E 250 -6.10 -10.36 15.01
C PHE E 250 -5.08 -10.80 16.04
N LEU E 251 -3.88 -10.22 15.97
CA LEU E 251 -2.74 -10.63 16.77
C LEU E 251 -2.45 -9.58 17.83
N VAL E 252 -2.72 -9.90 19.08
CA VAL E 252 -2.26 -9.10 20.22
C VAL E 252 -1.46 -10.00 21.14
N ALA E 253 -2.09 -11.07 21.62
CA ALA E 253 -1.45 -12.11 22.41
C ALA E 253 -1.23 -13.34 21.56
N PRO E 254 -0.36 -14.27 21.99
CA PRO E 254 -0.25 -15.55 21.28
C PRO E 254 -1.57 -16.27 21.18
N LEU E 255 -2.09 -16.37 19.96
CA LEU E 255 -3.39 -16.97 19.69
C LEU E 255 -3.18 -18.27 18.92
N ILE E 256 -3.56 -19.39 19.54
CA ILE E 256 -3.49 -20.68 18.86
C ILE E 256 -4.46 -20.68 17.70
N ILE E 257 -3.94 -20.87 16.50
CA ILE E 257 -4.80 -20.98 15.33
C ILE E 257 -5.60 -22.27 15.43
N TYR E 258 -6.90 -22.18 15.22
CA TYR E 258 -7.82 -23.28 15.51
C TYR E 258 -8.48 -23.73 14.22
N HIS E 259 -8.08 -24.91 13.73
CA HIS E 259 -8.73 -25.55 12.59
C HIS E 259 -9.23 -26.92 13.01
N VAL E 260 -10.34 -27.34 12.41
CA VAL E 260 -10.93 -28.65 12.66
C VAL E 260 -10.99 -29.40 11.34
N ILE E 261 -10.27 -30.52 11.25
CA ILE E 261 -10.28 -31.34 10.05
C ILE E 261 -11.58 -32.15 10.02
N ASP E 262 -12.28 -32.07 8.90
CA ASP E 262 -13.51 -32.81 8.67
C ASP E 262 -13.33 -33.73 7.47
N SER E 263 -14.38 -34.50 7.16
CA SER E 263 -14.32 -35.44 6.04
C SER E 263 -14.00 -34.75 4.72
N ASN E 264 -14.31 -33.45 4.60
CA ASN E 264 -14.01 -32.71 3.39
C ASN E 264 -12.56 -32.23 3.34
N SER E 265 -11.88 -32.13 4.48
CA SER E 265 -10.53 -31.62 4.51
C SER E 265 -9.56 -32.60 3.85
N PRO E 266 -8.50 -32.09 3.20
CA PRO E 266 -7.56 -33.00 2.53
C PRO E 266 -6.72 -33.81 3.50
N LEU E 267 -6.45 -33.28 4.69
CA LEU E 267 -5.62 -33.94 5.69
C LEU E 267 -6.37 -35.03 6.45
N TYR E 268 -7.66 -35.23 6.15
CA TYR E 268 -8.54 -36.08 6.93
C TYR E 268 -8.23 -37.57 6.80
N ASP E 269 -7.37 -37.98 5.87
CA ASP E 269 -7.21 -39.39 5.56
C ASP E 269 -6.02 -40.06 6.24
N LEU E 270 -5.12 -39.30 6.86
CA LEU E 270 -3.87 -39.88 7.34
C LEU E 270 -4.10 -40.69 8.63
N ALA E 271 -3.01 -41.30 9.11
CA ALA E 271 -2.98 -42.18 10.28
C ALA E 271 -2.00 -41.65 11.32
N PRO E 272 -2.24 -41.92 12.61
CA PRO E 272 -1.37 -41.36 13.65
C PRO E 272 -0.05 -42.08 13.82
N SER E 273 0.07 -43.35 13.43
CA SER E 273 1.32 -44.08 13.63
C SER E 273 2.25 -44.02 12.44
N ASP E 274 1.76 -43.62 11.27
CA ASP E 274 2.58 -43.58 10.07
C ASP E 274 3.17 -42.21 9.81
N LEU E 275 2.79 -41.19 10.58
CA LEU E 275 3.28 -39.84 10.33
C LEU E 275 4.67 -39.63 10.93
N HIS E 276 5.00 -40.36 12.00
CA HIS E 276 6.20 -40.03 12.77
C HIS E 276 7.48 -40.29 11.97
N HIS E 277 7.51 -41.36 11.17
CA HIS E 277 8.75 -41.78 10.54
C HIS E 277 8.72 -41.76 9.02
N HIS E 278 7.73 -42.39 8.39
CA HIS E 278 7.81 -42.70 6.97
C HIS E 278 7.26 -41.59 6.08
N GLN E 279 6.05 -41.12 6.36
CA GLN E 279 5.34 -40.23 5.46
C GLN E 279 6.09 -38.92 5.27
N ASP E 280 5.79 -38.26 4.14
CA ASP E 280 6.40 -36.98 3.76
C ASP E 280 5.28 -35.97 3.55
N LEU E 281 4.90 -35.28 4.62
CA LEU E 281 3.84 -34.27 4.58
C LEU E 281 4.39 -32.97 5.17
N GLU E 282 4.36 -31.91 4.38
CA GLU E 282 4.77 -30.59 4.84
C GLU E 282 3.54 -29.70 4.93
N ILE E 283 3.25 -29.23 6.14
CA ILE E 283 2.15 -28.29 6.39
C ILE E 283 2.78 -26.92 6.61
N ILE E 284 2.55 -26.01 5.67
CA ILE E 284 3.11 -24.67 5.75
C ILE E 284 2.00 -23.70 6.11
N VAL E 285 2.37 -22.66 6.85
CA VAL E 285 1.49 -21.54 7.13
C VAL E 285 2.16 -20.28 6.60
N ILE E 286 1.34 -19.41 5.99
CA ILE E 286 1.77 -18.15 5.44
C ILE E 286 0.94 -17.08 6.12
N LEU E 287 1.55 -16.36 7.05
CA LEU E 287 0.88 -15.29 7.77
C LEU E 287 1.28 -13.97 7.12
N GLU E 288 0.31 -13.29 6.50
CA GLU E 288 0.54 -12.04 5.81
C GLU E 288 -0.03 -10.89 6.65
N GLY E 289 0.55 -9.71 6.48
CA GLY E 289 0.03 -8.54 7.16
C GLY E 289 0.88 -7.31 6.96
N VAL E 290 0.27 -6.13 7.06
CA VAL E 290 0.96 -4.88 6.83
C VAL E 290 1.34 -4.27 8.17
N VAL E 291 2.62 -3.94 8.33
CA VAL E 291 3.07 -3.30 9.56
C VAL E 291 2.55 -1.86 9.61
N GLU E 292 2.50 -1.33 10.84
CA GLU E 292 1.89 -0.02 11.05
C GLU E 292 2.77 1.11 10.51
N THR E 293 3.97 1.25 11.08
CA THR E 293 4.76 2.46 10.87
C THR E 293 5.19 2.62 9.42
N THR E 294 5.57 1.53 8.75
CA THR E 294 6.05 1.62 7.38
C THR E 294 4.93 1.44 6.36
N GLY E 295 3.92 0.64 6.68
CA GLY E 295 2.82 0.40 5.75
C GLY E 295 3.09 -0.68 4.72
N ILE E 296 4.24 -1.35 4.77
CA ILE E 296 4.55 -2.40 3.81
C ILE E 296 3.93 -3.71 4.27
N THR E 297 3.64 -4.59 3.30
CA THR E 297 2.96 -5.86 3.57
C THR E 297 4.02 -6.95 3.65
N THR E 298 4.32 -7.40 4.87
CA THR E 298 5.27 -8.47 5.09
C THR E 298 4.52 -9.77 5.36
N GLN E 299 5.26 -10.87 5.42
CA GLN E 299 4.66 -12.16 5.70
C GLN E 299 5.71 -13.08 6.30
N ALA E 300 5.23 -14.14 6.91
CA ALA E 300 6.07 -15.16 7.53
C ALA E 300 5.56 -16.52 7.11
N ARG E 301 6.46 -17.33 6.54
CA ARG E 301 6.14 -18.66 6.07
C ARG E 301 6.92 -19.67 6.89
N THR E 302 6.24 -20.71 7.36
CA THR E 302 6.94 -21.76 8.10
C THR E 302 6.35 -23.12 7.76
N SER E 303 7.18 -24.15 7.87
CA SER E 303 6.84 -25.52 7.53
C SER E 303 6.83 -26.40 8.77
N TYR E 304 6.01 -27.45 8.71
CA TYR E 304 6.00 -28.49 9.72
C TYR E 304 6.00 -29.83 9.01
N LEU E 305 7.02 -30.64 9.28
CA LEU E 305 7.20 -31.91 8.58
C LEU E 305 6.37 -33.00 9.25
N ALA E 306 6.46 -34.21 8.70
CA ALA E 306 5.79 -35.35 9.30
C ALA E 306 6.49 -35.78 10.59
N ASP E 307 7.81 -35.64 10.67
CA ASP E 307 8.54 -36.01 11.87
C ASP E 307 8.48 -34.92 12.93
N GLU E 308 8.08 -33.70 12.57
CA GLU E 308 8.02 -32.61 13.53
C GLU E 308 6.74 -32.63 14.35
N ILE E 309 5.62 -32.90 13.70
CA ILE E 309 4.31 -32.86 14.35
C ILE E 309 4.11 -34.12 15.19
N LEU E 310 3.41 -33.96 16.31
CA LEU E 310 3.17 -35.05 17.25
C LEU E 310 1.66 -35.13 17.53
N TRP E 311 1.29 -36.08 18.40
CA TRP E 311 -0.11 -36.46 18.57
C TRP E 311 -0.52 -36.42 20.02
N GLY E 312 -1.77 -36.01 20.26
CA GLY E 312 -2.43 -36.13 21.54
C GLY E 312 -1.78 -35.42 22.71
N GLN E 313 -1.77 -34.09 22.68
CA GLN E 313 -1.12 -33.28 23.71
C GLN E 313 -1.91 -32.00 23.91
N ARG E 314 -1.46 -31.17 24.84
CA ARG E 314 -2.09 -29.86 25.03
C ARG E 314 -1.09 -28.83 25.50
N PHE E 315 -1.17 -27.63 24.91
CA PHE E 315 -0.30 -26.54 25.34
C PHE E 315 -0.68 -26.06 26.74
N VAL E 316 0.28 -25.43 27.41
CA VAL E 316 0.08 -24.89 28.75
C VAL E 316 -0.46 -23.47 28.62
N PRO E 317 -1.49 -23.09 29.39
CA PRO E 317 -2.03 -21.72 29.28
C PRO E 317 -0.97 -20.67 29.56
N ILE E 318 -0.79 -19.77 28.60
CA ILE E 318 0.23 -18.73 28.72
C ILE E 318 -0.30 -17.55 29.53
N VAL E 319 -1.43 -16.97 29.09
CA VAL E 319 -1.97 -15.79 29.73
C VAL E 319 -2.35 -16.11 31.17
N ALA E 320 -2.14 -15.14 32.06
CA ALA E 320 -2.47 -15.28 33.46
C ALA E 320 -2.96 -13.96 34.00
N GLU E 321 -3.95 -14.01 34.89
CA GLU E 321 -4.50 -12.79 35.50
C GLU E 321 -3.48 -12.24 36.49
N GLU E 322 -2.69 -11.27 36.05
CA GLU E 322 -1.68 -10.66 36.88
C GLU E 322 -2.34 -9.68 37.86
N ASP E 323 -1.52 -8.82 38.48
CA ASP E 323 -1.98 -7.87 39.48
C ASP E 323 -3.19 -7.08 38.99
N GLY E 324 -3.05 -6.43 37.84
CA GLY E 324 -4.15 -5.69 37.24
C GLY E 324 -4.19 -5.80 35.74
N ARG E 325 -3.42 -6.72 35.18
CA ARG E 325 -3.31 -6.89 33.74
C ARG E 325 -3.29 -8.39 33.42
N TYR E 326 -2.90 -8.71 32.19
CA TYR E 326 -2.71 -10.07 31.73
C TYR E 326 -1.24 -10.31 31.47
N SER E 327 -0.64 -11.25 32.19
CA SER E 327 0.77 -11.57 32.04
C SER E 327 0.92 -12.77 31.11
N VAL E 328 1.77 -12.62 30.10
CA VAL E 328 2.06 -13.69 29.15
C VAL E 328 3.48 -14.19 29.43
N ASP E 329 3.61 -15.48 29.69
CA ASP E 329 4.88 -16.12 29.96
C ASP E 329 5.33 -16.90 28.73
N TYR E 330 6.43 -16.47 28.12
CA TYR E 330 6.94 -17.12 26.92
C TYR E 330 7.85 -18.31 27.21
N SER E 331 8.10 -18.62 28.49
CA SER E 331 8.84 -19.83 28.82
C SER E 331 7.99 -21.07 28.57
N LYS E 332 6.70 -20.99 28.88
CA LYS E 332 5.75 -22.06 28.61
C LYS E 332 5.20 -22.02 27.18
N PHE E 333 5.79 -21.19 26.32
CA PHE E 333 5.29 -21.06 24.95
C PHE E 333 5.32 -22.39 24.22
N GLY E 334 6.45 -23.07 24.23
CA GLY E 334 6.59 -24.38 23.62
C GLY E 334 6.41 -25.54 24.57
N ASN E 335 5.92 -25.32 25.78
CA ASN E 335 5.72 -26.41 26.72
C ASN E 335 4.39 -27.11 26.44
N THR E 336 4.33 -28.37 26.86
CA THR E 336 3.26 -29.27 26.45
C THR E 336 3.00 -30.29 27.54
N ILE E 337 1.73 -30.60 27.77
CA ILE E 337 1.32 -31.57 28.79
C ILE E 337 0.58 -32.71 28.12
N LYS E 338 0.68 -33.88 28.75
CA LYS E 338 0.01 -35.08 28.28
C LYS E 338 -1.49 -34.98 28.53
N VAL E 339 -2.28 -35.51 27.59
CA VAL E 339 -3.73 -35.51 27.73
C VAL E 339 -4.25 -36.91 27.38
N PRO E 340 -5.05 -37.54 28.23
CA PRO E 340 -5.60 -38.86 27.91
C PRO E 340 -6.67 -38.77 26.83
N THR E 341 -6.24 -38.65 25.57
CA THR E 341 -7.13 -38.59 24.42
C THR E 341 -6.96 -39.82 23.54
N PRO E 342 -8.03 -40.33 22.94
CA PRO E 342 -7.92 -41.53 22.11
C PRO E 342 -7.05 -41.28 20.87
N LEU E 343 -6.30 -42.31 20.50
CA LEU E 343 -5.37 -42.26 19.37
C LEU E 343 -5.93 -43.13 18.25
N CYS E 344 -6.34 -42.50 17.15
CA CYS E 344 -6.90 -43.22 16.01
C CYS E 344 -6.86 -42.30 14.79
N THR E 345 -7.08 -42.89 13.62
CA THR E 345 -7.05 -42.14 12.37
C THR E 345 -8.31 -41.31 12.21
N ALA E 346 -8.20 -40.20 11.49
CA ALA E 346 -9.32 -39.27 11.35
C ALA E 346 -10.46 -39.90 10.56
N ARG E 347 -10.14 -40.72 9.54
CA ARG E 347 -11.19 -41.45 8.83
C ARG E 347 -11.88 -42.44 9.75
N GLN E 348 -11.09 -43.25 10.47
CA GLN E 348 -11.67 -44.17 11.44
C GLN E 348 -12.34 -43.44 12.58
N LEU E 349 -11.84 -42.25 12.95
CA LEU E 349 -12.51 -41.46 13.99
C LEU E 349 -13.87 -40.98 13.52
N ASP E 350 -13.98 -40.58 12.25
CA ASP E 350 -15.27 -40.17 11.72
C ASP E 350 -16.22 -41.35 11.61
N GLU E 351 -15.69 -42.53 11.25
CA GLU E 351 -16.53 -43.73 11.22
C GLU E 351 -17.03 -44.08 12.62
N ASP E 352 -16.17 -43.93 13.63
CA ASP E 352 -16.59 -44.17 15.01
C ASP E 352 -17.58 -43.13 15.49
N ARG E 353 -17.46 -41.89 15.02
CA ARG E 353 -18.46 -40.86 15.33
C ARG E 353 -19.79 -41.19 14.68
N SER E 354 -19.76 -41.73 13.46
CA SER E 354 -20.98 -42.27 12.86
C SER E 354 -21.52 -43.44 13.67
N LEU E 355 -20.64 -44.19 14.33
CA LEU E 355 -21.06 -45.25 15.25
C LEU E 355 -21.23 -44.75 16.68
N LEU E 356 -20.75 -43.56 17.00
CA LEU E 356 -20.88 -43.00 18.35
C LEU E 356 -20.78 -41.48 18.33
N ASN F 24 59.48 16.39 -24.09
CA ASN F 24 58.43 16.35 -23.08
C ASN F 24 58.23 14.94 -22.54
N GLY F 25 59.29 14.36 -21.96
CA GLY F 25 59.22 12.99 -21.50
C GLY F 25 58.25 12.79 -20.36
N CYS F 26 58.33 13.65 -19.33
CA CYS F 26 57.42 13.55 -18.21
C CYS F 26 55.98 13.78 -18.62
N PHE F 27 55.76 14.61 -19.65
CA PHE F 27 54.41 14.80 -20.18
C PHE F 27 53.84 13.49 -20.70
N VAL F 28 54.61 12.77 -21.50
CA VAL F 28 54.15 11.49 -22.03
C VAL F 28 54.01 10.46 -20.91
N ASP F 29 54.87 10.54 -19.89
CA ASP F 29 54.74 9.63 -18.76
C ASP F 29 53.41 9.83 -18.03
N ALA F 30 53.04 11.08 -17.79
CA ALA F 30 51.75 11.37 -17.16
C ALA F 30 50.60 10.94 -18.06
N LEU F 31 50.73 11.18 -19.36
CA LEU F 31 49.71 10.76 -20.31
C LEU F 31 49.51 9.25 -20.28
N ASN F 32 50.58 8.49 -20.04
CA ASN F 32 50.46 7.05 -19.85
C ASN F 32 49.88 6.67 -18.50
N VAL F 33 50.15 7.47 -17.46
CA VAL F 33 49.61 7.18 -16.13
C VAL F 33 48.09 7.33 -16.11
N VAL F 34 47.54 8.25 -16.91
CA VAL F 34 46.11 8.57 -16.82
C VAL F 34 45.19 7.36 -17.00
N PRO F 35 45.29 6.57 -18.08
CA PRO F 35 44.27 5.53 -18.30
C PRO F 35 44.22 4.44 -17.24
N HIS F 36 45.39 4.06 -16.68
CA HIS F 36 45.38 3.10 -15.57
C HIS F 36 44.56 3.63 -14.41
N VAL F 37 44.68 4.94 -14.13
CA VAL F 37 43.88 5.56 -13.08
C VAL F 37 42.40 5.50 -13.44
N PHE F 38 42.06 5.76 -14.70
CA PHE F 38 40.66 5.69 -15.13
C PHE F 38 40.08 4.31 -14.84
N LEU F 39 40.78 3.25 -15.24
CA LEU F 39 40.25 1.90 -15.05
C LEU F 39 40.22 1.52 -13.57
N LEU F 40 41.28 1.84 -12.83
CA LEU F 40 41.32 1.54 -11.40
C LEU F 40 40.24 2.28 -10.63
N PHE F 41 39.74 3.40 -11.16
CA PHE F 41 38.67 4.10 -10.47
C PHE F 41 37.29 3.60 -10.88
N ILE F 42 37.12 3.19 -12.14
CA ILE F 42 35.82 2.63 -12.51
C ILE F 42 35.63 1.24 -11.89
N THR F 43 36.71 0.50 -11.66
CA THR F 43 36.57 -0.87 -11.19
C THR F 43 36.12 -0.96 -9.73
N PHE F 44 36.45 0.04 -8.91
CA PHE F 44 36.27 -0.10 -7.47
C PHE F 44 34.82 -0.11 -7.02
N PRO F 45 33.94 0.73 -7.60
CA PRO F 45 32.50 0.56 -7.27
C PRO F 45 31.98 -0.83 -7.59
N ILE F 46 32.25 -1.35 -8.79
CA ILE F 46 31.74 -2.65 -9.18
C ILE F 46 32.41 -3.76 -8.39
N LEU F 47 33.72 -3.63 -8.13
CA LEU F 47 34.43 -4.62 -7.33
C LEU F 47 33.91 -4.65 -5.89
N PHE F 48 33.52 -3.50 -5.34
CA PHE F 48 32.99 -3.46 -3.98
C PHE F 48 31.53 -3.90 -3.92
N ILE F 49 30.79 -3.74 -5.02
CA ILE F 49 29.46 -4.34 -5.10
C ILE F 49 29.57 -5.86 -5.14
N GLY F 50 30.50 -6.37 -5.95
CA GLY F 50 30.68 -7.81 -6.03
C GLY F 50 31.29 -8.43 -4.79
N TRP F 51 32.09 -7.66 -4.05
CA TRP F 51 32.70 -8.15 -2.82
C TRP F 51 31.82 -7.95 -1.60
N GLY F 52 31.01 -6.88 -1.57
CA GLY F 52 30.14 -6.62 -0.44
C GLY F 52 29.02 -7.63 -0.29
N SER F 63 25.50 -20.42 -9.54
CA SER F 63 26.77 -21.13 -9.70
C SER F 63 26.94 -21.64 -11.13
N THR F 64 26.99 -20.71 -12.09
CA THR F 64 27.17 -21.04 -13.50
C THR F 64 28.36 -20.27 -14.04
N TRP F 65 29.30 -20.98 -14.65
CA TRP F 65 30.51 -20.38 -15.19
C TRP F 65 30.37 -20.23 -16.70
N LEU F 66 30.37 -18.99 -17.17
CA LEU F 66 30.30 -18.68 -18.60
C LEU F 66 31.69 -18.32 -19.08
N HIS F 67 32.19 -19.03 -20.09
CA HIS F 67 33.49 -18.76 -20.66
C HIS F 67 33.35 -18.16 -22.05
N PHE F 68 34.23 -17.22 -22.37
CA PHE F 68 34.21 -16.51 -23.63
C PHE F 68 35.39 -16.94 -24.49
N PRO F 69 35.28 -16.85 -25.82
CA PRO F 69 36.42 -17.19 -26.69
C PRO F 69 37.62 -16.32 -26.37
N GLY F 70 38.78 -16.96 -26.26
CA GLY F 70 39.99 -16.23 -25.91
C GLY F 70 40.22 -16.04 -24.43
N HIS F 71 39.52 -16.80 -23.59
CA HIS F 71 39.71 -16.69 -22.15
C HIS F 71 41.12 -17.16 -21.75
N ASN F 72 41.49 -18.36 -22.18
CA ASN F 72 42.83 -18.87 -21.90
C ASN F 72 43.89 -17.96 -22.52
N LEU F 73 43.66 -17.53 -23.76
CA LEU F 73 44.58 -16.59 -24.40
C LEU F 73 44.67 -15.31 -23.60
N ARG F 74 43.54 -14.81 -23.09
CA ARG F 74 43.56 -13.58 -22.31
C ARG F 74 44.38 -13.74 -21.04
N TRP F 75 44.21 -14.86 -20.33
CA TRP F 75 44.98 -15.06 -19.10
C TRP F 75 46.46 -15.23 -19.39
N ILE F 76 46.80 -15.94 -20.47
CA ILE F 76 48.21 -16.06 -20.86
C ILE F 76 48.80 -14.68 -21.13
N LEU F 77 48.10 -13.87 -21.92
CA LEU F 77 48.58 -12.52 -22.22
C LEU F 77 48.68 -11.66 -20.97
N THR F 78 47.77 -11.86 -20.00
CA THR F 78 47.84 -11.08 -18.77
C THR F 78 49.07 -11.46 -17.96
N PHE F 79 49.42 -12.74 -17.92
CA PHE F 79 50.64 -13.13 -17.21
C PHE F 79 51.88 -12.59 -17.92
N ILE F 80 51.87 -12.58 -19.25
CA ILE F 80 52.99 -11.98 -19.98
C ILE F 80 53.08 -10.49 -19.68
N LEU F 81 51.93 -9.83 -19.53
CA LEU F 81 51.91 -8.43 -19.11
C LEU F 81 52.52 -8.26 -17.73
N LEU F 82 52.19 -9.15 -16.80
CA LEU F 82 52.79 -9.13 -15.47
C LEU F 82 54.30 -9.16 -15.56
N PHE F 83 54.83 -10.08 -16.38
CA PHE F 83 56.28 -10.19 -16.54
C PHE F 83 56.88 -8.90 -17.11
N VAL F 84 56.27 -8.36 -18.16
CA VAL F 84 56.82 -7.17 -18.79
C VAL F 84 56.75 -5.97 -17.84
N LEU F 85 55.73 -5.92 -16.98
CA LEU F 85 55.65 -4.83 -16.01
C LEU F 85 56.72 -4.97 -14.92
N VAL F 86 57.03 -6.21 -14.53
CA VAL F 86 58.16 -6.41 -13.64
C VAL F 86 59.45 -5.89 -14.28
N CYS F 87 59.63 -6.16 -15.58
CA CYS F 87 60.81 -5.66 -16.28
C CYS F 87 60.83 -4.13 -16.31
N GLU F 88 59.67 -3.51 -16.52
CA GLU F 88 59.60 -2.05 -16.53
C GLU F 88 59.93 -1.48 -15.16
N ILE F 89 59.50 -2.15 -14.08
CA ILE F 89 59.86 -1.69 -12.74
C ILE F 89 61.36 -1.79 -12.53
N ALA F 90 61.98 -2.87 -13.04
CA ALA F 90 63.43 -2.98 -12.97
C ALA F 90 64.11 -1.83 -13.71
N GLU F 91 63.60 -1.48 -14.89
CA GLU F 91 64.14 -0.34 -15.64
C GLU F 91 64.02 0.95 -14.84
N GLY F 92 62.84 1.19 -14.25
CA GLY F 92 62.65 2.39 -13.47
C GLY F 92 63.54 2.47 -12.25
N ILE F 93 63.85 1.33 -11.64
CA ILE F 93 64.80 1.31 -10.54
C ILE F 93 66.20 1.63 -11.04
N LEU F 94 66.58 1.08 -12.20
CA LEU F 94 67.90 1.35 -12.76
C LEU F 94 68.07 2.83 -13.11
N SER F 95 66.99 3.47 -13.58
CA SER F 95 67.09 4.87 -14.00
C SER F 95 67.26 5.79 -12.81
N ASP F 96 66.37 5.70 -11.83
CA ASP F 96 66.41 6.58 -10.66
C ASP F 96 67.65 6.30 -9.80
N HIS F 103 63.14 10.71 -9.35
CA HIS F 103 62.24 10.79 -10.49
C HIS F 103 61.11 9.76 -10.40
N LEU F 104 60.07 10.10 -9.63
CA LEU F 104 58.94 9.19 -9.49
C LEU F 104 58.13 9.10 -10.78
N HIS F 105 57.83 10.26 -11.37
CA HIS F 105 57.00 10.31 -12.57
C HIS F 105 57.61 9.59 -13.76
N LEU F 106 58.87 9.16 -13.67
CA LEU F 106 59.50 8.44 -14.76
C LEU F 106 59.34 6.93 -14.66
N TYR F 107 58.96 6.40 -13.50
CA TYR F 107 58.69 4.98 -13.35
C TYR F 107 57.31 4.67 -12.76
N MET F 108 56.48 5.69 -12.51
CA MET F 108 55.12 5.42 -12.07
C MET F 108 54.27 4.64 -13.08
N PRO F 109 54.41 4.83 -14.41
CA PRO F 109 53.56 4.06 -15.34
C PRO F 109 53.56 2.55 -15.13
N ALA F 110 54.73 1.97 -14.81
CA ALA F 110 54.77 0.52 -14.59
C ALA F 110 53.96 0.12 -13.37
N GLY F 111 54.15 0.83 -12.26
CA GLY F 111 53.39 0.53 -11.05
C GLY F 111 51.91 0.75 -11.22
N MET F 112 51.51 1.65 -12.13
CA MET F 112 50.09 1.84 -12.38
C MET F 112 49.53 0.74 -13.28
N ALA F 113 50.27 0.37 -14.34
CA ALA F 113 49.79 -0.69 -15.21
C ALA F 113 49.73 -2.02 -14.49
N PHE F 114 50.56 -2.21 -13.45
CA PHE F 114 50.48 -3.42 -12.64
C PHE F 114 49.09 -3.58 -12.01
N MET F 115 48.67 -2.57 -11.25
CA MET F 115 47.33 -2.60 -10.66
C MET F 115 46.25 -2.60 -11.72
N ALA F 116 46.52 -1.97 -12.88
CA ALA F 116 45.53 -1.99 -13.95
C ALA F 116 45.31 -3.40 -14.49
N ALA F 117 46.38 -4.17 -14.67
CA ALA F 117 46.23 -5.55 -15.13
C ALA F 117 45.60 -6.43 -14.07
N ILE F 118 45.95 -6.20 -12.80
CA ILE F 118 45.30 -6.96 -11.72
C ILE F 118 43.80 -6.67 -11.70
N THR F 119 43.43 -5.40 -11.90
CA THR F 119 42.03 -5.05 -11.87
C THR F 119 41.31 -5.53 -13.12
N SER F 120 42.00 -5.64 -14.25
CA SER F 120 41.41 -6.27 -15.42
C SER F 120 41.17 -7.76 -15.16
N VAL F 121 42.07 -8.40 -14.42
CA VAL F 121 41.83 -9.79 -14.01
C VAL F 121 40.59 -9.88 -13.13
N VAL F 122 40.47 -8.97 -12.16
CA VAL F 122 39.30 -8.97 -11.29
C VAL F 122 38.02 -8.71 -12.09
N TYR F 123 38.12 -7.83 -13.09
CA TYR F 123 36.98 -7.54 -13.95
C TYR F 123 36.57 -8.77 -14.74
N TYR F 124 37.53 -9.47 -15.33
CA TYR F 124 37.18 -10.65 -16.09
C TYR F 124 36.68 -11.78 -15.21
N HIS F 125 37.15 -11.83 -13.96
CA HIS F 125 36.58 -12.77 -13.00
C HIS F 125 35.11 -12.42 -12.71
N ASN F 126 34.83 -11.13 -12.51
CA ASN F 126 33.45 -10.68 -12.26
C ASN F 126 32.56 -10.84 -13.49
N ILE F 127 33.14 -10.88 -14.68
CA ILE F 127 32.36 -11.10 -15.90
C ILE F 127 32.14 -12.58 -16.16
N GLU F 128 33.14 -13.42 -15.87
CA GLU F 128 32.95 -14.86 -16.00
C GLU F 128 31.96 -15.38 -14.96
N THR F 129 31.94 -14.78 -13.76
CA THR F 129 30.97 -15.21 -12.77
C THR F 129 29.57 -14.68 -13.06
N SER F 130 29.46 -13.55 -13.76
CA SER F 130 28.17 -12.99 -14.16
C SER F 130 28.38 -12.16 -15.42
N ASN F 131 27.78 -12.58 -16.52
CA ASN F 131 28.04 -11.98 -17.82
C ASN F 131 27.33 -10.64 -17.96
N PHE F 132 27.97 -9.73 -18.71
CA PHE F 132 27.42 -8.42 -19.00
C PHE F 132 27.93 -7.97 -20.35
N PRO F 133 27.12 -7.26 -21.13
CA PRO F 133 27.60 -6.67 -22.38
C PRO F 133 28.28 -5.31 -22.20
N LYS F 134 28.24 -4.75 -21.00
CA LYS F 134 28.74 -3.41 -20.74
C LYS F 134 30.11 -3.38 -20.08
N LEU F 135 30.39 -4.32 -19.18
CA LEU F 135 31.73 -4.39 -18.59
C LEU F 135 32.77 -4.72 -19.64
N LEU F 136 32.40 -5.50 -20.66
CA LEU F 136 33.32 -5.76 -21.76
C LEU F 136 33.67 -4.48 -22.51
N ILE F 137 32.67 -3.62 -22.72
CA ILE F 137 32.93 -2.33 -23.36
C ILE F 137 33.80 -1.46 -22.46
N ALA F 138 33.57 -1.53 -21.14
CA ALA F 138 34.38 -0.77 -20.20
C ALA F 138 35.84 -1.21 -20.23
N LEU F 139 36.08 -2.49 -20.47
CA LEU F 139 37.47 -2.94 -20.64
C LEU F 139 38.02 -2.53 -22.00
N LEU F 140 37.18 -2.59 -23.04
CA LEU F 140 37.64 -2.28 -24.39
C LEU F 140 38.10 -0.82 -24.51
N ILE F 141 37.38 0.09 -23.86
CA ILE F 141 37.77 1.50 -23.89
C ILE F 141 39.16 1.70 -23.31
N TYR F 142 39.41 1.08 -22.15
CA TYR F 142 40.72 1.18 -21.52
C TYR F 142 41.82 0.58 -22.40
N TRP F 143 41.55 -0.57 -23.01
CA TRP F 143 42.54 -1.17 -23.91
C TRP F 143 42.90 -0.21 -25.04
N THR F 144 41.88 0.40 -25.65
CA THR F 144 42.13 1.33 -26.76
C THR F 144 42.98 2.52 -26.30
N LEU F 145 42.64 3.11 -25.15
CA LEU F 145 43.37 4.29 -24.68
C LEU F 145 44.83 3.95 -24.37
N ALA F 146 45.06 2.80 -23.74
CA ALA F 146 46.43 2.40 -23.44
C ALA F 146 47.22 2.16 -24.72
N PHE F 147 46.59 1.56 -25.74
CA PHE F 147 47.25 1.40 -27.02
C PHE F 147 47.67 2.74 -27.62
N ILE F 148 46.78 3.73 -27.54
CA ILE F 148 47.10 5.05 -28.09
C ILE F 148 48.30 5.65 -27.38
N THR F 149 48.31 5.61 -26.04
CA THR F 149 49.41 6.19 -25.29
C THR F 149 50.74 5.49 -25.63
N LYS F 150 50.72 4.16 -25.72
CA LYS F 150 51.94 3.44 -26.06
C LYS F 150 52.43 3.80 -27.46
N THR F 151 51.50 4.02 -28.40
CA THR F 151 51.89 4.43 -29.74
C THR F 151 52.60 5.79 -29.72
N ILE F 152 52.06 6.73 -28.93
CA ILE F 152 52.71 8.05 -28.83
C ILE F 152 54.12 7.89 -28.26
N LYS F 153 54.26 7.06 -27.21
CA LYS F 153 55.59 6.81 -26.65
C LYS F 153 56.55 6.27 -27.71
N PHE F 154 56.09 5.29 -28.49
CA PHE F 154 56.95 4.69 -29.50
C PHE F 154 57.39 5.69 -30.55
N VAL F 155 56.47 6.54 -31.00
CA VAL F 155 56.81 7.54 -32.02
C VAL F 155 57.86 8.51 -31.48
N LYS F 156 57.61 9.06 -30.28
CA LYS F 156 58.54 10.01 -29.72
C LYS F 156 59.90 9.38 -29.39
N PHE F 157 59.94 8.05 -29.17
CA PHE F 157 61.23 7.39 -29.01
C PHE F 157 61.94 7.19 -30.35
N TYR F 158 61.18 6.84 -31.40
CA TYR F 158 61.79 6.64 -32.71
C TYR F 158 62.37 7.93 -33.27
N ASP F 159 61.74 9.08 -32.96
CA ASP F 159 62.31 10.34 -33.45
C ASP F 159 63.69 10.61 -32.87
N HIS F 160 64.04 9.99 -31.74
CA HIS F 160 65.37 10.15 -31.16
C HIS F 160 66.26 8.95 -31.46
N LEU F 167 67.16 0.00 -24.12
CA LEU F 167 66.44 -1.00 -23.35
C LEU F 167 64.94 -0.70 -23.35
N ARG F 168 64.60 0.59 -23.28
CA ARG F 168 63.20 0.99 -23.23
C ARG F 168 62.45 0.53 -24.48
N PHE F 169 63.13 0.52 -25.63
CA PHE F 169 62.50 0.22 -26.91
C PHE F 169 61.81 -1.14 -26.89
N CYS F 170 62.53 -2.17 -26.42
CA CYS F 170 62.01 -3.53 -26.47
C CYS F 170 60.80 -3.71 -25.55
N LEU F 171 60.88 -3.19 -24.32
CA LEU F 171 59.76 -3.31 -23.39
C LEU F 171 58.53 -2.59 -23.91
N THR F 172 58.73 -1.38 -24.46
CA THR F 172 57.59 -0.64 -25.02
C THR F 172 56.95 -1.42 -26.17
N GLY F 173 57.77 -1.99 -27.06
CA GLY F 173 57.21 -2.76 -28.16
C GLY F 173 56.45 -3.98 -27.70
N LEU F 174 56.99 -4.70 -26.71
CA LEU F 174 56.29 -5.87 -26.19
C LEU F 174 54.95 -5.49 -25.57
N LEU F 175 54.92 -4.40 -24.81
CA LEU F 175 53.65 -3.94 -24.25
C LEU F 175 52.65 -3.60 -25.35
N VAL F 176 53.11 -2.92 -26.40
CA VAL F 176 52.24 -2.57 -27.52
C VAL F 176 51.63 -3.85 -28.12
N ILE F 177 52.46 -4.85 -28.37
CA ILE F 177 51.97 -6.08 -29.01
C ILE F 177 50.96 -6.79 -28.12
N LEU F 178 51.24 -6.87 -26.82
CA LEU F 178 50.31 -7.56 -25.92
C LEU F 178 48.97 -6.84 -25.83
N TYR F 179 49.00 -5.50 -25.72
CA TYR F 179 47.74 -4.76 -25.67
C TYR F 179 46.97 -4.90 -26.98
N GLY F 180 47.67 -4.95 -28.11
CA GLY F 180 46.98 -5.15 -29.38
C GLY F 180 46.32 -6.51 -29.49
N MET F 181 47.00 -7.56 -29.02
CA MET F 181 46.39 -8.89 -29.05
C MET F 181 45.19 -8.96 -28.11
N LEU F 182 45.26 -8.31 -26.95
CA LEU F 182 44.10 -8.28 -26.07
C LEU F 182 42.95 -7.50 -26.70
N LEU F 183 43.25 -6.43 -27.43
CA LEU F 183 42.23 -5.72 -28.18
C LEU F 183 41.58 -6.62 -29.22
N LEU F 184 42.38 -7.42 -29.93
CA LEU F 184 41.81 -8.35 -30.91
C LEU F 184 40.93 -9.40 -30.23
N VAL F 185 41.33 -9.84 -29.03
CA VAL F 185 40.49 -10.77 -28.29
C VAL F 185 39.16 -10.13 -27.93
N GLU F 186 39.19 -8.88 -27.49
CA GLU F 186 37.94 -8.18 -27.17
C GLU F 186 37.07 -8.00 -28.41
N VAL F 187 37.69 -7.71 -29.56
CA VAL F 187 36.94 -7.57 -30.80
C VAL F 187 36.32 -8.90 -31.20
N ASN F 188 37.05 -10.01 -31.01
CA ASN F 188 36.48 -11.32 -31.24
C ASN F 188 35.29 -11.56 -30.31
N VAL F 189 35.40 -11.13 -29.06
CA VAL F 189 34.32 -11.35 -28.08
C VAL F 189 33.06 -10.60 -28.50
N ILE F 190 33.21 -9.33 -28.91
CA ILE F 190 32.03 -8.58 -29.33
C ILE F 190 31.49 -9.13 -30.66
N ARG F 191 32.39 -9.57 -31.54
CA ARG F 191 31.94 -10.20 -32.79
C ARG F 191 31.15 -11.47 -32.52
N VAL F 192 31.44 -12.13 -31.40
CA VAL F 192 30.75 -13.36 -31.04
C VAL F 192 29.59 -13.08 -30.08
N ARG F 193 29.75 -12.05 -29.27
CA ARG F 193 28.71 -11.68 -28.30
C ARG F 193 27.73 -10.69 -28.91
N ARG F 194 26.86 -10.13 -28.08
CA ARG F 194 25.86 -9.18 -28.53
C ARG F 194 26.11 -7.80 -27.92
N TYR F 195 27.37 -7.48 -27.67
CA TYR F 195 27.73 -6.19 -27.09
C TYR F 195 27.16 -5.03 -27.91
N ILE F 196 27.59 -4.94 -29.17
CA ILE F 196 27.13 -3.88 -30.06
C ILE F 196 26.45 -4.47 -31.30
N PHE F 197 26.41 -5.79 -31.37
CA PHE F 197 25.80 -6.48 -32.50
C PHE F 197 24.28 -6.39 -32.40
N PHE F 198 23.56 -6.96 -33.36
CA PHE F 198 22.12 -6.71 -33.43
C PHE F 198 21.43 -7.23 -32.16
N LYS F 199 20.11 -7.09 -32.14
CA LYS F 199 19.31 -7.07 -30.91
C LYS F 199 19.71 -8.10 -29.86
N THR F 200 19.80 -9.36 -30.24
CA THR F 200 20.01 -10.41 -29.26
C THR F 200 21.35 -11.10 -29.51
N PRO F 201 21.97 -11.61 -28.43
CA PRO F 201 23.31 -12.21 -28.57
C PRO F 201 23.30 -13.66 -28.99
N ARG F 202 22.18 -14.37 -28.83
CA ARG F 202 22.11 -15.81 -29.02
C ARG F 202 23.15 -16.48 -28.13
N GLU F 203 22.98 -16.27 -26.82
CA GLU F 203 23.95 -16.67 -25.82
C GLU F 203 24.12 -18.19 -25.81
N VAL F 204 25.15 -18.64 -25.09
CA VAL F 204 25.59 -20.04 -25.17
C VAL F 204 24.80 -20.98 -24.26
N LYS F 205 23.94 -20.45 -23.38
CA LYS F 205 23.22 -21.30 -22.44
C LYS F 205 24.22 -22.08 -21.59
N PRO F 206 24.83 -21.43 -20.59
CA PRO F 206 26.09 -21.93 -19.98
C PRO F 206 26.13 -23.42 -19.81
N PRO F 207 27.29 -24.04 -20.03
CA PRO F 207 27.36 -25.50 -20.22
C PRO F 207 26.86 -26.27 -19.01
N GLU F 208 25.88 -27.14 -19.24
CA GLU F 208 25.39 -28.07 -18.23
C GLU F 208 26.25 -29.31 -18.11
N ASP F 209 27.35 -29.41 -18.88
CA ASP F 209 28.23 -30.55 -18.74
C ASP F 209 28.89 -30.58 -17.37
N LEU F 210 29.39 -29.43 -16.91
CA LEU F 210 30.09 -29.33 -15.62
C LEU F 210 29.37 -28.43 -14.63
N GLN F 211 28.15 -27.99 -14.94
CA GLN F 211 27.40 -27.10 -14.08
C GLN F 211 25.99 -27.59 -13.80
N ASP F 212 25.59 -28.74 -14.33
CA ASP F 212 24.25 -29.25 -14.05
C ASP F 212 24.21 -29.88 -12.66
N LEU F 213 23.29 -30.82 -12.47
CA LEU F 213 22.96 -31.43 -11.18
C LEU F 213 24.19 -31.97 -10.44
N GLY F 214 24.21 -31.97 -9.09
CA GLY F 214 25.45 -31.99 -8.31
C GLY F 214 26.68 -32.68 -8.87
N VAL F 215 27.74 -31.90 -9.14
CA VAL F 215 29.08 -32.38 -9.47
C VAL F 215 30.10 -31.61 -8.64
N ARG F 216 31.11 -32.31 -8.12
CA ARG F 216 32.07 -31.71 -7.18
C ARG F 216 33.47 -31.52 -7.75
N PHE F 217 33.98 -32.40 -8.60
CA PHE F 217 35.27 -32.30 -9.29
C PHE F 217 35.09 -31.49 -10.56
N LEU F 218 35.24 -30.17 -10.43
CA LEU F 218 35.17 -29.25 -11.54
C LEU F 218 36.60 -28.81 -11.90
N GLN F 219 37.28 -29.66 -12.64
CA GLN F 219 38.58 -29.23 -13.16
C GLN F 219 38.44 -28.47 -14.48
N PRO F 220 37.71 -28.99 -15.47
CA PRO F 220 37.67 -28.28 -16.77
C PRO F 220 36.87 -26.98 -16.75
N PHE F 221 36.21 -26.64 -15.65
CA PHE F 221 35.29 -25.51 -15.65
C PHE F 221 35.66 -24.43 -14.65
N VAL F 222 36.93 -24.01 -14.61
CA VAL F 222 37.39 -22.97 -13.68
C VAL F 222 38.33 -22.02 -14.42
N ASN F 223 38.73 -20.96 -13.71
CA ASN F 223 39.60 -19.92 -14.25
C ASN F 223 40.99 -20.48 -14.53
N LEU F 224 41.53 -20.14 -15.70
CA LEU F 224 42.77 -20.76 -16.16
C LEU F 224 43.93 -20.53 -15.21
N LEU F 225 43.79 -19.61 -14.26
CA LEU F 225 44.77 -19.51 -13.18
C LEU F 225 44.58 -20.65 -12.18
N SER F 226 43.33 -20.92 -11.80
CA SER F 226 43.08 -22.01 -10.86
C SER F 226 43.30 -23.37 -11.52
N LYS F 227 43.08 -23.48 -12.84
CA LYS F 227 43.47 -24.70 -13.53
C LYS F 227 44.95 -25.03 -13.32
N GLY F 228 45.75 -24.03 -12.96
CA GLY F 228 47.15 -24.25 -12.66
C GLY F 228 47.44 -24.38 -11.18
N THR F 229 46.85 -23.51 -10.35
CA THR F 229 47.16 -23.47 -8.93
C THR F 229 46.13 -24.21 -8.06
N TYR F 230 45.14 -24.85 -8.67
CA TYR F 230 44.21 -25.73 -7.97
C TYR F 230 43.51 -25.02 -6.82
N TRP F 231 43.12 -23.76 -7.07
CA TRP F 231 42.50 -22.98 -6.00
C TRP F 231 41.11 -23.49 -5.63
N TRP F 232 40.44 -24.15 -6.57
CA TRP F 232 39.11 -24.68 -6.30
C TRP F 232 39.11 -25.77 -5.23
N MET F 233 40.28 -26.31 -4.88
CA MET F 233 40.36 -27.34 -3.86
C MET F 233 40.34 -26.78 -2.43
N ASN F 234 40.45 -25.46 -2.27
CA ASN F 234 40.42 -24.88 -0.93
C ASN F 234 39.10 -25.22 -0.24
N ALA F 235 37.99 -25.02 -0.93
CA ALA F 235 36.69 -25.29 -0.33
C ALA F 235 36.55 -26.76 0.02
N PHE F 236 36.89 -27.64 -0.92
CA PHE F 236 36.78 -29.08 -0.67
C PHE F 236 37.60 -29.48 0.55
N ILE F 237 38.86 -29.06 0.60
CA ILE F 237 39.73 -29.51 1.69
C ILE F 237 39.28 -28.91 3.02
N LYS F 238 38.78 -27.68 3.02
CA LYS F 238 38.31 -27.10 4.28
C LYS F 238 37.07 -27.83 4.77
N THR F 239 36.12 -28.12 3.88
CA THR F 239 34.96 -28.89 4.30
C THR F 239 35.36 -30.29 4.74
N ALA F 240 36.37 -30.87 4.08
CA ALA F 240 36.82 -32.21 4.40
C ALA F 240 37.44 -32.28 5.79
N HIS F 241 38.07 -31.19 6.24
CA HIS F 241 38.64 -31.19 7.59
C HIS F 241 37.60 -31.53 8.64
N LYS F 242 36.38 -31.00 8.49
CA LYS F 242 35.34 -31.16 9.50
C LYS F 242 34.54 -32.44 9.29
N LYS F 243 33.91 -32.59 8.13
CA LYS F 243 32.99 -33.69 7.87
C LYS F 243 33.70 -34.80 7.11
N PRO F 244 33.55 -36.07 7.50
CA PRO F 244 34.26 -37.15 6.81
C PRO F 244 33.76 -37.34 5.39
N ILE F 245 34.69 -37.41 4.44
CA ILE F 245 34.34 -37.54 3.04
C ILE F 245 33.75 -38.91 2.76
N ASP F 246 32.84 -38.96 1.79
CA ASP F 246 32.30 -40.23 1.31
C ASP F 246 31.81 -40.03 -0.11
N LEU F 247 31.29 -41.11 -0.70
CA LEU F 247 30.81 -41.04 -2.07
C LEU F 247 29.58 -40.14 -2.20
N ARG F 248 28.82 -39.98 -1.13
CA ARG F 248 27.74 -39.00 -1.14
C ARG F 248 28.26 -37.59 -1.01
N ALA F 249 29.37 -37.40 -0.29
CA ALA F 249 30.03 -36.11 -0.19
C ALA F 249 30.97 -35.83 -1.35
N ILE F 250 31.21 -36.82 -2.20
CA ILE F 250 32.09 -36.67 -3.35
C ILE F 250 31.23 -36.32 -4.56
N GLY F 251 31.87 -35.80 -5.60
CA GLY F 251 31.17 -35.43 -6.81
C GLY F 251 30.90 -36.60 -7.73
N LYS F 252 30.59 -36.29 -8.98
CA LYS F 252 30.45 -37.27 -10.04
C LYS F 252 31.24 -36.79 -11.24
N LEU F 253 31.84 -37.73 -11.98
CA LEU F 253 32.80 -37.35 -13.00
C LEU F 253 32.13 -36.57 -14.12
N PRO F 254 32.80 -35.56 -14.66
CA PRO F 254 32.20 -34.79 -15.77
C PRO F 254 32.04 -35.66 -17.01
N ILE F 255 31.23 -35.13 -17.95
CA ILE F 255 31.04 -35.79 -19.23
C ILE F 255 32.34 -35.87 -20.02
N ALA F 256 33.32 -35.04 -19.66
CA ALA F 256 34.61 -35.04 -20.37
C ALA F 256 35.43 -36.28 -20.08
N MET F 257 35.10 -37.04 -19.03
CA MET F 257 35.91 -38.20 -18.64
C MET F 257 34.99 -39.19 -17.92
N ARG F 258 34.56 -40.21 -18.65
CA ARG F 258 33.76 -41.29 -18.10
C ARG F 258 34.28 -42.59 -18.68
N ALA F 259 33.56 -43.67 -18.40
CA ALA F 259 33.79 -44.90 -19.14
C ALA F 259 33.31 -44.75 -20.58
N LEU F 260 32.14 -44.14 -20.77
CA LEU F 260 31.55 -44.03 -22.09
C LEU F 260 32.37 -43.13 -23.01
N THR F 261 32.83 -41.98 -22.51
CA THR F 261 33.56 -41.04 -23.36
C THR F 261 34.88 -41.64 -23.85
N ASN F 262 35.70 -42.13 -22.92
CA ASN F 262 36.98 -42.70 -23.30
C ASN F 262 36.79 -43.97 -24.13
N TYR F 263 35.80 -44.79 -23.78
CA TYR F 263 35.52 -45.95 -24.60
C TYR F 263 35.11 -45.56 -26.01
N GLN F 264 34.36 -44.47 -26.14
CA GLN F 264 33.91 -44.01 -27.45
C GLN F 264 35.09 -43.56 -28.29
N ARG F 265 35.96 -42.72 -27.72
CA ARG F 265 37.13 -42.27 -28.47
C ARG F 265 38.04 -43.42 -28.84
N LEU F 266 38.27 -44.35 -27.90
CA LEU F 266 39.16 -45.47 -28.19
C LEU F 266 38.56 -46.40 -29.25
N CYS F 267 37.26 -46.66 -29.19
CA CYS F 267 36.66 -47.54 -30.19
C CYS F 267 36.58 -46.86 -31.55
N VAL F 268 36.43 -45.54 -31.58
CA VAL F 268 36.47 -44.82 -32.86
C VAL F 268 37.86 -44.94 -33.49
N ALA F 269 38.92 -44.76 -32.68
CA ALA F 269 40.27 -44.90 -33.23
C ALA F 269 40.54 -46.35 -33.66
N PHE F 270 40.12 -47.32 -32.84
CA PHE F 270 40.30 -48.72 -33.20
C PHE F 270 39.55 -49.07 -34.48
N ASP F 271 38.36 -48.48 -34.66
CA ASP F 271 37.57 -48.72 -35.86
C ASP F 271 38.26 -48.12 -37.08
N ALA F 272 38.70 -46.87 -36.99
CA ALA F 272 39.36 -46.21 -38.11
C ALA F 272 40.68 -46.91 -38.46
N GLN F 273 41.31 -47.57 -37.49
CA GLN F 273 42.55 -48.29 -37.77
C GLN F 273 42.32 -49.71 -38.29
N ALA F 274 41.25 -50.38 -37.83
CA ALA F 274 40.97 -51.74 -38.25
C ALA F 274 40.23 -51.81 -39.58
N ARG F 275 39.53 -50.74 -39.96
CA ARG F 275 38.91 -50.69 -41.28
C ARG F 275 39.96 -50.60 -42.39
N LYS F 276 41.19 -50.23 -42.05
CA LYS F 276 42.28 -50.14 -43.02
C LYS F 276 43.16 -51.39 -43.02
N ASP F 277 42.76 -52.44 -42.32
CA ASP F 277 43.52 -53.69 -42.31
C ASP F 277 43.50 -54.37 -43.67
N GLY F 283 46.06 -56.82 -33.77
CA GLY F 283 47.49 -56.61 -33.84
C GLY F 283 48.02 -55.71 -32.74
N ALA F 284 49.29 -55.91 -32.38
CA ALA F 284 49.88 -55.13 -31.30
C ALA F 284 50.16 -53.69 -31.73
N ARG F 285 50.88 -53.52 -32.84
CA ARG F 285 51.17 -52.18 -33.35
C ARG F 285 49.87 -51.43 -33.68
N ALA F 286 48.85 -52.15 -34.15
CA ALA F 286 47.58 -51.51 -34.47
C ALA F 286 46.92 -50.91 -33.23
N ILE F 287 46.79 -51.73 -32.17
CA ILE F 287 46.21 -51.24 -30.92
C ILE F 287 47.05 -50.10 -30.35
N TRP F 288 48.37 -50.21 -30.48
CA TRP F 288 49.24 -49.14 -29.98
C TRP F 288 48.93 -47.82 -30.69
N ARG F 289 49.04 -47.81 -32.02
CA ARG F 289 48.74 -46.60 -32.78
C ARG F 289 47.32 -46.11 -32.54
N ALA F 290 46.39 -47.03 -32.30
CA ALA F 290 45.01 -46.62 -32.00
C ALA F 290 44.96 -45.83 -30.71
N LEU F 291 45.59 -46.35 -29.64
CA LEU F 291 45.67 -45.60 -28.38
C LEU F 291 46.35 -44.25 -28.59
N CYS F 292 47.42 -44.24 -29.37
CA CYS F 292 48.17 -43.02 -29.61
C CYS F 292 47.30 -41.95 -30.26
N HIS F 293 46.68 -42.29 -31.38
CA HIS F 293 45.81 -41.35 -32.08
C HIS F 293 44.56 -41.02 -31.29
N ALA F 294 44.16 -41.89 -30.37
CA ALA F 294 42.95 -41.63 -29.58
C ALA F 294 43.21 -40.66 -28.45
N PHE F 295 44.39 -40.72 -27.82
CA PHE F 295 44.67 -39.85 -26.69
C PHE F 295 45.50 -38.62 -27.05
N GLY F 296 46.09 -38.60 -28.24
CA GLY F 296 46.43 -37.36 -28.92
C GLY F 296 46.95 -36.17 -28.14
N ARG F 297 46.18 -35.08 -28.21
CA ARG F 297 46.72 -33.75 -27.91
C ARG F 297 47.11 -33.59 -26.45
N ARG F 298 46.37 -34.23 -25.54
CA ARG F 298 46.61 -34.02 -24.12
C ARG F 298 48.02 -34.46 -23.72
N LEU F 299 48.46 -35.61 -24.24
CA LEU F 299 49.76 -36.14 -23.86
C LEU F 299 50.89 -35.25 -24.33
N ILE F 300 50.83 -34.78 -25.58
CA ILE F 300 51.89 -33.93 -26.10
C ILE F 300 51.85 -32.56 -25.42
N LEU F 301 50.66 -32.08 -25.06
CA LEU F 301 50.56 -30.84 -24.30
C LEU F 301 51.27 -30.96 -22.97
N SER F 302 51.02 -32.06 -22.24
CA SER F 302 51.73 -32.30 -21.00
C SER F 302 53.24 -32.36 -21.24
N SER F 303 53.66 -33.04 -22.30
CA SER F 303 55.09 -33.19 -22.57
C SER F 303 55.75 -31.85 -22.83
N THR F 304 55.07 -30.95 -23.53
CA THR F 304 55.70 -29.67 -23.85
C THR F 304 55.70 -28.73 -22.63
N PHE F 305 54.62 -28.74 -21.84
CA PHE F 305 54.69 -28.12 -20.52
C PHE F 305 55.95 -28.58 -19.78
N ARG F 306 56.17 -29.90 -19.80
CA ARG F 306 57.27 -30.49 -19.05
C ARG F 306 58.63 -30.01 -19.57
N ILE F 307 58.80 -29.97 -20.89
CA ILE F 307 60.11 -29.57 -21.42
C ILE F 307 60.38 -28.10 -21.15
N LEU F 308 59.35 -27.24 -21.23
CA LEU F 308 59.57 -25.83 -20.91
C LEU F 308 59.95 -25.65 -19.45
N ALA F 309 59.28 -26.40 -18.55
CA ALA F 309 59.66 -26.36 -17.15
C ALA F 309 61.10 -26.81 -16.95
N ASP F 310 61.51 -27.87 -17.65
CA ASP F 310 62.88 -28.35 -17.54
C ASP F 310 63.89 -27.28 -17.97
N LEU F 311 63.57 -26.57 -19.05
CA LEU F 311 64.44 -25.49 -19.51
C LEU F 311 64.60 -24.42 -18.43
N LEU F 312 63.49 -23.94 -17.88
CA LEU F 312 63.58 -22.89 -16.86
C LEU F 312 64.32 -23.38 -15.61
N GLY F 313 64.16 -24.66 -15.27
CA GLY F 313 64.88 -25.21 -14.14
C GLY F 313 66.38 -25.26 -14.36
N PHE F 314 66.79 -25.63 -15.57
CA PHE F 314 68.21 -25.50 -15.92
C PHE F 314 68.65 -24.04 -15.95
N ALA F 315 67.71 -23.12 -16.14
CA ALA F 315 68.07 -21.70 -16.21
C ALA F 315 68.33 -21.07 -14.85
N GLY F 316 67.61 -21.48 -13.81
CA GLY F 316 67.76 -20.88 -12.49
C GLY F 316 69.18 -20.68 -11.97
N PRO F 317 69.95 -21.78 -11.89
CA PRO F 317 71.32 -21.68 -11.37
C PRO F 317 72.21 -20.69 -12.11
N LEU F 318 71.94 -20.42 -13.40
CA LEU F 318 72.80 -19.48 -14.12
C LEU F 318 72.59 -18.06 -13.62
N CYS F 319 71.36 -17.68 -13.31
CA CYS F 319 71.14 -16.36 -12.72
C CYS F 319 71.66 -16.31 -11.31
N ILE F 320 71.63 -17.43 -10.58
CA ILE F 320 72.37 -17.49 -9.32
C ILE F 320 73.84 -17.14 -9.54
N PHE F 321 74.45 -17.78 -10.54
CA PHE F 321 75.86 -17.54 -10.88
C PHE F 321 76.10 -16.07 -11.20
N GLY F 322 75.21 -15.47 -11.99
CA GLY F 322 75.36 -14.07 -12.34
C GLY F 322 75.31 -13.16 -11.11
N ILE F 323 74.36 -13.41 -10.21
CA ILE F 323 74.30 -12.64 -8.97
C ILE F 323 75.61 -12.76 -8.21
N VAL F 324 76.08 -13.99 -8.04
CA VAL F 324 77.31 -14.21 -7.26
C VAL F 324 78.48 -13.46 -7.89
N ASP F 325 78.52 -13.43 -9.23
CA ASP F 325 79.58 -12.69 -9.90
C ASP F 325 79.46 -11.19 -9.63
N HIS F 326 78.25 -10.65 -9.77
CA HIS F 326 78.08 -9.19 -9.71
C HIS F 326 78.52 -8.64 -8.35
N LEU F 327 78.18 -9.33 -7.26
CA LEU F 327 78.49 -8.79 -5.94
C LEU F 327 79.98 -8.88 -5.63
N GLY F 328 80.66 -9.92 -6.12
CA GLY F 328 82.09 -10.04 -5.89
C GLY F 328 82.91 -8.96 -6.57
N LYS F 329 82.39 -8.37 -7.62
CA LYS F 329 83.13 -7.38 -8.39
C LYS F 329 82.43 -6.03 -8.34
N ASN F 354 72.55 -4.49 -10.69
CA ASN F 354 72.16 -5.45 -11.71
C ASN F 354 71.86 -6.80 -11.07
N ALA F 355 71.67 -6.79 -9.76
CA ALA F 355 71.46 -8.02 -9.01
C ALA F 355 70.05 -8.16 -8.44
N TYR F 356 69.43 -7.07 -8.00
CA TYR F 356 68.04 -7.14 -7.55
C TYR F 356 67.14 -7.64 -8.69
N VAL F 357 67.42 -7.18 -9.91
CA VAL F 357 66.67 -7.63 -11.08
C VAL F 357 66.81 -9.14 -11.24
N LEU F 358 68.04 -9.64 -11.10
CA LEU F 358 68.26 -11.08 -11.20
C LEU F 358 67.56 -11.84 -10.10
N ALA F 359 67.46 -11.24 -8.90
CA ALA F 359 66.77 -11.91 -7.80
C ALA F 359 65.28 -12.04 -8.07
N VAL F 360 64.64 -10.95 -8.49
CA VAL F 360 63.21 -11.04 -8.78
C VAL F 360 62.95 -11.93 -9.99
N LEU F 361 63.86 -11.92 -10.97
CA LEU F 361 63.72 -12.83 -12.10
C LEU F 361 63.84 -14.28 -11.65
N LEU F 362 64.73 -14.55 -10.71
CA LEU F 362 64.86 -15.90 -10.15
C LEU F 362 63.56 -16.32 -9.46
N PHE F 363 62.98 -15.41 -8.69
CA PHE F 363 61.69 -15.70 -8.05
C PHE F 363 60.63 -16.06 -9.07
N LEU F 364 60.48 -15.21 -10.10
CA LEU F 364 59.48 -15.45 -11.13
C LEU F 364 59.72 -16.77 -11.86
N ALA F 365 60.98 -17.03 -12.22
CA ALA F 365 61.30 -18.24 -12.97
C ALA F 365 61.06 -19.49 -12.14
N LEU F 366 61.40 -19.44 -10.85
CA LEU F 366 61.10 -20.57 -9.98
C LEU F 366 59.62 -20.87 -9.95
N LEU F 367 58.81 -19.84 -9.64
CA LEU F 367 57.37 -20.09 -9.52
C LEU F 367 56.78 -20.60 -10.83
N LEU F 368 57.19 -20.01 -11.96
CA LEU F 368 56.63 -20.42 -13.26
C LEU F 368 57.06 -21.83 -13.63
N GLN F 369 58.35 -22.14 -13.46
CA GLN F 369 58.84 -23.47 -13.77
C GLN F 369 58.10 -24.53 -12.97
N ARG F 370 57.96 -24.32 -11.66
CA ARG F 370 57.32 -25.33 -10.84
C ARG F 370 55.82 -25.44 -11.16
N THR F 371 55.17 -24.31 -11.46
CA THR F 371 53.76 -24.37 -11.84
C THR F 371 53.58 -25.18 -13.11
N PHE F 372 54.44 -24.96 -14.11
CA PHE F 372 54.33 -25.71 -15.36
C PHE F 372 54.63 -27.19 -15.15
N LEU F 373 55.61 -27.50 -14.30
CA LEU F 373 55.90 -28.89 -13.96
C LEU F 373 54.66 -29.58 -13.39
N GLN F 374 53.98 -28.90 -12.46
CA GLN F 374 52.82 -29.50 -11.80
C GLN F 374 51.66 -29.67 -12.76
N ALA F 375 51.38 -28.66 -13.58
CA ALA F 375 50.34 -28.81 -14.59
C ALA F 375 50.65 -29.98 -15.52
N SER F 376 51.93 -30.16 -15.86
CA SER F 376 52.33 -31.29 -16.69
C SER F 376 51.99 -32.62 -16.01
N TYR F 377 52.42 -32.77 -14.75
CA TYR F 377 52.10 -33.98 -14.00
C TYR F 377 50.60 -34.26 -14.05
N TYR F 378 49.79 -33.25 -13.75
CA TYR F 378 48.35 -33.49 -13.65
C TYR F 378 47.75 -33.90 -14.98
N VAL F 379 48.12 -33.21 -16.06
CA VAL F 379 47.55 -33.53 -17.36
C VAL F 379 47.92 -34.96 -17.76
N ALA F 380 49.17 -35.36 -17.49
CA ALA F 380 49.58 -36.72 -17.78
C ALA F 380 48.77 -37.73 -16.95
N ILE F 381 48.59 -37.45 -15.66
CA ILE F 381 47.86 -38.38 -14.80
C ILE F 381 46.43 -38.53 -15.29
N GLU F 382 45.82 -37.44 -15.72
CA GLU F 382 44.43 -37.51 -16.16
C GLU F 382 44.31 -38.28 -17.47
N THR F 383 45.24 -38.07 -18.40
CA THR F 383 45.25 -38.89 -19.61
C THR F 383 45.39 -40.36 -19.27
N GLY F 384 46.25 -40.68 -18.30
CA GLY F 384 46.41 -42.07 -17.89
C GLY F 384 45.15 -42.66 -17.28
N ILE F 385 44.45 -41.89 -16.46
CA ILE F 385 43.22 -42.38 -15.85
C ILE F 385 42.15 -42.62 -16.92
N ASN F 386 42.05 -41.69 -17.87
CA ASN F 386 41.18 -41.90 -19.01
C ASN F 386 41.50 -43.23 -19.70
N LEU F 387 42.79 -43.45 -19.99
CA LEU F 387 43.20 -44.66 -20.70
C LEU F 387 42.85 -45.91 -19.92
N ARG F 388 43.05 -45.88 -18.59
CA ARG F 388 42.72 -47.05 -17.78
C ARG F 388 41.23 -47.36 -17.86
N GLY F 389 40.39 -46.35 -17.62
CA GLY F 389 38.95 -46.56 -17.74
C GLY F 389 38.56 -47.11 -19.10
N ALA F 390 39.15 -46.55 -20.16
CA ALA F 390 38.80 -46.94 -21.52
C ALA F 390 39.15 -48.40 -21.78
N ILE F 391 40.41 -48.77 -21.57
CA ILE F 391 40.81 -50.14 -21.91
C ILE F 391 40.16 -51.13 -20.96
N GLN F 392 39.81 -50.71 -19.74
CA GLN F 392 39.12 -51.61 -18.82
C GLN F 392 37.72 -51.93 -19.33
N THR F 393 36.94 -50.90 -19.66
CA THR F 393 35.60 -51.18 -20.18
C THR F 393 35.68 -51.89 -21.53
N LYS F 394 36.75 -51.67 -22.29
CA LYS F 394 36.89 -52.36 -23.58
C LYS F 394 37.12 -53.85 -23.38
N ILE F 395 38.07 -54.22 -22.50
CA ILE F 395 38.30 -55.64 -22.25
C ILE F 395 37.15 -56.27 -21.52
N TYR F 396 36.29 -55.48 -20.86
CA TYR F 396 35.06 -56.06 -20.33
C TYR F 396 34.04 -56.28 -21.43
N ASN F 397 33.98 -55.38 -22.42
CA ASN F 397 33.12 -55.60 -23.57
C ASN F 397 33.54 -56.85 -24.32
N LYS F 398 34.85 -57.10 -24.40
CA LYS F 398 35.35 -58.32 -25.02
C LYS F 398 35.01 -59.56 -24.21
N ILE F 399 34.87 -59.42 -22.90
CA ILE F 399 34.56 -60.56 -22.03
C ILE F 399 33.17 -61.12 -22.34
N MET F 400 32.33 -60.35 -23.02
CA MET F 400 30.97 -60.80 -23.32
C MET F 400 30.91 -61.73 -24.53
N HIS F 401 31.79 -61.52 -25.51
CA HIS F 401 31.72 -62.25 -26.77
C HIS F 401 32.66 -63.44 -26.84
N LEU F 402 33.43 -63.70 -25.79
CA LEU F 402 34.40 -64.78 -25.84
C LEU F 402 33.72 -66.14 -25.71
N SER F 403 34.44 -67.18 -26.13
CA SER F 403 33.91 -68.53 -26.16
C SER F 403 34.26 -69.27 -24.87
N THR F 404 33.49 -70.31 -24.58
CA THR F 404 33.62 -71.03 -23.32
C THR F 404 34.83 -71.94 -23.28
N SER F 405 35.34 -72.38 -24.44
CA SER F 405 36.50 -73.28 -24.46
C SER F 405 37.77 -72.60 -23.98
N ASN F 406 37.86 -71.28 -24.05
CA ASN F 406 39.06 -70.56 -23.66
C ASN F 406 39.00 -70.14 -22.19
N GLU F 411 39.49 -71.47 -15.65
CA GLU F 411 40.25 -71.47 -14.41
C GLU F 411 41.53 -70.67 -14.55
N MET F 412 42.45 -71.17 -15.39
CA MET F 412 43.69 -70.44 -15.63
C MET F 412 43.44 -69.17 -16.44
N THR F 413 42.52 -69.24 -17.41
CA THR F 413 42.19 -68.04 -18.19
C THR F 413 41.50 -67.00 -17.33
N ALA F 414 40.72 -67.43 -16.32
CA ALA F 414 40.08 -66.46 -15.43
C ALA F 414 41.11 -65.73 -14.57
N GLY F 415 42.06 -66.47 -14.00
CA GLY F 415 43.13 -65.84 -13.25
C GLY F 415 43.97 -64.93 -14.12
N GLN F 416 44.23 -65.35 -15.36
CA GLN F 416 44.98 -64.50 -16.29
C GLN F 416 44.19 -63.25 -16.65
N ILE F 417 42.86 -63.35 -16.74
CA ILE F 417 42.03 -62.19 -17.03
C ILE F 417 42.09 -61.21 -15.87
N CYS F 418 41.92 -61.71 -14.63
CA CYS F 418 41.90 -60.81 -13.49
C CYS F 418 43.29 -60.26 -13.15
N ASN F 419 44.36 -60.95 -13.54
CA ASN F 419 45.67 -60.31 -13.50
C ASN F 419 45.82 -59.31 -14.64
N LEU F 420 45.15 -59.56 -15.76
CA LEU F 420 45.18 -58.62 -16.87
C LEU F 420 44.49 -57.30 -16.50
N VAL F 421 43.72 -57.29 -15.42
CA VAL F 421 43.09 -56.06 -14.94
C VAL F 421 43.77 -55.52 -13.70
N ALA F 422 44.40 -56.37 -12.90
CA ALA F 422 44.96 -55.95 -11.62
C ALA F 422 46.43 -55.50 -11.72
N ILE F 423 47.21 -56.08 -12.62
CA ILE F 423 48.62 -55.72 -12.77
C ILE F 423 48.92 -55.19 -14.16
N ASP F 424 48.36 -55.79 -15.21
CA ASP F 424 48.68 -55.35 -16.57
C ASP F 424 48.13 -53.95 -16.84
N THR F 425 46.87 -53.70 -16.45
CA THR F 425 46.28 -52.38 -16.67
C THR F 425 46.96 -51.32 -15.82
N ASN F 426 47.32 -51.64 -14.57
CA ASN F 426 48.05 -50.69 -13.76
C ASN F 426 49.42 -50.39 -14.35
N GLN F 427 50.08 -51.40 -14.91
CA GLN F 427 51.35 -51.17 -15.60
C GLN F 427 51.16 -50.22 -16.78
N LEU F 428 50.15 -50.49 -17.60
CA LEU F 428 49.85 -49.61 -18.73
C LEU F 428 49.64 -48.17 -18.26
N MET F 429 48.82 -47.99 -17.23
CA MET F 429 48.46 -46.64 -16.79
C MET F 429 49.66 -45.93 -16.17
N TRP F 430 50.47 -46.62 -15.40
CA TRP F 430 51.64 -45.99 -14.80
C TRP F 430 52.70 -45.66 -15.86
N PHE F 431 52.80 -46.52 -16.88
CA PHE F 431 53.65 -46.18 -18.02
C PHE F 431 53.14 -44.93 -18.73
N PHE F 432 51.82 -44.77 -18.82
CA PHE F 432 51.30 -43.55 -19.42
C PHE F 432 51.52 -42.34 -18.52
N PHE F 433 51.56 -42.55 -17.20
CA PHE F 433 52.05 -41.50 -16.31
C PHE F 433 53.46 -41.07 -16.71
N LEU F 434 54.36 -42.03 -16.84
CA LEU F 434 55.77 -41.74 -17.05
C LEU F 434 56.14 -41.46 -18.51
N CYS F 435 55.20 -41.54 -19.44
CA CYS F 435 55.49 -41.26 -20.85
C CYS F 435 56.15 -39.91 -21.09
N PRO F 436 55.61 -38.77 -20.61
CA PRO F 436 56.28 -37.49 -20.92
C PRO F 436 57.64 -37.35 -20.27
N ASN F 437 57.86 -38.01 -19.13
CA ASN F 437 59.19 -38.00 -18.53
C ASN F 437 60.22 -38.63 -19.45
N LEU F 438 59.83 -39.65 -20.22
CA LEU F 438 60.77 -40.30 -21.13
C LEU F 438 61.18 -39.37 -22.27
N TRP F 439 60.30 -38.44 -22.66
CA TRP F 439 60.68 -37.45 -23.67
C TRP F 439 61.47 -36.31 -23.07
N ALA F 440 61.18 -35.93 -21.83
CA ALA F 440 61.82 -34.77 -21.22
C ALA F 440 63.15 -35.06 -20.54
N MET F 441 63.47 -36.33 -20.28
CA MET F 441 64.74 -36.65 -19.63
C MET F 441 65.95 -36.36 -20.51
N PRO F 442 66.00 -36.80 -21.78
CA PRO F 442 67.22 -36.57 -22.58
C PRO F 442 67.57 -35.10 -22.74
N VAL F 443 66.58 -34.24 -23.02
CA VAL F 443 66.87 -32.83 -23.17
C VAL F 443 67.39 -32.25 -21.85
N GLN F 444 66.91 -32.77 -20.72
CA GLN F 444 67.37 -32.30 -19.43
C GLN F 444 68.84 -32.63 -19.22
N ILE F 445 69.23 -33.89 -19.45
CA ILE F 445 70.63 -34.24 -19.23
C ILE F 445 71.54 -33.55 -20.24
N ILE F 446 71.06 -33.34 -21.48
CA ILE F 446 71.87 -32.67 -22.49
C ILE F 446 72.12 -31.21 -22.11
N VAL F 447 71.05 -30.48 -21.76
CA VAL F 447 71.21 -29.09 -21.33
C VAL F 447 72.09 -29.02 -20.10
N GLY F 448 71.93 -29.97 -19.16
CA GLY F 448 72.77 -29.97 -17.97
C GLY F 448 74.25 -30.10 -18.30
N VAL F 449 74.60 -31.08 -19.15
CA VAL F 449 76.01 -31.29 -19.44
C VAL F 449 76.59 -30.12 -20.22
N ILE F 450 75.85 -29.58 -21.19
CA ILE F 450 76.40 -28.47 -21.98
C ILE F 450 76.54 -27.22 -21.11
N LEU F 451 75.62 -27.01 -20.17
CA LEU F 451 75.72 -25.85 -19.30
C LEU F 451 76.89 -25.97 -18.34
N LEU F 452 77.06 -27.14 -17.72
CA LEU F 452 78.16 -27.30 -16.79
C LEU F 452 79.51 -27.25 -17.49
N TYR F 453 79.58 -27.68 -18.76
CA TYR F 453 80.84 -27.57 -19.49
C TYR F 453 81.28 -26.12 -19.64
N TYR F 454 80.35 -25.22 -19.95
CA TYR F 454 80.73 -23.84 -20.18
C TYR F 454 81.01 -23.08 -18.90
N ILE F 455 80.75 -23.68 -17.73
CA ILE F 455 81.02 -23.05 -16.46
C ILE F 455 82.33 -23.55 -15.84
N LEU F 456 82.65 -24.83 -16.03
CA LEU F 456 83.84 -25.41 -15.44
C LEU F 456 84.87 -25.87 -16.48
N GLY F 457 84.56 -25.79 -17.76
CA GLY F 457 85.52 -26.19 -18.77
C GLY F 457 85.66 -27.70 -18.91
N VAL F 458 86.84 -28.12 -19.38
CA VAL F 458 87.08 -29.53 -19.67
C VAL F 458 86.85 -30.39 -18.44
N SER F 459 87.30 -29.93 -17.27
CA SER F 459 87.08 -30.68 -16.03
C SER F 459 85.62 -31.03 -15.84
N ALA F 460 84.72 -30.10 -16.17
CA ALA F 460 83.29 -30.35 -16.06
C ALA F 460 82.91 -31.67 -16.72
N LEU F 461 83.40 -31.88 -17.94
CA LEU F 461 83.12 -33.11 -18.67
C LEU F 461 83.37 -34.34 -17.80
N ILE F 462 84.54 -34.39 -17.15
CA ILE F 462 84.86 -35.53 -16.30
C ILE F 462 83.77 -35.73 -15.25
N GLY F 463 83.44 -34.66 -14.52
CA GLY F 463 82.35 -34.76 -13.56
C GLY F 463 81.05 -35.18 -14.22
N ALA F 464 80.74 -34.61 -15.39
CA ALA F 464 79.52 -34.95 -16.09
C ALA F 464 79.45 -36.43 -16.43
N ALA F 465 80.59 -37.12 -16.49
CA ALA F 465 80.56 -38.56 -16.69
C ALA F 465 80.09 -39.27 -15.44
N VAL F 466 80.69 -38.93 -14.28
CA VAL F 466 80.49 -39.72 -13.07
C VAL F 466 79.01 -39.80 -12.71
N ILE F 467 78.35 -38.64 -12.61
CA ILE F 467 76.93 -38.62 -12.30
C ILE F 467 76.15 -39.48 -13.30
N ILE F 468 76.43 -39.31 -14.59
CA ILE F 468 75.71 -40.08 -15.60
C ILE F 468 75.92 -41.57 -15.38
N LEU F 469 77.13 -41.95 -14.95
CA LEU F 469 77.44 -43.36 -14.73
C LEU F 469 76.58 -43.97 -13.64
N LEU F 470 75.96 -43.16 -12.78
CA LEU F 470 75.09 -43.71 -11.75
C LEU F 470 73.78 -44.21 -12.34
N ALA F 471 73.35 -43.66 -13.48
CA ALA F 471 72.02 -44.00 -14.00
C ALA F 471 71.94 -45.45 -14.48
N PRO F 472 72.87 -45.97 -15.31
CA PRO F 472 72.78 -47.39 -15.65
C PRO F 472 72.97 -48.30 -14.45
N VAL F 473 73.97 -48.01 -13.60
CA VAL F 473 74.23 -48.83 -12.41
C VAL F 473 72.95 -48.98 -11.59
N GLN F 474 72.28 -47.86 -11.30
CA GLN F 474 71.00 -47.90 -10.61
C GLN F 474 70.09 -48.96 -11.20
N TYR F 475 69.88 -48.91 -12.52
CA TYR F 475 69.02 -49.89 -13.19
C TYR F 475 69.43 -51.30 -12.81
N PHE F 476 70.72 -51.62 -12.96
CA PHE F 476 71.22 -52.94 -12.58
C PHE F 476 70.79 -53.28 -11.16
N VAL F 477 71.06 -52.38 -10.22
CA VAL F 477 70.67 -52.61 -8.83
C VAL F 477 69.20 -52.96 -8.76
N ALA F 478 68.36 -52.14 -9.39
CA ALA F 478 66.92 -52.38 -9.38
C ALA F 478 66.60 -53.81 -9.79
N THR F 479 67.19 -54.25 -10.92
CA THR F 479 66.91 -55.60 -11.41
C THR F 479 67.20 -56.64 -10.33
N LYS F 480 68.35 -56.53 -9.67
CA LYS F 480 68.68 -57.47 -8.61
C LYS F 480 67.56 -57.51 -7.58
N LEU F 481 67.13 -56.35 -7.11
CA LEU F 481 66.00 -56.25 -6.19
C LEU F 481 64.86 -57.14 -6.66
N SER F 482 64.40 -56.91 -7.90
CA SER F 482 63.28 -57.68 -8.44
C SER F 482 63.51 -59.17 -8.26
N GLN F 483 64.68 -59.66 -8.71
CA GLN F 483 65.00 -61.08 -8.57
C GLN F 483 64.79 -61.51 -7.13
N ALA F 484 65.47 -60.82 -6.20
CA ALA F 484 65.33 -61.15 -4.79
C ALA F 484 63.86 -61.20 -4.40
N GLN F 485 63.11 -60.16 -4.75
CA GLN F 485 61.69 -60.09 -4.43
C GLN F 485 61.00 -61.40 -4.79
N ARG F 486 61.16 -61.84 -6.04
CA ARG F 486 60.53 -63.07 -6.50
C ARG F 486 60.78 -64.19 -5.50
N SER F 487 62.06 -64.49 -5.25
CA SER F 487 62.41 -65.57 -4.34
C SER F 487 61.67 -65.41 -3.03
N THR F 488 61.79 -64.23 -2.41
CA THR F 488 61.17 -64.01 -1.11
C THR F 488 59.69 -64.33 -1.18
N LEU F 489 59.00 -63.80 -2.20
CA LEU F 489 57.56 -64.00 -2.31
C LEU F 489 57.23 -65.48 -2.20
N GLU F 490 57.97 -66.32 -2.94
CA GLU F 490 57.75 -67.76 -2.91
C GLU F 490 57.67 -68.25 -1.47
N HIS F 491 58.77 -68.04 -0.72
CA HIS F 491 58.80 -68.49 0.67
C HIS F 491 57.59 -67.98 1.43
N SER F 492 57.30 -66.68 1.30
CA SER F 492 56.18 -66.09 2.03
C SER F 492 54.91 -66.87 1.79
N ASN F 493 54.62 -67.16 0.52
CA ASN F 493 53.39 -67.87 0.20
C ASN F 493 53.30 -69.17 0.97
N GLU F 494 54.39 -69.96 0.94
CA GLU F 494 54.38 -71.25 1.63
C GLU F 494 54.06 -71.06 3.11
N ARG F 495 54.67 -70.05 3.74
CA ARG F 495 54.41 -69.80 5.15
C ARG F 495 52.92 -69.66 5.40
N LEU F 496 52.26 -68.85 4.56
CA LEU F 496 50.82 -68.62 4.75
C LEU F 496 50.06 -69.94 4.76
N LYS F 497 50.42 -70.86 3.86
CA LYS F 497 49.77 -72.17 3.85
C LYS F 497 49.90 -72.84 5.21
N GLN F 498 51.13 -72.93 5.71
CA GLN F 498 51.37 -73.58 7.00
C GLN F 498 50.70 -72.86 8.16
N THR F 499 50.19 -71.65 7.93
CA THR F 499 49.41 -70.96 8.95
C THR F 499 47.93 -71.28 8.84
N ASN F 500 47.41 -71.36 7.61
CA ASN F 500 45.97 -71.51 7.40
C ASN F 500 45.44 -72.76 8.08
N GLU F 501 46.26 -73.80 8.20
CA GLU F 501 45.84 -75.00 8.91
C GLU F 501 45.68 -74.71 10.40
N MET F 502 46.70 -74.12 11.02
CA MET F 502 46.69 -73.93 12.46
C MET F 502 45.52 -73.07 12.91
N LEU F 503 45.22 -72.01 12.15
CA LEU F 503 44.10 -71.13 12.49
C LEU F 503 42.75 -71.69 12.05
N ARG F 504 42.68 -72.96 11.69
CA ARG F 504 41.40 -73.61 11.44
C ARG F 504 41.16 -74.81 12.34
N GLY F 505 42.18 -75.64 12.55
CA GLY F 505 42.06 -76.75 13.48
C GLY F 505 42.38 -76.30 14.89
N MET F 506 41.85 -75.13 15.27
CA MET F 506 42.19 -74.52 16.55
C MET F 506 41.84 -75.44 17.72
N LYS F 507 40.57 -75.85 17.82
CA LYS F 507 40.17 -76.74 18.90
C LYS F 507 40.89 -78.07 18.79
N LEU F 508 40.98 -78.63 17.59
CA LEU F 508 41.76 -79.86 17.40
C LEU F 508 43.19 -79.66 17.87
N LEU F 509 43.82 -78.55 17.48
CA LEU F 509 45.22 -78.31 17.83
C LEU F 509 45.39 -78.25 19.34
N LYS F 510 44.59 -77.44 20.02
CA LYS F 510 44.76 -77.25 21.46
C LYS F 510 44.18 -78.38 22.29
N LEU F 511 43.43 -79.30 21.68
CA LEU F 511 42.85 -80.39 22.46
C LEU F 511 43.91 -81.39 22.94
N TYR F 512 45.06 -81.43 22.29
CA TYR F 512 46.16 -82.28 22.73
C TYR F 512 47.48 -81.51 22.82
N ALA F 513 47.46 -80.20 22.62
CA ALA F 513 48.64 -79.33 22.77
C ALA F 513 49.79 -79.77 21.87
N TRP F 514 49.47 -80.11 20.62
CA TRP F 514 50.49 -80.28 19.60
C TRP F 514 50.86 -78.96 18.95
N GLU F 515 50.45 -77.83 19.54
CA GLU F 515 50.61 -76.53 18.90
C GLU F 515 52.07 -76.11 18.81
N SER F 516 52.84 -76.35 19.87
CA SER F 516 54.26 -76.00 19.84
C SER F 516 55.00 -76.77 18.76
N ILE F 517 54.56 -78.01 18.49
CA ILE F 517 55.20 -78.83 17.46
C ILE F 517 55.04 -78.19 16.09
N PHE F 518 53.87 -77.61 15.82
CA PHE F 518 53.66 -76.92 14.55
C PHE F 518 54.30 -75.54 14.54
N CYS F 519 54.37 -74.88 15.70
CA CYS F 519 55.04 -73.58 15.77
C CYS F 519 56.52 -73.71 15.46
N SER F 520 57.13 -74.83 15.84
CA SER F 520 58.53 -75.06 15.47
C SER F 520 58.69 -75.07 13.95
N ARG F 521 57.78 -75.75 13.24
CA ARG F 521 57.83 -75.79 11.78
C ARG F 521 57.60 -74.40 11.19
N VAL F 522 56.64 -73.65 11.76
CA VAL F 522 56.37 -72.30 11.27
C VAL F 522 57.61 -71.43 11.43
N GLU F 523 58.31 -71.56 12.56
CA GLU F 523 59.55 -70.80 12.75
C GLU F 523 60.65 -71.25 11.80
N VAL F 524 60.71 -72.55 11.51
CA VAL F 524 61.64 -73.04 10.50
C VAL F 524 61.40 -72.33 9.17
N THR F 525 60.17 -72.14 8.73
CA THR F 525 59.97 -71.40 7.47
C THR F 525 60.45 -69.93 7.52
N ARG F 526 60.19 -69.33 8.67
CA ARG F 526 60.49 -67.94 8.91
C ARG F 526 61.98 -67.62 8.75
N ARG F 527 62.84 -68.51 9.19
CA ARG F 527 64.28 -68.27 9.06
C ARG F 527 64.71 -68.18 7.59
N LYS F 528 64.13 -69.03 6.74
CA LYS F 528 64.43 -68.99 5.30
C LYS F 528 63.96 -67.65 4.73
N GLU F 529 62.77 -67.23 5.17
CA GLU F 529 62.25 -65.95 4.72
C GLU F 529 63.19 -64.81 5.14
N MET F 530 63.70 -64.87 6.37
CA MET F 530 64.63 -63.87 6.88
C MET F 530 65.91 -63.84 6.07
N THR F 531 66.38 -65.02 5.69
CA THR F 531 67.60 -65.14 4.92
C THR F 531 67.45 -64.43 3.58
N SER F 532 66.29 -64.54 2.93
CA SER F 532 66.17 -63.84 1.63
C SER F 532 66.26 -62.29 1.73
N LEU F 533 65.63 -61.78 2.76
CA LEU F 533 65.44 -60.39 3.17
C LEU F 533 66.76 -59.69 3.42
N ARG F 534 67.76 -60.43 3.88
CA ARG F 534 69.09 -59.85 4.08
C ARG F 534 69.67 -59.32 2.77
N ALA F 535 69.65 -60.15 1.72
CA ALA F 535 70.18 -59.71 0.43
C ALA F 535 69.35 -58.57 -0.13
N PHE F 536 68.02 -58.66 -0.02
CA PHE F 536 67.15 -57.58 -0.50
C PHE F 536 67.50 -56.26 0.16
N ALA F 537 67.65 -56.27 1.49
CA ALA F 537 67.97 -55.05 2.21
C ALA F 537 69.39 -54.59 1.95
N VAL F 538 70.30 -55.52 1.63
CA VAL F 538 71.64 -55.11 1.20
C VAL F 538 71.57 -54.33 -0.09
N TYR F 539 70.76 -54.78 -1.04
CA TYR F 539 70.60 -54.03 -2.29
C TYR F 539 69.93 -52.68 -2.05
N THR F 540 68.93 -52.65 -1.16
CA THR F 540 68.31 -51.38 -0.80
C THR F 540 69.34 -50.42 -0.21
N SER F 541 70.21 -50.94 0.66
CA SER F 541 71.26 -50.14 1.26
C SER F 541 72.22 -49.61 0.21
N ILE F 542 72.59 -50.45 -0.76
CA ILE F 542 73.48 -50.00 -1.83
C ILE F 542 72.83 -48.88 -2.64
N SER F 543 71.53 -49.00 -2.90
CA SER F 543 70.81 -47.95 -3.61
C SER F 543 70.84 -46.63 -2.85
N ILE F 544 70.42 -46.67 -1.58
CA ILE F 544 70.40 -45.46 -0.77
C ILE F 544 71.81 -44.87 -0.64
N PHE F 545 72.82 -45.74 -0.58
CA PHE F 545 74.20 -45.29 -0.45
C PHE F 545 74.65 -44.53 -1.70
N MET F 546 74.45 -45.13 -2.88
CA MET F 546 74.81 -44.45 -4.11
C MET F 546 74.06 -43.13 -4.26
N ASN F 547 72.79 -43.10 -3.82
CA ASN F 547 71.95 -41.91 -3.96
C ASN F 547 72.66 -40.65 -3.47
N THR F 548 73.25 -40.70 -2.28
CA THR F 548 73.94 -39.55 -1.72
C THR F 548 75.46 -39.63 -1.87
N ALA F 549 75.99 -40.75 -2.37
CA ALA F 549 77.42 -40.84 -2.59
C ALA F 549 77.84 -40.18 -3.90
N ILE F 550 77.05 -40.37 -4.96
CA ILE F 550 77.41 -39.78 -6.25
C ILE F 550 77.40 -38.26 -6.21
N PRO F 551 76.47 -37.57 -5.53
CA PRO F 551 76.61 -36.12 -5.40
C PRO F 551 77.91 -35.68 -4.76
N ILE F 552 78.37 -36.41 -3.73
CA ILE F 552 79.63 -36.05 -3.09
C ILE F 552 80.80 -36.36 -4.02
N ALA F 553 80.78 -37.52 -4.67
CA ALA F 553 81.88 -37.95 -5.51
C ALA F 553 82.05 -37.04 -6.72
N ALA F 554 80.95 -36.56 -7.29
CA ALA F 554 81.03 -35.64 -8.42
C ALA F 554 81.82 -34.39 -8.04
N VAL F 555 81.44 -33.74 -6.94
CA VAL F 555 82.13 -32.52 -6.53
C VAL F 555 83.57 -32.83 -6.15
N LEU F 556 83.80 -33.94 -5.46
CA LEU F 556 85.17 -34.32 -5.10
C LEU F 556 86.06 -34.42 -6.34
N ILE F 557 85.79 -35.40 -7.21
CA ILE F 557 86.62 -35.66 -8.37
C ILE F 557 86.55 -34.55 -9.41
N THR F 558 85.60 -33.61 -9.27
CA THR F 558 85.57 -32.49 -10.20
C THR F 558 86.41 -31.32 -9.70
N PHE F 559 86.18 -30.87 -8.47
CA PHE F 559 86.93 -29.73 -7.95
C PHE F 559 88.39 -30.08 -7.72
N VAL F 560 88.67 -31.27 -7.18
CA VAL F 560 90.07 -31.65 -7.01
C VAL F 560 90.73 -31.83 -8.37
N GLY F 561 89.98 -32.35 -9.35
CA GLY F 561 90.48 -32.53 -10.70
C GLY F 561 90.44 -31.32 -11.59
N HIS F 562 89.93 -30.19 -11.11
CA HIS F 562 89.88 -28.97 -11.90
C HIS F 562 91.02 -28.01 -11.55
N VAL F 563 91.11 -27.62 -10.29
CA VAL F 563 92.09 -26.62 -9.88
C VAL F 563 93.47 -27.25 -9.72
N SER F 564 93.60 -28.22 -8.82
CA SER F 564 94.89 -28.83 -8.51
C SER F 564 95.34 -29.85 -9.54
N PHE F 565 94.63 -30.00 -10.66
CA PHE F 565 95.04 -30.94 -11.70
C PHE F 565 95.35 -30.28 -13.03
N PHE F 566 94.42 -29.49 -13.57
CA PHE F 566 94.46 -29.17 -15.00
C PHE F 566 95.09 -27.82 -15.29
N LYS F 567 94.53 -26.73 -14.77
CA LYS F 567 94.95 -25.41 -15.21
C LYS F 567 95.11 -24.39 -14.09
N GLU F 568 94.95 -24.78 -12.82
CA GLU F 568 95.13 -23.88 -11.68
C GLU F 568 94.27 -22.63 -11.78
N SER F 569 93.16 -22.73 -12.51
CA SER F 569 92.30 -21.57 -12.73
C SER F 569 91.62 -21.16 -11.42
N ASP F 570 91.61 -19.86 -11.16
CA ASP F 570 90.97 -19.34 -9.96
C ASP F 570 89.47 -19.60 -10.01
N LEU F 571 88.99 -20.40 -9.06
CA LEU F 571 87.59 -20.86 -9.05
C LEU F 571 86.78 -19.88 -8.20
N SER F 572 86.14 -18.92 -8.86
CA SER F 572 85.28 -17.99 -8.14
C SER F 572 84.14 -18.73 -7.46
N PRO F 573 83.60 -18.19 -6.37
CA PRO F 573 82.48 -18.87 -5.68
C PRO F 573 81.32 -19.19 -6.60
N SER F 574 81.08 -18.34 -7.59
CA SER F 574 79.97 -18.53 -8.52
C SER F 574 80.10 -19.86 -9.25
N VAL F 575 81.29 -20.16 -9.76
CA VAL F 575 81.49 -21.40 -10.52
C VAL F 575 81.16 -22.61 -9.67
N ALA F 576 81.76 -22.69 -8.47
CA ALA F 576 81.57 -23.85 -7.61
C ALA F 576 80.12 -24.00 -7.19
N PHE F 577 79.46 -22.91 -6.81
CA PHE F 577 78.10 -23.03 -6.33
C PHE F 577 77.12 -23.31 -7.46
N ALA F 578 77.36 -22.76 -8.65
CA ALA F 578 76.53 -23.12 -9.80
C ALA F 578 76.68 -24.59 -10.14
N SER F 579 77.92 -25.11 -10.06
CA SER F 579 78.13 -26.54 -10.29
C SER F 579 77.38 -27.36 -9.25
N LEU F 580 77.39 -26.92 -7.99
CA LEU F 580 76.65 -27.63 -6.95
C LEU F 580 75.15 -27.68 -7.26
N SER F 581 74.58 -26.52 -7.59
CA SER F 581 73.16 -26.45 -7.94
C SER F 581 72.85 -27.37 -9.10
N LEU F 582 73.63 -27.29 -10.18
CA LEU F 582 73.39 -28.14 -11.34
C LEU F 582 73.55 -29.62 -11.00
N PHE F 583 74.48 -29.95 -10.10
CA PHE F 583 74.62 -31.34 -9.68
C PHE F 583 73.35 -31.86 -9.03
N HIS F 584 72.73 -31.06 -8.17
CA HIS F 584 71.48 -31.54 -7.56
C HIS F 584 70.35 -31.59 -8.59
N ILE F 585 70.26 -30.54 -9.43
CA ILE F 585 69.19 -30.47 -10.43
C ILE F 585 69.33 -31.56 -11.47
N LEU F 586 70.50 -32.17 -11.60
CA LEU F 586 70.71 -33.31 -12.49
C LEU F 586 70.59 -34.65 -11.77
N VAL F 587 70.91 -34.70 -10.47
CA VAL F 587 70.74 -35.93 -9.72
C VAL F 587 69.28 -36.29 -9.57
N THR F 588 68.42 -35.28 -9.36
CA THR F 588 67.00 -35.56 -9.21
C THR F 588 66.40 -36.31 -10.40
N PRO F 589 66.60 -35.89 -11.65
CA PRO F 589 65.99 -36.63 -12.76
C PRO F 589 66.64 -37.98 -13.03
N LEU F 590 67.93 -38.17 -12.68
CA LEU F 590 68.65 -39.37 -13.10
C LEU F 590 68.00 -40.64 -12.57
N PHE F 591 67.57 -40.64 -11.31
CA PHE F 591 66.94 -41.82 -10.73
C PHE F 591 65.70 -42.24 -11.52
N LEU F 592 64.96 -41.29 -12.05
CA LEU F 592 63.69 -41.59 -12.67
C LEU F 592 63.85 -42.32 -14.01
N LEU F 593 64.98 -42.15 -14.68
CA LEU F 593 65.18 -42.81 -15.97
C LEU F 593 65.18 -44.33 -15.83
N SER F 594 65.77 -44.85 -14.76
CA SER F 594 65.82 -46.29 -14.56
C SER F 594 64.41 -46.87 -14.41
N SER F 595 63.62 -46.30 -13.47
CA SER F 595 62.25 -46.73 -13.31
C SER F 595 61.44 -46.53 -14.58
N VAL F 596 61.74 -45.49 -15.35
CA VAL F 596 61.04 -45.25 -16.60
C VAL F 596 61.33 -46.38 -17.59
N VAL F 597 62.59 -46.79 -17.71
CA VAL F 597 62.93 -47.87 -18.63
C VAL F 597 62.25 -49.17 -18.20
N ARG F 598 62.30 -49.47 -16.90
CA ARG F 598 61.64 -50.69 -16.43
C ARG F 598 60.14 -50.64 -16.72
N SER F 599 59.51 -49.50 -16.40
CA SER F 599 58.08 -49.36 -16.62
C SER F 599 57.74 -49.48 -18.10
N THR F 600 58.58 -48.95 -18.98
CA THR F 600 58.29 -48.98 -20.41
C THR F 600 58.36 -50.40 -20.96
N VAL F 601 59.41 -51.16 -20.59
CA VAL F 601 59.50 -52.53 -21.09
C VAL F 601 58.37 -53.38 -20.53
N LYS F 602 58.03 -53.19 -19.25
CA LYS F 602 56.94 -53.94 -18.66
C LYS F 602 55.61 -53.60 -19.32
N ALA F 603 55.41 -52.33 -19.66
CA ALA F 603 54.18 -51.93 -20.33
C ALA F 603 54.10 -52.49 -21.74
N LEU F 604 55.23 -52.53 -22.45
CA LEU F 604 55.25 -53.16 -23.76
C LEU F 604 54.82 -54.62 -23.67
N VAL F 605 55.37 -55.36 -22.70
CA VAL F 605 54.98 -56.75 -22.53
C VAL F 605 53.50 -56.87 -22.18
N SER F 606 53.00 -55.97 -21.32
CA SER F 606 51.60 -56.05 -20.92
C SER F 606 50.65 -55.71 -22.05
N VAL F 607 51.04 -54.81 -22.96
CA VAL F 607 50.18 -54.52 -24.09
C VAL F 607 50.24 -55.64 -25.12
N GLN F 608 51.39 -56.30 -25.28
CA GLN F 608 51.40 -57.52 -26.09
C GLN F 608 50.43 -58.55 -25.52
N LYS F 609 50.42 -58.71 -24.20
CA LYS F 609 49.50 -59.64 -23.54
C LYS F 609 48.05 -59.22 -23.78
N LEU F 610 47.74 -57.93 -23.61
CA LEU F 610 46.40 -57.43 -23.82
C LEU F 610 45.94 -57.66 -25.25
N SER F 611 46.84 -57.51 -26.22
CA SER F 611 46.49 -57.75 -27.61
C SER F 611 46.24 -59.22 -27.86
N GLU F 612 47.08 -60.10 -27.30
CA GLU F 612 46.86 -61.52 -27.44
C GLU F 612 45.51 -61.94 -26.86
N PHE F 613 45.13 -61.36 -25.73
CA PHE F 613 43.84 -61.68 -25.13
C PHE F 613 42.69 -61.09 -25.92
N LEU F 614 42.68 -59.76 -26.09
CA LEU F 614 41.59 -59.05 -26.75
C LEU F 614 41.27 -59.57 -28.14
N SER F 615 42.17 -60.35 -28.74
CA SER F 615 41.98 -60.81 -30.11
C SER F 615 41.95 -62.33 -30.18
N SER F 616 41.20 -62.97 -29.30
CA SER F 616 41.08 -64.44 -29.34
C SER F 616 39.69 -64.85 -29.81
N CYS F 678 7.43 -72.50 -30.07
CA CYS F 678 8.21 -73.69 -29.78
C CYS F 678 9.69 -73.47 -30.10
N VAL F 679 10.54 -74.37 -29.61
CA VAL F 679 11.96 -74.36 -29.88
C VAL F 679 12.24 -75.43 -30.92
N GLN F 680 12.60 -75.01 -32.13
CA GLN F 680 12.79 -75.92 -33.25
C GLN F 680 14.28 -76.09 -33.54
N ILE F 681 14.70 -77.34 -33.73
CA ILE F 681 16.07 -77.66 -34.13
C ILE F 681 16.01 -78.69 -35.25
N ILE F 682 16.72 -78.42 -36.34
CA ILE F 682 16.80 -79.34 -37.47
C ILE F 682 18.25 -79.42 -37.93
N GLY F 683 18.81 -80.64 -37.93
CA GLY F 683 20.16 -80.87 -38.39
C GLY F 683 21.25 -80.38 -37.46
N GLY F 684 21.27 -80.87 -36.22
CA GLY F 684 22.25 -80.39 -35.26
C GLY F 684 23.66 -80.83 -35.63
N PHE F 685 24.60 -79.89 -35.61
CA PHE F 685 25.98 -80.18 -36.00
C PHE F 685 26.88 -79.09 -35.43
N PHE F 686 27.67 -79.41 -34.41
CA PHE F 686 28.67 -78.49 -33.88
C PHE F 686 29.63 -79.26 -32.97
N THR F 687 30.71 -78.59 -32.59
CA THR F 687 31.71 -79.15 -31.70
C THR F 687 32.39 -78.01 -30.94
N TRP F 688 33.26 -78.39 -30.01
CA TRP F 688 33.95 -77.41 -29.15
C TRP F 688 35.31 -77.01 -29.70
N THR F 689 35.37 -76.62 -30.97
CA THR F 689 36.60 -76.16 -31.61
C THR F 689 36.29 -75.49 -32.94
N PRO F 690 37.14 -74.58 -33.41
CA PRO F 690 36.99 -74.10 -34.80
C PRO F 690 37.19 -75.19 -35.83
N ASP F 691 37.86 -76.29 -35.46
CA ASP F 691 38.05 -77.42 -36.37
C ASP F 691 38.30 -78.66 -35.52
N GLY F 692 37.62 -79.74 -35.85
CA GLY F 692 37.78 -80.98 -35.10
C GLY F 692 36.59 -81.89 -35.30
N ILE F 693 36.72 -83.09 -34.75
CA ILE F 693 35.63 -84.08 -34.87
C ILE F 693 34.42 -83.58 -34.12
N PRO F 694 33.21 -83.71 -34.66
CA PRO F 694 32.03 -83.13 -34.01
C PRO F 694 31.40 -84.06 -32.98
N THR F 695 30.87 -83.43 -31.93
CA THR F 695 30.11 -84.13 -30.91
C THR F 695 28.60 -83.95 -31.08
N LEU F 696 28.17 -82.91 -31.77
CA LEU F 696 26.76 -82.68 -32.08
C LEU F 696 26.53 -83.19 -33.50
N SER F 697 25.61 -84.15 -33.65
CA SER F 697 25.41 -84.81 -34.94
C SER F 697 23.94 -85.16 -35.12
N ASN F 698 23.29 -84.51 -36.10
CA ASN F 698 21.97 -84.89 -36.58
C ASN F 698 20.93 -84.88 -35.44
N ILE F 699 20.69 -83.69 -34.91
CA ILE F 699 19.71 -83.48 -33.85
C ILE F 699 18.57 -82.64 -34.40
N THR F 700 17.35 -83.16 -34.23
CA THR F 700 16.13 -82.46 -34.66
C THR F 700 15.11 -82.64 -33.55
N ILE F 701 14.69 -81.54 -32.93
CA ILE F 701 13.86 -81.59 -31.74
C ILE F 701 12.92 -80.39 -31.73
N ARG F 702 11.67 -80.64 -31.35
CA ARG F 702 10.66 -79.60 -31.20
C ARG F 702 10.24 -79.52 -29.74
N ILE F 703 10.32 -78.31 -29.18
CA ILE F 703 9.96 -78.05 -27.79
C ILE F 703 8.77 -77.11 -27.76
N PRO F 704 7.54 -77.62 -27.80
CA PRO F 704 6.37 -76.75 -27.79
C PRO F 704 6.17 -76.08 -26.44
N ARG F 705 5.28 -75.08 -26.44
CA ARG F 705 4.99 -74.30 -25.25
C ARG F 705 4.20 -75.14 -24.25
N GLY F 706 4.42 -74.86 -22.96
CA GLY F 706 3.68 -75.49 -21.89
C GLY F 706 3.82 -77.00 -21.87
N GLN F 707 5.02 -77.48 -21.60
CA GLN F 707 5.30 -78.91 -21.74
C GLN F 707 6.57 -79.25 -20.99
N LEU F 708 6.49 -80.24 -20.11
CA LEU F 708 7.67 -80.72 -19.40
C LEU F 708 8.44 -81.68 -20.30
N THR F 709 9.74 -81.39 -20.50
CA THR F 709 10.58 -82.17 -21.40
C THR F 709 11.81 -82.66 -20.63
N MET F 710 11.85 -83.94 -20.33
CA MET F 710 13.03 -84.53 -19.72
C MET F 710 14.01 -84.97 -20.79
N ILE F 711 15.29 -84.97 -20.43
CA ILE F 711 16.34 -85.52 -21.27
C ILE F 711 17.08 -86.56 -20.43
N VAL F 712 17.13 -87.80 -20.92
CA VAL F 712 17.72 -88.89 -20.17
C VAL F 712 18.71 -89.61 -21.07
N GLY F 713 19.68 -90.27 -20.44
CA GLY F 713 20.71 -90.98 -21.17
C GLY F 713 21.84 -91.37 -20.24
N GLN F 714 22.95 -91.77 -20.85
CA GLN F 714 24.13 -92.17 -20.10
C GLN F 714 25.01 -90.96 -19.81
N VAL F 715 26.16 -91.20 -19.18
CA VAL F 715 27.10 -90.13 -18.86
C VAL F 715 27.92 -89.83 -20.10
N GLY F 716 27.78 -88.64 -20.65
CA GLY F 716 28.50 -88.26 -21.85
C GLY F 716 27.73 -88.46 -23.13
N CYS F 717 26.47 -88.01 -23.16
CA CYS F 717 25.61 -88.16 -24.32
C CYS F 717 25.12 -86.82 -24.87
N GLY F 718 25.80 -85.73 -24.53
CA GLY F 718 25.42 -84.42 -25.04
C GLY F 718 24.11 -83.90 -24.49
N LYS F 719 23.86 -84.08 -23.20
CA LYS F 719 22.66 -83.52 -22.59
C LYS F 719 22.83 -82.02 -22.33
N SER F 720 23.81 -81.66 -21.51
CA SER F 720 24.07 -80.25 -21.26
C SER F 720 24.63 -79.56 -22.49
N SER F 721 25.31 -80.31 -23.36
CA SER F 721 25.75 -79.75 -24.63
C SER F 721 24.56 -79.34 -25.48
N LEU F 722 23.57 -80.24 -25.59
CA LEU F 722 22.32 -79.88 -26.27
C LEU F 722 21.62 -78.73 -25.57
N LEU F 723 21.72 -78.67 -24.23
CA LEU F 723 21.13 -77.56 -23.50
C LEU F 723 21.74 -76.23 -23.93
N LEU F 724 23.07 -76.17 -23.96
CA LEU F 724 23.75 -74.93 -24.33
C LEU F 724 23.58 -74.62 -25.81
N ALA F 725 23.39 -75.64 -26.65
CA ALA F 725 23.17 -75.40 -28.07
C ALA F 725 21.77 -74.86 -28.33
N THR F 726 20.77 -75.37 -27.60
CA THR F 726 19.43 -74.79 -27.67
C THR F 726 19.43 -73.35 -27.20
N LEU F 727 20.40 -72.99 -26.36
CA LEU F 727 20.51 -71.64 -25.83
C LEU F 727 21.04 -70.65 -26.87
N GLY F 728 21.65 -71.15 -27.94
CA GLY F 728 22.43 -70.31 -28.82
C GLY F 728 23.86 -70.10 -28.37
N GLU F 729 24.26 -70.71 -27.24
CA GLU F 729 25.60 -70.51 -26.72
C GLU F 729 26.65 -71.05 -27.68
N MET F 730 26.34 -72.12 -28.41
CA MET F 730 27.27 -72.73 -29.35
C MET F 730 26.66 -72.65 -30.75
N GLN F 731 27.17 -71.74 -31.56
CA GLN F 731 26.68 -71.54 -32.93
C GLN F 731 27.03 -72.77 -33.77
N LYS F 732 26.01 -73.56 -34.13
CA LYS F 732 26.23 -74.82 -34.82
C LYS F 732 26.80 -74.60 -36.22
N VAL F 733 27.54 -75.60 -36.70
CA VAL F 733 28.20 -75.49 -38.01
C VAL F 733 27.17 -75.49 -39.12
N SER F 734 26.41 -76.58 -39.23
CA SER F 734 25.42 -76.76 -40.31
C SER F 734 24.12 -77.23 -39.68
N GLY F 735 23.20 -76.31 -39.43
CA GLY F 735 21.91 -76.65 -38.86
C GLY F 735 21.11 -75.41 -38.59
N ALA F 736 19.82 -75.63 -38.32
CA ALA F 736 18.88 -74.54 -38.08
C ALA F 736 18.27 -74.66 -36.68
N VAL F 737 18.17 -73.53 -35.99
CA VAL F 737 17.62 -73.50 -34.64
C VAL F 737 16.87 -72.19 -34.43
N PHE F 738 15.59 -72.29 -34.07
CA PHE F 738 14.75 -71.13 -33.84
C PHE F 738 14.02 -71.29 -32.51
N TRP F 739 13.59 -70.17 -31.95
CA TRP F 739 12.71 -70.18 -30.79
C TRP F 739 11.94 -68.86 -30.67
N GLY F 768 16.23 -64.81 -27.37
CA GLY F 768 15.34 -64.38 -26.31
C GLY F 768 15.91 -64.58 -24.92
N PRO F 769 15.34 -63.88 -23.92
CA PRO F 769 15.82 -63.99 -22.55
C PRO F 769 15.27 -65.23 -21.87
N VAL F 770 16.15 -66.19 -21.60
CA VAL F 770 15.78 -67.52 -21.14
C VAL F 770 16.46 -67.77 -19.79
N ALA F 771 15.67 -68.20 -18.80
CA ALA F 771 16.23 -68.52 -17.49
C ALA F 771 16.96 -69.84 -17.54
N TYR F 772 18.09 -69.91 -16.82
CA TYR F 772 18.95 -71.09 -16.94
C TYR F 772 19.78 -71.23 -15.68
N ALA F 773 19.70 -72.40 -15.06
CA ALA F 773 20.58 -72.78 -13.96
C ALA F 773 21.52 -73.87 -14.47
N SER F 774 22.82 -73.60 -14.38
CA SER F 774 23.82 -74.51 -14.91
C SER F 774 24.04 -75.71 -13.99
N GLN F 775 24.84 -76.66 -14.47
CA GLN F 775 25.13 -77.84 -13.68
C GLN F 775 25.97 -77.47 -12.45
N LYS F 776 27.04 -76.71 -12.66
CA LYS F 776 27.85 -76.24 -11.55
C LYS F 776 27.24 -74.94 -11.03
N PRO F 777 26.83 -74.87 -9.77
CA PRO F 777 26.14 -73.67 -9.29
C PRO F 777 27.09 -72.52 -9.08
N TRP F 778 26.62 -71.30 -9.36
CA TRP F 778 27.41 -70.10 -9.18
C TRP F 778 26.60 -69.07 -8.41
N LEU F 779 27.32 -68.22 -7.68
CA LEU F 779 26.71 -67.19 -6.84
C LEU F 779 27.42 -65.86 -7.10
N LEU F 780 26.86 -64.81 -6.51
CA LEU F 780 27.45 -63.48 -6.57
C LEU F 780 28.07 -63.12 -5.22
N ASN F 781 28.66 -61.93 -5.17
CA ASN F 781 29.20 -61.38 -3.93
C ASN F 781 28.17 -60.45 -3.30
N ALA F 782 27.07 -61.06 -2.86
CA ALA F 782 25.93 -60.29 -2.38
C ALA F 782 25.12 -61.18 -1.44
N THR F 783 23.89 -60.78 -1.15
CA THR F 783 23.03 -61.47 -0.20
C THR F 783 22.22 -62.56 -0.87
N VAL F 784 21.46 -63.31 -0.07
CA VAL F 784 20.63 -64.39 -0.60
C VAL F 784 19.44 -63.81 -1.37
N GLU F 785 18.74 -62.85 -0.76
CA GLU F 785 17.63 -62.18 -1.43
C GLU F 785 18.08 -61.58 -2.76
N GLU F 786 19.31 -61.07 -2.80
CA GLU F 786 19.82 -60.45 -4.02
C GLU F 786 20.07 -61.49 -5.10
N ASN F 787 20.75 -62.59 -4.75
CA ASN F 787 20.99 -63.64 -5.73
C ASN F 787 19.70 -64.25 -6.24
N ILE F 788 18.68 -64.34 -5.39
CA ILE F 788 17.43 -64.94 -5.85
C ILE F 788 16.60 -63.94 -6.66
N THR F 789 16.70 -62.65 -6.36
CA THR F 789 16.00 -61.65 -7.14
C THR F 789 16.71 -61.37 -8.46
N PHE F 790 18.04 -61.20 -8.42
CA PHE F 790 18.87 -61.04 -9.60
C PHE F 790 18.42 -59.84 -10.44
N GLU F 791 18.57 -58.67 -9.84
CA GLU F 791 18.24 -57.39 -10.48
C GLU F 791 16.79 -57.36 -10.95
N SER F 792 15.88 -57.87 -10.11
CA SER F 792 14.47 -57.83 -10.37
C SER F 792 13.74 -57.12 -9.25
N PRO F 793 12.69 -56.35 -9.56
CA PRO F 793 11.93 -55.69 -8.49
C PRO F 793 11.35 -56.72 -7.52
N PHE F 794 11.50 -56.45 -6.23
CA PHE F 794 11.14 -57.42 -5.22
C PHE F 794 9.63 -57.61 -5.18
N ASN F 795 9.21 -58.81 -4.76
CA ASN F 795 7.81 -59.13 -4.57
C ASN F 795 7.63 -59.76 -3.20
N LYS F 796 6.45 -59.58 -2.63
CA LYS F 796 6.10 -60.22 -1.36
C LYS F 796 5.65 -61.66 -1.59
N GLN F 797 4.50 -61.82 -2.25
CA GLN F 797 3.93 -63.15 -2.44
C GLN F 797 4.80 -63.99 -3.36
N ARG F 798 5.28 -63.41 -4.46
CA ARG F 798 6.08 -64.17 -5.42
C ARG F 798 7.37 -64.68 -4.78
N TYR F 799 8.11 -63.80 -4.13
CA TYR F 799 9.38 -64.20 -3.52
C TYR F 799 9.16 -65.16 -2.36
N LYS F 800 8.14 -64.93 -1.53
CA LYS F 800 7.88 -65.87 -0.45
C LYS F 800 7.47 -67.24 -1.00
N MET F 801 6.70 -67.26 -2.10
CA MET F 801 6.33 -68.52 -2.74
C MET F 801 7.57 -69.26 -3.23
N VAL F 802 8.48 -68.55 -3.87
CA VAL F 802 9.69 -69.21 -4.38
C VAL F 802 10.55 -69.71 -3.23
N ILE F 803 10.63 -68.94 -2.14
CA ILE F 803 11.42 -69.35 -0.98
C ILE F 803 10.87 -70.62 -0.37
N GLU F 804 9.55 -70.65 -0.17
CA GLU F 804 8.93 -71.81 0.48
C GLU F 804 8.92 -73.03 -0.45
N ALA F 805 8.76 -72.82 -1.76
CA ALA F 805 8.67 -73.93 -2.70
C ALA F 805 10.02 -74.57 -2.97
N CYS F 806 11.13 -73.94 -2.56
CA CYS F 806 12.45 -74.49 -2.76
C CYS F 806 13.00 -75.19 -1.52
N SER F 807 12.18 -75.34 -0.47
CA SER F 807 12.61 -75.95 0.77
C SER F 807 13.85 -75.24 1.33
N LEU F 808 13.84 -73.92 1.26
CA LEU F 808 15.02 -73.14 1.57
C LEU F 808 14.87 -72.22 2.76
N GLN F 809 13.65 -71.88 3.19
CA GLN F 809 13.48 -70.94 4.29
C GLN F 809 14.08 -71.42 5.61
N PRO F 810 13.88 -72.68 6.05
CA PRO F 810 14.48 -73.10 7.32
C PRO F 810 16.00 -73.01 7.33
N ASP F 811 16.66 -73.57 6.33
CA ASP F 811 18.12 -73.48 6.27
C ASP F 811 18.60 -72.05 6.09
N ILE F 812 17.79 -71.20 5.44
CA ILE F 812 18.13 -69.79 5.34
C ILE F 812 18.11 -69.15 6.72
N ASP F 813 17.15 -69.54 7.56
CA ASP F 813 17.09 -69.05 8.94
C ASP F 813 18.14 -69.70 9.84
N ILE F 814 18.76 -70.81 9.40
CA ILE F 814 19.82 -71.43 10.20
C ILE F 814 21.09 -70.58 10.18
N LEU F 815 21.31 -69.81 9.11
CA LEU F 815 22.52 -69.03 8.95
C LEU F 815 22.70 -68.04 10.11
N PRO F 816 23.93 -67.57 10.34
CA PRO F 816 24.15 -66.60 11.42
C PRO F 816 23.35 -65.32 11.25
N HIS F 817 23.14 -64.86 10.03
CA HIS F 817 22.22 -63.78 9.73
C HIS F 817 20.98 -64.37 9.10
N GLY F 818 19.82 -64.14 9.72
CA GLY F 818 18.58 -64.75 9.26
C GLY F 818 18.33 -64.51 7.79
N ASP F 819 18.51 -63.28 7.33
CA ASP F 819 18.44 -62.97 5.92
C ASP F 819 19.43 -61.85 5.63
N GLN F 820 19.56 -61.53 4.34
CA GLN F 820 20.54 -60.55 3.87
C GLN F 820 21.95 -60.92 4.32
N THR F 821 22.19 -62.22 4.49
CA THR F 821 23.52 -62.69 4.87
C THR F 821 24.46 -62.56 3.67
N GLN F 822 25.65 -62.03 3.92
CA GLN F 822 26.63 -61.80 2.85
C GLN F 822 27.19 -63.14 2.42
N ILE F 823 26.65 -63.69 1.34
CA ILE F 823 27.15 -64.96 0.81
C ILE F 823 28.61 -64.79 0.43
N GLY F 824 29.47 -65.65 0.97
CA GLY F 824 30.89 -65.56 0.73
C GLY F 824 31.28 -65.75 -0.71
N GLU F 825 32.57 -65.60 -1.00
CA GLU F 825 33.08 -65.81 -2.36
C GLU F 825 32.89 -67.27 -2.75
N ARG F 826 32.03 -67.49 -3.76
CA ARG F 826 31.70 -68.80 -4.32
C ARG F 826 30.82 -69.63 -3.38
N GLY F 827 30.57 -69.14 -2.17
CA GLY F 827 29.77 -69.87 -1.21
C GLY F 827 30.55 -70.81 -0.31
N ILE F 828 31.58 -70.27 0.36
CA ILE F 828 32.38 -71.09 1.26
C ILE F 828 31.61 -71.39 2.54
N ASN F 829 30.87 -70.40 3.06
CA ASN F 829 30.04 -70.59 4.23
C ASN F 829 28.66 -71.17 3.89
N LEU F 830 28.54 -71.82 2.74
CA LEU F 830 27.34 -72.56 2.36
C LEU F 830 27.75 -73.93 1.82
N SER F 831 26.79 -74.84 1.79
CA SER F 831 27.02 -76.19 1.26
C SER F 831 26.57 -76.27 -0.19
N GLY F 832 26.88 -77.41 -0.82
CA GLY F 832 26.53 -77.58 -2.21
C GLY F 832 25.02 -77.60 -2.45
N GLY F 833 24.29 -78.30 -1.58
CA GLY F 833 22.84 -78.35 -1.73
C GLY F 833 22.19 -76.99 -1.58
N GLN F 834 22.71 -76.16 -0.67
CA GLN F 834 22.18 -74.81 -0.52
C GLN F 834 22.43 -73.97 -1.76
N ARG F 835 23.64 -74.06 -2.32
CA ARG F 835 23.94 -73.35 -3.56
C ARG F 835 23.04 -73.80 -4.69
N GLN F 836 22.80 -75.11 -4.78
CA GLN F 836 21.91 -75.62 -5.83
C GLN F 836 20.49 -75.12 -5.65
N ARG F 837 19.99 -75.14 -4.41
CA ARG F 837 18.63 -74.65 -4.17
C ARG F 837 18.52 -73.16 -4.45
N ILE F 838 19.57 -72.39 -4.13
CA ILE F 838 19.55 -70.96 -4.44
C ILE F 838 19.55 -70.74 -5.95
N SER F 839 20.32 -71.54 -6.68
CA SER F 839 20.33 -71.42 -8.13
C SER F 839 18.97 -71.77 -8.73
N VAL F 840 18.34 -72.84 -8.24
CA VAL F 840 17.03 -73.22 -8.74
C VAL F 840 16.00 -72.16 -8.40
N ALA F 841 16.12 -71.55 -7.22
CA ALA F 841 15.22 -70.47 -6.84
C ALA F 841 15.42 -69.26 -7.75
N ARG F 842 16.66 -68.94 -8.09
CA ARG F 842 16.92 -67.87 -9.03
C ARG F 842 16.30 -68.16 -10.38
N ALA F 843 16.42 -69.40 -10.85
CA ALA F 843 15.85 -69.77 -12.14
C ALA F 843 14.33 -69.70 -12.11
N LEU F 844 13.72 -70.13 -11.02
CA LEU F 844 12.27 -70.18 -10.92
C LEU F 844 11.66 -68.81 -10.67
N TYR F 845 12.39 -67.92 -10.00
CA TYR F 845 11.84 -66.63 -9.59
C TYR F 845 11.74 -65.65 -10.76
N GLN F 846 12.55 -65.83 -11.79
CA GLN F 846 12.57 -64.90 -12.90
C GLN F 846 11.35 -65.09 -13.80
N GLN F 847 10.81 -63.98 -14.29
CA GLN F 847 9.63 -63.98 -15.15
C GLN F 847 10.09 -64.11 -16.59
N THR F 848 9.83 -65.27 -17.19
CA THR F 848 10.25 -65.53 -18.57
C THR F 848 9.46 -66.72 -19.10
N ASN F 849 9.70 -67.06 -20.37
CA ASN F 849 8.99 -68.18 -20.98
C ASN F 849 9.70 -69.51 -20.70
N VAL F 850 11.00 -69.56 -20.96
CA VAL F 850 11.75 -70.81 -20.99
C VAL F 850 12.68 -70.87 -19.78
N VAL F 851 12.76 -72.05 -19.18
CA VAL F 851 13.65 -72.31 -18.05
C VAL F 851 14.40 -73.61 -18.31
N PHE F 852 15.71 -73.59 -18.13
CA PHE F 852 16.55 -74.77 -18.16
C PHE F 852 17.15 -75.00 -16.79
N LEU F 853 17.20 -76.26 -16.37
CA LEU F 853 17.79 -76.64 -15.09
C LEU F 853 18.70 -77.84 -15.32
N ASP F 854 20.01 -77.63 -15.23
CA ASP F 854 20.99 -78.66 -15.55
C ASP F 854 21.19 -79.56 -14.33
N ASP F 855 20.35 -80.58 -14.21
CA ASP F 855 20.35 -81.54 -13.11
C ASP F 855 20.31 -80.84 -11.76
N PRO F 856 19.17 -80.25 -11.39
CA PRO F 856 19.06 -79.61 -10.08
C PRO F 856 18.79 -80.56 -8.92
N PHE F 857 18.89 -81.87 -9.12
CA PHE F 857 18.60 -82.85 -8.08
C PHE F 857 19.81 -83.74 -7.80
N SER F 858 21.02 -83.21 -7.98
CA SER F 858 22.22 -84.01 -7.76
C SER F 858 22.71 -83.93 -6.33
N ALA F 859 22.55 -82.79 -5.67
CA ALA F 859 22.96 -82.61 -4.28
C ALA F 859 21.76 -82.40 -3.36
N LEU F 860 20.66 -83.10 -3.65
CA LEU F 860 19.47 -83.04 -2.83
C LEU F 860 19.06 -84.45 -2.43
N ASP F 861 18.32 -84.54 -1.32
CA ASP F 861 17.85 -85.82 -0.81
C ASP F 861 16.65 -86.27 -1.63
N VAL F 862 16.00 -87.35 -1.19
CA VAL F 862 14.77 -87.79 -1.86
C VAL F 862 13.61 -86.89 -1.48
N HIS F 863 13.50 -86.52 -0.20
CA HIS F 863 12.37 -85.73 0.27
C HIS F 863 12.38 -84.34 -0.33
N LEU F 864 13.54 -83.67 -0.29
CA LEU F 864 13.62 -82.32 -0.84
C LEU F 864 13.41 -82.33 -2.35
N SER F 865 13.94 -83.33 -3.05
CA SER F 865 13.74 -83.40 -4.50
C SER F 865 12.28 -83.63 -4.83
N ASP F 866 11.60 -84.51 -4.08
CA ASP F 866 10.17 -84.74 -4.31
C ASP F 866 9.37 -83.46 -4.07
N HIS F 867 9.63 -82.79 -2.93
CA HIS F 867 8.90 -81.57 -2.64
C HIS F 867 9.19 -80.48 -3.66
N LEU F 868 10.42 -80.43 -4.19
CA LEU F 868 10.76 -79.43 -5.19
C LEU F 868 10.06 -79.71 -6.52
N MET F 869 10.12 -80.95 -6.99
CA MET F 869 9.45 -81.30 -8.23
C MET F 869 7.93 -81.19 -8.11
N GLN F 870 7.39 -81.31 -6.90
CA GLN F 870 5.95 -81.21 -6.72
C GLN F 870 5.50 -79.76 -6.62
N ALA F 871 6.09 -79.00 -5.70
CA ALA F 871 5.61 -77.66 -5.42
C ALA F 871 6.16 -76.64 -6.42
N GLY F 872 7.47 -76.69 -6.68
CA GLY F 872 8.08 -75.69 -7.55
C GLY F 872 7.97 -75.99 -9.03
N ILE F 873 7.92 -77.26 -9.39
CA ILE F 873 7.98 -77.64 -10.80
C ILE F 873 6.58 -77.95 -11.33
N LEU F 874 5.92 -78.94 -10.74
CA LEU F 874 4.60 -79.35 -11.23
C LEU F 874 3.48 -78.43 -10.77
N GLU F 875 3.71 -77.61 -9.75
CA GLU F 875 2.68 -76.72 -9.24
C GLU F 875 2.94 -75.25 -9.51
N LEU F 876 4.20 -74.82 -9.56
CA LEU F 876 4.53 -73.42 -9.78
C LEU F 876 4.96 -73.13 -11.20
N LEU F 877 5.87 -73.93 -11.76
CA LEU F 877 6.24 -73.79 -13.16
C LEU F 877 5.07 -74.15 -14.07
N ARG F 878 4.45 -75.30 -13.81
CA ARG F 878 3.26 -75.72 -14.55
C ARG F 878 2.08 -74.77 -14.34
N ASP F 879 2.15 -73.91 -13.34
CA ASP F 879 1.06 -72.96 -13.09
C ASP F 879 0.97 -71.92 -14.20
N ASP F 880 2.05 -71.16 -14.42
CA ASP F 880 2.06 -70.07 -15.38
C ASP F 880 2.24 -70.55 -16.82
N LYS F 881 2.25 -71.86 -17.04
CA LYS F 881 2.43 -72.45 -18.37
C LYS F 881 3.73 -71.97 -19.02
N ARG F 882 4.83 -72.27 -18.33
CA ARG F 882 6.16 -72.04 -18.86
C ARG F 882 6.62 -73.25 -19.68
N THR F 883 7.68 -73.06 -20.45
CA THR F 883 8.30 -74.14 -21.22
C THR F 883 9.49 -74.64 -20.40
N VAL F 884 9.21 -75.60 -19.52
CA VAL F 884 10.23 -76.16 -18.63
C VAL F 884 10.96 -77.28 -19.37
N VAL F 885 12.28 -77.17 -19.45
CA VAL F 885 13.12 -78.22 -20.00
C VAL F 885 14.11 -78.59 -18.90
N LEU F 886 13.88 -79.72 -18.26
CA LEU F 886 14.73 -80.18 -17.17
C LEU F 886 15.41 -81.47 -17.58
N VAL F 887 16.69 -81.57 -17.28
CA VAL F 887 17.50 -82.74 -17.62
C VAL F 887 17.97 -83.37 -16.31
N THR F 888 17.67 -84.64 -16.13
CA THR F 888 18.04 -85.39 -14.93
C THR F 888 17.85 -86.88 -15.23
N HIS F 889 17.94 -87.69 -14.17
CA HIS F 889 17.75 -89.14 -14.32
C HIS F 889 17.16 -89.67 -13.03
N LYS F 890 15.84 -89.83 -13.00
CA LYS F 890 15.13 -90.37 -11.85
C LYS F 890 13.95 -91.18 -12.35
N LEU F 891 13.13 -91.67 -11.43
CA LEU F 891 11.94 -92.47 -11.74
C LEU F 891 10.66 -91.65 -11.69
N GLN F 892 10.50 -90.83 -10.64
CA GLN F 892 9.26 -90.09 -10.43
C GLN F 892 8.99 -89.07 -11.53
N TYR F 893 10.01 -88.64 -12.26
CA TYR F 893 9.86 -87.57 -13.23
C TYR F 893 9.52 -88.07 -14.63
N LEU F 894 9.78 -89.34 -14.90
CA LEU F 894 9.49 -89.88 -16.23
C LEU F 894 8.01 -89.81 -16.59
N PRO F 895 7.06 -90.25 -15.76
CA PRO F 895 5.65 -90.13 -16.13
C PRO F 895 5.06 -88.74 -15.96
N HIS F 896 5.84 -87.78 -15.48
CA HIS F 896 5.34 -86.42 -15.26
C HIS F 896 5.62 -85.48 -16.42
N ALA F 897 6.44 -85.89 -17.38
CA ALA F 897 6.79 -85.06 -18.51
C ALA F 897 5.95 -85.44 -19.73
N ASP F 898 6.14 -84.70 -20.83
CA ASP F 898 5.44 -84.94 -22.08
C ASP F 898 6.34 -85.55 -23.16
N TRP F 899 7.53 -85.02 -23.34
CA TRP F 899 8.46 -85.51 -24.36
C TRP F 899 9.68 -86.13 -23.70
N ILE F 900 10.02 -87.34 -24.11
CA ILE F 900 11.21 -88.03 -23.63
C ILE F 900 12.27 -87.94 -24.72
N ILE F 901 13.50 -87.62 -24.33
CA ILE F 901 14.61 -87.46 -25.25
C ILE F 901 15.74 -88.36 -24.78
N ALA F 902 16.07 -89.37 -25.58
CA ALA F 902 17.14 -90.31 -25.27
C ALA F 902 18.37 -90.00 -26.12
N MET F 903 19.51 -89.84 -25.46
CA MET F 903 20.76 -89.49 -26.13
C MET F 903 21.77 -90.60 -25.96
N LYS F 904 22.53 -90.87 -27.02
CA LYS F 904 23.59 -91.88 -26.97
C LYS F 904 24.70 -91.45 -27.92
N ASP F 905 25.90 -91.25 -27.37
CA ASP F 905 27.07 -90.87 -28.16
C ASP F 905 26.82 -89.60 -28.96
N GLY F 906 26.15 -88.64 -28.34
CA GLY F 906 25.85 -87.39 -29.01
C GLY F 906 24.81 -87.47 -30.11
N THR F 907 23.97 -88.50 -30.08
CA THR F 907 22.93 -88.69 -31.09
C THR F 907 21.62 -89.05 -30.40
N ILE F 908 20.52 -88.55 -30.95
CA ILE F 908 19.18 -88.84 -30.43
C ILE F 908 18.80 -90.24 -30.88
N GLN F 909 18.80 -91.19 -29.94
CA GLN F 909 18.49 -92.58 -30.28
C GLN F 909 17.02 -92.71 -30.71
N ARG F 910 16.10 -92.34 -29.82
CA ARG F 910 14.68 -92.29 -30.13
C ARG F 910 14.13 -90.95 -29.67
N GLU F 911 12.90 -90.65 -30.09
CA GLU F 911 12.28 -89.38 -29.77
C GLU F 911 10.77 -89.55 -29.80
N GLY F 912 10.10 -88.73 -29.00
CA GLY F 912 8.66 -88.68 -28.96
C GLY F 912 8.17 -88.47 -27.55
N THR F 913 6.95 -88.91 -27.31
CA THR F 913 6.31 -88.84 -26.01
C THR F 913 6.55 -90.15 -25.23
N LEU F 914 5.83 -90.33 -24.12
CA LEU F 914 5.98 -91.55 -23.33
C LEU F 914 5.42 -92.76 -24.07
N LYS F 915 4.22 -92.62 -24.64
CA LYS F 915 3.59 -93.74 -25.33
C LYS F 915 4.32 -94.08 -26.63
N ASP F 916 4.75 -93.05 -27.38
CA ASP F 916 5.52 -93.28 -28.58
C ASP F 916 6.91 -93.86 -28.28
N PHE F 917 7.39 -93.70 -27.04
CA PHE F 917 8.65 -94.32 -26.66
C PHE F 917 8.45 -95.75 -26.19
N GLN F 918 7.32 -96.05 -25.55
CA GLN F 918 7.07 -97.40 -25.10
C GLN F 918 6.51 -98.29 -26.20
N ARG F 919 6.01 -97.71 -27.29
CA ARG F 919 5.53 -98.46 -28.44
C ARG F 919 6.60 -98.62 -29.53
N SER F 920 7.83 -98.19 -29.26
CA SER F 920 8.91 -98.30 -30.22
C SER F 920 10.03 -99.17 -29.62
N GLU F 921 11.05 -99.42 -30.45
CA GLU F 921 12.17 -100.25 -30.06
C GLU F 921 13.02 -99.56 -29.00
N ILE F 996 48.04 -41.01 14.13
CA ILE F 996 48.64 -42.10 14.88
C ILE F 996 49.61 -41.50 15.90
N PRO F 997 49.50 -41.94 17.15
CA PRO F 997 50.34 -41.35 18.21
C PRO F 997 51.79 -41.79 18.12
N TRP F 998 52.62 -41.21 18.98
CA TRP F 998 54.02 -41.62 19.08
C TRP F 998 54.19 -42.97 19.78
N ARG F 999 53.11 -43.57 20.29
CA ARG F 999 53.24 -44.81 21.05
C ARG F 999 53.51 -46.00 20.14
N ALA F 1000 52.87 -46.04 18.97
CA ALA F 1000 53.12 -47.14 18.03
C ALA F 1000 54.58 -47.14 17.57
N CYS F 1001 55.08 -45.97 17.15
CA CYS F 1001 56.48 -45.86 16.77
C CYS F 1001 57.42 -46.11 17.95
N THR F 1002 57.02 -45.69 19.15
CA THR F 1002 57.83 -45.92 20.34
C THR F 1002 58.01 -47.41 20.58
N LYS F 1003 56.91 -48.17 20.52
CA LYS F 1003 57.01 -49.62 20.68
C LYS F 1003 57.79 -50.24 19.53
N TYR F 1004 57.60 -49.75 18.31
CA TYR F 1004 58.32 -50.30 17.16
C TYR F 1004 59.83 -50.14 17.34
N LEU F 1005 60.27 -48.97 17.81
CA LEU F 1005 61.70 -48.72 17.95
C LEU F 1005 62.26 -49.33 19.23
N SER F 1006 61.42 -49.49 20.27
CA SER F 1006 61.86 -50.15 21.50
C SER F 1006 61.97 -51.66 21.33
N SER F 1007 61.26 -52.23 20.35
CA SER F 1007 61.51 -53.62 20.00
C SER F 1007 62.91 -53.81 19.44
N ALA F 1008 63.48 -52.76 18.84
CA ALA F 1008 64.86 -52.83 18.37
C ALA F 1008 65.84 -52.81 19.54
N GLY F 1009 65.55 -52.02 20.56
CA GLY F 1009 66.40 -51.90 21.72
C GLY F 1009 67.21 -50.63 21.72
N ILE F 1010 67.83 -50.35 22.87
CA ILE F 1010 68.68 -49.18 23.02
C ILE F 1010 69.99 -49.34 22.25
N LEU F 1011 70.32 -50.55 21.83
CA LEU F 1011 71.60 -50.80 21.17
C LEU F 1011 71.69 -50.08 19.83
N LEU F 1012 70.62 -50.11 19.04
CA LEU F 1012 70.66 -49.59 17.68
C LEU F 1012 69.95 -48.26 17.50
N LEU F 1013 69.09 -47.86 18.45
CA LEU F 1013 68.38 -46.60 18.33
C LEU F 1013 69.35 -45.42 18.22
N SER F 1014 70.23 -45.28 19.21
CA SER F 1014 71.21 -44.20 19.18
C SER F 1014 72.20 -44.37 18.05
N LEU F 1015 72.62 -45.61 17.79
CA LEU F 1015 73.54 -45.88 16.69
C LEU F 1015 72.98 -45.39 15.36
N LEU F 1016 71.66 -45.41 15.22
CA LEU F 1016 71.02 -44.86 14.02
C LEU F 1016 70.94 -43.34 14.09
N VAL F 1017 70.39 -42.82 15.19
CA VAL F 1017 70.05 -41.40 15.24
C VAL F 1017 71.30 -40.53 15.19
N PHE F 1018 72.29 -40.83 16.03
CA PHE F 1018 73.50 -40.02 16.05
C PHE F 1018 74.28 -40.14 14.75
N SER F 1019 74.27 -41.32 14.12
CA SER F 1019 74.94 -41.48 12.84
C SER F 1019 74.27 -40.62 11.76
N GLN F 1020 72.93 -40.56 11.77
CA GLN F 1020 72.23 -39.70 10.82
C GLN F 1020 72.57 -38.24 11.06
N LEU F 1021 72.53 -37.81 12.32
CA LEU F 1021 72.89 -36.43 12.65
C LEU F 1021 74.30 -36.10 12.17
N LEU F 1022 75.24 -37.03 12.37
CA LEU F 1022 76.62 -36.76 11.99
C LEU F 1022 76.79 -36.75 10.47
N LYS F 1023 76.05 -37.61 9.76
CA LYS F 1023 76.12 -37.58 8.30
C LYS F 1023 75.62 -36.26 7.75
N HIS F 1024 74.51 -35.75 8.29
CA HIS F 1024 74.00 -34.47 7.81
C HIS F 1024 74.93 -33.32 8.20
N MET F 1025 75.54 -33.40 9.39
CA MET F 1025 76.49 -32.38 9.78
C MET F 1025 77.70 -32.37 8.85
N VAL F 1026 78.17 -33.54 8.42
CA VAL F 1026 79.27 -33.59 7.47
C VAL F 1026 78.83 -33.04 6.11
N LEU F 1027 77.61 -33.37 5.68
CA LEU F 1027 77.12 -32.91 4.39
C LEU F 1027 76.96 -31.39 4.35
N VAL F 1028 76.69 -30.75 5.50
CA VAL F 1028 76.67 -29.29 5.48
C VAL F 1028 78.07 -28.72 5.66
N ALA F 1029 78.90 -29.35 6.49
CA ALA F 1029 80.23 -28.81 6.78
C ALA F 1029 81.13 -28.83 5.55
N ILE F 1030 80.95 -29.81 4.65
CA ILE F 1030 81.77 -29.83 3.44
C ILE F 1030 81.53 -28.57 2.62
N ASP F 1031 80.27 -28.17 2.47
CA ASP F 1031 79.96 -26.94 1.74
C ASP F 1031 80.38 -25.70 2.53
N TYR F 1032 80.26 -25.74 3.86
CA TYR F 1032 80.71 -24.62 4.68
C TYR F 1032 82.19 -24.37 4.47
N TRP F 1033 82.99 -25.45 4.40
CA TRP F 1033 84.43 -25.29 4.16
C TRP F 1033 84.71 -24.91 2.72
N LEU F 1034 83.89 -25.39 1.77
CA LEU F 1034 84.04 -24.98 0.38
C LEU F 1034 83.83 -23.47 0.24
N ALA F 1035 82.92 -22.91 1.03
CA ALA F 1035 82.69 -21.46 1.01
C ALA F 1035 83.98 -20.69 1.30
N LYS F 1036 84.75 -21.13 2.29
CA LYS F 1036 86.03 -20.50 2.55
C LYS F 1036 87.07 -20.89 1.51
N TRP F 1037 86.94 -22.08 0.93
CA TRP F 1037 87.82 -22.49 -0.15
C TRP F 1037 87.77 -21.50 -1.30
N THR F 1038 86.58 -20.99 -1.61
CA THR F 1038 86.38 -20.23 -2.84
C THR F 1038 87.33 -19.04 -2.94
N ASP F 1039 87.20 -18.08 -2.02
CA ASP F 1039 87.95 -16.84 -2.14
C ASP F 1039 89.44 -17.07 -2.00
N SER F 1040 90.21 -16.50 -2.91
CA SER F 1040 91.67 -16.65 -2.90
C SER F 1040 92.34 -15.51 -3.67
N ASP F 1060 96.75 -20.76 0.19
CA ASP F 1060 96.85 -22.16 0.59
C ASP F 1060 95.75 -22.99 -0.08
N GLN F 1061 95.75 -22.96 -1.42
CA GLN F 1061 94.71 -23.67 -2.17
C GLN F 1061 94.87 -25.19 -2.05
N SER F 1062 96.11 -25.67 -1.99
CA SER F 1062 96.35 -27.11 -1.92
C SER F 1062 95.83 -27.70 -0.60
N VAL F 1063 96.16 -27.05 0.52
CA VAL F 1063 95.65 -27.50 1.81
C VAL F 1063 94.12 -27.47 1.82
N TYR F 1064 93.55 -26.42 1.23
CA TYR F 1064 92.09 -26.31 1.11
C TYR F 1064 91.52 -27.53 0.39
N ALA F 1065 92.09 -27.88 -0.77
CA ALA F 1065 91.57 -29.02 -1.53
C ALA F 1065 91.75 -30.32 -0.76
N MET F 1066 92.85 -30.46 -0.02
CA MET F 1066 93.04 -31.67 0.77
C MET F 1066 91.99 -31.80 1.87
N VAL F 1067 91.65 -30.69 2.53
CA VAL F 1067 90.59 -30.72 3.53
C VAL F 1067 89.27 -31.08 2.89
N PHE F 1068 89.01 -30.55 1.69
CA PHE F 1068 87.81 -30.92 0.96
C PHE F 1068 87.75 -32.42 0.71
N THR F 1069 88.89 -33.02 0.33
CA THR F 1069 88.93 -34.46 0.09
C THR F 1069 88.63 -35.25 1.36
N LEU F 1070 89.20 -34.80 2.49
CA LEU F 1070 88.94 -35.47 3.77
C LEU F 1070 87.44 -35.46 4.09
N LEU F 1071 86.80 -34.29 3.93
CA LEU F 1071 85.38 -34.22 4.20
C LEU F 1071 84.58 -35.14 3.28
N CYS F 1072 84.95 -35.16 1.98
CA CYS F 1072 84.26 -36.03 1.02
C CYS F 1072 84.36 -37.49 1.40
N SER F 1073 85.51 -37.92 1.92
CA SER F 1073 85.64 -39.32 2.34
C SER F 1073 84.78 -39.61 3.58
N LEU F 1074 84.83 -38.71 4.57
CA LEU F 1074 84.01 -38.90 5.78
C LEU F 1074 82.54 -39.06 5.42
N GLY F 1075 82.06 -38.25 4.47
CA GLY F 1075 80.66 -38.31 4.11
C GLY F 1075 80.22 -39.70 3.64
N ILE F 1076 80.97 -40.28 2.70
CA ILE F 1076 80.57 -41.55 2.12
C ILE F 1076 80.68 -42.68 3.14
N VAL F 1077 81.75 -42.66 3.96
CA VAL F 1077 81.88 -43.71 4.97
C VAL F 1077 80.69 -43.67 5.92
N LEU F 1078 80.33 -42.47 6.39
CA LEU F 1078 79.22 -42.36 7.33
C LEU F 1078 77.90 -42.76 6.70
N CYS F 1079 77.72 -42.45 5.41
CA CYS F 1079 76.48 -42.84 4.73
C CYS F 1079 76.33 -44.36 4.66
N LEU F 1080 77.41 -45.05 4.30
CA LEU F 1080 77.37 -46.52 4.28
C LEU F 1080 77.03 -47.06 5.67
N VAL F 1081 77.65 -46.50 6.71
CA VAL F 1081 77.37 -46.97 8.07
C VAL F 1081 75.89 -46.81 8.40
N THR F 1082 75.31 -45.64 8.10
CA THR F 1082 73.91 -45.40 8.42
C THR F 1082 73.00 -46.36 7.69
N SER F 1083 73.28 -46.62 6.41
CA SER F 1083 72.42 -47.50 5.64
C SER F 1083 72.44 -48.92 6.21
N VAL F 1084 73.63 -49.43 6.52
CA VAL F 1084 73.73 -50.76 7.10
C VAL F 1084 73.00 -50.82 8.44
N THR F 1085 73.08 -49.73 9.22
CA THR F 1085 72.37 -49.69 10.50
C THR F 1085 70.87 -49.84 10.30
N VAL F 1086 70.30 -49.05 9.39
CA VAL F 1086 68.86 -49.12 9.14
C VAL F 1086 68.46 -50.52 8.73
N GLU F 1087 69.23 -51.13 7.82
CA GLU F 1087 68.92 -52.49 7.36
C GLU F 1087 68.88 -53.47 8.54
N TRP F 1088 69.98 -53.54 9.30
CA TRP F 1088 70.08 -54.51 10.38
C TRP F 1088 68.96 -54.32 11.39
N THR F 1089 68.68 -53.06 11.75
CA THR F 1089 67.65 -52.77 12.74
C THR F 1089 66.27 -53.21 12.25
N GLY F 1090 65.93 -52.86 11.00
CA GLY F 1090 64.64 -53.27 10.47
C GLY F 1090 64.45 -54.77 10.48
N LEU F 1091 65.49 -55.51 10.07
CA LEU F 1091 65.37 -56.97 10.05
C LEU F 1091 65.18 -57.55 11.44
N LYS F 1092 65.96 -57.06 12.41
CA LYS F 1092 65.80 -57.55 13.78
C LYS F 1092 64.40 -57.25 14.32
N VAL F 1093 63.88 -56.06 14.04
CA VAL F 1093 62.55 -55.69 14.52
C VAL F 1093 61.49 -56.60 13.92
N ALA F 1094 61.58 -56.85 12.61
CA ALA F 1094 60.62 -57.74 11.98
C ALA F 1094 60.65 -59.13 12.62
N LYS F 1095 61.85 -59.67 12.82
CA LYS F 1095 61.99 -60.97 13.48
C LYS F 1095 61.27 -61.00 14.83
N ARG F 1096 61.64 -60.07 15.71
CA ARG F 1096 61.10 -60.10 17.07
C ARG F 1096 59.60 -59.89 17.07
N LEU F 1097 59.11 -58.99 16.22
CA LEU F 1097 57.67 -58.73 16.17
C LEU F 1097 56.90 -59.96 15.71
N HIS F 1098 57.39 -60.65 14.68
CA HIS F 1098 56.70 -61.85 14.22
C HIS F 1098 56.69 -62.92 15.30
N ARG F 1099 57.84 -63.15 15.94
CA ARG F 1099 57.89 -64.19 16.96
C ARG F 1099 56.96 -63.87 18.12
N SER F 1100 56.94 -62.61 18.58
CA SER F 1100 56.06 -62.24 19.68
C SER F 1100 54.60 -62.37 19.30
N LEU F 1101 54.25 -62.00 18.06
CA LEU F 1101 52.87 -62.14 17.61
C LEU F 1101 52.44 -63.60 17.62
N LEU F 1102 53.29 -64.48 17.08
CA LEU F 1102 52.97 -65.90 17.08
C LEU F 1102 52.78 -66.43 18.49
N ASN F 1103 53.72 -66.11 19.39
CA ASN F 1103 53.64 -66.61 20.76
C ASN F 1103 52.38 -66.11 21.46
N ARG F 1104 52.03 -64.84 21.28
CA ARG F 1104 50.84 -64.30 21.94
C ARG F 1104 49.56 -64.86 21.36
N ILE F 1105 49.56 -65.21 20.07
CA ILE F 1105 48.37 -65.82 19.49
C ILE F 1105 48.24 -67.27 19.94
N ILE F 1106 49.35 -67.93 20.27
CA ILE F 1106 49.28 -69.33 20.66
C ILE F 1106 48.51 -69.52 21.97
N LEU F 1107 48.75 -68.66 22.95
CA LEU F 1107 48.23 -68.85 24.30
C LEU F 1107 46.84 -68.26 24.51
N ALA F 1108 46.04 -68.13 23.44
CA ALA F 1108 44.72 -67.54 23.59
C ALA F 1108 43.67 -68.60 23.92
N PRO F 1109 42.59 -68.21 24.61
CA PRO F 1109 41.52 -69.18 24.89
C PRO F 1109 40.74 -69.52 23.64
N MET F 1110 40.04 -70.66 23.71
CA MET F 1110 39.29 -71.15 22.56
C MET F 1110 38.15 -70.22 22.18
N ARG F 1111 37.43 -69.71 23.18
CA ARG F 1111 36.30 -68.84 22.90
C ARG F 1111 36.73 -67.57 22.20
N PHE F 1112 37.95 -67.10 22.46
CA PHE F 1112 38.47 -65.96 21.71
C PHE F 1112 38.61 -66.30 20.23
N PHE F 1113 39.19 -67.46 19.92
CA PHE F 1113 39.35 -67.86 18.52
C PHE F 1113 37.99 -68.04 17.85
N GLU F 1114 37.01 -68.57 18.58
CA GLU F 1114 35.69 -68.75 18.00
C GLU F 1114 34.97 -67.42 17.80
N THR F 1115 35.24 -66.43 18.65
CA THR F 1115 34.53 -65.16 18.56
C THR F 1115 35.03 -64.32 17.38
N THR F 1116 36.35 -64.22 17.23
CA THR F 1116 36.92 -63.37 16.19
C THR F 1116 36.87 -64.07 14.84
N PRO F 1117 36.43 -63.40 13.77
CA PRO F 1117 36.47 -64.01 12.45
C PRO F 1117 37.88 -64.38 12.05
N LEU F 1118 37.98 -65.31 11.08
CA LEU F 1118 39.28 -65.77 10.64
C LEU F 1118 39.99 -64.72 9.79
N GLY F 1119 39.24 -63.90 9.07
CA GLY F 1119 39.86 -62.93 8.17
C GLY F 1119 40.80 -61.97 8.87
N SER F 1120 40.37 -61.43 10.01
CA SER F 1120 41.19 -60.46 10.73
C SER F 1120 42.44 -61.10 11.32
N ILE F 1121 42.29 -62.25 11.97
CA ILE F 1121 43.44 -62.93 12.56
C ILE F 1121 44.43 -63.35 11.49
N LEU F 1122 43.95 -63.91 10.39
CA LEU F 1122 44.86 -64.32 9.32
C LEU F 1122 45.47 -63.16 8.54
N ASN F 1123 44.64 -62.14 8.35
CA ASN F 1123 45.03 -60.99 7.56
C ASN F 1123 46.21 -60.24 8.13
N ARG F 1124 46.30 -60.10 9.44
CA ARG F 1124 47.43 -59.36 9.99
C ARG F 1124 48.74 -60.02 9.57
N PHE F 1125 48.84 -61.33 9.77
CA PHE F 1125 50.04 -62.06 9.36
C PHE F 1125 50.28 -62.01 7.87
N SER F 1126 49.20 -62.13 7.11
CA SER F 1126 49.31 -62.09 5.65
C SER F 1126 49.84 -60.79 5.10
N SER F 1127 49.40 -59.67 5.65
CA SER F 1127 49.81 -58.38 5.10
C SER F 1127 50.65 -57.56 6.04
N ASP F 1128 50.06 -57.15 7.15
CA ASP F 1128 50.82 -56.37 8.12
C ASP F 1128 52.28 -56.79 8.18
N CYS F 1129 52.54 -58.08 8.26
CA CYS F 1129 53.92 -58.52 8.35
C CYS F 1129 54.67 -58.22 7.06
N ASN F 1130 54.01 -58.59 5.96
CA ASN F 1130 54.58 -58.40 4.65
C ASN F 1130 54.76 -56.94 4.35
N THR F 1131 53.74 -56.15 4.66
CA THR F 1131 53.79 -54.74 4.36
C THR F 1131 54.93 -54.10 5.11
N ILE F 1132 55.05 -54.42 6.39
CA ILE F 1132 56.10 -53.82 7.18
C ILE F 1132 57.46 -54.18 6.63
N ASP F 1133 57.66 -55.47 6.35
CA ASP F 1133 58.98 -55.87 5.89
C ASP F 1133 59.34 -55.22 4.56
N GLN F 1134 58.37 -55.14 3.66
CA GLN F 1134 58.63 -54.53 2.37
C GLN F 1134 58.84 -53.02 2.38
N HIS F 1135 58.05 -52.30 3.17
CA HIS F 1135 58.10 -50.84 3.09
C HIS F 1135 58.48 -50.00 4.30
N ILE F 1136 58.44 -50.54 5.50
CA ILE F 1136 58.74 -49.67 6.64
C ILE F 1136 60.20 -49.22 6.66
N PRO F 1137 61.20 -50.08 6.44
CA PRO F 1137 62.59 -49.59 6.54
C PRO F 1137 62.94 -48.53 5.51
N SER F 1138 62.60 -48.74 4.24
CA SER F 1138 62.93 -47.77 3.20
C SER F 1138 62.23 -46.44 3.44
N THR F 1139 60.94 -46.48 3.76
CA THR F 1139 60.19 -45.24 3.99
C THR F 1139 60.69 -44.51 5.23
N LEU F 1140 61.05 -45.26 6.29
CA LEU F 1140 61.61 -44.63 7.48
C LEU F 1140 62.94 -43.94 7.18
N GLU F 1141 63.81 -44.63 6.43
CA GLU F 1141 65.07 -44.02 6.02
C GLU F 1141 64.84 -42.75 5.21
N CYS F 1142 63.90 -42.80 4.26
CA CYS F 1142 63.64 -41.63 3.43
C CYS F 1142 63.09 -40.47 4.25
N LEU F 1143 62.16 -40.76 5.17
CA LEU F 1143 61.62 -39.71 6.04
C LEU F 1143 62.72 -39.07 6.88
N SER F 1144 63.60 -39.89 7.47
CA SER F 1144 64.67 -39.34 8.29
C SER F 1144 65.61 -38.47 7.45
N ARG F 1145 66.04 -38.97 6.29
CA ARG F 1145 66.91 -38.18 5.44
C ARG F 1145 66.26 -36.87 5.05
N SER F 1146 64.97 -36.91 4.69
CA SER F 1146 64.29 -35.70 4.25
C SER F 1146 64.20 -34.68 5.37
N THR F 1147 63.76 -35.11 6.56
CA THR F 1147 63.58 -34.14 7.64
C THR F 1147 64.92 -33.56 8.08
N LEU F 1148 65.98 -34.37 8.12
CA LEU F 1148 67.27 -33.84 8.53
C LEU F 1148 67.87 -32.92 7.47
N LEU F 1149 67.68 -33.25 6.18
CA LEU F 1149 68.14 -32.36 5.12
C LEU F 1149 67.42 -31.02 5.17
N CYS F 1150 66.12 -31.04 5.45
CA CYS F 1150 65.36 -29.79 5.55
C CYS F 1150 65.84 -28.95 6.72
N VAL F 1151 66.02 -29.57 7.89
CA VAL F 1151 66.50 -28.82 9.05
C VAL F 1151 67.89 -28.26 8.78
N SER F 1152 68.76 -29.05 8.14
CA SER F 1152 70.09 -28.58 7.81
C SER F 1152 70.06 -27.40 6.85
N ALA F 1153 69.18 -27.46 5.84
CA ALA F 1153 69.08 -26.35 4.89
C ALA F 1153 68.58 -25.08 5.57
N LEU F 1154 67.59 -25.21 6.46
CA LEU F 1154 67.13 -24.04 7.20
C LEU F 1154 68.23 -23.44 8.05
N THR F 1155 69.00 -24.30 8.73
CA THR F 1155 70.11 -23.80 9.54
C THR F 1155 71.16 -23.12 8.68
N VAL F 1156 71.42 -23.65 7.48
CA VAL F 1156 72.40 -23.03 6.59
C VAL F 1156 71.95 -21.64 6.17
N ILE F 1157 70.72 -21.52 5.66
CA ILE F 1157 70.24 -20.23 5.20
C ILE F 1157 70.04 -19.27 6.37
N SER F 1158 69.97 -19.77 7.60
CA SER F 1158 69.95 -18.89 8.76
C SER F 1158 71.35 -18.38 9.09
N TYR F 1159 72.33 -19.29 9.13
CA TYR F 1159 73.70 -18.89 9.46
C TYR F 1159 74.27 -17.94 8.43
N VAL F 1160 73.91 -18.13 7.16
CA VAL F 1160 74.39 -17.24 6.10
C VAL F 1160 73.90 -15.82 6.36
N THR F 1161 72.59 -15.65 6.45
CA THR F 1161 72.00 -14.34 6.72
C THR F 1161 71.21 -14.42 8.02
N PRO F 1162 71.67 -13.78 9.10
CA PRO F 1162 70.93 -13.88 10.37
C PRO F 1162 69.50 -13.37 10.28
N VAL F 1163 69.30 -12.16 9.75
CA VAL F 1163 67.95 -11.58 9.70
C VAL F 1163 67.00 -12.47 8.91
N PHE F 1164 67.50 -13.13 7.85
CA PHE F 1164 66.66 -14.04 7.08
C PHE F 1164 66.00 -15.10 7.96
N LEU F 1165 66.72 -15.57 8.99
CA LEU F 1165 66.15 -16.49 9.95
C LEU F 1165 64.82 -15.97 10.48
N VAL F 1166 64.82 -14.73 10.99
CA VAL F 1166 63.62 -14.18 11.61
C VAL F 1166 62.49 -14.05 10.61
N ALA F 1167 62.80 -14.02 9.31
CA ALA F 1167 61.75 -13.93 8.31
C ALA F 1167 61.18 -15.29 7.94
N LEU F 1168 61.92 -16.38 8.18
CA LEU F 1168 61.51 -17.70 7.73
C LEU F 1168 60.60 -18.43 8.71
N LEU F 1169 60.62 -18.05 9.99
CA LEU F 1169 59.78 -18.72 10.99
C LEU F 1169 58.30 -18.43 10.77
N PRO F 1170 57.89 -17.21 10.35
CA PRO F 1170 56.49 -17.02 9.95
C PRO F 1170 56.02 -18.01 8.90
N LEU F 1171 56.71 -18.04 7.75
CA LEU F 1171 56.30 -18.89 6.63
C LEU F 1171 56.19 -20.35 7.07
N ALA F 1172 57.17 -20.84 7.82
CA ALA F 1172 57.14 -22.22 8.28
C ALA F 1172 55.89 -22.51 9.09
N VAL F 1173 55.48 -21.56 9.95
CA VAL F 1173 54.25 -21.73 10.71
C VAL F 1173 53.06 -21.88 9.78
N VAL F 1174 53.08 -21.15 8.66
CA VAL F 1174 52.07 -21.32 7.62
C VAL F 1174 51.96 -22.80 7.25
N CYS F 1175 53.10 -23.44 7.00
CA CYS F 1175 53.12 -24.85 6.62
C CYS F 1175 52.38 -25.71 7.64
N TYR F 1176 52.46 -25.36 8.92
CA TYR F 1176 51.72 -26.13 9.93
C TYR F 1176 50.24 -26.20 9.58
N PHE F 1177 49.64 -25.05 9.27
CA PHE F 1177 48.23 -25.05 8.88
C PHE F 1177 48.01 -25.84 7.59
N ILE F 1178 49.00 -25.84 6.69
CA ILE F 1178 48.87 -26.63 5.47
C ILE F 1178 49.00 -28.11 5.76
N GLN F 1179 49.61 -28.47 6.89
CA GLN F 1179 49.81 -29.88 7.20
C GLN F 1179 48.49 -30.53 7.61
N LYS F 1180 47.88 -30.03 8.70
CA LYS F 1180 46.66 -30.63 9.24
C LYS F 1180 45.62 -30.86 8.14
N TYR F 1181 45.16 -29.76 7.53
CA TYR F 1181 44.11 -29.85 6.51
C TYR F 1181 44.43 -30.87 5.44
N PHE F 1182 45.72 -31.10 5.17
CA PHE F 1182 46.07 -32.11 4.18
C PHE F 1182 45.79 -33.52 4.71
N ARG F 1183 46.41 -33.88 5.84
CA ARG F 1183 46.40 -35.27 6.27
C ARG F 1183 44.97 -35.77 6.48
N VAL F 1184 44.18 -35.01 7.23
CA VAL F 1184 42.80 -35.39 7.55
C VAL F 1184 41.95 -35.61 6.31
N ALA F 1185 42.43 -35.21 5.13
CA ALA F 1185 41.80 -35.57 3.87
C ALA F 1185 42.61 -36.59 3.09
N SER F 1186 43.93 -36.45 3.08
CA SER F 1186 44.76 -37.33 2.26
C SER F 1186 44.64 -38.77 2.72
N ARG F 1187 44.59 -38.99 4.03
CA ARG F 1187 44.26 -40.31 4.55
C ARG F 1187 42.90 -40.76 4.03
N ASP F 1188 41.88 -39.91 4.22
CA ASP F 1188 40.50 -40.31 3.90
C ASP F 1188 40.38 -40.76 2.45
N LEU F 1189 40.63 -39.85 1.51
CA LEU F 1189 40.60 -40.22 0.09
C LEU F 1189 41.34 -41.53 -0.15
N GLN F 1190 42.52 -41.68 0.46
CA GLN F 1190 43.31 -42.89 0.28
C GLN F 1190 42.47 -44.15 0.48
N GLN F 1191 41.88 -44.27 1.67
CA GLN F 1191 41.09 -45.47 1.96
C GLN F 1191 39.94 -45.63 0.98
N LEU F 1192 39.30 -44.51 0.62
CA LEU F 1192 38.21 -44.59 -0.36
C LEU F 1192 38.68 -45.28 -1.63
N ASP F 1193 39.87 -44.90 -2.13
CA ASP F 1193 40.44 -45.58 -3.30
C ASP F 1193 40.43 -47.09 -3.11
N ASP F 1194 41.00 -47.55 -1.99
CA ASP F 1194 41.05 -48.98 -1.72
C ASP F 1194 39.67 -49.60 -1.86
N THR F 1195 38.66 -48.95 -1.27
CA THR F 1195 37.33 -49.53 -1.33
C THR F 1195 36.83 -49.63 -2.76
N THR F 1196 37.02 -48.58 -3.57
CA THR F 1196 36.50 -48.67 -4.94
C THR F 1196 37.30 -49.65 -5.78
N GLN F 1197 38.45 -50.11 -5.30
CA GLN F 1197 39.19 -51.13 -6.03
C GLN F 1197 38.72 -52.53 -5.70
N LEU F 1198 38.04 -52.73 -4.56
CA LEU F 1198 37.78 -54.09 -4.12
C LEU F 1198 36.56 -54.71 -4.83
N PRO F 1199 35.36 -54.11 -4.81
CA PRO F 1199 34.24 -54.73 -5.53
C PRO F 1199 34.40 -54.71 -7.04
N LEU F 1200 35.22 -53.82 -7.60
CA LEU F 1200 35.40 -53.83 -9.05
C LEU F 1200 36.00 -55.14 -9.52
N LEU F 1201 37.24 -55.44 -9.08
CA LEU F 1201 37.91 -56.67 -9.48
C LEU F 1201 37.02 -57.88 -9.20
N SER F 1202 36.50 -57.99 -7.98
CA SER F 1202 35.62 -59.11 -7.64
C SER F 1202 34.51 -59.25 -8.67
N HIS F 1203 33.87 -58.13 -9.03
CA HIS F 1203 32.81 -58.16 -10.03
C HIS F 1203 33.29 -58.85 -11.30
N PHE F 1204 34.45 -58.44 -11.81
CA PHE F 1204 35.04 -59.09 -12.98
C PHE F 1204 34.99 -60.60 -12.85
N ALA F 1205 35.51 -61.13 -11.73
CA ALA F 1205 35.57 -62.58 -11.56
C ALA F 1205 34.19 -63.20 -11.62
N GLU F 1206 33.19 -62.56 -10.99
CA GLU F 1206 31.84 -63.11 -11.02
C GLU F 1206 31.32 -63.25 -12.44
N THR F 1207 31.68 -62.32 -13.33
CA THR F 1207 31.23 -62.42 -14.70
C THR F 1207 31.89 -63.59 -15.42
N VAL F 1208 33.13 -63.91 -15.07
CA VAL F 1208 33.89 -64.90 -15.83
C VAL F 1208 33.34 -66.30 -15.57
N GLU F 1209 33.10 -66.64 -14.30
CA GLU F 1209 32.65 -67.99 -13.97
C GLU F 1209 31.24 -68.24 -14.50
N GLY F 1210 30.27 -67.46 -14.04
CA GLY F 1210 28.89 -67.62 -14.49
C GLY F 1210 28.63 -66.96 -15.81
N LEU F 1211 29.56 -67.12 -16.77
CA LEU F 1211 29.42 -66.43 -18.05
C LEU F 1211 28.26 -66.98 -18.86
N THR F 1212 28.08 -68.30 -18.85
CA THR F 1212 26.99 -68.90 -19.62
C THR F 1212 25.64 -68.45 -19.10
N THR F 1213 25.47 -68.39 -17.78
CA THR F 1213 24.20 -67.94 -17.21
C THR F 1213 23.90 -66.50 -17.61
N ILE F 1214 24.93 -65.65 -17.62
CA ILE F 1214 24.71 -64.24 -17.91
C ILE F 1214 24.45 -64.01 -19.40
N ARG F 1215 25.13 -64.75 -20.27
CA ARG F 1215 24.81 -64.65 -21.69
C ARG F 1215 23.47 -65.30 -22.02
N ALA F 1216 23.01 -66.22 -21.17
CA ALA F 1216 21.71 -66.86 -21.39
C ALA F 1216 20.57 -65.93 -20.99
N PHE F 1217 20.66 -65.36 -19.78
CA PHE F 1217 19.63 -64.42 -19.32
C PHE F 1217 19.54 -63.17 -20.18
N ARG F 1218 20.51 -62.95 -21.07
CA ARG F 1218 20.60 -61.72 -21.87
C ARG F 1218 20.74 -60.49 -20.98
N TYR F 1219 21.32 -60.66 -19.78
CA TYR F 1219 21.49 -59.58 -18.83
C TYR F 1219 22.78 -58.80 -19.05
N GLU F 1220 23.33 -58.82 -20.27
CA GLU F 1220 24.62 -58.20 -20.52
C GLU F 1220 24.56 -56.69 -20.34
N ALA F 1221 23.43 -56.07 -20.73
CA ALA F 1221 23.31 -54.62 -20.67
C ALA F 1221 23.41 -54.12 -19.24
N ARG F 1222 22.61 -54.71 -18.34
CA ARG F 1222 22.61 -54.25 -16.95
C ARG F 1222 23.98 -54.45 -16.30
N PHE F 1223 24.66 -55.55 -16.63
CA PHE F 1223 25.96 -55.77 -16.03
C PHE F 1223 27.00 -54.78 -16.57
N GLN F 1224 26.92 -54.46 -17.86
CA GLN F 1224 27.81 -53.45 -18.40
C GLN F 1224 27.54 -52.09 -17.75
N GLN F 1225 26.28 -51.79 -17.48
CA GLN F 1225 25.94 -50.59 -16.73
C GLN F 1225 26.59 -50.59 -15.35
N LYS F 1226 26.50 -51.72 -14.66
CA LYS F 1226 27.11 -51.83 -13.34
C LYS F 1226 28.61 -51.62 -13.40
N LEU F 1227 29.27 -52.15 -14.44
CA LEU F 1227 30.72 -52.01 -14.53
C LEU F 1227 31.13 -50.58 -14.88
N LEU F 1228 30.34 -49.90 -15.72
CA LEU F 1228 30.60 -48.48 -15.94
C LEU F 1228 30.45 -47.69 -14.65
N GLU F 1229 29.42 -48.02 -13.85
CA GLU F 1229 29.25 -47.38 -12.55
C GLU F 1229 30.47 -47.61 -11.66
N TYR F 1230 30.94 -48.85 -11.59
CA TYR F 1230 32.07 -49.17 -10.71
C TYR F 1230 33.35 -48.48 -11.17
N THR F 1231 33.62 -48.47 -12.48
CA THR F 1231 34.85 -47.83 -12.95
C THR F 1231 34.76 -46.31 -12.78
N ASP F 1232 33.57 -45.74 -12.85
CA ASP F 1232 33.44 -44.32 -12.54
C ASP F 1232 33.71 -44.04 -11.06
N SER F 1233 33.18 -44.90 -10.18
CA SER F 1233 33.43 -44.73 -8.75
C SER F 1233 34.90 -44.92 -8.40
N ASN F 1234 35.61 -45.75 -9.17
CA ASN F 1234 37.05 -45.88 -8.97
C ASN F 1234 37.80 -44.64 -9.47
N ASN F 1235 37.42 -44.14 -10.64
CA ASN F 1235 38.15 -43.03 -11.24
C ASN F 1235 37.95 -41.74 -10.45
N ILE F 1236 36.75 -41.50 -9.93
CA ILE F 1236 36.54 -40.27 -9.17
C ILE F 1236 37.46 -40.23 -7.96
N ALA F 1237 37.65 -41.38 -7.30
CA ALA F 1237 38.52 -41.43 -6.13
C ALA F 1237 39.99 -41.27 -6.53
N SER F 1238 40.44 -42.08 -7.49
CA SER F 1238 41.83 -41.99 -7.93
C SER F 1238 42.15 -40.65 -8.58
N LEU F 1239 41.13 -39.85 -8.89
CA LEU F 1239 41.30 -38.53 -9.48
C LEU F 1239 41.35 -37.44 -8.41
N PHE F 1240 40.42 -37.48 -7.45
CA PHE F 1240 40.49 -36.55 -6.33
C PHE F 1240 41.79 -36.72 -5.55
N LEU F 1241 42.32 -37.94 -5.47
CA LEU F 1241 43.57 -38.14 -4.75
C LEU F 1241 44.72 -37.42 -5.43
N THR F 1242 44.83 -37.53 -6.76
CA THR F 1242 45.90 -36.84 -7.47
C THR F 1242 45.68 -35.33 -7.46
N ALA F 1243 44.41 -34.89 -7.47
CA ALA F 1243 44.14 -33.47 -7.36
C ALA F 1243 44.62 -32.91 -6.02
N ALA F 1244 44.36 -33.63 -4.93
CA ALA F 1244 44.80 -33.17 -3.61
C ALA F 1244 46.32 -33.19 -3.50
N ASN F 1245 46.96 -34.21 -4.04
CA ASN F 1245 48.43 -34.22 -4.05
C ASN F 1245 48.99 -33.04 -4.81
N ARG F 1246 48.40 -32.72 -5.97
CA ARG F 1246 48.82 -31.54 -6.71
C ARG F 1246 48.62 -30.26 -5.89
N TRP F 1247 47.50 -30.17 -5.17
CA TRP F 1247 47.24 -29.00 -4.35
C TRP F 1247 48.34 -28.79 -3.33
N LEU F 1248 48.59 -29.82 -2.51
CA LEU F 1248 49.64 -29.69 -1.50
C LEU F 1248 50.99 -29.38 -2.13
N GLU F 1249 51.31 -30.05 -3.26
CA GLU F 1249 52.58 -29.81 -3.94
C GLU F 1249 52.72 -28.34 -4.32
N VAL F 1250 51.73 -27.80 -5.03
CA VAL F 1250 51.85 -26.44 -5.56
C VAL F 1250 51.96 -25.43 -4.43
N ARG F 1251 51.18 -25.60 -3.37
CA ARG F 1251 51.21 -24.59 -2.32
C ARG F 1251 52.53 -24.64 -1.55
N MET F 1252 52.99 -25.85 -1.19
CA MET F 1252 54.28 -25.97 -0.54
C MET F 1252 55.39 -25.41 -1.43
N GLU F 1253 55.27 -25.58 -2.75
CA GLU F 1253 56.29 -25.06 -3.65
C GLU F 1253 56.25 -23.52 -3.71
N TYR F 1254 55.06 -22.95 -3.74
CA TYR F 1254 54.95 -21.49 -3.71
C TYR F 1254 55.62 -20.92 -2.48
N ILE F 1255 55.45 -21.59 -1.33
CA ILE F 1255 56.13 -21.11 -0.12
C ILE F 1255 57.64 -21.34 -0.21
N GLY F 1256 58.06 -22.46 -0.77
CA GLY F 1256 59.48 -22.72 -0.98
C GLY F 1256 60.14 -21.74 -1.93
N ALA F 1257 59.36 -21.09 -2.78
CA ALA F 1257 59.89 -20.03 -3.64
C ALA F 1257 59.86 -18.67 -2.94
N CYS F 1258 58.83 -18.42 -2.12
CA CYS F 1258 58.82 -17.22 -1.29
C CYS F 1258 60.06 -17.17 -0.40
N VAL F 1259 60.47 -18.32 0.15
CA VAL F 1259 61.59 -18.30 1.09
C VAL F 1259 62.89 -17.98 0.37
N VAL F 1260 63.09 -18.49 -0.84
CA VAL F 1260 64.32 -18.18 -1.57
C VAL F 1260 64.30 -16.73 -2.06
N LEU F 1261 63.13 -16.22 -2.45
CA LEU F 1261 63.02 -14.80 -2.77
C LEU F 1261 63.49 -13.94 -1.61
N ILE F 1262 62.91 -14.17 -0.42
CA ILE F 1262 63.26 -13.35 0.74
C ILE F 1262 64.72 -13.53 1.11
N ALA F 1263 65.23 -14.78 1.00
CA ALA F 1263 66.62 -15.03 1.35
C ALA F 1263 67.57 -14.27 0.43
N ALA F 1264 67.32 -14.31 -0.89
CA ALA F 1264 68.17 -13.59 -1.82
C ALA F 1264 68.06 -12.08 -1.63
N ALA F 1265 66.85 -11.58 -1.36
CA ALA F 1265 66.67 -10.14 -1.18
C ALA F 1265 67.39 -9.65 0.07
N THR F 1266 67.44 -10.47 1.12
CA THR F 1266 68.22 -10.09 2.29
C THR F 1266 69.71 -10.26 2.07
N SER F 1267 70.11 -11.27 1.28
CA SER F 1267 71.53 -11.54 1.09
C SER F 1267 72.19 -10.48 0.24
N ILE F 1268 71.49 -9.99 -0.80
CA ILE F 1268 72.10 -9.02 -1.70
C ILE F 1268 72.44 -7.73 -0.96
N SER F 1269 71.64 -7.37 0.03
CA SER F 1269 71.86 -6.10 0.74
C SER F 1269 72.72 -6.30 1.98
N ASN F 1270 72.30 -7.21 2.88
CA ASN F 1270 72.97 -7.35 4.15
C ASN F 1270 74.40 -7.86 3.98
N SER F 1271 74.59 -8.87 3.13
CA SER F 1271 75.89 -9.50 2.99
C SER F 1271 76.81 -8.79 2.02
N LEU F 1272 76.33 -7.77 1.32
CA LEU F 1272 77.16 -7.00 0.40
C LEU F 1272 77.37 -5.56 0.85
N HIS F 1273 76.27 -4.84 1.12
CA HIS F 1273 76.39 -3.44 1.48
C HIS F 1273 77.11 -3.27 2.81
N ARG F 1274 76.71 -4.02 3.83
CA ARG F 1274 77.29 -3.90 5.16
C ARG F 1274 78.31 -4.97 5.47
N GLU F 1275 77.94 -6.24 5.33
CA GLU F 1275 78.84 -7.32 5.75
C GLU F 1275 80.01 -7.51 4.79
N LEU F 1276 79.79 -7.27 3.50
CA LEU F 1276 80.77 -7.45 2.43
C LEU F 1276 81.54 -8.78 2.60
N SER F 1277 80.77 -9.87 2.55
CA SER F 1277 81.32 -11.22 2.60
C SER F 1277 80.65 -12.04 1.51
N ALA F 1278 81.46 -12.55 0.58
CA ALA F 1278 80.93 -13.19 -0.62
C ALA F 1278 80.74 -14.69 -0.48
N GLY F 1279 81.49 -15.35 0.40
CA GLY F 1279 81.33 -16.78 0.59
C GLY F 1279 79.99 -17.15 1.19
N LEU F 1280 79.27 -16.18 1.75
CA LEU F 1280 77.98 -16.45 2.39
C LEU F 1280 76.89 -16.68 1.35
N VAL F 1281 76.69 -15.72 0.44
CA VAL F 1281 75.55 -15.73 -0.47
C VAL F 1281 75.51 -17.02 -1.28
N GLY F 1282 76.67 -17.61 -1.57
CA GLY F 1282 76.70 -18.86 -2.30
C GLY F 1282 75.94 -19.98 -1.63
N LEU F 1283 76.29 -20.26 -0.38
CA LEU F 1283 75.62 -21.32 0.36
C LEU F 1283 74.13 -21.04 0.48
N GLY F 1284 73.77 -19.81 0.85
CA GLY F 1284 72.37 -19.47 1.03
C GLY F 1284 71.55 -19.67 -0.23
N LEU F 1285 72.05 -19.13 -1.36
CA LEU F 1285 71.33 -19.28 -2.61
C LEU F 1285 71.24 -20.73 -3.04
N THR F 1286 72.36 -21.48 -2.91
CA THR F 1286 72.35 -22.87 -3.36
C THR F 1286 71.41 -23.73 -2.53
N TYR F 1287 71.28 -23.45 -1.24
CA TYR F 1287 70.37 -24.25 -0.42
C TYR F 1287 68.92 -23.80 -0.54
N ALA F 1288 68.69 -22.50 -0.75
CA ALA F 1288 67.33 -22.00 -0.90
C ALA F 1288 66.75 -22.29 -2.28
N LEU F 1289 67.61 -22.52 -3.28
CA LEU F 1289 67.11 -22.95 -4.59
C LEU F 1289 66.51 -24.34 -4.56
N MET F 1290 66.84 -25.14 -3.53
CA MET F 1290 66.44 -26.53 -3.49
C MET F 1290 65.68 -26.94 -2.24
N VAL F 1291 65.57 -26.07 -1.23
CA VAL F 1291 64.88 -26.42 0.02
C VAL F 1291 63.46 -26.94 -0.24
N SER F 1292 62.82 -26.49 -1.32
CA SER F 1292 61.43 -26.83 -1.55
C SER F 1292 61.26 -28.33 -1.85
N ASN F 1293 62.16 -28.91 -2.62
CA ASN F 1293 62.05 -30.32 -2.96
C ASN F 1293 62.26 -31.20 -1.72
N TYR F 1294 63.19 -30.80 -0.85
CA TYR F 1294 63.36 -31.52 0.42
C TYR F 1294 62.12 -31.39 1.29
N LEU F 1295 61.49 -30.20 1.30
CA LEU F 1295 60.24 -30.03 2.02
C LEU F 1295 59.16 -30.99 1.51
N ASN F 1296 59.04 -31.12 0.19
CA ASN F 1296 58.00 -31.97 -0.37
C ASN F 1296 58.26 -33.44 -0.06
N TRP F 1297 59.51 -33.88 -0.24
CA TRP F 1297 59.89 -35.23 0.19
C TRP F 1297 59.47 -35.46 1.64
N MET F 1298 59.78 -34.50 2.52
CA MET F 1298 59.44 -34.60 3.92
C MET F 1298 57.95 -34.85 4.11
N VAL F 1299 57.12 -33.99 3.53
CA VAL F 1299 55.68 -34.06 3.85
C VAL F 1299 55.06 -35.34 3.28
N ARG F 1300 55.44 -35.71 2.06
CA ARG F 1300 54.86 -36.91 1.46
C ARG F 1300 55.27 -38.17 2.21
N ASN F 1301 56.57 -38.29 2.52
CA ASN F 1301 57.03 -39.45 3.29
C ASN F 1301 56.41 -39.46 4.68
N LEU F 1302 56.11 -38.29 5.25
CA LEU F 1302 55.43 -38.27 6.55
C LEU F 1302 54.03 -38.86 6.45
N ALA F 1303 53.29 -38.49 5.41
CA ALA F 1303 51.96 -39.06 5.22
C ALA F 1303 52.02 -40.58 5.07
N ASP F 1304 52.96 -41.06 4.25
CA ASP F 1304 53.09 -42.51 4.05
C ASP F 1304 53.47 -43.21 5.35
N MET F 1305 54.43 -42.65 6.10
CA MET F 1305 54.84 -43.25 7.36
C MET F 1305 53.68 -43.29 8.34
N GLU F 1306 52.81 -42.28 8.32
CA GLU F 1306 51.67 -42.29 9.23
C GLU F 1306 50.69 -43.39 8.88
N ILE F 1307 50.39 -43.58 7.59
CA ILE F 1307 49.44 -44.65 7.24
C ILE F 1307 50.05 -46.02 7.55
N GLN F 1308 51.36 -46.16 7.37
CA GLN F 1308 51.98 -47.45 7.65
C GLN F 1308 52.05 -47.72 9.15
N LEU F 1309 52.27 -46.69 9.96
CA LEU F 1309 52.25 -46.87 11.41
C LEU F 1309 50.85 -47.18 11.91
N GLY F 1310 49.82 -46.57 11.31
CA GLY F 1310 48.46 -46.95 11.62
C GLY F 1310 48.17 -48.40 11.25
N ALA F 1311 48.78 -48.89 10.17
CA ALA F 1311 48.66 -50.31 9.86
C ALA F 1311 49.37 -51.16 10.91
N VAL F 1312 50.51 -50.69 11.42
CA VAL F 1312 51.26 -51.46 12.41
C VAL F 1312 50.50 -51.57 13.72
N LYS F 1313 49.80 -50.49 14.12
CA LYS F 1313 49.14 -50.46 15.43
C LYS F 1313 48.22 -51.66 15.66
N ARG F 1314 47.61 -52.21 14.62
CA ARG F 1314 46.72 -53.35 14.81
C ARG F 1314 47.49 -54.60 15.22
N ILE F 1315 48.77 -54.70 14.88
CA ILE F 1315 49.58 -55.81 15.36
C ILE F 1315 49.68 -55.77 16.87
N HIS F 1316 49.94 -54.59 17.44
CA HIS F 1316 49.96 -54.47 18.89
C HIS F 1316 48.58 -54.68 19.49
N ALA F 1317 47.54 -54.25 18.78
CA ALA F 1317 46.18 -54.54 19.23
C ALA F 1317 45.94 -56.04 19.35
N LEU F 1318 46.52 -56.82 18.43
CA LEU F 1318 46.49 -58.28 18.52
C LEU F 1318 47.44 -58.81 19.58
N LEU F 1319 48.49 -58.06 19.92
CA LEU F 1319 49.50 -58.57 20.85
C LEU F 1319 48.95 -58.72 22.27
N LYS F 1320 47.95 -57.92 22.65
CA LYS F 1320 47.46 -57.89 24.02
C LYS F 1320 46.27 -58.81 24.24
N THR F 1321 46.19 -59.92 23.52
CA THR F 1321 45.10 -60.87 23.69
C THR F 1321 45.43 -61.91 24.77
N PRO F 1332 54.05 -79.75 41.67
CA PRO F 1332 54.15 -81.03 40.98
C PRO F 1332 54.26 -82.22 41.92
N SER F 1333 53.15 -82.58 42.57
CA SER F 1333 53.08 -83.77 43.41
C SER F 1333 52.42 -84.95 42.72
N LEU F 1334 51.42 -84.67 41.88
CA LEU F 1334 50.76 -85.71 41.10
C LEU F 1334 51.41 -85.89 39.73
N ILE F 1335 52.23 -84.94 39.31
CA ILE F 1335 53.00 -85.10 38.07
C ILE F 1335 53.98 -86.26 38.15
N PRO F 1336 54.84 -86.38 39.19
CA PRO F 1336 55.83 -87.47 39.19
C PRO F 1336 55.21 -88.85 39.26
N LYS F 1337 53.99 -88.97 39.73
CA LYS F 1337 53.28 -90.25 39.72
C LYS F 1337 52.58 -90.39 38.37
N ASN F 1338 52.94 -91.42 37.62
CA ASN F 1338 52.41 -91.63 36.27
C ASN F 1338 50.89 -91.61 36.30
N TRP F 1339 50.30 -91.10 35.24
CA TRP F 1339 48.86 -90.97 35.19
C TRP F 1339 48.22 -92.35 35.24
N PRO F 1340 47.24 -92.58 36.12
CA PRO F 1340 46.72 -93.94 36.31
C PRO F 1340 45.83 -94.39 35.16
N ASP F 1341 45.86 -95.69 34.91
CA ASP F 1341 44.98 -96.29 33.93
C ASP F 1341 43.55 -96.45 34.44
N GLN F 1342 43.36 -96.40 35.75
CA GLN F 1342 42.03 -96.48 36.35
C GLN F 1342 41.22 -95.25 35.94
N GLY F 1343 40.24 -95.45 35.05
CA GLY F 1343 39.47 -94.34 34.52
C GLY F 1343 38.31 -93.91 35.40
N LYS F 1344 38.32 -94.33 36.66
CA LYS F 1344 37.27 -93.91 37.60
C LYS F 1344 37.34 -92.41 37.82
N ILE F 1345 36.25 -91.71 37.51
CA ILE F 1345 36.18 -90.26 37.66
C ILE F 1345 34.89 -89.92 38.37
N GLN F 1346 34.80 -88.67 38.83
CA GLN F 1346 33.59 -88.19 39.48
C GLN F 1346 33.53 -86.69 39.38
N ILE F 1347 32.45 -86.16 38.82
CA ILE F 1347 32.24 -84.73 38.69
C ILE F 1347 31.05 -84.38 39.57
N GLN F 1348 31.32 -83.69 40.67
CA GLN F 1348 30.35 -83.44 41.73
C GLN F 1348 29.86 -82.01 41.66
N ASN F 1349 28.55 -81.84 41.43
CA ASN F 1349 27.90 -80.53 41.40
C ASN F 1349 28.61 -79.60 40.42
N LEU F 1350 28.62 -80.00 39.16
CA LEU F 1350 29.33 -79.26 38.13
C LEU F 1350 28.41 -78.29 37.41
N SER F 1351 28.93 -77.11 37.08
CA SER F 1351 28.27 -76.14 36.24
C SER F 1351 29.30 -75.53 35.31
N VAL F 1352 28.82 -74.88 34.25
CA VAL F 1352 29.73 -74.30 33.26
C VAL F 1352 29.01 -73.14 32.57
N ARG F 1353 29.78 -72.09 32.29
CA ARG F 1353 29.30 -70.94 31.54
C ARG F 1353 30.32 -70.63 30.45
N TYR F 1354 29.84 -70.05 29.35
CA TYR F 1354 30.74 -69.74 28.24
C TYR F 1354 31.46 -68.42 28.46
N ASP F 1355 30.72 -67.33 28.56
CA ASP F 1355 31.29 -66.01 28.80
C ASP F 1355 31.14 -65.64 30.27
N SER F 1356 31.96 -64.69 30.71
CA SER F 1356 31.93 -64.23 32.08
C SER F 1356 30.57 -63.61 32.40
N SER F 1357 29.87 -64.21 33.37
CA SER F 1357 28.56 -63.74 33.82
C SER F 1357 27.54 -63.71 32.68
N LEU F 1358 27.28 -64.90 32.14
CA LEU F 1358 26.21 -65.09 31.17
C LEU F 1358 25.31 -66.24 31.60
N LYS F 1359 24.40 -66.67 30.73
CA LYS F 1359 23.50 -67.75 31.06
C LYS F 1359 24.27 -69.05 31.25
N PRO F 1360 24.02 -69.79 32.33
CA PRO F 1360 24.77 -71.04 32.55
C PRO F 1360 24.38 -72.12 31.56
N VAL F 1361 25.35 -72.97 31.24
CA VAL F 1361 25.14 -74.06 30.30
C VAL F 1361 24.68 -75.32 31.00
N LEU F 1362 25.32 -75.68 32.11
CA LEU F 1362 24.93 -76.81 32.93
C LEU F 1362 24.44 -76.33 34.29
N LYS F 1363 23.75 -77.22 35.00
CA LYS F 1363 23.15 -76.86 36.27
C LYS F 1363 23.11 -78.10 37.15
N HIS F 1364 23.94 -78.13 38.19
CA HIS F 1364 23.99 -79.22 39.17
C HIS F 1364 24.26 -80.56 38.47
N VAL F 1365 25.44 -80.66 37.87
CA VAL F 1365 25.87 -81.87 37.17
C VAL F 1365 26.65 -82.73 38.17
N ASN F 1366 26.10 -83.89 38.51
CA ASN F 1366 26.75 -84.84 39.41
C ASN F 1366 26.77 -86.20 38.72
N ALA F 1367 27.96 -86.80 38.63
CA ALA F 1367 28.10 -88.08 37.95
C ALA F 1367 29.39 -88.75 38.40
N LEU F 1368 29.45 -90.06 38.21
CA LEU F 1368 30.65 -90.84 38.50
C LEU F 1368 30.77 -91.96 37.48
N ILE F 1369 32.01 -92.34 37.18
CA ILE F 1369 32.32 -93.31 36.14
C ILE F 1369 33.30 -94.33 36.71
N SER F 1370 32.97 -95.61 36.58
CA SER F 1370 33.75 -96.71 37.10
C SER F 1370 34.94 -97.02 36.19
N PRO F 1371 35.97 -97.69 36.73
CA PRO F 1371 37.15 -97.98 35.91
C PRO F 1371 36.84 -98.98 34.80
N GLY F 1372 37.44 -98.73 33.63
CA GLY F 1372 37.32 -99.65 32.52
C GLY F 1372 35.90 -99.89 32.02
N GLN F 1373 35.03 -98.88 32.15
CA GLN F 1373 33.63 -99.01 31.77
C GLN F 1373 33.30 -97.97 30.70
N LYS F 1374 32.73 -98.44 29.60
CA LYS F 1374 32.38 -97.54 28.50
C LYS F 1374 31.17 -96.69 28.90
N ILE F 1375 31.25 -95.39 28.62
CA ILE F 1375 30.25 -94.43 29.04
C ILE F 1375 29.72 -93.72 27.81
N GLY F 1376 28.39 -93.61 27.72
CA GLY F 1376 27.74 -92.86 26.65
C GLY F 1376 27.01 -91.67 27.22
N ILE F 1377 26.83 -90.65 26.39
CA ILE F 1377 26.10 -89.45 26.78
C ILE F 1377 25.21 -89.05 25.61
N CYS F 1378 23.96 -88.68 25.92
CA CYS F 1378 22.98 -88.34 24.91
C CYS F 1378 22.46 -86.93 25.15
N GLY F 1379 21.48 -86.54 24.36
CA GLY F 1379 20.92 -85.19 24.41
C GLY F 1379 20.73 -84.62 23.02
N ARG F 1380 19.85 -83.64 22.87
CA ARG F 1380 19.60 -83.05 21.56
C ARG F 1380 20.67 -82.00 21.25
N THR F 1381 20.45 -81.22 20.20
CA THR F 1381 21.39 -80.16 19.85
C THR F 1381 21.35 -79.05 20.88
N GLY F 1382 22.53 -78.55 21.25
CA GLY F 1382 22.61 -77.54 22.30
C GLY F 1382 22.29 -78.05 23.70
N SER F 1383 22.19 -79.36 23.88
CA SER F 1383 21.91 -79.90 25.21
C SER F 1383 23.09 -79.70 26.15
N GLY F 1384 24.30 -79.74 25.62
CA GLY F 1384 25.48 -79.46 26.42
C GLY F 1384 26.51 -80.57 26.43
N LYS F 1385 26.46 -81.46 25.43
CA LYS F 1385 27.42 -82.56 25.38
C LYS F 1385 28.77 -82.09 24.86
N SER F 1386 28.79 -81.27 23.81
CA SER F 1386 30.04 -80.67 23.37
C SER F 1386 30.62 -79.78 24.46
N SER F 1387 29.76 -79.04 25.16
CA SER F 1387 30.21 -78.24 26.29
C SER F 1387 30.76 -79.13 27.40
N PHE F 1388 30.15 -80.29 27.63
CA PHE F 1388 30.66 -81.20 28.65
C PHE F 1388 32.03 -81.74 28.27
N SER F 1389 32.24 -82.06 26.99
CA SER F 1389 33.55 -82.52 26.55
C SER F 1389 34.59 -81.43 26.71
N LEU F 1390 34.26 -80.21 26.27
CA LEU F 1390 35.20 -79.10 26.38
C LEU F 1390 35.51 -78.77 27.84
N ALA F 1391 34.54 -78.94 28.74
CA ALA F 1391 34.80 -78.73 30.16
C ALA F 1391 35.63 -79.88 30.74
N PHE F 1392 35.44 -81.10 30.23
CA PHE F 1392 36.29 -82.20 30.62
C PHE F 1392 37.74 -81.95 30.21
N PHE F 1393 37.93 -81.20 29.12
CA PHE F 1393 39.24 -80.65 28.78
C PHE F 1393 39.40 -79.20 29.22
N ARG F 1394 38.57 -78.75 30.17
CA ARG F 1394 38.55 -77.39 30.71
C ARG F 1394 38.79 -76.33 29.64
N MET F 1395 38.09 -76.48 28.52
CA MET F 1395 38.18 -75.49 27.45
C MET F 1395 37.28 -74.28 27.68
N VAL F 1396 36.29 -74.40 28.56
CA VAL F 1396 35.42 -73.29 28.91
C VAL F 1396 35.94 -72.66 30.19
N ASP F 1397 36.04 -71.34 30.19
CA ASP F 1397 36.74 -70.61 31.26
C ASP F 1397 35.79 -70.03 32.31
N MET F 1398 34.55 -70.51 32.38
CA MET F 1398 33.60 -70.05 33.38
C MET F 1398 32.82 -71.22 33.97
N PHE F 1399 33.51 -72.31 34.29
CA PHE F 1399 32.89 -73.46 34.91
C PHE F 1399 32.97 -73.35 36.43
N GLU F 1400 31.99 -73.94 37.11
CA GLU F 1400 31.92 -73.93 38.57
C GLU F 1400 31.81 -75.37 39.08
N GLY F 1401 32.04 -75.54 40.37
CA GLY F 1401 32.11 -76.87 40.95
C GLY F 1401 33.55 -77.39 40.87
N ARG F 1402 33.78 -78.66 41.21
CA ARG F 1402 35.12 -79.25 41.12
C ARG F 1402 34.98 -80.44 40.16
N ILE F 1403 35.86 -80.60 39.18
CA ILE F 1403 35.79 -81.76 38.27
C ILE F 1403 37.05 -82.61 38.43
N ILE F 1404 36.94 -83.92 38.61
CA ILE F 1404 38.16 -84.73 38.83
C ILE F 1404 38.39 -86.02 38.04
N ILE F 1405 39.67 -86.38 37.94
CA ILE F 1405 40.12 -87.62 37.34
C ILE F 1405 41.11 -88.27 38.30
N ASP F 1406 40.67 -89.32 38.99
CA ASP F 1406 41.48 -90.03 39.97
C ASP F 1406 41.93 -89.09 41.08
N GLY F 1407 40.97 -88.38 41.67
CA GLY F 1407 41.26 -87.44 42.72
C GLY F 1407 42.09 -86.25 42.31
N ILE F 1408 42.19 -85.99 41.01
CA ILE F 1408 43.04 -84.93 40.47
C ILE F 1408 42.20 -84.01 39.61
N ASP F 1409 42.48 -82.72 39.68
CA ASP F 1409 41.70 -81.71 38.97
C ASP F 1409 42.67 -80.68 38.38
N ILE F 1410 42.12 -79.53 37.98
CA ILE F 1410 42.88 -78.57 37.19
C ILE F 1410 43.39 -77.42 38.06
N ALA F 1411 43.60 -77.67 39.36
CA ALA F 1411 43.99 -76.59 40.26
C ALA F 1411 45.50 -76.37 40.34
N LYS F 1412 46.30 -77.38 39.97
CA LYS F 1412 47.76 -77.27 40.12
C LYS F 1412 48.53 -77.76 38.91
N LEU F 1413 47.87 -78.00 37.76
CA LEU F 1413 48.53 -78.55 36.60
C LEU F 1413 48.52 -77.55 35.45
N PRO F 1414 49.65 -77.39 34.75
CA PRO F 1414 49.66 -76.56 33.54
C PRO F 1414 49.01 -77.28 32.37
N LEU F 1415 48.81 -76.54 31.28
CA LEU F 1415 48.07 -77.06 30.14
C LEU F 1415 48.78 -78.25 29.50
N HIS F 1416 50.12 -78.24 29.51
CA HIS F 1416 50.87 -79.29 28.84
C HIS F 1416 50.59 -80.65 29.46
N THR F 1417 50.58 -80.73 30.79
CA THR F 1417 50.23 -81.97 31.45
C THR F 1417 48.75 -82.30 31.27
N LEU F 1418 47.90 -81.27 31.17
CA LEU F 1418 46.47 -81.50 30.98
C LEU F 1418 46.15 -82.03 29.59
N ARG F 1419 47.06 -81.90 28.64
CA ARG F 1419 46.84 -82.43 27.31
C ARG F 1419 47.59 -83.72 27.03
N SER F 1420 48.53 -84.11 27.91
CA SER F 1420 49.19 -85.40 27.83
C SER F 1420 48.51 -86.44 28.72
N ARG F 1421 47.22 -86.25 29.04
CA ARG F 1421 46.51 -87.14 29.94
C ARG F 1421 45.22 -87.70 29.37
N LEU F 1422 44.61 -87.06 28.38
CA LEU F 1422 43.37 -87.53 27.79
C LEU F 1422 43.47 -87.49 26.26
N SER F 1423 42.66 -88.34 25.62
CA SER F 1423 42.55 -88.37 24.17
C SER F 1423 41.15 -87.92 23.75
N ILE F 1424 41.05 -87.50 22.50
CA ILE F 1424 39.81 -86.93 21.99
C ILE F 1424 39.82 -87.01 20.47
N ILE F 1425 38.66 -87.38 19.92
CA ILE F 1425 38.44 -87.38 18.48
C ILE F 1425 37.23 -86.48 18.21
N LEU F 1426 37.44 -85.41 17.45
CA LEU F 1426 36.39 -84.41 17.24
C LEU F 1426 35.49 -84.78 16.08
N GLN F 1427 34.33 -84.15 16.05
CA GLN F 1427 33.40 -84.32 14.93
C GLN F 1427 33.93 -83.71 13.64
N ASP F 1428 34.87 -82.77 13.74
CA ASP F 1428 35.44 -82.08 12.58
C ASP F 1428 36.86 -82.60 12.35
N PRO F 1429 37.05 -83.61 11.51
CA PRO F 1429 38.40 -84.13 11.26
C PRO F 1429 39.14 -83.35 10.20
N VAL F 1430 40.47 -83.36 10.32
CA VAL F 1430 41.33 -82.70 9.34
C VAL F 1430 42.63 -83.49 9.24
N LEU F 1431 43.27 -83.37 8.07
CA LEU F 1431 44.57 -83.98 7.80
C LEU F 1431 45.47 -82.87 7.28
N PHE F 1432 46.23 -82.26 8.18
CA PHE F 1432 47.13 -81.19 7.79
C PHE F 1432 48.25 -81.72 6.90
N SER F 1433 48.85 -80.82 6.13
CA SER F 1433 49.80 -81.20 5.11
C SER F 1433 51.05 -81.83 5.73
N GLY F 1434 51.78 -82.57 4.91
CA GLY F 1434 52.97 -83.26 5.34
C GLY F 1434 52.97 -84.72 4.94
N THR F 1435 53.65 -85.57 5.71
CA THR F 1435 53.69 -86.99 5.47
C THR F 1435 52.73 -87.71 6.41
N ILE F 1436 52.74 -89.04 6.35
CA ILE F 1436 51.93 -89.82 7.28
C ILE F 1436 52.54 -89.79 8.68
N ARG F 1437 53.88 -89.70 8.77
CA ARG F 1437 54.51 -89.57 10.07
C ARG F 1437 54.17 -88.23 10.72
N PHE F 1438 53.90 -87.21 9.92
CA PHE F 1438 53.55 -85.89 10.46
C PHE F 1438 52.09 -85.80 10.89
N ASN F 1439 51.23 -86.69 10.39
CA ASN F 1439 49.84 -86.74 10.80
C ASN F 1439 49.61 -87.71 11.95
N LEU F 1440 50.28 -88.87 11.92
CA LEU F 1440 50.13 -89.84 13.01
C LEU F 1440 50.77 -89.33 14.29
N ASP F 1441 52.06 -88.99 14.22
CA ASP F 1441 52.81 -88.50 15.38
C ASP F 1441 53.56 -87.25 14.97
N PRO F 1442 52.93 -86.07 15.06
CA PRO F 1442 53.62 -84.83 14.69
C PRO F 1442 54.80 -84.52 15.58
N GLU F 1443 54.71 -84.95 16.83
CA GLU F 1443 55.81 -84.83 17.78
C GLU F 1443 56.99 -85.66 17.27
N LYS F 1444 56.65 -86.81 16.67
CA LYS F 1444 57.54 -87.82 16.05
C LYS F 1444 58.33 -88.70 17.02
N LYS F 1445 57.92 -88.71 18.28
CA LYS F 1445 58.58 -89.53 19.29
C LYS F 1445 58.43 -91.02 19.00
N CYS F 1446 57.23 -91.41 18.54
CA CYS F 1446 56.94 -92.81 18.24
C CYS F 1446 57.75 -93.42 17.10
N SER F 1447 58.19 -94.67 17.30
CA SER F 1447 58.97 -95.41 16.32
C SER F 1447 58.12 -96.00 15.18
N ASP F 1448 58.77 -96.26 14.05
CA ASP F 1448 58.12 -96.86 12.86
C ASP F 1448 57.23 -98.11 13.04
N SER F 1449 57.68 -99.11 13.77
CA SER F 1449 56.83 -100.27 14.04
C SER F 1449 55.60 -99.88 14.84
N THR F 1450 55.72 -98.88 15.72
CA THR F 1450 54.57 -98.40 16.46
C THR F 1450 53.52 -97.81 15.53
N LEU F 1451 53.95 -96.97 14.58
CA LEU F 1451 53.01 -96.39 13.62
C LEU F 1451 52.43 -97.46 12.70
N TRP F 1452 53.24 -98.44 12.31
CA TRP F 1452 52.73 -99.51 11.46
C TRP F 1452 51.69 -100.34 12.20
N GLU F 1453 51.92 -100.63 13.48
CA GLU F 1453 50.93 -101.37 14.27
C GLU F 1453 49.66 -100.54 14.47
N ALA F 1454 49.81 -99.23 14.69
CA ALA F 1454 48.63 -98.38 14.84
C ALA F 1454 47.83 -98.30 13.56
N LEU F 1455 48.49 -98.36 12.40
CA LEU F 1455 47.78 -98.38 11.13
C LEU F 1455 47.13 -99.74 10.87
N GLU F 1456 47.80 -100.81 11.27
CA GLU F 1456 47.24 -102.15 11.08
C GLU F 1456 46.01 -102.37 11.96
N ILE F 1457 46.06 -101.89 13.21
CA ILE F 1457 44.91 -102.01 14.10
C ILE F 1457 43.77 -101.11 13.62
N ALA F 1458 44.11 -99.92 13.11
CA ALA F 1458 43.10 -98.99 12.62
C ALA F 1458 42.61 -99.33 11.21
N GLN F 1459 42.92 -100.51 10.69
CA GLN F 1459 42.45 -100.95 9.38
C GLN F 1459 42.87 -99.97 8.30
N LEU F 1460 44.15 -99.58 8.32
CA LEU F 1460 44.67 -98.59 7.38
C LEU F 1460 46.02 -98.97 6.80
N LYS F 1461 46.58 -100.12 7.18
CA LYS F 1461 47.93 -100.46 6.74
C LYS F 1461 48.00 -100.79 5.26
N LEU F 1462 46.93 -101.38 4.71
CA LEU F 1462 46.96 -101.81 3.32
C LEU F 1462 46.99 -100.62 2.37
N VAL F 1463 46.14 -99.61 2.62
CA VAL F 1463 46.14 -98.43 1.77
C VAL F 1463 47.37 -97.57 2.01
N VAL F 1464 48.01 -97.69 3.17
CA VAL F 1464 49.25 -96.95 3.43
C VAL F 1464 50.40 -97.58 2.67
N LYS F 1465 50.45 -98.91 2.60
CA LYS F 1465 51.50 -99.58 1.83
C LYS F 1465 51.38 -99.34 0.34
N ALA F 1466 50.22 -98.87 -0.13
CA ALA F 1466 49.99 -98.61 -1.55
C ALA F 1466 50.29 -97.17 -1.94
N LEU F 1467 51.20 -96.50 -1.24
CA LEU F 1467 51.59 -95.13 -1.53
C LEU F 1467 53.10 -95.04 -1.70
N PRO F 1468 53.58 -94.04 -2.43
CA PRO F 1468 55.03 -93.97 -2.69
C PRO F 1468 55.83 -93.79 -1.41
N GLY F 1469 56.80 -94.68 -1.22
CA GLY F 1469 57.68 -94.58 -0.08
C GLY F 1469 57.14 -95.25 1.16
N GLY F 1470 55.85 -95.05 1.45
CA GLY F 1470 55.26 -95.59 2.66
C GLY F 1470 55.54 -94.70 3.85
N LEU F 1471 54.49 -94.35 4.59
CA LEU F 1471 54.54 -93.44 5.73
C LEU F 1471 55.10 -92.07 5.36
N ASP F 1472 55.20 -91.75 4.07
CA ASP F 1472 55.82 -90.50 3.65
C ASP F 1472 55.05 -89.82 2.51
N ALA F 1473 53.80 -90.21 2.30
CA ALA F 1473 53.00 -89.60 1.24
C ALA F 1473 52.76 -88.13 1.55
N ILE F 1474 53.02 -87.28 0.56
CA ILE F 1474 52.85 -85.84 0.72
C ILE F 1474 51.36 -85.50 0.70
N ILE F 1475 50.80 -85.21 1.88
CA ILE F 1475 49.39 -84.90 2.00
C ILE F 1475 49.19 -83.40 1.92
N THR F 1476 47.98 -82.98 1.55
CA THR F 1476 47.60 -81.58 1.51
C THR F 1476 46.49 -81.33 2.53
N GLU F 1477 46.35 -80.07 2.94
CA GLU F 1477 45.34 -79.70 3.93
C GLU F 1477 43.95 -80.01 3.42
N GLY F 1478 43.26 -80.94 4.08
CA GLY F 1478 42.00 -81.43 3.57
C GLY F 1478 42.21 -82.19 2.28
N GLY F 1479 41.79 -81.59 1.16
CA GLY F 1479 42.08 -82.19 -0.13
C GLY F 1479 41.21 -83.41 -0.43
N GLU F 1480 41.69 -84.19 -1.38
CA GLU F 1480 41.01 -85.39 -1.86
C GLU F 1480 41.98 -86.56 -1.96
N ASN F 1481 42.89 -86.67 -1.00
CA ASN F 1481 43.88 -87.74 -0.99
C ASN F 1481 43.42 -88.97 -0.23
N PHE F 1482 42.41 -88.84 0.63
CA PHE F 1482 41.91 -89.96 1.41
C PHE F 1482 40.40 -89.80 1.59
N SER F 1483 39.76 -90.92 1.93
CA SER F 1483 38.32 -90.92 2.13
C SER F 1483 37.97 -90.47 3.56
N GLN F 1484 36.70 -90.11 3.74
CA GLN F 1484 36.25 -89.66 5.06
C GLN F 1484 36.46 -90.74 6.12
N GLY F 1485 36.13 -91.99 5.77
CA GLY F 1485 36.43 -93.09 6.68
C GLY F 1485 37.90 -93.22 6.96
N GLN F 1486 38.74 -92.98 5.95
CA GLN F 1486 40.18 -93.03 6.17
C GLN F 1486 40.68 -91.85 7.00
N ARG F 1487 40.02 -90.69 6.90
CA ARG F 1487 40.35 -89.59 7.78
C ARG F 1487 40.00 -89.92 9.23
N GLN F 1488 38.85 -90.55 9.44
CA GLN F 1488 38.51 -90.99 10.80
C GLN F 1488 39.45 -92.10 11.27
N LEU F 1489 39.95 -92.92 10.35
CA LEU F 1489 40.93 -93.93 10.71
C LEU F 1489 42.25 -93.29 11.13
N PHE F 1490 42.64 -92.20 10.46
CA PHE F 1490 43.81 -91.44 10.88
C PHE F 1490 43.58 -90.80 12.24
N CYS F 1491 42.38 -90.31 12.50
CA CYS F 1491 42.06 -89.78 13.83
C CYS F 1491 42.17 -90.85 14.90
N LEU F 1492 41.66 -92.05 14.60
CA LEU F 1492 41.77 -93.16 15.54
C LEU F 1492 43.22 -93.61 15.70
N ALA F 1493 44.06 -93.43 14.66
CA ALA F 1493 45.47 -93.74 14.80
C ALA F 1493 46.17 -92.71 15.69
N ARG F 1494 45.78 -91.44 15.57
CA ARG F 1494 46.22 -90.43 16.53
C ARG F 1494 45.84 -90.85 17.95
N ALA F 1495 44.60 -91.31 18.11
CA ALA F 1495 44.13 -91.75 19.42
C ALA F 1495 44.93 -92.95 19.92
N PHE F 1496 45.30 -93.85 19.00
CA PHE F 1496 46.11 -95.01 19.38
C PHE F 1496 47.49 -94.58 19.86
N VAL F 1497 48.14 -93.69 19.11
CA VAL F 1497 49.50 -93.30 19.46
C VAL F 1497 49.56 -92.33 20.63
N ARG F 1498 48.43 -91.69 20.95
CA ARG F 1498 48.41 -90.75 22.06
C ARG F 1498 48.72 -91.43 23.40
N LYS F 1499 48.14 -92.62 23.57
CA LYS F 1499 48.31 -93.45 24.78
C LYS F 1499 47.88 -92.75 26.08
N THR F 1500 46.83 -91.95 25.99
CA THR F 1500 46.28 -91.22 27.13
C THR F 1500 45.69 -92.17 28.17
N SER F 1501 45.06 -93.24 27.65
CA SER F 1501 44.34 -94.34 28.35
C SER F 1501 42.91 -93.98 28.72
N ILE F 1502 42.50 -92.76 28.36
CA ILE F 1502 41.16 -92.25 28.55
C ILE F 1502 40.78 -91.75 27.16
N PHE F 1503 39.61 -92.12 26.66
CA PHE F 1503 39.26 -91.68 25.32
C PHE F 1503 37.95 -90.90 25.35
N ILE F 1504 37.89 -89.85 24.54
CA ILE F 1504 36.66 -89.09 24.33
C ILE F 1504 36.34 -89.15 22.84
N MET F 1505 35.12 -89.57 22.53
CA MET F 1505 34.68 -89.75 21.15
C MET F 1505 33.53 -88.79 20.89
N ASP F 1506 33.88 -87.61 20.34
CA ASP F 1506 32.92 -86.53 20.13
C ASP F 1506 32.37 -86.66 18.71
N GLU F 1507 31.31 -87.45 18.56
CA GLU F 1507 30.59 -87.63 17.29
C GLU F 1507 31.52 -88.11 16.17
N ALA F 1508 32.03 -89.32 16.35
CA ALA F 1508 32.78 -90.01 15.29
C ALA F 1508 31.86 -90.65 14.26
N THR F 1509 30.59 -90.25 14.26
CA THR F 1509 29.56 -90.83 13.41
C THR F 1509 29.07 -89.87 12.32
N ALA F 1510 29.01 -88.58 12.60
CA ALA F 1510 28.39 -87.64 11.66
C ALA F 1510 29.14 -87.62 10.33
N SER F 1511 28.38 -87.55 9.24
CA SER F 1511 28.91 -87.44 7.88
C SER F 1511 29.79 -88.63 7.51
N ILE F 1512 29.35 -89.83 7.92
CA ILE F 1512 30.03 -91.08 7.57
C ILE F 1512 28.97 -92.10 7.18
N ASP F 1513 29.22 -92.83 6.09
CA ASP F 1513 28.28 -93.85 5.64
C ASP F 1513 28.05 -94.89 6.72
N MET F 1514 26.81 -95.36 6.82
CA MET F 1514 26.47 -96.33 7.87
C MET F 1514 27.21 -97.64 7.66
N ALA F 1515 27.37 -98.08 6.41
CA ALA F 1515 28.08 -99.32 6.14
C ALA F 1515 29.53 -99.24 6.60
N THR F 1516 30.11 -98.04 6.60
CA THR F 1516 31.46 -97.85 7.11
C THR F 1516 31.48 -97.47 8.58
N GLU F 1517 30.49 -96.71 9.04
CA GLU F 1517 30.46 -96.31 10.45
C GLU F 1517 30.23 -97.50 11.37
N ASN F 1518 29.43 -98.47 10.94
CA ASN F 1518 29.18 -99.64 11.77
C ASN F 1518 30.45 -100.47 11.97
N ILE F 1519 31.18 -100.72 10.88
CA ILE F 1519 32.43 -101.47 11.03
C ILE F 1519 33.47 -100.63 11.75
N LEU F 1520 33.41 -99.29 11.62
CA LEU F 1520 34.30 -98.43 12.37
C LEU F 1520 34.06 -98.58 13.88
N GLN F 1521 32.78 -98.53 14.29
CA GLN F 1521 32.46 -98.72 15.70
C GLN F 1521 32.81 -100.13 16.17
N LYS F 1522 32.65 -101.12 15.29
CA LYS F 1522 33.02 -102.49 15.67
C LYS F 1522 34.52 -102.60 15.90
N VAL F 1523 35.32 -101.95 15.05
CA VAL F 1523 36.78 -101.98 15.24
C VAL F 1523 37.16 -101.20 16.49
N VAL F 1524 36.50 -100.07 16.74
CA VAL F 1524 36.83 -99.28 17.92
C VAL F 1524 36.37 -99.96 19.21
N MET F 1525 35.41 -100.88 19.12
CA MET F 1525 35.02 -101.66 20.28
C MET F 1525 35.96 -102.84 20.50
N THR F 1526 36.27 -103.58 19.43
CA THR F 1526 37.18 -104.71 19.55
C THR F 1526 38.59 -104.26 19.92
N ALA F 1527 38.95 -103.01 19.61
CA ALA F 1527 40.27 -102.50 19.98
C ALA F 1527 40.28 -101.86 21.37
N PHE F 1528 39.16 -101.25 21.78
CA PHE F 1528 39.06 -100.62 23.09
C PHE F 1528 38.27 -101.52 24.02
N ALA F 1529 38.98 -102.49 24.62
CA ALA F 1529 38.43 -103.26 25.73
C ALA F 1529 38.73 -102.64 27.07
N ASP F 1530 39.75 -101.79 27.15
CA ASP F 1530 40.10 -101.07 28.36
C ASP F 1530 40.18 -99.59 28.00
N ARG F 1531 40.68 -98.77 28.92
CA ARG F 1531 40.99 -97.36 28.69
C ARG F 1531 39.72 -96.59 28.36
N THR F 1532 38.94 -96.37 29.43
CA THR F 1532 37.54 -95.98 29.43
C THR F 1532 37.25 -94.93 28.35
N VAL F 1533 36.22 -95.17 27.55
CA VAL F 1533 35.86 -94.25 26.49
C VAL F 1533 34.50 -93.63 26.82
N VAL F 1534 34.43 -92.31 26.71
CA VAL F 1534 33.19 -91.57 26.85
C VAL F 1534 32.82 -91.00 25.49
N THR F 1535 31.64 -91.36 25.00
CA THR F 1535 31.23 -91.03 23.64
C THR F 1535 30.01 -90.11 23.67
N ILE F 1536 29.81 -89.43 22.55
CA ILE F 1536 28.66 -88.55 22.37
C ILE F 1536 28.26 -88.56 20.90
N ALA F 1537 26.99 -88.82 20.63
CA ALA F 1537 26.47 -88.89 19.26
C ALA F 1537 24.94 -88.84 19.33
N HIS F 1538 24.31 -88.86 18.17
CA HIS F 1538 22.86 -88.92 18.05
C HIS F 1538 22.38 -90.22 17.40
N ARG F 1539 23.23 -91.23 17.35
CA ARG F 1539 22.87 -92.53 16.83
C ARG F 1539 22.20 -93.37 17.91
N VAL F 1540 21.34 -94.30 17.48
CA VAL F 1540 20.62 -95.15 18.42
C VAL F 1540 21.52 -96.25 18.97
N HIS F 1541 22.15 -97.02 18.07
CA HIS F 1541 22.92 -98.18 18.49
C HIS F 1541 24.15 -97.79 19.29
N THR F 1542 24.77 -96.65 18.97
CA THR F 1542 25.94 -96.19 19.71
C THR F 1542 25.60 -95.92 21.16
N ILE F 1543 24.49 -95.22 21.41
CA ILE F 1543 24.05 -94.98 22.77
C ILE F 1543 23.57 -96.28 23.41
N LEU F 1544 23.03 -97.20 22.62
CA LEU F 1544 22.55 -98.47 23.16
C LEU F 1544 23.68 -99.35 23.66
N SER F 1545 24.85 -99.30 22.99
CA SER F 1545 25.96 -100.16 23.36
C SER F 1545 26.71 -99.69 24.61
N ALA F 1546 26.48 -98.46 25.06
CA ALA F 1546 27.18 -97.92 26.22
C ALA F 1546 26.50 -98.33 27.51
N ASP F 1547 27.29 -98.40 28.58
CA ASP F 1547 26.76 -98.86 29.87
C ASP F 1547 26.09 -97.72 30.66
N LEU F 1548 26.86 -96.71 31.06
CA LEU F 1548 26.35 -95.60 31.84
C LEU F 1548 26.02 -94.45 30.91
N VAL F 1549 24.77 -93.99 30.95
CA VAL F 1549 24.32 -92.92 30.06
C VAL F 1549 23.52 -91.90 30.86
N MET F 1550 23.68 -90.64 30.51
CA MET F 1550 23.01 -89.55 31.20
C MET F 1550 22.25 -88.70 30.20
N VAL F 1551 20.93 -88.66 30.33
CA VAL F 1551 20.09 -87.87 29.45
C VAL F 1551 20.23 -86.40 29.82
N LEU F 1552 20.67 -85.59 28.86
CA LEU F 1552 20.82 -84.16 29.07
C LEU F 1552 19.45 -83.52 28.99
N LYS F 1553 18.98 -82.96 30.10
CA LYS F 1553 17.69 -82.27 30.15
C LYS F 1553 17.85 -80.87 29.57
N ARG F 1554 16.85 -80.02 29.79
CA ARG F 1554 16.86 -78.68 29.23
C ARG F 1554 18.07 -77.88 29.72
N GLY F 1555 18.37 -77.94 31.02
CA GLY F 1555 19.55 -77.28 31.55
C GLY F 1555 20.46 -78.18 32.35
N ALA F 1556 19.95 -79.32 32.81
CA ALA F 1556 20.68 -80.23 33.68
C ALA F 1556 20.77 -81.60 33.03
N ILE F 1557 21.28 -82.58 33.79
CA ILE F 1557 21.40 -83.95 33.31
C ILE F 1557 20.74 -84.88 34.32
N LEU F 1558 20.37 -86.07 33.83
CA LEU F 1558 19.85 -87.13 34.68
C LEU F 1558 20.57 -88.41 34.29
N GLU F 1559 21.38 -88.94 35.20
CA GLU F 1559 22.26 -90.06 34.89
C GLU F 1559 21.60 -91.40 35.23
N PHE F 1560 22.03 -92.44 34.53
CA PHE F 1560 21.53 -93.79 34.72
C PHE F 1560 22.67 -94.77 34.52
N ASP F 1561 22.81 -95.72 35.44
CA ASP F 1561 23.95 -96.63 35.47
C ASP F 1561 23.75 -97.82 34.54
N LYS F 1562 22.72 -98.63 34.79
CA LYS F 1562 22.56 -99.84 33.99
C LYS F 1562 21.81 -99.53 32.71
N PRO F 1563 22.35 -99.93 31.55
CA PRO F 1563 21.71 -99.52 30.28
C PRO F 1563 20.39 -100.22 30.00
N GLU F 1564 20.33 -101.53 30.25
CA GLU F 1564 19.11 -102.29 29.98
C GLU F 1564 17.99 -101.95 30.96
N THR F 1565 18.30 -101.29 32.07
CA THR F 1565 17.29 -100.95 33.08
C THR F 1565 16.59 -99.64 32.79
N LEU F 1566 17.33 -98.61 32.34
CA LEU F 1566 16.74 -97.30 32.09
C LEU F 1566 16.04 -97.22 30.74
N LEU F 1567 16.25 -98.18 29.85
CA LEU F 1567 15.59 -98.18 28.54
C LEU F 1567 14.23 -98.89 28.57
N SER F 1568 13.81 -99.38 29.74
CA SER F 1568 12.46 -99.93 29.91
C SER F 1568 11.80 -99.45 31.20
N GLN F 1569 12.53 -98.76 32.08
CA GLN F 1569 11.93 -98.27 33.32
C GLN F 1569 11.02 -97.07 33.05
N LYS F 1570 11.46 -96.13 32.22
CA LYS F 1570 10.62 -95.03 31.76
C LYS F 1570 9.54 -95.49 30.80
N ASP F 1571 9.44 -96.80 30.57
CA ASP F 1571 8.46 -97.39 29.66
C ASP F 1571 8.68 -96.92 28.22
N SER F 1572 9.94 -96.73 27.84
CA SER F 1572 10.32 -96.32 26.49
C SER F 1572 9.60 -95.03 26.08
N VAL F 1573 9.86 -93.97 26.86
CA VAL F 1573 9.27 -92.66 26.62
C VAL F 1573 10.33 -91.59 26.43
N PHE F 1574 11.37 -91.58 27.29
CA PHE F 1574 12.36 -90.51 27.29
C PHE F 1574 13.78 -90.98 26.99
N ALA F 1575 14.05 -92.27 26.95
CA ALA F 1575 15.40 -92.77 26.73
C ALA F 1575 15.54 -93.78 25.60
N SER F 1576 14.47 -94.47 25.21
CA SER F 1576 14.53 -95.44 24.12
C SER F 1576 14.04 -94.85 22.80
N PHE F 1577 12.82 -94.33 22.78
CA PHE F 1577 12.32 -93.68 21.57
C PHE F 1577 13.10 -92.41 21.25
N VAL F 1578 13.65 -91.76 22.27
CA VAL F 1578 14.50 -90.59 22.02
C VAL F 1578 15.83 -91.01 21.41
N ARG F 1579 16.39 -92.12 21.89
CA ARG F 1579 17.64 -92.64 21.35
C ARG F 1579 17.42 -93.20 19.95
N ARG G 32 -7.77 -12.98 -36.44
CA ARG G 32 -8.82 -12.12 -35.91
C ARG G 32 -8.29 -11.21 -34.80
N ALA G 33 -9.17 -10.39 -34.23
CA ALA G 33 -8.77 -9.40 -33.24
C ALA G 33 -8.69 -10.02 -31.85
N ARG G 34 -7.67 -9.62 -31.10
CA ARG G 34 -7.45 -10.09 -29.72
C ARG G 34 -7.85 -9.01 -28.73
N PHE G 35 -8.13 -9.43 -27.50
CA PHE G 35 -8.61 -8.49 -26.50
C PHE G 35 -7.46 -7.79 -25.78
N VAL G 36 -6.57 -8.56 -25.16
CA VAL G 36 -5.33 -8.04 -24.60
C VAL G 36 -4.19 -8.97 -25.03
N SER G 37 -3.07 -8.36 -25.43
CA SER G 37 -1.99 -9.11 -26.04
C SER G 37 -1.30 -10.01 -25.02
N LYS G 38 -0.46 -10.90 -25.55
CA LYS G 38 0.23 -11.88 -24.70
C LYS G 38 1.19 -11.19 -23.73
N LYS G 39 1.90 -10.16 -24.19
CA LYS G 39 2.87 -9.46 -23.35
C LYS G 39 2.22 -8.78 -22.15
N GLY G 40 0.89 -8.67 -22.12
CA GLY G 40 0.19 -8.04 -21.03
C GLY G 40 -0.40 -6.68 -21.37
N ASN G 41 0.11 -6.03 -22.40
CA ASN G 41 -0.42 -4.74 -22.82
C ASN G 41 -1.85 -4.91 -23.35
N CYS G 42 -2.60 -3.80 -23.32
CA CYS G 42 -3.98 -3.79 -23.79
C CYS G 42 -4.01 -3.56 -25.29
N ASN G 43 -4.99 -4.17 -25.95
CA ASN G 43 -5.14 -4.08 -27.40
C ASN G 43 -6.24 -3.12 -27.82
N VAL G 44 -7.29 -2.96 -27.01
CA VAL G 44 -8.42 -2.12 -27.38
C VAL G 44 -7.97 -0.68 -27.51
N ALA G 45 -8.10 -0.12 -28.71
CA ALA G 45 -7.78 1.28 -28.95
C ALA G 45 -9.02 2.14 -28.72
N HIS G 46 -8.86 3.18 -27.91
CA HIS G 46 -9.95 4.07 -27.53
C HIS G 46 -10.15 5.14 -28.58
N LYS G 47 -11.41 5.41 -28.92
CA LYS G 47 -11.77 6.40 -29.92
C LYS G 47 -12.78 7.37 -29.32
N ASN G 48 -12.69 8.63 -29.76
CA ASN G 48 -13.62 9.69 -29.36
C ASN G 48 -13.59 9.93 -27.85
N ILE G 49 -12.40 10.23 -27.35
CA ILE G 49 -12.24 10.69 -25.97
C ILE G 49 -12.48 12.18 -25.94
N ARG G 50 -13.18 12.65 -24.89
CA ARG G 50 -13.48 14.08 -24.77
C ARG G 50 -12.21 14.93 -24.84
N GLU G 51 -11.16 14.51 -24.14
CA GLU G 51 -9.83 15.10 -24.19
C GLU G 51 -9.81 16.58 -23.80
N GLN G 52 -10.89 17.09 -23.24
CA GLN G 52 -10.94 18.51 -22.87
C GLN G 52 -10.14 18.79 -21.60
N GLY G 53 -10.13 17.84 -20.66
CA GLY G 53 -9.43 18.07 -19.40
C GLY G 53 -7.93 17.97 -19.49
N ARG G 54 -7.41 17.17 -20.43
CA ARG G 54 -5.97 16.93 -20.56
C ARG G 54 -5.30 18.11 -21.28
N PHE G 55 -5.36 19.27 -20.63
CA PHE G 55 -4.75 20.50 -21.13
C PHE G 55 -4.02 21.23 -20.01
N LEU G 56 -3.29 20.47 -19.19
CA LEU G 56 -2.57 21.01 -18.05
C LEU G 56 -1.08 20.72 -18.20
N GLN G 57 -0.30 21.32 -17.31
CA GLN G 57 1.16 21.19 -17.35
C GLN G 57 1.59 20.13 -16.34
N ASP G 58 1.69 18.90 -16.82
CA ASP G 58 2.30 17.80 -16.08
C ASP G 58 3.71 17.52 -16.56
N VAL G 59 4.45 18.58 -16.89
CA VAL G 59 5.64 18.45 -17.74
C VAL G 59 6.71 17.60 -17.07
N PHE G 60 7.05 17.92 -15.81
CA PHE G 60 8.28 17.38 -15.22
C PHE G 60 8.22 15.86 -15.06
N THR G 61 7.22 15.37 -14.33
CA THR G 61 7.17 13.94 -13.99
C THR G 61 7.36 13.05 -15.20
N THR G 62 6.72 13.41 -16.32
CA THR G 62 6.84 12.62 -17.53
C THR G 62 8.26 12.66 -18.08
N LEU G 63 8.98 13.77 -17.91
CA LEU G 63 10.38 13.80 -18.34
C LEU G 63 11.26 12.96 -17.43
N VAL G 64 10.95 12.95 -16.14
CA VAL G 64 11.78 12.21 -15.19
C VAL G 64 11.52 10.71 -15.26
N ASP G 65 10.40 10.29 -15.84
CA ASP G 65 10.17 8.86 -16.04
C ASP G 65 11.06 8.26 -17.12
N LEU G 66 11.66 9.09 -17.98
CA LEU G 66 12.36 8.59 -19.16
C LEU G 66 13.56 7.71 -18.78
N LYS G 67 14.17 7.13 -19.82
CA LYS G 67 15.34 6.29 -19.64
C LYS G 67 16.47 7.07 -18.97
N TRP G 68 17.32 6.34 -18.26
CA TRP G 68 18.45 6.98 -17.58
C TRP G 68 19.35 7.79 -18.52
N PRO G 69 19.72 7.31 -19.71
CA PRO G 69 20.49 8.18 -20.62
C PRO G 69 19.73 9.42 -21.06
N HIS G 70 18.47 9.26 -21.48
CA HIS G 70 17.68 10.43 -21.89
C HIS G 70 17.47 11.38 -20.73
N THR G 71 17.25 10.84 -19.53
CA THR G 71 17.01 11.69 -18.38
C THR G 71 18.28 12.46 -18.00
N LEU G 72 19.45 11.82 -18.08
CA LEU G 72 20.69 12.53 -17.82
C LEU G 72 20.92 13.61 -18.87
N LEU G 73 20.58 13.31 -20.12
CA LEU G 73 20.70 14.31 -21.20
C LEU G 73 19.84 15.53 -20.91
N ILE G 74 18.58 15.32 -20.54
CA ILE G 74 17.71 16.48 -20.33
C ILE G 74 18.11 17.23 -19.06
N PHE G 75 18.68 16.55 -18.07
CA PHE G 75 19.12 17.23 -16.86
C PHE G 75 20.30 18.15 -17.15
N THR G 76 21.34 17.62 -17.80
CA THR G 76 22.46 18.48 -18.16
C THR G 76 22.00 19.58 -19.12
N MET G 77 21.00 19.31 -19.95
CA MET G 77 20.48 20.33 -20.85
C MET G 77 19.85 21.48 -20.08
N SER G 78 19.00 21.17 -19.10
CA SER G 78 18.39 22.23 -18.29
C SER G 78 19.46 23.04 -17.55
N PHE G 79 20.43 22.36 -16.96
CA PHE G 79 21.47 23.08 -16.21
C PHE G 79 22.26 24.02 -17.12
N LEU G 80 22.72 23.51 -18.27
CA LEU G 80 23.49 24.35 -19.16
C LEU G 80 22.66 25.50 -19.71
N CYS G 81 21.38 25.26 -19.98
CA CYS G 81 20.51 26.32 -20.45
C CYS G 81 20.44 27.47 -19.45
N SER G 82 20.16 27.16 -18.18
CA SER G 82 20.09 28.22 -17.18
C SER G 82 21.43 28.92 -17.02
N TRP G 83 22.53 28.16 -17.00
CA TRP G 83 23.85 28.76 -16.83
C TRP G 83 24.15 29.74 -17.95
N LEU G 84 23.92 29.34 -19.20
CA LEU G 84 24.21 30.22 -20.34
C LEU G 84 23.30 31.43 -20.34
N LEU G 85 22.02 31.26 -19.99
CA LEU G 85 21.11 32.40 -19.94
C LEU G 85 21.63 33.46 -18.99
N PHE G 86 21.98 33.06 -17.76
CA PHE G 86 22.41 34.07 -16.79
C PHE G 86 23.81 34.59 -17.09
N ALA G 87 24.66 33.79 -17.72
CA ALA G 87 25.96 34.31 -18.16
C ALA G 87 25.78 35.39 -19.21
N MET G 88 24.87 35.18 -20.15
CA MET G 88 24.58 36.19 -21.16
C MET G 88 24.07 37.48 -20.52
N VAL G 89 23.13 37.35 -19.56
CA VAL G 89 22.58 38.56 -18.97
C VAL G 89 23.64 39.29 -18.14
N TRP G 90 24.57 38.55 -17.53
CA TRP G 90 25.61 39.22 -16.75
C TRP G 90 26.63 39.92 -17.65
N TRP G 91 27.03 39.27 -18.74
CA TRP G 91 27.88 39.96 -19.71
C TRP G 91 27.19 41.22 -20.23
N LEU G 92 25.88 41.13 -20.48
CA LEU G 92 25.15 42.30 -20.97
C LEU G 92 25.15 43.43 -19.96
N ILE G 93 24.90 43.12 -18.68
CA ILE G 93 24.82 44.18 -17.68
C ILE G 93 26.20 44.80 -17.44
N ALA G 94 27.25 43.99 -17.46
CA ALA G 94 28.60 44.54 -17.32
C ALA G 94 28.97 45.40 -18.51
N PHE G 95 28.51 45.02 -19.72
CA PHE G 95 28.72 45.85 -20.89
C PHE G 95 27.95 47.17 -20.78
N ALA G 96 26.72 47.10 -20.25
CA ALA G 96 25.84 48.26 -20.23
C ALA G 96 26.30 49.30 -19.22
N HIS G 97 26.69 48.86 -18.02
CA HIS G 97 27.16 49.82 -17.03
C HIS G 97 28.40 50.59 -17.51
N GLY G 98 29.10 50.08 -18.51
CA GLY G 98 30.36 50.63 -18.91
C GLY G 98 31.55 50.05 -18.18
N ASP G 99 31.32 49.23 -17.15
CA ASP G 99 32.40 48.57 -16.44
C ASP G 99 33.16 47.59 -17.33
N LEU G 100 32.53 47.11 -18.40
CA LEU G 100 33.23 46.21 -19.32
C LEU G 100 34.25 46.97 -20.16
N ALA G 101 33.99 48.24 -20.45
CA ALA G 101 34.98 49.07 -21.11
C ALA G 101 36.22 49.18 -20.22
N PRO G 102 37.38 48.65 -20.62
CA PRO G 102 38.55 48.69 -19.73
C PRO G 102 39.00 50.10 -19.42
N GLY G 103 38.84 50.51 -18.15
CA GLY G 103 39.24 51.84 -17.73
C GLY G 103 39.68 51.88 -16.28
N GLU G 104 40.69 52.69 -15.99
CA GLU G 104 41.23 52.81 -14.64
C GLU G 104 40.72 54.10 -14.01
N GLY G 105 40.05 53.99 -12.87
CA GLY G 105 39.55 55.15 -12.16
C GLY G 105 38.20 55.62 -12.66
N THR G 106 37.65 56.58 -11.93
CA THR G 106 36.36 57.21 -12.19
C THR G 106 35.20 56.22 -12.13
N ASN G 107 35.45 54.98 -11.73
CA ASN G 107 34.39 53.98 -11.62
C ASN G 107 34.90 52.82 -10.79
N VAL G 108 33.95 52.00 -10.35
CA VAL G 108 34.25 50.68 -9.81
C VAL G 108 33.33 49.70 -10.54
N PRO G 109 33.84 48.65 -11.14
CA PRO G 109 32.96 47.72 -11.86
C PRO G 109 31.97 47.08 -10.90
N CYS G 110 30.72 46.96 -11.36
CA CYS G 110 29.70 46.28 -10.55
C CYS G 110 30.17 44.89 -10.14
N VAL G 111 30.91 44.23 -11.02
CA VAL G 111 31.61 42.99 -10.71
C VAL G 111 33.09 43.23 -10.97
N THR G 112 33.88 43.28 -9.90
CA THR G 112 35.30 43.60 -10.04
C THR G 112 36.00 42.55 -10.89
N SER G 113 37.01 42.99 -11.64
CA SER G 113 37.84 42.13 -12.47
C SER G 113 36.99 41.28 -13.42
N ILE G 114 36.26 41.97 -14.29
CA ILE G 114 35.53 41.34 -15.38
C ILE G 114 36.03 41.95 -16.68
N HIS G 115 36.39 41.09 -17.63
CA HIS G 115 37.06 41.54 -18.84
C HIS G 115 36.32 41.17 -20.11
N SER G 116 35.92 39.92 -20.27
CA SER G 116 35.34 39.46 -21.52
C SER G 116 34.18 38.52 -21.21
N PHE G 117 33.62 37.93 -22.26
CA PHE G 117 32.52 37.00 -22.08
C PHE G 117 32.97 35.73 -21.35
N SER G 118 34.23 35.35 -21.51
CA SER G 118 34.72 34.15 -20.83
C SER G 118 34.72 34.33 -19.32
N SER G 119 35.27 35.44 -18.83
CA SER G 119 35.23 35.71 -17.40
C SER G 119 33.81 35.92 -16.91
N ALA G 120 32.92 36.42 -17.77
CA ALA G 120 31.53 36.57 -17.38
C ALA G 120 30.87 35.21 -17.17
N PHE G 121 31.10 34.27 -18.09
CA PHE G 121 30.57 32.92 -17.91
C PHE G 121 31.19 32.25 -16.70
N LEU G 122 32.47 32.52 -16.44
CA LEU G 122 33.10 31.97 -15.24
C LEU G 122 32.45 32.53 -13.98
N PHE G 123 32.14 33.82 -13.96
CA PHE G 123 31.43 34.40 -12.82
C PHE G 123 30.05 33.80 -12.68
N SER G 124 29.37 33.56 -13.80
CA SER G 124 28.03 32.96 -13.76
C SER G 124 28.06 31.57 -13.15
N ILE G 125 29.01 30.74 -13.58
CA ILE G 125 29.11 29.40 -13.01
C ILE G 125 29.67 29.42 -11.59
N GLU G 126 30.38 30.50 -11.22
CA GLU G 126 30.89 30.62 -9.86
C GLU G 126 29.79 30.99 -8.88
N VAL G 127 28.85 31.82 -9.30
CA VAL G 127 27.78 32.24 -8.39
C VAL G 127 26.58 31.30 -8.46
N GLN G 128 26.36 30.62 -9.58
CA GLN G 128 25.16 29.81 -9.74
C GLN G 128 25.26 28.52 -8.92
N VAL G 129 26.30 27.72 -9.17
CA VAL G 129 26.39 26.40 -8.58
C VAL G 129 27.00 26.51 -7.19
N THR G 130 27.19 27.74 -6.73
CA THR G 130 27.57 28.05 -5.34
C THR G 130 28.95 27.49 -4.99
N ILE G 131 29.94 27.82 -5.81
CA ILE G 131 31.33 27.59 -5.47
C ILE G 131 31.99 28.85 -4.93
N GLY G 132 31.68 30.01 -5.53
CA GLY G 132 32.12 31.30 -5.01
C GLY G 132 33.62 31.48 -4.94
N PHE G 133 34.27 31.59 -6.10
CA PHE G 133 35.72 31.76 -6.12
C PHE G 133 36.15 33.08 -5.52
N GLY G 134 35.40 34.15 -5.78
CA GLY G 134 35.70 35.43 -5.19
C GLY G 134 36.87 36.17 -5.79
N GLY G 135 37.39 35.72 -6.94
CA GLY G 135 38.37 36.52 -7.65
C GLY G 135 37.73 37.73 -8.31
N ARG G 136 36.51 37.57 -8.82
CA ARG G 136 35.71 38.65 -9.35
C ARG G 136 34.58 38.92 -8.36
N MET G 137 34.54 40.14 -7.82
CA MET G 137 33.69 40.48 -6.70
C MET G 137 32.58 41.42 -7.16
N VAL G 138 31.34 41.05 -6.87
CA VAL G 138 30.22 41.96 -7.05
C VAL G 138 30.24 42.98 -5.93
N THR G 139 30.04 44.25 -6.28
CA THR G 139 30.22 45.36 -5.36
C THR G 139 28.88 45.96 -4.96
N GLU G 140 28.92 46.80 -3.93
CA GLU G 140 27.75 47.47 -3.38
C GLU G 140 27.46 48.80 -4.06
N GLU G 141 27.91 48.98 -5.30
CA GLU G 141 27.66 50.21 -6.04
C GLU G 141 26.42 50.13 -6.92
N CYS G 142 26.12 48.95 -7.46
CA CYS G 142 25.03 48.79 -8.42
C CYS G 142 23.97 47.88 -7.84
N PRO G 143 22.78 48.39 -7.50
CA PRO G 143 21.71 47.51 -7.00
C PRO G 143 21.14 46.57 -8.06
N LEU G 144 21.35 46.87 -9.35
CA LEU G 144 20.84 45.99 -10.40
C LEU G 144 21.55 44.64 -10.38
N ALA G 145 22.86 44.64 -10.14
CA ALA G 145 23.58 43.39 -9.95
C ALA G 145 23.07 42.64 -8.73
N ILE G 146 22.71 43.37 -7.68
CA ILE G 146 22.14 42.73 -6.49
C ILE G 146 20.84 42.01 -6.86
N LEU G 147 19.98 42.66 -7.67
CA LEU G 147 18.73 42.03 -8.07
C LEU G 147 18.97 40.81 -8.95
N ILE G 148 19.90 40.91 -9.90
CA ILE G 148 20.14 39.76 -10.79
C ILE G 148 20.71 38.60 -10.00
N LEU G 149 21.53 38.87 -8.98
CA LEU G 149 22.03 37.81 -8.13
C LEU G 149 20.91 37.20 -7.28
N ILE G 150 20.03 38.04 -6.76
CA ILE G 150 18.97 37.56 -5.87
C ILE G 150 17.92 36.76 -6.63
N VAL G 151 17.81 36.94 -7.94
CA VAL G 151 16.93 36.06 -8.71
C VAL G 151 17.67 34.83 -9.23
N GLN G 152 18.95 35.00 -9.57
CA GLN G 152 19.78 33.88 -10.00
C GLN G 152 19.83 32.79 -8.93
N ASN G 153 20.05 33.18 -7.68
CA ASN G 153 20.23 32.18 -6.64
C ASN G 153 18.93 31.41 -6.37
N ILE G 154 17.79 32.11 -6.33
CA ILE G 154 16.54 31.41 -6.04
C ILE G 154 16.14 30.50 -7.20
N VAL G 155 16.32 30.95 -8.45
CA VAL G 155 15.96 30.06 -9.55
C VAL G 155 16.90 28.85 -9.60
N GLY G 156 18.18 29.07 -9.27
CA GLY G 156 19.10 27.94 -9.21
C GLY G 156 18.73 26.95 -8.13
N LEU G 157 18.34 27.46 -6.96
CA LEU G 157 17.94 26.57 -5.87
C LEU G 157 16.68 25.78 -6.23
N MET G 158 15.72 26.42 -6.89
CA MET G 158 14.49 25.71 -7.25
C MET G 158 14.76 24.63 -8.28
N ILE G 159 15.58 24.95 -9.30
CA ILE G 159 15.86 23.94 -10.32
C ILE G 159 16.70 22.81 -9.75
N ASN G 160 17.61 23.12 -8.82
CA ASN G 160 18.38 22.07 -8.14
C ASN G 160 17.47 21.17 -7.33
N ALA G 161 16.50 21.76 -6.61
CA ALA G 161 15.60 20.96 -5.79
C ALA G 161 14.75 20.03 -6.64
N ILE G 162 14.19 20.54 -7.74
CA ILE G 162 13.38 19.66 -8.58
C ILE G 162 14.25 18.58 -9.23
N MET G 163 15.46 18.94 -9.68
CA MET G 163 16.32 17.93 -10.32
C MET G 163 16.92 16.94 -9.34
N LEU G 164 16.84 17.21 -8.04
CA LEU G 164 17.22 16.19 -7.06
C LEU G 164 16.04 15.31 -6.69
N GLY G 165 14.90 15.92 -6.39
CA GLY G 165 13.71 15.14 -6.07
C GLY G 165 13.33 14.19 -7.20
N CYS G 166 13.47 14.64 -8.44
CA CYS G 166 13.06 13.81 -9.57
C CYS G 166 14.00 12.62 -9.75
N ILE G 167 15.31 12.84 -9.61
CA ILE G 167 16.22 11.70 -9.78
C ILE G 167 16.06 10.72 -8.63
N PHE G 168 15.74 11.20 -7.41
CA PHE G 168 15.50 10.23 -6.35
C PHE G 168 14.22 9.45 -6.60
N MET G 169 13.15 10.14 -7.03
CA MET G 169 11.93 9.46 -7.41
C MET G 169 12.18 8.45 -8.52
N LYS G 170 13.16 8.72 -9.39
CA LYS G 170 13.53 7.77 -10.43
C LYS G 170 14.24 6.56 -9.83
N THR G 171 15.21 6.78 -8.93
CA THR G 171 15.94 5.64 -8.37
C THR G 171 15.05 4.69 -7.59
N ALA G 172 13.77 5.01 -7.39
CA ALA G 172 12.78 4.07 -6.88
C ALA G 172 12.20 3.17 -7.97
N GLN G 173 12.86 3.10 -9.13
CA GLN G 173 12.40 2.26 -10.23
C GLN G 173 12.81 0.81 -9.95
N ALA G 174 11.83 -0.02 -9.59
CA ALA G 174 12.01 -1.46 -9.56
C ALA G 174 11.20 -2.15 -10.65
N HIS G 175 10.87 -1.42 -11.73
CA HIS G 175 10.10 -1.98 -12.82
C HIS G 175 10.91 -2.97 -13.64
N ARG G 176 12.23 -2.92 -13.58
CA ARG G 176 13.05 -3.89 -14.30
C ARG G 176 12.86 -5.29 -13.74
N ARG G 177 12.67 -5.40 -12.42
CA ARG G 177 12.47 -6.70 -11.78
C ARG G 177 11.03 -7.19 -11.88
N ALA G 178 10.07 -6.29 -12.10
CA ALA G 178 8.67 -6.67 -12.20
C ALA G 178 8.32 -7.13 -13.61
N GLU G 179 7.14 -7.74 -13.73
CA GLU G 179 6.59 -8.22 -14.99
C GLU G 179 7.39 -9.38 -15.57
N THR G 180 8.22 -10.05 -14.77
CA THR G 180 8.93 -11.24 -15.22
C THR G 180 8.08 -12.51 -15.11
N LEU G 181 6.86 -12.41 -14.58
CA LEU G 181 6.01 -13.58 -14.44
C LEU G 181 5.68 -14.18 -15.80
N ILE G 182 5.63 -15.51 -15.85
CA ILE G 182 5.46 -16.23 -17.10
C ILE G 182 4.31 -17.22 -16.95
N PHE G 183 3.52 -17.34 -18.02
CA PHE G 183 2.49 -18.35 -18.17
C PHE G 183 2.85 -19.21 -19.38
N SER G 184 2.36 -20.45 -19.38
CA SER G 184 2.58 -21.30 -20.54
C SER G 184 1.86 -20.73 -21.76
N LYS G 185 2.42 -20.98 -22.94
CA LYS G 185 1.91 -20.33 -24.15
C LYS G 185 0.48 -20.78 -24.46
N HIS G 186 0.21 -22.07 -24.34
CA HIS G 186 -1.13 -22.62 -24.53
C HIS G 186 -1.53 -23.41 -23.29
N ALA G 187 -2.82 -23.34 -22.96
CA ALA G 187 -3.37 -24.03 -21.82
C ALA G 187 -4.12 -25.28 -22.29
N VAL G 188 -4.20 -26.28 -21.41
CA VAL G 188 -4.77 -27.57 -21.78
C VAL G 188 -6.00 -27.84 -20.92
N ILE G 189 -6.77 -28.83 -21.34
CA ILE G 189 -7.88 -29.35 -20.54
C ILE G 189 -7.69 -30.86 -20.39
N THR G 190 -8.12 -31.38 -19.25
CA THR G 190 -7.94 -32.80 -18.95
C THR G 190 -9.17 -33.28 -18.19
N LEU G 191 -9.12 -34.52 -17.73
CA LEU G 191 -10.20 -35.15 -16.97
C LEU G 191 -9.65 -35.53 -15.61
N ARG G 192 -10.01 -34.77 -14.57
CA ARG G 192 -9.56 -35.02 -13.22
C ARG G 192 -10.76 -35.29 -12.33
N HIS G 193 -10.66 -36.34 -11.52
CA HIS G 193 -11.71 -36.71 -10.56
C HIS G 193 -13.05 -36.91 -11.26
N GLY G 194 -13.01 -37.45 -12.47
CA GLY G 194 -14.21 -37.70 -13.24
C GLY G 194 -14.87 -36.48 -13.84
N ARG G 195 -14.27 -35.30 -13.72
CA ARG G 195 -14.83 -34.08 -14.26
C ARG G 195 -13.79 -33.38 -15.14
N LEU G 196 -14.28 -32.68 -16.16
CA LEU G 196 -13.37 -31.94 -17.03
C LEU G 196 -12.76 -30.76 -16.28
N CYS G 197 -11.48 -30.48 -16.54
CA CYS G 197 -10.74 -29.48 -15.80
C CYS G 197 -9.80 -28.71 -16.73
N PHE G 198 -9.48 -27.50 -16.28
CA PHE G 198 -8.61 -26.56 -16.98
C PHE G 198 -7.26 -26.54 -16.28
N MET G 199 -6.18 -26.74 -17.05
CA MET G 199 -4.83 -26.75 -16.51
C MET G 199 -3.97 -25.75 -17.25
N LEU G 200 -3.30 -24.88 -16.49
CA LEU G 200 -2.51 -23.79 -17.04
C LEU G 200 -1.42 -23.46 -16.03
N ARG G 201 -0.19 -23.30 -16.52
CA ARG G 201 0.96 -23.12 -15.65
C ARG G 201 1.26 -21.64 -15.41
N VAL G 202 1.60 -21.32 -14.17
CA VAL G 202 2.12 -20.01 -13.80
C VAL G 202 3.49 -20.23 -13.17
N GLY G 203 4.13 -19.16 -12.73
CA GLY G 203 5.43 -19.32 -12.09
C GLY G 203 6.19 -18.04 -11.83
N ASP G 204 7.18 -18.13 -10.95
CA ASP G 204 8.08 -17.04 -10.61
C ASP G 204 9.39 -17.20 -11.38
N LEU G 205 10.10 -16.08 -11.50
CA LEU G 205 11.37 -16.06 -12.22
C LEU G 205 12.51 -15.47 -11.41
N ARG G 206 12.26 -15.07 -10.15
CA ARG G 206 13.30 -14.52 -9.29
C ARG G 206 13.13 -15.05 -7.88
N LYS G 207 14.12 -14.76 -7.05
CA LYS G 207 14.05 -15.14 -5.64
C LYS G 207 12.96 -14.38 -4.90
N SER G 208 12.70 -13.14 -5.30
CA SER G 208 11.73 -12.31 -4.61
C SER G 208 10.31 -12.85 -4.82
N MET G 209 9.58 -13.00 -3.71
CA MET G 209 8.22 -13.52 -3.72
C MET G 209 7.23 -12.42 -4.08
N ILE G 210 5.95 -12.81 -4.19
CA ILE G 210 4.86 -11.89 -4.44
C ILE G 210 3.77 -12.19 -3.42
N ILE G 211 3.38 -11.18 -2.64
CA ILE G 211 2.55 -11.38 -1.46
C ILE G 211 1.08 -11.34 -1.85
N SER G 212 0.33 -12.33 -1.40
CA SER G 212 -1.13 -12.38 -1.53
C SER G 212 -1.57 -12.26 -2.99
N ALA G 213 -0.91 -13.02 -3.86
CA ALA G 213 -1.27 -13.03 -5.27
C ALA G 213 -2.64 -13.67 -5.46
N THR G 214 -3.56 -12.94 -6.09
CA THR G 214 -4.90 -13.42 -6.35
C THR G 214 -5.10 -13.58 -7.86
N ILE G 215 -5.99 -14.48 -8.24
CA ILE G 215 -6.27 -14.77 -9.63
C ILE G 215 -7.69 -14.32 -9.94
N HIS G 216 -7.82 -13.46 -10.94
CA HIS G 216 -9.11 -13.08 -11.50
C HIS G 216 -9.14 -13.68 -12.91
N MET G 217 -9.84 -14.79 -13.06
CA MET G 217 -9.91 -15.52 -14.31
C MET G 217 -11.22 -15.16 -15.00
N GLN G 218 -11.15 -14.62 -16.20
CA GLN G 218 -12.32 -14.11 -16.89
C GLN G 218 -12.34 -14.62 -18.33
N VAL G 219 -13.53 -14.55 -18.93
CA VAL G 219 -13.76 -15.01 -20.29
C VAL G 219 -14.60 -13.98 -21.02
N VAL G 220 -14.25 -13.69 -22.28
CA VAL G 220 -15.02 -12.72 -23.06
C VAL G 220 -15.62 -13.43 -24.27
N ARG G 221 -16.76 -12.89 -24.74
CA ARG G 221 -17.49 -13.46 -25.86
C ARG G 221 -18.57 -12.47 -26.29
N LYS G 222 -18.83 -12.44 -27.59
CA LYS G 222 -19.95 -11.67 -28.12
C LYS G 222 -21.25 -12.43 -27.82
N THR G 223 -22.08 -11.88 -26.95
CA THR G 223 -23.25 -12.58 -26.43
C THR G 223 -24.53 -11.86 -26.84
N THR G 224 -25.58 -12.64 -27.09
CA THR G 224 -26.90 -12.12 -27.40
C THR G 224 -27.88 -12.61 -26.33
N SER G 225 -28.48 -11.67 -25.61
CA SER G 225 -29.39 -12.01 -24.54
C SER G 225 -30.72 -12.52 -25.13
N PRO G 226 -31.52 -13.23 -24.33
CA PRO G 226 -32.85 -13.64 -24.81
C PRO G 226 -33.80 -12.48 -25.06
N GLU G 227 -33.49 -11.29 -24.57
CA GLU G 227 -34.31 -10.11 -24.79
C GLU G 227 -33.94 -9.36 -26.07
N GLY G 228 -33.17 -9.99 -26.96
CA GLY G 228 -32.77 -9.40 -28.22
C GLY G 228 -31.59 -8.47 -28.14
N GLU G 229 -30.98 -8.33 -26.95
CA GLU G 229 -29.80 -7.48 -26.76
C GLU G 229 -28.54 -8.24 -27.12
N VAL G 230 -27.73 -7.63 -27.98
CA VAL G 230 -26.46 -8.20 -28.42
C VAL G 230 -25.33 -7.35 -27.83
N VAL G 231 -24.46 -7.98 -27.05
CA VAL G 231 -23.29 -7.29 -26.51
C VAL G 231 -22.08 -7.68 -27.36
N PRO G 232 -21.21 -6.73 -27.70
CA PRO G 232 -20.04 -7.07 -28.53
C PRO G 232 -18.98 -7.85 -27.78
N LEU G 233 -18.95 -7.76 -26.45
CA LEU G 233 -17.97 -8.46 -25.63
C LEU G 233 -18.52 -8.52 -24.21
N HIS G 234 -18.39 -9.69 -23.59
CA HIS G 234 -19.03 -9.97 -22.31
C HIS G 234 -18.03 -10.63 -21.37
N GLN G 235 -17.52 -9.88 -20.39
CA GLN G 235 -16.64 -10.45 -19.38
C GLN G 235 -17.46 -11.14 -18.31
N VAL G 236 -17.04 -12.35 -17.93
CA VAL G 236 -17.68 -13.11 -16.86
C VAL G 236 -16.60 -13.81 -16.05
N ASP G 237 -16.79 -13.83 -14.74
CA ASP G 237 -15.80 -14.43 -13.84
C ASP G 237 -15.94 -15.95 -13.85
N ILE G 238 -14.87 -16.63 -14.21
CA ILE G 238 -14.75 -18.08 -14.05
C ILE G 238 -13.88 -18.33 -12.82
N PRO G 239 -14.34 -19.12 -11.86
CA PRO G 239 -13.67 -19.16 -10.55
C PRO G 239 -12.31 -19.86 -10.62
N MET G 240 -11.44 -19.46 -9.71
CA MET G 240 -10.21 -20.20 -9.45
C MET G 240 -10.45 -21.15 -8.30
N GLU G 241 -10.41 -22.45 -8.59
CA GLU G 241 -10.80 -23.46 -7.61
C GLU G 241 -9.60 -23.80 -6.72
N ASN G 242 -9.68 -23.32 -5.49
CA ASN G 242 -8.76 -23.46 -4.39
C ASN G 242 -9.51 -24.20 -3.26
N GLY G 243 -8.96 -24.10 -2.05
CA GLY G 243 -9.58 -24.68 -0.87
C GLY G 243 -10.88 -24.03 -0.53
N VAL G 244 -11.36 -24.26 0.70
CA VAL G 244 -12.72 -23.89 1.11
C VAL G 244 -13.20 -22.60 0.44
N GLY G 245 -12.28 -21.66 0.21
CA GLY G 245 -12.61 -20.37 -0.38
C GLY G 245 -11.42 -19.77 -1.06
N GLY G 246 -11.29 -18.44 -0.95
CA GLY G 246 -10.09 -17.79 -1.41
C GLY G 246 -10.04 -17.48 -2.88
N ASN G 247 -9.71 -16.23 -3.22
CA ASN G 247 -9.46 -15.80 -4.58
C ASN G 247 -7.97 -15.74 -4.89
N GLY G 248 -7.12 -15.99 -3.89
CA GLY G 248 -5.70 -15.89 -4.03
C GLY G 248 -5.01 -17.25 -3.97
N ILE G 249 -3.73 -17.24 -4.34
CA ILE G 249 -2.90 -18.42 -4.37
C ILE G 249 -1.55 -18.09 -3.73
N PHE G 250 -0.67 -19.10 -3.71
CA PHE G 250 0.68 -18.96 -3.16
C PHE G 250 1.67 -19.48 -4.18
N LEU G 251 2.59 -18.62 -4.60
CA LEU G 251 3.51 -18.90 -5.69
C LEU G 251 4.91 -19.10 -5.14
N VAL G 252 5.39 -20.34 -5.18
CA VAL G 252 6.80 -20.65 -4.92
C VAL G 252 7.35 -21.39 -6.12
N ALA G 253 6.74 -22.53 -6.45
CA ALA G 253 7.04 -23.31 -7.64
C ALA G 253 5.95 -23.10 -8.68
N PRO G 254 6.21 -23.45 -9.95
CA PRO G 254 5.14 -23.42 -10.95
C PRO G 254 3.96 -24.27 -10.53
N LEU G 255 2.83 -23.62 -10.25
CA LEU G 255 1.63 -24.27 -9.77
C LEU G 255 0.55 -24.16 -10.85
N ILE G 256 0.14 -25.31 -11.39
CA ILE G 256 -0.94 -25.33 -12.37
C ILE G 256 -2.22 -24.88 -11.70
N ILE G 257 -2.81 -23.80 -12.20
CA ILE G 257 -4.09 -23.35 -11.67
C ILE G 257 -5.15 -24.37 -12.04
N TYR G 258 -5.96 -24.76 -11.07
CA TYR G 258 -6.88 -25.90 -11.22
C TYR G 258 -8.30 -25.41 -11.08
N HIS G 259 -9.02 -25.37 -12.20
CA HIS G 259 -10.45 -25.08 -12.22
C HIS G 259 -11.20 -26.24 -12.85
N VAL G 260 -12.42 -26.47 -12.38
CA VAL G 260 -13.28 -27.52 -12.91
C VAL G 260 -14.56 -26.87 -13.40
N ILE G 261 -14.82 -26.98 -14.70
CA ILE G 261 -16.03 -26.42 -15.29
C ILE G 261 -17.20 -27.35 -14.97
N ASP G 262 -18.27 -26.78 -14.42
CA ASP G 262 -19.49 -27.50 -14.10
C ASP G 262 -20.64 -26.90 -14.88
N SER G 263 -21.83 -27.48 -14.70
CA SER G 263 -23.02 -27.02 -15.42
C SER G 263 -23.32 -25.54 -15.15
N ASN G 264 -22.87 -25.02 -14.00
CA ASN G 264 -23.08 -23.61 -13.69
C ASN G 264 -22.06 -22.69 -14.35
N SER G 265 -20.90 -23.23 -14.75
CA SER G 265 -19.86 -22.40 -15.33
C SER G 265 -20.27 -21.89 -16.71
N PRO G 266 -19.83 -20.67 -17.08
CA PRO G 266 -20.22 -20.13 -18.39
C PRO G 266 -19.57 -20.85 -19.55
N LEU G 267 -18.38 -21.42 -19.36
CA LEU G 267 -17.64 -22.09 -20.42
C LEU G 267 -18.15 -23.51 -20.67
N TYR G 268 -19.16 -23.95 -19.91
CA TYR G 268 -19.60 -25.34 -19.91
C TYR G 268 -20.32 -25.76 -21.20
N ASP G 269 -20.66 -24.84 -22.09
CA ASP G 269 -21.52 -25.15 -23.21
C ASP G 269 -20.79 -25.43 -24.52
N LEU G 270 -19.48 -25.15 -24.61
CA LEU G 270 -18.79 -25.22 -25.89
C LEU G 270 -18.54 -26.66 -26.32
N ALA G 271 -17.95 -26.81 -27.51
CA ALA G 271 -17.66 -28.09 -28.15
C ALA G 271 -16.17 -28.21 -28.46
N PRO G 272 -15.62 -29.43 -28.48
CA PRO G 272 -14.18 -29.58 -28.67
C PRO G 272 -13.72 -29.43 -30.12
N SER G 273 -14.58 -29.65 -31.11
CA SER G 273 -14.16 -29.56 -32.51
C SER G 273 -14.37 -28.19 -33.12
N ASP G 274 -15.18 -27.33 -32.49
CA ASP G 274 -15.47 -26.02 -33.03
C ASP G 274 -14.58 -24.93 -32.46
N LEU G 275 -13.76 -25.24 -31.46
CA LEU G 275 -12.92 -24.23 -30.84
C LEU G 275 -11.65 -23.96 -31.66
N HIS G 276 -11.17 -24.95 -32.41
CA HIS G 276 -9.85 -24.85 -33.01
C HIS G 276 -9.79 -23.76 -34.09
N HIS G 277 -10.85 -23.61 -34.87
CA HIS G 277 -10.80 -22.75 -36.04
C HIS G 277 -11.78 -21.59 -36.00
N HIS G 278 -13.06 -21.84 -35.77
CA HIS G 278 -14.09 -20.84 -36.05
C HIS G 278 -14.38 -19.92 -34.88
N GLN G 279 -14.61 -20.48 -33.69
CA GLN G 279 -15.10 -19.71 -32.57
C GLN G 279 -14.11 -18.64 -32.14
N ASP G 280 -14.64 -17.62 -31.46
CA ASP G 280 -13.87 -16.47 -30.97
C ASP G 280 -14.07 -16.36 -29.47
N LEU G 281 -13.24 -17.06 -28.70
CA LEU G 281 -13.30 -17.06 -27.24
C LEU G 281 -11.93 -16.69 -26.69
N GLU G 282 -11.88 -15.62 -25.92
CA GLU G 282 -10.65 -15.19 -25.25
C GLU G 282 -10.79 -15.43 -23.76
N ILE G 283 -9.93 -16.28 -23.21
CA ILE G 283 -9.87 -16.56 -21.78
C ILE G 283 -8.66 -15.83 -21.23
N ILE G 284 -8.89 -14.80 -20.42
CA ILE G 284 -7.81 -14.01 -19.85
C ILE G 284 -7.67 -14.36 -18.38
N VAL G 285 -6.44 -14.30 -17.89
CA VAL G 285 -6.16 -14.41 -16.47
C VAL G 285 -5.45 -13.14 -16.03
N ILE G 286 -5.83 -12.66 -14.84
CA ILE G 286 -5.27 -11.47 -14.24
C ILE G 286 -4.71 -11.90 -12.89
N LEU G 287 -3.39 -12.02 -12.80
CA LEU G 287 -2.73 -12.40 -11.56
C LEU G 287 -2.22 -11.13 -10.90
N GLU G 288 -2.79 -10.79 -9.74
CA GLU G 288 -2.43 -9.60 -9.00
C GLU G 288 -1.59 -9.98 -7.78
N GLY G 289 -0.76 -9.06 -7.33
CA GLY G 289 0.02 -9.31 -6.14
C GLY G 289 1.02 -8.21 -5.84
N VAL G 290 1.38 -8.05 -4.58
CA VAL G 290 2.29 -6.99 -4.16
C VAL G 290 3.68 -7.58 -3.98
N VAL G 291 4.66 -6.97 -4.64
CA VAL G 291 6.04 -7.42 -4.49
C VAL G 291 6.55 -7.05 -3.10
N GLU G 292 7.59 -7.78 -2.68
CA GLU G 292 8.09 -7.64 -1.31
C GLU G 292 8.84 -6.32 -1.12
N THR G 293 9.94 -6.15 -1.85
CA THR G 293 10.90 -5.09 -1.54
C THR G 293 10.29 -3.70 -1.72
N THR G 294 9.48 -3.50 -2.77
CA THR G 294 8.92 -2.18 -3.04
C THR G 294 7.56 -1.99 -2.40
N GLY G 295 6.77 -3.06 -2.26
CA GLY G 295 5.44 -2.95 -1.68
C GLY G 295 4.36 -2.52 -2.63
N ILE G 296 4.67 -2.34 -3.92
CA ILE G 296 3.66 -1.92 -4.89
C ILE G 296 2.91 -3.14 -5.40
N THR G 297 1.66 -2.92 -5.82
CA THR G 297 0.78 -4.00 -6.26
C THR G 297 0.83 -4.07 -7.78
N THR G 298 1.54 -5.07 -8.31
CA THR G 298 1.63 -5.28 -9.74
C THR G 298 0.68 -6.41 -10.15
N GLN G 299 0.55 -6.61 -11.45
CA GLN G 299 -0.29 -7.68 -11.96
C GLN G 299 0.18 -8.07 -13.34
N ALA G 300 -0.27 -9.24 -13.77
CA ALA G 300 0.05 -9.78 -15.09
C ALA G 300 -1.24 -10.29 -15.72
N ARG G 301 -1.53 -9.81 -16.92
CA ARG G 301 -2.72 -10.19 -17.66
C ARG G 301 -2.31 -10.91 -18.92
N THR G 302 -2.94 -12.05 -19.19
CA THR G 302 -2.64 -12.76 -20.43
C THR G 302 -3.91 -13.39 -20.99
N SER G 303 -3.93 -13.54 -22.31
CA SER G 303 -5.07 -14.05 -23.05
C SER G 303 -4.76 -15.40 -23.68
N TYR G 304 -5.81 -16.20 -23.86
CA TYR G 304 -5.73 -17.45 -24.60
C TYR G 304 -6.90 -17.50 -25.56
N LEU G 305 -6.60 -17.60 -26.85
CA LEU G 305 -7.62 -17.55 -27.89
C LEU G 305 -8.24 -18.92 -28.09
N ALA G 306 -9.19 -19.00 -29.02
CA ALA G 306 -9.78 -20.28 -29.37
C ALA G 306 -8.80 -21.15 -30.16
N ASP G 307 -7.95 -20.54 -30.99
CA ASP G 307 -6.97 -21.29 -31.76
C ASP G 307 -5.75 -21.65 -30.93
N GLU G 308 -5.55 -21.01 -29.78
CA GLU G 308 -4.38 -21.29 -28.95
C GLU G 308 -4.58 -22.51 -28.07
N ILE G 309 -5.76 -22.65 -27.49
CA ILE G 309 -6.04 -23.73 -26.54
C ILE G 309 -6.29 -25.03 -27.30
N LEU G 310 -5.88 -26.14 -26.71
CA LEU G 310 -5.99 -27.46 -27.31
C LEU G 310 -6.69 -28.40 -26.32
N TRP G 311 -6.85 -29.66 -26.74
CA TRP G 311 -7.71 -30.60 -26.04
C TRP G 311 -6.99 -31.89 -25.72
N GLY G 312 -7.31 -32.46 -24.56
CA GLY G 312 -6.92 -33.80 -24.18
C GLY G 312 -5.43 -34.09 -24.12
N GLN G 313 -4.73 -33.47 -23.18
CA GLN G 313 -3.29 -33.60 -23.05
C GLN G 313 -2.91 -33.55 -21.57
N ARG G 314 -1.61 -33.68 -21.29
CA ARG G 314 -1.15 -33.54 -19.92
C ARG G 314 0.26 -32.97 -19.87
N PHE G 315 0.48 -32.03 -18.96
CA PHE G 315 1.82 -31.48 -18.78
C PHE G 315 2.76 -32.51 -18.17
N VAL G 316 4.05 -32.30 -18.39
CA VAL G 316 5.09 -33.19 -17.86
C VAL G 316 5.47 -32.70 -16.46
N PRO G 317 5.59 -33.59 -15.48
CA PRO G 317 5.96 -33.14 -14.12
C PRO G 317 7.29 -32.41 -14.10
N ILE G 318 7.26 -31.19 -13.59
CA ILE G 318 8.46 -30.35 -13.54
C ILE G 318 9.31 -30.68 -12.33
N VAL G 319 8.71 -30.60 -11.13
CA VAL G 319 9.46 -30.82 -9.90
C VAL G 319 10.00 -32.24 -9.87
N ALA G 320 11.20 -32.39 -9.32
CA ALA G 320 11.84 -33.69 -9.19
C ALA G 320 12.62 -33.74 -7.89
N GLU G 321 12.62 -34.89 -7.24
CA GLU G 321 13.35 -35.07 -5.98
C GLU G 321 14.85 -35.12 -6.30
N GLU G 322 15.52 -33.99 -6.15
CA GLU G 322 16.94 -33.89 -6.42
C GLU G 322 17.72 -34.51 -5.25
N ASP G 323 19.03 -34.23 -5.21
CA ASP G 323 19.93 -34.78 -4.20
C ASP G 323 19.37 -34.61 -2.79
N GLY G 324 19.05 -33.37 -2.43
CA GLY G 324 18.46 -33.09 -1.13
C GLY G 324 17.42 -31.99 -1.19
N ARG G 325 17.00 -31.62 -2.38
CA ARG G 325 16.04 -30.54 -2.58
C ARG G 325 15.05 -30.95 -3.67
N TYR G 326 14.31 -29.97 -4.18
CA TYR G 326 13.39 -30.14 -5.28
C TYR G 326 13.91 -29.37 -6.48
N SER G 327 14.19 -30.07 -7.57
CA SER G 327 14.71 -29.46 -8.79
C SER G 327 13.55 -29.20 -9.75
N VAL G 328 13.45 -27.97 -10.24
CA VAL G 328 12.43 -27.58 -11.21
C VAL G 328 13.13 -27.37 -12.55
N ASP G 329 12.67 -28.09 -13.57
CA ASP G 329 13.21 -28.01 -14.92
C ASP G 329 12.25 -27.20 -15.79
N TYR G 330 12.71 -26.04 -16.25
CA TYR G 330 11.87 -25.17 -17.07
C TYR G 330 11.92 -25.51 -18.56
N SER G 331 12.71 -26.51 -18.95
CA SER G 331 12.68 -26.97 -20.33
C SER G 331 11.39 -27.72 -20.63
N LYS G 332 10.92 -28.52 -19.68
CA LYS G 332 9.65 -29.22 -19.78
C LYS G 332 8.46 -28.35 -19.37
N PHE G 333 8.67 -27.05 -19.19
CA PHE G 333 7.59 -26.17 -18.75
C PHE G 333 6.43 -26.19 -19.73
N GLY G 334 6.70 -25.98 -21.01
CA GLY G 334 5.68 -26.04 -22.03
C GLY G 334 5.57 -27.36 -22.75
N ASN G 335 6.19 -28.42 -22.24
CA ASN G 335 6.10 -29.72 -22.88
C ASN G 335 4.80 -30.43 -22.46
N THR G 336 4.37 -31.34 -23.32
CA THR G 336 3.03 -31.91 -23.22
C THR G 336 3.04 -33.33 -23.77
N ILE G 337 2.32 -34.22 -23.11
CA ILE G 337 2.23 -35.63 -23.51
C ILE G 337 0.78 -35.97 -23.82
N LYS G 338 0.61 -36.92 -24.73
CA LYS G 338 -0.71 -37.40 -25.11
C LYS G 338 -1.32 -38.24 -24.00
N VAL G 339 -2.64 -38.11 -23.83
CA VAL G 339 -3.36 -38.88 -22.82
C VAL G 339 -4.61 -39.47 -23.47
N PRO G 340 -4.84 -40.78 -23.35
CA PRO G 340 -6.06 -41.37 -23.92
C PRO G 340 -7.29 -40.99 -23.12
N THR G 341 -7.80 -39.77 -23.33
CA THR G 341 -8.99 -39.27 -22.66
C THR G 341 -10.12 -39.06 -23.67
N PRO G 342 -11.36 -39.31 -23.28
CA PRO G 342 -12.48 -39.16 -24.22
C PRO G 342 -12.66 -37.70 -24.65
N LEU G 343 -13.03 -37.53 -25.92
CA LEU G 343 -13.21 -36.22 -26.53
C LEU G 343 -14.70 -36.00 -26.77
N CYS G 344 -15.30 -35.05 -26.04
CA CYS G 344 -16.72 -34.76 -26.16
C CYS G 344 -16.98 -33.39 -25.53
N THR G 345 -18.16 -32.85 -25.80
CA THR G 345 -18.55 -31.55 -25.28
C THR G 345 -18.90 -31.63 -23.81
N ALA G 346 -18.70 -30.53 -23.09
CA ALA G 346 -18.91 -30.52 -21.65
C ALA G 346 -20.39 -30.72 -21.30
N ARG G 347 -21.30 -30.15 -22.11
CA ARG G 347 -22.73 -30.41 -21.91
C ARG G 347 -23.05 -31.88 -22.14
N GLN G 348 -22.58 -32.43 -23.26
CA GLN G 348 -22.78 -33.85 -23.52
C GLN G 348 -22.03 -34.71 -22.52
N LEU G 349 -20.89 -34.23 -22.02
CA LEU G 349 -20.17 -34.99 -20.99
C LEU G 349 -20.96 -35.03 -19.69
N ASP G 350 -21.61 -33.92 -19.34
CA ASP G 350 -22.45 -33.93 -18.14
C ASP G 350 -23.68 -34.80 -18.33
N GLU G 351 -24.25 -34.81 -19.54
CA GLU G 351 -25.37 -35.71 -19.82
C GLU G 351 -24.93 -37.17 -19.72
N ASP G 352 -23.74 -37.48 -20.21
CA ASP G 352 -23.22 -38.85 -20.09
C ASP G 352 -22.90 -39.20 -18.65
N ARG G 353 -22.47 -38.23 -17.84
CA ARG G 353 -22.27 -38.47 -16.41
C ARG G 353 -23.60 -38.72 -15.72
N SER G 354 -24.65 -38.02 -16.13
CA SER G 354 -26.00 -38.35 -15.67
C SER G 354 -26.40 -39.74 -16.13
N LEU G 355 -25.90 -40.19 -17.28
CA LEU G 355 -26.11 -41.56 -17.75
C LEU G 355 -25.02 -42.51 -17.27
N LEU G 356 -23.91 -42.01 -16.74
CA LEU G 356 -22.82 -42.85 -16.25
C LEU G 356 -21.97 -42.12 -15.23
N ASN H 24 26.22 53.05 -29.74
CA ASN H 24 26.27 51.77 -29.03
C ASN H 24 25.75 50.64 -29.91
N GLY H 25 26.39 50.43 -31.06
CA GLY H 25 25.91 49.43 -32.00
C GLY H 25 26.00 48.01 -31.46
N CYS H 26 27.16 47.65 -30.90
CA CYS H 26 27.32 46.32 -30.34
C CYS H 26 26.39 46.08 -29.17
N PHE H 27 26.05 47.14 -28.42
CA PHE H 27 25.07 47.02 -27.34
C PHE H 27 23.73 46.57 -27.88
N VAL H 28 23.25 47.21 -28.95
CA VAL H 28 21.97 46.84 -29.54
C VAL H 28 22.06 45.46 -30.18
N ASP H 29 23.23 45.10 -30.71
CA ASP H 29 23.39 43.77 -31.28
C ASP H 29 23.23 42.69 -30.21
N ALA H 30 23.85 42.89 -29.05
CA ALA H 30 23.70 41.94 -27.94
C ALA H 30 22.25 41.91 -27.45
N LEU H 31 21.62 43.09 -27.37
CA LEU H 31 20.23 43.16 -26.95
C LEU H 31 19.33 42.38 -27.90
N ASN H 32 19.67 42.34 -29.20
CA ASN H 32 18.95 41.50 -30.15
C ASN H 32 19.29 40.02 -30.02
N VAL H 33 20.53 39.71 -29.63
CA VAL H 33 20.93 38.31 -29.46
C VAL H 33 20.18 37.66 -28.28
N VAL H 34 19.86 38.44 -27.25
CA VAL H 34 19.30 37.86 -26.02
C VAL H 34 18.03 37.03 -26.25
N PRO H 35 16.97 37.55 -26.89
CA PRO H 35 15.70 36.79 -26.92
C PRO H 35 15.78 35.47 -27.66
N HIS H 36 16.58 35.40 -28.75
CA HIS H 36 16.76 34.12 -29.43
C HIS H 36 17.34 33.09 -28.47
N VAL H 37 18.28 33.51 -27.62
CA VAL H 37 18.84 32.62 -26.62
C VAL H 37 17.77 32.19 -25.63
N PHE H 38 16.92 33.12 -25.21
CA PHE H 38 15.83 32.78 -24.29
C PHE H 38 14.95 31.67 -24.86
N LEU H 39 14.51 31.83 -26.12
CA LEU H 39 13.63 30.84 -26.72
C LEU H 39 14.34 29.52 -26.96
N LEU H 40 15.58 29.58 -27.47
CA LEU H 40 16.35 28.36 -27.71
C LEU H 40 16.65 27.60 -26.43
N PHE H 41 16.64 28.28 -25.28
CA PHE H 41 16.85 27.57 -24.03
C PHE H 41 15.56 27.03 -23.42
N ILE H 42 14.45 27.74 -23.61
CA ILE H 42 13.19 27.18 -23.10
C ILE H 42 12.74 25.99 -23.96
N THR H 43 13.09 25.99 -25.25
CA THR H 43 12.57 24.95 -26.13
C THR H 43 13.21 23.58 -25.88
N PHE H 44 14.45 23.55 -25.39
CA PHE H 44 15.20 22.30 -25.37
C PHE H 44 14.67 21.28 -24.36
N PRO H 45 14.27 21.69 -23.15
CA PRO H 45 13.60 20.71 -22.27
C PRO H 45 12.37 20.10 -22.90
N ILE H 46 11.47 20.92 -23.46
CA ILE H 46 10.24 20.39 -24.04
C ILE H 46 10.52 19.60 -25.30
N LEU H 47 11.48 20.06 -26.11
CA LEU H 47 11.85 19.32 -27.32
C LEU H 47 12.47 17.97 -26.98
N PHE H 48 13.22 17.88 -25.88
CA PHE H 48 13.82 16.61 -25.48
C PHE H 48 12.82 15.70 -24.78
N ILE H 49 11.80 16.28 -24.15
CA ILE H 49 10.68 15.46 -23.65
C ILE H 49 9.90 14.87 -24.81
N GLY H 50 9.63 15.68 -25.84
CA GLY H 50 8.90 15.19 -26.99
C GLY H 50 9.70 14.24 -27.86
N TRP H 51 11.03 14.38 -27.87
CA TRP H 51 11.89 13.50 -28.64
C TRP H 51 12.30 12.24 -27.88
N GLY H 52 12.44 12.32 -26.55
CA GLY H 52 12.81 11.17 -25.75
C GLY H 52 11.75 10.09 -25.69
N SER H 63 -2.95 9.89 -32.43
CA SER H 63 -2.73 10.28 -33.82
C SER H 63 -3.82 11.23 -34.31
N THR H 64 -3.91 12.40 -33.68
CA THR H 64 -4.89 13.42 -34.05
C THR H 64 -4.17 14.72 -34.32
N TRP H 65 -4.41 15.31 -35.48
CA TRP H 65 -3.77 16.55 -35.91
C TRP H 65 -4.74 17.71 -35.70
N LEU H 66 -4.37 18.62 -34.81
CA LEU H 66 -5.16 19.82 -34.55
C LEU H 66 -4.50 21.00 -35.25
N HIS H 67 -5.25 21.68 -36.11
CA HIS H 67 -4.76 22.84 -36.83
C HIS H 67 -5.40 24.11 -36.29
N PHE H 68 -4.61 25.18 -36.24
CA PHE H 68 -5.05 26.45 -35.72
C PHE H 68 -5.18 27.47 -36.85
N PRO H 69 -6.04 28.48 -36.71
CA PRO H 69 -6.15 29.51 -37.75
C PRO H 69 -4.82 30.21 -37.96
N GLY H 70 -4.45 30.37 -39.23
CA GLY H 70 -3.17 30.98 -39.55
C GLY H 70 -2.00 30.03 -39.57
N HIS H 71 -2.25 28.72 -39.63
CA HIS H 71 -1.17 27.75 -39.68
C HIS H 71 -0.38 27.88 -40.99
N ASN H 72 -1.10 27.85 -42.12
CA ASN H 72 -0.45 28.02 -43.42
C ASN H 72 0.22 29.38 -43.51
N LEU H 73 -0.46 30.42 -43.04
CA LEU H 73 0.13 31.75 -43.00
C LEU H 73 1.39 31.76 -42.15
N ARG H 74 1.36 31.06 -41.01
CA ARG H 74 2.52 31.03 -40.14
C ARG H 74 3.71 30.35 -40.82
N TRP H 75 3.47 29.23 -41.50
CA TRP H 75 4.57 28.54 -42.18
C TRP H 75 5.11 29.37 -43.33
N ILE H 76 4.23 30.04 -44.08
CA ILE H 76 4.69 30.93 -45.15
C ILE H 76 5.58 32.03 -44.57
N LEU H 77 5.13 32.67 -43.50
CA LEU H 77 5.92 33.72 -42.87
C LEU H 77 7.23 33.19 -42.32
N THR H 78 7.25 31.95 -41.83
CA THR H 78 8.49 31.38 -41.32
C THR H 78 9.48 31.15 -42.45
N PHE H 79 9.01 30.70 -43.61
CA PHE H 79 9.93 30.54 -44.74
C PHE H 79 10.45 31.90 -45.22
N ILE H 80 9.60 32.92 -45.21
CA ILE H 80 10.07 34.26 -45.56
C ILE H 80 11.12 34.73 -44.55
N LEU H 81 10.93 34.39 -43.27
CA LEU H 81 11.94 34.69 -42.25
C LEU H 81 13.25 33.97 -42.55
N LEU H 82 13.18 32.71 -42.96
CA LEU H 82 14.37 31.97 -43.36
C LEU H 82 15.13 32.72 -44.44
N PHE H 83 14.41 33.18 -45.47
CA PHE H 83 15.05 33.92 -46.56
C PHE H 83 15.71 35.21 -46.06
N VAL H 84 14.99 35.98 -45.25
CA VAL H 84 15.53 37.25 -44.77
C VAL H 84 16.74 37.02 -43.86
N LEU H 85 16.75 35.91 -43.12
CA LEU H 85 17.91 35.61 -42.28
C LEU H 85 19.12 35.21 -43.12
N VAL H 86 18.88 34.50 -44.22
CA VAL H 86 19.97 34.24 -45.16
C VAL H 86 20.55 35.55 -45.68
N CYS H 87 19.67 36.51 -46.01
CA CYS H 87 20.14 37.81 -46.47
C CYS H 87 20.95 38.53 -45.39
N GLU H 88 20.51 38.44 -44.13
CA GLU H 88 21.25 39.06 -43.04
C GLU H 88 22.62 38.41 -42.86
N ILE H 89 22.70 37.09 -43.03
CA ILE H 89 24.00 36.43 -42.95
C ILE H 89 24.91 36.91 -44.08
N ALA H 90 24.36 37.10 -45.28
CA ALA H 90 25.14 37.66 -46.37
C ALA H 90 25.66 39.05 -46.01
N GLU H 91 24.81 39.88 -45.41
CA GLU H 91 25.24 41.21 -44.98
C GLU H 91 26.38 41.12 -43.97
N GLY H 92 26.23 40.24 -42.98
CA GLY H 92 27.27 40.09 -41.97
C GLY H 92 28.58 39.60 -42.54
N ILE H 93 28.53 38.76 -43.57
CA ILE H 93 29.75 38.33 -44.24
C ILE H 93 30.37 39.50 -44.99
N LEU H 94 29.54 40.32 -45.65
CA LEU H 94 30.07 41.48 -46.38
C LEU H 94 30.72 42.48 -45.44
N SER H 95 30.17 42.64 -44.22
CA SER H 95 30.70 43.63 -43.29
C SER H 95 32.05 43.21 -42.75
N ASP H 96 32.14 42.00 -42.19
CA ASP H 96 33.38 41.51 -41.59
C ASP H 96 34.47 41.29 -42.64
N HIS H 103 34.62 40.86 -36.35
CA HIS H 103 33.44 41.36 -35.66
C HIS H 103 32.33 40.31 -35.61
N LEU H 104 32.42 39.39 -34.65
CA LEU H 104 31.40 38.36 -34.51
C LEU H 104 30.09 38.94 -34.01
N HIS H 105 30.16 39.78 -32.97
CA HIS H 105 28.96 40.34 -32.36
C HIS H 105 28.15 41.23 -33.30
N LEU H 106 28.68 41.53 -34.48
CA LEU H 106 27.94 42.34 -35.45
C LEU H 106 27.11 41.52 -36.41
N TYR H 107 27.36 40.21 -36.53
CA TYR H 107 26.54 39.34 -37.36
C TYR H 107 25.99 38.12 -36.62
N MET H 108 26.24 38.00 -35.31
CA MET H 108 25.62 36.92 -34.55
C MET H 108 24.09 36.96 -34.52
N PRO H 109 23.42 38.13 -34.49
CA PRO H 109 21.94 38.11 -34.44
C PRO H 109 21.27 37.28 -35.53
N ALA H 110 21.81 37.31 -36.76
CA ALA H 110 21.20 36.51 -37.82
C ALA H 110 21.31 35.02 -37.54
N GLY H 111 22.51 34.57 -37.17
CA GLY H 111 22.70 33.16 -36.86
C GLY H 111 21.89 32.71 -35.66
N MET H 112 21.57 33.63 -34.74
CA MET H 112 20.73 33.26 -33.62
C MET H 112 19.26 33.20 -34.01
N ALA H 113 18.79 34.19 -34.79
CA ALA H 113 17.40 34.17 -35.22
C ALA H 113 17.12 32.99 -36.14
N PHE H 114 18.14 32.49 -36.84
CA PHE H 114 17.96 31.29 -37.66
C PHE H 114 17.52 30.10 -36.80
N MET H 115 18.31 29.77 -35.78
CA MET H 115 17.93 28.69 -34.88
C MET H 115 16.66 29.01 -34.12
N ALA H 116 16.40 30.30 -33.86
CA ALA H 116 15.16 30.67 -33.18
C ALA H 116 13.94 30.35 -34.04
N ALA H 117 14.00 30.64 -35.34
CA ALA H 117 12.89 30.31 -36.23
C ALA H 117 12.75 28.81 -36.41
N ILE H 118 13.87 28.09 -36.50
CA ILE H 118 13.79 26.63 -36.59
C ILE H 118 13.14 26.06 -35.33
N THR H 119 13.49 26.61 -34.17
CA THR H 119 12.91 26.10 -32.93
C THR H 119 11.46 26.52 -32.78
N SER H 120 11.07 27.66 -33.34
CA SER H 120 9.65 28.00 -33.38
C SER H 120 8.89 27.03 -34.28
N VAL H 121 9.52 26.58 -35.37
CA VAL H 121 8.90 25.54 -36.20
C VAL H 121 8.74 24.26 -35.40
N VAL H 122 9.77 23.87 -34.66
CA VAL H 122 9.68 22.66 -33.84
C VAL H 122 8.61 22.81 -32.77
N TYR H 123 8.50 24.01 -32.21
CA TYR H 123 7.47 24.28 -31.20
C TYR H 123 6.08 24.15 -31.80
N TYR H 124 5.86 24.73 -32.98
CA TYR H 124 4.54 24.63 -33.58
C TYR H 124 4.23 23.22 -34.04
N HIS H 125 5.26 22.45 -34.40
CA HIS H 125 5.06 21.03 -34.67
C HIS H 125 4.61 20.30 -33.40
N ASN H 126 5.28 20.58 -32.28
CA ASN H 126 4.91 19.97 -31.00
C ASN H 126 3.55 20.43 -30.49
N ILE H 127 3.09 21.60 -30.92
CA ILE H 127 1.77 22.07 -30.53
C ILE H 127 0.69 21.51 -31.45
N GLU H 128 0.97 21.38 -32.74
CA GLU H 128 0.01 20.74 -33.65
C GLU H 128 -0.14 19.26 -33.33
N THR H 129 0.93 18.60 -32.88
CA THR H 129 0.79 17.20 -32.52
C THR H 129 0.12 17.03 -31.16
N SER H 130 0.22 18.02 -30.27
CA SER H 130 -0.45 17.98 -28.97
C SER H 130 -0.69 19.41 -28.52
N ASN H 131 -1.96 19.80 -28.41
CA ASN H 131 -2.32 21.19 -28.16
C ASN H 131 -2.09 21.57 -26.71
N PHE H 132 -1.72 22.84 -26.50
CA PHE H 132 -1.51 23.39 -25.17
C PHE H 132 -1.85 24.87 -25.21
N PRO H 133 -2.41 25.42 -24.14
CA PRO H 133 -2.63 26.87 -24.06
C PRO H 133 -1.42 27.64 -23.55
N LYS H 134 -0.37 26.95 -23.12
CA LYS H 134 0.79 27.58 -22.51
C LYS H 134 1.98 27.71 -23.44
N LEU H 135 2.22 26.73 -24.31
CA LEU H 135 3.29 26.85 -25.30
C LEU H 135 3.02 27.99 -26.26
N LEU H 136 1.74 28.26 -26.56
CA LEU H 136 1.41 29.41 -27.39
C LEU H 136 1.81 30.71 -26.71
N ILE H 137 1.58 30.81 -25.40
CA ILE H 137 2.01 32.00 -24.67
C ILE H 137 3.53 32.09 -24.64
N ALA H 138 4.21 30.94 -24.52
CA ALA H 138 5.66 30.92 -24.54
C ALA H 138 6.21 31.41 -25.88
N LEU H 139 5.51 31.14 -26.97
CA LEU H 139 5.92 31.70 -28.26
C LEU H 139 5.58 33.18 -28.35
N LEU H 140 4.42 33.58 -27.81
CA LEU H 140 3.97 34.96 -27.91
C LEU H 140 4.93 35.92 -27.19
N ILE H 141 5.44 35.49 -26.03
CA ILE H 141 6.39 36.32 -25.28
C ILE H 141 7.63 36.60 -26.11
N TYR H 142 8.18 35.55 -26.73
CA TYR H 142 9.37 35.71 -27.57
C TYR H 142 9.09 36.62 -28.76
N TRP H 143 7.93 36.45 -29.41
CA TRP H 143 7.58 37.33 -30.52
C TRP H 143 7.58 38.79 -30.09
N THR H 144 6.94 39.07 -28.94
CA THR H 144 6.88 40.45 -28.45
C THR H 144 8.28 41.02 -28.19
N LEU H 145 9.13 40.23 -27.53
CA LEU H 145 10.47 40.73 -27.19
C LEU H 145 11.29 41.01 -28.45
N ALA H 146 11.21 40.12 -29.44
CA ALA H 146 11.94 40.34 -30.68
C ALA H 146 11.43 41.58 -31.40
N PHE H 147 10.11 41.81 -31.39
CA PHE H 147 9.57 43.02 -31.98
C PHE H 147 10.14 44.27 -31.31
N ILE H 148 10.23 44.25 -29.98
CA ILE H 148 10.76 45.41 -29.25
C ILE H 148 12.20 45.68 -29.66
N THR H 149 13.03 44.63 -29.69
CA THR H 149 14.43 44.82 -30.05
C THR H 149 14.58 45.37 -31.47
N LYS H 150 13.80 44.84 -32.41
CA LYS H 150 13.87 45.34 -33.78
C LYS H 150 13.43 46.80 -33.86
N THR H 151 12.44 47.19 -33.06
CA THR H 151 12.02 48.59 -33.04
C THR H 151 13.15 49.50 -32.56
N ILE H 152 13.86 49.07 -31.51
CA ILE H 152 14.99 49.88 -31.02
C ILE H 152 16.05 50.01 -32.11
N LYS H 153 16.35 48.90 -32.80
CA LYS H 153 17.31 48.97 -33.90
C LYS H 153 16.87 49.98 -34.96
N PHE H 154 15.60 49.94 -35.34
CA PHE H 154 15.10 50.83 -36.38
C PHE H 154 15.21 52.29 -35.97
N VAL H 155 14.87 52.60 -34.71
CA VAL H 155 14.94 53.98 -34.24
C VAL H 155 16.39 54.48 -34.27
N LYS H 156 17.30 53.69 -33.71
CA LYS H 156 18.69 54.11 -33.67
C LYS H 156 19.31 54.20 -35.08
N PHE H 157 18.76 53.45 -36.05
CA PHE H 157 19.23 53.62 -37.42
C PHE H 157 18.65 54.89 -38.06
N TYR H 158 17.38 55.19 -37.79
CA TYR H 158 16.77 56.39 -38.36
C TYR H 158 17.42 57.66 -37.83
N ASP H 159 17.88 57.65 -36.58
CA ASP H 159 18.56 58.84 -36.07
C ASP H 159 19.84 59.15 -36.83
N HIS H 160 20.42 58.17 -37.53
CA HIS H 160 21.61 58.40 -38.34
C HIS H 160 21.27 58.50 -39.81
N LEU H 167 21.67 49.28 -46.85
CA LEU H 167 21.22 47.91 -47.06
C LEU H 167 20.56 47.35 -45.80
N ARG H 168 21.11 47.72 -44.64
CA ARG H 168 20.58 47.22 -43.37
C ARG H 168 19.12 47.63 -43.19
N PHE H 169 18.76 48.82 -43.67
CA PHE H 169 17.43 49.38 -43.44
C PHE H 169 16.34 48.45 -43.94
N CYS H 170 16.47 47.95 -45.18
CA CYS H 170 15.43 47.15 -45.79
C CYS H 170 15.26 45.81 -45.08
N LEU H 171 16.36 45.14 -44.76
CA LEU H 171 16.28 43.85 -44.07
C LEU H 171 15.65 44.01 -42.69
N THR H 172 16.06 45.06 -41.96
CA THR H 172 15.47 45.30 -40.64
C THR H 172 13.96 45.54 -40.76
N GLY H 173 13.54 46.36 -41.73
CA GLY H 173 12.12 46.60 -41.90
C GLY H 173 11.34 45.35 -42.24
N LEU H 174 11.88 44.51 -43.13
CA LEU H 174 11.20 43.27 -43.49
C LEU H 174 11.06 42.35 -42.28
N LEU H 175 12.12 42.24 -41.47
CA LEU H 175 12.02 41.44 -40.26
C LEU H 175 10.94 41.98 -39.32
N VAL H 176 10.89 43.30 -39.15
CA VAL H 176 9.88 43.91 -38.30
C VAL H 176 8.48 43.52 -38.79
N ILE H 177 8.24 43.65 -40.08
CA ILE H 177 6.90 43.37 -40.62
C ILE H 177 6.53 41.91 -40.43
N LEU H 178 7.47 41.00 -40.68
CA LEU H 178 7.17 39.58 -40.53
C LEU H 178 6.87 39.22 -39.08
N TYR H 179 7.67 39.74 -38.14
CA TYR H 179 7.41 39.46 -36.73
C TYR H 179 6.07 40.05 -36.29
N GLY H 180 5.70 41.22 -36.82
CA GLY H 180 4.41 41.79 -36.48
C GLY H 180 3.24 40.96 -37.00
N MET H 181 3.36 40.45 -38.22
CA MET H 181 2.30 39.60 -38.75
C MET H 181 2.19 38.29 -37.97
N LEU H 182 3.31 37.72 -37.55
CA LEU H 182 3.25 36.52 -36.71
C LEU H 182 2.63 36.83 -35.36
N LEU H 183 2.91 38.01 -34.80
CA LEU H 183 2.25 38.44 -33.58
C LEU H 183 0.74 38.54 -33.77
N LEU H 184 0.30 39.09 -34.90
CA LEU H 184 -1.13 39.17 -35.18
C LEU H 184 -1.75 37.78 -35.32
N VAL H 185 -1.00 36.85 -35.91
CA VAL H 185 -1.48 35.47 -35.99
C VAL H 185 -1.65 34.87 -34.60
N GLU H 186 -0.68 35.10 -33.72
CA GLU H 186 -0.79 34.60 -32.35
C GLU H 186 -1.97 35.24 -31.61
N VAL H 187 -2.21 36.54 -31.85
CA VAL H 187 -3.34 37.21 -31.23
C VAL H 187 -4.65 36.64 -31.75
N ASN H 188 -4.72 36.34 -33.05
CA ASN H 188 -5.88 35.66 -33.59
C ASN H 188 -6.08 34.30 -32.93
N VAL H 189 -4.98 33.57 -32.70
CA VAL H 189 -5.07 32.23 -32.10
C VAL H 189 -5.63 32.31 -30.69
N ILE H 190 -5.13 33.26 -29.88
CA ILE H 190 -5.66 33.38 -28.52
C ILE H 190 -7.09 33.92 -28.54
N ARG H 191 -7.40 34.80 -29.49
CA ARG H 191 -8.78 35.28 -29.63
C ARG H 191 -9.73 34.14 -29.99
N VAL H 192 -9.21 33.12 -30.66
CA VAL H 192 -10.01 31.97 -31.06
C VAL H 192 -9.89 30.83 -30.05
N ARG H 193 -8.73 30.74 -29.42
CA ARG H 193 -8.48 29.69 -28.43
C ARG H 193 -8.89 30.15 -27.03
N ARG H 194 -8.53 29.36 -26.03
CA ARG H 194 -8.87 29.68 -24.65
C ARG H 194 -7.61 29.94 -23.83
N TYR H 195 -6.57 30.46 -24.48
CA TYR H 195 -5.31 30.76 -23.80
C TYR H 195 -5.54 31.65 -22.58
N ILE H 196 -6.05 32.85 -22.81
CA ILE H 196 -6.30 33.79 -21.74
C ILE H 196 -7.79 34.18 -21.69
N PHE H 197 -8.57 33.62 -22.61
CA PHE H 197 -10.00 33.91 -22.68
C PHE H 197 -10.72 33.18 -21.55
N PHE H 198 -12.04 33.33 -21.46
CA PHE H 198 -12.74 32.83 -20.28
C PHE H 198 -12.59 31.31 -20.17
N LYS H 199 -13.23 30.75 -19.15
CA LYS H 199 -12.88 29.45 -18.57
C LYS H 199 -12.53 28.36 -19.59
N THR H 200 -13.40 28.14 -20.56
CA THR H 200 -13.22 27.02 -21.46
C THR H 200 -13.01 27.51 -22.88
N PRO H 201 -12.25 26.74 -23.68
CA PRO H 201 -11.92 27.19 -25.04
C PRO H 201 -12.97 26.86 -26.08
N ARG H 202 -13.87 25.91 -25.81
CA ARG H 202 -14.80 25.38 -26.79
C ARG H 202 -14.02 24.87 -28.00
N GLU H 203 -13.16 23.87 -27.72
CA GLU H 203 -12.20 23.38 -28.69
C GLU H 203 -12.91 22.77 -29.90
N VAL H 204 -12.13 22.48 -30.94
CA VAL H 204 -12.68 22.12 -32.23
C VAL H 204 -13.05 20.64 -32.36
N LYS H 205 -12.67 19.81 -31.39
CA LYS H 205 -12.92 18.37 -31.50
C LYS H 205 -12.25 17.84 -32.76
N PRO H 206 -10.93 17.64 -32.72
CA PRO H 206 -10.10 17.52 -33.94
C PRO H 206 -10.78 16.74 -35.04
N PRO H 207 -10.61 17.16 -36.29
CA PRO H 207 -11.47 16.69 -37.38
C PRO H 207 -11.38 15.18 -37.59
N GLU H 208 -12.54 14.53 -37.53
CA GLU H 208 -12.66 13.11 -37.85
C GLU H 208 -12.78 12.86 -39.34
N ASP H 209 -12.71 13.91 -40.18
CA ASP H 209 -12.75 13.69 -41.62
C ASP H 209 -11.52 12.93 -42.09
N LEU H 210 -10.34 13.32 -41.61
CA LEU H 210 -9.08 12.69 -42.03
C LEU H 210 -8.36 12.00 -40.88
N GLN H 211 -8.99 11.88 -39.71
CA GLN H 211 -8.37 11.27 -38.55
C GLN H 211 -9.24 10.19 -37.92
N ASP H 212 -10.41 9.90 -38.47
CA ASP H 212 -11.25 8.85 -37.90
C ASP H 212 -10.72 7.47 -38.32
N LEU H 213 -11.61 6.48 -38.35
CA LEU H 213 -11.29 5.07 -38.56
C LEU H 213 -10.43 4.83 -39.80
N GLY H 214 -9.56 3.80 -39.81
CA GLY H 214 -8.39 3.75 -40.69
C GLY H 214 -8.43 4.44 -42.05
N VAL H 215 -7.60 5.48 -42.22
CA VAL H 215 -7.33 6.14 -43.50
C VAL H 215 -5.82 6.31 -43.66
N ARG H 216 -5.31 6.06 -44.87
CA ARG H 216 -3.86 6.04 -45.10
C ARG H 216 -3.34 7.20 -45.94
N PHE H 217 -4.08 7.69 -46.93
CA PHE H 217 -3.76 8.86 -47.76
C PHE H 217 -4.23 10.12 -47.05
N LEU H 218 -3.36 10.68 -46.21
CA LEU H 218 -3.61 11.92 -45.50
C LEU H 218 -2.83 13.04 -46.19
N GLN H 219 -3.37 13.54 -47.27
CA GLN H 219 -2.76 14.72 -47.87
C GLN H 219 -3.27 16.01 -47.23
N PRO H 220 -4.59 16.22 -47.09
CA PRO H 220 -5.06 17.51 -46.56
C PRO H 220 -4.79 17.71 -45.07
N PHE H 221 -4.27 16.71 -44.36
CA PHE H 221 -4.18 16.79 -42.92
C PHE H 221 -2.75 16.67 -42.39
N VAL H 222 -1.80 17.41 -42.98
CA VAL H 222 -0.40 17.37 -42.55
C VAL H 222 0.16 18.79 -42.53
N ASN H 223 1.40 18.90 -42.05
CA ASN H 223 2.09 20.18 -41.91
C ASN H 223 2.39 20.79 -43.28
N LEU H 224 2.12 22.09 -43.41
CA LEU H 224 2.17 22.73 -44.72
C LEU H 224 3.55 22.63 -45.37
N LEU H 225 4.57 22.25 -44.60
CA LEU H 225 5.85 21.91 -45.22
C LEU H 225 5.78 20.54 -45.90
N SER H 226 5.18 19.56 -45.22
CA SER H 226 5.06 18.24 -45.82
C SER H 226 4.03 18.23 -46.95
N LYS H 227 3.02 19.10 -46.88
CA LYS H 227 2.13 19.27 -48.03
C LYS H 227 2.91 19.63 -49.29
N GLY H 228 4.11 20.18 -49.14
CA GLY H 228 4.96 20.48 -50.27
C GLY H 228 6.00 19.42 -50.56
N THR H 229 6.67 18.90 -49.53
CA THR H 229 7.76 17.97 -49.71
C THR H 229 7.36 16.50 -49.53
N TYR H 230 6.08 16.23 -49.30
CA TYR H 230 5.54 14.87 -49.28
C TYR H 230 6.27 13.98 -48.28
N TRP H 231 6.57 14.55 -47.10
CA TRP H 231 7.33 13.81 -46.11
C TRP H 231 6.53 12.66 -45.51
N TRP H 232 5.20 12.77 -45.51
CA TRP H 232 4.36 11.72 -44.96
C TRP H 232 4.46 10.41 -45.75
N MET H 233 5.03 10.43 -46.95
CA MET H 233 5.18 9.23 -47.74
C MET H 233 6.38 8.37 -47.33
N ASN H 234 7.26 8.89 -46.45
CA ASN H 234 8.40 8.10 -46.02
C ASN H 234 7.94 6.81 -45.34
N ALA H 235 6.98 6.93 -44.42
CA ALA H 235 6.51 5.75 -43.71
C ALA H 235 5.87 4.76 -44.66
N PHE H 236 4.98 5.25 -45.53
CA PHE H 236 4.31 4.37 -46.49
C PHE H 236 5.32 3.62 -47.35
N ILE H 237 6.28 4.34 -47.92
CA ILE H 237 7.21 3.70 -48.85
C ILE H 237 8.15 2.74 -48.11
N LYS H 238 8.53 3.06 -46.88
CA LYS H 238 9.38 2.14 -46.13
C LYS H 238 8.62 0.87 -45.79
N THR H 239 7.38 0.99 -45.33
CA THR H 239 6.59 -0.21 -45.08
C THR H 239 6.34 -0.98 -46.36
N ALA H 240 6.17 -0.28 -47.48
CA ALA H 240 5.90 -0.92 -48.76
C ALA H 240 7.09 -1.74 -49.23
N HIS H 241 8.31 -1.30 -48.89
CA HIS H 241 9.48 -2.08 -49.29
C HIS H 241 9.40 -3.52 -48.80
N LYS H 242 8.92 -3.72 -47.57
CA LYS H 242 8.91 -5.04 -46.96
C LYS H 242 7.64 -5.83 -47.32
N LYS H 243 6.47 -5.29 -46.99
CA LYS H 243 5.21 -6.00 -47.14
C LYS H 243 4.52 -5.58 -48.43
N PRO H 244 4.00 -6.52 -49.23
CA PRO H 244 3.38 -6.14 -50.51
C PRO H 244 2.09 -5.37 -50.29
N ILE H 245 1.96 -4.25 -51.00
CA ILE H 245 0.80 -3.38 -50.84
C ILE H 245 -0.43 -4.05 -51.42
N ASP H 246 -1.58 -3.74 -50.83
CA ASP H 246 -2.86 -4.19 -51.36
C ASP H 246 -3.94 -3.23 -50.87
N LEU H 247 -5.18 -3.49 -51.29
CA LEU H 247 -6.29 -2.63 -50.90
C LEU H 247 -6.57 -2.69 -49.41
N ARG H 248 -6.22 -3.79 -48.76
CA ARG H 248 -6.30 -3.84 -47.30
C ARG H 248 -5.16 -3.07 -46.65
N ALA H 249 -3.99 -3.04 -47.29
CA ALA H 249 -2.87 -2.23 -46.82
C ALA H 249 -2.94 -0.79 -47.28
N ILE H 250 -3.88 -0.47 -48.16
CA ILE H 250 -4.05 0.89 -48.66
C ILE H 250 -5.12 1.58 -47.82
N GLY H 251 -5.15 2.91 -47.89
CA GLY H 251 -6.11 3.68 -47.14
C GLY H 251 -7.47 3.74 -47.79
N LYS H 252 -8.28 4.70 -47.36
CA LYS H 252 -9.56 5.01 -47.96
C LYS H 252 -9.63 6.52 -48.18
N LEU H 253 -10.27 6.94 -49.26
CA LEU H 253 -10.19 8.33 -49.67
C LEU H 253 -10.87 9.23 -48.64
N PRO H 254 -10.30 10.41 -48.38
CA PRO H 254 -10.93 11.33 -47.42
C PRO H 254 -12.27 11.83 -47.92
N ILE H 255 -13.03 12.41 -46.98
CA ILE H 255 -14.32 13.02 -47.33
C ILE H 255 -14.14 14.18 -48.29
N ALA H 256 -12.93 14.73 -48.38
CA ALA H 256 -12.67 15.86 -49.28
C ALA H 256 -12.69 15.45 -50.74
N MET H 257 -12.61 14.16 -51.05
CA MET H 257 -12.54 13.72 -52.45
C MET H 257 -13.12 12.30 -52.52
N ARG H 258 -14.36 12.21 -52.95
CA ARG H 258 -15.03 10.94 -53.17
C ARG H 258 -15.81 11.04 -54.47
N ALA H 259 -16.61 10.01 -54.74
CA ALA H 259 -17.61 10.14 -55.78
C ALA H 259 -18.72 11.09 -55.34
N LEU H 260 -19.16 10.97 -54.09
CA LEU H 260 -20.27 11.77 -53.60
C LEU H 260 -19.92 13.26 -53.53
N THR H 261 -18.73 13.59 -53.02
CA THR H 261 -18.38 15.01 -52.86
C THR H 261 -18.28 15.72 -54.20
N ASN H 262 -17.49 15.16 -55.13
CA ASN H 262 -17.34 15.78 -56.43
C ASN H 262 -18.64 15.77 -57.21
N TYR H 263 -19.41 14.67 -57.11
CA TYR H 263 -20.72 14.66 -57.74
C TYR H 263 -21.62 15.73 -57.18
N GLN H 264 -21.54 15.97 -55.87
CA GLN H 264 -22.38 16.99 -55.23
C GLN H 264 -22.02 18.37 -55.74
N ARG H 265 -20.73 18.70 -55.74
CA ARG H 265 -20.32 20.01 -56.23
C ARG H 265 -20.68 20.20 -57.69
N LEU H 266 -20.44 19.18 -58.52
CA LEU H 266 -20.74 19.30 -59.94
C LEU H 266 -22.24 19.43 -60.19
N CYS H 267 -23.07 18.67 -59.47
CA CYS H 267 -24.51 18.78 -59.68
C CYS H 267 -25.05 20.08 -59.15
N VAL H 268 -24.45 20.63 -58.09
CA VAL H 268 -24.86 21.95 -57.61
C VAL H 268 -24.56 23.01 -58.66
N ALA H 269 -23.36 22.96 -59.27
CA ALA H 269 -23.04 23.93 -60.32
C ALA H 269 -23.94 23.75 -61.54
N PHE H 270 -24.17 22.49 -61.94
CA PHE H 270 -25.05 22.22 -63.07
C PHE H 270 -26.47 22.71 -62.80
N ASP H 271 -26.92 22.57 -61.56
CA ASP H 271 -28.26 23.03 -61.18
C ASP H 271 -28.34 24.55 -61.23
N ALA H 272 -27.36 25.23 -60.64
CA ALA H 272 -27.36 26.69 -60.63
C ALA H 272 -27.23 27.25 -62.04
N GLN H 273 -26.62 26.50 -62.96
CA GLN H 273 -26.50 26.96 -64.34
C GLN H 273 -27.72 26.62 -65.20
N ALA H 274 -28.37 25.48 -64.93
CA ALA H 274 -29.53 25.07 -65.72
C ALA H 274 -30.82 25.72 -65.25
N ARG H 275 -30.88 26.18 -64.00
CA ARG H 275 -32.04 26.93 -63.53
C ARG H 275 -32.12 28.30 -64.20
N LYS H 276 -31.03 28.77 -64.80
CA LYS H 276 -30.99 30.05 -65.49
C LYS H 276 -31.18 29.90 -67.00
N ASP H 277 -31.51 28.70 -67.48
CA ASP H 277 -31.76 28.49 -68.90
C ASP H 277 -33.00 29.22 -69.37
N GLY H 283 -26.57 21.68 -72.90
CA GLY H 283 -25.71 22.49 -73.75
C GLY H 283 -24.24 22.28 -73.47
N ALA H 284 -23.41 22.50 -74.50
CA ALA H 284 -21.97 22.29 -74.35
C ALA H 284 -21.33 23.39 -73.50
N ARG H 285 -21.55 24.64 -73.89
CA ARG H 285 -21.00 25.76 -73.13
C ARG H 285 -21.53 25.76 -71.70
N ALA H 286 -22.78 25.34 -71.49
CA ALA H 286 -23.34 25.29 -70.15
C ALA H 286 -22.58 24.30 -69.26
N ILE H 287 -22.42 23.07 -69.76
CA ILE H 287 -21.68 22.05 -68.99
C ILE H 287 -20.24 22.50 -68.76
N TRP H 288 -19.65 23.16 -69.77
CA TRP H 288 -18.28 23.65 -69.60
C TRP H 288 -18.20 24.64 -68.44
N ARG H 289 -18.98 25.72 -68.51
CA ARG H 289 -18.98 26.71 -67.44
C ARG H 289 -19.35 26.10 -66.10
N ALA H 290 -20.21 25.07 -66.10
CA ALA H 290 -20.56 24.39 -64.86
C ALA H 290 -19.34 23.73 -64.25
N LEU H 291 -18.58 22.97 -65.05
CA LEU H 291 -17.33 22.37 -64.57
C LEU H 291 -16.37 23.44 -64.08
N CYS H 292 -16.27 24.54 -64.82
CA CYS H 292 -15.35 25.61 -64.47
C CYS H 292 -15.68 26.18 -63.10
N HIS H 293 -16.92 26.62 -62.90
CA HIS H 293 -17.35 27.18 -61.63
C HIS H 293 -17.36 26.15 -60.52
N ALA H 294 -17.45 24.86 -60.86
CA ALA H 294 -17.48 23.82 -59.83
C ALA H 294 -16.09 23.50 -59.32
N PHE H 295 -15.07 23.53 -60.18
CA PHE H 295 -13.73 23.17 -59.75
C PHE H 295 -12.85 24.38 -59.45
N GLY H 296 -13.26 25.58 -59.85
CA GLY H 296 -12.85 26.81 -59.20
C GLY H 296 -11.43 26.98 -58.71
N ARG H 297 -11.31 27.16 -57.39
CA ARG H 297 -10.11 27.78 -56.81
C ARG H 297 -8.88 26.91 -56.96
N ARG H 298 -9.04 25.58 -56.90
CA ARG H 298 -7.89 24.69 -56.92
C ARG H 298 -7.09 24.84 -58.22
N LEU H 299 -7.79 24.92 -59.35
CA LEU H 299 -7.12 24.98 -60.63
C LEU H 299 -6.32 26.26 -60.78
N ILE H 300 -6.91 27.40 -60.41
CA ILE H 300 -6.19 28.67 -60.53
C ILE H 300 -5.05 28.74 -59.53
N LEU H 301 -5.22 28.13 -58.36
CA LEU H 301 -4.13 28.05 -57.39
C LEU H 301 -2.94 27.29 -57.97
N SER H 302 -3.21 26.14 -58.58
CA SER H 302 -2.15 25.40 -59.25
C SER H 302 -1.50 26.24 -60.34
N SER H 303 -2.31 26.95 -61.13
CA SER H 303 -1.78 27.75 -62.23
C SER H 303 -0.86 28.85 -61.74
N THR H 304 -1.21 29.48 -60.61
CA THR H 304 -0.37 30.58 -60.13
C THR H 304 0.91 30.07 -59.46
N PHE H 305 0.81 28.96 -58.72
CA PHE H 305 2.03 28.25 -58.32
C PHE H 305 2.95 28.05 -59.52
N ARG H 306 2.35 27.58 -60.62
CA ARG H 306 3.12 27.24 -61.81
C ARG H 306 3.80 28.48 -62.42
N ILE H 307 3.07 29.60 -62.51
CA ILE H 307 3.67 30.77 -63.14
C ILE H 307 4.78 31.35 -62.26
N LEU H 308 4.61 31.32 -60.94
CA LEU H 308 5.69 31.80 -60.07
C LEU H 308 6.94 30.94 -60.21
N ALA H 309 6.74 29.61 -60.28
CA ALA H 309 7.87 28.71 -60.51
C ALA H 309 8.55 29.02 -61.84
N ASP H 310 7.76 29.28 -62.89
CA ASP H 310 8.33 29.61 -64.19
C ASP H 310 9.19 30.87 -64.12
N LEU H 311 8.70 31.87 -63.39
CA LEU H 311 9.47 33.11 -63.23
C LEU H 311 10.82 32.83 -62.57
N LEU H 312 10.81 32.11 -61.44
CA LEU H 312 12.07 31.84 -60.75
C LEU H 312 13.02 30.99 -61.62
N GLY H 313 12.46 30.09 -62.43
CA GLY H 313 13.29 29.30 -63.32
C GLY H 313 13.95 30.14 -64.40
N PHE H 314 13.21 31.09 -64.96
CA PHE H 314 13.83 32.07 -65.85
C PHE H 314 14.84 32.94 -65.11
N ALA H 315 14.70 33.07 -63.79
CA ALA H 315 15.61 33.93 -63.03
C ALA H 315 16.96 33.28 -62.76
N GLY H 316 17.01 31.96 -62.55
CA GLY H 316 18.26 31.28 -62.22
C GLY H 316 19.48 31.62 -63.06
N PRO H 317 19.36 31.42 -64.39
CA PRO H 317 20.51 31.69 -65.27
C PRO H 317 21.05 33.12 -65.19
N LEU H 318 20.23 34.10 -64.81
CA LEU H 318 20.74 35.47 -64.73
C LEU H 318 21.70 35.63 -63.57
N CYS H 319 21.43 34.99 -62.44
CA CYS H 319 22.39 35.03 -61.34
C CYS H 319 23.61 34.20 -61.66
N ILE H 320 23.46 33.13 -62.44
CA ILE H 320 24.64 32.47 -63.00
C ILE H 320 25.50 33.47 -63.77
N PHE H 321 24.86 34.23 -64.66
CA PHE H 321 25.55 35.24 -65.47
C PHE H 321 26.26 36.25 -64.58
N GLY H 322 25.58 36.72 -63.53
CA GLY H 322 26.19 37.68 -62.63
C GLY H 322 27.43 37.12 -61.94
N ILE H 323 27.35 35.88 -61.46
CA ILE H 323 28.53 35.25 -60.86
C ILE H 323 29.67 35.21 -61.86
N VAL H 324 29.38 34.74 -63.08
CA VAL H 324 30.44 34.61 -64.09
C VAL H 324 31.08 35.96 -64.37
N ASP H 325 30.27 37.03 -64.38
CA ASP H 325 30.82 38.36 -64.58
C ASP H 325 31.73 38.77 -63.43
N HIS H 326 31.27 38.56 -62.19
CA HIS H 326 31.99 39.08 -61.03
C HIS H 326 33.39 38.49 -60.93
N LEU H 327 33.54 37.19 -61.19
CA LEU H 327 34.84 36.55 -61.02
C LEU H 327 35.81 36.95 -62.12
N GLY H 328 35.32 37.18 -63.34
CA GLY H 328 36.19 37.60 -64.43
C GLY H 328 36.79 38.98 -64.23
N LYS H 329 36.14 39.82 -63.44
CA LYS H 329 36.59 41.19 -63.25
C LYS H 329 36.95 41.43 -61.79
N ASN H 354 30.83 39.41 -53.80
CA ASN H 354 29.44 39.59 -54.22
C ASN H 354 28.96 38.35 -54.98
N ALA H 355 29.70 37.26 -54.84
CA ALA H 355 29.40 36.04 -55.57
C ALA H 355 28.92 34.89 -54.69
N TYR H 356 29.44 34.76 -53.47
CA TYR H 356 28.91 33.75 -52.56
C TYR H 356 27.43 33.99 -52.29
N VAL H 357 27.05 35.26 -52.16
CA VAL H 357 25.65 35.62 -51.96
C VAL H 357 24.81 35.13 -53.14
N LEU H 358 25.31 35.36 -54.35
CA LEU H 358 24.60 34.90 -55.54
C LEU H 358 24.51 33.39 -55.59
N ALA H 359 25.54 32.69 -55.10
CA ALA H 359 25.51 31.24 -55.10
C ALA H 359 24.44 30.70 -54.15
N VAL H 360 24.40 31.22 -52.92
CA VAL H 360 23.38 30.74 -51.99
C VAL H 360 21.99 31.16 -52.45
N LEU H 361 21.87 32.33 -53.07
CA LEU H 361 20.58 32.73 -53.63
C LEU H 361 20.16 31.79 -54.75
N LEU H 362 21.11 31.35 -55.57
CA LEU H 362 20.82 30.38 -56.62
C LEU H 362 20.31 29.07 -56.02
N PHE H 363 20.97 28.61 -54.96
CA PHE H 363 20.52 27.40 -54.27
C PHE H 363 19.08 27.55 -53.79
N LEU H 364 18.80 28.64 -53.08
CA LEU H 364 17.45 28.88 -52.55
C LEU H 364 16.42 28.96 -53.67
N ALA H 365 16.74 29.69 -54.74
CA ALA H 365 15.79 29.88 -55.83
C ALA H 365 15.52 28.57 -56.55
N LEU H 366 16.56 27.76 -56.76
CA LEU H 366 16.35 26.44 -57.35
C LEU H 366 15.39 25.61 -56.53
N LEU H 367 15.69 25.46 -55.23
CA LEU H 367 14.84 24.60 -54.41
C LEU H 367 13.40 25.11 -54.37
N LEU H 368 13.22 26.43 -54.23
CA LEU H 368 11.87 26.99 -54.13
C LEU H 368 11.11 26.84 -55.44
N GLN H 369 11.76 27.16 -56.57
CA GLN H 369 11.12 27.03 -57.87
C GLN H 369 10.66 25.61 -58.10
N ARG H 370 11.53 24.63 -57.86
CA ARG H 370 11.16 23.25 -58.13
C ARG H 370 10.07 22.77 -57.17
N THR H 371 10.12 23.20 -55.90
CA THR H 371 9.07 22.82 -54.97
C THR H 371 7.72 23.36 -55.42
N PHE H 372 7.68 24.62 -55.86
CA PHE H 372 6.42 25.20 -56.33
C PHE H 372 5.92 24.51 -57.59
N LEU H 373 6.84 24.17 -58.51
CA LEU H 373 6.47 23.42 -59.70
C LEU H 373 5.79 22.10 -59.33
N GLN H 374 6.37 21.38 -58.36
CA GLN H 374 5.83 20.07 -57.99
C GLN H 374 4.48 20.20 -57.30
N ALA H 375 4.35 21.15 -56.38
CA ALA H 375 3.05 21.39 -55.77
C ALA H 375 2.00 21.73 -56.83
N SER H 376 2.39 22.49 -57.85
CA SER H 376 1.48 22.81 -58.94
C SER H 376 1.01 21.54 -59.65
N TYR H 377 1.98 20.70 -60.06
CA TYR H 377 1.63 19.44 -60.70
C TYR H 377 0.62 18.66 -59.86
N TYR H 378 0.90 18.51 -58.56
CA TYR H 378 0.04 17.67 -57.74
C TYR H 378 -1.36 18.24 -57.61
N VAL H 379 -1.47 19.54 -57.38
CA VAL H 379 -2.79 20.14 -57.21
C VAL H 379 -3.60 19.98 -58.50
N ALA H 380 -2.96 20.16 -59.65
CA ALA H 380 -3.65 19.97 -60.91
C ALA H 380 -4.10 18.51 -61.07
N ILE H 381 -3.23 17.56 -60.75
CA ILE H 381 -3.58 16.14 -60.90
C ILE H 381 -4.76 15.80 -60.02
N GLU H 382 -4.79 16.34 -58.80
CA GLU H 382 -5.88 16.02 -57.89
C GLU H 382 -7.19 16.62 -58.36
N THR H 383 -7.16 17.85 -58.86
CA THR H 383 -8.36 18.42 -59.45
C THR H 383 -8.86 17.57 -60.61
N GLY H 384 -7.93 17.08 -61.43
CA GLY H 384 -8.33 16.21 -62.54
C GLY H 384 -8.96 14.90 -62.09
N ILE H 385 -8.40 14.30 -61.04
CA ILE H 385 -8.96 13.05 -60.54
C ILE H 385 -10.36 13.27 -59.97
N ASN H 386 -10.52 14.37 -59.23
CA ASN H 386 -11.84 14.76 -58.78
C ASN H 386 -12.82 14.85 -59.96
N LEU H 387 -12.41 15.56 -61.01
CA LEU H 387 -13.29 15.75 -62.16
C LEU H 387 -13.65 14.43 -62.82
N ARG H 388 -12.68 13.51 -62.93
CA ARG H 388 -12.96 12.22 -63.54
C ARG H 388 -14.00 11.46 -62.73
N GLY H 389 -13.77 11.35 -61.42
CA GLY H 389 -14.76 10.68 -60.57
C GLY H 389 -16.13 11.31 -60.69
N ALA H 390 -16.19 12.64 -60.69
CA ALA H 390 -17.47 13.35 -60.73
C ALA H 390 -18.21 13.06 -62.02
N ILE H 391 -17.58 13.31 -63.17
CA ILE H 391 -18.32 13.14 -64.43
C ILE H 391 -18.60 11.67 -64.68
N GLN H 392 -17.78 10.76 -64.14
CA GLN H 392 -18.06 9.33 -64.30
C GLN H 392 -19.33 8.95 -63.55
N THR H 393 -19.42 9.30 -62.27
CA THR H 393 -20.64 8.96 -61.55
C THR H 393 -21.84 9.72 -62.11
N LYS H 394 -21.62 10.90 -62.70
CA LYS H 394 -22.74 11.64 -63.30
C LYS H 394 -23.28 10.93 -64.53
N ILE H 395 -22.39 10.52 -65.45
CA ILE H 395 -22.86 9.81 -66.63
C ILE H 395 -23.37 8.43 -66.27
N TYR H 396 -22.99 7.89 -65.11
CA TYR H 396 -23.64 6.66 -64.67
C TYR H 396 -25.03 6.94 -64.11
N ASN H 397 -25.21 8.07 -63.42
CA ASN H 397 -26.54 8.47 -62.99
C ASN H 397 -27.46 8.67 -64.18
N LYS H 398 -26.92 9.22 -65.28
CA LYS H 398 -27.70 9.39 -66.49
C LYS H 398 -28.03 8.05 -67.15
N ILE H 399 -27.19 7.04 -66.95
CA ILE H 399 -27.43 5.73 -67.55
C ILE H 399 -28.68 5.08 -66.98
N MET H 400 -29.18 5.56 -65.84
CA MET H 400 -30.36 4.96 -65.22
C MET H 400 -31.65 5.45 -65.85
N HIS H 401 -31.68 6.70 -66.31
CA HIS H 401 -32.92 7.32 -66.78
C HIS H 401 -33.09 7.26 -68.30
N LEU H 402 -32.13 6.69 -69.02
CA LEU H 402 -32.21 6.70 -70.47
C LEU H 402 -33.23 5.68 -70.97
N SER H 403 -33.65 5.87 -72.21
CA SER H 403 -34.69 5.04 -72.81
C SER H 403 -34.06 3.88 -73.58
N THR H 404 -34.86 2.84 -73.80
CA THR H 404 -34.37 1.61 -74.41
C THR H 404 -34.16 1.73 -75.90
N SER H 405 -34.86 2.66 -76.57
CA SER H 405 -34.71 2.80 -78.02
C SER H 405 -33.34 3.32 -78.43
N ASN H 406 -32.63 4.00 -77.54
CA ASN H 406 -31.33 4.57 -77.86
C ASN H 406 -30.20 3.61 -77.52
N GLU H 411 -26.46 -1.79 -78.79
CA GLU H 411 -25.25 -2.41 -79.32
C GLU H 411 -24.20 -1.35 -79.64
N MET H 412 -24.50 -0.51 -80.64
CA MET H 412 -23.58 0.57 -80.98
C MET H 412 -23.55 1.64 -79.90
N THR H 413 -24.72 1.94 -79.31
CA THR H 413 -24.76 2.92 -78.23
C THR H 413 -24.04 2.41 -77.00
N ALA H 414 -24.05 1.09 -76.76
CA ALA H 414 -23.32 0.54 -75.61
C ALA H 414 -21.81 0.67 -75.81
N GLY H 415 -21.32 0.34 -77.00
CA GLY H 415 -19.91 0.54 -77.29
C GLY H 415 -19.51 2.00 -77.23
N GLN H 416 -20.38 2.88 -77.72
CA GLN H 416 -20.11 4.32 -77.62
C GLN H 416 -20.11 4.79 -76.18
N ILE H 417 -20.95 4.21 -75.33
CA ILE H 417 -20.97 4.57 -73.91
C ILE H 417 -19.67 4.14 -73.25
N CYS H 418 -19.24 2.89 -73.49
CA CYS H 418 -18.04 2.40 -72.83
C CYS H 418 -16.77 3.02 -73.40
N ASN H 419 -16.79 3.50 -74.64
CA ASN H 419 -15.70 4.36 -75.10
C ASN H 419 -15.80 5.75 -74.49
N LEU H 420 -17.03 6.20 -74.20
CA LEU H 420 -17.22 7.48 -73.55
C LEU H 420 -16.66 7.47 -72.12
N VAL H 421 -16.38 6.29 -71.58
CA VAL H 421 -15.77 6.18 -70.26
C VAL H 421 -14.31 5.78 -70.34
N ALA H 422 -13.91 5.07 -71.39
CA ALA H 422 -12.55 4.54 -71.48
C ALA H 422 -11.57 5.48 -72.17
N ILE H 423 -12.02 6.27 -73.14
CA ILE H 423 -11.15 7.19 -73.85
C ILE H 423 -11.58 8.64 -73.69
N ASP H 424 -12.89 8.92 -73.74
CA ASP H 424 -13.35 10.31 -73.65
C ASP H 424 -13.07 10.89 -72.26
N THR H 425 -13.38 10.13 -71.20
CA THR H 425 -13.14 10.62 -69.84
C THR H 425 -11.66 10.75 -69.55
N ASN H 426 -10.84 9.81 -70.04
CA ASN H 426 -9.40 9.94 -69.86
C ASN H 426 -8.86 11.15 -70.60
N GLN H 427 -9.40 11.44 -71.80
CA GLN H 427 -9.02 12.65 -72.50
C GLN H 427 -9.36 13.89 -71.69
N LEU H 428 -10.59 13.94 -71.18
CA LEU H 428 -11.00 15.07 -70.35
C LEU H 428 -10.06 15.26 -69.17
N MET H 429 -9.75 14.17 -68.47
CA MET H 429 -8.94 14.27 -67.25
C MET H 429 -7.50 14.65 -67.57
N TRP H 430 -6.93 14.12 -68.64
CA TRP H 430 -5.57 14.48 -68.99
C TRP H 430 -5.49 15.93 -69.51
N PHE H 431 -6.54 16.38 -70.18
CA PHE H 431 -6.61 17.79 -70.53
C PHE H 431 -6.69 18.66 -69.28
N PHE H 432 -7.38 18.19 -68.25
CA PHE H 432 -7.41 18.97 -67.01
C PHE H 432 -6.06 18.91 -66.30
N PHE H 433 -5.31 17.83 -66.47
CA PHE H 433 -3.90 17.83 -66.06
C PHE H 433 -3.15 18.98 -66.73
N LEU H 434 -3.25 19.06 -68.06
CA LEU H 434 -2.45 19.99 -68.83
C LEU H 434 -3.03 21.41 -68.89
N CYS H 435 -4.19 21.66 -68.29
CA CYS H 435 -4.78 23.00 -68.29
C CYS H 435 -3.84 24.10 -67.79
N PRO H 436 -3.22 23.99 -66.59
CA PRO H 436 -2.36 25.10 -66.14
C PRO H 436 -1.12 25.29 -66.99
N ASN H 437 -0.63 24.22 -67.62
CA ASN H 437 0.50 24.37 -68.53
C ASN H 437 0.14 25.26 -69.71
N LEU H 438 -1.11 25.22 -70.17
CA LEU H 438 -1.52 26.06 -71.29
C LEU H 438 -1.53 27.54 -70.91
N TRP H 439 -1.77 27.86 -69.63
CA TRP H 439 -1.67 29.24 -69.19
C TRP H 439 -0.25 29.66 -68.92
N ALA H 440 0.60 28.74 -68.44
CA ALA H 440 1.96 29.09 -68.05
C ALA H 440 2.97 29.03 -69.19
N MET H 441 2.63 28.42 -70.32
CA MET H 441 3.58 28.36 -71.44
C MET H 441 3.84 29.72 -72.07
N PRO H 442 2.82 30.52 -72.43
CA PRO H 442 3.11 31.79 -73.10
C PRO H 442 3.98 32.74 -72.30
N VAL H 443 3.72 32.88 -71.00
CA VAL H 443 4.54 33.76 -70.18
C VAL H 443 5.97 33.24 -70.13
N GLN H 444 6.15 31.92 -70.17
CA GLN H 444 7.49 31.35 -70.14
C GLN H 444 8.26 31.71 -71.41
N ILE H 445 7.65 31.50 -72.58
CA ILE H 445 8.38 31.82 -73.81
C ILE H 445 8.61 33.32 -73.95
N ILE H 446 7.66 34.15 -73.47
CA ILE H 446 7.82 35.60 -73.55
C ILE H 446 8.98 36.07 -72.68
N VAL H 447 9.00 35.64 -71.41
CA VAL H 447 10.11 36.00 -70.53
C VAL H 447 11.43 35.49 -71.09
N GLY H 448 11.43 34.27 -71.66
CA GLY H 448 12.65 33.73 -72.24
C GLY H 448 13.19 34.61 -73.36
N VAL H 449 12.32 34.98 -74.31
CA VAL H 449 12.79 35.75 -75.45
C VAL H 449 13.24 37.15 -75.01
N ILE H 450 12.50 37.80 -74.11
CA ILE H 450 12.90 39.15 -73.70
C ILE H 450 14.20 39.10 -72.90
N LEU H 451 14.40 38.05 -72.11
CA LEU H 451 15.64 37.95 -71.34
C LEU H 451 16.83 37.69 -72.25
N LEU H 452 16.69 36.76 -73.20
CA LEU H 452 17.81 36.48 -74.08
C LEU H 452 18.14 37.66 -74.99
N TYR H 453 17.13 38.48 -75.34
CA TYR H 453 17.42 39.67 -76.15
C TYR H 453 18.34 40.63 -75.41
N TYR H 454 18.11 40.84 -74.12
CA TYR H 454 18.91 41.81 -73.39
C TYR H 454 20.30 41.29 -73.04
N ILE H 455 20.58 40.01 -73.29
CA ILE H 455 21.88 39.44 -73.03
C ILE H 455 22.72 39.33 -74.29
N LEU H 456 22.10 39.05 -75.44
CA LEU H 456 22.82 38.89 -76.69
C LEU H 456 22.48 39.96 -77.73
N GLY H 457 21.53 40.83 -77.46
CA GLY H 457 21.21 41.88 -78.42
C GLY H 457 20.39 41.37 -79.60
N VAL H 458 20.51 42.08 -80.72
CA VAL H 458 19.70 41.79 -81.90
C VAL H 458 19.89 40.35 -82.35
N SER H 459 21.14 39.86 -82.33
CA SER H 459 21.41 38.47 -82.72
C SER H 459 20.54 37.50 -81.96
N ALA H 460 20.33 37.76 -80.66
CA ALA H 460 19.48 36.90 -79.84
C ALA H 460 18.14 36.66 -80.52
N LEU H 461 17.51 37.72 -81.02
CA LEU H 461 16.23 37.61 -81.71
C LEU H 461 16.27 36.50 -82.76
N ILE H 462 17.30 36.51 -83.61
CA ILE H 462 17.42 35.50 -84.65
C ILE H 462 17.38 34.10 -84.03
N GLY H 463 18.23 33.87 -83.03
CA GLY H 463 18.19 32.59 -82.34
C GLY H 463 16.83 32.31 -81.74
N ALA H 464 16.22 33.32 -81.12
CA ALA H 464 14.91 33.16 -80.51
C ALA H 464 13.86 32.72 -81.53
N ALA H 465 14.09 32.98 -82.81
CA ALA H 465 13.17 32.48 -83.83
C ALA H 465 13.33 30.98 -84.01
N VAL H 466 14.58 30.52 -84.19
CA VAL H 466 14.83 29.15 -84.60
C VAL H 466 14.19 28.16 -83.63
N ILE H 467 14.51 28.30 -82.34
CA ILE H 467 13.94 27.41 -81.33
C ILE H 467 12.41 27.44 -81.40
N ILE H 468 11.83 28.64 -81.48
CA ILE H 468 10.37 28.75 -81.53
C ILE H 468 9.84 28.01 -82.75
N LEU H 469 10.57 28.06 -83.87
CA LEU H 469 10.13 27.40 -85.09
C LEU H 469 10.03 25.90 -84.93
N LEU H 470 10.67 25.31 -83.92
CA LEU H 470 10.56 23.88 -83.70
C LEU H 470 9.18 23.51 -83.14
N ALA H 471 8.51 24.44 -82.45
CA ALA H 471 7.26 24.08 -81.78
C ALA H 471 6.13 23.76 -82.76
N PRO H 472 5.84 24.59 -83.78
CA PRO H 472 4.81 24.18 -84.74
C PRO H 472 5.20 22.94 -85.52
N VAL H 473 6.45 22.87 -86.01
CA VAL H 473 6.91 21.71 -86.77
C VAL H 473 6.65 20.43 -85.99
N GLN H 474 7.07 20.40 -84.72
CA GLN H 474 6.77 19.26 -83.85
C GLN H 474 5.33 18.83 -83.98
N TYR H 475 4.40 19.77 -83.80
CA TYR H 475 2.97 19.45 -83.90
C TYR H 475 2.68 18.72 -85.20
N PHE H 476 3.13 19.28 -86.33
CA PHE H 476 2.94 18.63 -87.62
C PHE H 476 3.42 17.19 -87.56
N VAL H 477 4.66 16.99 -87.11
CA VAL H 477 5.21 15.64 -87.00
C VAL H 477 4.26 14.75 -86.22
N ALA H 478 3.83 15.22 -85.05
CA ALA H 478 2.91 14.45 -84.22
C ALA H 478 1.70 13.98 -85.02
N THR H 479 1.08 14.92 -85.75
CA THR H 479 -0.12 14.57 -86.52
C THR H 479 0.18 13.41 -87.46
N LYS H 480 1.30 13.47 -88.19
CA LYS H 480 1.65 12.39 -89.09
C LYS H 480 1.67 11.07 -88.35
N LEU H 481 2.36 11.03 -87.21
CA LEU H 481 2.37 9.85 -86.35
C LEU H 481 0.96 9.29 -86.19
N SER H 482 0.04 10.13 -85.71
CA SER H 482 -1.34 9.70 -85.48
C SER H 482 -1.89 9.00 -86.71
N GLN H 483 -1.79 9.66 -87.87
CA GLN H 483 -2.28 9.06 -89.11
C GLN H 483 -1.71 7.67 -89.28
N ALA H 484 -0.37 7.57 -89.25
CA ALA H 484 0.28 6.27 -89.38
C ALA H 484 -0.32 5.28 -88.40
N GLN H 485 -0.40 5.68 -87.13
CA GLN H 485 -0.94 4.81 -86.10
C GLN H 485 -2.25 4.19 -86.56
N ARG H 486 -3.20 5.03 -86.98
CA ARG H 486 -4.50 4.54 -87.43
C ARG H 486 -4.32 3.39 -88.40
N SER H 487 -3.61 3.65 -89.51
CA SER H 487 -3.42 2.62 -90.53
C SER H 487 -2.90 1.35 -89.90
N THR H 488 -1.81 1.45 -89.13
CA THR H 488 -1.20 0.27 -88.54
C THR H 488 -2.24 -0.50 -87.74
N LEU H 489 -2.98 0.21 -86.87
CA LEU H 489 -3.96 -0.45 -86.02
C LEU H 489 -4.86 -1.35 -86.85
N GLU H 490 -5.38 -0.82 -87.97
CA GLU H 490 -6.25 -1.59 -88.84
C GLU H 490 -5.64 -2.94 -89.13
N HIS H 491 -4.44 -2.93 -89.75
CA HIS H 491 -3.78 -4.18 -90.09
C HIS H 491 -3.68 -5.10 -88.88
N SER H 492 -3.23 -4.55 -87.75
CA SER H 492 -3.06 -5.36 -86.54
C SER H 492 -4.34 -6.10 -86.22
N ASN H 493 -5.46 -5.39 -86.23
CA ASN H 493 -6.73 -6.03 -85.88
C ASN H 493 -6.98 -7.24 -86.75
N GLU H 494 -6.83 -7.06 -88.07
CA GLU H 494 -7.07 -8.18 -88.99
C GLU H 494 -6.21 -9.38 -88.63
N ARG H 495 -4.93 -9.13 -88.33
CA ARG H 495 -4.04 -10.22 -87.97
C ARG H 495 -4.62 -11.03 -86.83
N LEU H 496 -5.09 -10.33 -85.78
CA LEU H 496 -5.64 -11.03 -84.62
C LEU H 496 -6.76 -11.97 -85.04
N LYS H 497 -7.63 -11.53 -85.94
CA LYS H 497 -8.69 -12.41 -86.43
C LYS H 497 -8.11 -13.69 -87.00
N GLN H 498 -7.16 -13.56 -87.92
CA GLN H 498 -6.56 -14.72 -88.56
C GLN H 498 -5.80 -15.60 -87.57
N THR H 499 -5.58 -15.12 -86.34
CA THR H 499 -4.99 -15.96 -85.31
C THR H 499 -6.05 -16.69 -84.51
N ASN H 500 -7.17 -16.01 -84.21
CA ASN H 500 -8.17 -16.58 -83.31
C ASN H 500 -8.70 -17.90 -83.83
N GLU H 501 -8.73 -18.09 -85.15
CA GLU H 501 -9.14 -19.36 -85.71
C GLU H 501 -8.13 -20.45 -85.40
N MET H 502 -6.85 -20.19 -85.68
CA MET H 502 -5.84 -21.22 -85.54
C MET H 502 -5.73 -21.72 -84.10
N LEU H 503 -5.82 -20.80 -83.13
CA LEU H 503 -5.75 -21.17 -81.73
C LEU H 503 -7.07 -21.70 -81.18
N ARG H 504 -8.02 -22.03 -82.04
CA ARG H 504 -9.24 -22.71 -81.62
C ARG H 504 -9.44 -24.05 -82.31
N GLY H 505 -9.19 -24.12 -83.62
CA GLY H 505 -9.25 -25.38 -84.33
C GLY H 505 -7.93 -26.12 -84.23
N MET H 506 -7.36 -26.14 -83.02
CA MET H 506 -6.03 -26.69 -82.81
C MET H 506 -5.97 -28.16 -83.23
N LYS H 507 -6.82 -29.00 -82.64
CA LYS H 507 -6.83 -30.41 -83.01
C LYS H 507 -7.21 -30.59 -84.46
N LEU H 508 -8.23 -29.87 -84.92
CA LEU H 508 -8.58 -29.92 -86.35
C LEU H 508 -7.38 -29.54 -87.20
N LEU H 509 -6.69 -28.46 -86.84
CA LEU H 509 -5.56 -27.98 -87.64
C LEU H 509 -4.47 -29.03 -87.72
N LYS H 510 -4.04 -29.56 -86.58
CA LYS H 510 -2.93 -30.50 -86.56
C LYS H 510 -3.32 -31.91 -86.96
N LEU H 511 -4.62 -32.20 -87.10
CA LEU H 511 -5.03 -33.55 -87.48
C LEU H 511 -4.67 -33.88 -88.93
N TYR H 512 -4.47 -32.87 -89.76
CA TYR H 512 -4.04 -33.08 -91.13
C TYR H 512 -2.84 -32.21 -91.51
N ALA H 513 -2.27 -31.48 -90.55
CA ALA H 513 -1.06 -30.67 -90.76
C ALA H 513 -1.24 -29.64 -91.88
N TRP H 514 -2.39 -28.98 -91.89
CA TRP H 514 -2.58 -27.81 -92.73
C TRP H 514 -2.08 -26.54 -92.04
N GLU H 515 -1.33 -26.69 -90.94
CA GLU H 515 -0.95 -25.54 -90.12
C GLU H 515 0.02 -24.62 -90.84
N SER H 516 1.01 -25.19 -91.55
CA SER H 516 1.95 -24.35 -92.28
C SER H 516 1.25 -23.53 -93.36
N ILE H 517 0.18 -24.08 -93.93
CA ILE H 517 -0.56 -23.36 -94.98
C ILE H 517 -1.19 -22.09 -94.40
N PHE H 518 -1.70 -22.16 -93.17
CA PHE H 518 -2.25 -20.98 -92.53
C PHE H 518 -1.17 -20.05 -92.00
N CYS H 519 -0.03 -20.62 -91.57
CA CYS H 519 1.08 -19.79 -91.10
C CYS H 519 1.63 -18.93 -92.23
N SER H 520 1.61 -19.45 -93.45
CA SER H 520 2.01 -18.63 -94.60
C SER H 520 1.13 -17.38 -94.72
N ARG H 521 -0.19 -17.56 -94.57
CA ARG H 521 -1.12 -16.44 -94.63
C ARG H 521 -0.88 -15.47 -93.48
N VAL H 522 -0.64 -16.00 -92.28
CA VAL H 522 -0.38 -15.15 -91.12
C VAL H 522 0.88 -14.31 -91.36
N GLU H 523 1.91 -14.92 -91.94
CA GLU H 523 3.13 -14.16 -92.25
C GLU H 523 2.88 -13.13 -93.34
N VAL H 524 2.04 -13.46 -94.32
CA VAL H 524 1.64 -12.47 -95.33
C VAL H 524 1.04 -11.25 -94.65
N THR H 525 0.18 -11.39 -93.65
CA THR H 525 -0.34 -10.18 -92.98
C THR H 525 0.75 -9.34 -92.27
N ARG H 526 1.65 -10.08 -91.66
CA ARG H 526 2.72 -9.50 -90.86
C ARG H 526 3.61 -8.55 -91.67
N ARG H 527 3.89 -8.90 -92.92
CA ARG H 527 4.73 -8.04 -93.74
C ARG H 527 4.08 -6.67 -93.98
N LYS H 528 2.76 -6.65 -94.19
CA LYS H 528 2.02 -5.39 -94.37
C LYS H 528 2.12 -4.57 -93.09
N GLU H 529 1.97 -5.27 -91.95
CA GLU H 529 2.07 -4.59 -90.67
C GLU H 529 3.48 -3.97 -90.51
N MET H 530 4.51 -4.71 -90.91
CA MET H 530 5.89 -4.23 -90.84
C MET H 530 6.10 -3.01 -91.71
N THR H 531 5.48 -3.03 -92.88
CA THR H 531 5.59 -1.93 -93.82
C THR H 531 5.04 -0.65 -93.20
N SER H 532 3.92 -0.73 -92.48
CA SER H 532 3.40 0.52 -91.89
C SER H 532 4.34 1.18 -90.85
N LEU H 533 4.93 0.33 -90.04
CA LEU H 533 5.83 0.55 -88.91
C LEU H 533 7.09 1.27 -89.33
N ARG H 534 7.54 1.04 -90.56
CA ARG H 534 8.71 1.76 -91.07
C ARG H 534 8.48 3.26 -91.09
N ALA H 535 7.36 3.70 -91.67
CA ALA H 535 7.06 5.12 -91.73
C ALA H 535 6.85 5.69 -90.33
N PHE H 536 6.14 4.96 -89.48
CA PHE H 536 5.93 5.40 -88.10
C PHE H 536 7.26 5.64 -87.39
N ALA H 537 8.18 4.69 -87.50
CA ALA H 537 9.47 4.82 -86.85
C ALA H 537 10.34 5.88 -87.51
N VAL H 538 10.14 6.13 -88.81
CA VAL H 538 10.82 7.25 -89.45
C VAL H 538 10.37 8.56 -88.84
N TYR H 539 9.07 8.72 -88.60
CA TYR H 539 8.59 9.95 -87.96
C TYR H 539 9.10 10.05 -86.52
N THR H 540 9.13 8.93 -85.80
CA THR H 540 9.70 8.93 -84.45
C THR H 540 11.17 9.37 -84.48
N SER H 541 11.92 8.88 -85.46
CA SER H 541 13.31 9.25 -85.62
C SER H 541 13.46 10.74 -85.91
N ILE H 542 12.59 11.28 -86.77
CA ILE H 542 12.63 12.71 -87.07
C ILE H 542 12.36 13.54 -85.82
N SER H 543 11.41 13.08 -84.99
CA SER H 543 11.12 13.77 -83.74
C SER H 543 12.33 13.78 -82.82
N ILE H 544 12.89 12.60 -82.55
CA ILE H 544 14.05 12.51 -81.67
C ILE H 544 15.22 13.31 -82.23
N PHE H 545 15.35 13.35 -83.55
CA PHE H 545 16.43 14.08 -84.20
C PHE H 545 16.30 15.58 -83.97
N MET H 546 15.10 16.12 -84.26
CA MET H 546 14.88 17.55 -84.02
C MET H 546 15.08 17.91 -82.56
N ASN H 547 14.68 17.00 -81.65
CA ASN H 547 14.76 17.25 -80.21
C ASN H 547 16.14 17.76 -79.80
N THR H 548 17.20 17.10 -80.24
CA THR H 548 18.55 17.50 -79.90
C THR H 548 19.25 18.27 -81.01
N ALA H 549 18.63 18.40 -82.19
CA ALA H 549 19.23 19.18 -83.26
C ALA H 549 18.98 20.67 -83.07
N ILE H 550 17.76 21.04 -82.66
CA ILE H 550 17.45 22.46 -82.48
C ILE H 550 18.28 23.11 -81.39
N PRO H 551 18.57 22.47 -80.26
CA PRO H 551 19.51 23.08 -79.30
C PRO H 551 20.87 23.37 -79.90
N ILE H 552 21.40 22.47 -80.74
CA ILE H 552 22.69 22.72 -81.36
C ILE H 552 22.58 23.83 -82.40
N ALA H 553 21.53 23.80 -83.21
CA ALA H 553 21.37 24.76 -84.30
C ALA H 553 21.18 26.18 -83.76
N ALA H 554 20.46 26.32 -82.65
CA ALA H 554 20.28 27.64 -82.05
C ALA H 554 21.63 28.27 -81.71
N VAL H 555 22.47 27.54 -80.97
CA VAL H 555 23.77 28.08 -80.57
C VAL H 555 24.64 28.31 -81.80
N LEU H 556 24.61 27.39 -82.76
CA LEU H 556 25.39 27.57 -83.98
C LEU H 556 25.04 28.88 -84.68
N ILE H 557 23.81 28.99 -85.19
CA ILE H 557 23.39 30.15 -85.96
C ILE H 557 23.28 31.41 -85.12
N THR H 558 23.35 31.29 -83.78
CA THR H 558 23.34 32.49 -82.96
C THR H 558 24.75 33.02 -82.70
N PHE H 559 25.65 32.16 -82.22
CA PHE H 559 27.00 32.62 -81.92
C PHE H 559 27.77 32.95 -83.19
N VAL H 560 27.63 32.13 -84.24
CA VAL H 560 28.31 32.47 -85.49
C VAL H 560 27.70 33.74 -86.08
N GLY H 561 26.39 33.92 -85.93
CA GLY H 561 25.71 35.10 -86.41
C GLY H 561 25.76 36.31 -85.51
N HIS H 562 26.39 36.21 -84.35
CA HIS H 562 26.51 37.34 -83.43
C HIS H 562 27.88 38.02 -83.55
N VAL H 563 28.95 37.26 -83.32
CA VAL H 563 30.28 37.84 -83.29
C VAL H 563 30.80 38.08 -84.71
N SER H 564 30.93 37.01 -85.49
CA SER H 564 31.52 37.08 -86.82
C SER H 564 30.57 37.63 -87.88
N PHE H 565 29.38 38.10 -87.49
CA PHE H 565 28.44 38.66 -88.45
C PHE H 565 28.11 40.12 -88.20
N PHE H 566 27.67 40.47 -86.98
CA PHE H 566 26.96 41.73 -86.78
C PHE H 566 27.84 42.85 -86.25
N LYS H 567 28.45 42.67 -85.08
CA LYS H 567 29.10 43.79 -84.43
C LYS H 567 30.45 43.46 -83.80
N GLU H 568 30.96 42.24 -83.97
CA GLU H 568 32.28 41.84 -83.45
C GLU H 568 32.41 42.08 -81.95
N SER H 569 31.27 42.10 -81.25
CA SER H 569 31.28 42.38 -79.82
C SER H 569 31.96 41.25 -79.05
N ASP H 570 32.82 41.63 -78.11
CA ASP H 570 33.51 40.65 -77.29
C ASP H 570 32.51 39.88 -76.43
N LEU H 571 32.42 38.57 -76.67
CA LEU H 571 31.42 37.72 -76.02
C LEU H 571 32.04 37.14 -74.75
N SER H 572 31.77 37.77 -73.62
CA SER H 572 32.25 37.25 -72.35
C SER H 572 31.66 35.87 -72.09
N PRO H 573 32.35 35.02 -71.32
CA PRO H 573 31.81 33.68 -71.03
C PRO H 573 30.41 33.71 -70.45
N SER H 574 30.11 34.75 -69.67
CA SER H 574 28.79 34.87 -69.05
C SER H 574 27.68 34.89 -70.08
N VAL H 575 27.85 35.70 -71.14
CA VAL H 575 26.82 35.82 -72.16
C VAL H 575 26.53 34.47 -72.80
N ALA H 576 27.59 33.79 -73.27
CA ALA H 576 27.41 32.52 -73.97
C ALA H 576 26.79 31.47 -73.07
N PHE H 577 27.26 31.36 -71.82
CA PHE H 577 26.76 30.31 -70.95
C PHE H 577 25.34 30.61 -70.48
N ALA H 578 25.00 31.89 -70.25
CA ALA H 578 23.62 32.23 -69.93
C ALA H 578 22.69 31.91 -71.10
N SER H 579 23.15 32.17 -72.33
CA SER H 579 22.36 31.81 -73.50
C SER H 579 22.16 30.31 -73.57
N LEU H 580 23.21 29.53 -73.26
CA LEU H 580 23.09 28.08 -73.25
C LEU H 580 22.03 27.62 -72.25
N SER H 581 22.14 28.12 -71.01
CA SER H 581 21.16 27.77 -69.97
C SER H 581 19.75 28.11 -70.42
N LEU H 582 19.54 29.33 -70.91
CA LEU H 582 18.21 29.74 -71.36
C LEU H 582 17.73 28.89 -72.52
N PHE H 583 18.64 28.47 -73.41
CA PHE H 583 18.24 27.59 -74.50
C PHE H 583 17.67 26.28 -73.99
N HIS H 584 18.31 25.69 -72.98
CA HIS H 584 17.75 24.43 -72.45
C HIS H 584 16.44 24.69 -71.70
N ILE H 585 16.42 25.76 -70.89
CA ILE H 585 15.23 26.07 -70.09
C ILE H 585 14.05 26.45 -70.97
N LEU H 586 14.29 26.81 -72.23
CA LEU H 586 13.23 27.08 -73.18
C LEU H 586 12.91 25.88 -74.07
N VAL H 587 13.88 25.01 -74.32
CA VAL H 587 13.61 23.80 -75.09
C VAL H 587 12.71 22.86 -74.32
N THR H 588 12.91 22.75 -73.00
CA THR H 588 12.07 21.86 -72.21
C THR H 588 10.58 22.17 -72.33
N PRO H 589 10.11 23.41 -72.18
CA PRO H 589 8.67 23.65 -72.28
C PRO H 589 8.13 23.56 -73.70
N LEU H 590 8.97 23.79 -74.73
CA LEU H 590 8.45 23.91 -76.10
C LEU H 590 7.76 22.64 -76.56
N PHE H 591 8.32 21.47 -76.26
CA PHE H 591 7.71 20.21 -76.66
C PHE H 591 6.30 20.06 -76.10
N LEU H 592 6.06 20.56 -74.90
CA LEU H 592 4.81 20.32 -74.24
C LEU H 592 3.65 21.09 -74.87
N LEU H 593 3.93 22.21 -75.55
CA LEU H 593 2.86 23.00 -76.16
C LEU H 593 2.14 22.21 -77.24
N SER H 594 2.88 21.42 -78.03
CA SER H 594 2.25 20.64 -79.09
C SER H 594 1.26 19.63 -78.52
N SER H 595 1.73 18.81 -77.58
CA SER H 595 0.86 17.85 -76.91
C SER H 595 -0.30 18.55 -76.21
N VAL H 596 -0.07 19.75 -75.67
CA VAL H 596 -1.14 20.50 -75.02
C VAL H 596 -2.21 20.88 -76.03
N VAL H 597 -1.80 21.36 -77.20
CA VAL H 597 -2.79 21.75 -78.22
C VAL H 597 -3.58 20.53 -78.67
N ARG H 598 -2.89 19.42 -78.92
CA ARG H 598 -3.61 18.21 -79.34
C ARG H 598 -4.59 17.77 -78.25
N SER H 599 -4.13 17.74 -77.00
CA SER H 599 -4.98 17.32 -75.90
C SER H 599 -6.18 18.25 -75.75
N THR H 600 -5.99 19.55 -75.96
CA THR H 600 -7.08 20.50 -75.78
C THR H 600 -8.16 20.32 -76.85
N VAL H 601 -7.75 20.18 -78.13
CA VAL H 601 -8.75 20.00 -79.17
C VAL H 601 -9.47 18.67 -78.99
N LYS H 602 -8.74 17.62 -78.61
CA LYS H 602 -9.37 16.32 -78.40
C LYS H 602 -10.34 16.38 -77.23
N ALA H 603 -9.99 17.11 -76.17
CA ALA H 603 -10.88 17.25 -75.03
C ALA H 603 -12.13 18.04 -75.38
N LEU H 604 -11.98 19.08 -76.20
CA LEU H 604 -13.14 19.82 -76.67
C LEU H 604 -14.10 18.91 -77.41
N VAL H 605 -13.57 18.08 -78.32
CA VAL H 605 -14.43 17.15 -79.05
C VAL H 605 -15.08 16.16 -78.10
N SER H 606 -14.33 15.66 -77.11
CA SER H 606 -14.88 14.68 -76.19
C SER H 606 -15.95 15.27 -75.29
N VAL H 607 -15.83 16.54 -74.91
CA VAL H 607 -16.87 17.15 -74.10
C VAL H 607 -18.10 17.47 -74.95
N GLN H 608 -17.92 17.82 -76.23
CA GLN H 608 -19.09 17.90 -77.11
C GLN H 608 -19.81 16.56 -77.17
N LYS H 609 -19.06 15.47 -77.28
CA LYS H 609 -19.64 14.14 -77.30
C LYS H 609 -20.37 13.84 -75.99
N LEU H 610 -19.74 14.14 -74.85
CA LEU H 610 -20.35 13.92 -73.56
C LEU H 610 -21.64 14.70 -73.40
N SER H 611 -21.68 15.92 -73.93
CA SER H 611 -22.90 16.73 -73.85
C SER H 611 -23.98 16.15 -74.73
N GLU H 612 -23.63 15.71 -75.95
CA GLU H 612 -24.60 15.08 -76.82
C GLU H 612 -25.20 13.84 -76.18
N PHE H 613 -24.37 13.05 -75.49
CA PHE H 613 -24.88 11.85 -74.83
C PHE H 613 -25.70 12.20 -73.60
N LEU H 614 -25.10 12.92 -72.64
CA LEU H 614 -25.74 13.24 -71.37
C LEU H 614 -27.09 13.93 -71.53
N SER H 615 -27.39 14.46 -72.72
CA SER H 615 -28.62 15.23 -72.91
C SER H 615 -29.50 14.59 -73.99
N SER H 616 -29.69 13.28 -73.92
CA SER H 616 -30.57 12.60 -74.88
C SER H 616 -31.86 12.14 -74.21
N CYS H 678 -53.93 -5.83 -57.21
CA CYS H 678 -53.95 -6.23 -58.61
C CYS H 678 -53.22 -5.21 -59.48
N VAL H 679 -52.92 -5.60 -60.72
CA VAL H 679 -52.30 -4.73 -61.70
C VAL H 679 -53.39 -4.28 -62.67
N GLN H 680 -53.74 -3.01 -62.62
CA GLN H 680 -54.84 -2.46 -63.40
C GLN H 680 -54.29 -1.64 -64.56
N ILE H 681 -54.85 -1.85 -65.75
CA ILE H 681 -54.52 -1.06 -66.93
C ILE H 681 -55.82 -0.69 -67.63
N ILE H 682 -55.98 0.60 -67.94
CA ILE H 682 -57.15 1.09 -68.66
C ILE H 682 -56.69 2.07 -69.73
N GLY H 683 -57.03 1.78 -70.99
CA GLY H 683 -56.70 2.65 -72.10
C GLY H 683 -55.24 2.65 -72.50
N GLY H 684 -54.70 1.50 -72.87
CA GLY H 684 -53.29 1.42 -73.21
C GLY H 684 -52.98 2.15 -74.51
N PHE H 685 -51.95 2.99 -74.48
CA PHE H 685 -51.59 3.78 -75.65
C PHE H 685 -50.15 4.25 -75.50
N PHE H 686 -49.23 3.68 -76.28
CA PHE H 686 -47.84 4.14 -76.32
C PHE H 686 -47.15 3.53 -77.53
N THR H 687 -45.95 4.04 -77.81
CA THR H 687 -45.13 3.56 -78.90
C THR H 687 -43.66 3.80 -78.57
N TRP H 688 -42.78 3.31 -79.44
CA TRP H 688 -41.33 3.40 -79.22
C TRP H 688 -40.72 4.63 -79.88
N THR H 689 -41.29 5.80 -79.64
CA THR H 689 -40.77 7.06 -80.17
C THR H 689 -41.43 8.25 -79.47
N PRO H 690 -40.77 9.40 -79.42
CA PRO H 690 -41.49 10.61 -78.97
C PRO H 690 -42.62 11.01 -79.89
N ASP H 691 -42.60 10.55 -81.14
CA ASP H 691 -43.68 10.82 -82.09
C ASP H 691 -43.66 9.74 -83.15
N GLY H 692 -44.83 9.19 -83.46
CA GLY H 692 -44.93 8.13 -84.46
C GLY H 692 -46.20 7.34 -84.27
N ILE H 693 -46.42 6.44 -85.23
CA ILE H 693 -47.63 5.60 -85.18
C ILE H 693 -47.55 4.68 -83.97
N PRO H 694 -48.64 4.49 -83.22
CA PRO H 694 -48.56 3.71 -81.98
C PRO H 694 -48.75 2.21 -82.21
N THR H 695 -48.03 1.45 -81.39
CA THR H 695 -48.18 0.00 -81.36
C THR H 695 -49.02 -0.48 -80.18
N LEU H 696 -49.14 0.31 -79.13
CA LEU H 696 -50.00 0.02 -77.99
C LEU H 696 -51.30 0.77 -78.20
N SER H 697 -52.41 0.04 -78.24
CA SER H 697 -53.70 0.65 -78.58
C SER H 697 -54.82 -0.04 -77.80
N ASN H 698 -55.46 0.70 -76.89
CA ASN H 698 -56.69 0.29 -76.23
C ASN H 698 -56.54 -1.05 -75.51
N ILE H 699 -55.69 -1.03 -74.48
CA ILE H 699 -55.44 -2.21 -73.65
C ILE H 699 -55.98 -1.93 -72.26
N THR H 700 -56.82 -2.85 -71.77
CA THR H 700 -57.39 -2.77 -70.42
C THR H 700 -57.34 -4.17 -69.84
N ILE H 701 -56.59 -4.34 -68.76
CA ILE H 701 -56.31 -5.66 -68.22
C ILE H 701 -56.19 -5.57 -66.70
N ARG H 702 -56.77 -6.54 -66.01
CA ARG H 702 -56.67 -6.66 -64.56
C ARG H 702 -55.92 -7.93 -64.20
N ILE H 703 -54.88 -7.79 -63.39
CA ILE H 703 -54.05 -8.91 -62.95
C ILE H 703 -54.19 -9.05 -61.45
N PRO H 704 -55.16 -9.81 -60.96
CA PRO H 704 -55.34 -9.97 -59.51
C PRO H 704 -54.22 -10.80 -58.89
N ARG H 705 -54.18 -10.75 -57.56
CA ARG H 705 -53.16 -11.46 -56.79
C ARG H 705 -53.41 -12.96 -56.84
N GLY H 706 -52.31 -13.73 -56.79
CA GLY H 706 -52.37 -15.17 -56.73
C GLY H 706 -53.09 -15.80 -57.90
N GLN H 707 -52.52 -15.67 -59.09
CA GLN H 707 -53.22 -16.07 -60.30
C GLN H 707 -52.21 -16.22 -61.44
N LEU H 708 -52.23 -17.38 -62.09
CA LEU H 708 -51.38 -17.60 -63.26
C LEU H 708 -52.04 -16.98 -64.48
N THR H 709 -51.30 -16.10 -65.18
CA THR H 709 -51.83 -15.38 -66.33
C THR H 709 -50.92 -15.62 -67.53
N MET H 710 -51.39 -16.41 -68.48
CA MET H 710 -50.66 -16.60 -69.73
C MET H 710 -51.04 -15.52 -70.73
N ILE H 711 -50.11 -15.22 -71.61
CA ILE H 711 -50.35 -14.34 -72.75
C ILE H 711 -49.97 -15.11 -74.01
N VAL H 712 -50.92 -15.26 -74.92
CA VAL H 712 -50.70 -16.05 -76.12
C VAL H 712 -51.11 -15.23 -77.33
N GLY H 713 -50.53 -15.57 -78.48
CA GLY H 713 -50.81 -14.86 -79.70
C GLY H 713 -49.79 -15.22 -80.77
N GLN H 714 -49.78 -14.43 -81.84
CA GLN H 714 -48.87 -14.64 -82.95
C GLN H 714 -47.55 -13.92 -82.69
N VAL H 715 -46.64 -13.98 -83.66
CA VAL H 715 -45.35 -13.32 -83.54
C VAL H 715 -45.53 -11.86 -83.92
N GLY H 716 -45.32 -10.97 -82.95
CA GLY H 716 -45.48 -9.55 -83.18
C GLY H 716 -46.83 -9.01 -82.79
N CYS H 717 -47.30 -9.36 -81.59
CA CYS H 717 -48.61 -8.92 -81.10
C CYS H 717 -48.50 -8.13 -79.80
N GLY H 718 -47.33 -7.59 -79.49
CA GLY H 718 -47.16 -6.79 -78.29
C GLY H 718 -47.26 -7.58 -77.01
N LYS H 719 -46.67 -8.77 -76.96
CA LYS H 719 -46.64 -9.54 -75.72
C LYS H 719 -45.58 -8.99 -74.76
N SER H 720 -44.32 -9.01 -75.18
CA SER H 720 -43.26 -8.46 -74.35
C SER H 720 -43.37 -6.94 -74.25
N SER H 721 -43.95 -6.30 -75.26
CA SER H 721 -44.22 -4.87 -75.17
C SER H 721 -45.20 -4.57 -74.05
N LEU H 722 -46.30 -5.35 -74.00
CA LEU H 722 -47.23 -5.23 -72.88
C LEU H 722 -46.55 -5.58 -71.56
N LEU H 723 -45.61 -6.54 -71.59
CA LEU H 723 -44.88 -6.88 -70.38
C LEU H 723 -44.10 -5.68 -69.85
N LEU H 724 -43.35 -5.02 -70.74
CA LEU H 724 -42.55 -3.87 -70.31
C LEU H 724 -43.42 -2.66 -69.98
N ALA H 725 -44.61 -2.56 -70.59
CA ALA H 725 -45.51 -1.47 -70.26
C ALA H 725 -46.17 -1.66 -68.90
N THR H 726 -46.52 -2.91 -68.56
CA THR H 726 -47.00 -3.21 -67.21
C THR H 726 -45.92 -2.93 -66.18
N LEU H 727 -44.66 -2.97 -66.60
CA LEU H 727 -43.53 -2.73 -65.70
C LEU H 727 -43.38 -1.25 -65.37
N GLY H 728 -43.99 -0.36 -66.15
CA GLY H 728 -43.67 1.04 -66.10
C GLY H 728 -42.49 1.44 -66.94
N GLU H 729 -41.87 0.49 -67.65
CA GLU H 729 -40.69 0.79 -68.45
C GLU H 729 -41.01 1.77 -69.57
N MET H 730 -42.22 1.71 -70.12
CA MET H 730 -42.64 2.59 -71.20
C MET H 730 -43.83 3.42 -70.72
N GLN H 731 -43.58 4.69 -70.43
CA GLN H 731 -44.62 5.61 -69.95
C GLN H 731 -45.62 5.86 -71.07
N LYS H 732 -46.83 5.32 -70.93
CA LYS H 732 -47.82 5.39 -71.99
C LYS H 732 -48.29 6.82 -72.23
N VAL H 733 -48.73 7.09 -73.46
CA VAL H 733 -49.14 8.44 -73.84
C VAL H 733 -50.42 8.83 -73.13
N SER H 734 -51.49 8.07 -73.38
CA SER H 734 -52.82 8.37 -72.81
C SER H 734 -53.40 7.08 -72.25
N GLY H 735 -53.24 6.88 -70.95
CA GLY H 735 -53.77 5.70 -70.29
C GLY H 735 -53.38 5.68 -68.84
N ALA H 736 -54.04 4.79 -68.10
CA ALA H 736 -53.82 4.66 -66.67
C ALA H 736 -53.33 3.25 -66.33
N VAL H 737 -52.34 3.17 -65.45
CA VAL H 737 -51.76 1.90 -65.04
C VAL H 737 -51.34 1.98 -63.57
N PHE H 738 -51.87 1.07 -62.76
CA PHE H 738 -51.56 1.02 -61.34
C PHE H 738 -51.20 -0.40 -60.94
N TRP H 739 -50.48 -0.52 -59.83
CA TRP H 739 -50.23 -1.83 -59.23
C TRP H 739 -49.87 -1.68 -57.75
N GLY H 768 -43.23 -0.45 -57.82
CA GLY H 768 -42.82 -1.49 -56.89
C GLY H 768 -41.72 -2.38 -57.43
N PRO H 769 -41.02 -3.09 -56.53
CA PRO H 769 -39.93 -3.98 -56.94
C PRO H 769 -40.47 -5.31 -57.45
N VAL H 770 -40.32 -5.53 -58.75
CA VAL H 770 -40.94 -6.67 -59.44
C VAL H 770 -39.84 -7.49 -60.10
N ALA H 771 -39.88 -8.81 -59.86
CA ALA H 771 -38.90 -9.71 -60.46
C ALA H 771 -39.24 -9.92 -61.93
N TYR H 772 -38.20 -9.99 -62.76
CA TYR H 772 -38.43 -10.03 -64.20
C TYR H 772 -37.24 -10.68 -64.89
N ALA H 773 -37.51 -11.72 -65.67
CA ALA H 773 -36.52 -12.33 -66.55
C ALA H 773 -36.91 -11.99 -67.99
N SER H 774 -35.99 -11.35 -68.71
CA SER H 774 -36.27 -10.88 -70.05
C SER H 774 -36.20 -12.03 -71.06
N GLN H 775 -36.58 -11.72 -72.30
CA GLN H 775 -36.54 -12.72 -73.35
C GLN H 775 -35.09 -13.12 -73.67
N LYS H 776 -34.23 -12.13 -73.88
CA LYS H 776 -32.82 -12.41 -74.10
C LYS H 776 -32.13 -12.50 -72.74
N PRO H 777 -31.51 -13.63 -72.40
CA PRO H 777 -30.95 -13.77 -71.06
C PRO H 777 -29.67 -12.99 -70.90
N TRP H 778 -29.46 -12.45 -69.69
CA TRP H 778 -28.27 -11.69 -69.38
C TRP H 778 -27.66 -12.19 -68.08
N LEU H 779 -26.34 -12.04 -67.97
CA LEU H 779 -25.60 -12.51 -66.81
C LEU H 779 -24.66 -11.39 -66.35
N LEU H 780 -24.03 -11.63 -65.20
CA LEU H 780 -23.03 -10.72 -64.66
C LEU H 780 -21.63 -11.31 -64.83
N ASN H 781 -20.64 -10.55 -64.39
CA ASN H 781 -19.25 -11.01 -64.38
C ASN H 781 -18.92 -11.55 -62.99
N ALA H 782 -19.57 -12.67 -62.65
CA ALA H 782 -19.49 -13.22 -61.31
C ALA H 782 -19.80 -14.71 -61.38
N THR H 783 -20.09 -15.32 -60.24
CA THR H 783 -20.32 -16.75 -60.13
C THR H 783 -21.78 -17.09 -60.34
N VAL H 784 -22.09 -18.38 -60.35
CA VAL H 784 -23.46 -18.84 -60.55
C VAL H 784 -24.30 -18.53 -59.31
N GLU H 785 -23.79 -18.89 -58.13
CA GLU H 785 -24.47 -18.58 -56.88
C GLU H 785 -24.75 -17.09 -56.76
N GLU H 786 -23.82 -16.27 -57.25
CA GLU H 786 -23.99 -14.82 -57.16
C GLU H 786 -25.10 -14.34 -58.09
N ASN H 787 -25.09 -14.79 -59.34
CA ASN H 787 -26.14 -14.39 -60.27
C ASN H 787 -27.51 -14.86 -59.81
N ILE H 788 -27.58 -16.02 -59.16
CA ILE H 788 -28.88 -16.51 -58.72
C ILE H 788 -29.32 -15.82 -57.43
N THR H 789 -28.38 -15.43 -56.57
CA THR H 789 -28.74 -14.70 -55.37
C THR H 789 -29.04 -13.24 -55.66
N PHE H 790 -28.18 -12.59 -56.46
CA PHE H 790 -28.39 -11.23 -56.94
C PHE H 790 -28.54 -10.24 -55.77
N GLU H 791 -27.45 -10.12 -55.03
CA GLU H 791 -27.35 -9.21 -53.88
C GLU H 791 -28.44 -9.50 -52.85
N SER H 792 -28.67 -10.78 -52.59
CA SER H 792 -29.60 -11.21 -51.57
C SER H 792 -28.91 -12.10 -50.55
N PRO H 793 -29.26 -12.00 -49.26
CA PRO H 793 -28.66 -12.87 -48.26
C PRO H 793 -28.91 -14.33 -48.59
N PHE H 794 -27.85 -15.14 -48.51
CA PHE H 794 -27.93 -16.52 -48.94
C PHE H 794 -28.84 -17.33 -48.03
N ASN H 795 -29.44 -18.37 -48.60
CA ASN H 795 -30.26 -19.30 -47.85
C ASN H 795 -29.83 -20.72 -48.18
N LYS H 796 -30.02 -21.62 -47.22
CA LYS H 796 -29.74 -23.03 -47.44
C LYS H 796 -30.91 -23.71 -48.15
N GLN H 797 -32.05 -23.81 -47.47
CA GLN H 797 -33.20 -24.51 -48.02
C GLN H 797 -33.76 -23.78 -49.24
N ARG H 798 -33.88 -22.45 -49.16
CA ARG H 798 -34.46 -21.69 -50.26
C ARG H 798 -33.62 -21.82 -51.52
N TYR H 799 -32.31 -21.59 -51.41
CA TYR H 799 -31.44 -21.66 -52.57
C TYR H 799 -31.34 -23.07 -53.12
N LYS H 800 -31.25 -24.08 -52.24
CA LYS H 800 -31.20 -25.44 -52.73
C LYS H 800 -32.51 -25.82 -53.42
N MET H 801 -33.65 -25.34 -52.90
CA MET H 801 -34.94 -25.58 -53.55
C MET H 801 -34.96 -24.97 -54.94
N VAL H 802 -34.49 -23.73 -55.07
CA VAL H 802 -34.50 -23.08 -56.39
C VAL H 802 -33.56 -23.80 -57.34
N ILE H 803 -32.40 -24.26 -56.85
CA ILE H 803 -31.45 -24.96 -57.70
C ILE H 803 -32.05 -26.26 -58.21
N GLU H 804 -32.67 -27.03 -57.32
CA GLU H 804 -33.21 -28.33 -57.72
C GLU H 804 -34.46 -28.17 -58.58
N ALA H 805 -35.27 -27.15 -58.32
CA ALA H 805 -36.52 -26.96 -59.06
C ALA H 805 -36.29 -26.41 -60.46
N CYS H 806 -35.08 -25.95 -60.78
CA CYS H 806 -34.77 -25.42 -62.10
C CYS H 806 -34.05 -26.44 -62.98
N SER H 807 -33.91 -27.69 -62.52
CA SER H 807 -33.21 -28.73 -63.25
C SER H 807 -31.79 -28.27 -63.60
N LEU H 808 -31.13 -27.63 -62.65
CA LEU H 808 -29.86 -26.98 -62.91
C LEU H 808 -28.68 -27.56 -62.14
N GLN H 809 -28.91 -28.29 -61.06
CA GLN H 809 -27.79 -28.80 -60.26
C GLN H 809 -26.88 -29.75 -61.02
N PRO H 810 -27.39 -30.74 -61.78
CA PRO H 810 -26.46 -31.63 -62.50
C PRO H 810 -25.57 -30.91 -63.49
N ASP H 811 -26.14 -30.08 -64.36
CA ASP H 811 -25.33 -29.33 -65.31
C ASP H 811 -24.41 -28.33 -64.61
N ILE H 812 -24.82 -27.82 -63.44
CA ILE H 812 -23.94 -26.97 -62.66
C ILE H 812 -22.73 -27.75 -62.19
N ASP H 813 -22.93 -29.01 -61.80
CA ASP H 813 -21.82 -29.88 -61.41
C ASP H 813 -21.01 -30.38 -62.61
N ILE H 814 -21.54 -30.25 -63.84
CA ILE H 814 -20.78 -30.66 -65.02
C ILE H 814 -19.64 -29.68 -65.29
N LEU H 815 -19.79 -28.42 -64.90
CA LEU H 815 -18.80 -27.39 -65.18
C LEU H 815 -17.43 -27.76 -64.59
N PRO H 816 -16.36 -27.16 -65.12
CA PRO H 816 -15.02 -27.46 -64.57
C PRO H 816 -14.89 -27.13 -63.10
N HIS H 817 -15.54 -26.08 -62.62
CA HIS H 817 -15.65 -25.78 -61.21
C HIS H 817 -17.07 -26.13 -60.76
N GLY H 818 -17.18 -27.04 -59.79
CA GLY H 818 -18.49 -27.52 -59.37
C GLY H 818 -19.44 -26.40 -59.02
N ASP H 819 -18.97 -25.41 -58.27
CA ASP H 819 -19.75 -24.22 -57.99
C ASP H 819 -18.79 -23.04 -57.88
N GLN H 820 -19.37 -21.85 -57.75
CA GLN H 820 -18.60 -20.61 -57.73
C GLN H 820 -17.74 -20.47 -58.98
N THR H 821 -18.19 -21.07 -60.08
CA THR H 821 -17.46 -20.96 -61.34
C THR H 821 -17.64 -19.56 -61.91
N GLN H 822 -16.54 -18.97 -62.35
CA GLN H 822 -16.56 -17.59 -62.87
C GLN H 822 -17.25 -17.60 -64.24
N ILE H 823 -18.53 -17.26 -64.24
CA ILE H 823 -19.27 -17.19 -65.50
C ILE H 823 -18.62 -16.16 -66.40
N GLY H 824 -18.26 -16.57 -67.62
CA GLY H 824 -17.58 -15.69 -68.54
C GLY H 824 -18.38 -14.49 -68.95
N GLU H 825 -17.78 -13.60 -69.74
CA GLU H 825 -18.47 -12.43 -70.25
C GLU H 825 -19.61 -12.86 -71.17
N ARG H 826 -20.85 -12.58 -70.73
CA ARG H 826 -22.09 -12.89 -71.44
C ARG H 826 -22.42 -14.38 -71.41
N GLY H 827 -21.52 -15.21 -70.88
CA GLY H 827 -21.74 -16.64 -70.84
C GLY H 827 -21.24 -17.39 -72.07
N ILE H 828 -19.96 -17.19 -72.40
CA ILE H 828 -19.38 -17.88 -73.55
C ILE H 828 -19.14 -19.36 -73.22
N ASN H 829 -18.69 -19.65 -71.99
CA ASN H 829 -18.50 -21.02 -71.55
C ASN H 829 -19.79 -21.64 -71.00
N LEU H 830 -20.95 -21.10 -71.39
CA LEU H 830 -22.25 -21.69 -71.09
C LEU H 830 -23.10 -21.70 -72.36
N SER H 831 -24.13 -22.52 -72.34
CA SER H 831 -25.07 -22.61 -73.46
C SER H 831 -26.29 -21.74 -73.21
N GLY H 832 -27.13 -21.62 -74.24
CA GLY H 832 -28.30 -20.79 -74.12
C GLY H 832 -29.29 -21.30 -73.09
N GLY H 833 -29.51 -22.63 -73.07
CA GLY H 833 -30.44 -23.19 -72.10
C GLY H 833 -29.97 -23.00 -70.67
N GLN H 834 -28.67 -23.09 -70.44
CA GLN H 834 -28.14 -22.84 -69.10
C GLN H 834 -28.35 -21.40 -68.68
N ARG H 835 -28.08 -20.45 -69.59
CA ARG H 835 -28.32 -19.05 -69.29
C ARG H 835 -29.79 -18.79 -68.98
N GLN H 836 -30.68 -19.41 -69.76
CA GLN H 836 -32.12 -19.24 -69.51
C GLN H 836 -32.51 -19.81 -68.15
N ARG H 837 -32.01 -21.00 -67.81
CA ARG H 837 -32.34 -21.59 -66.51
C ARG H 837 -31.79 -20.76 -65.37
N ILE H 838 -30.59 -20.18 -65.55
CA ILE H 838 -30.03 -19.31 -64.51
C ILE H 838 -30.88 -18.06 -64.36
N SER H 839 -31.35 -17.50 -65.48
CA SER H 839 -32.21 -16.32 -65.39
C SER H 839 -33.53 -16.64 -64.70
N VAL H 840 -34.14 -17.78 -65.02
CA VAL H 840 -35.39 -18.17 -64.39
C VAL H 840 -35.17 -18.42 -62.91
N ALA H 841 -34.02 -19.01 -62.55
CA ALA H 841 -33.70 -19.23 -61.15
C ALA H 841 -33.52 -17.90 -60.42
N ARG H 842 -32.88 -16.92 -61.06
CA ARG H 842 -32.76 -15.60 -60.47
C ARG H 842 -34.13 -14.98 -60.25
N ALA H 843 -35.03 -15.12 -61.23
CA ALA H 843 -36.36 -14.55 -61.10
C ALA H 843 -37.14 -15.23 -59.99
N LEU H 844 -37.02 -16.55 -59.87
CA LEU H 844 -37.78 -17.31 -58.89
C LEU H 844 -37.22 -17.17 -57.48
N TYR H 845 -35.92 -16.96 -57.35
CA TYR H 845 -35.26 -16.95 -56.05
C TYR H 845 -35.54 -15.66 -55.27
N GLN H 846 -35.85 -14.57 -55.97
CA GLN H 846 -36.05 -13.29 -55.32
C GLN H 846 -37.40 -13.25 -54.61
N GLN H 847 -37.41 -12.62 -53.43
CA GLN H 847 -38.61 -12.50 -52.61
C GLN H 847 -39.36 -11.24 -53.03
N THR H 848 -40.51 -11.41 -53.68
CA THR H 848 -41.30 -10.28 -54.16
C THR H 848 -42.71 -10.76 -54.46
N ASN H 849 -43.57 -9.83 -54.87
CA ASN H 849 -44.95 -10.18 -55.19
C ASN H 849 -45.09 -10.66 -56.63
N VAL H 850 -44.57 -9.89 -57.58
CA VAL H 850 -44.83 -10.08 -59.00
C VAL H 850 -43.58 -10.62 -59.68
N VAL H 851 -43.79 -11.57 -60.59
CA VAL H 851 -42.71 -12.14 -61.39
C VAL H 851 -43.16 -12.18 -62.84
N PHE H 852 -42.31 -11.72 -63.75
CA PHE H 852 -42.50 -11.83 -65.18
C PHE H 852 -41.41 -12.71 -65.77
N LEU H 853 -41.80 -13.58 -66.70
CA LEU H 853 -40.85 -14.46 -67.38
C LEU H 853 -41.14 -14.41 -68.87
N ASP H 854 -40.25 -13.78 -69.64
CA ASP H 854 -40.47 -13.54 -71.06
C ASP H 854 -40.05 -14.79 -71.84
N ASP H 855 -40.99 -15.73 -71.99
CA ASP H 855 -40.80 -17.00 -72.68
C ASP H 855 -39.58 -17.74 -72.14
N PRO H 856 -39.66 -18.29 -70.92
CA PRO H 856 -38.54 -19.06 -70.38
C PRO H 856 -38.46 -20.50 -70.87
N PHE H 857 -39.23 -20.88 -71.88
CA PHE H 857 -39.25 -22.25 -72.39
C PHE H 857 -38.88 -22.31 -73.87
N SER H 858 -38.04 -21.39 -74.33
CA SER H 858 -37.67 -21.36 -75.73
C SER H 858 -36.44 -22.21 -76.02
N ALA H 859 -35.50 -22.27 -75.09
CA ALA H 859 -34.29 -23.08 -75.25
C ALA H 859 -34.25 -24.24 -74.25
N LEU H 860 -35.41 -24.83 -73.99
CA LEU H 860 -35.52 -25.98 -73.12
C LEU H 860 -36.24 -27.11 -73.84
N ASP H 861 -35.99 -28.34 -73.40
CA ASP H 861 -36.61 -29.52 -73.98
C ASP H 861 -38.04 -29.63 -73.47
N VAL H 862 -38.70 -30.75 -73.79
CA VAL H 862 -40.03 -31.00 -73.25
C VAL H 862 -39.95 -31.42 -71.79
N HIS H 863 -38.99 -32.29 -71.45
CA HIS H 863 -38.89 -32.81 -70.10
C HIS H 863 -38.53 -31.72 -69.10
N LEU H 864 -37.50 -30.93 -69.43
CA LEU H 864 -37.09 -29.86 -68.53
C LEU H 864 -38.17 -28.80 -68.38
N SER H 865 -38.86 -28.47 -69.47
CA SER H 865 -39.94 -27.48 -69.38
C SER H 865 -41.09 -27.99 -68.53
N ASP H 866 -41.45 -29.27 -68.69
CA ASP H 866 -42.50 -29.85 -67.86
C ASP H 866 -42.11 -29.83 -66.38
N HIS H 867 -40.88 -30.29 -66.08
CA HIS H 867 -40.44 -30.30 -64.70
C HIS H 867 -40.35 -28.90 -64.12
N LEU H 868 -39.99 -27.91 -64.94
CA LEU H 868 -39.91 -26.54 -64.46
C LEU H 868 -41.29 -25.96 -64.17
N MET H 869 -42.22 -26.13 -65.11
CA MET H 869 -43.57 -25.63 -64.89
C MET H 869 -44.28 -26.37 -63.76
N GLN H 870 -43.87 -27.60 -63.47
CA GLN H 870 -44.49 -28.35 -62.39
C GLN H 870 -43.90 -27.99 -61.04
N ALA H 871 -42.57 -28.09 -60.90
CA ALA H 871 -41.95 -27.92 -59.60
C ALA H 871 -41.73 -26.45 -59.25
N GLY H 872 -41.20 -25.67 -60.21
CA GLY H 872 -40.89 -24.28 -59.92
C GLY H 872 -42.05 -23.33 -60.06
N ILE H 873 -42.99 -23.63 -60.94
CA ILE H 873 -44.07 -22.70 -61.25
C ILE H 873 -45.34 -23.06 -60.50
N LEU H 874 -45.86 -24.26 -60.75
CA LEU H 874 -47.12 -24.67 -60.12
C LEU H 874 -46.95 -25.13 -58.68
N GLU H 875 -45.74 -25.44 -58.25
CA GLU H 875 -45.50 -25.90 -56.89
C GLU H 875 -44.75 -24.93 -56.02
N LEU H 876 -43.85 -24.12 -56.59
CA LEU H 876 -43.05 -23.18 -55.82
C LEU H 876 -43.57 -21.75 -55.92
N LEU H 877 -43.85 -21.27 -57.12
CA LEU H 877 -44.47 -19.96 -57.28
C LEU H 877 -45.89 -19.95 -56.73
N ARG H 878 -46.68 -20.95 -57.12
CA ARG H 878 -48.04 -21.12 -56.59
C ARG H 878 -48.05 -21.39 -55.09
N ASP H 879 -46.91 -21.75 -54.51
CA ASP H 879 -46.84 -22.01 -53.07
C ASP H 879 -47.04 -20.73 -52.27
N ASP H 880 -46.18 -19.73 -52.47
CA ASP H 880 -46.21 -18.50 -51.71
C ASP H 880 -47.28 -17.53 -52.18
N LYS H 881 -48.12 -17.93 -53.13
CA LYS H 881 -49.19 -17.10 -53.67
C LYS H 881 -48.63 -15.79 -54.24
N ARG H 882 -47.75 -15.95 -55.22
CA ARG H 882 -47.22 -14.82 -55.98
C ARG H 882 -48.14 -14.53 -57.17
N THR H 883 -47.95 -13.36 -57.77
CA THR H 883 -48.67 -12.97 -58.98
C THR H 883 -47.76 -13.28 -60.17
N VAL H 884 -47.86 -14.52 -60.66
CA VAL H 884 -47.03 -14.99 -61.77
C VAL H 884 -47.70 -14.58 -63.08
N VAL H 885 -46.97 -13.86 -63.92
CA VAL H 885 -47.42 -13.53 -65.26
C VAL H 885 -46.36 -14.08 -66.22
N LEU H 886 -46.69 -15.18 -66.86
CA LEU H 886 -45.77 -15.84 -67.78
C LEU H 886 -46.35 -15.79 -69.19
N VAL H 887 -45.50 -15.48 -70.15
CA VAL H 887 -45.89 -15.37 -71.55
C VAL H 887 -45.14 -16.44 -72.33
N THR H 888 -45.87 -17.29 -73.03
CA THR H 888 -45.30 -18.38 -73.82
C THR H 888 -46.39 -18.90 -74.76
N HIS H 889 -46.10 -20.03 -75.41
CA HIS H 889 -47.08 -20.65 -76.31
C HIS H 889 -46.86 -22.15 -76.28
N LYS H 890 -47.65 -22.85 -75.47
CA LYS H 890 -47.60 -24.30 -75.36
C LYS H 890 -49.01 -24.81 -75.12
N LEU H 891 -49.14 -26.12 -74.90
CA LEU H 891 -50.42 -26.77 -74.65
C LEU H 891 -50.65 -27.04 -73.16
N GLN H 892 -49.63 -27.55 -72.47
CA GLN H 892 -49.79 -27.95 -71.07
C GLN H 892 -50.10 -26.78 -70.15
N TYR H 893 -49.76 -25.56 -70.56
CA TYR H 893 -49.89 -24.40 -69.69
C TYR H 893 -51.24 -23.70 -69.81
N LEU H 894 -51.96 -23.94 -70.90
CA LEU H 894 -53.26 -23.29 -71.09
C LEU H 894 -54.27 -23.66 -70.00
N PRO H 895 -54.49 -24.93 -69.66
CA PRO H 895 -55.45 -25.24 -68.59
C PRO H 895 -54.92 -25.01 -67.19
N HIS H 896 -53.66 -24.60 -67.03
CA HIS H 896 -53.07 -24.39 -65.71
C HIS H 896 -53.16 -22.95 -65.24
N ALA H 897 -53.54 -22.02 -66.10
CA ALA H 897 -53.62 -20.62 -65.75
C ALA H 897 -55.07 -20.24 -65.44
N ASP H 898 -55.27 -18.97 -65.05
CA ASP H 898 -56.58 -18.44 -64.73
C ASP H 898 -57.10 -17.47 -65.79
N TRP H 899 -56.27 -16.55 -66.25
CA TRP H 899 -56.68 -15.56 -67.25
C TRP H 899 -55.91 -15.79 -68.54
N ILE H 900 -56.63 -15.86 -69.64
CA ILE H 900 -56.04 -15.99 -70.97
C ILE H 900 -56.11 -14.63 -71.65
N ILE H 901 -55.00 -14.23 -72.27
CA ILE H 901 -54.90 -12.93 -72.94
C ILE H 901 -54.46 -13.18 -74.37
N ALA H 902 -55.32 -12.86 -75.32
CA ALA H 902 -55.03 -13.03 -76.74
C ALA H 902 -54.74 -11.68 -77.38
N MET H 903 -53.60 -11.59 -78.05
CA MET H 903 -53.15 -10.34 -78.67
C MET H 903 -53.08 -10.51 -80.17
N LYS H 904 -53.48 -9.47 -80.91
CA LYS H 904 -53.40 -9.47 -82.36
C LYS H 904 -53.17 -8.04 -82.84
N ASP H 905 -52.05 -7.83 -83.52
CA ASP H 905 -51.70 -6.52 -84.07
C ASP H 905 -51.67 -5.44 -82.99
N GLY H 906 -51.13 -5.80 -81.82
CA GLY H 906 -51.06 -4.86 -80.72
C GLY H 906 -52.38 -4.53 -80.06
N THR H 907 -53.37 -5.40 -80.21
CA THR H 907 -54.69 -5.19 -79.62
C THR H 907 -55.17 -6.47 -78.96
N ILE H 908 -55.86 -6.33 -77.84
CA ILE H 908 -56.42 -7.47 -77.12
C ILE H 908 -57.67 -7.93 -77.86
N GLN H 909 -57.57 -9.07 -78.54
CA GLN H 909 -58.71 -9.57 -79.31
C GLN H 909 -59.86 -9.97 -78.39
N ARG H 910 -59.61 -10.91 -77.48
CA ARG H 910 -60.56 -11.30 -76.45
C ARG H 910 -59.85 -11.31 -75.11
N GLU H 911 -60.64 -11.41 -74.04
CA GLU H 911 -60.10 -11.38 -72.69
C GLU H 911 -61.05 -12.12 -71.76
N GLY H 912 -60.46 -12.68 -70.70
CA GLY H 912 -61.21 -13.34 -69.67
C GLY H 912 -60.46 -14.56 -69.18
N THR H 913 -61.22 -15.50 -68.64
CA THR H 913 -60.70 -16.76 -68.14
C THR H 913 -60.77 -17.83 -69.25
N LEU H 914 -60.56 -19.09 -68.88
CA LEU H 914 -60.62 -20.18 -69.85
C LEU H 914 -62.05 -20.40 -70.33
N LYS H 915 -63.01 -20.46 -69.39
CA LYS H 915 -64.40 -20.71 -69.76
C LYS H 915 -65.00 -19.53 -70.51
N ASP H 916 -64.70 -18.30 -70.07
CA ASP H 916 -65.16 -17.12 -70.78
C ASP H 916 -64.51 -16.98 -72.16
N PHE H 917 -63.37 -17.64 -72.38
CA PHE H 917 -62.75 -17.63 -73.70
C PHE H 917 -63.34 -18.72 -74.59
N GLN H 918 -63.71 -19.87 -74.02
CA GLN H 918 -64.29 -20.94 -74.81
C GLN H 918 -65.78 -20.74 -75.06
N ARG H 919 -66.44 -19.87 -74.29
CA ARG H 919 -67.84 -19.54 -74.50
C ARG H 919 -68.03 -18.29 -75.36
N SER H 920 -66.95 -17.74 -75.90
CA SER H 920 -67.02 -16.56 -76.75
C SER H 920 -66.49 -16.89 -78.14
N GLU H 921 -66.59 -15.90 -79.03
CA GLU H 921 -66.16 -16.06 -80.41
C GLU H 921 -64.65 -16.18 -80.51
N ILE H 996 13.60 -7.20 -62.86
CA ILE H 996 13.83 -7.98 -64.06
C ILE H 996 15.33 -8.05 -64.32
N PRO H 997 15.84 -9.26 -64.55
CA PRO H 997 17.30 -9.43 -64.71
C PRO H 997 17.80 -8.90 -66.04
N TRP H 998 19.12 -8.92 -66.20
CA TRP H 998 19.73 -8.54 -67.47
C TRP H 998 19.55 -9.60 -68.55
N ARG H 999 18.97 -10.75 -68.23
CA ARG H 999 18.86 -11.83 -69.21
C ARG H 999 17.79 -11.54 -70.25
N ALA H 1000 16.67 -10.95 -69.84
CA ALA H 1000 15.62 -10.61 -70.81
C ALA H 1000 16.13 -9.59 -71.82
N CYS H 1001 16.76 -8.51 -71.33
CA CYS H 1001 17.35 -7.53 -72.23
C CYS H 1001 18.49 -8.12 -73.05
N THR H 1002 19.26 -9.04 -72.47
CA THR H 1002 20.34 -9.68 -73.20
C THR H 1002 19.80 -10.45 -74.40
N LYS H 1003 18.75 -11.24 -74.17
CA LYS H 1003 18.13 -11.97 -75.28
C LYS H 1003 17.49 -11.01 -76.28
N TYR H 1004 16.87 -9.94 -75.80
CA TYR H 1004 16.24 -8.97 -76.69
C TYR H 1004 17.27 -8.34 -77.63
N LEU H 1005 18.45 -7.98 -77.10
CA LEU H 1005 19.46 -7.33 -77.92
C LEU H 1005 20.26 -8.33 -78.74
N SER H 1006 20.37 -9.58 -78.27
CA SER H 1006 21.05 -10.61 -79.05
C SER H 1006 20.19 -11.11 -80.20
N SER H 1007 18.87 -10.94 -80.12
CA SER H 1007 18.04 -11.17 -81.29
C SER H 1007 18.35 -10.19 -82.40
N ALA H 1008 18.84 -8.99 -82.05
CA ALA H 1008 19.27 -8.03 -83.07
C ALA H 1008 20.56 -8.48 -83.73
N GLY H 1009 21.48 -9.04 -82.96
CA GLY H 1009 22.76 -9.50 -83.46
C GLY H 1009 23.89 -8.55 -83.12
N ILE H 1010 25.11 -9.04 -83.35
CA ILE H 1010 26.30 -8.24 -83.10
C ILE H 1010 26.45 -7.12 -84.12
N LEU H 1011 25.71 -7.18 -85.23
CA LEU H 1011 25.87 -6.20 -86.30
C LEU H 1011 25.44 -4.81 -85.85
N LEU H 1012 24.34 -4.70 -85.12
CA LEU H 1012 23.77 -3.41 -84.78
C LEU H 1012 23.97 -3.00 -83.33
N LEU H 1013 24.32 -3.94 -82.45
CA LEU H 1013 24.53 -3.61 -81.05
C LEU H 1013 25.62 -2.56 -80.88
N SER H 1014 26.81 -2.86 -81.40
CA SER H 1014 27.92 -1.90 -81.29
C SER H 1014 27.65 -0.65 -82.11
N LEU H 1015 27.05 -0.82 -83.30
CA LEU H 1015 26.71 0.33 -84.13
C LEU H 1015 25.81 1.31 -83.40
N LEU H 1016 24.98 0.81 -82.49
CA LEU H 1016 24.16 1.69 -81.65
C LEU H 1016 24.97 2.27 -80.50
N VAL H 1017 25.65 1.41 -79.74
CA VAL H 1017 26.26 1.84 -78.49
C VAL H 1017 27.38 2.84 -78.74
N PHE H 1018 28.31 2.52 -79.64
CA PHE H 1018 29.42 3.42 -79.90
C PHE H 1018 28.95 4.73 -80.53
N SER H 1019 27.92 4.67 -81.38
CA SER H 1019 27.38 5.90 -81.96
C SER H 1019 26.78 6.80 -80.88
N GLN H 1020 26.08 6.21 -79.90
CA GLN H 1020 25.54 7.00 -78.80
C GLN H 1020 26.67 7.62 -77.99
N LEU H 1021 27.68 6.83 -77.65
CA LEU H 1021 28.82 7.36 -76.91
C LEU H 1021 29.48 8.52 -77.66
N LEU H 1022 29.63 8.38 -78.97
CA LEU H 1022 30.29 9.42 -79.75
C LEU H 1022 29.42 10.67 -79.86
N LYS H 1023 28.09 10.50 -79.96
CA LYS H 1023 27.22 11.67 -79.99
C LYS H 1023 27.30 12.45 -78.70
N HIS H 1024 27.30 11.75 -77.55
CA HIS H 1024 27.40 12.46 -76.29
C HIS H 1024 28.77 13.10 -76.11
N MET H 1025 29.82 12.43 -76.59
CA MET H 1025 31.15 13.02 -76.52
C MET H 1025 31.23 14.29 -77.35
N VAL H 1026 30.59 14.31 -78.52
CA VAL H 1026 30.56 15.53 -79.33
C VAL H 1026 29.75 16.61 -78.62
N LEU H 1027 28.62 16.24 -78.01
CA LEU H 1027 27.77 17.21 -77.34
C LEU H 1027 28.47 17.85 -76.14
N VAL H 1028 29.39 17.13 -75.50
CA VAL H 1028 30.16 17.78 -74.44
C VAL H 1028 31.35 18.54 -75.00
N ALA H 1029 32.00 18.00 -76.03
CA ALA H 1029 33.21 18.63 -76.57
C ALA H 1029 32.91 19.98 -77.21
N ILE H 1030 31.71 20.15 -77.79
CA ILE H 1030 31.38 21.44 -78.37
C ILE H 1030 31.40 22.53 -77.31
N ASP H 1031 30.82 22.25 -76.14
CA ASP H 1031 30.84 23.21 -75.04
C ASP H 1031 32.24 23.35 -74.45
N TYR H 1032 33.00 22.26 -74.39
CA TYR H 1032 34.37 22.33 -73.90
C TYR H 1032 35.19 23.28 -74.76
N TRP H 1033 35.02 23.22 -76.09
CA TRP H 1033 35.74 24.13 -76.98
C TRP H 1033 35.17 25.55 -76.90
N LEU H 1034 33.86 25.69 -76.68
CA LEU H 1034 33.27 27.01 -76.49
C LEU H 1034 33.88 27.69 -75.26
N ALA H 1035 34.18 26.91 -74.22
CA ALA H 1035 34.82 27.47 -73.02
C ALA H 1035 36.12 28.18 -73.37
N LYS H 1036 36.95 27.58 -74.22
CA LYS H 1036 38.17 28.25 -74.66
C LYS H 1036 37.86 29.35 -75.67
N TRP H 1037 36.78 29.20 -76.43
CA TRP H 1037 36.35 30.26 -77.34
C TRP H 1037 36.12 31.56 -76.60
N THR H 1038 35.54 31.48 -75.40
CA THR H 1038 35.05 32.67 -74.72
C THR H 1038 36.15 33.71 -74.53
N ASP H 1039 37.18 33.38 -73.74
CA ASP H 1039 38.18 34.36 -73.37
C ASP H 1039 38.97 34.84 -74.58
N SER H 1040 39.12 36.14 -74.71
CA SER H 1040 39.85 36.74 -75.83
C SER H 1040 40.34 38.15 -75.49
N ASP H 1060 42.43 34.85 -82.32
CA ASP H 1060 41.99 33.96 -83.39
C ASP H 1060 40.51 33.61 -83.23
N GLN H 1061 39.67 34.65 -83.21
CA GLN H 1061 38.24 34.43 -82.99
C GLN H 1061 37.59 33.73 -84.19
N SER H 1062 38.06 34.04 -85.40
CA SER H 1062 37.46 33.45 -86.60
C SER H 1062 37.70 31.94 -86.66
N VAL H 1063 38.94 31.52 -86.42
CA VAL H 1063 39.25 30.08 -86.38
C VAL H 1063 38.43 29.40 -85.29
N TYR H 1064 38.30 30.06 -84.14
CA TYR H 1064 37.47 29.53 -83.06
C TYR H 1064 36.04 29.28 -83.53
N ALA H 1065 35.43 30.27 -84.18
CA ALA H 1065 34.05 30.12 -84.64
C ALA H 1065 33.94 29.02 -85.70
N MET H 1066 34.95 28.90 -86.56
CA MET H 1066 34.91 27.83 -87.56
C MET H 1066 34.97 26.45 -86.92
N VAL H 1067 35.80 26.29 -85.88
CA VAL H 1067 35.84 25.01 -85.17
C VAL H 1067 34.50 24.75 -84.50
N PHE H 1068 33.88 25.78 -83.95
CA PHE H 1068 32.55 25.63 -83.37
C PHE H 1068 31.55 25.13 -84.42
N THR H 1069 31.62 25.67 -85.64
CA THR H 1069 30.72 25.23 -86.70
C THR H 1069 30.94 23.76 -87.05
N LEU H 1070 32.22 23.36 -87.13
CA LEU H 1070 32.53 21.95 -87.42
C LEU H 1070 31.91 21.03 -86.37
N LEU H 1071 32.08 21.38 -85.09
CA LEU H 1071 31.51 20.55 -84.04
C LEU H 1071 29.98 20.49 -84.15
N CYS H 1072 29.35 21.65 -84.42
CA CYS H 1072 27.89 21.69 -84.56
C CYS H 1072 27.41 20.78 -85.68
N SER H 1073 28.14 20.71 -86.79
CA SER H 1073 27.74 19.83 -87.88
C SER H 1073 27.90 18.35 -87.50
N LEU H 1074 29.04 18.01 -86.88
CA LEU H 1074 29.26 16.63 -86.44
C LEU H 1074 28.13 16.16 -85.54
N GLY H 1075 27.69 17.03 -84.62
CA GLY H 1075 26.65 16.64 -83.69
C GLY H 1075 25.37 16.18 -84.38
N ILE H 1076 24.88 16.99 -85.32
CA ILE H 1076 23.60 16.68 -85.95
C ILE H 1076 23.70 15.45 -86.84
N VAL H 1077 24.82 15.31 -87.56
CA VAL H 1077 24.98 14.13 -88.40
C VAL H 1077 24.95 12.87 -87.55
N LEU H 1078 25.70 12.88 -86.44
CA LEU H 1078 25.75 11.70 -85.58
C LEU H 1078 24.40 11.40 -84.95
N CYS H 1079 23.64 12.44 -84.60
CA CYS H 1079 22.32 12.23 -84.02
C CYS H 1079 21.38 11.54 -85.01
N LEU H 1080 21.37 12.00 -86.26
CA LEU H 1080 20.55 11.34 -87.28
C LEU H 1080 20.96 9.88 -87.42
N VAL H 1081 22.27 9.60 -87.46
CA VAL H 1081 22.73 8.22 -87.60
C VAL H 1081 22.21 7.36 -86.45
N THR H 1082 22.33 7.85 -85.21
CA THR H 1082 21.89 7.07 -84.06
C THR H 1082 20.40 6.78 -84.11
N SER H 1083 19.60 7.78 -84.49
CA SER H 1083 18.16 7.59 -84.53
C SER H 1083 17.78 6.53 -85.56
N VAL H 1084 18.36 6.61 -86.76
CA VAL H 1084 18.07 5.61 -87.78
C VAL H 1084 18.50 4.22 -87.31
N THR H 1085 19.62 4.14 -86.58
CA THR H 1085 20.06 2.85 -86.06
C THR H 1085 19.03 2.25 -85.12
N VAL H 1086 18.56 3.05 -84.16
CA VAL H 1086 17.57 2.55 -83.21
C VAL H 1086 16.33 2.06 -83.93
N GLU H 1087 15.85 2.83 -84.91
CA GLU H 1087 14.66 2.44 -85.67
C GLU H 1087 14.86 1.08 -86.34
N TRP H 1088 15.92 0.97 -87.16
CA TRP H 1088 16.14 -0.25 -87.93
C TRP H 1088 16.27 -1.46 -87.00
N THR H 1089 17.02 -1.30 -85.90
CA THR H 1089 17.24 -2.40 -84.98
C THR H 1089 15.93 -2.85 -84.33
N GLY H 1090 15.13 -1.89 -83.85
CA GLY H 1090 13.87 -2.26 -83.24
C GLY H 1090 12.96 -3.01 -84.18
N LEU H 1091 12.88 -2.56 -85.44
CA LEU H 1091 12.02 -3.25 -86.40
C LEU H 1091 12.49 -4.67 -86.68
N LYS H 1092 13.80 -4.84 -86.87
CA LYS H 1092 14.33 -6.18 -87.11
C LYS H 1092 14.06 -7.11 -85.92
N VAL H 1093 14.23 -6.59 -84.70
CA VAL H 1093 14.00 -7.41 -83.51
C VAL H 1093 12.55 -7.84 -83.42
N ALA H 1094 11.63 -6.90 -83.66
CA ALA H 1094 10.21 -7.25 -83.64
C ALA H 1094 9.90 -8.35 -84.65
N LYS H 1095 10.40 -8.20 -85.88
CA LYS H 1095 10.20 -9.22 -86.91
C LYS H 1095 10.65 -10.60 -86.43
N ARG H 1096 11.91 -10.70 -86.02
CA ARG H 1096 12.47 -12.00 -85.66
C ARG H 1096 11.75 -12.60 -84.46
N LEU H 1097 11.42 -11.76 -83.47
CA LEU H 1097 10.73 -12.27 -82.29
C LEU H 1097 9.36 -12.82 -82.62
N HIS H 1098 8.60 -12.11 -83.47
CA HIS H 1098 7.28 -12.60 -83.85
C HIS H 1098 7.39 -13.92 -84.61
N ARG H 1099 8.32 -13.99 -85.57
CA ARG H 1099 8.44 -15.21 -86.35
C ARG H 1099 8.84 -16.39 -85.47
N SER H 1100 9.79 -16.19 -84.56
CA SER H 1100 10.21 -17.27 -83.68
C SER H 1100 9.08 -17.70 -82.75
N LEU H 1101 8.31 -16.75 -82.24
CA LEU H 1101 7.18 -17.09 -81.38
C LEU H 1101 6.16 -17.95 -82.13
N LEU H 1102 5.82 -17.54 -83.35
CA LEU H 1102 4.88 -18.31 -84.16
C LEU H 1102 5.40 -19.73 -84.39
N ASN H 1103 6.66 -19.85 -84.82
CA ASN H 1103 7.22 -21.16 -85.12
C ASN H 1103 7.24 -22.05 -83.88
N ARG H 1104 7.62 -21.50 -82.73
CA ARG H 1104 7.67 -22.32 -81.51
C ARG H 1104 6.29 -22.70 -81.02
N ILE H 1105 5.28 -21.87 -81.27
CA ILE H 1105 3.93 -22.24 -80.88
C ILE H 1105 3.37 -23.29 -81.83
N ILE H 1106 3.83 -23.33 -83.08
CA ILE H 1106 3.30 -24.29 -84.04
C ILE H 1106 3.60 -25.73 -83.63
N LEU H 1107 4.83 -25.99 -83.18
CA LEU H 1107 5.30 -27.35 -82.95
C LEU H 1107 4.98 -27.89 -81.55
N ALA H 1108 3.92 -27.37 -80.91
CA ALA H 1108 3.61 -27.83 -79.56
C ALA H 1108 2.67 -29.04 -79.59
N PRO H 1109 2.73 -29.89 -78.56
CA PRO H 1109 1.80 -31.02 -78.51
C PRO H 1109 0.38 -30.57 -78.22
N MET H 1110 -0.56 -31.45 -78.54
CA MET H 1110 -1.98 -31.13 -78.37
C MET H 1110 -2.36 -30.95 -76.91
N ARG H 1111 -1.84 -31.82 -76.04
CA ARG H 1111 -2.18 -31.74 -74.63
C ARG H 1111 -1.71 -30.43 -74.02
N PHE H 1112 -0.61 -29.86 -74.53
CA PHE H 1112 -0.19 -28.54 -74.08
C PHE H 1112 -1.25 -27.49 -74.42
N PHE H 1113 -1.75 -27.50 -75.65
CA PHE H 1113 -2.76 -26.53 -76.06
C PHE H 1113 -4.05 -26.71 -75.24
N GLU H 1114 -4.40 -27.96 -74.94
CA GLU H 1114 -5.60 -28.20 -74.14
C GLU H 1114 -5.41 -27.79 -72.69
N THR H 1115 -4.19 -27.87 -72.17
CA THR H 1115 -3.95 -27.56 -70.76
C THR H 1115 -3.99 -26.05 -70.51
N THR H 1116 -3.30 -25.28 -71.36
CA THR H 1116 -3.20 -23.84 -71.15
C THR H 1116 -4.46 -23.14 -71.62
N PRO H 1117 -5.03 -22.22 -70.83
CA PRO H 1117 -6.18 -21.46 -71.30
C PRO H 1117 -5.85 -20.67 -72.55
N LEU H 1118 -6.91 -20.30 -73.28
CA LEU H 1118 -6.72 -19.57 -74.52
C LEU H 1118 -6.31 -18.12 -74.27
N GLY H 1119 -6.75 -17.54 -73.15
CA GLY H 1119 -6.46 -16.13 -72.90
C GLY H 1119 -4.99 -15.81 -72.86
N SER H 1120 -4.20 -16.65 -72.18
CA SER H 1120 -2.77 -16.39 -72.04
C SER H 1120 -2.04 -16.56 -73.38
N ILE H 1121 -2.33 -17.65 -74.10
CA ILE H 1121 -1.68 -17.87 -75.38
C ILE H 1121 -2.04 -16.79 -76.38
N LEU H 1122 -3.31 -16.41 -76.45
CA LEU H 1122 -3.71 -15.35 -77.38
C LEU H 1122 -3.25 -13.96 -76.97
N ASN H 1123 -3.28 -13.73 -75.66
CA ASN H 1123 -2.96 -12.44 -75.11
C ASN H 1123 -1.54 -12.00 -75.39
N ARG H 1124 -0.57 -12.91 -75.35
CA ARG H 1124 0.80 -12.48 -75.61
C ARG H 1124 0.90 -11.85 -77.00
N PHE H 1125 0.38 -12.55 -78.01
CA PHE H 1125 0.39 -12.01 -79.36
C PHE H 1125 -0.41 -10.73 -79.50
N SER H 1126 -1.55 -10.69 -78.83
CA SER H 1126 -2.41 -9.50 -78.89
C SER H 1126 -1.76 -8.25 -78.32
N SER H 1127 -1.06 -8.38 -77.21
CA SER H 1127 -0.50 -7.19 -76.57
C SER H 1127 1.01 -7.16 -76.57
N ASP H 1128 1.61 -8.11 -75.87
CA ASP H 1128 3.07 -8.16 -75.82
C ASP H 1128 3.69 -7.72 -77.15
N CYS H 1129 3.19 -8.24 -78.26
CA CYS H 1129 3.78 -7.88 -79.54
C CYS H 1129 3.53 -6.41 -79.84
N ASN H 1130 2.26 -6.03 -79.65
CA ASN H 1130 1.84 -4.67 -79.91
C ASN H 1130 2.53 -3.71 -78.99
N THR H 1131 2.59 -4.06 -77.71
CA THR H 1131 3.18 -3.18 -76.74
C THR H 1131 4.64 -2.95 -77.07
N ILE H 1132 5.34 -4.02 -77.39
CA ILE H 1132 6.75 -3.88 -77.68
C ILE H 1132 6.96 -3.00 -78.89
N ASP H 1133 6.20 -3.27 -79.96
CA ASP H 1133 6.42 -2.48 -81.16
C ASP H 1133 6.12 -1.01 -80.95
N GLN H 1134 5.05 -0.72 -80.22
CA GLN H 1134 4.70 0.66 -79.96
C GLN H 1134 5.62 1.43 -79.03
N HIS H 1135 6.07 0.78 -77.96
CA HIS H 1135 6.84 1.51 -76.95
C HIS H 1135 8.27 1.14 -76.61
N ILE H 1136 8.73 -0.05 -76.96
CA ILE H 1136 10.09 -0.40 -76.55
C ILE H 1136 11.14 0.45 -77.25
N PRO H 1137 11.10 0.69 -78.56
CA PRO H 1137 12.19 1.47 -79.18
C PRO H 1137 12.30 2.90 -78.66
N SER H 1138 11.18 3.62 -78.58
CA SER H 1138 11.22 5.00 -78.11
C SER H 1138 11.70 5.10 -76.67
N THR H 1139 11.17 4.24 -75.80
CA THR H 1139 11.56 4.28 -74.39
C THR H 1139 13.03 3.87 -74.22
N LEU H 1140 13.49 2.89 -75.00
CA LEU H 1140 14.90 2.51 -74.93
C LEU H 1140 15.81 3.66 -75.37
N GLU H 1141 15.45 4.33 -76.46
CA GLU H 1141 16.21 5.49 -76.91
C GLU H 1141 16.25 6.57 -75.84
N CYS H 1142 15.10 6.85 -75.22
CA CYS H 1142 15.05 7.90 -74.21
C CYS H 1142 15.89 7.53 -72.99
N LEU H 1143 15.81 6.27 -72.55
CA LEU H 1143 16.63 5.82 -71.41
C LEU H 1143 18.11 5.96 -71.72
N SER H 1144 18.53 5.55 -72.92
CA SER H 1144 19.94 5.65 -73.27
C SER H 1144 20.40 7.10 -73.30
N ARG H 1145 19.62 7.98 -73.97
CA ARG H 1145 19.98 9.38 -74.01
C ARG H 1145 20.07 9.98 -72.61
N SER H 1146 19.11 9.64 -71.75
CA SER H 1146 19.10 10.21 -70.40
C SER H 1146 20.31 9.76 -69.61
N THR H 1147 20.60 8.45 -69.60
CA THR H 1147 21.71 7.97 -68.79
C THR H 1147 23.05 8.51 -69.30
N LEU H 1148 23.22 8.60 -70.62
CA LEU H 1148 24.48 9.11 -71.14
C LEU H 1148 24.62 10.61 -70.90
N LEU H 1149 23.52 11.37 -71.01
CA LEU H 1149 23.57 12.79 -70.69
C LEU H 1149 23.92 13.02 -69.23
N CYS H 1150 23.37 12.20 -68.34
CA CYS H 1150 23.69 12.33 -66.91
C CYS H 1150 25.16 12.03 -66.64
N VAL H 1151 25.67 10.94 -67.20
CA VAL H 1151 27.08 10.59 -67.01
C VAL H 1151 27.97 11.69 -67.57
N SER H 1152 27.62 12.23 -68.74
CA SER H 1152 28.39 13.31 -69.34
C SER H 1152 28.39 14.55 -68.46
N ALA H 1153 27.23 14.90 -67.90
CA ALA H 1153 27.16 16.08 -67.04
C ALA H 1153 28.00 15.90 -65.77
N LEU H 1154 27.95 14.70 -65.18
CA LEU H 1154 28.79 14.44 -64.02
C LEU H 1154 30.27 14.56 -64.36
N THR H 1155 30.67 14.00 -65.50
CA THR H 1155 32.07 14.12 -65.92
C THR H 1155 32.46 15.56 -66.17
N VAL H 1156 31.55 16.37 -66.72
CA VAL H 1156 31.86 17.78 -66.97
C VAL H 1156 32.09 18.51 -65.66
N ILE H 1157 31.14 18.39 -64.71
CA ILE H 1157 31.28 19.11 -63.45
C ILE H 1157 32.43 18.55 -62.63
N SER H 1158 32.91 17.34 -62.94
CA SER H 1158 34.11 16.83 -62.29
C SER H 1158 35.37 17.45 -62.90
N TYR H 1159 35.45 17.46 -64.23
CA TYR H 1159 36.63 18.01 -64.90
C TYR H 1159 36.79 19.49 -64.62
N VAL H 1160 35.68 20.21 -64.51
CA VAL H 1160 35.74 21.64 -64.21
C VAL H 1160 36.40 21.86 -62.85
N THR H 1161 35.83 21.26 -61.81
CA THR H 1161 36.38 21.36 -60.45
C THR H 1161 36.73 19.97 -59.96
N PRO H 1162 38.01 19.64 -59.82
CA PRO H 1162 38.36 18.27 -59.38
C PRO H 1162 37.79 17.92 -58.01
N VAL H 1163 37.98 18.77 -57.01
CA VAL H 1163 37.52 18.46 -55.66
C VAL H 1163 36.01 18.23 -55.63
N PHE H 1164 35.26 18.98 -56.46
CA PHE H 1164 33.82 18.78 -56.52
C PHE H 1164 33.45 17.33 -56.82
N LEU H 1165 34.25 16.66 -57.66
CA LEU H 1165 34.05 15.25 -57.92
C LEU H 1165 33.94 14.46 -56.61
N VAL H 1166 34.92 14.63 -55.73
CA VAL H 1166 34.96 13.84 -54.50
C VAL H 1166 33.77 14.16 -53.61
N ALA H 1167 33.12 15.31 -53.81
CA ALA H 1167 31.95 15.64 -53.02
C ALA H 1167 30.67 15.06 -53.60
N LEU H 1168 30.65 14.72 -54.90
CA LEU H 1168 29.43 14.29 -55.56
C LEU H 1168 29.16 12.79 -55.45
N LEU H 1169 30.19 11.99 -55.19
CA LEU H 1169 30.01 10.54 -55.07
C LEU H 1169 29.20 10.16 -53.83
N PRO H 1170 29.37 10.84 -52.67
CA PRO H 1170 28.44 10.59 -51.56
C PRO H 1170 26.98 10.75 -51.95
N LEU H 1171 26.61 11.93 -52.45
CA LEU H 1171 25.21 12.22 -52.77
C LEU H 1171 24.64 11.19 -53.75
N ALA H 1172 25.41 10.84 -54.78
CA ALA H 1172 24.94 9.85 -55.75
C ALA H 1172 24.62 8.53 -55.07
N VAL H 1173 25.45 8.11 -54.11
CA VAL H 1173 25.17 6.88 -53.37
C VAL H 1173 23.83 6.98 -52.66
N VAL H 1174 23.52 8.19 -52.15
CA VAL H 1174 22.20 8.44 -51.57
C VAL H 1174 21.12 8.02 -52.55
N CYS H 1175 21.25 8.45 -53.81
CA CYS H 1175 20.25 8.12 -54.83
C CYS H 1175 20.04 6.61 -54.94
N TYR H 1176 21.09 5.82 -54.74
CA TYR H 1176 20.91 4.36 -54.77
C TYR H 1176 19.84 3.92 -53.79
N PHE H 1177 19.92 4.40 -52.55
CA PHE H 1177 18.90 4.05 -51.57
C PHE H 1177 17.53 4.59 -51.98
N ILE H 1178 17.50 5.74 -52.67
CA ILE H 1178 16.22 6.27 -53.15
C ILE H 1178 15.69 5.44 -54.30
N GLN H 1179 16.56 4.69 -54.99
CA GLN H 1179 16.11 3.91 -56.13
C GLN H 1179 15.29 2.70 -55.68
N LYS H 1180 15.92 1.81 -54.89
CA LYS H 1180 15.27 0.57 -54.47
C LYS H 1180 13.88 0.83 -53.91
N TYR H 1181 13.81 1.59 -52.81
CA TYR H 1181 12.54 1.84 -52.14
C TYR H 1181 11.48 2.36 -53.10
N PHE H 1182 11.90 3.05 -54.16
CA PHE H 1182 10.92 3.53 -55.13
C PHE H 1182 10.35 2.36 -55.94
N ARG H 1183 11.22 1.62 -56.63
CA ARG H 1183 10.74 0.66 -57.62
C ARG H 1183 9.83 -0.38 -56.98
N VAL H 1184 10.27 -0.98 -55.88
CA VAL H 1184 9.51 -2.02 -55.19
C VAL H 1184 8.13 -1.55 -54.77
N ALA H 1185 7.86 -0.25 -54.81
CA ALA H 1185 6.51 0.27 -54.64
C ALA H 1185 5.91 0.78 -55.93
N SER H 1186 6.71 1.47 -56.75
CA SER H 1186 6.17 2.07 -57.96
C SER H 1186 5.63 1.02 -58.91
N ARG H 1187 6.32 -0.10 -59.03
CA ARG H 1187 5.76 -1.24 -59.75
C ARG H 1187 4.44 -1.66 -59.12
N ASP H 1188 4.45 -1.90 -57.80
CA ASP H 1188 3.28 -2.46 -57.13
C ASP H 1188 2.04 -1.60 -57.37
N LEU H 1189 2.06 -0.36 -56.89
CA LEU H 1189 0.94 0.55 -57.14
C LEU H 1189 0.50 0.49 -58.59
N GLN H 1190 1.46 0.49 -59.52
CA GLN H 1190 1.13 0.46 -60.94
C GLN H 1190 0.12 -0.64 -61.26
N GLN H 1191 0.49 -1.88 -60.93
CA GLN H 1191 -0.40 -3.01 -61.25
C GLN H 1191 -1.75 -2.85 -60.56
N LEU H 1192 -1.74 -2.37 -59.31
CA LEU H 1192 -3.00 -2.14 -58.61
C LEU H 1192 -3.93 -1.26 -59.43
N ASP H 1193 -3.39 -0.17 -59.99
CA ASP H 1193 -4.18 0.69 -60.87
C ASP H 1193 -4.87 -0.13 -61.95
N ASP H 1194 -4.09 -0.94 -62.68
CA ASP H 1194 -4.66 -1.76 -63.74
C ASP H 1194 -5.84 -2.55 -63.22
N THR H 1195 -5.67 -3.18 -62.05
CA THR H 1195 -6.76 -4.01 -61.53
C THR H 1195 -8.00 -3.18 -61.26
N THR H 1196 -7.85 -2.00 -60.64
CA THR H 1196 -9.06 -1.23 -60.35
C THR H 1196 -9.68 -0.65 -61.61
N GLN H 1197 -8.99 -0.70 -62.74
CA GLN H 1197 -9.59 -0.26 -63.99
C GLN H 1197 -10.39 -1.35 -64.66
N LEU H 1198 -10.14 -2.63 -64.33
CA LEU H 1198 -10.73 -3.69 -65.12
C LEU H 1198 -12.19 -3.98 -64.72
N PRO H 1199 -12.52 -4.27 -63.46
CA PRO H 1199 -13.93 -4.51 -63.11
C PRO H 1199 -14.80 -3.26 -63.22
N LEU H 1200 -14.23 -2.06 -63.15
CA LEU H 1200 -15.05 -0.87 -63.29
C LEU H 1200 -15.72 -0.82 -64.65
N LEU H 1201 -14.92 -0.73 -65.72
CA LEU H 1201 -15.46 -0.66 -67.07
C LEU H 1201 -16.43 -1.82 -67.33
N SER H 1202 -15.99 -3.05 -67.04
CA SER H 1202 -16.87 -4.20 -67.23
C SER H 1202 -18.20 -3.99 -66.55
N HIS H 1203 -18.19 -3.50 -65.31
CA HIS H 1203 -19.43 -3.23 -64.59
C HIS H 1203 -20.35 -2.35 -65.42
N PHE H 1204 -19.81 -1.24 -65.94
CA PHE H 1204 -20.58 -0.36 -66.81
C PHE H 1204 -21.33 -1.16 -67.87
N ALA H 1205 -20.61 -2.01 -68.60
CA ALA H 1205 -21.24 -2.77 -69.67
C ALA H 1205 -22.38 -3.63 -69.16
N GLU H 1206 -22.19 -4.28 -68.01
CA GLU H 1206 -23.25 -5.12 -67.46
C GLU H 1206 -24.53 -4.33 -67.20
N THR H 1207 -24.39 -3.07 -66.79
CA THR H 1207 -25.57 -2.26 -66.55
C THR H 1207 -26.29 -1.93 -67.85
N VAL H 1208 -25.55 -1.78 -68.95
CA VAL H 1208 -26.15 -1.29 -70.18
C VAL H 1208 -27.04 -2.37 -70.80
N GLU H 1209 -26.54 -3.61 -70.88
CA GLU H 1209 -27.30 -4.67 -71.52
C GLU H 1209 -28.55 -5.01 -70.73
N GLY H 1210 -28.38 -5.47 -69.50
CA GLY H 1210 -29.51 -5.82 -68.66
C GLY H 1210 -30.15 -4.62 -67.99
N LEU H 1211 -30.33 -3.54 -68.75
CA LEU H 1211 -30.85 -2.31 -68.17
C LEU H 1211 -32.31 -2.46 -67.76
N THR H 1212 -33.11 -3.14 -68.58
CA THR H 1212 -34.53 -3.32 -68.25
C THR H 1212 -34.70 -4.13 -66.98
N THR H 1213 -33.92 -5.20 -66.82
CA THR H 1213 -34.01 -6.02 -65.61
C THR H 1213 -33.66 -5.20 -64.37
N ILE H 1214 -32.65 -4.35 -64.48
CA ILE H 1214 -32.19 -3.59 -63.31
C ILE H 1214 -33.17 -2.47 -62.97
N ARG H 1215 -33.74 -1.81 -63.98
CA ARG H 1215 -34.77 -0.83 -63.68
C ARG H 1215 -36.07 -1.47 -63.22
N ALA H 1216 -36.28 -2.75 -63.55
CA ALA H 1216 -37.48 -3.46 -63.10
C ALA H 1216 -37.35 -3.87 -61.65
N PHE H 1217 -36.23 -4.51 -61.29
CA PHE H 1217 -36.00 -4.91 -59.91
C PHE H 1217 -35.93 -3.73 -58.95
N ARG H 1218 -35.85 -2.50 -59.46
CA ARG H 1218 -35.65 -1.30 -58.65
C ARG H 1218 -34.34 -1.38 -57.85
N TYR H 1219 -33.35 -2.10 -58.39
CA TYR H 1219 -32.06 -2.28 -57.73
C TYR H 1219 -31.08 -1.17 -58.07
N GLU H 1220 -31.57 0.01 -58.47
CA GLU H 1220 -30.69 1.07 -58.93
C GLU H 1220 -29.79 1.58 -57.80
N ALA H 1221 -30.33 1.64 -56.57
CA ALA H 1221 -29.58 2.19 -55.45
C ALA H 1221 -28.34 1.35 -55.15
N ARG H 1222 -28.53 0.03 -55.02
CA ARG H 1222 -27.39 -0.84 -54.69
C ARG H 1222 -26.33 -0.79 -55.78
N PHE H 1223 -26.75 -0.72 -57.05
CA PHE H 1223 -25.77 -0.69 -58.11
C PHE H 1223 -25.01 0.65 -58.13
N GLN H 1224 -25.71 1.75 -57.85
CA GLN H 1224 -25.02 3.02 -57.74
C GLN H 1224 -24.02 3.00 -56.58
N GLN H 1225 -24.39 2.35 -55.48
CA GLN H 1225 -23.46 2.15 -54.38
C GLN H 1225 -22.22 1.39 -54.83
N LYS H 1226 -22.43 0.31 -55.58
CA LYS H 1226 -21.30 -0.47 -56.08
C LYS H 1226 -20.40 0.36 -56.98
N LEU H 1227 -20.99 1.22 -57.82
CA LEU H 1227 -20.17 2.01 -58.73
C LEU H 1227 -19.40 3.11 -57.99
N LEU H 1228 -20.01 3.70 -56.96
CA LEU H 1228 -19.25 4.62 -56.12
C LEU H 1228 -18.08 3.91 -55.45
N GLU H 1229 -18.32 2.68 -54.96
CA GLU H 1229 -17.24 1.89 -54.38
C GLU H 1229 -16.12 1.66 -55.39
N TYR H 1230 -16.48 1.27 -56.61
CA TYR H 1230 -15.46 0.96 -57.62
C TYR H 1230 -14.68 2.21 -58.02
N THR H 1231 -15.36 3.34 -58.21
CA THR H 1231 -14.64 4.55 -58.60
C THR H 1231 -13.77 5.06 -57.46
N ASP H 1232 -14.17 4.83 -56.21
CA ASP H 1232 -13.28 5.16 -55.10
C ASP H 1232 -12.04 4.27 -55.09
N SER H 1233 -12.22 2.97 -55.34
CA SER H 1233 -11.08 2.06 -55.39
C SER H 1233 -10.15 2.38 -56.55
N ASN H 1234 -10.69 2.93 -57.64
CA ASN H 1234 -9.84 3.37 -58.74
C ASN H 1234 -9.08 4.65 -58.37
N ASN H 1235 -9.77 5.60 -57.75
CA ASN H 1235 -9.16 6.89 -57.46
C ASN H 1235 -8.08 6.77 -56.40
N ILE H 1236 -8.27 5.92 -55.39
CA ILE H 1236 -7.25 5.80 -54.36
C ILE H 1236 -5.94 5.30 -54.97
N ALA H 1237 -6.03 4.37 -55.93
CA ALA H 1237 -4.82 3.85 -56.57
C ALA H 1237 -4.19 4.90 -57.48
N SER H 1238 -4.98 5.48 -58.37
CA SER H 1238 -4.45 6.49 -59.28
C SER H 1238 -3.97 7.74 -58.54
N LEU H 1239 -4.30 7.87 -57.26
CA LEU H 1239 -3.88 8.99 -56.43
C LEU H 1239 -2.59 8.68 -55.68
N PHE H 1240 -2.51 7.49 -55.06
CA PHE H 1240 -1.26 7.08 -54.44
C PHE H 1240 -0.13 7.00 -55.46
N LEU H 1241 -0.45 6.63 -56.71
CA LEU H 1241 0.60 6.56 -57.72
C LEU H 1241 1.19 7.93 -58.01
N THR H 1242 0.34 8.95 -58.17
CA THR H 1242 0.85 10.30 -58.42
C THR H 1242 1.54 10.86 -57.18
N ALA H 1243 1.07 10.49 -55.98
CA ALA H 1243 1.75 10.92 -54.77
C ALA H 1243 3.17 10.36 -54.71
N ALA H 1244 3.34 9.07 -55.04
CA ALA H 1244 4.67 8.46 -55.02
C ALA H 1244 5.58 9.07 -56.09
N ASN H 1245 5.03 9.32 -57.27
CA ASN H 1245 5.83 9.99 -58.30
C ASN H 1245 6.29 11.36 -57.84
N ARG H 1246 5.40 12.12 -57.20
CA ARG H 1246 5.79 13.41 -56.65
C ARG H 1246 6.88 13.27 -55.59
N TRP H 1247 6.77 12.24 -54.75
CA TRP H 1247 7.78 12.02 -53.72
C TRP H 1247 9.15 11.83 -54.35
N LEU H 1248 9.27 10.85 -55.25
CA LEU H 1248 10.55 10.61 -55.90
C LEU H 1248 11.06 11.86 -56.61
N GLU H 1249 10.16 12.56 -57.32
CA GLU H 1249 10.56 13.78 -58.03
C GLU H 1249 11.18 14.79 -57.07
N VAL H 1250 10.46 15.12 -56.00
CA VAL H 1250 10.92 16.19 -55.11
C VAL H 1250 12.25 15.83 -54.46
N ARG H 1251 12.40 14.58 -54.03
CA ARG H 1251 13.63 14.23 -53.33
C ARG H 1251 14.82 14.22 -54.29
N MET H 1252 14.65 13.62 -55.47
CA MET H 1252 15.73 13.66 -56.46
C MET H 1252 16.07 15.10 -56.83
N GLU H 1253 15.06 15.98 -56.87
CA GLU H 1253 15.33 17.37 -57.21
C GLU H 1253 16.09 18.09 -56.09
N TYR H 1254 15.72 17.82 -54.83
CA TYR H 1254 16.46 18.40 -53.71
C TYR H 1254 17.93 18.01 -53.77
N ILE H 1255 18.21 16.76 -54.14
CA ILE H 1255 19.61 16.35 -54.26
C ILE H 1255 20.27 17.01 -55.48
N GLY H 1256 19.54 17.13 -56.58
CA GLY H 1256 20.06 17.82 -57.75
C GLY H 1256 20.33 19.30 -57.51
N ALA H 1257 19.71 19.88 -56.50
CA ALA H 1257 20.03 21.26 -56.11
C ALA H 1257 21.18 21.31 -55.12
N CYS H 1258 21.27 20.32 -54.22
CA CYS H 1258 22.44 20.22 -53.35
C CYS H 1258 23.72 20.12 -54.18
N VAL H 1259 23.68 19.37 -55.28
CA VAL H 1259 24.91 19.17 -56.05
C VAL H 1259 25.34 20.46 -56.73
N VAL H 1260 24.40 21.26 -57.24
CA VAL H 1260 24.77 22.52 -57.87
C VAL H 1260 25.23 23.53 -56.82
N LEU H 1261 24.61 23.52 -55.63
CA LEU H 1261 25.10 24.36 -54.54
C LEU H 1261 26.57 24.06 -54.25
N ILE H 1262 26.88 22.78 -54.01
CA ILE H 1262 28.25 22.41 -53.67
C ILE H 1262 29.20 22.71 -54.81
N ALA H 1263 28.75 22.47 -56.06
CA ALA H 1263 29.60 22.73 -57.21
C ALA H 1263 29.94 24.21 -57.33
N ALA H 1264 28.95 25.09 -57.17
CA ALA H 1264 29.20 26.52 -57.26
C ALA H 1264 30.07 27.00 -56.10
N ALA H 1265 29.84 26.46 -54.90
CA ALA H 1265 30.63 26.88 -53.74
C ALA H 1265 32.09 26.47 -53.89
N THR H 1266 32.35 25.32 -54.51
CA THR H 1266 33.73 24.94 -54.78
C THR H 1266 34.32 25.72 -55.95
N SER H 1267 33.50 26.05 -56.95
CA SER H 1267 34.01 26.73 -58.13
C SER H 1267 34.41 28.17 -57.83
N ILE H 1268 33.62 28.86 -57.00
CA ILE H 1268 33.90 30.27 -56.73
C ILE H 1268 35.24 30.43 -56.04
N SER H 1269 35.63 29.46 -55.21
CA SER H 1269 36.88 29.58 -54.46
C SER H 1269 38.05 28.93 -55.20
N ASN H 1270 37.90 27.65 -55.56
CA ASN H 1270 39.01 26.90 -56.13
C ASN H 1270 39.41 27.47 -57.49
N SER H 1271 38.44 27.76 -58.35
CA SER H 1271 38.73 28.17 -59.71
C SER H 1271 39.00 29.66 -59.84
N LEU H 1272 38.83 30.44 -58.77
CA LEU H 1272 39.12 31.87 -58.80
C LEU H 1272 40.28 32.26 -57.91
N HIS H 1273 40.24 31.87 -56.63
CA HIS H 1273 41.29 32.27 -55.70
C HIS H 1273 42.63 31.65 -56.08
N ARG H 1274 42.65 30.36 -56.34
CA ARG H 1274 43.89 29.65 -56.66
C ARG H 1274 44.08 29.40 -58.14
N GLU H 1275 43.10 28.77 -58.81
CA GLU H 1275 43.29 28.38 -60.19
C GLU H 1275 43.22 29.56 -61.14
N LEU H 1276 42.40 30.57 -60.82
CA LEU H 1276 42.16 31.76 -61.64
C LEU H 1276 41.99 31.39 -63.12
N SER H 1277 40.95 30.58 -63.37
CA SER H 1277 40.56 30.19 -64.72
C SER H 1277 39.05 30.36 -64.85
N ALA H 1278 38.63 31.22 -65.78
CA ALA H 1278 37.23 31.61 -65.86
C ALA H 1278 36.41 30.75 -66.81
N GLY H 1279 37.04 30.12 -67.81
CA GLY H 1279 36.30 29.26 -68.72
C GLY H 1279 35.75 28.02 -68.05
N LEU H 1280 36.23 27.70 -66.85
CA LEU H 1280 35.78 26.50 -66.15
C LEU H 1280 34.38 26.69 -65.56
N VAL H 1281 34.21 27.73 -64.72
CA VAL H 1281 33.00 27.90 -63.95
C VAL H 1281 31.76 27.93 -64.83
N GLY H 1282 31.90 28.43 -66.07
CA GLY H 1282 30.79 28.44 -66.99
C GLY H 1282 30.19 27.08 -67.26
N LEU H 1283 31.03 26.15 -67.71
CA LEU H 1283 30.57 24.79 -68.00
C LEU H 1283 29.98 24.15 -66.75
N GLY H 1284 30.67 24.25 -65.63
CA GLY H 1284 30.19 23.62 -64.40
C GLY H 1284 28.83 24.13 -63.97
N LEU H 1285 28.67 25.46 -63.94
CA LEU H 1285 27.40 26.04 -63.55
C LEU H 1285 26.30 25.67 -64.53
N THR H 1286 26.59 25.75 -65.84
CA THR H 1286 25.55 25.47 -66.83
C THR H 1286 25.11 24.03 -66.79
N TYR H 1287 26.01 23.09 -66.50
CA TYR H 1287 25.61 21.69 -66.44
C TYR H 1287 24.97 21.32 -65.10
N ALA H 1288 25.40 21.96 -64.01
CA ALA H 1288 24.82 21.68 -62.70
C ALA H 1288 23.47 22.34 -62.52
N LEU H 1289 23.17 23.40 -63.28
CA LEU H 1289 21.84 23.99 -63.24
C LEU H 1289 20.78 23.07 -63.82
N MET H 1290 21.19 22.07 -64.62
CA MET H 1290 20.25 21.24 -65.35
C MET H 1290 20.42 19.74 -65.10
N VAL H 1291 21.47 19.31 -64.40
CA VAL H 1291 21.69 17.88 -64.17
C VAL H 1291 20.47 17.19 -63.55
N SER H 1292 19.66 17.93 -62.79
CA SER H 1292 18.56 17.32 -62.06
C SER H 1292 17.48 16.80 -63.01
N ASN H 1293 17.17 17.55 -64.06
CA ASN H 1293 16.14 17.13 -65.00
C ASN H 1293 16.58 15.88 -65.77
N TYR H 1294 17.86 15.81 -66.13
CA TYR H 1294 18.38 14.60 -66.76
C TYR H 1294 18.32 13.41 -65.80
N LEU H 1295 18.62 13.65 -64.51
CA LEU H 1295 18.47 12.60 -63.52
C LEU H 1295 17.04 12.07 -63.46
N ASN H 1296 16.07 12.97 -63.47
CA ASN H 1296 14.68 12.55 -63.35
C ASN H 1296 14.23 11.78 -64.59
N TRP H 1297 14.57 12.29 -65.77
CA TRP H 1297 14.33 11.52 -67.00
C TRP H 1297 14.90 10.12 -66.87
N MET H 1298 16.15 10.02 -66.40
CA MET H 1298 16.80 8.73 -66.24
C MET H 1298 15.96 7.80 -65.37
N VAL H 1299 15.60 8.24 -64.17
CA VAL H 1299 14.97 7.31 -63.23
C VAL H 1299 13.58 6.89 -63.71
N ARG H 1300 12.81 7.84 -64.26
CA ARG H 1300 11.46 7.50 -64.70
C ARG H 1300 11.50 6.55 -65.89
N ASN H 1301 12.35 6.85 -66.89
CA ASN H 1301 12.47 5.96 -68.03
C ASN H 1301 13.01 4.59 -67.60
N LEU H 1302 13.84 4.54 -66.56
CA LEU H 1302 14.30 3.24 -66.07
C LEU H 1302 13.15 2.42 -65.52
N ALA H 1303 12.28 3.04 -64.73
CA ALA H 1303 11.11 2.32 -64.22
C ALA H 1303 10.24 1.79 -65.35
N ASP H 1304 9.98 2.63 -66.35
CA ASP H 1304 9.15 2.20 -67.48
C ASP H 1304 9.81 1.06 -68.25
N MET H 1305 11.12 1.17 -68.51
CA MET H 1305 11.83 0.12 -69.22
C MET H 1305 11.79 -1.18 -68.44
N GLU H 1306 11.84 -1.11 -67.11
CA GLU H 1306 11.79 -2.34 -66.32
C GLU H 1306 10.43 -3.01 -66.43
N ILE H 1307 9.34 -2.24 -66.36
CA ILE H 1307 8.02 -2.88 -66.46
C ILE H 1307 7.82 -3.45 -67.87
N GLN H 1308 8.35 -2.77 -68.90
CA GLN H 1308 8.19 -3.28 -70.25
C GLN H 1308 9.04 -4.53 -70.48
N LEU H 1309 10.23 -4.59 -69.89
CA LEU H 1309 11.05 -5.79 -70.01
C LEU H 1309 10.43 -6.96 -69.26
N GLY H 1310 9.80 -6.69 -68.10
CA GLY H 1310 9.05 -7.72 -67.42
C GLY H 1310 7.88 -8.22 -68.26
N ALA H 1311 7.26 -7.33 -69.04
CA ALA H 1311 6.24 -7.78 -69.98
C ALA H 1311 6.84 -8.64 -71.08
N VAL H 1312 8.04 -8.30 -71.54
CA VAL H 1312 8.68 -9.06 -72.61
C VAL H 1312 9.04 -10.47 -72.15
N LYS H 1313 9.48 -10.61 -70.90
CA LYS H 1313 9.97 -11.91 -70.41
C LYS H 1313 8.98 -13.05 -70.64
N ARG H 1314 7.68 -12.76 -70.60
CA ARG H 1314 6.70 -13.83 -70.80
C ARG H 1314 6.72 -14.35 -72.23
N ILE H 1315 7.15 -13.54 -73.20
CA ILE H 1315 7.31 -14.04 -74.56
C ILE H 1315 8.35 -15.14 -74.60
N HIS H 1316 9.49 -14.93 -73.93
CA HIS H 1316 10.50 -15.98 -73.85
C HIS H 1316 10.00 -17.17 -73.04
N ALA H 1317 9.21 -16.91 -72.00
CA ALA H 1317 8.58 -18.00 -71.27
C ALA H 1317 7.73 -18.87 -72.17
N LEU H 1318 7.05 -18.26 -73.14
CA LEU H 1318 6.31 -18.99 -74.16
C LEU H 1318 7.22 -19.60 -75.22
N LEU H 1319 8.42 -19.05 -75.40
CA LEU H 1319 9.30 -19.54 -76.47
C LEU H 1319 9.83 -20.94 -76.19
N LYS H 1320 9.95 -21.33 -74.92
CA LYS H 1320 10.57 -22.60 -74.55
C LYS H 1320 9.56 -23.73 -74.38
N THR H 1321 8.46 -23.70 -75.13
CA THR H 1321 7.46 -24.75 -75.05
C THR H 1321 7.77 -25.89 -76.02
N PRO H 1332 13.78 -42.92 -94.79
CA PRO H 1332 12.71 -42.91 -95.78
C PRO H 1332 12.74 -44.12 -96.72
N SER H 1333 12.34 -45.28 -96.20
CA SER H 1333 12.20 -46.49 -97.00
C SER H 1333 10.77 -46.79 -97.38
N LEU H 1334 9.82 -46.48 -96.49
CA LEU H 1334 8.40 -46.64 -96.78
C LEU H 1334 7.79 -45.38 -97.36
N ILE H 1335 8.49 -44.25 -97.25
CA ILE H 1335 8.03 -43.01 -97.91
C ILE H 1335 8.01 -43.15 -99.42
N PRO H 1336 9.08 -43.60 -100.10
CA PRO H 1336 9.05 -43.64 -101.58
C PRO H 1336 8.01 -44.59 -102.15
N LYS H 1337 7.57 -45.57 -101.37
CA LYS H 1337 6.48 -46.45 -101.79
C LYS H 1337 5.16 -45.80 -101.40
N ASN H 1338 4.33 -45.51 -102.41
CA ASN H 1338 3.07 -44.82 -102.18
C ASN H 1338 2.25 -45.53 -101.11
N TRP H 1339 1.52 -44.74 -100.33
CA TRP H 1339 0.76 -45.32 -99.23
C TRP H 1339 -0.30 -46.27 -99.77
N PRO H 1340 -0.39 -47.49 -99.26
CA PRO H 1340 -1.29 -48.48 -99.87
C PRO H 1340 -2.76 -48.20 -99.57
N ASP H 1341 -3.60 -48.58 -100.53
CA ASP H 1341 -5.04 -48.49 -100.35
C ASP H 1341 -5.58 -49.61 -99.46
N GLN H 1342 -4.82 -50.69 -99.29
CA GLN H 1342 -5.22 -51.79 -98.42
C GLN H 1342 -5.27 -51.29 -96.98
N GLY H 1343 -6.48 -51.15 -96.44
CA GLY H 1343 -6.65 -50.60 -95.11
C GLY H 1343 -6.50 -51.61 -93.99
N LYS H 1344 -5.92 -52.76 -94.29
CA LYS H 1344 -5.67 -53.78 -93.26
C LYS H 1344 -4.68 -53.25 -92.24
N ILE H 1345 -5.11 -53.20 -90.98
CA ILE H 1345 -4.28 -52.70 -89.89
C ILE H 1345 -4.35 -53.68 -88.73
N GLN H 1346 -3.44 -53.52 -87.78
CA GLN H 1346 -3.44 -54.36 -86.59
C GLN H 1346 -2.73 -53.64 -85.47
N ILE H 1347 -3.40 -53.47 -84.34
CA ILE H 1347 -2.84 -52.83 -83.17
C ILE H 1347 -2.74 -53.89 -82.09
N GLN H 1348 -1.52 -54.31 -81.78
CA GLN H 1348 -1.25 -55.45 -80.92
C GLN H 1348 -0.79 -54.98 -79.55
N ASN H 1349 -1.57 -55.33 -78.52
CA ASN H 1349 -1.25 -55.02 -77.13
C ASN H 1349 -0.98 -53.53 -76.96
N LEU H 1350 -2.00 -52.73 -77.25
CA LEU H 1350 -1.87 -51.28 -77.22
C LEU H 1350 -2.32 -50.72 -75.88
N SER H 1351 -1.61 -49.70 -75.41
CA SER H 1351 -1.99 -48.92 -74.25
C SER H 1351 -1.69 -47.46 -74.53
N VAL H 1352 -2.28 -46.58 -73.73
CA VAL H 1352 -2.11 -45.14 -73.95
C VAL H 1352 -2.32 -44.42 -72.62
N ARG H 1353 -1.52 -43.39 -72.40
CA ARG H 1353 -1.65 -42.51 -71.24
C ARG H 1353 -1.61 -41.07 -71.73
N TYR H 1354 -2.27 -40.19 -70.98
CA TYR H 1354 -2.32 -38.78 -71.39
C TYR H 1354 -1.07 -38.04 -70.95
N ASP H 1355 -0.83 -37.96 -69.65
CA ASP H 1355 0.34 -37.30 -69.10
C ASP H 1355 1.40 -38.33 -68.73
N SER H 1356 2.64 -37.87 -68.62
CA SER H 1356 3.75 -38.73 -68.26
C SER H 1356 3.53 -39.33 -66.87
N SER H 1357 3.44 -40.66 -66.82
CA SER H 1357 3.26 -41.40 -65.56
C SER H 1357 1.98 -40.97 -64.84
N LEU H 1358 0.85 -41.21 -65.50
CA LEU H 1358 -0.45 -41.03 -64.89
C LEU H 1358 -1.30 -42.29 -65.09
N LYS H 1359 -2.58 -42.22 -64.77
CA LYS H 1359 -3.45 -43.37 -64.91
C LYS H 1359 -3.59 -43.75 -66.38
N PRO H 1360 -3.45 -45.03 -66.74
CA PRO H 1360 -3.55 -45.41 -68.15
C PRO H 1360 -4.98 -45.31 -68.66
N VAL H 1361 -5.11 -45.00 -69.94
CA VAL H 1361 -6.41 -44.86 -70.58
C VAL H 1361 -6.89 -46.17 -71.16
N LEU H 1362 -6.01 -46.89 -71.87
CA LEU H 1362 -6.31 -48.20 -72.41
C LEU H 1362 -5.46 -49.26 -71.71
N LYS H 1363 -5.86 -50.51 -71.87
CA LYS H 1363 -5.19 -51.61 -71.19
C LYS H 1363 -5.31 -52.86 -72.06
N HIS H 1364 -4.20 -53.29 -72.65
CA HIS H 1364 -4.13 -54.50 -73.47
C HIS H 1364 -5.15 -54.45 -74.61
N VAL H 1365 -4.93 -53.49 -75.51
CA VAL H 1365 -5.79 -53.30 -76.68
C VAL H 1365 -5.18 -54.09 -77.84
N ASN H 1366 -5.89 -55.12 -78.29
CA ASN H 1366 -5.47 -55.94 -79.42
C ASN H 1366 -6.62 -56.00 -80.41
N ALA H 1367 -6.35 -55.66 -81.67
CA ALA H 1367 -7.39 -55.65 -82.68
C ALA H 1367 -6.75 -55.70 -84.07
N LEU H 1368 -7.54 -56.11 -85.05
CA LEU H 1368 -7.10 -56.13 -86.44
C LEU H 1368 -8.29 -55.79 -87.32
N ILE H 1369 -7.99 -55.17 -88.46
CA ILE H 1369 -9.01 -54.66 -89.38
C ILE H 1369 -8.65 -55.10 -90.80
N SER H 1370 -9.61 -55.72 -91.48
CA SER H 1370 -9.44 -56.26 -92.81
C SER H 1370 -9.52 -55.15 -93.86
N PRO H 1371 -8.97 -55.39 -95.06
CA PRO H 1371 -9.00 -54.35 -96.10
C PRO H 1371 -10.41 -54.08 -96.61
N GLY H 1372 -10.69 -52.81 -96.84
CA GLY H 1372 -11.97 -52.41 -97.42
C GLY H 1372 -13.19 -52.79 -96.60
N GLN H 1373 -13.05 -52.83 -95.28
CA GLN H 1373 -14.14 -53.24 -94.39
C GLN H 1373 -14.44 -52.10 -93.42
N LYS H 1374 -15.71 -51.72 -93.36
CA LYS H 1374 -16.13 -50.64 -92.47
C LYS H 1374 -16.09 -51.12 -91.02
N ILE H 1375 -15.52 -50.29 -90.14
CA ILE H 1375 -15.29 -50.65 -88.75
C ILE H 1375 -15.99 -49.62 -87.87
N GLY H 1376 -16.73 -50.11 -86.87
CA GLY H 1376 -17.37 -49.25 -85.89
C GLY H 1376 -16.77 -49.49 -84.52
N ILE H 1377 -16.85 -48.48 -83.66
CA ILE H 1377 -16.37 -48.58 -82.29
C ILE H 1377 -17.39 -47.91 -81.38
N CYS H 1378 -17.69 -48.55 -80.26
CA CYS H 1378 -18.69 -48.07 -79.32
C CYS H 1378 -18.06 -47.87 -77.95
N GLY H 1379 -18.90 -47.53 -76.98
CA GLY H 1379 -18.46 -47.22 -75.63
C GLY H 1379 -19.14 -45.99 -75.09
N ARG H 1380 -19.20 -45.84 -73.77
CA ARG H 1380 -19.86 -44.68 -73.18
C ARG H 1380 -18.91 -43.49 -73.17
N THR H 1381 -19.28 -42.43 -72.47
CA THR H 1381 -18.42 -41.26 -72.36
C THR H 1381 -17.19 -41.58 -71.53
N GLY H 1382 -16.03 -41.10 -71.99
CA GLY H 1382 -14.78 -41.42 -71.33
C GLY H 1382 -14.33 -42.86 -71.47
N SER H 1383 -14.98 -43.63 -72.34
CA SER H 1383 -14.57 -45.02 -72.53
C SER H 1383 -13.21 -45.12 -73.20
N GLY H 1384 -12.90 -44.18 -74.08
CA GLY H 1384 -11.59 -44.13 -74.70
C GLY H 1384 -11.61 -44.16 -76.21
N LYS H 1385 -12.75 -43.81 -76.81
CA LYS H 1385 -12.84 -43.82 -78.27
C LYS H 1385 -12.18 -42.59 -78.89
N SER H 1386 -12.40 -41.42 -78.31
CA SER H 1386 -11.66 -40.24 -78.74
C SER H 1386 -10.18 -40.41 -78.51
N SER H 1387 -9.81 -41.01 -77.38
CA SER H 1387 -8.40 -41.32 -77.12
C SER H 1387 -7.87 -42.31 -78.14
N PHE H 1388 -8.68 -43.29 -78.55
CA PHE H 1388 -8.23 -44.25 -79.55
C PHE H 1388 -8.01 -43.56 -80.89
N SER H 1389 -8.89 -42.64 -81.27
CA SER H 1389 -8.68 -41.90 -82.52
C SER H 1389 -7.42 -41.06 -82.46
N LEU H 1390 -7.23 -40.33 -81.35
CA LEU H 1390 -6.05 -39.49 -81.21
C LEU H 1390 -4.77 -40.33 -81.19
N ALA H 1391 -4.82 -41.54 -80.64
CA ALA H 1391 -3.66 -42.41 -80.67
C ALA H 1391 -3.44 -42.99 -82.06
N PHE H 1392 -4.53 -43.23 -82.81
CA PHE H 1392 -4.40 -43.64 -84.19
C PHE H 1392 -3.73 -42.54 -85.02
N PHE H 1393 -3.91 -41.28 -84.62
CA PHE H 1393 -3.12 -40.18 -85.14
C PHE H 1393 -1.97 -39.80 -84.21
N ARG H 1394 -1.59 -40.71 -83.31
CA ARG H 1394 -0.52 -40.53 -82.32
C ARG H 1394 -0.51 -39.11 -81.73
N MET H 1395 -1.68 -38.65 -81.33
CA MET H 1395 -1.79 -37.34 -80.70
C MET H 1395 -1.49 -37.39 -79.21
N VAL H 1396 -1.55 -38.57 -78.60
CA VAL H 1396 -1.21 -38.74 -77.20
C VAL H 1396 0.24 -39.21 -77.11
N ASP H 1397 1.00 -38.57 -76.23
CA ASP H 1397 2.46 -38.75 -76.19
C ASP H 1397 2.91 -39.73 -75.11
N MET H 1398 2.02 -40.56 -74.60
CA MET H 1398 2.39 -41.57 -73.60
C MET H 1398 1.70 -42.89 -73.89
N PHE H 1399 1.71 -43.32 -75.16
CA PHE H 1399 1.15 -44.59 -75.54
C PHE H 1399 2.22 -45.68 -75.52
N GLU H 1400 1.80 -46.91 -75.26
CA GLU H 1400 2.69 -48.05 -75.21
C GLU H 1400 2.19 -49.14 -76.16
N GLY H 1401 3.05 -50.11 -76.43
CA GLY H 1401 2.74 -51.11 -77.44
C GLY H 1401 3.21 -50.62 -78.82
N ARG H 1402 2.88 -51.34 -79.88
CA ARG H 1402 3.24 -50.93 -81.25
C ARG H 1402 1.92 -50.79 -82.00
N ILE H 1403 1.69 -49.70 -82.73
CA ILE H 1403 0.44 -49.55 -83.51
C ILE H 1403 0.79 -49.47 -85.00
N ILE H 1404 0.14 -50.25 -85.87
CA ILE H 1404 0.53 -50.23 -87.29
C ILE H 1404 -0.54 -50.09 -88.38
N ILE H 1405 -0.10 -49.59 -89.53
CA ILE H 1405 -0.90 -49.47 -90.74
C ILE H 1405 -0.08 -50.04 -91.89
N ASP H 1406 -0.45 -51.25 -92.33
CA ASP H 1406 0.25 -51.95 -93.41
C ASP H 1406 1.71 -52.18 -93.04
N GLY H 1407 1.94 -52.75 -91.87
CA GLY H 1407 3.27 -53.01 -91.39
C GLY H 1407 4.10 -51.78 -91.12
N ILE H 1408 3.47 -50.61 -91.00
CA ILE H 1408 4.16 -49.34 -90.84
C ILE H 1408 3.64 -48.65 -89.59
N ASP H 1409 4.53 -48.00 -88.87
CA ASP H 1409 4.18 -47.36 -87.59
C ASP H 1409 4.89 -46.01 -87.53
N ILE H 1410 4.95 -45.43 -86.34
CA ILE H 1410 5.39 -44.06 -86.16
C ILE H 1410 6.84 -43.98 -85.70
N ALA H 1411 7.65 -44.99 -86.02
CA ALA H 1411 9.01 -45.03 -85.52
C ALA H 1411 10.02 -44.30 -86.42
N LYS H 1412 9.69 -44.10 -87.70
CA LYS H 1412 10.65 -43.49 -88.63
C LYS H 1412 10.03 -42.42 -89.53
N LEU H 1413 8.81 -41.96 -89.24
CA LEU H 1413 8.13 -41.00 -90.10
C LEU H 1413 7.93 -39.68 -89.37
N PRO H 1414 8.19 -38.55 -90.05
CA PRO H 1414 7.87 -37.25 -89.46
C PRO H 1414 6.37 -36.97 -89.53
N LEU H 1415 5.97 -35.89 -88.86
CA LEU H 1415 4.55 -35.58 -88.71
C LEU H 1415 3.89 -35.30 -90.07
N HIS H 1416 4.65 -34.68 -90.99
CA HIS H 1416 4.07 -34.30 -92.27
C HIS H 1416 3.59 -35.51 -93.05
N THR H 1417 4.39 -36.57 -93.10
CA THR H 1417 3.95 -37.80 -93.74
C THR H 1417 2.84 -38.48 -92.95
N LEU H 1418 2.86 -38.33 -91.62
CA LEU H 1418 1.82 -38.94 -90.78
C LEU H 1418 0.48 -38.26 -90.94
N ARG H 1419 0.44 -37.05 -91.49
CA ARG H 1419 -0.82 -36.36 -91.72
C ARG H 1419 -1.27 -36.39 -93.17
N SER H 1420 -0.40 -36.81 -94.09
CA SER H 1420 -0.78 -37.02 -95.48
C SER H 1420 -1.14 -38.48 -95.75
N ARG H 1421 -1.54 -39.23 -94.72
CA ARG H 1421 -1.84 -40.64 -94.85
C ARG H 1421 -3.22 -41.04 -94.37
N LEU H 1422 -3.84 -40.28 -93.48
CA LEU H 1422 -5.16 -40.60 -92.95
C LEU H 1422 -6.05 -39.36 -92.99
N SER H 1423 -7.37 -39.61 -93.04
CA SER H 1423 -8.37 -38.57 -92.99
C SER H 1423 -9.17 -38.68 -91.70
N ILE H 1424 -9.80 -37.58 -91.32
CA ILE H 1424 -10.50 -37.50 -90.04
C ILE H 1424 -11.52 -36.37 -90.12
N ILE H 1425 -12.70 -36.63 -89.57
CA ILE H 1425 -13.75 -35.62 -89.42
C ILE H 1425 -14.11 -35.57 -87.93
N LEU H 1426 -13.90 -34.42 -87.31
CA LEU H 1426 -14.08 -34.29 -85.87
C LEU H 1426 -15.52 -33.97 -85.51
N GLN H 1427 -15.84 -34.19 -84.24
CA GLN H 1427 -17.16 -33.84 -83.71
C GLN H 1427 -17.36 -32.33 -83.66
N ASP H 1428 -16.28 -31.56 -83.64
CA ASP H 1428 -16.34 -30.10 -83.54
C ASP H 1428 -15.97 -29.50 -84.90
N PRO H 1429 -16.95 -29.21 -85.76
CA PRO H 1429 -16.64 -28.65 -87.07
C PRO H 1429 -16.49 -27.13 -87.03
N VAL H 1430 -15.69 -26.63 -87.97
CA VAL H 1430 -15.48 -25.19 -88.10
C VAL H 1430 -15.26 -24.87 -89.56
N LEU H 1431 -15.59 -23.62 -89.93
CA LEU H 1431 -15.37 -23.09 -91.27
C LEU H 1431 -14.61 -21.78 -91.11
N PHE H 1432 -13.28 -21.86 -91.20
CA PHE H 1432 -12.46 -20.67 -91.05
C PHE H 1432 -12.70 -19.71 -92.22
N SER H 1433 -12.38 -18.43 -91.99
CA SER H 1433 -12.71 -17.39 -92.93
C SER H 1433 -11.97 -17.58 -94.25
N GLY H 1434 -12.48 -16.94 -95.29
CA GLY H 1434 -11.91 -17.04 -96.62
C GLY H 1434 -12.96 -17.38 -97.66
N THR H 1435 -12.54 -18.04 -98.74
CA THR H 1435 -13.43 -18.47 -99.79
C THR H 1435 -13.74 -19.96 -99.63
N ILE H 1436 -14.49 -20.50 -100.60
CA ILE H 1436 -14.76 -21.93 -100.59
C ILE H 1436 -13.52 -22.71 -100.99
N ARG H 1437 -12.67 -22.13 -101.86
CA ARG H 1437 -11.42 -22.78 -102.20
C ARG H 1437 -10.48 -22.84 -101.00
N PHE H 1438 -10.59 -21.89 -100.09
CA PHE H 1438 -9.73 -21.88 -98.90
C PHE H 1438 -10.22 -22.83 -97.82
N ASN H 1439 -11.49 -23.24 -97.86
CA ASN H 1439 -12.01 -24.22 -96.92
C ASN H 1439 -11.93 -25.65 -97.45
N LEU H 1440 -12.19 -25.83 -98.75
CA LEU H 1440 -12.10 -27.17 -99.34
C LEU H 1440 -10.66 -27.64 -99.42
N ASP H 1441 -9.81 -26.84 -100.07
CA ASP H 1441 -8.40 -27.16 -100.25
C ASP H 1441 -7.57 -25.95 -99.87
N PRO H 1442 -7.24 -25.79 -98.59
CA PRO H 1442 -6.43 -24.62 -98.19
C PRO H 1442 -5.04 -24.63 -98.78
N GLU H 1443 -4.52 -25.83 -99.03
CA GLU H 1443 -3.24 -26.00 -99.70
C GLU H 1443 -3.36 -25.44 -101.13
N LYS H 1444 -4.55 -25.65 -101.71
CA LYS H 1444 -4.98 -25.21 -103.05
C LYS H 1444 -4.40 -25.99 -104.24
N LYS H 1445 -3.82 -27.15 -103.95
CA LYS H 1445 -3.26 -27.99 -105.00
C LYS H 1445 -4.33 -28.50 -105.96
N CYS H 1446 -5.49 -28.87 -105.41
CA CYS H 1446 -6.59 -29.40 -106.21
C CYS H 1446 -7.20 -28.43 -107.21
N SER H 1447 -7.49 -28.94 -108.41
CA SER H 1447 -8.09 -28.16 -109.49
C SER H 1447 -9.61 -27.93 -109.32
N ASP H 1448 -10.10 -26.88 -109.97
CA ASP H 1448 -11.54 -26.53 -109.95
C ASP H 1448 -12.59 -27.63 -110.22
N SER H 1449 -12.41 -28.44 -111.25
CA SER H 1449 -13.33 -29.55 -111.49
C SER H 1449 -13.29 -30.56 -110.35
N THR H 1450 -12.12 -30.73 -109.72
CA THR H 1450 -12.03 -31.62 -108.57
C THR H 1450 -12.90 -31.11 -107.42
N LEU H 1451 -12.81 -29.82 -107.12
CA LEU H 1451 -13.63 -29.24 -106.04
C LEU H 1451 -15.11 -29.28 -106.41
N TRP H 1452 -15.44 -29.05 -107.68
CA TRP H 1452 -16.83 -29.11 -108.09
C TRP H 1452 -17.39 -30.52 -107.96
N GLU H 1453 -16.59 -31.53 -108.33
CA GLU H 1453 -17.03 -32.92 -108.16
C GLU H 1453 -17.16 -33.29 -106.69
N ALA H 1454 -16.24 -32.80 -105.85
CA ALA H 1454 -16.33 -33.07 -104.42
C ALA H 1454 -17.56 -32.42 -103.80
N LEU H 1455 -17.96 -31.25 -104.31
CA LEU H 1455 -19.18 -30.61 -103.83
C LEU H 1455 -20.42 -31.31 -104.35
N GLU H 1456 -20.38 -31.80 -105.59
CA GLU H 1456 -21.53 -32.50 -106.16
C GLU H 1456 -21.76 -33.83 -105.46
N ILE H 1457 -20.67 -34.56 -105.14
CA ILE H 1457 -20.80 -35.82 -104.43
C ILE H 1457 -21.26 -35.57 -102.99
N ALA H 1458 -20.76 -34.50 -102.37
CA ALA H 1458 -21.14 -34.17 -101.00
C ALA H 1458 -22.48 -33.46 -100.91
N GLN H 1459 -23.28 -33.45 -101.97
CA GLN H 1459 -24.61 -32.85 -101.96
C GLN H 1459 -24.55 -31.39 -101.55
N LEU H 1460 -23.62 -30.65 -102.16
CA LEU H 1460 -23.40 -29.25 -101.81
C LEU H 1460 -23.23 -28.35 -103.03
N LYS H 1461 -23.29 -28.90 -104.25
CA LYS H 1461 -23.01 -28.10 -105.44
C LYS H 1461 -24.09 -27.07 -105.71
N LEU H 1462 -25.36 -27.40 -105.40
CA LEU H 1462 -26.46 -26.51 -105.73
C LEU H 1462 -26.41 -25.23 -104.90
N VAL H 1463 -26.18 -25.36 -103.59
CA VAL H 1463 -26.09 -24.18 -102.74
C VAL H 1463 -24.80 -23.42 -102.98
N VAL H 1464 -23.77 -24.08 -103.51
CA VAL H 1464 -22.52 -23.38 -103.84
C VAL H 1464 -22.71 -22.55 -105.10
N LYS H 1465 -23.44 -23.07 -106.09
CA LYS H 1465 -23.71 -22.30 -107.30
C LYS H 1465 -24.60 -21.09 -107.04
N ALA H 1466 -25.29 -21.05 -105.90
CA ALA H 1466 -26.18 -19.95 -105.55
C ALA H 1466 -25.50 -18.87 -104.73
N LEU H 1467 -24.19 -18.69 -104.89
CA LEU H 1467 -23.43 -17.68 -104.18
C LEU H 1467 -22.65 -16.82 -105.16
N PRO H 1468 -22.31 -15.59 -104.78
CA PRO H 1468 -21.64 -14.70 -105.74
C PRO H 1468 -20.29 -15.24 -106.17
N GLY H 1469 -20.11 -15.34 -107.48
CA GLY H 1469 -18.84 -15.76 -108.03
C GLY H 1469 -18.71 -17.27 -108.13
N GLY H 1470 -19.12 -17.99 -107.08
CA GLY H 1470 -18.96 -19.43 -107.06
C GLY H 1470 -17.58 -19.82 -106.61
N LEU H 1471 -17.49 -20.71 -105.62
CA LEU H 1471 -16.25 -21.16 -105.00
C LEU H 1471 -15.44 -20.01 -104.42
N ASP H 1472 -16.04 -18.83 -104.26
CA ASP H 1472 -15.30 -17.66 -103.79
C ASP H 1472 -16.09 -16.84 -102.77
N ALA H 1473 -17.13 -17.42 -102.18
CA ALA H 1473 -17.91 -16.70 -101.18
C ALA H 1473 -17.06 -16.39 -99.96
N ILE H 1474 -17.09 -15.13 -99.53
CA ILE H 1474 -16.31 -14.69 -98.39
C ILE H 1474 -16.97 -15.21 -97.11
N ILE H 1475 -16.37 -16.24 -96.51
CA ILE H 1475 -16.91 -16.84 -95.30
C ILE H 1475 -16.26 -16.20 -94.08
N THR H 1476 -16.94 -16.27 -92.95
CA THR H 1476 -16.42 -15.80 -91.67
C THR H 1476 -16.26 -16.98 -90.72
N GLU H 1477 -15.39 -16.79 -89.72
CA GLU H 1477 -15.12 -17.85 -88.74
C GLU H 1477 -16.38 -18.24 -87.99
N GLY H 1478 -16.84 -19.48 -88.18
CA GLY H 1478 -18.12 -19.88 -87.65
C GLY H 1478 -19.24 -19.13 -88.35
N GLY H 1479 -19.87 -18.19 -87.64
CA GLY H 1479 -20.85 -17.33 -88.26
C GLY H 1479 -22.17 -18.05 -88.54
N GLU H 1480 -22.94 -17.44 -89.43
CA GLU H 1480 -24.26 -17.92 -89.81
C GLU H 1480 -24.42 -17.93 -91.33
N ASN H 1481 -23.35 -18.30 -92.04
CA ASN H 1481 -23.38 -18.33 -93.50
C ASN H 1481 -23.80 -19.67 -94.06
N PHE H 1482 -23.74 -20.73 -93.26
CA PHE H 1482 -24.12 -22.06 -93.71
C PHE H 1482 -24.75 -22.82 -92.55
N SER H 1483 -25.49 -23.87 -92.90
CA SER H 1483 -26.15 -24.70 -91.90
C SER H 1483 -25.19 -25.74 -91.34
N GLN H 1484 -25.59 -26.30 -90.19
CA GLN H 1484 -24.76 -27.32 -89.55
C GLN H 1484 -24.54 -28.52 -90.47
N GLY H 1485 -25.61 -28.97 -91.13
CA GLY H 1485 -25.46 -30.02 -92.13
C GLY H 1485 -24.53 -29.62 -93.25
N GLN H 1486 -24.59 -28.35 -93.66
CA GLN H 1486 -23.67 -27.89 -94.71
C GLN H 1486 -22.24 -27.77 -94.20
N ARG H 1487 -22.05 -27.47 -92.91
CA ARG H 1487 -20.71 -27.51 -92.35
C ARG H 1487 -20.16 -28.93 -92.35
N GLN H 1488 -20.99 -29.90 -91.99
CA GLN H 1488 -20.55 -31.30 -92.07
C GLN H 1488 -20.32 -31.73 -93.52
N LEU H 1489 -21.07 -31.16 -94.46
CA LEU H 1489 -20.84 -31.44 -95.87
C LEU H 1489 -19.51 -30.87 -96.33
N PHE H 1490 -19.14 -29.69 -95.81
CA PHE H 1490 -17.81 -29.14 -96.09
C PHE H 1490 -16.72 -30.00 -95.47
N CYS H 1491 -16.96 -30.54 -94.28
CA CYS H 1491 -16.00 -31.46 -93.67
C CYS H 1491 -15.84 -32.72 -94.52
N LEU H 1492 -16.95 -33.26 -95.02
CA LEU H 1492 -16.88 -34.42 -95.90
C LEU H 1492 -16.22 -34.08 -97.24
N ALA H 1493 -16.32 -32.82 -97.68
CA ALA H 1493 -15.62 -32.42 -98.88
C ALA H 1493 -14.12 -32.33 -98.63
N ARG H 1494 -13.72 -31.84 -97.45
CA ARG H 1494 -12.33 -31.93 -97.04
C ARG H 1494 -11.86 -33.38 -97.07
N ALA H 1495 -12.68 -34.28 -96.53
CA ALA H 1495 -12.35 -35.70 -96.52
C ALA H 1495 -12.23 -36.25 -97.94
N PHE H 1496 -13.09 -35.78 -98.84
CA PHE H 1496 -13.02 -36.21 -100.24
C PHE H 1496 -11.72 -35.76 -100.89
N VAL H 1497 -11.36 -34.49 -100.71
CA VAL H 1497 -10.19 -33.96 -101.37
C VAL H 1497 -8.89 -34.40 -100.72
N ARG H 1498 -8.96 -34.88 -99.47
CA ARG H 1498 -7.75 -35.33 -98.78
C ARG H 1498 -7.10 -36.51 -99.48
N LYS H 1499 -7.94 -37.44 -99.93
CA LYS H 1499 -7.52 -38.66 -100.64
C LYS H 1499 -6.55 -39.55 -99.84
N THR H 1500 -6.76 -39.60 -98.53
CA THR H 1500 -5.95 -40.41 -97.63
C THR H 1500 -6.12 -41.90 -97.89
N SER H 1501 -7.37 -42.26 -98.22
CA SER H 1501 -7.90 -43.63 -98.51
C SER H 1501 -8.27 -44.41 -97.25
N ILE H 1502 -8.07 -43.77 -96.10
CA ILE H 1502 -8.42 -44.31 -94.79
C ILE H 1502 -9.25 -43.18 -94.17
N PHE H 1503 -10.41 -43.50 -93.62
CA PHE H 1503 -11.23 -42.43 -93.06
C PHE H 1503 -11.51 -42.70 -91.60
N ILE H 1504 -11.50 -41.64 -90.80
CA ILE H 1504 -11.90 -41.70 -89.40
C ILE H 1504 -13.07 -40.73 -89.22
N MET H 1505 -14.17 -41.24 -88.67
CA MET H 1505 -15.39 -40.45 -88.50
C MET H 1505 -15.67 -40.35 -87.00
N ASP H 1506 -15.20 -39.25 -86.40
CA ASP H 1506 -15.29 -39.04 -84.96
C ASP H 1506 -16.57 -38.26 -84.67
N GLU H 1507 -17.67 -38.98 -84.50
CA GLU H 1507 -18.97 -38.41 -84.13
C GLU H 1507 -19.43 -37.35 -85.12
N ALA H 1508 -19.69 -37.78 -86.36
CA ALA H 1508 -20.32 -36.94 -87.36
C ALA H 1508 -21.82 -36.85 -87.18
N THR H 1509 -22.32 -37.26 -86.01
CA THR H 1509 -23.73 -37.32 -85.71
C THR H 1509 -24.19 -36.29 -84.69
N ALA H 1510 -23.35 -35.95 -83.71
CA ALA H 1510 -23.79 -35.09 -82.61
C ALA H 1510 -24.22 -33.72 -83.12
N SER H 1511 -25.30 -33.20 -82.54
CA SER H 1511 -25.82 -31.86 -82.84
C SER H 1511 -26.20 -31.71 -84.31
N ILE H 1512 -26.83 -32.75 -84.86
CA ILE H 1512 -27.35 -32.74 -86.23
C ILE H 1512 -28.72 -33.38 -86.22
N ASP H 1513 -29.67 -32.75 -86.92
CA ASP H 1513 -31.02 -33.29 -87.00
C ASP H 1513 -31.02 -34.69 -87.58
N MET H 1514 -31.89 -35.54 -87.05
CA MET H 1514 -31.93 -36.93 -87.51
C MET H 1514 -32.35 -37.03 -88.97
N ALA H 1515 -33.30 -36.19 -89.39
CA ALA H 1515 -33.74 -36.20 -90.78
C ALA H 1515 -32.61 -35.86 -91.74
N THR H 1516 -31.65 -35.06 -91.28
CA THR H 1516 -30.47 -34.75 -92.09
C THR H 1516 -29.32 -35.70 -91.82
N GLU H 1517 -29.16 -36.17 -90.58
CA GLU H 1517 -28.07 -37.08 -90.27
C GLU H 1517 -28.24 -38.43 -90.97
N ASN H 1518 -29.48 -38.90 -91.11
CA ASN H 1518 -29.71 -40.18 -91.77
C ASN H 1518 -29.33 -40.12 -93.24
N ILE H 1519 -29.76 -39.05 -93.94
CA ILE H 1519 -29.37 -38.93 -95.34
C ILE H 1519 -27.88 -38.64 -95.47
N LEU H 1520 -27.29 -37.97 -94.47
CA LEU H 1520 -25.85 -37.76 -94.47
C LEU H 1520 -25.10 -39.09 -94.40
N GLN H 1521 -25.52 -39.96 -93.49
CA GLN H 1521 -24.90 -41.28 -93.39
C GLN H 1521 -25.16 -42.11 -94.64
N LYS H 1522 -26.34 -41.95 -95.25
CA LYS H 1522 -26.63 -42.68 -96.48
C LYS H 1522 -25.71 -42.23 -97.61
N VAL H 1523 -25.47 -40.91 -97.71
CA VAL H 1523 -24.55 -40.41 -98.73
C VAL H 1523 -23.13 -40.85 -98.44
N VAL H 1524 -22.72 -40.84 -97.17
CA VAL H 1524 -21.36 -41.24 -96.83
C VAL H 1524 -21.16 -42.75 -97.00
N MET H 1525 -22.23 -43.53 -96.99
CA MET H 1525 -22.13 -44.95 -97.27
C MET H 1525 -22.10 -45.21 -98.77
N THR H 1526 -23.01 -44.58 -99.52
CA THR H 1526 -23.03 -44.76 -100.97
C THR H 1526 -21.78 -44.20 -101.63
N ALA H 1527 -21.11 -43.24 -100.99
CA ALA H 1527 -19.87 -42.69 -101.53
C ALA H 1527 -18.64 -43.47 -101.09
N PHE H 1528 -18.67 -44.03 -99.86
CA PHE H 1528 -17.54 -44.79 -99.34
C PHE H 1528 -17.87 -46.28 -99.43
N ALA H 1529 -17.61 -46.84 -100.62
CA ALA H 1529 -17.62 -48.30 -100.79
C ALA H 1529 -16.26 -48.91 -100.55
N ASP H 1530 -15.19 -48.13 -100.65
CA ASP H 1530 -13.84 -48.58 -100.37
C ASP H 1530 -13.23 -47.60 -99.37
N ARG H 1531 -11.93 -47.72 -99.14
CA ARG H 1531 -11.15 -46.77 -98.34
C ARG H 1531 -11.66 -46.76 -96.90
N THR H 1532 -11.28 -47.83 -96.20
CA THR H 1532 -11.85 -48.29 -94.94
C THR H 1532 -12.14 -47.14 -93.98
N VAL H 1533 -13.35 -47.10 -93.45
CA VAL H 1533 -13.73 -46.03 -92.54
C VAL H 1533 -13.94 -46.63 -91.14
N VAL H 1534 -13.34 -45.99 -90.15
CA VAL H 1534 -13.54 -46.34 -88.75
C VAL H 1534 -14.31 -45.21 -88.09
N THR H 1535 -15.47 -45.53 -87.53
CA THR H 1535 -16.38 -44.53 -86.99
C THR H 1535 -16.54 -44.69 -85.49
N ILE H 1536 -17.01 -43.62 -84.87
CA ILE H 1536 -17.29 -43.61 -83.43
C ILE H 1536 -18.45 -42.67 -83.17
N ALA H 1537 -19.47 -43.17 -82.47
CA ALA H 1537 -20.66 -42.39 -82.15
C ALA H 1537 -21.44 -43.11 -81.06
N HIS H 1538 -22.54 -42.51 -80.64
CA HIS H 1538 -23.45 -43.11 -79.66
C HIS H 1538 -24.83 -43.41 -80.26
N ARG H 1539 -24.93 -43.43 -81.58
CA ARG H 1539 -26.16 -43.78 -82.26
C ARG H 1539 -26.29 -45.29 -82.40
N VAL H 1540 -27.53 -45.77 -82.47
CA VAL H 1540 -27.78 -47.20 -82.57
C VAL H 1540 -27.53 -47.70 -83.98
N HIS H 1541 -28.16 -47.07 -84.98
CA HIS H 1541 -28.09 -47.56 -86.34
C HIS H 1541 -26.69 -47.43 -86.92
N THR H 1542 -25.94 -46.39 -86.53
CA THR H 1542 -24.58 -46.22 -87.03
C THR H 1542 -23.69 -47.37 -86.59
N ILE H 1543 -23.78 -47.76 -85.31
CA ILE H 1543 -23.02 -48.91 -84.83
C ILE H 1543 -23.57 -50.20 -85.43
N LEU H 1544 -24.86 -50.24 -85.72
CA LEU H 1544 -25.47 -51.44 -86.29
C LEU H 1544 -25.00 -51.71 -87.71
N SER H 1545 -24.75 -50.63 -88.49
CA SER H 1545 -24.36 -50.79 -89.88
C SER H 1545 -22.90 -51.20 -90.07
N ALA H 1546 -22.08 -51.11 -89.02
CA ALA H 1546 -20.66 -51.43 -89.12
C ALA H 1546 -20.43 -52.92 -88.94
N ASP H 1547 -19.34 -53.42 -89.53
CA ASP H 1547 -19.06 -54.85 -89.50
C ASP H 1547 -18.32 -55.26 -88.21
N LEU H 1548 -17.10 -54.76 -88.02
CA LEU H 1548 -16.29 -55.10 -86.87
C LEU H 1548 -16.45 -54.02 -85.81
N VAL H 1549 -16.86 -54.42 -84.61
CA VAL H 1549 -17.11 -53.47 -83.53
C VAL H 1549 -16.50 -53.99 -82.24
N MET H 1550 -15.95 -53.08 -81.45
CA MET H 1550 -15.29 -53.44 -80.20
C MET H 1550 -15.90 -52.64 -79.06
N VAL H 1551 -16.53 -53.33 -78.11
CA VAL H 1551 -17.13 -52.67 -76.96
C VAL H 1551 -16.03 -52.24 -76.01
N LEU H 1552 -15.97 -50.93 -75.74
CA LEU H 1552 -14.98 -50.40 -74.81
C LEU H 1552 -15.45 -50.67 -73.40
N LYS H 1553 -14.70 -51.49 -72.67
CA LYS H 1553 -15.01 -51.81 -71.28
C LYS H 1553 -14.54 -50.67 -70.38
N ARG H 1554 -14.50 -50.92 -69.08
CA ARG H 1554 -14.13 -49.88 -68.13
C ARG H 1554 -12.73 -49.35 -68.39
N GLY H 1555 -11.76 -50.24 -68.64
CA GLY H 1555 -10.42 -49.81 -68.99
C GLY H 1555 -9.88 -50.41 -70.27
N ALA H 1556 -10.48 -51.51 -70.73
CA ALA H 1556 -10.01 -52.25 -71.89
C ALA H 1556 -11.11 -52.32 -72.94
N ILE H 1557 -10.87 -53.11 -74.00
CA ILE H 1557 -11.84 -53.30 -75.06
C ILE H 1557 -12.06 -54.79 -75.26
N LEU H 1558 -13.21 -55.12 -75.86
CA LEU H 1558 -13.52 -56.48 -76.26
C LEU H 1558 -14.06 -56.42 -77.68
N GLU H 1559 -13.31 -56.99 -78.63
CA GLU H 1559 -13.62 -56.85 -80.04
C GLU H 1559 -14.49 -58.01 -80.54
N PHE H 1560 -15.26 -57.73 -81.59
CA PHE H 1560 -16.14 -58.71 -82.21
C PHE H 1560 -16.16 -58.48 -83.71
N ASP H 1561 -16.00 -59.55 -84.47
CA ASP H 1561 -15.84 -59.45 -85.92
C ASP H 1561 -17.19 -59.36 -86.64
N LYS H 1562 -18.03 -60.38 -86.51
CA LYS H 1562 -19.27 -60.38 -87.27
C LYS H 1562 -20.34 -59.60 -86.52
N PRO H 1563 -21.00 -58.64 -87.18
CA PRO H 1563 -21.94 -57.77 -86.45
C PRO H 1563 -23.22 -58.48 -86.04
N GLU H 1564 -23.80 -59.28 -86.93
CA GLU H 1564 -25.05 -59.97 -86.62
C GLU H 1564 -24.86 -61.09 -85.60
N THR H 1565 -23.63 -61.51 -85.33
CA THR H 1565 -23.36 -62.59 -84.39
C THR H 1565 -23.23 -62.09 -82.96
N LEU H 1566 -22.55 -60.96 -82.74
CA LEU H 1566 -22.34 -60.45 -81.39
C LEU H 1566 -23.55 -59.70 -80.85
N LEU H 1567 -24.52 -59.34 -81.68
CA LEU H 1567 -25.72 -58.64 -81.22
C LEU H 1567 -26.83 -59.59 -80.79
N SER H 1568 -26.58 -60.91 -80.84
CA SER H 1568 -27.50 -61.90 -80.29
C SER H 1568 -26.79 -62.99 -79.49
N GLN H 1569 -25.46 -63.02 -79.50
CA GLN H 1569 -24.73 -64.03 -78.73
C GLN H 1569 -24.76 -63.71 -77.24
N LYS H 1570 -24.55 -62.44 -76.87
CA LYS H 1570 -24.71 -61.98 -75.50
C LYS H 1570 -26.17 -61.94 -75.07
N ASP H 1571 -27.07 -62.39 -75.94
CA ASP H 1571 -28.52 -62.41 -75.69
C ASP H 1571 -29.06 -60.99 -75.50
N SER H 1572 -28.51 -60.04 -76.24
CA SER H 1572 -28.94 -58.64 -76.22
C SER H 1572 -28.91 -58.08 -74.79
N VAL H 1573 -27.70 -58.09 -74.21
CA VAL H 1573 -27.48 -57.58 -72.86
C VAL H 1573 -26.44 -56.48 -72.83
N PHE H 1574 -25.32 -56.66 -73.55
CA PHE H 1574 -24.19 -55.74 -73.47
C PHE H 1574 -23.85 -55.06 -74.79
N ALA H 1575 -24.42 -55.48 -75.92
CA ALA H 1575 -24.08 -54.91 -77.21
C ALA H 1575 -25.26 -54.44 -78.03
N SER H 1576 -26.48 -54.93 -77.78
CA SER H 1576 -27.66 -54.50 -78.53
C SER H 1576 -28.46 -53.45 -77.77
N PHE H 1577 -28.87 -53.76 -76.54
CA PHE H 1577 -29.57 -52.76 -75.73
C PHE H 1577 -28.66 -51.59 -75.37
N VAL H 1578 -27.35 -51.83 -75.28
CA VAL H 1578 -26.42 -50.73 -75.03
C VAL H 1578 -26.30 -49.85 -76.27
N ARG H 1579 -26.28 -50.45 -77.44
CA ARG H 1579 -26.21 -49.70 -78.69
C ARG H 1579 -27.53 -48.96 -78.95
PG AGS I . -23.01 15.58 -19.99
S1G AGS I . -24.40 17.11 -20.22
O2G AGS I . -22.30 15.27 -21.41
O3G AGS I . -21.98 15.97 -19.00
PB AGS I . -24.78 13.45 -20.40
O1B AGS I . -26.21 13.79 -20.02
O2B AGS I . -24.52 13.81 -21.85
O3B AGS I . -23.76 14.25 -19.46
PA AGS I . -23.06 11.27 -20.36
O1A AGS I . -23.11 9.94 -21.06
O2A AGS I . -22.25 12.25 -21.16
O3A AGS I . -24.54 11.87 -20.19
O5' AGS I . -22.35 11.10 -18.92
C5' AGS I . -21.08 10.46 -18.85
C4' AGS I . -20.13 11.28 -18.00
O4' AGS I . -18.78 11.06 -18.45
C3' AGS I . -20.41 12.77 -18.11
O3' AGS I . -20.63 13.31 -16.81
C2' AGS I . -19.16 13.38 -18.74
O2' AGS I . -18.50 14.24 -17.80
C1' AGS I . -18.25 12.21 -19.09
N9 AGS I . -18.25 12.03 -20.56
C8 AGS I . -19.32 12.19 -21.36
N7 AGS I . -19.01 11.96 -22.66
C5 AGS I . -17.71 11.64 -22.70
C6 AGS I . -16.73 11.27 -23.76
N6 AGS I . -17.11 11.21 -25.06
N1 AGS I . -15.46 11.01 -23.38
C2 AGS I . -15.08 11.08 -22.09
N3 AGS I . -15.90 11.40 -21.09
C4 AGS I . -17.21 11.69 -21.32
O3 GBM J . -31.75 53.88 7.14
O4 GBM J . -31.45 56.46 6.22
O5 GBM J . -33.49 57.49 5.85
O6 GBM J . -32.03 60.67 9.54
CL1 GBM J . -28.32 64.62 12.80
S2 GBM J . -32.81 56.55 6.69
O7 GBM J . -30.43 62.06 7.84
N8 GBM J . -33.69 52.85 6.97
N9 GBM J . -33.54 55.11 6.59
N10 GBM J . -31.83 60.81 11.76
C11 GBM J . -35.13 52.86 6.93
C12 GBM J . -35.66 53.13 8.34
C13 GBM J . -35.60 51.48 6.46
C14 GBM J . -37.16 52.98 8.40
C15 GBM J . -37.10 51.32 6.56
C16 GBM J . -37.58 51.57 7.98
C17 GBM J . -32.95 53.95 6.91
C18 GBM J . -32.81 57.09 8.20
C19 GBM J . -32.78 58.03 10.81
C20 GBM J . -32.74 58.56 12.23
C21 GBM J . -34.01 57.35 8.86
C22 GBM J . -31.60 57.30 8.84
C23 GBM J . -33.99 57.83 10.17
C24 GBM J . -31.59 57.77 10.16
C25 GBM J . -31.54 59.50 12.34
C26 GBM J . -31.49 61.16 10.52
C27 GBM J . -30.45 62.23 10.33
C28 GBM J . -29.96 62.63 8.99
C29 GBM J . -29.94 62.84 11.46
C30 GBM J . -29.00 63.63 8.91
C31 GBM J . -28.97 63.84 11.32
C32 GBM J . -28.51 64.22 10.07
C33 GBM J . -31.43 62.71 7.05
PG AGS K . -79.32 36.31 20.87
S1G AGS K . -77.36 36.88 20.51
O2G AGS K . -79.71 35.08 19.92
O3G AGS K . -80.23 37.45 20.59
PB AGS K . -80.32 36.73 23.46
O1B AGS K . -81.71 36.90 22.90
O2B AGS K . -80.37 35.98 24.78
O3B AGS K . -79.46 35.86 22.41
PA AGS K . -78.12 38.34 24.13
O1A AGS K . -77.80 37.37 25.22
O2A AGS K . -77.23 38.08 22.93
O3A AGS K . -79.66 38.18 23.68
O5' AGS K . -77.86 39.85 24.65
C5' AGS K . -78.52 40.36 25.81
C4' AGS K . -78.07 41.79 26.09
O4' AGS K . -76.66 41.82 26.35
C3' AGS K . -78.33 42.70 24.91
O3' AGS K . -79.32 43.67 25.25
C2' AGS K . -77.02 43.39 24.61
O2' AGS K . -77.19 44.81 24.70
C1' AGS K . -76.04 42.91 25.67
N9 AGS K . -74.79 42.44 25.02
C8 AGS K . -74.71 41.35 24.23
N7 AGS K . -73.43 41.18 23.78
C5 AGS K . -72.68 42.17 24.30
C6 AGS K . -71.26 42.58 24.22
N6 AGS K . -70.37 41.86 23.49
N1 AGS K . -70.89 43.68 24.91
C2 AGS K . -71.77 44.39 25.64
N3 AGS K . -73.07 44.08 25.74
C4 AGS K . -73.58 43.00 25.11
PG AGS L . -17.14 11.80 27.18
S1G AGS L . -17.23 12.02 29.24
O2G AGS L . -17.83 13.08 26.46
O3G AGS L . -15.73 11.69 26.75
PB AGS L . -19.52 10.36 26.88
O1B AGS L . -19.88 9.56 28.12
O2B AGS L . -20.11 11.75 26.96
O3B AGS L . -17.92 10.46 26.75
PA AGS L . -19.71 10.14 24.12
O1A AGS L . -20.90 10.06 23.21
O2A AGS L . -19.25 11.57 24.26
O3A AGS L . -20.10 9.60 25.58
O5' AGS L . -18.50 9.28 23.51
C5' AGS L . -18.09 9.52 22.16
C4' AGS L . -16.58 9.67 22.09
O4' AGS L . -16.24 10.53 21.00
C3' AGS L . -16.01 10.29 23.35
O3' AGS L . -15.01 9.44 23.90
C2' AGS L . -15.39 11.62 22.92
O2' AGS L . -13.97 11.58 23.08
C1' AGS L . -15.74 11.78 21.45
N9 AGS L . -16.77 12.83 21.32
C8 AGS L . -17.79 13.03 22.18
N7 AGS L . -18.57 14.07 21.79
C5 AGS L . -18.06 14.55 20.65
C6 AGS L . -18.39 15.65 19.70
N6 AGS L . -19.46 16.45 19.92
N1 AGS L . -17.59 15.83 18.63
C2 AGS L . -16.51 15.04 18.42
N3 AGS L . -16.15 14.03 19.23
C4 AGS L . -16.87 13.74 20.35
O3 GBM M . 15.87 4.03 60.77
O4 GBM M . 16.84 6.03 62.42
O5 GBM M . 16.03 5.83 64.58
O6 GBM M . 20.89 5.09 65.85
CL1 GBM M . 27.14 6.04 66.09
S2 GBM M . 16.43 5.09 63.42
O7 GBM M . 21.43 7.75 65.72
N8 GBM M . 14.15 2.81 61.39
N9 GBM M . 15.20 4.19 62.90
N10 GBM M . 22.50 3.54 65.81
C11 GBM M . 13.33 2.19 62.40
C12 GBM M . 14.08 0.99 62.96
C13 GBM M . 12.03 1.72 61.74
C14 GBM M . 13.21 0.18 63.91
C15 GBM M . 11.18 0.89 62.67
C16 GBM M . 11.96 -0.31 63.19
C17 GBM M . 15.11 3.69 61.66
C18 GBM M . 17.69 4.16 63.82
C19 GBM M . 19.88 2.59 64.47
C20 GBM M . 21.09 1.75 64.83
C21 GBM M . 17.59 3.22 64.84
C22 GBM M . 18.88 4.32 63.13
C23 GBM M . 18.69 2.44 65.17
C24 GBM M . 19.98 3.52 63.46
C25 GBM M . 22.32 2.64 64.67
C26 GBM M . 22.08 4.80 65.83
C27 GBM M . 23.10 5.89 65.86
C28 GBM M . 22.74 7.33 65.80
C29 GBM M . 24.44 5.54 65.95
C30 GBM M . 23.74 8.28 65.85
C31 GBM M . 25.42 6.53 65.99
C32 GBM M . 25.08 7.88 65.94
C33 GBM M . 20.73 8.19 66.88
PG AGS N . -11.02 -36.13 81.35
S1G AGS N . -9.86 -34.70 80.40
O2G AGS N . -12.50 -36.13 80.74
O3G AGS N . -11.09 -35.82 82.81
PB AGS N . -9.69 -38.39 82.36
O1B AGS N . -10.72 -38.53 83.45
O2B AGS N . -9.28 -39.76 81.86
O3B AGS N . -10.36 -37.58 81.13
PA AGS N . -7.18 -37.18 81.98
O1A AGS N . -6.83 -38.31 81.06
O2A AGS N . -7.60 -35.97 81.17
O3A AGS N . -8.41 -37.62 82.94
O5' AGS N . -5.90 -36.79 82.88
C5' AGS N . -5.25 -37.76 83.71
C4' AGS N . -4.06 -37.13 84.42
O4' AGS N . -3.10 -36.67 83.46
C3' AGS N . -4.47 -35.93 85.25
O3' AGS N . -4.28 -36.21 86.64
C2' AGS N . -3.57 -34.80 84.83
O2' AGS N . -2.85 -34.30 85.97
C1' AGS N . -2.60 -35.37 83.81
N9 AGS N . -2.59 -34.52 82.60
C8 AGS N . -3.63 -34.35 81.76
N7 AGS N . -3.30 -33.50 80.75
C5 AGS N . -2.03 -33.11 80.94
C6 AGS N . -1.07 -32.23 80.24
N6 AGS N . -1.43 -31.58 79.10
N1 AGS N . 0.17 -32.09 80.77
C2 AGS N . 0.53 -32.74 81.89
N3 AGS N . -0.29 -33.55 82.58
C4 AGS N . -1.56 -33.78 82.16
PG AGS O . 14.22 -23.47 20.45
S1G AGS O . 15.61 -25.01 20.68
O2G AGS O . 14.07 -22.67 21.84
O3G AGS O . 14.67 -22.55 19.38
PB AGS O . 11.95 -24.98 21.07
O1B AGS O . 12.11 -26.46 20.76
O2B AGS O . 12.42 -24.69 22.48
O3B AGS O . 12.80 -24.10 20.04
PA AGS O . 9.96 -23.04 21.05
O1A AGS O . 8.68 -22.92 21.81
O2A AGS O . 11.07 -22.30 21.75
O3A AGS O . 10.39 -24.59 20.93
O5' AGS O . 9.78 -22.40 19.58
C5' AGS O . 9.28 -21.07 19.47
C4' AGS O . 10.14 -20.26 18.52
O4' AGS O . 10.09 -18.88 18.90
C3' AGS O . 11.59 -20.69 18.57
O3' AGS O . 12.04 -21.04 17.27
C2' AGS O . 12.37 -19.49 19.09
O2' AGS O . 13.24 -18.97 18.08
C1' AGS O . 11.33 -18.44 19.45
N9 AGS O . 11.23 -18.34 20.93
C8 AGS O . 11.32 -19.38 21.78
N7 AGS O . 11.20 -18.98 23.07
C5 AGS O . 11.02 -17.65 23.05
C6 AGS O . 10.82 -16.59 24.07
N6 AGS O . 10.79 -16.89 25.39
N1 AGS O . 10.67 -15.31 23.63
C2 AGS O . 10.71 -15.01 22.32
N3 AGS O . 10.88 -15.92 21.35
C4 AGS O . 11.04 -17.24 21.64
O3 GBM P . 49.76 -37.68 -8.08
O4 GBM P . 52.42 -37.61 -7.32
O5 GBM P . 53.24 -39.73 -6.89
O6 GBM P . 56.34 -38.82 -10.82
CL1 GBM P . 60.46 -35.72 -14.49
S2 GBM P . 52.33 -38.99 -7.71
O7 GBM P . 57.99 -37.29 -9.28
N8 GBM P . 48.55 -39.49 -7.75
N9 GBM P . 50.83 -39.56 -7.49
N10 GBM P . 56.37 -38.74 -13.05
C11 GBM P . 48.42 -40.92 -7.63
C12 GBM P . 48.54 -41.54 -9.01
C13 GBM P . 47.02 -41.21 -7.06
C14 GBM P . 48.23 -43.03 -8.98
C15 GBM P . 46.70 -42.69 -7.06
C16 GBM P . 46.82 -43.27 -8.47
C17 GBM P . 49.73 -38.87 -7.79
C18 GBM P . 52.78 -39.13 -9.25
C19 GBM P . 53.57 -39.34 -11.90
C20 GBM P . 54.02 -39.43 -13.35
C21 GBM P . 52.88 -40.38 -9.85
C22 GBM P . 53.08 -37.98 -9.98
C23 GBM P . 53.28 -40.49 -11.18
C24 GBM P . 53.47 -38.09 -11.31
C25 GBM P . 55.07 -38.35 -13.57
C26 GBM P . 56.83 -38.38 -11.85
C27 GBM P . 58.01 -37.46 -11.78
C28 GBM P . 58.53 -36.94 -10.49
C29 GBM P . 58.61 -37.07 -12.96
C30 GBM P . 59.63 -36.09 -10.51
C31 GBM P . 59.70 -36.21 -12.94
C32 GBM P . 60.21 -35.73 -11.73
C33 GBM P . 58.58 -38.30 -8.47
PG AGS Q . 26.57 -83.73 -18.10
S1G AGS Q . 27.36 -81.83 -17.89
O2G AGS Q . 25.36 -83.94 -17.07
O3G AGS Q . 27.62 -84.75 -17.83
PB AGS Q . 26.73 -84.91 -20.65
O1B AGS Q . 26.79 -86.29 -20.03
O2B AGS Q . 25.90 -84.95 -21.92
O3B AGS Q . 26.02 -83.91 -19.60
PA AGS Q . 28.52 -82.93 -21.53
O1A AGS Q . 27.52 -82.57 -22.59
O2A AGS Q . 28.42 -81.96 -20.37
O3A AGS Q . 28.22 -84.42 -20.99
O5' AGS Q . 30.02 -82.86 -22.14
C5' AGS Q . 30.38 -83.64 -23.29
C4' AGS Q . 31.83 -83.35 -23.66
O4' AGS Q . 32.00 -81.97 -24.00
C3' AGS Q . 32.78 -83.65 -22.52
O3' AGS Q . 33.62 -84.76 -22.85
C2' AGS Q . 33.62 -82.41 -22.34
O2' AGS Q . 35.01 -82.73 -22.48
C1' AGS Q . 33.19 -81.44 -23.42
N9 AGS Q . 32.89 -80.12 -22.81
C8 AGS Q . 31.86 -79.87 -21.98
N7 AGS Q . 31.85 -78.57 -21.60
C5 AGS Q . 32.88 -77.96 -22.21
C6 AGS Q . 33.44 -76.59 -22.24
N6 AGS Q . 32.86 -75.59 -21.53
N1 AGS Q . 34.53 -76.37 -23.00
C2 AGS Q . 35.10 -77.36 -23.72
N3 AGS Q . 34.65 -78.62 -23.73
C4 AGS Q . 33.56 -78.98 -23.01
PG AGS R . 8.35 -19.70 -26.71
S1G AGS R . 8.45 -19.92 -28.78
O2G AGS R . 9.59 -20.48 -26.03
O3G AGS R . 8.41 -18.26 -26.36
PB AGS R . 6.69 -21.89 -26.21
O1B AGS R . 5.79 -22.23 -27.38
O2B AGS R . 8.01 -22.63 -26.33
O3B AGS R . 6.97 -20.31 -26.17
PA AGS R . 6.61 -21.91 -23.44
O1A AGS R . 6.46 -23.03 -22.45
O2A AGS R . 8.07 -21.62 -23.68
O3A AGS R . 5.95 -22.32 -24.84
O5' AGS R . 5.92 -20.58 -22.85
C5' AGS R . 6.29 -20.14 -21.54
C4' AGS R . 6.59 -18.65 -21.57
O4' AGS R . 7.55 -18.35 -20.53
C3' AGS R . 7.19 -18.21 -22.89
O3' AGS R . 6.42 -17.16 -23.45
C2' AGS R . 8.60 -17.72 -22.56
O2' AGS R . 8.71 -16.31 -22.80
C1' AGS R . 8.81 -18.01 -21.09
N9 AGS R . 9.76 -19.14 -20.95
C8 AGS R . 9.80 -20.22 -21.76
N7 AGS R . 10.77 -21.09 -21.38
C5 AGS R . 11.37 -20.57 -20.30
C6 AGS R . 12.48 -20.97 -19.39
N6 AGS R . 13.14 -22.13 -19.59
N1 AGS R . 12.80 -20.13 -18.38
C2 AGS R . 12.14 -18.97 -18.19
N3 AGS R . 11.13 -18.55 -18.96
C4 AGS R . 10.70 -19.29 -20.02
O3 GBM S . 2.14 12.16 -61.72
O4 GBM S . 4.13 12.82 -63.52
O5 GBM S . 3.72 11.92 -65.61
O6 GBM S . 3.42 16.77 -67.12
CL1 GBM S . 5.00 22.86 -67.78
S2 GBM S . 3.09 12.47 -64.45
O7 GBM S . 6.12 17.02 -67.17
N8 GBM S . 0.71 10.55 -62.17
N9 GBM S . 2.10 11.37 -63.81
N10 GBM S . 2.05 18.53 -67.09
C11 GBM S . -0.05 9.75 -63.10
C12 GBM S . -1.20 10.60 -63.64
C13 GBM S . -0.61 8.55 -62.34
C14 GBM S . -2.14 9.77 -64.49
C15 GBM S . -1.58 7.74 -63.17
C16 GBM S . -2.72 8.62 -63.67
C17 GBM S . 1.67 11.39 -62.54
C18 GBM S . 2.28 13.79 -64.86
C19 GBM S . 0.91 16.10 -65.56
C20 GBM S . 0.19 17.38 -65.94
C21 GBM S . 1.28 13.75 -65.83
C22 GBM S . 2.60 15.01 -64.25
C23 GBM S . 0.60 14.90 -66.18
C24 GBM S . 1.91 16.16 -64.60
C25 GBM S . 1.20 18.51 -65.90
C26 GBM S . 3.26 17.98 -67.15
C27 GBM S . 4.45 18.88 -67.31
C28 GBM S . 5.84 18.36 -67.30
C29 GBM S . 4.23 20.23 -67.45
C30 GBM S . 6.88 19.26 -67.46
C31 GBM S . 5.31 21.10 -67.60
C32 GBM S . 6.62 20.62 -67.60
C33 GBM S . 6.42 16.22 -68.31
PG AGS T . -41.73 -11.29 -78.59
S1G AGS T . -40.14 -10.24 -77.78
O2G AGS T . -41.85 -12.74 -77.89
O3G AGS T . -41.52 -11.48 -80.05
PB AGS T . -43.90 -9.79 -79.55
O1B AGS T . -44.20 -10.86 -80.57
O2B AGS T . -45.19 -9.21 -79.00
O3B AGS T . -43.09 -10.47 -78.33
PA AGS T . -42.41 -7.41 -79.38
O1A AGS T . -43.45 -6.89 -78.42
O2A AGS T . -41.21 -7.91 -78.62
O3A AGS T . -43.03 -8.63 -80.24
O5' AGS T . -41.94 -6.22 -80.37
C5' AGS T . -42.89 -5.52 -81.18
C4' AGS T . -42.17 -4.44 -81.99
O4' AGS T . -41.56 -3.49 -81.12
C3' AGS T . -41.08 -5.02 -82.86
O3' AGS T . -41.42 -4.87 -84.25
C2' AGS T . -39.83 -4.22 -82.56
O2' AGS T . -39.33 -3.62 -83.76
C1' AGS T . -40.24 -3.15 -81.56
N9 AGS T . -39.32 -3.17 -80.41
C8 AGS T . -39.22 -4.17 -79.51
N7 AGS T . -38.29 -3.88 -78.57
C5 AGS T . -37.78 -2.67 -78.85
C6 AGS T . -36.76 -1.78 -78.26
N6 AGS T . -36.08 -2.15 -77.14
N1 AGS T . -36.52 -0.59 -78.86
C2 AGS T . -37.19 -0.23 -79.97
N3 AGS T . -38.12 -0.99 -80.57
C4 AGS T . -38.46 -2.20 -80.06
#